data_8P5W
#
_entry.id   8P5W
#
_cell.length_a   1.00
_cell.length_b   1.00
_cell.length_c   1.00
_cell.angle_alpha   90.00
_cell.angle_beta   90.00
_cell.angle_gamma   90.00
#
_symmetry.space_group_name_H-M   'P 1'
#
loop_
_entity.id
_entity.type
_entity.pdbx_description
1 polymer '2-oxoglutarate dehydrogenase E1/E2 component'
2 non-polymer 'MAGNESIUM ION'
3 non-polymer 'ACETYL COENZYME *A'
4 non-polymer '(4~{S})-4-[(2~{R})-3-[(4-azanyl-2-methyl-pyrimidin-5-yl)methyl]-4-methyl-5-[2-[oxidanyl(phosphonooxy)phosphoryl]oxyethyl]-2~{H}-1,3-thiazol-2-yl]-4-oxidanyl-4-phosphono-butanoic acid'
#
_entity_poly.entity_id   1
_entity_poly.type   'polypeptide(L)'
_entity_poly.pdbx_seq_one_letter_code
;GSMSSASTFGQNAWLVDEMFQQFQKDPKSVDKEWRELFEAQGGPNTTPATTEAQPSAPKESAKPAPKAAPAAKAAPRVET
KPADKTAPKAKESSVPQQPKLPEPGQTPIRGIFKSIAKNMDISLEIPTATSVRDMPARLMFENRAMVNDQLKRTRGGKIS
FTHIIGYAMVKAVMAHPDMNNSYDVIDGKPTLIVPEHINLGLAIDLPQKDGSRALVVAAIKETEKMNFSEFLAAYEDIVA
RSRKGKLTMDDYQGVTVSLTNPGGIGTRHSVPRLTKGQGTIIGVGSMDYPAEFQGASEDRLAELGVGKLVTITSTYDHRV
IQGAVSGEFLRTMSRLLTDDSFWDEIFDAMNVPYTPMRWAQDVPNTGVDKNTRVMQLIEAYRSRGHLIADTNPLSWVQPG
MPVPDHRDLDIETHNLTIWDLDRTFNVGGFGGKETMTLREVLSRLRAAYTLKVGSEYTHILDRDERTWLQDRLEAGMPKP
TQAEQKYILQKLNAAEAFENFLQTKYVGQKRFSLEGAEALIPLMDSAIDTAAGQGLDEVVIGMPHRGRLNVLFNIVGKPL
ASIFNEFEGQMEQGQIGGSGDVKYHLGSEGQHLQMFGDGEIKVSLTANPSHLEAVNPVMEGIVRAKQDYLDKGVDGKTVV
PLLLHGDAAFAGLGIVPETINLAKLRGYDVGGTIHIVVNNQIGFTTTPDSSRSMHYATDYAKAFGCPVFHVNGDDPEAVV
WVGQLATEYRRRFGKDVFIDLVCYRLRGHNEADDPSMTQPKMYELITGRETVRAQYTEDLLGRGDLSNEDAEAVVRDFHD
QMESVFNEVKEGGKKQAEAQTGITGSQKLPHGLETNISREELLELGQAFANTPEGFNYHPRVAPVAKKRVSSVTEGGIDW
AWGELLAFGSLANSGRLVRLAGEDSRRGTFTQRHAVAIDPATAEEFNPLHELAQSKGNNGKFLVYNSALTEYAGMGFEYG
YSVGNEDSIVAWEAQFGDFANGAQTIIDEYVSSGEAKWGQTSKLILLLPHGYEGQGPDHSSARIERFLQLCAEGSMTVAQ
PSTPANHFHLLRRHALSDLKRPLVIFTPKSMLRNKAAASAPEDFTEVTKFQSVINDPNVADAAKVKKVMLVSGKLYYELA
KRKEKDGRDDIAIVRIEMLHPIPFNRISEALAGYPNAEEVLFVQDEPANQGPWPFYQEHLPELIPNMPKMRRVSRRAQSS
TATGVAKVHQLEEKQLIDEAFEA
;
_entity_poly.pdbx_strand_id   A,B,C,D,E,F
#
loop_
_chem_comp.id
_chem_comp.type
_chem_comp.name
_chem_comp.formula
ACO non-polymer 'ACETYL COENZYME *A' 'C23 H38 N7 O17 P3 S'
MG non-polymer 'MAGNESIUM ION' 'Mg 2'
QSP non-polymer '(4~{S})-4-[(2~{R})-3-[(4-azanyl-2-methyl-pyrimidin-5-yl)methyl]-4-methyl-5-[2-[oxidanyl(phosphonooxy)phosphoryl]oxyethyl]-2~{H}-1,3-thiazol-2-yl]-4-oxidanyl-4-phosphono-butanoic acid' 'C16 H27 N4 O13 P3 S'
#
# COMPACT_ATOMS: atom_id res chain seq x y z
N PRO A 104 -1.97 68.38 5.01
CA PRO A 104 -0.96 68.76 4.01
C PRO A 104 -0.20 70.03 4.41
N GLY A 105 1.10 70.06 4.07
CA GLY A 105 1.94 71.21 4.34
C GLY A 105 3.10 70.86 5.28
N GLN A 106 3.67 71.90 5.89
CA GLN A 106 4.84 71.77 6.75
C GLN A 106 4.44 72.07 8.18
N THR A 107 5.06 71.40 9.14
CA THR A 107 4.73 71.60 10.54
C THR A 107 5.93 71.23 11.41
N PRO A 108 6.39 72.13 12.31
CA PRO A 108 7.49 71.84 13.22
C PRO A 108 7.28 70.64 14.15
N ILE A 109 8.38 69.94 14.43
CA ILE A 109 8.38 68.80 15.32
C ILE A 109 8.59 69.32 16.73
N ARG A 110 7.72 68.89 17.65
CA ARG A 110 7.77 69.36 19.02
C ARG A 110 7.56 68.19 19.97
N GLY A 111 8.18 68.27 21.15
CA GLY A 111 7.87 67.39 22.26
C GLY A 111 8.81 66.19 22.32
N ILE A 112 8.22 65.01 22.57
CA ILE A 112 8.95 63.76 22.64
C ILE A 112 9.48 63.41 21.25
N PHE A 113 8.74 63.83 20.21
CA PHE A 113 9.11 63.53 18.84
C PHE A 113 10.39 64.25 18.45
N LYS A 114 10.60 65.44 19.02
CA LYS A 114 11.79 66.21 18.74
C LYS A 114 12.99 65.51 19.37
N SER A 115 12.79 64.90 20.53
CA SER A 115 13.86 64.19 21.22
C SER A 115 14.26 62.94 20.43
N ILE A 116 13.28 62.25 19.87
CA ILE A 116 13.52 61.04 19.09
C ILE A 116 14.32 61.42 17.83
N ALA A 117 14.00 62.56 17.23
CA ALA A 117 14.67 63.00 16.01
C ALA A 117 16.13 63.33 16.29
N LYS A 118 16.40 63.95 17.44
CA LYS A 118 17.73 64.42 17.75
C LYS A 118 18.66 63.24 18.02
N ASN A 119 18.14 62.22 18.71
CA ASN A 119 18.95 61.08 19.10
C ASN A 119 19.29 60.22 17.88
N MET A 120 18.39 60.14 16.92
CA MET A 120 18.61 59.37 15.70
C MET A 120 19.70 60.04 14.87
N ASP A 121 19.79 61.37 14.93
CA ASP A 121 20.83 62.11 14.25
C ASP A 121 22.17 61.88 14.91
N ILE A 122 22.20 61.80 16.24
CA ILE A 122 23.42 61.57 16.98
C ILE A 122 23.97 60.19 16.63
N SER A 123 23.08 59.24 16.38
CA SER A 123 23.46 57.84 16.20
C SER A 123 24.16 57.60 14.87
N LEU A 124 24.28 58.62 14.03
CA LEU A 124 24.95 58.49 12.76
C LEU A 124 26.46 58.36 12.93
N GLU A 125 26.97 58.49 14.15
CA GLU A 125 28.40 58.44 14.38
C GLU A 125 28.81 57.12 15.02
N ILE A 126 28.03 56.05 14.82
CA ILE A 126 28.36 54.73 15.31
C ILE A 126 28.48 53.78 14.13
N PRO A 127 29.67 53.17 13.85
CA PRO A 127 29.79 52.13 12.85
C PRO A 127 29.22 50.80 13.32
N THR A 128 28.29 50.23 12.54
CA THR A 128 27.53 49.07 12.99
C THR A 128 27.59 47.95 11.96
N ALA A 129 27.48 46.72 12.45
CA ALA A 129 27.31 45.54 11.62
C ALA A 129 26.24 44.63 12.24
N THR A 130 25.72 43.68 11.44
CA THR A 130 24.61 42.84 11.87
C THR A 130 24.90 41.37 11.57
N SER A 131 24.40 40.48 12.44
CA SER A 131 24.44 39.05 12.25
C SER A 131 23.03 38.47 12.38
N VAL A 132 22.73 37.42 11.62
CA VAL A 132 21.39 36.84 11.58
C VAL A 132 21.51 35.32 11.75
N ARG A 133 20.64 34.72 12.58
CA ARG A 133 20.61 33.28 12.78
C ARG A 133 19.18 32.80 13.02
N ASP A 134 18.85 31.62 12.48
CA ASP A 134 17.54 31.00 12.64
C ASP A 134 17.66 29.77 13.53
N MET A 135 16.64 29.54 14.38
CA MET A 135 16.72 28.57 15.46
C MET A 135 15.42 27.77 15.52
N PRO A 136 15.47 26.45 15.81
CA PRO A 136 14.26 25.66 16.06
C PRO A 136 13.47 26.13 17.28
N ALA A 137 12.14 26.01 17.24
CA ALA A 137 11.31 26.59 18.28
C ALA A 137 10.26 25.61 18.81
N ARG A 138 10.42 24.31 18.52
CA ARG A 138 9.41 23.32 18.91
C ARG A 138 9.42 23.10 20.41
N LEU A 139 10.62 22.96 20.98
CA LEU A 139 10.76 22.63 22.39
C LEU A 139 10.25 23.78 23.25
N MET A 140 10.33 25.01 22.74
CA MET A 140 9.80 26.16 23.44
C MET A 140 8.30 26.01 23.61
N PHE A 141 7.60 25.70 22.51
CA PHE A 141 6.16 25.59 22.53
C PHE A 141 5.71 24.53 23.53
N GLU A 142 6.41 23.39 23.53
CA GLU A 142 6.04 22.27 24.37
C GLU A 142 6.21 22.61 25.84
N ASN A 143 7.40 23.08 26.21
CA ASN A 143 7.75 23.28 27.60
C ASN A 143 7.01 24.47 28.18
N ARG A 144 6.69 25.47 27.35
CA ARG A 144 5.93 26.61 27.82
C ARG A 144 4.54 26.17 28.22
N ALA A 145 3.97 25.24 27.46
CA ALA A 145 2.64 24.73 27.74
C ALA A 145 2.62 24.00 29.07
N MET A 146 3.69 23.24 29.34
CA MET A 146 3.78 22.48 30.57
C MET A 146 3.82 23.42 31.77
N VAL A 147 4.48 24.57 31.63
CA VAL A 147 4.61 25.51 32.73
C VAL A 147 3.27 26.20 32.97
N ASN A 148 2.55 26.53 31.90
CA ASN A 148 1.31 27.28 32.03
C ASN A 148 0.21 26.40 32.59
N ASP A 149 0.32 25.07 32.45
CA ASP A 149 -0.63 24.16 33.03
C ASP A 149 -0.50 24.14 34.55
N GLN A 150 0.74 24.21 35.04
CA GLN A 150 1.01 24.23 36.48
C GLN A 150 0.47 25.51 37.10
N LEU A 151 0.65 26.64 36.42
CA LEU A 151 0.22 27.91 36.95
C LEU A 151 -1.30 27.98 37.01
N LYS A 152 -1.98 27.33 36.07
CA LYS A 152 -3.43 27.41 36.00
C LYS A 152 -4.07 26.72 37.20
N ARG A 153 -3.50 25.58 37.63
CA ARG A 153 -4.05 24.83 38.74
C ARG A 153 -3.79 25.57 40.05
N THR A 154 -2.68 26.31 40.12
CA THR A 154 -2.29 27.04 41.31
C THR A 154 -2.79 28.48 41.25
N ARG A 155 -3.68 28.78 40.29
CA ARG A 155 -4.29 30.09 40.12
C ARG A 155 -3.22 31.17 40.09
N GLY A 156 -2.14 30.93 39.34
CA GLY A 156 -1.15 31.96 39.02
C GLY A 156 -1.48 32.64 37.71
N GLY A 157 -0.45 33.12 37.00
CA GLY A 157 -0.61 33.86 35.77
C GLY A 157 -0.28 33.01 34.53
N LYS A 158 0.63 33.54 33.70
CA LYS A 158 0.91 33.01 32.37
C LYS A 158 2.22 33.60 31.89
N ILE A 159 3.16 32.77 31.41
CA ILE A 159 4.41 33.28 30.89
C ILE A 159 4.35 33.33 29.36
N SER A 160 5.22 34.16 28.78
CA SER A 160 5.25 34.44 27.35
C SER A 160 6.61 34.06 26.77
N PHE A 161 6.73 34.15 25.44
CA PHE A 161 7.95 33.79 24.74
C PHE A 161 9.04 34.82 25.00
N THR A 162 8.64 36.08 25.20
CA THR A 162 9.60 37.14 25.44
C THR A 162 10.30 36.94 26.78
N HIS A 163 9.58 36.42 27.77
CA HIS A 163 10.16 36.11 29.07
C HIS A 163 11.28 35.09 28.91
N ILE A 164 11.03 34.04 28.14
CA ILE A 164 11.97 32.93 28.03
C ILE A 164 13.20 33.37 27.25
N ILE A 165 12.99 34.09 26.14
CA ILE A 165 14.09 34.52 25.29
C ILE A 165 14.90 35.58 26.02
N GLY A 166 14.22 36.41 26.81
CA GLY A 166 14.87 37.41 27.63
C GLY A 166 15.85 36.79 28.62
N TYR A 167 15.42 35.72 29.31
CA TYR A 167 16.24 35.09 30.31
C TYR A 167 17.44 34.43 29.64
N ALA A 168 17.22 33.83 28.47
CA ALA A 168 18.28 33.17 27.73
C ALA A 168 19.33 34.17 27.30
N MET A 169 18.88 35.36 26.91
CA MET A 169 19.77 36.42 26.46
C MET A 169 20.69 36.84 27.59
N VAL A 170 20.14 36.94 28.81
CA VAL A 170 20.92 37.32 29.99
C VAL A 170 22.02 36.31 30.25
N LYS A 171 21.68 35.02 30.20
CA LYS A 171 22.63 33.96 30.46
C LYS A 171 23.75 34.00 29.42
N ALA A 172 23.40 34.36 28.19
CA ALA A 172 24.36 34.39 27.08
C ALA A 172 25.34 35.54 27.25
N VAL A 173 24.86 36.69 27.76
CA VAL A 173 25.69 37.86 27.95
C VAL A 173 26.70 37.59 29.06
N MET A 174 26.32 36.77 30.04
CA MET A 174 27.23 36.39 31.10
C MET A 174 28.34 35.51 30.54
N ALA A 175 27.99 34.63 29.59
CA ALA A 175 28.95 33.72 29.00
C ALA A 175 29.92 34.46 28.09
N HIS A 176 29.47 35.57 27.51
CA HIS A 176 30.27 36.35 26.58
C HIS A 176 30.21 37.82 27.00
N PRO A 177 30.98 38.23 28.04
CA PRO A 177 30.87 39.56 28.63
C PRO A 177 31.19 40.78 27.75
N ASP A 178 31.91 40.55 26.65
CA ASP A 178 32.31 41.63 25.75
C ASP A 178 31.08 42.30 25.11
N MET A 179 29.94 41.61 25.11
CA MET A 179 28.75 42.12 24.46
C MET A 179 28.13 43.24 25.29
N ASN A 180 28.67 43.52 26.48
CA ASN A 180 28.07 44.48 27.39
C ASN A 180 28.85 45.79 27.41
N ASN A 181 29.98 45.86 26.68
CA ASN A 181 30.86 47.00 26.71
C ASN A 181 30.38 48.07 25.75
N SER A 182 30.97 49.28 25.85
CA SER A 182 30.62 50.40 24.98
C SER A 182 31.83 51.30 24.76
N TYR A 183 31.66 52.35 23.94
CA TYR A 183 32.75 53.23 23.52
C TYR A 183 32.44 54.67 23.87
N ASP A 184 33.48 55.45 24.17
CA ASP A 184 33.33 56.88 24.43
C ASP A 184 34.68 57.56 24.26
N VAL A 185 34.67 58.88 24.00
CA VAL A 185 35.90 59.66 23.93
C VAL A 185 35.95 60.60 25.13
N ILE A 186 36.94 60.37 26.01
CA ILE A 186 37.04 61.02 27.30
C ILE A 186 38.41 61.68 27.42
N ASP A 187 38.41 63.00 27.60
CA ASP A 187 39.64 63.77 27.61
C ASP A 187 40.29 63.68 26.24
N GLY A 188 39.47 63.49 25.22
CA GLY A 188 39.98 63.45 23.86
C GLY A 188 40.80 62.20 23.55
N LYS A 189 40.61 61.14 24.32
CA LYS A 189 41.22 59.86 24.00
C LYS A 189 40.11 58.82 23.85
N PRO A 190 40.21 57.87 22.90
CA PRO A 190 39.35 56.68 22.87
C PRO A 190 39.39 55.82 24.12
N THR A 191 38.23 55.29 24.52
CA THR A 191 38.09 54.61 25.79
C THR A 191 37.07 53.48 25.71
N LEU A 192 37.35 52.37 26.39
CA LEU A 192 36.43 51.26 26.51
C LEU A 192 35.77 51.33 27.88
N ILE A 193 34.46 51.09 27.93
CA ILE A 193 33.70 51.20 29.15
C ILE A 193 33.13 49.84 29.53
N VAL A 194 33.46 49.37 30.74
CA VAL A 194 33.05 48.07 31.24
C VAL A 194 32.13 48.27 32.43
N PRO A 195 30.79 48.15 32.29
CA PRO A 195 29.88 48.42 33.40
C PRO A 195 29.92 47.40 34.54
N GLU A 196 29.24 47.74 35.64
CA GLU A 196 29.19 46.91 36.82
C GLU A 196 28.09 45.86 36.71
N HIS A 197 26.97 46.22 36.08
CA HIS A 197 25.79 45.36 36.04
C HIS A 197 25.31 45.18 34.59
N ILE A 198 24.44 44.18 34.41
CA ILE A 198 23.69 43.99 33.18
C ILE A 198 22.30 44.55 33.38
N ASN A 199 22.02 45.72 32.80
CA ASN A 199 20.71 46.32 32.85
C ASN A 199 20.02 46.17 31.50
N LEU A 200 18.87 45.49 31.48
CA LEU A 200 18.23 45.07 30.24
C LEU A 200 17.08 46.02 29.92
N GLY A 201 17.16 46.67 28.76
CA GLY A 201 16.15 47.60 28.31
C GLY A 201 15.05 46.90 27.50
N LEU A 202 13.79 47.16 27.85
CA LEU A 202 12.64 46.65 27.14
C LEU A 202 12.02 47.76 26.32
N ALA A 203 11.73 47.48 25.06
CA ALA A 203 11.02 48.41 24.20
C ALA A 203 9.52 48.28 24.43
N ILE A 204 8.94 49.21 25.22
CA ILE A 204 7.52 49.21 25.50
C ILE A 204 6.82 50.23 24.61
N ASP A 205 5.94 49.73 23.72
CA ASP A 205 5.10 50.59 22.89
C ASP A 205 3.85 50.94 23.70
N LEU A 206 3.76 52.21 24.13
CA LEU A 206 2.65 52.69 24.94
C LEU A 206 1.98 53.88 24.24
N PRO A 207 0.67 53.79 23.94
CA PRO A 207 -0.12 54.96 23.53
C PRO A 207 -0.22 56.02 24.63
N GLN A 208 -0.38 57.28 24.21
CA GLN A 208 -0.49 58.41 25.12
C GLN A 208 -1.94 58.89 25.15
N LYS A 209 -2.19 59.92 25.97
CA LYS A 209 -3.53 60.46 26.16
C LYS A 209 -4.07 61.06 24.85
N ASP A 210 -3.17 61.67 24.07
CA ASP A 210 -3.54 62.33 22.83
C ASP A 210 -4.07 61.31 21.82
N GLY A 211 -3.39 60.16 21.72
CA GLY A 211 -3.74 59.13 20.77
C GLY A 211 -2.64 58.86 19.74
N SER A 212 -1.39 59.19 20.10
CA SER A 212 -0.23 58.84 19.31
C SER A 212 0.67 57.88 20.08
N ARG A 213 1.10 56.81 19.40
CA ARG A 213 2.00 55.83 19.96
C ARG A 213 3.41 56.41 20.02
N ALA A 214 4.09 56.19 21.15
CA ALA A 214 5.45 56.64 21.35
C ALA A 214 6.15 55.67 22.30
N LEU A 215 7.38 55.30 21.95
CA LEU A 215 8.11 54.27 22.69
C LEU A 215 9.23 54.91 23.49
N VAL A 216 9.42 54.39 24.72
CA VAL A 216 10.55 54.74 25.57
C VAL A 216 11.06 53.42 26.17
N VAL A 217 12.38 53.33 26.36
CA VAL A 217 13.00 52.11 26.84
C VAL A 217 13.20 52.20 28.34
N ALA A 218 12.57 51.28 29.07
CA ALA A 218 12.72 51.14 30.51
C ALA A 218 13.68 50.00 30.81
N ALA A 219 14.25 49.99 32.01
CA ALA A 219 15.32 49.08 32.35
C ALA A 219 14.93 48.14 33.50
N ILE A 220 15.35 46.88 33.38
CA ILE A 220 15.38 45.94 34.49
C ILE A 220 16.81 45.88 34.97
N LYS A 221 17.05 46.20 36.25
CA LYS A 221 18.41 46.44 36.72
C LYS A 221 18.94 45.27 37.53
N GLU A 222 20.26 45.08 37.46
CA GLU A 222 20.98 44.09 38.23
C GLU A 222 20.41 42.70 37.96
N THR A 223 20.55 42.26 36.71
CA THR A 223 19.89 41.07 36.22
C THR A 223 20.78 39.86 36.36
N GLU A 224 22.08 40.07 36.57
CA GLU A 224 23.05 38.98 36.56
C GLU A 224 23.07 38.27 37.92
N LYS A 225 22.20 38.69 38.84
CA LYS A 225 22.06 38.04 40.13
C LYS A 225 20.60 37.70 40.37
N MET A 226 19.98 37.06 39.36
CA MET A 226 18.58 36.70 39.41
C MET A 226 18.39 35.28 38.89
N ASN A 227 17.40 34.56 39.43
CA ASN A 227 16.91 33.33 38.84
C ASN A 227 15.62 33.64 38.09
N PHE A 228 14.99 32.61 37.48
CA PHE A 228 13.90 32.85 36.57
C PHE A 228 12.71 33.46 37.31
N SER A 229 12.51 33.06 38.57
CA SER A 229 11.39 33.55 39.35
C SER A 229 11.53 35.04 39.61
N GLU A 230 12.75 35.44 40.01
CA GLU A 230 13.06 36.82 40.29
C GLU A 230 12.93 37.64 39.00
N PHE A 231 13.42 37.09 37.89
CA PHE A 231 13.42 37.78 36.61
C PHE A 231 11.99 38.09 36.19
N LEU A 232 11.10 37.12 36.35
CA LEU A 232 9.73 37.25 35.89
C LEU A 232 9.03 38.34 36.68
N ALA A 233 9.35 38.44 37.98
CA ALA A 233 8.75 39.42 38.86
C ALA A 233 9.15 40.82 38.45
N ALA A 234 10.44 41.03 38.20
CA ALA A 234 10.97 42.32 37.81
C ALA A 234 10.36 42.78 36.49
N TYR A 235 10.24 41.84 35.54
CA TYR A 235 9.70 42.14 34.23
C TYR A 235 8.29 42.68 34.38
N GLU A 236 7.46 41.95 35.13
CA GLU A 236 6.05 42.27 35.27
C GLU A 236 5.87 43.54 36.09
N ASP A 237 6.84 43.85 36.95
CA ASP A 237 6.82 45.08 37.74
C ASP A 237 6.89 46.29 36.82
N ILE A 238 7.86 46.29 35.89
CA ILE A 238 8.06 47.41 34.97
C ILE A 238 6.81 47.59 34.12
N VAL A 239 6.27 46.49 33.60
CA VAL A 239 5.14 46.55 32.70
C VAL A 239 3.93 47.11 33.43
N ALA A 240 3.72 46.65 34.68
CA ALA A 240 2.55 47.01 35.46
C ALA A 240 2.53 48.50 35.76
N ARG A 241 3.68 49.04 36.18
CA ARG A 241 3.78 50.43 36.56
C ARG A 241 3.66 51.33 35.35
N SER A 242 3.99 50.82 34.15
CA SER A 242 3.94 51.61 32.95
C SER A 242 2.50 51.93 32.58
N ARG A 243 1.60 50.97 32.82
CA ARG A 243 0.20 51.12 32.44
C ARG A 243 -0.50 52.07 33.39
N LYS A 244 -0.08 52.07 34.66
CA LYS A 244 -0.66 52.93 35.68
C LYS A 244 0.00 54.30 35.66
N GLY A 245 1.10 54.45 34.94
CA GLY A 245 1.76 55.73 34.79
C GLY A 245 2.54 56.12 36.03
N LYS A 246 3.37 55.21 36.53
CA LYS A 246 4.07 55.42 37.79
C LYS A 246 5.55 55.09 37.63
N LEU A 247 6.13 55.47 36.48
CA LEU A 247 7.55 55.28 36.24
C LEU A 247 8.30 56.58 36.54
N THR A 248 9.42 56.45 37.26
CA THR A 248 10.25 57.59 37.63
C THR A 248 11.29 57.83 36.54
N MET A 249 12.17 58.81 36.78
CA MET A 249 13.20 59.16 35.82
C MET A 249 14.40 58.22 35.97
N ASP A 250 14.50 57.53 37.10
CA ASP A 250 15.59 56.61 37.35
C ASP A 250 15.43 55.35 36.51
N ASP A 251 14.20 55.00 36.15
CA ASP A 251 13.90 53.79 35.41
C ASP A 251 14.34 53.90 33.95
N TYR A 252 14.58 55.13 33.47
CA TYR A 252 14.97 55.34 32.10
C TYR A 252 16.47 55.57 31.97
N GLN A 253 17.27 55.17 32.95
CA GLN A 253 18.69 55.47 32.93
C GLN A 253 19.50 54.22 33.24
N GLY A 254 20.64 54.08 32.58
CA GLY A 254 21.63 53.08 32.92
C GLY A 254 21.52 51.79 32.10
N VAL A 255 20.86 51.86 30.94
CA VAL A 255 20.68 50.68 30.10
C VAL A 255 22.01 50.30 29.47
N THR A 256 22.32 49.00 29.46
CA THR A 256 23.58 48.53 28.90
C THR A 256 23.35 47.67 27.66
N VAL A 257 22.16 47.07 27.51
CA VAL A 257 21.86 46.21 26.39
C VAL A 257 20.34 46.12 26.22
N SER A 258 19.86 46.05 24.97
CA SER A 258 18.45 46.22 24.68
C SER A 258 17.87 45.02 23.95
N LEU A 259 16.54 44.89 24.00
CA LEU A 259 15.79 43.83 23.35
C LEU A 259 14.55 44.41 22.69
N THR A 260 14.30 44.01 21.44
CA THR A 260 13.16 44.48 20.67
C THR A 260 12.46 43.29 20.02
N ASN A 261 11.16 43.44 19.73
CA ASN A 261 10.34 42.33 19.27
C ASN A 261 9.48 42.76 18.08
N PRO A 262 10.05 42.88 16.86
CA PRO A 262 9.26 43.10 15.66
C PRO A 262 8.42 41.93 15.16
N GLY A 263 8.58 40.75 15.79
CA GLY A 263 7.87 39.56 15.38
C GLY A 263 6.41 39.53 15.84
N GLY A 264 6.06 40.40 16.79
CA GLY A 264 4.69 40.52 17.27
C GLY A 264 3.70 40.75 16.14
N ILE A 265 4.03 41.69 15.24
CA ILE A 265 3.19 42.02 14.10
C ILE A 265 3.31 40.92 13.04
N GLY A 266 4.50 40.31 12.92
CA GLY A 266 4.71 39.21 11.98
C GLY A 266 5.85 39.45 11.01
N THR A 267 6.74 40.40 11.32
CA THR A 267 7.94 40.65 10.53
C THR A 267 8.89 39.48 10.73
N ARG A 268 9.61 39.10 9.67
CA ARG A 268 10.47 37.93 9.72
C ARG A 268 11.79 38.29 10.41
N HIS A 269 12.40 39.40 10.02
CA HIS A 269 13.51 39.97 10.77
C HIS A 269 13.71 41.43 10.38
N SER A 270 14.58 42.12 11.12
CA SER A 270 14.85 43.53 10.91
C SER A 270 16.33 43.85 11.07
N VAL A 271 16.72 45.05 10.61
CA VAL A 271 18.04 45.60 10.85
C VAL A 271 17.85 46.94 11.55
N PRO A 272 17.83 46.98 12.91
CA PRO A 272 17.58 48.22 13.65
C PRO A 272 18.78 49.13 13.89
N ARG A 273 18.50 50.33 14.45
CA ARG A 273 19.53 51.30 14.80
C ARG A 273 20.02 51.07 16.23
N LEU A 274 21.27 51.42 16.47
CA LEU A 274 21.88 51.36 17.78
C LEU A 274 22.03 52.79 18.30
N THR A 275 21.64 53.00 19.56
CA THR A 275 21.68 54.31 20.18
C THR A 275 22.95 54.45 21.00
N LYS A 276 23.38 55.70 21.21
CA LYS A 276 24.66 55.99 21.84
C LYS A 276 24.63 55.57 23.30
N GLY A 277 25.72 54.95 23.75
CA GLY A 277 25.87 54.54 25.14
C GLY A 277 25.70 53.03 25.35
N GLN A 278 25.49 52.29 24.26
CA GLN A 278 25.33 50.84 24.33
C GLN A 278 26.22 50.18 23.29
N GLY A 279 26.36 48.86 23.39
CA GLY A 279 27.22 48.10 22.51
C GLY A 279 26.44 47.22 21.53
N THR A 280 25.26 46.73 21.92
CA THR A 280 24.50 45.84 21.07
C THR A 280 23.01 46.00 21.32
N ILE A 281 22.22 45.62 20.30
CA ILE A 281 20.78 45.49 20.40
C ILE A 281 20.37 44.18 19.73
N ILE A 282 19.45 43.44 20.37
CA ILE A 282 19.01 42.13 19.92
C ILE A 282 17.56 42.22 19.48
N GLY A 283 17.23 41.59 18.35
CA GLY A 283 15.88 41.60 17.81
C GLY A 283 15.32 40.18 17.63
N VAL A 284 14.03 40.01 17.92
CA VAL A 284 13.34 38.73 17.86
C VAL A 284 12.26 38.80 16.79
N GLY A 285 12.31 37.87 15.84
CA GLY A 285 11.41 37.86 14.70
C GLY A 285 10.21 36.94 14.90
N SER A 286 9.50 36.67 13.80
CA SER A 286 8.24 35.95 13.84
C SER A 286 8.46 34.48 14.14
N MET A 287 7.56 33.89 14.94
CA MET A 287 7.56 32.47 15.23
C MET A 287 6.42 31.82 14.46
N ASP A 288 6.72 31.37 13.24
CA ASP A 288 5.70 30.92 12.31
C ASP A 288 6.35 29.96 11.32
N TYR A 289 5.54 29.21 10.58
CA TYR A 289 6.06 28.38 9.52
C TYR A 289 6.59 29.31 8.44
N PRO A 290 7.60 28.90 7.65
CA PRO A 290 7.97 29.62 6.44
C PRO A 290 6.81 29.75 5.47
N ALA A 291 6.88 30.72 4.57
CA ALA A 291 5.73 31.10 3.76
C ALA A 291 5.47 30.10 2.64
N GLU A 292 6.41 29.17 2.39
CA GLU A 292 6.22 28.12 1.40
C GLU A 292 5.43 26.95 1.98
N PHE A 293 5.12 26.98 3.29
CA PHE A 293 4.38 25.92 3.94
C PHE A 293 3.04 26.43 4.48
N GLN A 294 2.67 27.68 4.20
CA GLN A 294 1.53 28.29 4.85
C GLN A 294 0.20 27.83 4.25
N GLY A 295 0.24 27.00 3.22
CA GLY A 295 -0.97 26.47 2.62
C GLY A 295 -1.09 24.96 2.73
N ALA A 296 -0.13 24.31 3.39
CA ALA A 296 -0.09 22.87 3.49
C ALA A 296 -1.01 22.40 4.60
N SER A 297 -1.33 21.10 4.59
CA SER A 297 -2.23 20.52 5.58
C SER A 297 -1.45 20.12 6.82
N GLU A 298 -2.15 20.04 7.95
CA GLU A 298 -1.53 19.67 9.21
C GLU A 298 -1.05 18.23 9.14
N ASP A 299 -1.84 17.37 8.51
CA ASP A 299 -1.54 15.96 8.42
C ASP A 299 -0.21 15.75 7.71
N ARG A 300 0.01 16.51 6.63
CA ARG A 300 1.15 16.30 5.76
C ARG A 300 2.41 16.83 6.42
N LEU A 301 2.29 17.96 7.12
CA LEU A 301 3.42 18.55 7.84
C LEU A 301 3.84 17.64 8.98
N ALA A 302 2.88 17.01 9.64
CA ALA A 302 3.15 16.12 10.76
C ALA A 302 3.90 14.88 10.31
N GLU A 303 3.59 14.40 9.09
CA GLU A 303 4.24 13.21 8.55
C GLU A 303 5.71 13.49 8.29
N LEU A 304 6.01 14.65 7.71
CA LEU A 304 7.36 15.01 7.31
C LEU A 304 8.19 15.26 8.55
N GLY A 305 7.65 16.03 9.49
CA GLY A 305 8.35 16.41 10.70
C GLY A 305 8.87 17.85 10.63
N VAL A 306 8.04 18.76 10.14
CA VAL A 306 8.41 20.15 9.95
C VAL A 306 8.10 20.91 11.23
N GLY A 307 9.05 21.73 11.69
CA GLY A 307 8.88 22.52 12.89
C GLY A 307 8.73 24.00 12.57
N LYS A 308 8.67 24.83 13.62
CA LYS A 308 8.60 26.27 13.49
C LYS A 308 9.94 26.89 13.84
N LEU A 309 10.16 28.12 13.34
CA LEU A 309 11.43 28.84 13.44
C LEU A 309 11.32 29.96 14.46
N VAL A 310 12.47 30.56 14.76
CA VAL A 310 12.55 31.92 15.24
C VAL A 310 13.88 32.48 14.74
N THR A 311 13.86 33.72 14.21
CA THR A 311 15.06 34.36 13.72
C THR A 311 15.49 35.44 14.69
N ILE A 312 16.77 35.46 15.05
CA ILE A 312 17.32 36.42 16.00
C ILE A 312 18.47 37.16 15.37
N THR A 313 18.54 38.47 15.61
CA THR A 313 19.55 39.34 15.03
C THR A 313 20.36 40.03 16.11
N SER A 314 21.57 40.46 15.75
CA SER A 314 22.49 41.16 16.65
C SER A 314 23.17 42.30 15.91
N THR A 315 22.92 43.54 16.35
CA THR A 315 23.51 44.72 15.75
C THR A 315 24.45 45.36 16.76
N TYR A 316 25.73 45.53 16.39
CA TYR A 316 26.77 45.84 17.35
C TYR A 316 27.72 46.92 16.83
N ASP A 317 28.39 47.60 17.76
CA ASP A 317 29.36 48.64 17.48
C ASP A 317 30.73 48.02 17.21
N HIS A 318 31.29 48.31 16.04
CA HIS A 318 32.40 47.53 15.50
C HIS A 318 33.72 48.05 16.00
N ARG A 319 33.71 49.17 16.74
CA ARG A 319 34.92 49.72 17.33
C ARG A 319 35.32 48.94 18.58
N VAL A 320 34.39 48.21 19.20
CA VAL A 320 34.65 47.54 20.46
C VAL A 320 34.22 46.07 20.45
N ILE A 321 33.39 45.65 19.48
CA ILE A 321 32.98 44.25 19.38
C ILE A 321 33.31 43.76 17.98
N GLN A 322 33.89 42.56 17.89
CA GLN A 322 34.26 41.97 16.61
C GLN A 322 33.21 40.93 16.23
N GLY A 323 33.26 40.49 14.96
CA GLY A 323 32.23 39.64 14.39
C GLY A 323 32.20 38.26 15.01
N ALA A 324 33.37 37.72 15.34
CA ALA A 324 33.48 36.39 15.93
C ALA A 324 32.74 36.33 17.26
N VAL A 325 32.82 37.39 18.05
CA VAL A 325 32.18 37.43 19.35
C VAL A 325 30.66 37.43 19.17
N SER A 326 30.17 38.22 18.22
CA SER A 326 28.74 38.32 17.96
C SER A 326 28.18 36.99 17.49
N GLY A 327 28.96 36.26 16.69
CA GLY A 327 28.55 34.96 16.21
C GLY A 327 28.47 33.93 17.34
N GLU A 328 29.44 33.95 18.24
CA GLU A 328 29.49 33.02 19.35
C GLU A 328 28.36 33.29 20.32
N PHE A 329 27.96 34.56 20.45
CA PHE A 329 26.85 34.94 21.28
C PHE A 329 25.57 34.26 20.81
N LEU A 330 25.31 34.33 19.49
CA LEU A 330 24.08 33.79 18.93
C LEU A 330 24.11 32.25 18.97
N ARG A 331 25.29 31.66 18.87
CA ARG A 331 25.41 30.21 18.93
C ARG A 331 25.05 29.71 20.33
N THR A 332 25.44 30.48 21.35
CA THR A 332 25.15 30.10 22.73
C THR A 332 23.65 30.18 22.98
N MET A 333 22.98 31.21 22.46
CA MET A 333 21.55 31.36 22.65
C MET A 333 20.81 30.21 22.01
N SER A 334 21.30 29.76 20.86
CA SER A 334 20.69 28.66 20.13
C SER A 334 20.79 27.37 20.94
N ARG A 335 21.92 27.15 21.61
CA ARG A 335 22.15 25.95 22.39
C ARG A 335 21.29 25.92 23.63
N LEU A 336 21.07 27.08 24.26
CA LEU A 336 20.36 27.13 25.53
C LEU A 336 18.90 26.78 25.33
N LEU A 337 18.29 27.18 24.21
CA LEU A 337 16.87 27.01 24.02
C LEU A 337 16.54 25.56 23.64
N THR A 338 17.55 24.69 23.61
CA THR A 338 17.34 23.29 23.30
C THR A 338 18.19 22.42 24.23
N ASP A 339 18.44 22.92 25.44
CA ASP A 339 19.38 22.31 26.36
C ASP A 339 18.63 21.75 27.57
N ASP A 340 19.11 20.61 28.08
CA ASP A 340 18.47 19.92 29.20
C ASP A 340 18.56 20.78 30.45
N SER A 341 19.76 21.29 30.73
CA SER A 341 20.04 21.96 31.99
C SER A 341 19.33 23.29 32.09
N PHE A 342 19.04 23.92 30.95
CA PHE A 342 18.39 25.22 30.93
C PHE A 342 16.97 25.09 31.44
N TRP A 343 16.26 24.05 30.97
CA TRP A 343 14.86 23.87 31.26
C TRP A 343 14.64 23.29 32.65
N ASP A 344 15.66 22.63 33.19
CA ASP A 344 15.61 22.14 34.55
C ASP A 344 15.56 23.33 35.51
N GLU A 345 16.32 24.38 35.22
CA GLU A 345 16.31 25.58 36.02
C GLU A 345 14.91 26.18 36.05
N ILE A 346 14.29 26.34 34.88
CA ILE A 346 13.03 27.04 34.79
C ILE A 346 11.95 26.25 35.51
N PHE A 347 11.97 24.92 35.37
CA PHE A 347 10.96 24.05 35.95
C PHE A 347 11.09 24.05 37.46
N ASP A 348 12.32 23.98 37.95
CA ASP A 348 12.60 23.98 39.37
C ASP A 348 12.03 25.23 40.01
N ALA A 349 12.23 26.38 39.37
CA ALA A 349 11.89 27.65 39.96
C ALA A 349 10.39 27.88 39.97
N MET A 350 9.65 27.24 39.07
CA MET A 350 8.23 27.48 38.94
C MET A 350 7.43 26.36 39.64
N ASN A 351 8.14 25.39 40.20
CA ASN A 351 7.54 24.29 40.96
C ASN A 351 6.61 23.47 40.07
N VAL A 352 7.18 22.84 39.04
CA VAL A 352 6.44 21.89 38.22
C VAL A 352 7.07 20.52 38.43
N PRO A 353 6.25 19.46 38.66
CA PRO A 353 6.77 18.18 39.14
C PRO A 353 7.29 17.19 38.11
N TYR A 354 7.04 17.46 36.83
CA TYR A 354 7.38 16.53 35.77
C TYR A 354 8.76 16.85 35.20
N THR A 355 9.39 15.84 34.59
CA THR A 355 10.61 16.06 33.84
C THR A 355 10.26 16.80 32.56
N PRO A 356 11.03 17.83 32.16
CA PRO A 356 10.76 18.54 30.91
C PRO A 356 10.97 17.66 29.69
N MET A 357 10.22 17.96 28.63
CA MET A 357 10.38 17.32 27.34
C MET A 357 11.79 17.57 26.84
N ARG A 358 12.39 16.57 26.20
CA ARG A 358 13.78 16.63 25.76
C ARG A 358 13.85 16.77 24.25
N TRP A 359 15.02 17.16 23.73
CA TRP A 359 15.22 17.39 22.30
C TRP A 359 15.86 16.17 21.68
N ALA A 360 15.33 15.74 20.53
CA ALA A 360 15.84 14.57 19.82
C ALA A 360 15.33 14.56 18.39
N GLN A 361 15.90 13.69 17.56
CA GLN A 361 15.48 13.54 16.18
C GLN A 361 14.31 12.58 16.08
N ASP A 362 13.51 12.74 15.02
CA ASP A 362 12.41 11.86 14.74
C ASP A 362 12.96 10.51 14.29
N VAL A 363 12.34 9.42 14.76
CA VAL A 363 12.81 8.08 14.49
C VAL A 363 11.85 7.40 13.52
N PRO A 364 12.33 6.43 12.71
CA PRO A 364 11.47 5.72 11.76
C PRO A 364 10.55 4.68 12.40
N ASN A 365 9.40 4.43 11.77
CA ASN A 365 8.44 3.43 12.22
C ASN A 365 8.85 2.07 11.66
N THR A 366 9.90 1.50 12.26
CA THR A 366 10.43 0.21 11.85
C THR A 366 10.54 -0.69 13.08
N GLY A 367 10.70 -1.99 12.85
CA GLY A 367 10.82 -2.95 13.94
C GLY A 367 9.49 -3.10 14.67
N VAL A 368 9.52 -2.85 15.99
CA VAL A 368 8.31 -2.82 16.79
C VAL A 368 7.52 -1.57 16.42
N ASP A 369 6.24 -1.76 16.10
CA ASP A 369 5.40 -0.70 15.61
C ASP A 369 5.17 0.31 16.73
N LYS A 370 4.78 1.52 16.37
CA LYS A 370 4.62 2.58 17.33
C LYS A 370 3.32 2.43 18.10
N ASN A 371 2.30 1.81 17.53
CA ASN A 371 1.09 1.52 18.27
C ASN A 371 1.40 0.62 19.45
N THR A 372 2.28 -0.35 19.26
CA THR A 372 2.67 -1.25 20.33
C THR A 372 3.33 -0.47 21.46
N ARG A 373 4.13 0.53 21.10
CA ARG A 373 4.89 1.27 22.09
C ARG A 373 3.94 2.15 22.92
N VAL A 374 2.87 2.66 22.32
CA VAL A 374 1.95 3.51 23.04
C VAL A 374 1.15 2.67 24.04
N MET A 375 0.89 1.42 23.69
CA MET A 375 0.14 0.53 24.57
C MET A 375 1.00 0.16 25.77
N GLN A 376 2.31 0.05 25.57
CA GLN A 376 3.23 -0.25 26.66
C GLN A 376 3.36 0.93 27.61
N LEU A 377 3.24 2.15 27.10
CA LEU A 377 3.29 3.34 27.93
C LEU A 377 2.06 3.40 28.83
N ILE A 378 0.90 3.01 28.31
CA ILE A 378 -0.32 3.02 29.08
C ILE A 378 -0.21 2.03 30.23
N GLU A 379 0.37 0.87 29.96
CA GLU A 379 0.49 -0.18 30.97
C GLU A 379 1.46 0.26 32.07
N ALA A 380 2.50 1.01 31.69
CA ALA A 380 3.51 1.44 32.64
C ALA A 380 2.93 2.41 33.65
N TYR A 381 2.08 3.34 33.20
CA TYR A 381 1.51 4.33 34.09
C TYR A 381 0.51 3.68 35.03
N ARG A 382 -0.30 2.78 34.50
CA ARG A 382 -1.27 2.05 35.32
C ARG A 382 -0.57 1.25 36.41
N SER A 383 0.66 0.83 36.15
CA SER A 383 1.36 -0.09 37.05
C SER A 383 2.27 0.65 38.02
N ARG A 384 2.96 1.70 37.56
CA ARG A 384 4.04 2.28 38.35
C ARG A 384 3.93 3.80 38.43
N GLY A 385 2.78 4.37 38.11
CA GLY A 385 2.63 5.82 38.08
C GLY A 385 2.62 6.45 39.46
N HIS A 386 2.33 5.65 40.48
CA HIS A 386 2.26 6.10 41.86
C HIS A 386 3.62 6.56 42.36
N LEU A 387 4.70 6.16 41.67
CA LEU A 387 6.03 6.47 42.13
C LEU A 387 6.36 7.94 41.91
N ILE A 388 5.60 8.68 41.11
CA ILE A 388 5.88 10.08 40.88
C ILE A 388 4.66 10.95 41.16
N ALA A 389 3.76 10.51 42.04
CA ALA A 389 2.53 11.24 42.27
C ALA A 389 2.73 12.27 43.37
N ASP A 390 1.85 13.27 43.41
CA ASP A 390 1.96 14.38 44.32
C ASP A 390 1.19 14.07 45.59
N THR A 391 1.79 13.27 46.46
CA THR A 391 1.09 12.76 47.62
C THR A 391 1.72 13.24 48.91
N ASN A 392 2.84 13.97 48.85
CA ASN A 392 3.54 14.40 50.05
C ASN A 392 3.30 15.88 50.26
N PRO A 393 2.70 16.32 51.39
CA PRO A 393 2.49 17.74 51.64
C PRO A 393 3.77 18.56 51.76
N LEU A 394 4.84 17.95 52.26
CA LEU A 394 6.12 18.59 52.38
C LEU A 394 6.94 18.34 51.12
N SER A 395 7.90 19.22 50.86
CA SER A 395 8.88 19.03 49.80
C SER A 395 10.12 18.38 50.41
N TRP A 396 9.97 17.12 50.81
CA TRP A 396 10.93 16.45 51.66
C TRP A 396 11.26 15.08 51.10
N VAL A 397 12.56 14.79 50.96
CA VAL A 397 13.01 13.44 50.66
C VAL A 397 13.96 13.02 51.78
N GLN A 398 13.66 11.87 52.39
CA GLN A 398 14.44 11.36 53.50
C GLN A 398 15.81 10.94 52.97
N PRO A 399 16.91 11.43 53.56
CA PRO A 399 18.24 11.21 53.02
C PRO A 399 18.78 9.79 52.95
N GLY A 400 18.37 8.89 53.84
CA GLY A 400 19.01 7.59 53.91
C GLY A 400 18.30 6.49 53.11
N MET A 401 17.19 6.82 52.44
CA MET A 401 16.31 5.82 51.85
C MET A 401 16.62 5.67 50.38
N PRO A 402 16.60 4.44 49.82
CA PRO A 402 16.79 4.24 48.38
C PRO A 402 15.66 4.83 47.55
N VAL A 403 16.00 5.37 46.38
CA VAL A 403 15.00 5.92 45.47
C VAL A 403 14.77 4.92 44.35
N PRO A 404 13.54 4.41 44.16
CA PRO A 404 13.26 3.46 43.09
C PRO A 404 13.50 4.03 41.69
N ASP A 405 13.78 3.12 40.75
CA ASP A 405 13.93 3.46 39.35
C ASP A 405 12.55 3.77 38.78
N HIS A 406 12.42 4.94 38.12
CA HIS A 406 11.20 5.27 37.41
C HIS A 406 11.53 5.85 36.05
N ARG A 407 12.33 5.09 35.28
CA ARG A 407 12.66 5.42 33.91
C ARG A 407 11.58 4.89 32.96
N ASP A 408 10.60 4.16 33.49
CA ASP A 408 9.57 3.57 32.66
C ASP A 408 8.50 4.60 32.29
N LEU A 409 8.55 5.79 32.90
CA LEU A 409 7.45 6.72 32.80
C LEU A 409 7.79 7.89 31.87
N ASP A 410 8.95 7.85 31.20
CA ASP A 410 9.30 8.92 30.26
C ASP A 410 9.30 8.34 28.85
N ILE A 411 8.96 9.18 27.86
CA ILE A 411 8.62 8.68 26.55
C ILE A 411 9.86 8.24 25.79
N GLU A 412 11.05 8.58 26.29
CA GLU A 412 12.29 8.21 25.63
C GLU A 412 12.53 6.71 25.73
N THR A 413 12.10 6.09 26.84
CA THR A 413 12.42 4.70 27.10
C THR A 413 11.57 3.79 26.22
N HIS A 414 10.48 4.32 25.67
CA HIS A 414 9.60 3.56 24.80
C HIS A 414 9.80 3.97 23.35
N ASN A 415 10.92 4.63 23.04
CA ASN A 415 11.26 5.05 21.69
C ASN A 415 10.15 5.90 21.09
N LEU A 416 9.78 6.97 21.78
CA LEU A 416 8.89 7.97 21.24
C LEU A 416 9.56 9.33 21.47
N THR A 417 9.06 10.37 20.80
CA THR A 417 9.72 11.67 20.71
C THR A 417 8.69 12.77 20.61
N ILE A 418 9.10 14.01 20.81
CA ILE A 418 8.21 15.16 20.71
C ILE A 418 7.51 15.21 19.38
N TRP A 419 8.07 14.56 18.36
CA TRP A 419 7.53 14.61 17.01
C TRP A 419 6.33 13.67 16.86
N ASP A 420 5.98 12.96 17.94
CA ASP A 420 4.90 11.98 17.91
C ASP A 420 3.68 12.51 18.64
N LEU A 421 3.76 13.72 19.19
CA LEU A 421 2.72 14.18 20.10
C LEU A 421 1.40 14.45 19.38
N ASP A 422 1.44 14.83 18.09
CA ASP A 422 0.24 15.22 17.38
C ASP A 422 -0.21 14.17 16.39
N ARG A 423 0.52 13.05 16.28
CA ARG A 423 0.11 11.92 15.47
C ARG A 423 -0.96 11.11 16.21
N THR A 424 -1.64 10.22 15.50
CA THR A 424 -2.79 9.52 16.03
C THR A 424 -2.55 8.02 16.02
N PHE A 425 -3.10 7.32 17.02
CA PHE A 425 -2.77 5.94 17.29
C PHE A 425 -3.99 5.15 17.73
N ASN A 426 -3.92 3.82 17.66
CA ASN A 426 -4.98 2.94 18.11
C ASN A 426 -4.74 2.56 19.56
N VAL A 427 -5.73 2.77 20.42
CA VAL A 427 -5.55 2.69 21.86
C VAL A 427 -6.46 1.62 22.47
N GLY A 428 -7.34 1.03 21.67
CA GLY A 428 -8.05 -0.17 22.07
C GLY A 428 -8.98 0.05 23.24
N GLY A 429 -9.77 1.13 23.20
CA GLY A 429 -10.84 1.33 24.15
C GLY A 429 -10.46 2.22 25.33
N PHE A 430 -9.21 2.64 25.39
CA PHE A 430 -8.77 3.55 26.44
C PHE A 430 -9.53 4.85 26.31
N GLY A 431 -10.13 5.30 27.42
CA GLY A 431 -10.87 6.54 27.43
C GLY A 431 -12.19 6.44 26.68
N GLY A 432 -12.64 5.21 26.42
CA GLY A 432 -13.85 4.99 25.66
C GLY A 432 -13.72 5.40 24.20
N LYS A 433 -12.50 5.31 23.66
CA LYS A 433 -12.23 5.70 22.29
C LYS A 433 -11.37 4.65 21.63
N GLU A 434 -11.50 4.53 20.31
CA GLU A 434 -10.73 3.57 19.53
C GLU A 434 -9.44 4.21 19.02
N THR A 435 -9.39 5.54 19.02
CA THR A 435 -8.27 6.27 18.42
C THR A 435 -8.03 7.57 19.19
N MET A 436 -6.79 8.03 19.22
CA MET A 436 -6.37 9.14 20.07
C MET A 436 -4.99 9.63 19.67
N THR A 437 -4.64 10.84 20.08
CA THR A 437 -3.30 11.38 19.88
C THR A 437 -2.47 11.13 21.13
N LEU A 438 -1.14 11.20 21.00
CA LEU A 438 -0.25 10.90 22.11
C LEU A 438 -0.33 12.02 23.15
N ARG A 439 -0.65 13.23 22.72
CA ARG A 439 -0.81 14.35 23.62
C ARG A 439 -1.99 14.08 24.55
N GLU A 440 -3.10 13.61 24.00
CA GLU A 440 -4.29 13.35 24.79
C GLU A 440 -4.08 12.15 25.71
N VAL A 441 -3.31 11.15 25.26
CA VAL A 441 -3.04 9.98 26.06
C VAL A 441 -2.27 10.38 27.30
N LEU A 442 -1.20 11.16 27.13
CA LEU A 442 -0.37 11.58 28.24
C LEU A 442 -1.21 12.38 29.23
N SER A 443 -2.03 13.28 28.71
CA SER A 443 -2.84 14.14 29.55
C SER A 443 -3.70 13.31 30.48
N ARG A 444 -4.45 12.35 29.92
CA ARG A 444 -5.38 11.55 30.70
C ARG A 444 -4.64 10.69 31.72
N LEU A 445 -3.54 10.06 31.32
CA LEU A 445 -2.78 9.21 32.22
C LEU A 445 -2.32 10.02 33.42
N ARG A 446 -1.85 11.25 33.18
CA ARG A 446 -1.29 12.06 34.24
C ARG A 446 -2.38 12.56 35.18
N ALA A 447 -3.60 12.75 34.67
CA ALA A 447 -4.69 13.23 35.48
C ALA A 447 -5.19 12.13 36.41
N ALA A 448 -5.03 10.88 36.01
CA ALA A 448 -5.60 9.75 36.72
C ALA A 448 -4.62 9.15 37.72
N TYR A 449 -3.31 9.24 37.48
CA TYR A 449 -2.39 8.45 38.25
C TYR A 449 -1.25 9.26 38.85
N THR A 450 -1.23 10.60 38.72
CA THR A 450 -0.07 11.37 39.13
C THR A 450 -0.41 12.62 39.93
N LEU A 451 -1.68 12.86 40.26
CA LEU A 451 -2.06 14.00 41.06
C LEU A 451 -2.10 13.61 42.53
N LYS A 452 -3.20 13.87 43.25
CA LYS A 452 -3.22 13.78 44.69
C LYS A 452 -3.58 12.38 45.19
N VAL A 453 -3.90 11.45 44.29
CA VAL A 453 -4.19 10.07 44.68
C VAL A 453 -3.30 9.14 43.87
N GLY A 454 -2.54 8.28 44.55
CA GLY A 454 -1.76 7.23 43.91
C GLY A 454 -2.29 5.86 44.28
N SER A 455 -2.40 4.96 43.30
CA SER A 455 -3.10 3.70 43.49
C SER A 455 -2.24 2.52 43.02
N GLU A 456 -2.35 1.40 43.73
CA GLU A 456 -1.73 0.14 43.36
C GLU A 456 -2.80 -0.93 43.30
N TYR A 457 -3.05 -1.49 42.10
CA TYR A 457 -4.13 -2.45 41.93
C TYR A 457 -3.86 -3.47 40.82
N THR A 458 -2.70 -3.44 40.18
CA THR A 458 -2.48 -4.21 38.97
C THR A 458 -1.99 -5.60 39.33
N HIS A 459 -1.62 -5.81 40.59
CA HIS A 459 -1.15 -7.08 41.09
C HIS A 459 -2.29 -8.04 41.41
N ILE A 460 -3.53 -7.55 41.41
CA ILE A 460 -4.69 -8.38 41.69
C ILE A 460 -4.91 -9.34 40.54
N LEU A 461 -5.27 -10.60 40.86
CA LEU A 461 -5.29 -11.68 39.88
C LEU A 461 -6.63 -11.74 39.16
N ASP A 462 -7.72 -11.38 39.83
CA ASP A 462 -9.05 -11.48 39.25
C ASP A 462 -9.29 -10.33 38.28
N ARG A 463 -9.91 -10.62 37.14
CA ARG A 463 -10.06 -9.66 36.06
C ARG A 463 -11.19 -8.69 36.36
N ASP A 464 -12.26 -9.16 36.98
CA ASP A 464 -13.42 -8.35 37.25
C ASP A 464 -13.12 -7.30 38.31
N GLU A 465 -12.37 -7.68 39.35
CA GLU A 465 -11.88 -6.74 40.35
C GLU A 465 -11.06 -5.64 39.70
N ARG A 466 -10.04 -6.02 38.92
CA ARG A 466 -9.16 -5.07 38.30
C ARG A 466 -9.96 -4.06 37.46
N THR A 467 -10.93 -4.56 36.70
CA THR A 467 -11.67 -3.71 35.78
C THR A 467 -12.53 -2.72 36.55
N TRP A 468 -13.08 -3.16 37.68
CA TRP A 468 -13.94 -2.32 38.49
C TRP A 468 -13.16 -1.12 39.02
N LEU A 469 -11.96 -1.38 39.54
CA LEU A 469 -11.11 -0.33 40.08
C LEU A 469 -10.62 0.58 38.97
N GLN A 470 -10.21 -0.01 37.85
CA GLN A 470 -9.64 0.74 36.74
C GLN A 470 -10.66 1.74 36.20
N ASP A 471 -11.92 1.32 36.12
CA ASP A 471 -12.97 2.15 35.54
C ASP A 471 -13.25 3.35 36.42
N ARG A 472 -13.19 3.17 37.74
CA ARG A 472 -13.55 4.23 38.67
C ARG A 472 -12.43 5.24 38.82
N LEU A 473 -11.19 4.79 38.76
CA LEU A 473 -10.05 5.67 38.92
C LEU A 473 -9.89 6.58 37.70
N GLU A 474 -10.28 6.09 36.52
CA GLU A 474 -10.08 6.83 35.28
C GLU A 474 -11.27 7.74 34.99
N ALA A 475 -12.41 7.48 35.62
CA ALA A 475 -13.55 8.38 35.51
C ALA A 475 -13.26 9.67 36.27
N GLY A 476 -12.61 9.54 37.42
CA GLY A 476 -12.18 10.69 38.21
C GLY A 476 -13.11 10.95 39.39
N MET A 477 -12.71 11.93 40.22
CA MET A 477 -13.48 12.30 41.40
C MET A 477 -14.56 13.29 40.98
N PRO A 478 -15.85 13.01 41.26
CA PRO A 478 -16.92 13.94 40.87
C PRO A 478 -16.94 15.21 41.71
N LYS A 479 -17.44 16.30 41.11
CA LYS A 479 -17.42 17.60 41.74
C LYS A 479 -18.47 17.66 42.84
N PRO A 480 -18.12 18.04 44.09
CA PRO A 480 -19.09 18.11 45.17
C PRO A 480 -19.91 19.39 45.18
N THR A 481 -21.07 19.34 45.83
CA THR A 481 -21.99 20.47 45.91
C THR A 481 -21.50 21.43 46.97
N GLN A 482 -22.18 22.58 47.09
CA GLN A 482 -21.77 23.61 48.03
C GLN A 482 -22.07 23.19 49.46
N ALA A 483 -23.19 22.51 49.66
CA ALA A 483 -23.53 22.02 50.98
C ALA A 483 -22.48 21.05 51.49
N GLU A 484 -22.07 20.13 50.62
CA GLU A 484 -21.06 19.13 50.97
C GLU A 484 -19.75 19.81 51.33
N GLN A 485 -19.36 20.83 50.57
CA GLN A 485 -18.12 21.55 50.80
C GLN A 485 -18.13 22.22 52.15
N LYS A 486 -19.25 22.81 52.55
CA LYS A 486 -19.32 23.51 53.81
C LYS A 486 -19.26 22.51 54.95
N TYR A 487 -19.78 21.31 54.75
CA TYR A 487 -19.77 20.28 55.78
C TYR A 487 -18.34 19.83 56.04
N ILE A 488 -17.52 19.75 55.00
CA ILE A 488 -16.12 19.37 55.17
C ILE A 488 -15.40 20.43 55.98
N LEU A 489 -15.75 21.71 55.77
CA LEU A 489 -15.08 22.80 56.45
C LEU A 489 -15.44 22.78 57.93
N GLN A 490 -16.68 22.43 58.26
CA GLN A 490 -17.08 22.36 59.65
C GLN A 490 -16.26 21.33 60.40
N LYS A 491 -16.03 20.17 59.78
CA LYS A 491 -15.34 19.07 60.43
C LYS A 491 -13.88 19.42 60.64
N LEU A 492 -13.23 20.04 59.64
CA LEU A 492 -11.85 20.45 59.77
C LEU A 492 -11.72 21.46 60.90
N ASN A 493 -12.67 22.39 60.98
CA ASN A 493 -12.63 23.42 62.00
C ASN A 493 -12.67 22.79 63.37
N ALA A 494 -13.59 21.83 63.55
CA ALA A 494 -13.80 21.20 64.84
C ALA A 494 -12.52 20.55 65.33
N ALA A 495 -11.82 19.86 64.44
CA ALA A 495 -10.59 19.18 64.80
C ALA A 495 -9.55 20.16 65.33
N GLU A 496 -9.24 21.19 64.54
CA GLU A 496 -8.16 22.11 64.87
C GLU A 496 -8.52 22.92 66.12
N ALA A 497 -9.80 23.31 66.23
CA ALA A 497 -10.24 24.13 67.34
C ALA A 497 -10.07 23.41 68.66
N PHE A 498 -10.44 22.12 68.68
CA PHE A 498 -10.38 21.30 69.88
C PHE A 498 -8.95 21.21 70.38
N GLU A 499 -8.00 21.04 69.47
CA GLU A 499 -6.61 20.89 69.84
C GLU A 499 -6.07 22.17 70.45
N ASN A 500 -6.42 23.31 69.85
CA ASN A 500 -5.94 24.60 70.29
C ASN A 500 -6.49 24.96 71.67
N PHE A 501 -7.75 24.59 71.92
CA PHE A 501 -8.36 24.89 73.20
C PHE A 501 -7.59 24.20 74.32
N LEU A 502 -7.29 22.92 74.12
CA LEU A 502 -6.60 22.13 75.13
C LEU A 502 -5.18 22.65 75.34
N GLN A 503 -4.54 23.10 74.26
CA GLN A 503 -3.21 23.67 74.36
C GLN A 503 -3.20 24.88 75.27
N THR A 504 -4.25 25.70 75.18
CA THR A 504 -4.34 26.95 75.92
C THR A 504 -4.61 26.70 77.39
N LYS A 505 -5.54 25.80 77.72
CA LYS A 505 -6.02 25.66 79.08
C LYS A 505 -5.15 24.70 79.90
N TYR A 506 -4.53 23.71 79.25
CA TYR A 506 -3.69 22.73 79.94
C TYR A 506 -2.38 22.56 79.18
N VAL A 507 -1.32 23.25 79.62
CA VAL A 507 -0.16 23.51 78.78
C VAL A 507 0.76 22.29 78.76
N GLY A 508 1.16 21.83 79.94
CA GLY A 508 2.16 20.78 80.05
C GLY A 508 1.61 19.39 79.77
N GLN A 509 0.29 19.22 79.91
CA GLN A 509 -0.29 17.90 79.99
C GLN A 509 -0.21 17.17 78.65
N LYS A 510 -0.06 15.84 78.75
CA LYS A 510 0.19 14.96 77.61
C LYS A 510 -1.16 14.59 76.98
N ARG A 511 -1.29 14.80 75.66
CA ARG A 511 -2.55 14.55 74.98
C ARG A 511 -2.38 13.84 73.63
N PHE A 512 -1.16 13.82 73.08
CA PHE A 512 -0.90 13.22 71.78
C PHE A 512 -1.80 13.85 70.72
N SER A 513 -1.37 15.00 70.20
CA SER A 513 -2.20 15.83 69.35
C SER A 513 -2.26 15.28 67.93
N LEU A 514 -3.27 15.74 67.18
CA LEU A 514 -3.54 15.31 65.84
C LEU A 514 -3.14 16.41 64.85
N GLU A 515 -2.49 17.46 65.35
CA GLU A 515 -2.12 18.60 64.54
C GLU A 515 -1.12 18.17 63.48
N GLY A 516 -1.44 18.46 62.22
CA GLY A 516 -0.67 17.97 61.10
C GLY A 516 -1.42 16.90 60.33
N ALA A 517 -2.47 16.33 60.94
CA ALA A 517 -3.20 15.22 60.37
C ALA A 517 -4.69 15.35 60.68
N GLU A 518 -5.26 16.52 60.43
CA GLU A 518 -6.62 16.79 60.78
C GLU A 518 -7.60 16.24 59.75
N ALA A 519 -7.10 15.80 58.60
CA ALA A 519 -7.94 15.26 57.55
C ALA A 519 -8.46 13.88 57.91
N LEU A 520 -7.92 13.28 58.98
CA LEU A 520 -8.40 12.00 59.47
C LEU A 520 -9.88 12.08 59.84
N ILE A 521 -10.33 13.22 60.40
CA ILE A 521 -11.69 13.32 60.90
C ILE A 521 -12.68 13.25 59.74
N PRO A 522 -12.60 14.10 58.69
CA PRO A 522 -13.46 13.91 57.52
C PRO A 522 -13.33 12.59 56.77
N LEU A 523 -12.19 11.91 56.84
CA LEU A 523 -12.02 10.61 56.19
C LEU A 523 -12.87 9.56 56.88
N MET A 524 -12.77 9.50 58.22
CA MET A 524 -13.49 8.53 59.00
C MET A 524 -14.99 8.77 58.89
N ASP A 525 -15.39 10.04 58.82
CA ASP A 525 -16.78 10.42 58.73
C ASP A 525 -17.36 9.97 57.39
N SER A 526 -16.56 10.09 56.33
CA SER A 526 -16.99 9.70 54.99
C SER A 526 -17.30 8.20 54.94
N ALA A 527 -16.43 7.40 55.55
CA ALA A 527 -16.57 5.95 55.52
C ALA A 527 -17.80 5.50 56.30
N ILE A 528 -18.02 6.08 57.49
CA ILE A 528 -19.14 5.71 58.34
C ILE A 528 -20.45 6.11 57.68
N ASP A 529 -20.43 7.22 56.94
CA ASP A 529 -21.62 7.72 56.29
C ASP A 529 -22.01 6.81 55.13
N THR A 530 -21.01 6.32 54.41
CA THR A 530 -21.23 5.41 53.29
C THR A 530 -21.81 4.10 53.78
N ALA A 531 -21.35 3.64 54.94
CA ALA A 531 -21.81 2.39 55.53
C ALA A 531 -23.27 2.50 55.93
N ALA A 532 -23.66 3.67 56.45
CA ALA A 532 -25.03 3.91 56.85
C ALA A 532 -25.96 3.88 55.64
N GLY A 533 -25.46 4.34 54.49
CA GLY A 533 -26.24 4.32 53.27
C GLY A 533 -26.42 2.92 52.69
N GLN A 534 -25.47 2.04 52.96
CA GLN A 534 -25.53 0.67 52.49
C GLN A 534 -26.54 -0.12 53.29
N GLY A 535 -26.82 0.33 54.51
CA GLY A 535 -27.86 -0.26 55.32
C GLY A 535 -27.33 -1.26 56.34
N LEU A 536 -26.13 -0.99 56.88
CA LEU A 536 -25.48 -1.92 57.78
C LEU A 536 -25.78 -1.52 59.22
N ASP A 537 -25.28 -2.30 60.18
CA ASP A 537 -25.78 -2.26 61.56
C ASP A 537 -24.85 -1.52 62.51
N GLU A 538 -23.54 -1.76 62.41
CA GLU A 538 -22.59 -1.19 63.37
C GLU A 538 -21.23 -1.00 62.73
N VAL A 539 -20.42 -0.10 63.31
CA VAL A 539 -19.02 0.06 63.00
C VAL A 539 -18.22 -0.05 64.29
N VAL A 540 -17.19 -0.90 64.31
CA VAL A 540 -16.32 -1.08 65.46
C VAL A 540 -14.94 -0.53 65.13
N ILE A 541 -14.40 0.32 66.00
CA ILE A 541 -13.12 1.00 65.76
C ILE A 541 -12.09 0.49 66.76
N GLY A 542 -10.86 0.28 66.29
CA GLY A 542 -9.69 0.12 67.14
C GLY A 542 -8.56 1.02 66.67
N MET A 543 -7.86 1.67 67.60
CA MET A 543 -6.85 2.63 67.22
C MET A 543 -5.83 2.81 68.34
N PRO A 544 -4.66 3.43 68.05
CA PRO A 544 -3.71 3.84 69.08
C PRO A 544 -3.92 5.24 69.67
N HIS A 545 -2.85 5.81 70.22
CA HIS A 545 -2.86 7.04 71.00
C HIS A 545 -3.07 8.30 70.17
N ARG A 546 -2.60 8.32 68.92
CA ARG A 546 -2.50 9.54 68.15
C ARG A 546 -3.88 10.03 67.75
N GLY A 547 -4.34 11.08 68.42
CA GLY A 547 -5.59 11.73 68.08
C GLY A 547 -6.81 10.99 68.60
N ARG A 548 -6.73 10.44 69.82
CA ARG A 548 -7.79 9.60 70.32
C ARG A 548 -8.92 10.44 70.91
N LEU A 549 -8.55 11.46 71.69
CA LEU A 549 -9.52 12.32 72.34
C LEU A 549 -10.33 13.07 71.30
N ASN A 550 -9.71 13.30 70.13
CA ASN A 550 -10.34 14.02 69.05
C ASN A 550 -11.42 13.14 68.42
N VAL A 551 -11.11 11.85 68.25
CA VAL A 551 -12.02 10.89 67.64
C VAL A 551 -13.18 10.61 68.58
N LEU A 552 -12.91 10.53 69.89
CA LEU A 552 -13.95 10.28 70.86
C LEU A 552 -15.00 11.38 70.82
N PHE A 553 -14.59 12.63 70.65
CA PHE A 553 -15.51 13.76 70.68
C PHE A 553 -16.20 13.94 69.34
N ASN A 554 -15.47 13.86 68.23
CA ASN A 554 -15.98 14.29 66.94
C ASN A 554 -16.59 13.16 66.13
N ILE A 555 -16.23 11.90 66.41
CA ILE A 555 -16.73 10.77 65.63
C ILE A 555 -17.71 9.93 66.45
N VAL A 556 -17.43 9.71 67.74
CA VAL A 556 -18.19 8.76 68.52
C VAL A 556 -19.28 9.49 69.30
N GLY A 557 -18.98 10.67 69.83
CA GLY A 557 -19.97 11.52 70.46
C GLY A 557 -19.94 11.48 71.98
N LYS A 558 -18.75 11.20 72.55
CA LYS A 558 -18.56 11.28 73.98
C LYS A 558 -18.70 12.73 74.41
N PRO A 559 -19.49 13.04 75.46
CA PRO A 559 -19.74 14.43 75.86
C PRO A 559 -18.50 15.16 76.34
N LEU A 560 -18.49 16.48 76.13
CA LEU A 560 -17.29 17.29 76.26
C LEU A 560 -16.96 17.50 77.73
N ALA A 561 -17.99 17.46 78.57
CA ALA A 561 -17.82 17.62 80.01
C ALA A 561 -16.92 16.52 80.56
N SER A 562 -17.12 15.30 80.04
CA SER A 562 -16.37 14.14 80.50
C SER A 562 -14.88 14.30 80.24
N ILE A 563 -14.53 14.84 79.08
CA ILE A 563 -13.15 14.98 78.69
C ILE A 563 -12.46 16.03 79.54
N PHE A 564 -13.15 17.15 79.80
CA PHE A 564 -12.58 18.21 80.61
C PHE A 564 -12.37 17.72 82.05
N ASN A 565 -13.31 16.94 82.57
CA ASN A 565 -13.19 16.40 83.91
C ASN A 565 -11.95 15.52 84.03
N GLU A 566 -11.69 14.71 82.99
CA GLU A 566 -10.52 13.84 82.97
C GLU A 566 -9.24 14.65 83.16
N PHE A 567 -9.18 15.81 82.50
CA PHE A 567 -7.99 16.66 82.53
C PHE A 567 -7.81 17.31 83.90
N GLU A 568 -8.90 17.43 84.67
CA GLU A 568 -8.84 18.05 85.99
C GLU A 568 -8.66 16.99 87.08
N GLY A 569 -8.65 15.71 86.71
CA GLY A 569 -8.24 14.65 87.63
C GLY A 569 -9.40 13.79 88.12
N GLN A 570 -10.63 14.08 87.68
CA GLN A 570 -11.78 13.27 88.02
C GLN A 570 -12.03 12.23 86.92
N MET A 571 -11.91 10.95 87.28
CA MET A 571 -11.97 9.86 86.32
C MET A 571 -13.21 9.02 86.61
N GLU A 572 -13.92 8.63 85.54
CA GLU A 572 -15.11 7.80 85.67
C GLU A 572 -14.71 6.37 86.01
N GLN A 573 -15.47 5.74 86.91
CA GLN A 573 -15.15 4.43 87.43
C GLN A 573 -15.83 3.35 86.59
N GLY A 574 -15.05 2.32 86.22
CA GLY A 574 -15.55 1.20 85.43
C GLY A 574 -16.18 0.13 86.32
N GLN A 575 -15.40 -0.34 87.30
CA GLN A 575 -15.84 -1.34 88.25
C GLN A 575 -15.62 -0.78 89.65
N ILE A 576 -16.46 -1.20 90.60
CA ILE A 576 -16.38 -0.72 91.97
C ILE A 576 -15.09 -1.22 92.59
N GLY A 577 -14.25 -0.29 93.02
CA GLY A 577 -12.98 -0.60 93.64
C GLY A 577 -11.89 -0.89 92.61
N GLY A 578 -12.04 -0.34 91.41
CA GLY A 578 -11.09 -0.56 90.32
C GLY A 578 -9.90 0.39 90.38
N SER A 579 -8.85 0.06 89.61
CA SER A 579 -7.60 0.81 89.65
C SER A 579 -7.58 1.90 88.58
N GLY A 580 -8.03 1.58 87.36
CA GLY A 580 -8.20 2.58 86.33
C GLY A 580 -7.09 2.54 85.29
N ASP A 581 -7.11 3.51 84.36
CA ASP A 581 -6.09 3.62 83.33
C ASP A 581 -6.12 5.03 82.76
N VAL A 582 -5.07 5.38 82.00
CA VAL A 582 -4.88 6.72 81.47
C VAL A 582 -5.95 7.02 80.43
N LYS A 583 -6.11 8.31 80.11
CA LYS A 583 -7.28 8.82 79.41
C LYS A 583 -7.29 8.42 77.94
N TYR A 584 -6.12 8.10 77.37
CA TYR A 584 -6.05 7.74 75.97
C TYR A 584 -6.04 6.23 75.77
N HIS A 585 -6.66 5.48 76.70
CA HIS A 585 -6.80 4.04 76.59
C HIS A 585 -8.25 3.60 76.76
N LEU A 586 -9.21 4.54 76.71
CA LEU A 586 -10.60 4.26 77.08
C LEU A 586 -11.47 4.16 75.83
N GLY A 587 -12.67 3.57 75.98
CA GLY A 587 -13.61 3.37 74.89
C GLY A 587 -14.96 4.05 75.13
N SER A 588 -15.87 3.96 74.14
CA SER A 588 -17.21 4.52 74.25
C SER A 588 -18.12 4.02 73.13
N GLU A 589 -19.41 4.38 73.21
CA GLU A 589 -20.42 4.03 72.22
C GLU A 589 -21.22 5.26 71.81
N GLY A 590 -21.90 5.20 70.66
CA GLY A 590 -22.69 6.31 70.16
C GLY A 590 -23.47 5.98 68.89
N GLN A 591 -24.22 6.96 68.37
CA GLN A 591 -24.99 6.84 67.14
C GLN A 591 -24.50 7.86 66.12
N HIS A 592 -24.71 7.59 64.83
CA HIS A 592 -24.34 8.49 63.77
C HIS A 592 -25.50 8.60 62.79
N LEU A 593 -26.00 9.84 62.59
CA LEU A 593 -27.08 10.12 61.67
C LEU A 593 -26.50 10.65 60.37
N GLN A 594 -27.07 10.20 59.25
CA GLN A 594 -26.63 10.59 57.93
C GLN A 594 -27.04 12.04 57.68
N MET A 595 -26.12 12.85 57.16
CA MET A 595 -26.31 14.29 57.06
C MET A 595 -27.27 14.61 55.92
N PHE A 596 -27.10 13.90 54.80
CA PHE A 596 -27.92 14.09 53.61
C PHE A 596 -28.59 12.77 53.24
N GLY A 597 -29.33 12.19 54.19
CA GLY A 597 -29.99 10.92 54.00
C GLY A 597 -30.85 10.57 55.22
N ASP A 598 -31.47 9.39 55.19
CA ASP A 598 -32.36 8.95 56.25
C ASP A 598 -31.75 7.79 57.02
N GLY A 599 -30.43 7.58 56.87
CA GLY A 599 -29.74 6.46 57.47
C GLY A 599 -29.31 6.74 58.91
N GLU A 600 -29.02 5.67 59.65
CA GLU A 600 -28.54 5.75 61.02
C GLU A 600 -27.73 4.50 61.31
N ILE A 601 -26.60 4.63 62.01
CA ILE A 601 -25.72 3.51 62.31
C ILE A 601 -25.15 3.69 63.70
N LYS A 602 -24.73 2.58 64.32
CA LYS A 602 -24.14 2.58 65.64
C LYS A 602 -22.62 2.57 65.54
N VAL A 603 -21.94 3.27 66.45
CA VAL A 603 -20.48 3.37 66.42
C VAL A 603 -19.93 3.03 67.79
N SER A 604 -18.85 2.25 67.83
CA SER A 604 -18.24 1.80 69.07
C SER A 604 -16.72 1.90 68.98
N LEU A 605 -16.05 2.11 70.12
CA LEU A 605 -14.60 2.13 70.20
C LEU A 605 -14.15 1.31 71.38
N THR A 606 -13.14 0.44 71.18
CA THR A 606 -12.75 -0.56 72.16
C THR A 606 -11.53 -0.10 72.95
N ALA A 607 -11.35 -0.67 74.15
CA ALA A 607 -10.24 -0.34 75.02
C ALA A 607 -8.99 -1.08 74.58
N ASN A 608 -7.82 -0.64 75.07
CA ASN A 608 -6.57 -1.24 74.67
C ASN A 608 -5.43 -0.78 75.58
N PRO A 609 -4.36 -1.58 75.71
CA PRO A 609 -3.16 -1.17 76.44
C PRO A 609 -2.16 -0.37 75.61
N SER A 610 -1.04 -0.03 76.23
CA SER A 610 0.02 0.73 75.58
C SER A 610 0.70 -0.09 74.50
N HIS A 611 0.76 -1.41 74.70
CA HIS A 611 1.42 -2.30 73.76
C HIS A 611 0.76 -2.16 72.40
N LEU A 612 1.52 -1.73 71.40
CA LEU A 612 0.98 -1.35 70.12
C LEU A 612 0.58 -2.60 69.34
N GLU A 613 -0.56 -2.50 68.66
CA GLU A 613 -1.04 -3.48 67.69
C GLU A 613 -1.59 -4.73 68.37
N ALA A 614 -1.83 -4.68 69.68
CA ALA A 614 -2.36 -5.82 70.41
C ALA A 614 -3.88 -5.85 70.36
N VAL A 615 -4.48 -4.82 69.78
CA VAL A 615 -5.92 -4.69 69.70
C VAL A 615 -6.43 -5.31 68.40
N ASN A 616 -5.51 -5.67 67.50
CA ASN A 616 -5.91 -6.10 66.17
C ASN A 616 -6.72 -7.39 66.25
N PRO A 617 -6.20 -8.51 66.82
CA PRO A 617 -7.01 -9.72 66.93
C PRO A 617 -8.23 -9.60 67.82
N VAL A 618 -8.17 -8.71 68.83
CA VAL A 618 -9.25 -8.58 69.78
C VAL A 618 -10.47 -7.96 69.10
N MET A 619 -10.26 -6.96 68.23
CA MET A 619 -11.39 -6.26 67.65
C MET A 619 -11.98 -7.09 66.51
N GLU A 620 -11.19 -7.99 65.92
CA GLU A 620 -11.68 -8.89 64.90
C GLU A 620 -12.64 -9.91 65.50
N GLY A 621 -12.29 -10.43 66.68
CA GLY A 621 -13.16 -11.33 67.41
C GLY A 621 -14.48 -10.69 67.83
N ILE A 622 -14.44 -9.43 68.25
CA ILE A 622 -15.64 -8.73 68.67
C ILE A 622 -16.60 -8.67 67.48
N VAL A 623 -16.08 -8.35 66.30
CA VAL A 623 -16.91 -8.19 65.13
C VAL A 623 -17.55 -9.52 64.75
N ARG A 624 -16.79 -10.63 64.86
CA ARG A 624 -17.29 -11.93 64.45
C ARG A 624 -18.42 -12.38 65.36
N ALA A 625 -18.31 -12.09 66.64
CA ALA A 625 -19.33 -12.48 67.60
C ALA A 625 -20.62 -11.73 67.33
N LYS A 626 -20.52 -10.44 67.01
CA LYS A 626 -21.69 -9.62 66.75
C LYS A 626 -22.38 -10.06 65.47
N GLN A 627 -21.62 -10.46 64.47
CA GLN A 627 -22.19 -10.93 63.22
C GLN A 627 -22.93 -12.24 63.45
N ASP A 628 -22.37 -13.13 64.28
CA ASP A 628 -22.95 -14.42 64.53
C ASP A 628 -24.29 -14.28 65.26
N TYR A 629 -24.41 -13.27 66.11
CA TYR A 629 -25.63 -13.04 66.86
C TYR A 629 -26.76 -12.58 65.96
N LEU A 630 -26.46 -11.75 64.96
CA LEU A 630 -27.49 -11.22 64.08
C LEU A 630 -28.00 -12.31 63.15
N ASP A 631 -27.09 -13.13 62.60
CA ASP A 631 -27.45 -14.35 61.91
C ASP A 631 -28.19 -14.06 60.61
N LYS A 632 -27.50 -13.40 59.67
CA LYS A 632 -28.09 -13.02 58.40
C LYS A 632 -27.50 -13.81 57.24
N GLY A 633 -26.59 -14.76 57.53
CA GLY A 633 -26.11 -15.68 56.51
C GLY A 633 -24.89 -15.17 55.77
N VAL A 634 -24.65 -15.76 54.58
CA VAL A 634 -23.45 -15.51 53.78
C VAL A 634 -23.51 -14.13 53.14
N ASP A 635 -24.74 -13.66 52.87
CA ASP A 635 -24.97 -12.38 52.21
C ASP A 635 -25.08 -11.26 53.25
N GLY A 636 -24.77 -11.56 54.51
CA GLY A 636 -24.84 -10.59 55.58
C GLY A 636 -23.52 -9.85 55.75
N LYS A 637 -22.83 -10.12 56.87
CA LYS A 637 -21.58 -9.48 57.21
C LYS A 637 -21.80 -7.98 57.31
N THR A 638 -22.62 -7.57 58.29
CA THR A 638 -23.18 -6.24 58.37
C THR A 638 -22.62 -5.45 59.54
N VAL A 639 -21.53 -5.91 60.13
CA VAL A 639 -20.76 -5.14 61.09
C VAL A 639 -19.39 -4.88 60.49
N VAL A 640 -18.96 -3.62 60.44
CA VAL A 640 -17.78 -3.20 59.69
C VAL A 640 -16.63 -2.96 60.65
N PRO A 641 -15.45 -3.59 60.48
CA PRO A 641 -14.24 -3.23 61.23
C PRO A 641 -13.41 -2.12 60.59
N LEU A 642 -13.12 -1.08 61.37
CA LEU A 642 -12.31 0.05 60.94
C LEU A 642 -11.12 0.15 61.88
N LEU A 643 -9.90 0.00 61.36
CA LEU A 643 -8.72 -0.21 62.17
C LEU A 643 -7.62 0.77 61.79
N LEU A 644 -7.16 1.57 62.75
CA LEU A 644 -6.17 2.62 62.54
C LEU A 644 -4.81 2.15 63.03
N HIS A 645 -3.73 2.57 62.36
CA HIS A 645 -2.37 2.21 62.71
C HIS A 645 -1.47 3.42 62.58
N GLY A 646 -0.25 3.31 63.11
CA GLY A 646 0.83 4.23 62.82
C GLY A 646 1.90 3.56 61.96
N ASP A 647 2.74 4.37 61.30
CA ASP A 647 3.57 3.88 60.22
C ASP A 647 4.69 2.99 60.74
N ALA A 648 5.35 3.40 61.82
CA ALA A 648 6.46 2.64 62.38
C ALA A 648 5.99 1.29 62.91
N ALA A 649 4.85 1.29 63.60
CA ALA A 649 4.32 0.10 64.22
C ALA A 649 3.82 -0.89 63.17
N PHE A 650 3.23 -0.38 62.09
CA PHE A 650 2.64 -1.23 61.07
C PHE A 650 3.72 -2.06 60.39
N ALA A 651 4.88 -1.46 60.12
CA ALA A 651 5.94 -2.14 59.38
C ALA A 651 6.77 -3.04 60.30
N GLY A 652 6.78 -2.75 61.60
CA GLY A 652 7.76 -3.36 62.48
C GLY A 652 7.24 -4.61 63.18
N LEU A 653 6.06 -4.50 63.80
CA LEU A 653 5.56 -5.55 64.67
C LEU A 653 4.93 -6.66 63.83
N GLY A 654 5.11 -7.91 64.27
CA GLY A 654 4.74 -9.07 63.49
C GLY A 654 3.29 -9.52 63.69
N ILE A 655 2.61 -8.96 64.68
CA ILE A 655 1.22 -9.27 64.94
C ILE A 655 0.35 -8.78 63.79
N VAL A 656 0.81 -7.75 63.06
CA VAL A 656 0.00 -7.14 62.02
C VAL A 656 -0.24 -8.13 60.90
N PRO A 657 0.79 -8.67 60.20
CA PRO A 657 0.54 -9.65 59.14
C PRO A 657 -0.05 -10.98 59.63
N GLU A 658 0.22 -11.32 60.88
CA GLU A 658 -0.31 -12.55 61.48
C GLU A 658 -1.83 -12.50 61.56
N THR A 659 -2.39 -11.32 61.81
CA THR A 659 -3.82 -11.15 61.95
C THR A 659 -4.49 -11.04 60.58
N ILE A 660 -3.79 -10.44 59.61
CA ILE A 660 -4.33 -10.28 58.26
C ILE A 660 -4.46 -11.65 57.61
N ASN A 661 -3.67 -12.62 58.08
CA ASN A 661 -3.67 -13.96 57.51
C ASN A 661 -4.92 -14.74 57.88
N LEU A 662 -5.71 -14.25 58.84
CA LEU A 662 -6.92 -14.95 59.26
C LEU A 662 -8.14 -14.51 58.47
N ALA A 663 -7.97 -13.67 57.46
CA ALA A 663 -9.08 -12.91 56.89
C ALA A 663 -10.05 -13.78 56.11
N LYS A 664 -9.55 -14.82 55.45
CA LYS A 664 -10.37 -15.62 54.55
C LYS A 664 -10.58 -17.04 55.09
N LEU A 665 -10.32 -17.27 56.37
CA LEU A 665 -10.45 -18.61 56.93
C LEU A 665 -11.85 -18.81 57.49
N ARG A 666 -12.22 -20.07 57.68
CA ARG A 666 -13.61 -20.47 57.83
C ARG A 666 -14.18 -19.95 59.14
N GLY A 667 -13.40 -19.99 60.22
CA GLY A 667 -13.92 -19.58 61.50
C GLY A 667 -13.60 -18.13 61.87
N TYR A 668 -13.01 -17.37 60.96
CA TYR A 668 -12.50 -16.05 61.30
C TYR A 668 -12.94 -14.95 60.35
N ASP A 669 -13.61 -15.28 59.24
CA ASP A 669 -13.91 -14.32 58.20
C ASP A 669 -14.99 -13.36 58.68
N VAL A 670 -14.80 -12.06 58.42
CA VAL A 670 -15.75 -11.04 58.83
C VAL A 670 -16.13 -10.13 57.68
N GLY A 671 -15.79 -10.49 56.44
CA GLY A 671 -16.24 -9.75 55.28
C GLY A 671 -15.30 -8.62 54.85
N GLY A 672 -14.09 -8.57 55.42
CA GLY A 672 -13.11 -7.57 55.03
C GLY A 672 -12.90 -6.52 56.13
N THR A 673 -11.72 -5.89 56.13
CA THR A 673 -11.37 -4.86 57.08
C THR A 673 -10.86 -3.63 56.33
N ILE A 674 -11.24 -2.44 56.79
CA ILE A 674 -10.73 -1.18 56.25
C ILE A 674 -9.60 -0.72 57.16
N HIS A 675 -8.39 -0.61 56.60
CA HIS A 675 -7.20 -0.20 57.33
C HIS A 675 -6.82 1.22 56.94
N ILE A 676 -6.47 2.06 57.93
CA ILE A 676 -5.96 3.40 57.70
C ILE A 676 -4.61 3.52 58.40
N VAL A 677 -3.56 3.88 57.65
CA VAL A 677 -2.24 4.11 58.22
C VAL A 677 -1.98 5.61 58.21
N VAL A 678 -1.79 6.19 59.40
CA VAL A 678 -1.47 7.59 59.55
C VAL A 678 0.05 7.75 59.44
N ASN A 679 0.50 8.18 58.26
CA ASN A 679 1.90 8.21 57.90
C ASN A 679 2.43 9.62 58.08
N ASN A 680 2.99 9.92 59.27
CA ASN A 680 3.50 11.24 59.55
C ASN A 680 5.02 11.24 59.42
N GLN A 681 5.57 10.17 58.85
CA GLN A 681 6.93 10.14 58.37
C GLN A 681 7.92 10.17 59.52
N ILE A 682 7.53 9.66 60.69
CA ILE A 682 8.42 9.62 61.84
C ILE A 682 7.87 8.70 62.91
N GLY A 683 8.78 8.03 63.63
CA GLY A 683 8.46 7.25 64.80
C GLY A 683 8.40 8.15 66.03
N PHE A 684 9.34 7.97 66.95
CA PHE A 684 9.49 8.86 68.09
C PHE A 684 10.63 9.80 67.73
N THR A 685 11.86 9.28 67.71
CA THR A 685 13.01 10.01 67.20
C THR A 685 13.65 9.24 66.05
N THR A 686 12.88 8.38 65.38
CA THR A 686 13.41 7.47 64.37
C THR A 686 12.71 7.72 63.05
N THR A 687 13.49 7.73 61.95
CA THR A 687 12.98 8.03 60.63
C THR A 687 12.86 6.75 59.83
N PRO A 688 12.08 6.75 58.72
CA PRO A 688 11.81 5.54 57.96
C PRO A 688 13.00 4.73 57.47
N ASP A 689 14.15 5.37 57.31
CA ASP A 689 15.36 4.70 56.84
C ASP A 689 15.85 3.71 57.89
N SER A 690 15.43 3.86 59.14
CA SER A 690 15.85 2.97 60.20
C SER A 690 14.71 2.11 60.73
N SER A 691 13.54 2.18 60.08
CA SER A 691 12.34 1.54 60.58
C SER A 691 11.87 0.40 59.70
N ARG A 692 12.16 0.41 58.40
CA ARG A 692 11.65 -0.61 57.52
C ARG A 692 12.55 -0.82 56.32
N SER A 693 12.46 -2.00 55.72
CA SER A 693 13.19 -2.37 54.52
C SER A 693 12.28 -2.38 53.30
N MET A 694 11.02 -1.98 53.46
CA MET A 694 10.07 -1.87 52.37
C MET A 694 10.03 -0.42 51.92
N HIS A 695 9.59 -0.18 50.67
CA HIS A 695 9.54 1.16 50.12
C HIS A 695 8.41 1.96 50.77
N TYR A 696 7.21 1.37 50.80
CA TYR A 696 6.08 1.95 51.49
C TYR A 696 5.79 1.14 52.74
N ALA A 697 5.05 1.74 53.68
CA ALA A 697 4.70 1.09 54.92
C ALA A 697 3.61 0.05 54.69
N THR A 698 2.85 0.19 53.60
CA THR A 698 1.67 -0.60 53.36
C THR A 698 1.95 -1.71 52.34
N ASP A 699 3.16 -2.26 52.33
CA ASP A 699 3.55 -3.19 51.28
C ASP A 699 3.12 -4.62 51.61
N TYR A 700 2.65 -4.87 52.83
CA TYR A 700 2.11 -6.18 53.17
C TYR A 700 0.85 -6.48 52.36
N ALA A 701 0.21 -5.45 51.82
CA ALA A 701 -0.98 -5.61 51.01
C ALA A 701 -0.70 -6.48 49.78
N LYS A 702 0.50 -6.37 49.22
CA LYS A 702 0.83 -7.09 48.01
C LYS A 702 1.05 -8.58 48.27
N ALA A 703 1.23 -8.95 49.54
CA ALA A 703 1.36 -10.36 49.91
C ALA A 703 0.00 -11.04 49.94
N PHE A 704 -1.06 -10.25 50.12
CA PHE A 704 -2.39 -10.80 50.33
C PHE A 704 -3.31 -10.49 49.15
N GLY A 705 -2.85 -9.69 48.19
CA GLY A 705 -3.59 -9.43 46.98
C GLY A 705 -4.71 -8.42 47.17
N CYS A 706 -4.41 -7.28 47.79
CA CYS A 706 -5.41 -6.27 48.13
C CYS A 706 -4.98 -4.90 47.61
N PRO A 707 -5.94 -3.99 47.30
CA PRO A 707 -5.59 -2.66 46.79
C PRO A 707 -5.09 -1.66 47.81
N VAL A 708 -4.28 -0.69 47.35
CA VAL A 708 -3.75 0.36 48.21
C VAL A 708 -4.00 1.71 47.55
N PHE A 709 -4.43 2.69 48.36
CA PHE A 709 -4.62 4.07 47.93
C PHE A 709 -3.78 4.99 48.79
N HIS A 710 -2.87 5.76 48.17
CA HIS A 710 -2.11 6.79 48.87
C HIS A 710 -2.72 8.15 48.57
N VAL A 711 -2.97 8.97 49.59
CA VAL A 711 -3.66 10.24 49.40
C VAL A 711 -3.00 11.33 50.22
N ASN A 712 -2.98 12.54 49.66
CA ASN A 712 -2.36 13.72 50.22
C ASN A 712 -3.25 14.27 51.32
N GLY A 713 -2.67 14.57 52.48
CA GLY A 713 -3.43 14.97 53.64
C GLY A 713 -3.76 16.46 53.64
N ASP A 714 -3.42 17.17 52.58
CA ASP A 714 -3.72 18.59 52.47
C ASP A 714 -4.69 18.85 51.32
N ASP A 715 -5.39 17.82 50.84
CA ASP A 715 -6.44 17.99 49.84
C ASP A 715 -7.70 17.30 50.33
N PRO A 716 -8.52 17.95 51.19
CA PRO A 716 -9.64 17.28 51.83
C PRO A 716 -10.69 16.63 50.94
N GLU A 717 -10.94 17.16 49.74
CA GLU A 717 -11.96 16.60 48.88
C GLU A 717 -11.51 15.25 48.34
N ALA A 718 -10.22 15.11 48.04
CA ALA A 718 -9.66 13.84 47.61
C ALA A 718 -9.74 12.81 48.72
N VAL A 719 -9.55 13.24 49.97
CA VAL A 719 -9.57 12.35 51.12
C VAL A 719 -10.96 11.76 51.27
N VAL A 720 -11.98 12.59 51.10
CA VAL A 720 -13.36 12.16 51.28
C VAL A 720 -13.74 11.16 50.18
N TRP A 721 -13.23 11.36 48.98
CA TRP A 721 -13.53 10.48 47.87
C TRP A 721 -12.96 9.09 48.10
N VAL A 722 -11.72 9.03 48.60
CA VAL A 722 -11.04 7.77 48.81
C VAL A 722 -11.75 6.96 49.88
N GLY A 723 -12.24 7.63 50.91
CA GLY A 723 -12.97 6.95 51.98
C GLY A 723 -14.21 6.24 51.44
N GLN A 724 -14.93 6.89 50.54
CA GLN A 724 -16.15 6.35 49.97
C GLN A 724 -15.84 5.14 49.08
N LEU A 725 -14.80 5.26 48.28
CA LEU A 725 -14.43 4.24 47.31
C LEU A 725 -13.99 2.97 48.00
N ALA A 726 -13.35 3.10 49.16
CA ALA A 726 -12.85 1.96 49.92
C ALA A 726 -14.01 1.17 50.51
N THR A 727 -15.02 1.88 51.03
CA THR A 727 -16.15 1.23 51.67
C THR A 727 -16.99 0.49 50.63
N GLU A 728 -17.09 1.04 49.42
CA GLU A 728 -17.83 0.39 48.35
C GLU A 728 -17.13 -0.88 47.91
N TYR A 729 -15.81 -0.87 47.85
CA TYR A 729 -15.04 -2.02 47.40
C TYR A 729 -15.21 -3.18 48.38
N ARG A 730 -15.26 -2.87 49.67
CA ARG A 730 -15.42 -3.88 50.70
C ARG A 730 -16.76 -4.57 50.57
N ARG A 731 -17.81 -3.80 50.26
CA ARG A 731 -19.16 -4.33 50.23
C ARG A 731 -19.34 -5.26 49.04
N ARG A 732 -18.65 -4.99 47.94
CA ARG A 732 -18.86 -5.75 46.72
C ARG A 732 -18.04 -7.03 46.71
N PHE A 733 -16.78 -6.96 47.17
CA PHE A 733 -15.85 -8.05 46.96
C PHE A 733 -15.53 -8.79 48.26
N GLY A 734 -15.72 -8.15 49.40
CA GLY A 734 -15.54 -8.82 50.67
C GLY A 734 -14.09 -9.11 50.99
N LYS A 735 -13.22 -8.13 50.75
CA LYS A 735 -11.79 -8.26 50.98
C LYS A 735 -11.26 -7.04 51.73
N ASP A 736 -10.02 -7.12 52.18
CA ASP A 736 -9.38 -6.03 52.91
C ASP A 736 -8.96 -4.95 51.93
N VAL A 737 -8.89 -3.70 52.43
CA VAL A 737 -8.49 -2.54 51.66
C VAL A 737 -7.63 -1.66 52.55
N PHE A 738 -6.62 -1.00 51.97
CA PHE A 738 -5.63 -0.25 52.73
C PHE A 738 -5.54 1.18 52.23
N ILE A 739 -5.60 2.16 53.15
CA ILE A 739 -5.46 3.57 52.84
C ILE A 739 -4.24 4.12 53.58
N ASP A 740 -3.38 4.85 52.84
CA ASP A 740 -2.19 5.49 53.37
C ASP A 740 -2.36 7.00 53.31
N LEU A 741 -2.53 7.63 54.48
CA LEU A 741 -2.75 9.06 54.58
C LEU A 741 -1.44 9.75 54.91
N VAL A 742 -0.88 10.47 53.93
CA VAL A 742 0.43 11.08 54.07
C VAL A 742 0.29 12.47 54.67
N CYS A 743 0.92 12.70 55.81
CA CYS A 743 0.76 13.91 56.58
C CYS A 743 2.03 14.17 57.39
N TYR A 744 1.99 15.04 58.41
CA TYR A 744 3.16 15.31 59.22
C TYR A 744 2.76 15.50 60.69
N ARG A 745 3.77 15.61 61.57
CA ARG A 745 3.59 15.81 63.00
C ARG A 745 4.11 17.18 63.39
N LEU A 746 3.23 18.09 63.83
CA LEU A 746 3.56 19.49 64.00
C LEU A 746 4.48 19.71 65.18
N ARG A 747 4.16 19.10 66.32
CA ARG A 747 4.96 19.23 67.52
C ARG A 747 5.84 18.01 67.66
N GLY A 748 6.41 17.81 68.85
CA GLY A 748 7.20 16.62 69.13
C GLY A 748 6.32 15.40 69.38
N HIS A 749 6.95 14.30 69.82
CA HIS A 749 6.26 13.05 70.06
C HIS A 749 5.16 13.29 71.07
N ASN A 750 5.51 13.96 72.17
CA ASN A 750 4.55 14.48 73.12
C ASN A 750 4.78 15.99 73.21
N GLU A 751 4.03 16.67 74.07
CA GLU A 751 4.04 18.12 74.10
C GLU A 751 5.13 18.66 75.01
N ALA A 752 6.04 17.78 75.45
CA ALA A 752 7.13 18.20 76.32
C ALA A 752 8.49 17.92 75.68
N ASP A 753 8.50 17.57 74.39
CA ASP A 753 9.72 17.11 73.74
C ASP A 753 10.11 18.09 72.62
N ASP A 754 11.42 18.18 72.35
CA ASP A 754 11.96 19.07 71.33
C ASP A 754 12.49 18.24 70.16
N PRO A 755 11.82 18.26 68.99
CA PRO A 755 12.23 17.42 67.87
C PRO A 755 13.40 17.92 67.02
N SER A 756 13.89 19.12 67.31
CA SER A 756 14.95 19.73 66.52
C SER A 756 16.30 19.11 66.84
N MET A 757 16.43 18.50 68.03
CA MET A 757 17.70 17.94 68.45
C MET A 757 18.16 16.86 67.49
N THR A 758 17.22 16.07 66.95
CA THR A 758 17.55 14.89 66.16
C THR A 758 17.10 15.03 64.71
N GLN A 759 16.12 15.90 64.42
CA GLN A 759 15.65 16.10 63.06
C GLN A 759 15.63 17.59 62.74
N PRO A 760 16.79 18.27 62.59
CA PRO A 760 16.83 19.70 62.34
C PRO A 760 16.22 20.17 61.02
N LYS A 761 16.55 19.47 59.93
CA LYS A 761 16.23 19.93 58.60
C LYS A 761 14.76 19.74 58.30
N MET A 762 14.17 18.67 58.84
CA MET A 762 12.77 18.34 58.59
C MET A 762 11.89 19.38 59.27
N TYR A 763 12.32 19.90 60.42
CA TYR A 763 11.50 20.80 61.19
C TYR A 763 11.77 22.26 60.81
N GLU A 764 12.64 22.50 59.83
CA GLU A 764 12.71 23.79 59.18
C GLU A 764 11.55 23.93 58.21
N LEU A 765 11.14 22.83 57.57
CA LEU A 765 10.04 22.84 56.64
C LEU A 765 8.68 22.91 57.36
N ILE A 766 8.61 22.41 58.59
CA ILE A 766 7.32 22.24 59.25
C ILE A 766 6.93 23.51 60.00
N THR A 767 7.88 24.12 60.69
CA THR A 767 7.59 25.27 61.54
C THR A 767 7.17 26.46 60.68
N GLY A 768 5.96 26.97 60.95
CA GLY A 768 5.50 28.20 60.33
C GLY A 768 4.72 27.98 59.05
N ARG A 769 4.24 26.76 58.82
CA ARG A 769 3.34 26.48 57.71
C ARG A 769 1.98 27.04 58.03
N GLU A 770 1.08 27.03 57.04
CA GLU A 770 -0.31 27.34 57.28
C GLU A 770 -1.08 26.03 57.27
N THR A 771 -2.13 25.96 58.10
CA THR A 771 -2.83 24.73 58.39
C THR A 771 -3.75 24.35 57.24
N VAL A 772 -4.30 23.14 57.30
CA VAL A 772 -5.13 22.60 56.23
C VAL A 772 -6.48 23.32 56.24
N ARG A 773 -6.94 23.75 57.41
CA ARG A 773 -8.17 24.49 57.52
C ARG A 773 -8.04 25.86 56.86
N ALA A 774 -6.91 26.53 57.08
CA ALA A 774 -6.65 27.81 56.50
C ALA A 774 -6.61 27.72 54.98
N GLN A 775 -5.89 26.74 54.45
CA GLN A 775 -5.73 26.60 53.02
C GLN A 775 -7.06 26.33 52.35
N TYR A 776 -7.91 25.51 52.97
CA TYR A 776 -9.17 25.13 52.36
C TYR A 776 -10.14 26.32 52.38
N THR A 777 -10.10 27.13 53.44
CA THR A 777 -10.96 28.29 53.52
C THR A 777 -10.60 29.29 52.44
N GLU A 778 -9.31 29.46 52.20
CA GLU A 778 -8.81 30.38 51.20
C GLU A 778 -9.25 29.94 49.82
N ASP A 779 -9.24 28.63 49.58
CA ASP A 779 -9.58 28.08 48.29
C ASP A 779 -11.05 28.33 47.98
N LEU A 780 -11.94 28.07 48.94
CA LEU A 780 -13.37 28.18 48.71
C LEU A 780 -13.77 29.64 48.49
N LEU A 781 -13.17 30.57 49.25
CA LEU A 781 -13.45 31.98 49.07
C LEU A 781 -12.97 32.44 47.69
N GLY A 782 -11.87 31.86 47.22
CA GLY A 782 -11.32 32.20 45.92
C GLY A 782 -12.24 31.79 44.77
N ARG A 783 -12.85 30.62 44.87
CA ARG A 783 -13.68 30.09 43.80
C ARG A 783 -15.12 30.56 43.95
N GLY A 784 -15.40 31.36 44.98
CA GLY A 784 -16.70 31.97 45.14
C GLY A 784 -17.76 31.00 45.66
N ASP A 785 -17.31 29.97 46.38
CA ASP A 785 -18.18 28.90 46.86
C ASP A 785 -18.66 29.19 48.28
N LEU A 786 -18.13 30.25 48.91
CA LEU A 786 -18.46 30.57 50.29
C LEU A 786 -18.30 32.07 50.51
N SER A 787 -19.14 32.63 51.39
CA SER A 787 -19.07 34.04 51.74
C SER A 787 -18.21 34.23 52.98
N ASN A 788 -17.85 35.47 53.30
CA ASN A 788 -17.01 35.76 54.44
C ASN A 788 -17.80 35.68 55.73
N GLU A 789 -19.06 36.11 55.70
CA GLU A 789 -19.91 36.02 56.88
C GLU A 789 -20.08 34.57 57.30
N ASP A 790 -20.26 33.68 56.31
CA ASP A 790 -20.39 32.26 56.58
C ASP A 790 -19.10 31.73 57.20
N ALA A 791 -17.97 32.09 56.62
CA ALA A 791 -16.68 31.58 57.04
C ALA A 791 -16.37 31.98 58.49
N GLU A 792 -16.85 33.14 58.92
CA GLU A 792 -16.54 33.66 60.24
C GLU A 792 -17.48 33.05 61.27
N ALA A 793 -18.73 32.76 60.87
CA ALA A 793 -19.70 32.18 61.76
C ALA A 793 -19.28 30.78 62.16
N VAL A 794 -18.75 30.01 61.20
CA VAL A 794 -18.33 28.64 61.43
C VAL A 794 -17.36 28.60 62.61
N VAL A 795 -16.44 29.56 62.66
CA VAL A 795 -15.42 29.59 63.70
C VAL A 795 -16.02 30.04 65.01
N ARG A 796 -16.80 31.12 64.99
CA ARG A 796 -17.27 31.77 66.20
C ARG A 796 -18.19 30.84 66.97
N ASP A 797 -19.08 30.13 66.26
CA ASP A 797 -20.10 29.33 66.91
C ASP A 797 -19.47 28.20 67.72
N PHE A 798 -18.47 27.53 67.15
CA PHE A 798 -17.86 26.38 67.80
C PHE A 798 -17.09 26.81 69.03
N HIS A 799 -16.44 27.97 68.99
CA HIS A 799 -15.64 28.43 70.11
C HIS A 799 -16.54 28.81 71.27
N ASP A 800 -17.73 29.34 70.97
CA ASP A 800 -18.68 29.72 72.00
C ASP A 800 -19.17 28.48 72.73
N GLN A 801 -19.44 27.41 71.99
CA GLN A 801 -19.91 26.16 72.55
C GLN A 801 -18.91 25.61 73.56
N MET A 802 -17.62 25.63 73.19
CA MET A 802 -16.58 25.05 74.02
C MET A 802 -16.38 25.87 75.29
N GLU A 803 -16.42 27.19 75.15
CA GLU A 803 -16.23 28.10 76.27
C GLU A 803 -17.35 27.92 77.29
N SER A 804 -18.58 27.73 76.80
CA SER A 804 -19.74 27.53 77.65
C SER A 804 -19.56 26.32 78.56
N VAL A 805 -19.22 25.18 77.96
CA VAL A 805 -19.09 23.93 78.68
C VAL A 805 -17.96 24.02 79.70
N PHE A 806 -16.85 24.65 79.31
CA PHE A 806 -15.68 24.74 80.17
C PHE A 806 -16.00 25.46 81.46
N ASN A 807 -16.75 26.57 81.35
CA ASN A 807 -17.08 27.38 82.50
C ASN A 807 -17.99 26.60 83.44
N GLU A 808 -18.94 25.85 82.87
CA GLU A 808 -19.88 25.06 83.65
C GLU A 808 -19.14 24.01 84.48
N VAL A 809 -18.06 23.46 83.93
CA VAL A 809 -17.30 22.39 84.55
C VAL A 809 -16.49 22.93 85.72
N LYS A 810 -16.11 24.21 85.66
CA LYS A 810 -15.19 24.78 86.62
C LYS A 810 -15.95 25.39 87.81
N GLU A 811 -17.28 25.54 87.67
CA GLU A 811 -18.12 26.02 88.76
C GLU A 811 -18.11 24.98 89.88
N GLY A 812 -18.38 23.72 89.53
CA GLY A 812 -18.29 22.62 90.48
C GLY A 812 -16.88 22.45 91.02
N GLY A 813 -16.76 22.30 92.34
CA GLY A 813 -15.47 22.20 93.01
C GLY A 813 -14.78 20.86 92.74
N LYS A 814 -13.46 20.84 92.94
CA LYS A 814 -12.66 19.65 92.73
C LYS A 814 -12.66 18.79 93.99
N LYS A 815 -12.89 17.47 93.82
CA LYS A 815 -12.87 16.53 94.91
C LYS A 815 -11.41 16.17 95.23
N GLN A 816 -11.20 15.60 96.42
CA GLN A 816 -9.88 15.18 96.86
C GLN A 816 -9.72 13.68 96.65
N ALA A 817 -8.48 13.22 96.64
CA ALA A 817 -8.16 11.83 96.33
C ALA A 817 -8.64 10.92 97.44
N GLU A 818 -8.97 9.68 97.06
CA GLU A 818 -9.45 8.67 97.99
C GLU A 818 -8.88 7.32 97.57
N ALA A 819 -8.59 6.46 98.55
CA ALA A 819 -7.93 5.19 98.30
C ALA A 819 -8.88 4.23 97.56
N GLN A 820 -8.29 3.34 96.75
CA GLN A 820 -9.03 2.37 95.96
C GLN A 820 -9.05 1.04 96.71
N THR A 821 -10.23 0.43 96.80
CA THR A 821 -10.51 -0.61 97.78
C THR A 821 -10.17 -1.99 97.23
N GLY A 822 -10.57 -2.27 95.98
CA GLY A 822 -10.33 -3.58 95.36
C GLY A 822 -11.60 -4.14 94.74
N ILE A 823 -11.46 -5.20 93.93
CA ILE A 823 -12.57 -5.71 93.14
C ILE A 823 -12.98 -7.11 93.59
N THR A 824 -12.52 -7.53 94.78
CA THR A 824 -12.70 -8.91 95.21
C THR A 824 -14.18 -9.24 95.38
N GLY A 825 -14.95 -8.31 95.95
CA GLY A 825 -16.34 -8.57 96.30
C GLY A 825 -17.33 -7.86 95.40
N SER A 826 -16.90 -7.48 94.20
CA SER A 826 -17.72 -6.71 93.29
C SER A 826 -18.65 -7.60 92.48
N GLN A 827 -18.43 -8.92 92.53
CA GLN A 827 -19.31 -9.88 91.89
C GLN A 827 -19.63 -11.01 92.87
N LYS A 828 -20.83 -11.58 92.76
CA LYS A 828 -21.35 -12.56 93.70
C LYS A 828 -20.97 -13.97 93.25
N LEU A 829 -20.91 -14.89 94.22
CA LEU A 829 -20.62 -16.29 93.97
C LEU A 829 -21.92 -17.08 93.95
N PRO A 830 -22.04 -18.14 93.11
CA PRO A 830 -23.28 -18.90 92.98
C PRO A 830 -23.48 -19.91 94.12
N HIS A 831 -24.05 -19.42 95.23
CA HIS A 831 -24.29 -20.26 96.39
C HIS A 831 -25.52 -21.13 96.16
N GLY A 832 -25.35 -22.44 96.31
CA GLY A 832 -26.44 -23.39 96.27
C GLY A 832 -26.95 -23.63 94.85
N LEU A 833 -26.02 -23.82 93.91
CA LEU A 833 -26.36 -24.12 92.53
C LEU A 833 -26.00 -25.57 92.25
N GLU A 834 -26.90 -26.31 91.59
CA GLU A 834 -26.71 -27.73 91.34
C GLU A 834 -26.46 -27.95 89.86
N THR A 835 -25.53 -28.85 89.54
CA THR A 835 -24.96 -28.95 88.20
C THR A 835 -25.07 -30.37 87.65
N ASN A 836 -25.98 -31.18 88.20
CA ASN A 836 -26.17 -32.53 87.72
C ASN A 836 -27.25 -32.54 86.65
N ILE A 837 -27.17 -33.51 85.73
CA ILE A 837 -28.19 -33.69 84.71
C ILE A 837 -28.99 -34.94 85.02
N SER A 838 -30.12 -35.12 84.33
CA SER A 838 -30.99 -36.27 84.54
C SER A 838 -30.47 -37.48 83.78
N ARG A 839 -31.00 -38.65 84.11
CA ARG A 839 -30.56 -39.90 83.49
C ARG A 839 -31.06 -39.98 82.06
N GLU A 840 -32.19 -39.35 81.77
CA GLU A 840 -32.74 -39.32 80.43
C GLU A 840 -31.83 -38.51 79.51
N GLU A 841 -31.34 -37.38 80.02
CA GLU A 841 -30.45 -36.50 79.27
C GLU A 841 -29.15 -37.20 78.94
N LEU A 842 -28.64 -38.01 79.87
CA LEU A 842 -27.34 -38.64 79.71
C LEU A 842 -27.41 -39.72 78.63
N LEU A 843 -28.53 -40.44 78.55
CA LEU A 843 -28.68 -41.50 77.56
C LEU A 843 -28.83 -40.90 76.17
N GLU A 844 -29.50 -39.75 76.07
CA GLU A 844 -29.72 -39.12 74.79
C GLU A 844 -28.40 -38.65 74.20
N LEU A 845 -27.52 -38.10 75.04
CA LEU A 845 -26.21 -37.64 74.60
C LEU A 845 -25.41 -38.82 74.09
N GLY A 846 -25.47 -39.94 74.79
CA GLY A 846 -24.76 -41.12 74.39
C GLY A 846 -25.23 -41.66 73.04
N GLN A 847 -26.53 -41.52 72.77
CA GLN A 847 -27.14 -42.10 71.59
C GLN A 847 -26.88 -41.26 70.36
N ALA A 848 -26.28 -40.09 70.53
CA ALA A 848 -26.01 -39.19 69.43
C ALA A 848 -24.93 -39.74 68.52
N PHE A 849 -24.07 -40.62 69.07
CA PHE A 849 -22.97 -41.18 68.33
C PHE A 849 -23.38 -42.45 67.59
N ALA A 850 -24.66 -42.85 67.68
CA ALA A 850 -25.20 -43.97 66.94
C ALA A 850 -26.13 -43.52 65.82
N ASN A 851 -26.67 -42.31 65.90
CA ASN A 851 -27.54 -41.79 64.87
C ASN A 851 -26.72 -41.20 63.75
N THR A 852 -26.03 -42.06 62.99
CA THR A 852 -25.23 -41.62 61.86
C THR A 852 -26.14 -41.25 60.71
N PRO A 853 -25.72 -40.39 59.76
CA PRO A 853 -26.50 -40.14 58.55
C PRO A 853 -26.68 -41.36 57.66
N GLU A 854 -27.25 -41.15 56.48
CA GLU A 854 -27.85 -42.23 55.71
C GLU A 854 -26.81 -43.21 55.22
N GLY A 855 -25.77 -42.74 54.53
CA GLY A 855 -24.80 -43.68 54.02
C GLY A 855 -23.40 -43.49 54.61
N PHE A 856 -23.32 -43.20 55.92
CA PHE A 856 -22.08 -42.83 56.56
C PHE A 856 -21.53 -44.02 57.32
N ASN A 857 -20.22 -44.21 57.27
CA ASN A 857 -19.52 -45.18 58.09
C ASN A 857 -18.27 -44.54 58.69
N TYR A 858 -17.91 -44.96 59.90
CA TYR A 858 -16.73 -44.48 60.58
C TYR A 858 -15.49 -45.17 60.04
N HIS A 859 -14.32 -44.57 60.28
CA HIS A 859 -13.04 -45.16 59.98
C HIS A 859 -12.80 -46.30 60.96
N PRO A 860 -12.14 -47.40 60.58
CA PRO A 860 -11.95 -48.54 61.45
C PRO A 860 -11.34 -48.31 62.83
N ARG A 861 -10.53 -47.25 62.95
CA ARG A 861 -9.80 -46.98 64.17
C ARG A 861 -10.55 -45.95 65.01
N VAL A 862 -11.67 -45.43 64.50
CA VAL A 862 -12.53 -44.49 65.21
C VAL A 862 -13.79 -45.19 65.67
N ALA A 863 -14.17 -46.30 65.03
CA ALA A 863 -15.43 -46.96 65.32
C ALA A 863 -15.47 -47.49 66.73
N PRO A 864 -14.40 -48.10 67.27
CA PRO A 864 -14.37 -48.52 68.66
C PRO A 864 -14.65 -47.43 69.69
N VAL A 865 -14.21 -46.21 69.41
CA VAL A 865 -14.39 -45.08 70.32
C VAL A 865 -15.87 -44.70 70.36
N ALA A 866 -16.53 -44.72 69.20
CA ALA A 866 -17.94 -44.37 69.13
C ALA A 866 -18.78 -45.40 69.86
N LYS A 867 -18.44 -46.69 69.73
CA LYS A 867 -19.20 -47.73 70.38
C LYS A 867 -19.10 -47.59 71.90
N LYS A 868 -17.90 -47.29 72.39
CA LYS A 868 -17.67 -47.19 73.82
C LYS A 868 -18.44 -46.02 74.39
N ARG A 869 -18.61 -44.95 73.61
CA ARG A 869 -19.36 -43.79 74.05
C ARG A 869 -20.83 -44.12 74.22
N VAL A 870 -21.38 -45.01 73.39
CA VAL A 870 -22.79 -45.37 73.46
C VAL A 870 -23.03 -46.31 74.63
N SER A 871 -22.04 -47.10 75.02
CA SER A 871 -22.23 -48.12 76.03
C SER A 871 -21.87 -47.64 77.42
N SER A 872 -21.03 -46.62 77.52
CA SER A 872 -20.47 -46.22 78.80
C SER A 872 -21.50 -45.50 79.65
N VAL A 873 -22.49 -44.87 79.01
CA VAL A 873 -23.45 -44.06 79.74
C VAL A 873 -24.42 -44.94 80.49
N THR A 874 -24.24 -46.26 80.44
CA THR A 874 -25.05 -47.17 81.24
C THR A 874 -24.20 -48.21 81.95
N GLU A 875 -22.97 -48.45 81.51
CA GLU A 875 -22.16 -49.52 82.09
C GLU A 875 -21.02 -48.97 82.93
N GLY A 876 -20.49 -47.79 82.57
CA GLY A 876 -19.43 -47.18 83.34
C GLY A 876 -18.18 -46.97 82.50
N GLY A 877 -17.14 -46.43 83.12
CA GLY A 877 -15.84 -46.28 82.49
C GLY A 877 -15.80 -45.12 81.51
N ILE A 878 -16.21 -43.93 81.98
CA ILE A 878 -16.20 -42.74 81.16
C ILE A 878 -14.84 -42.07 81.29
N ASP A 879 -14.20 -41.73 80.17
CA ASP A 879 -12.85 -41.20 80.17
C ASP A 879 -12.89 -39.68 80.11
N TRP A 880 -11.70 -39.06 80.07
CA TRP A 880 -11.56 -37.63 80.22
C TRP A 880 -12.25 -36.91 79.06
N ALA A 881 -11.97 -37.31 77.84
CA ALA A 881 -12.46 -36.60 76.67
C ALA A 881 -13.98 -36.63 76.63
N TRP A 882 -14.57 -37.77 76.97
CA TRP A 882 -16.00 -37.95 76.91
C TRP A 882 -16.68 -37.14 78.01
N GLY A 883 -15.98 -36.93 79.13
CA GLY A 883 -16.45 -36.05 80.17
C GLY A 883 -16.56 -34.59 79.74
N GLU A 884 -15.55 -34.12 78.99
CA GLU A 884 -15.52 -32.76 78.50
C GLU A 884 -16.64 -32.53 77.49
N LEU A 885 -16.83 -33.46 76.56
CA LEU A 885 -17.82 -33.29 75.51
C LEU A 885 -19.23 -33.38 76.08
N LEU A 886 -19.44 -34.18 77.12
CA LEU A 886 -20.73 -34.28 77.75
C LEU A 886 -21.14 -32.93 78.34
N ALA A 887 -20.16 -32.19 78.87
CA ALA A 887 -20.42 -30.89 79.45
C ALA A 887 -20.84 -29.88 78.38
N PHE A 888 -20.04 -29.76 77.32
CA PHE A 888 -20.33 -28.81 76.28
C PHE A 888 -21.63 -29.15 75.58
N GLY A 889 -21.89 -30.44 75.38
CA GLY A 889 -23.09 -30.90 74.72
C GLY A 889 -24.35 -30.55 75.50
N SER A 890 -24.32 -30.77 76.81
CA SER A 890 -25.45 -30.46 77.65
C SER A 890 -25.80 -28.98 77.57
N LEU A 891 -24.77 -28.12 77.55
CA LEU A 891 -24.98 -26.68 77.53
C LEU A 891 -25.53 -26.24 76.19
N ALA A 892 -25.12 -26.90 75.11
CA ALA A 892 -25.61 -26.56 73.79
C ALA A 892 -27.08 -26.94 73.66
N ASN A 893 -27.50 -28.01 74.32
CA ASN A 893 -28.88 -28.46 74.26
C ASN A 893 -29.79 -27.43 74.88
N SER A 894 -29.35 -26.80 75.96
CA SER A 894 -30.17 -25.84 76.68
C SER A 894 -30.41 -24.57 75.86
N GLY A 895 -29.54 -24.31 74.88
CA GLY A 895 -29.80 -23.28 73.89
C GLY A 895 -28.70 -22.24 73.83
N ARG A 896 -27.45 -22.65 74.01
CA ARG A 896 -26.33 -21.73 74.04
C ARG A 896 -25.40 -21.98 72.85
N LEU A 897 -24.64 -20.95 72.50
CA LEU A 897 -23.63 -21.04 71.47
C LEU A 897 -22.31 -21.42 72.11
N VAL A 898 -21.81 -22.61 71.80
CA VAL A 898 -20.56 -23.11 72.34
C VAL A 898 -19.54 -23.14 71.21
N ARG A 899 -18.35 -22.56 71.45
CA ARG A 899 -17.31 -22.44 70.44
C ARG A 899 -15.99 -22.93 71.01
N LEU A 900 -15.32 -23.86 70.31
CA LEU A 900 -14.05 -24.42 70.71
C LEU A 900 -13.05 -24.29 69.57
N ALA A 901 -11.87 -23.71 69.84
CA ALA A 901 -10.88 -23.45 68.80
C ALA A 901 -9.47 -23.68 69.32
N GLY A 902 -8.58 -24.12 68.42
CA GLY A 902 -7.20 -24.45 68.77
C GLY A 902 -6.55 -25.32 67.71
N GLU A 903 -5.25 -25.61 67.89
CA GLU A 903 -4.48 -26.37 66.91
C GLU A 903 -4.84 -27.85 66.99
N ASP A 904 -5.41 -28.37 65.90
CA ASP A 904 -5.75 -29.77 65.77
C ASP A 904 -6.76 -30.16 66.83
N SER A 905 -7.80 -29.34 66.99
CA SER A 905 -8.71 -29.50 68.10
C SER A 905 -9.94 -30.31 67.71
N ARG A 906 -10.15 -30.56 66.42
CA ARG A 906 -11.25 -31.38 65.97
C ARG A 906 -10.97 -32.85 66.25
N ARG A 907 -9.76 -33.32 65.95
CA ARG A 907 -9.36 -34.68 66.25
C ARG A 907 -8.82 -34.75 67.67
N GLY A 908 -7.98 -33.78 68.03
CA GLY A 908 -7.24 -33.82 69.29
C GLY A 908 -5.78 -34.15 69.06
N THR A 909 -4.90 -33.53 69.86
CA THR A 909 -3.47 -33.71 69.72
C THR A 909 -3.08 -35.14 70.05
N PHE A 910 -3.78 -35.73 71.02
CA PHE A 910 -3.46 -37.05 71.52
C PHE A 910 -4.47 -38.06 70.99
N THR A 911 -5.19 -37.68 69.93
CA THR A 911 -6.15 -38.55 69.26
C THR A 911 -7.19 -39.03 70.26
N GLN A 912 -7.89 -38.10 70.90
CA GLN A 912 -8.74 -38.45 72.01
C GLN A 912 -10.15 -37.86 71.89
N ARG A 913 -10.39 -36.89 71.00
CA ARG A 913 -11.61 -36.12 71.08
C ARG A 913 -12.61 -36.59 70.03
N HIS A 914 -12.21 -36.55 68.75
CA HIS A 914 -13.07 -36.97 67.67
C HIS A 914 -14.43 -36.30 67.78
N ALA A 915 -14.45 -34.97 67.69
CA ALA A 915 -15.67 -34.20 67.74
C ALA A 915 -16.31 -34.13 66.36
N VAL A 916 -15.48 -34.17 65.32
CA VAL A 916 -15.96 -34.30 63.96
C VAL A 916 -15.29 -35.52 63.36
N ALA A 917 -16.08 -36.41 62.74
CA ALA A 917 -15.57 -37.63 62.14
C ALA A 917 -15.69 -37.56 60.64
N ILE A 918 -14.83 -38.31 59.92
CA ILE A 918 -14.76 -38.28 58.47
C ILE A 918 -14.89 -39.71 57.94
N ASP A 919 -15.68 -39.87 56.87
CA ASP A 919 -15.90 -41.15 56.21
C ASP A 919 -14.76 -41.42 55.24
N PRO A 920 -14.06 -42.57 55.31
CA PRO A 920 -12.92 -42.82 54.45
C PRO A 920 -13.21 -42.94 52.97
N ALA A 921 -14.46 -43.29 52.63
CA ALA A 921 -14.84 -43.58 51.27
C ALA A 921 -15.25 -42.33 50.53
N THR A 922 -15.88 -41.37 51.21
CA THR A 922 -16.46 -40.23 50.53
C THR A 922 -15.94 -38.90 51.05
N ALA A 923 -15.30 -38.88 52.22
CA ALA A 923 -14.78 -37.67 52.83
C ALA A 923 -15.90 -36.76 53.32
N GLU A 924 -17.05 -37.34 53.71
CA GLU A 924 -18.14 -36.59 54.31
C GLU A 924 -17.83 -36.36 55.78
N GLU A 925 -18.34 -35.26 56.34
CA GLU A 925 -18.10 -34.91 57.73
C GLU A 925 -19.37 -35.07 58.55
N PHE A 926 -19.21 -35.33 59.84
CA PHE A 926 -20.32 -35.55 60.75
C PHE A 926 -19.99 -34.96 62.13
N ASN A 927 -20.92 -34.15 62.67
CA ASN A 927 -20.76 -33.53 63.96
C ASN A 927 -21.95 -33.91 64.84
N PRO A 928 -21.87 -35.01 65.61
CA PRO A 928 -23.01 -35.50 66.38
C PRO A 928 -23.71 -34.51 67.29
N LEU A 929 -22.94 -33.81 68.13
CA LEU A 929 -23.52 -33.00 69.19
C LEU A 929 -24.20 -31.77 68.63
N HIS A 930 -23.74 -31.27 67.47
CA HIS A 930 -24.37 -30.12 66.85
C HIS A 930 -25.75 -30.51 66.31
N GLU A 931 -25.84 -31.73 65.76
CA GLU A 931 -27.08 -32.25 65.23
C GLU A 931 -28.09 -32.36 66.35
N LEU A 932 -27.70 -32.96 67.47
CA LEU A 932 -28.60 -33.19 68.57
C LEU A 932 -29.11 -31.86 69.10
N ALA A 933 -28.24 -30.86 69.16
CA ALA A 933 -28.61 -29.58 69.73
C ALA A 933 -29.64 -28.89 68.86
N GLN A 934 -29.51 -29.02 67.54
CA GLN A 934 -30.38 -28.33 66.61
C GLN A 934 -31.73 -29.03 66.51
N SER A 935 -31.85 -30.23 67.06
CA SER A 935 -33.08 -30.98 67.01
C SER A 935 -33.84 -30.92 68.33
N LYS A 936 -33.66 -29.84 69.10
CA LYS A 936 -34.33 -29.70 70.38
C LYS A 936 -35.07 -28.37 70.50
N GLY A 937 -34.91 -27.49 69.50
CA GLY A 937 -35.80 -26.36 69.37
C GLY A 937 -35.49 -25.21 70.33
N ASN A 938 -34.26 -25.15 70.86
CA ASN A 938 -33.81 -23.99 71.59
C ASN A 938 -32.76 -23.22 70.80
N ASN A 939 -32.42 -23.71 69.61
CA ASN A 939 -31.49 -23.06 68.70
C ASN A 939 -30.10 -22.99 69.30
N GLY A 940 -29.59 -24.12 69.78
CA GLY A 940 -28.24 -24.20 70.30
C GLY A 940 -27.28 -24.67 69.23
N LYS A 941 -25.98 -24.42 69.45
CA LYS A 941 -24.96 -24.72 68.47
C LYS A 941 -23.70 -25.22 69.15
N PHE A 942 -22.99 -26.15 68.50
CA PHE A 942 -21.67 -26.59 68.91
C PHE A 942 -20.73 -26.47 67.72
N LEU A 943 -19.82 -25.49 67.78
CA LEU A 943 -18.93 -25.14 66.67
C LEU A 943 -17.49 -25.46 67.05
N VAL A 944 -16.76 -26.20 66.21
CA VAL A 944 -15.39 -26.59 66.48
C VAL A 944 -14.53 -26.23 65.28
N TYR A 945 -13.39 -25.59 65.52
CA TYR A 945 -12.53 -25.09 64.46
C TYR A 945 -11.08 -25.44 64.72
N ASN A 946 -10.35 -25.80 63.67
CA ASN A 946 -8.90 -25.91 63.67
C ASN A 946 -8.29 -24.56 63.34
N SER A 947 -7.46 -24.02 64.23
CA SER A 947 -6.86 -22.72 64.05
C SER A 947 -5.62 -22.83 63.17
N ALA A 948 -5.12 -21.67 62.71
CA ALA A 948 -3.82 -21.58 62.11
C ALA A 948 -2.76 -21.68 63.19
N LEU A 949 -1.49 -21.71 62.79
CA LEU A 949 -0.40 -21.95 63.72
C LEU A 949 0.03 -20.61 64.30
N THR A 950 -0.76 -20.12 65.27
CA THR A 950 -0.49 -18.88 65.98
C THR A 950 -1.02 -19.00 67.40
N GLU A 951 -0.33 -18.37 68.35
CA GLU A 951 -0.79 -18.32 69.73
C GLU A 951 -1.24 -16.92 70.10
N TYR A 952 -0.57 -15.89 69.56
CA TYR A 952 -0.86 -14.51 69.87
C TYR A 952 -2.19 -14.11 69.24
N ALA A 953 -2.34 -14.37 67.94
CA ALA A 953 -3.56 -14.03 67.24
C ALA A 953 -4.70 -14.97 67.63
N GLY A 954 -4.37 -16.24 67.90
CA GLY A 954 -5.36 -17.24 68.27
C GLY A 954 -6.08 -16.89 69.56
N MET A 955 -5.33 -16.70 70.63
CA MET A 955 -5.92 -16.46 71.94
C MET A 955 -6.57 -15.08 71.96
N GLY A 956 -6.00 -14.13 71.24
CA GLY A 956 -6.56 -12.80 71.16
C GLY A 956 -7.96 -12.80 70.56
N PHE A 957 -8.15 -13.60 69.51
CA PHE A 957 -9.43 -13.67 68.82
C PHE A 957 -10.50 -14.22 69.74
N GLU A 958 -10.15 -15.19 70.57
CA GLU A 958 -11.12 -15.83 71.44
C GLU A 958 -11.50 -14.91 72.59
N TYR A 959 -10.54 -14.13 73.10
CA TYR A 959 -10.84 -13.15 74.13
C TYR A 959 -11.86 -12.15 73.59
N GLY A 960 -11.64 -11.71 72.36
CA GLY A 960 -12.52 -10.74 71.76
C GLY A 960 -13.93 -11.28 71.60
N TYR A 961 -14.04 -12.56 71.27
CA TYR A 961 -15.32 -13.20 71.05
C TYR A 961 -16.11 -13.20 72.34
N SER A 962 -15.43 -13.40 73.46
CA SER A 962 -16.06 -13.44 74.76
C SER A 962 -16.60 -12.07 75.15
N VAL A 963 -15.96 -11.00 74.69
CA VAL A 963 -16.37 -9.64 75.02
C VAL A 963 -17.52 -9.22 74.12
N GLY A 964 -17.55 -9.71 72.89
CA GLY A 964 -18.55 -9.30 71.92
C GLY A 964 -19.89 -10.00 72.10
N ASN A 965 -19.90 -11.16 72.76
CA ASN A 965 -21.13 -11.85 73.12
C ASN A 965 -20.98 -12.44 74.51
N GLU A 966 -21.65 -11.84 75.49
CA GLU A 966 -21.48 -12.17 76.89
C GLU A 966 -22.14 -13.51 77.23
N ASP A 967 -23.02 -14.01 76.35
CA ASP A 967 -23.84 -15.16 76.67
C ASP A 967 -23.35 -16.42 75.96
N SER A 968 -22.15 -16.38 75.39
CA SER A 968 -21.58 -17.52 74.70
C SER A 968 -20.57 -18.22 75.60
N ILE A 969 -20.32 -19.50 75.31
CA ILE A 969 -19.29 -20.27 75.99
C ILE A 969 -18.13 -20.46 75.02
N VAL A 970 -16.95 -19.91 75.35
CA VAL A 970 -15.80 -19.92 74.46
C VAL A 970 -14.61 -20.59 75.16
N ALA A 971 -13.86 -21.40 74.42
CA ALA A 971 -12.69 -22.08 74.96
C ALA A 971 -11.56 -22.11 73.93
N TRP A 972 -10.35 -21.73 74.34
CA TRP A 972 -9.15 -21.81 73.54
C TRP A 972 -8.27 -22.92 74.08
N GLU A 973 -7.71 -23.74 73.18
CA GLU A 973 -6.87 -24.86 73.56
C GLU A 973 -5.48 -24.68 72.97
N ALA A 974 -4.46 -25.07 73.73
CA ALA A 974 -3.08 -25.06 73.29
C ALA A 974 -2.63 -26.49 73.02
N GLN A 975 -1.77 -26.67 72.03
CA GLN A 975 -1.31 -28.00 71.66
C GLN A 975 -0.56 -28.60 72.83
N PHE A 976 0.38 -27.82 73.38
CA PHE A 976 0.93 -28.07 74.70
C PHE A 976 0.94 -26.75 75.45
N GLY A 977 0.86 -26.81 76.77
CA GLY A 977 0.79 -25.61 77.59
C GLY A 977 2.09 -24.81 77.58
N ASP A 978 3.14 -25.39 77.02
CA ASP A 978 4.46 -24.75 76.96
C ASP A 978 4.52 -23.68 75.90
N PHE A 979 3.58 -23.68 74.96
CA PHE A 979 3.63 -22.74 73.85
C PHE A 979 2.77 -21.51 74.14
N ALA A 980 2.26 -21.38 75.35
CA ALA A 980 1.37 -20.28 75.68
C ALA A 980 2.14 -19.01 76.00
N ASN A 981 3.47 -19.11 76.17
CA ASN A 981 4.29 -17.93 76.44
C ASN A 981 4.43 -17.08 75.19
N GLY A 982 4.01 -17.60 74.03
CA GLY A 982 3.96 -16.82 72.82
C GLY A 982 2.75 -15.90 72.76
N ALA A 983 1.85 -16.01 73.74
CA ALA A 983 0.71 -15.12 73.85
C ALA A 983 0.74 -14.38 75.19
N GLN A 984 1.93 -14.04 75.67
CA GLN A 984 2.09 -13.49 76.99
C GLN A 984 1.47 -12.10 77.08
N THR A 985 1.56 -11.32 76.00
CA THR A 985 1.01 -9.99 75.97
C THR A 985 -0.50 -10.03 76.26
N ILE A 986 -1.22 -10.96 75.63
CA ILE A 986 -2.65 -11.08 75.82
C ILE A 986 -2.95 -11.49 77.25
N ILE A 987 -2.20 -12.44 77.80
CA ILE A 987 -2.44 -12.93 79.14
C ILE A 987 -2.26 -11.80 80.14
N ASP A 988 -1.23 -10.98 79.96
CA ASP A 988 -0.84 -9.99 80.95
C ASP A 988 -1.67 -8.72 80.86
N GLU A 989 -2.11 -8.35 79.65
CA GLU A 989 -2.67 -7.03 79.41
C GLU A 989 -4.19 -7.08 79.32
N TYR A 990 -4.77 -8.22 78.93
CA TYR A 990 -6.21 -8.31 78.74
C TYR A 990 -6.85 -9.27 79.74
N VAL A 991 -6.40 -10.52 79.76
CA VAL A 991 -7.11 -11.59 80.46
C VAL A 991 -6.99 -11.40 81.97
N SER A 992 -5.78 -11.09 82.44
CA SER A 992 -5.49 -11.07 83.86
C SER A 992 -5.94 -9.77 84.52
N SER A 993 -6.03 -8.68 83.76
CA SER A 993 -6.09 -7.35 84.36
C SER A 993 -7.11 -6.42 83.71
N GLY A 994 -8.01 -6.93 82.88
CA GLY A 994 -8.93 -6.09 82.15
C GLY A 994 -10.03 -5.50 83.02
N GLU A 995 -10.50 -6.26 84.01
CA GLU A 995 -11.60 -5.82 84.86
C GLU A 995 -11.14 -4.69 85.78
N ALA A 996 -9.93 -4.79 86.32
CA ALA A 996 -9.42 -3.81 87.24
C ALA A 996 -9.09 -2.50 86.54
N LYS A 997 -8.76 -2.55 85.25
CA LYS A 997 -8.32 -1.37 84.55
C LYS A 997 -9.49 -0.65 83.89
N TRP A 998 -10.37 -1.37 83.21
CA TRP A 998 -11.40 -0.74 82.39
C TRP A 998 -12.81 -1.17 82.78
N GLY A 999 -12.96 -2.18 83.63
CA GLY A 999 -14.27 -2.69 83.96
C GLY A 999 -14.85 -3.57 82.87
N GLN A 1000 -13.98 -4.19 82.08
CA GLN A 1000 -14.36 -5.09 81.00
C GLN A 1000 -14.25 -6.52 81.53
N THR A 1001 -15.35 -7.29 81.44
CA THR A 1001 -15.42 -8.62 82.01
C THR A 1001 -15.42 -9.67 80.92
N SER A 1002 -14.94 -10.88 81.25
CA SER A 1002 -14.84 -11.98 80.31
C SER A 1002 -14.99 -13.32 81.03
N LYS A 1003 -15.45 -14.35 80.30
CA LYS A 1003 -15.53 -15.69 80.83
C LYS A 1003 -14.84 -16.68 79.90
N LEU A 1004 -13.64 -16.35 79.44
CA LEU A 1004 -12.89 -17.21 78.55
C LEU A 1004 -12.38 -18.40 79.33
N ILE A 1005 -12.28 -19.55 78.67
CA ILE A 1005 -11.72 -20.77 79.25
C ILE A 1005 -10.42 -21.08 78.52
N LEU A 1006 -9.33 -21.25 79.27
CA LEU A 1006 -8.07 -21.70 78.69
C LEU A 1006 -7.82 -23.15 79.11
N LEU A 1007 -7.63 -24.04 78.12
CA LEU A 1007 -7.32 -25.44 78.34
C LEU A 1007 -5.86 -25.68 77.97
N LEU A 1008 -5.01 -25.96 78.97
CA LEU A 1008 -3.57 -26.00 78.79
C LEU A 1008 -3.03 -27.35 79.25
N PRO A 1009 -2.63 -28.28 78.36
CA PRO A 1009 -2.03 -29.55 78.76
C PRO A 1009 -0.76 -29.46 79.60
N HIS A 1010 -0.61 -30.37 80.56
CA HIS A 1010 0.43 -30.28 81.57
C HIS A 1010 0.74 -31.66 82.12
N GLY A 1011 2.03 -31.95 82.35
CA GLY A 1011 2.43 -33.18 82.99
C GLY A 1011 3.90 -33.52 82.75
N TYR A 1012 4.54 -34.11 83.74
CA TYR A 1012 5.93 -34.53 83.65
C TYR A 1012 5.98 -36.01 83.34
N GLU A 1013 6.34 -36.35 82.09
CA GLU A 1013 6.26 -37.71 81.60
C GLU A 1013 7.48 -38.13 80.77
N GLY A 1014 8.49 -37.27 80.65
CA GLY A 1014 9.75 -37.66 80.04
C GLY A 1014 9.87 -37.28 78.57
N GLN A 1015 9.15 -36.27 78.11
CA GLN A 1015 9.19 -35.88 76.72
C GLN A 1015 10.10 -34.67 76.50
N GLY A 1016 10.67 -34.11 77.57
CA GLY A 1016 11.68 -33.07 77.43
C GLY A 1016 11.20 -31.71 77.90
N PRO A 1017 12.07 -30.67 77.90
CA PRO A 1017 11.74 -29.38 78.48
C PRO A 1017 10.70 -28.48 77.80
N ASP A 1018 10.29 -28.80 76.57
CA ASP A 1018 9.29 -28.02 75.89
C ASP A 1018 8.02 -28.84 75.65
N HIS A 1019 7.83 -29.90 76.45
CA HIS A 1019 6.61 -30.68 76.40
C HIS A 1019 6.29 -31.20 77.80
N SER A 1020 6.37 -30.33 78.81
CA SER A 1020 6.24 -30.78 80.19
C SER A 1020 5.46 -29.84 81.11
N SER A 1021 5.65 -28.52 81.00
CA SER A 1021 5.09 -27.61 81.99
C SER A 1021 4.40 -26.42 81.36
N ALA A 1022 3.17 -26.14 81.82
CA ALA A 1022 2.41 -24.98 81.39
C ALA A 1022 2.69 -23.77 82.27
N ARG A 1023 3.62 -23.89 83.23
CA ARG A 1023 4.06 -22.79 84.07
C ARG A 1023 2.94 -22.35 84.99
N ILE A 1024 2.61 -23.20 85.96
CA ILE A 1024 1.57 -22.93 86.95
C ILE A 1024 2.00 -21.76 87.81
N GLU A 1025 3.29 -21.67 88.14
CA GLU A 1025 3.80 -20.65 89.03
C GLU A 1025 3.56 -19.25 88.47
N ARG A 1026 3.60 -19.11 87.14
CA ARG A 1026 3.45 -17.82 86.52
C ARG A 1026 2.01 -17.35 86.62
N PHE A 1027 1.05 -18.25 86.42
CA PHE A 1027 -0.35 -17.91 86.50
C PHE A 1027 -0.74 -17.57 87.93
N LEU A 1028 -0.12 -18.23 88.91
CA LEU A 1028 -0.48 -17.98 90.30
C LEU A 1028 0.11 -16.66 90.79
N GLN A 1029 1.17 -16.15 90.14
CA GLN A 1029 1.69 -14.82 90.44
C GLN A 1029 0.68 -13.75 90.06
N LEU A 1030 0.05 -13.91 88.89
CA LEU A 1030 -0.83 -12.91 88.33
C LEU A 1030 -2.13 -12.80 89.13
N CYS A 1031 -2.46 -13.81 89.93
CA CYS A 1031 -3.73 -13.84 90.64
C CYS A 1031 -3.69 -12.97 91.89
N ALA A 1032 -4.71 -12.11 92.01
CA ALA A 1032 -4.94 -11.32 93.20
C ALA A 1032 -6.32 -10.67 93.10
N GLU A 1033 -6.97 -10.43 94.25
CA GLU A 1033 -8.28 -9.81 94.31
C GLU A 1033 -9.34 -10.72 93.66
N GLY A 1034 -9.10 -12.03 93.65
CA GLY A 1034 -10.02 -12.97 93.03
C GLY A 1034 -10.27 -12.65 91.56
N SER A 1035 -9.19 -12.50 90.80
CA SER A 1035 -9.27 -12.03 89.44
C SER A 1035 -9.67 -13.15 88.48
N MET A 1036 -9.16 -14.37 88.71
CA MET A 1036 -9.54 -15.51 87.91
C MET A 1036 -9.39 -16.81 88.69
N THR A 1037 -10.02 -17.88 88.17
CA THR A 1037 -10.05 -19.19 88.79
C THR A 1037 -9.03 -20.11 88.13
N VAL A 1038 -8.26 -20.84 88.94
CA VAL A 1038 -7.22 -21.75 88.45
C VAL A 1038 -7.43 -23.12 89.08
N ALA A 1039 -7.42 -24.18 88.26
CA ALA A 1039 -7.80 -25.52 88.71
C ALA A 1039 -7.01 -26.61 87.98
N GLN A 1040 -6.91 -27.79 88.61
CA GLN A 1040 -6.24 -28.95 88.03
C GLN A 1040 -6.96 -30.21 88.50
N PRO A 1041 -8.10 -30.60 87.89
CA PRO A 1041 -8.89 -31.72 88.38
C PRO A 1041 -8.34 -33.10 88.03
N SER A 1042 -8.81 -34.12 88.76
CA SER A 1042 -8.22 -35.44 88.71
C SER A 1042 -9.18 -36.53 88.24
N THR A 1043 -10.45 -36.20 87.99
CA THR A 1043 -11.43 -37.17 87.50
C THR A 1043 -12.31 -36.51 86.46
N PRO A 1044 -12.74 -37.24 85.40
CA PRO A 1044 -13.63 -36.69 84.39
C PRO A 1044 -14.93 -36.03 84.86
N ALA A 1045 -15.53 -36.58 85.91
CA ALA A 1045 -16.79 -36.06 86.41
C ALA A 1045 -16.58 -34.70 87.06
N ASN A 1046 -15.42 -34.51 87.68
CA ASN A 1046 -15.13 -33.26 88.36
C ASN A 1046 -14.90 -32.17 87.32
N HIS A 1047 -14.25 -32.52 86.20
CA HIS A 1047 -14.04 -31.60 85.10
C HIS A 1047 -15.40 -31.16 84.56
N PHE A 1048 -16.35 -32.09 84.52
CA PHE A 1048 -17.69 -31.85 84.01
C PHE A 1048 -18.37 -30.81 84.90
N HIS A 1049 -18.25 -30.98 86.21
CA HIS A 1049 -18.96 -30.13 87.15
C HIS A 1049 -18.35 -28.73 87.19
N LEU A 1050 -17.04 -28.63 87.02
CA LEU A 1050 -16.35 -27.35 87.03
C LEU A 1050 -16.79 -26.51 85.84
N LEU A 1051 -16.86 -27.10 84.66
CA LEU A 1051 -17.23 -26.37 83.47
C LEU A 1051 -18.66 -25.88 83.57
N ARG A 1052 -19.56 -26.71 84.10
CA ARG A 1052 -20.97 -26.37 84.14
C ARG A 1052 -21.24 -25.31 85.21
N ARG A 1053 -20.48 -25.31 86.30
CA ARG A 1053 -20.64 -24.29 87.31
C ARG A 1053 -20.28 -22.93 86.74
N HIS A 1054 -19.20 -22.88 85.96
CA HIS A 1054 -18.70 -21.65 85.38
C HIS A 1054 -19.74 -21.08 84.43
N ALA A 1055 -20.39 -21.94 83.65
CA ALA A 1055 -21.28 -21.51 82.60
C ALA A 1055 -22.61 -21.00 83.15
N LEU A 1056 -23.09 -21.58 84.25
CA LEU A 1056 -24.42 -21.30 84.74
C LEU A 1056 -24.42 -20.24 85.83
N SER A 1057 -23.24 -19.80 86.29
CA SER A 1057 -23.15 -18.81 87.36
C SER A 1057 -23.27 -17.41 86.80
N ASP A 1058 -23.13 -16.41 87.68
CA ASP A 1058 -23.19 -15.01 87.29
C ASP A 1058 -21.90 -14.31 87.72
N LEU A 1059 -20.81 -15.07 87.81
CA LEU A 1059 -19.49 -14.55 88.11
C LEU A 1059 -18.70 -14.49 86.81
N LYS A 1060 -18.47 -13.28 86.31
CA LYS A 1060 -17.93 -13.07 84.98
C LYS A 1060 -16.43 -12.86 85.08
N ARG A 1061 -15.69 -13.95 85.30
CA ARG A 1061 -14.24 -13.93 85.37
C ARG A 1061 -13.69 -15.15 84.65
N PRO A 1062 -12.44 -15.13 84.13
CA PRO A 1062 -11.88 -16.27 83.41
C PRO A 1062 -11.63 -17.54 84.22
N LEU A 1063 -11.39 -18.65 83.51
CA LEU A 1063 -11.11 -19.94 84.09
C LEU A 1063 -9.92 -20.58 83.37
N VAL A 1064 -8.90 -21.00 84.13
CA VAL A 1064 -7.71 -21.61 83.59
C VAL A 1064 -7.62 -23.03 84.14
N ILE A 1065 -7.60 -24.04 83.25
CA ILE A 1065 -7.60 -25.44 83.63
C ILE A 1065 -6.35 -26.11 83.07
N PHE A 1066 -5.65 -26.88 83.91
CA PHE A 1066 -4.49 -27.64 83.50
C PHE A 1066 -4.92 -29.09 83.25
N THR A 1067 -4.87 -29.52 81.98
CA THR A 1067 -5.49 -30.76 81.55
C THR A 1067 -4.43 -31.83 81.36
N PRO A 1068 -4.77 -33.14 81.42
CA PRO A 1068 -3.78 -34.21 81.35
C PRO A 1068 -3.42 -34.75 79.97
N LYS A 1069 -2.37 -35.59 79.91
CA LYS A 1069 -1.84 -36.11 78.67
C LYS A 1069 -1.85 -37.65 78.68
N SER A 1070 -1.33 -38.26 79.74
CA SER A 1070 -1.26 -39.69 79.86
C SER A 1070 -2.44 -40.25 80.65
N MET A 1071 -3.01 -39.42 81.53
CA MET A 1071 -4.13 -39.79 82.36
C MET A 1071 -5.39 -39.91 81.51
N LEU A 1072 -5.33 -39.44 80.26
CA LEU A 1072 -6.45 -39.53 79.35
C LEU A 1072 -6.90 -40.97 79.18
N ARG A 1073 -5.97 -41.92 79.26
CA ARG A 1073 -6.26 -43.32 79.01
C ARG A 1073 -5.89 -44.20 80.20
N ASN A 1074 -5.97 -43.65 81.41
CA ASN A 1074 -5.72 -44.41 82.63
C ASN A 1074 -7.04 -44.95 83.13
N LYS A 1075 -7.09 -46.26 83.41
CA LYS A 1075 -8.35 -46.92 83.71
C LYS A 1075 -8.73 -46.69 85.17
N ALA A 1076 -7.79 -46.27 86.00
CA ALA A 1076 -8.07 -46.02 87.40
C ALA A 1076 -8.71 -44.65 87.58
N ALA A 1077 -8.76 -43.85 86.52
CA ALA A 1077 -9.24 -42.48 86.62
C ALA A 1077 -10.65 -42.33 86.05
N ALA A 1078 -11.24 -43.41 85.54
CA ALA A 1078 -12.53 -43.32 84.86
C ALA A 1078 -13.66 -43.15 85.86
N SER A 1079 -14.82 -42.71 85.38
CA SER A 1079 -15.93 -42.31 86.22
C SER A 1079 -17.18 -43.12 85.89
N ALA A 1080 -18.08 -43.26 86.88
CA ALA A 1080 -19.32 -43.98 86.73
C ALA A 1080 -20.47 -43.02 86.48
N PRO A 1081 -21.59 -43.46 85.88
CA PRO A 1081 -22.70 -42.56 85.55
C PRO A 1081 -23.37 -41.84 86.72
N GLU A 1082 -23.33 -42.44 87.91
CA GLU A 1082 -23.92 -41.83 89.08
C GLU A 1082 -23.21 -40.52 89.40
N ASP A 1083 -21.94 -40.41 89.01
CA ASP A 1083 -21.14 -39.23 89.32
C ASP A 1083 -21.58 -38.03 88.49
N PHE A 1084 -22.34 -38.26 87.41
CA PHE A 1084 -22.85 -37.16 86.59
C PHE A 1084 -24.31 -36.85 86.90
N THR A 1085 -25.03 -37.76 87.59
CA THR A 1085 -26.47 -37.62 87.74
C THR A 1085 -26.93 -37.61 89.19
N GLU A 1086 -26.11 -38.04 90.15
CA GLU A 1086 -26.52 -38.08 91.55
C GLU A 1086 -25.68 -37.15 92.41
N VAL A 1087 -24.38 -36.99 92.09
CA VAL A 1087 -23.54 -36.00 92.75
C VAL A 1087 -23.89 -34.63 92.19
N THR A 1088 -24.07 -33.64 93.07
CA THR A 1088 -24.72 -32.39 92.71
C THR A 1088 -23.74 -31.26 92.43
N LYS A 1089 -22.55 -31.27 93.06
CA LYS A 1089 -21.66 -30.12 93.04
C LYS A 1089 -20.22 -30.53 92.71
N PHE A 1090 -19.41 -29.53 92.36
CA PHE A 1090 -17.97 -29.67 92.16
C PHE A 1090 -17.26 -29.74 93.50
N GLN A 1091 -16.21 -30.56 93.58
CA GLN A 1091 -15.45 -30.73 94.80
C GLN A 1091 -14.10 -30.06 94.66
N SER A 1092 -13.72 -29.26 95.66
CA SER A 1092 -12.47 -28.52 95.65
C SER A 1092 -11.38 -29.30 96.37
N VAL A 1093 -11.76 -30.11 97.33
CA VAL A 1093 -10.84 -31.02 98.01
C VAL A 1093 -11.48 -32.40 98.05
N ILE A 1094 -10.72 -33.43 97.68
CA ILE A 1094 -11.17 -34.81 97.73
C ILE A 1094 -10.34 -35.54 98.77
N ASN A 1095 -11.00 -36.08 99.80
CA ASN A 1095 -10.34 -36.76 100.89
C ASN A 1095 -10.01 -38.18 100.45
N ASP A 1096 -9.17 -38.88 101.22
CA ASP A 1096 -8.66 -40.19 100.83
C ASP A 1096 -9.77 -41.22 100.95
N PRO A 1097 -10.11 -41.95 99.86
CA PRO A 1097 -11.13 -43.00 99.93
C PRO A 1097 -10.69 -44.39 100.35
N ASN A 1098 -9.44 -44.55 100.78
CA ASN A 1098 -8.93 -45.84 101.23
C ASN A 1098 -8.29 -45.69 102.60
N VAL A 1099 -9.05 -45.15 103.56
CA VAL A 1099 -8.61 -45.11 104.94
C VAL A 1099 -9.54 -45.98 105.77
N ALA A 1100 -8.96 -47.05 106.35
CA ALA A 1100 -9.70 -48.00 107.16
C ALA A 1100 -10.07 -47.37 108.50
N ASP A 1101 -9.06 -46.89 109.23
CA ASP A 1101 -9.26 -46.28 110.53
C ASP A 1101 -8.50 -44.95 110.60
N ALA A 1102 -9.21 -43.90 110.99
CA ALA A 1102 -8.70 -42.54 110.89
C ALA A 1102 -7.88 -42.18 112.11
N ALA A 1103 -7.93 -42.99 113.15
CA ALA A 1103 -7.23 -42.70 114.39
C ALA A 1103 -5.82 -43.26 114.36
N LYS A 1104 -5.44 -43.90 113.25
CA LYS A 1104 -4.12 -44.49 113.14
C LYS A 1104 -3.26 -43.75 112.13
N VAL A 1105 -3.75 -42.60 111.62
CA VAL A 1105 -3.01 -41.82 110.64
C VAL A 1105 -2.05 -40.90 111.37
N LYS A 1106 -0.81 -40.81 110.86
CA LYS A 1106 0.23 -39.98 111.46
C LYS A 1106 0.96 -39.12 110.44
N LYS A 1107 0.64 -39.25 109.15
CA LYS A 1107 1.15 -38.37 108.12
C LYS A 1107 0.04 -38.06 107.12
N VAL A 1108 -0.06 -36.80 106.71
CA VAL A 1108 -0.98 -36.39 105.68
C VAL A 1108 -0.19 -35.83 104.51
N MET A 1109 -0.46 -36.33 103.30
CA MET A 1109 0.17 -35.84 102.08
C MET A 1109 -0.82 -35.00 101.29
N LEU A 1110 -0.41 -33.81 100.83
CA LEU A 1110 -1.22 -32.99 99.95
C LEU A 1110 -0.63 -33.06 98.55
N VAL A 1111 -1.48 -33.25 97.55
CA VAL A 1111 -1.06 -33.47 96.17
C VAL A 1111 -2.07 -32.83 95.25
N SER A 1112 -1.67 -32.55 94.00
CA SER A 1112 -2.57 -32.06 92.98
C SER A 1112 -2.20 -32.66 91.63
N GLY A 1113 -3.19 -33.23 90.93
CA GLY A 1113 -3.00 -33.70 89.58
C GLY A 1113 -2.76 -35.21 89.50
N LYS A 1114 -1.91 -35.62 88.56
CA LYS A 1114 -1.79 -37.02 88.15
C LYS A 1114 -0.88 -37.82 89.06
N LEU A 1115 -0.10 -37.16 89.92
CA LEU A 1115 0.84 -37.87 90.77
C LEU A 1115 0.07 -38.62 91.86
N TYR A 1116 -1.21 -38.32 92.03
CA TYR A 1116 -2.01 -39.03 93.02
C TYR A 1116 -2.00 -40.52 92.77
N TYR A 1117 -2.13 -40.90 91.49
CA TYR A 1117 -2.37 -42.27 91.12
C TYR A 1117 -1.11 -43.11 91.29
N GLU A 1118 0.06 -42.48 91.43
CA GLU A 1118 1.29 -43.19 91.72
C GLU A 1118 1.43 -43.41 93.21
N LEU A 1119 1.11 -42.39 94.00
CA LEU A 1119 1.24 -42.47 95.44
C LEU A 1119 0.24 -43.47 96.00
N ALA A 1120 -0.96 -43.51 95.43
CA ALA A 1120 -2.00 -44.41 95.89
C ALA A 1120 -1.63 -45.86 95.59
N LYS A 1121 -1.00 -46.06 94.43
CA LYS A 1121 -0.53 -47.37 93.99
C LYS A 1121 0.45 -47.93 95.00
N ARG A 1122 1.41 -47.09 95.42
CA ARG A 1122 2.48 -47.51 96.31
C ARG A 1122 1.92 -47.79 97.70
N LYS A 1123 0.96 -46.99 98.13
CA LYS A 1123 0.38 -47.13 99.45
C LYS A 1123 -0.29 -48.49 99.60
N GLU A 1124 -0.95 -48.94 98.52
CA GLU A 1124 -1.67 -50.21 98.53
C GLU A 1124 -0.69 -51.37 98.55
N LYS A 1125 0.41 -51.24 97.82
CA LYS A 1125 1.40 -52.29 97.69
C LYS A 1125 2.10 -52.54 99.02
N ASP A 1126 2.45 -51.47 99.74
CA ASP A 1126 3.26 -51.58 100.93
C ASP A 1126 2.39 -51.66 102.18
N GLY A 1127 1.07 -51.52 102.03
CA GLY A 1127 0.15 -51.71 103.13
C GLY A 1127 0.37 -50.71 104.27
N ARG A 1128 0.43 -49.43 103.92
CA ARG A 1128 0.62 -48.36 104.89
C ARG A 1128 -0.73 -47.85 105.34
N ASP A 1129 -1.01 -47.94 106.65
CA ASP A 1129 -2.26 -47.49 107.21
C ASP A 1129 -2.05 -46.27 108.08
N ASP A 1130 -0.85 -45.69 108.02
CA ASP A 1130 -0.52 -44.51 108.79
C ASP A 1130 -0.38 -43.29 107.88
N ILE A 1131 -0.81 -43.41 106.62
CA ILE A 1131 -0.73 -42.32 105.67
C ILE A 1131 -2.12 -42.05 105.11
N ALA A 1132 -2.38 -40.79 104.75
CA ALA A 1132 -3.61 -40.38 104.08
C ALA A 1132 -3.29 -39.37 102.99
N ILE A 1133 -3.69 -39.63 101.74
CA ILE A 1133 -3.41 -38.75 100.63
C ILE A 1133 -4.65 -37.90 100.34
N VAL A 1134 -4.48 -36.56 100.32
CA VAL A 1134 -5.55 -35.60 100.12
C VAL A 1134 -5.26 -34.77 98.87
N ARG A 1135 -6.27 -34.59 98.01
CA ARG A 1135 -6.11 -33.93 96.72
C ARG A 1135 -6.67 -32.52 96.79
N ILE A 1136 -6.01 -31.59 96.09
CA ILE A 1136 -6.49 -30.23 95.93
C ILE A 1136 -6.79 -30.00 94.46
N GLU A 1137 -8.03 -29.65 94.15
CA GLU A 1137 -8.51 -29.60 92.77
C GLU A 1137 -8.55 -28.15 92.30
N MET A 1138 -8.94 -27.23 93.19
CA MET A 1138 -8.95 -25.81 92.89
C MET A 1138 -7.76 -25.18 93.61
N LEU A 1139 -6.87 -24.54 92.84
CA LEU A 1139 -5.64 -23.99 93.38
C LEU A 1139 -5.84 -22.56 93.84
N HIS A 1140 -6.49 -21.74 93.02
CA HIS A 1140 -6.86 -20.39 93.40
C HIS A 1140 -8.32 -20.12 93.03
N PRO A 1141 -9.16 -19.55 93.91
CA PRO A 1141 -8.83 -19.26 95.31
C PRO A 1141 -8.59 -20.48 96.17
N ILE A 1142 -7.90 -20.28 97.30
CA ILE A 1142 -7.49 -21.36 98.16
C ILE A 1142 -8.70 -21.82 98.97
N PRO A 1143 -9.09 -23.11 98.92
CA PRO A 1143 -10.18 -23.61 99.74
C PRO A 1143 -9.68 -24.00 101.12
N PHE A 1144 -9.46 -23.01 101.97
CA PHE A 1144 -8.77 -23.23 103.22
C PHE A 1144 -9.72 -23.81 104.26
N ASN A 1145 -11.03 -23.60 104.11
CA ASN A 1145 -12.00 -24.14 105.04
C ASN A 1145 -12.09 -25.65 104.88
N ARG A 1146 -12.04 -26.13 103.62
CA ARG A 1146 -12.13 -27.55 103.34
C ARG A 1146 -10.83 -28.26 103.72
N ILE A 1147 -9.69 -27.61 103.49
CA ILE A 1147 -8.41 -28.19 103.84
C ILE A 1147 -8.34 -28.32 105.35
N SER A 1148 -8.87 -27.32 106.06
CA SER A 1148 -8.87 -27.34 107.51
C SER A 1148 -9.75 -28.47 108.04
N GLU A 1149 -10.89 -28.68 107.39
CA GLU A 1149 -11.85 -29.68 107.78
C GLU A 1149 -11.26 -31.08 107.58
N ALA A 1150 -10.52 -31.26 106.49
CA ALA A 1150 -9.90 -32.54 106.17
C ALA A 1150 -8.82 -32.89 107.17
N LEU A 1151 -7.96 -31.91 107.50
CA LEU A 1151 -6.88 -32.11 108.45
C LEU A 1151 -7.43 -32.39 109.84
N ALA A 1152 -8.59 -31.81 110.16
CA ALA A 1152 -9.18 -31.96 111.48
C ALA A 1152 -9.73 -33.37 111.68
N GLY A 1153 -9.98 -34.08 110.58
CA GLY A 1153 -10.50 -35.43 110.63
C GLY A 1153 -9.46 -36.46 111.04
N TYR A 1154 -8.18 -36.07 111.04
CA TYR A 1154 -7.10 -36.94 111.47
C TYR A 1154 -6.45 -36.34 112.71
N PRO A 1155 -6.93 -36.66 113.93
CA PRO A 1155 -6.50 -35.97 115.14
C PRO A 1155 -5.11 -36.30 115.68
N ASN A 1156 -4.50 -37.38 115.19
CA ASN A 1156 -3.22 -37.83 115.72
C ASN A 1156 -2.11 -37.58 114.70
N ALA A 1157 -2.33 -36.67 113.75
CA ALA A 1157 -1.36 -36.36 112.72
C ALA A 1157 -0.25 -35.50 113.30
N GLU A 1158 0.99 -35.75 112.86
CA GLU A 1158 2.16 -35.07 113.37
C GLU A 1158 2.85 -34.28 112.29
N GLU A 1159 2.76 -34.74 111.03
CA GLU A 1159 3.44 -34.12 109.91
C GLU A 1159 2.45 -33.81 108.79
N VAL A 1160 2.81 -32.83 107.96
CA VAL A 1160 2.10 -32.57 106.72
C VAL A 1160 3.16 -32.41 105.62
N LEU A 1161 3.00 -33.17 104.54
CA LEU A 1161 3.91 -33.17 103.42
C LEU A 1161 3.22 -32.60 102.19
N PHE A 1162 3.90 -31.71 101.46
CA PHE A 1162 3.41 -31.20 100.20
C PHE A 1162 4.23 -31.84 99.10
N VAL A 1163 3.59 -32.60 98.21
CA VAL A 1163 4.30 -33.41 97.23
C VAL A 1163 3.94 -32.92 95.83
N GLN A 1164 4.94 -32.60 95.02
CA GLN A 1164 4.73 -32.22 93.65
C GLN A 1164 5.82 -32.79 92.76
N ASP A 1165 5.55 -32.85 91.45
CA ASP A 1165 6.48 -33.37 90.47
C ASP A 1165 7.45 -32.28 89.99
N GLU A 1166 7.02 -31.02 90.03
CA GLU A 1166 7.78 -29.96 89.40
C GLU A 1166 8.99 -29.63 90.24
N PRO A 1167 10.05 -29.00 89.67
CA PRO A 1167 11.15 -28.45 90.46
C PRO A 1167 10.70 -27.50 91.57
N ALA A 1168 11.60 -27.22 92.51
CA ALA A 1168 11.23 -26.54 93.74
C ALA A 1168 10.90 -25.08 93.50
N ASN A 1169 11.37 -24.50 92.39
CA ASN A 1169 11.10 -23.11 92.08
C ASN A 1169 9.96 -22.99 91.08
N GLN A 1170 9.23 -24.09 90.86
CA GLN A 1170 8.13 -24.13 89.92
C GLN A 1170 6.97 -24.87 90.56
N GLY A 1171 5.82 -24.92 89.88
CA GLY A 1171 4.65 -25.61 90.38
C GLY A 1171 3.93 -24.80 91.44
N PRO A 1172 2.94 -25.36 92.16
CA PRO A 1172 2.22 -24.64 93.19
C PRO A 1172 2.84 -24.42 94.57
N TRP A 1173 4.07 -24.89 94.79
CA TRP A 1173 4.67 -24.84 96.12
C TRP A 1173 4.94 -23.40 96.55
N PRO A 1174 5.59 -22.55 95.73
CA PRO A 1174 5.89 -21.19 96.14
C PRO A 1174 4.69 -20.39 96.64
N PHE A 1175 3.55 -20.56 95.97
CA PHE A 1175 2.32 -19.87 96.32
C PHE A 1175 1.80 -20.37 97.66
N TYR A 1176 1.82 -21.69 97.86
CA TYR A 1176 1.16 -22.31 99.00
C TYR A 1176 1.99 -22.15 100.26
N GLN A 1177 3.32 -22.17 100.16
CA GLN A 1177 4.17 -22.07 101.34
C GLN A 1177 4.08 -20.67 101.94
N GLU A 1178 3.69 -19.69 101.11
CA GLU A 1178 3.55 -18.31 101.56
C GLU A 1178 2.21 -18.11 102.23
N HIS A 1179 1.12 -18.61 101.62
CA HIS A 1179 -0.22 -18.19 101.95
C HIS A 1179 -0.93 -19.11 102.94
N LEU A 1180 -0.63 -20.42 102.91
CA LEU A 1180 -1.48 -21.38 103.60
C LEU A 1180 -1.26 -21.35 105.11
N PRO A 1181 -0.02 -21.23 105.62
CA PRO A 1181 0.19 -21.13 107.07
C PRO A 1181 -0.54 -20.00 107.79
N GLU A 1182 -0.77 -18.88 107.10
CA GLU A 1182 -1.49 -17.76 107.66
C GLU A 1182 -2.97 -18.10 107.80
N LEU A 1183 -3.53 -18.81 106.81
CA LEU A 1183 -4.96 -19.08 106.74
C LEU A 1183 -5.35 -20.22 107.67
N ILE A 1184 -4.42 -21.14 107.96
CA ILE A 1184 -4.68 -22.23 108.90
C ILE A 1184 -3.61 -22.18 109.98
N PRO A 1185 -3.81 -21.37 111.05
CA PRO A 1185 -2.80 -21.19 112.09
C PRO A 1185 -2.35 -22.41 112.89
N ASN A 1186 -3.24 -23.39 113.06
CA ASN A 1186 -2.99 -24.51 113.95
C ASN A 1186 -2.34 -25.69 113.22
N MET A 1187 -2.04 -25.52 111.93
CA MET A 1187 -1.52 -26.61 111.11
C MET A 1187 -0.05 -26.83 111.45
N PRO A 1188 0.46 -28.08 111.47
CA PRO A 1188 1.89 -28.34 111.62
C PRO A 1188 2.72 -27.74 110.50
N LYS A 1189 4.04 -27.65 110.70
CA LYS A 1189 4.90 -27.07 109.69
C LYS A 1189 4.95 -28.00 108.48
N MET A 1190 4.83 -27.42 107.28
CA MET A 1190 4.81 -28.21 106.06
C MET A 1190 6.23 -28.56 105.67
N ARG A 1191 6.38 -29.63 104.88
CA ARG A 1191 7.65 -30.10 104.40
C ARG A 1191 7.53 -30.44 102.92
N ARG A 1192 8.40 -29.88 102.10
CA ARG A 1192 8.33 -30.05 100.66
C ARG A 1192 8.93 -31.40 100.27
N VAL A 1193 8.35 -32.03 99.25
CA VAL A 1193 8.95 -33.18 98.60
C VAL A 1193 8.77 -32.99 97.10
N SER A 1194 9.85 -32.69 96.39
CA SER A 1194 9.79 -32.39 94.97
C SER A 1194 11.14 -32.65 94.30
N ARG A 1195 11.23 -32.31 93.01
CA ARG A 1195 12.50 -32.30 92.31
C ARG A 1195 13.29 -31.06 92.73
N ARG A 1196 14.61 -31.08 92.49
CA ARG A 1196 15.48 -29.96 92.82
C ARG A 1196 15.19 -28.78 91.89
N ALA A 1197 15.58 -27.58 92.32
CA ALA A 1197 15.41 -26.37 91.53
C ALA A 1197 16.29 -26.41 90.29
N GLN A 1198 15.78 -25.89 89.17
CA GLN A 1198 16.46 -25.99 87.90
C GLN A 1198 16.29 -24.71 87.09
N SER A 1199 17.21 -24.48 86.16
CA SER A 1199 17.14 -23.36 85.24
C SER A 1199 16.16 -23.66 84.11
N SER A 1200 16.15 -24.91 83.65
CA SER A 1200 15.19 -25.35 82.64
C SER A 1200 13.99 -26.00 83.33
N THR A 1201 13.02 -26.43 82.53
CA THR A 1201 11.78 -26.99 83.01
C THR A 1201 11.97 -28.44 83.44
N ALA A 1202 12.67 -29.23 82.62
CA ALA A 1202 12.84 -30.66 82.87
C ALA A 1202 14.06 -31.19 82.13
N THR A 1203 14.43 -32.43 82.42
CA THR A 1203 15.57 -33.08 81.80
C THR A 1203 15.26 -33.45 80.36
N GLY A 1204 16.31 -33.73 79.59
CA GLY A 1204 16.16 -34.10 78.19
C GLY A 1204 16.38 -35.60 77.97
N VAL A 1205 16.89 -36.30 78.99
CA VAL A 1205 17.13 -37.73 78.92
C VAL A 1205 16.00 -38.46 79.61
N ALA A 1206 15.54 -39.58 79.02
CA ALA A 1206 14.38 -40.28 79.51
C ALA A 1206 14.72 -41.21 80.67
N LYS A 1207 15.92 -41.79 80.67
CA LYS A 1207 16.34 -42.67 81.75
C LYS A 1207 16.50 -41.88 83.04
N VAL A 1208 16.95 -40.63 82.95
CA VAL A 1208 17.13 -39.79 84.12
C VAL A 1208 15.77 -39.43 84.70
N HIS A 1209 14.77 -39.25 83.84
CA HIS A 1209 13.43 -38.93 84.30
C HIS A 1209 12.88 -40.05 85.17
N GLN A 1210 13.11 -41.29 84.75
CA GLN A 1210 12.60 -42.44 85.47
C GLN A 1210 13.29 -42.57 86.82
N LEU A 1211 14.60 -42.27 86.86
CA LEU A 1211 15.37 -42.36 88.07
C LEU A 1211 14.91 -41.32 89.09
N GLU A 1212 14.58 -40.13 88.60
CA GLU A 1212 14.14 -39.02 89.44
C GLU A 1212 12.80 -39.34 90.10
N GLU A 1213 11.89 -39.96 89.34
CA GLU A 1213 10.55 -40.24 89.82
C GLU A 1213 10.60 -41.27 90.94
N LYS A 1214 11.48 -42.26 90.80
CA LYS A 1214 11.64 -43.29 91.81
C LYS A 1214 12.15 -42.67 93.11
N GLN A 1215 13.14 -41.79 92.98
CA GLN A 1215 13.78 -41.13 94.11
C GLN A 1215 12.76 -40.28 94.87
N LEU A 1216 11.82 -39.67 94.14
CA LEU A 1216 10.84 -38.76 94.69
C LEU A 1216 9.83 -39.52 95.55
N ILE A 1217 9.30 -40.62 95.01
CA ILE A 1217 8.28 -41.39 95.71
C ILE A 1217 8.89 -42.09 96.90
N ASP A 1218 10.17 -42.46 96.83
CA ASP A 1218 10.84 -43.09 97.94
C ASP A 1218 10.98 -42.13 99.10
N GLU A 1219 11.27 -40.86 98.78
CA GLU A 1219 11.48 -39.83 99.79
C GLU A 1219 10.16 -39.53 100.51
N ALA A 1220 9.04 -39.65 99.81
CA ALA A 1220 7.73 -39.36 100.36
C ALA A 1220 7.34 -40.39 101.42
N PHE A 1221 7.73 -41.65 101.20
CA PHE A 1221 7.40 -42.74 102.10
C PHE A 1221 8.58 -43.05 103.01
N GLU A 1222 9.25 -42.00 103.49
CA GLU A 1222 10.40 -42.10 104.38
C GLU A 1222 11.53 -42.85 103.68
N PRO B 104 0.96 -65.91 -19.09
CA PRO B 104 -0.18 -65.96 -20.01
C PRO B 104 -0.94 -67.28 -19.93
N GLY B 105 -2.27 -67.22 -20.08
CA GLY B 105 -3.11 -68.40 -20.12
C GLY B 105 -4.12 -68.42 -18.97
N GLN B 106 -4.62 -69.62 -18.67
CA GLN B 106 -5.65 -69.82 -17.66
C GLN B 106 -5.05 -70.57 -16.49
N THR B 107 -5.52 -70.28 -15.27
CA THR B 107 -5.02 -70.96 -14.09
C THR B 107 -6.07 -70.93 -12.99
N PRO B 108 -6.45 -72.11 -12.42
CA PRO B 108 -7.40 -72.16 -11.31
C PRO B 108 -7.01 -71.37 -10.06
N ILE B 109 -8.03 -70.83 -9.39
CA ILE B 109 -7.86 -70.06 -8.18
C ILE B 109 -7.87 -71.04 -7.01
N ARG B 110 -6.86 -70.92 -6.14
CA ARG B 110 -6.72 -71.84 -5.02
C ARG B 110 -6.36 -71.05 -3.75
N GLY B 111 -6.81 -71.55 -2.61
CA GLY B 111 -6.30 -71.09 -1.32
C GLY B 111 -7.19 -70.01 -0.72
N ILE B 112 -6.54 -68.98 -0.16
CA ILE B 112 -7.23 -67.84 0.43
C ILE B 112 -7.93 -67.04 -0.66
N PHE B 113 -7.38 -67.06 -1.87
CA PHE B 113 -7.92 -66.32 -2.98
C PHE B 113 -9.26 -66.90 -3.41
N LYS B 114 -9.42 -68.21 -3.27
CA LYS B 114 -10.66 -68.86 -3.61
C LYS B 114 -11.74 -68.46 -2.61
N SER B 115 -11.35 -68.27 -1.35
CA SER B 115 -12.30 -67.86 -0.32
C SER B 115 -12.77 -66.43 -0.57
N ILE B 116 -11.86 -65.56 -1.00
CA ILE B 116 -12.18 -64.17 -1.27
C ILE B 116 -13.16 -64.11 -2.44
N ALA B 117 -12.96 -64.96 -3.45
CA ALA B 117 -13.80 -64.97 -4.63
C ALA B 117 -15.22 -65.41 -4.28
N LYS B 118 -15.34 -66.41 -3.39
CA LYS B 118 -16.63 -66.99 -3.06
C LYS B 118 -17.48 -65.99 -2.29
N ASN B 119 -16.85 -65.26 -1.37
CA ASN B 119 -17.55 -64.34 -0.50
C ASN B 119 -18.05 -63.13 -1.29
N MET B 120 -17.28 -62.70 -2.28
CA MET B 120 -17.66 -61.57 -3.11
C MET B 120 -18.88 -61.93 -3.96
N ASP B 121 -18.99 -63.21 -4.34
CA ASP B 121 -20.13 -63.69 -5.09
C ASP B 121 -21.37 -63.75 -4.21
N ILE B 122 -21.19 -64.13 -2.95
CA ILE B 122 -22.30 -64.20 -2.01
C ILE B 122 -22.86 -62.80 -1.77
N SER B 123 -21.99 -61.79 -1.80
CA SER B 123 -22.36 -60.44 -1.43
C SER B 123 -23.24 -59.76 -2.48
N LEU B 124 -23.50 -60.44 -3.60
CA LEU B 124 -24.35 -59.89 -4.65
C LEU B 124 -25.81 -59.87 -4.23
N GLU B 125 -26.14 -60.42 -3.05
CA GLU B 125 -27.52 -60.50 -2.63
C GLU B 125 -27.81 -59.48 -1.52
N ILE B 126 -27.02 -58.39 -1.45
CA ILE B 126 -27.26 -57.33 -0.49
C ILE B 126 -27.53 -56.03 -1.24
N PRO B 127 -28.72 -55.40 -1.12
CA PRO B 127 -28.97 -54.08 -1.68
C PRO B 127 -28.30 -52.96 -0.88
N THR B 128 -27.47 -52.15 -1.54
CA THR B 128 -26.63 -51.19 -0.83
C THR B 128 -26.80 -49.79 -1.39
N ALA B 129 -26.59 -48.79 -0.53
CA ALA B 129 -26.50 -47.39 -0.92
C ALA B 129 -25.34 -46.74 -0.19
N THR B 130 -24.92 -45.55 -0.68
CA THR B 130 -23.74 -44.89 -0.15
C THR B 130 -24.03 -43.41 0.11
N SER B 131 -23.39 -42.87 1.15
CA SER B 131 -23.41 -41.45 1.48
C SER B 131 -21.97 -40.93 1.59
N VAL B 132 -21.76 -39.67 1.20
CA VAL B 132 -20.43 -39.08 1.18
C VAL B 132 -20.48 -37.72 1.87
N ARG B 133 -19.48 -37.41 2.72
CA ARG B 133 -19.39 -36.13 3.40
C ARG B 133 -17.93 -35.72 3.59
N ASP B 134 -17.64 -34.43 3.45
CA ASP B 134 -16.32 -33.87 3.62
C ASP B 134 -16.28 -33.01 4.89
N MET B 135 -15.15 -33.06 5.60
CA MET B 135 -15.05 -32.53 6.95
C MET B 135 -13.73 -31.77 7.11
N PRO B 136 -13.70 -30.63 7.83
CA PRO B 136 -12.45 -29.95 8.16
C PRO B 136 -11.51 -30.80 9.01
N ALA B 137 -10.20 -30.64 8.83
CA ALA B 137 -9.24 -31.51 9.48
C ALA B 137 -8.10 -30.75 10.17
N ARG B 138 -8.26 -29.44 10.38
CA ARG B 138 -7.18 -28.63 10.92
C ARG B 138 -6.98 -28.94 12.40
N LEU B 139 -8.09 -29.03 13.15
CA LEU B 139 -8.01 -29.20 14.58
C LEU B 139 -7.42 -30.57 14.92
N MET B 140 -7.59 -31.54 14.03
CA MET B 140 -6.99 -32.85 14.22
C MET B 140 -5.48 -32.73 14.20
N PHE B 141 -4.94 -32.05 13.19
CA PHE B 141 -3.51 -31.92 13.04
C PHE B 141 -2.90 -31.25 14.27
N GLU B 142 -3.56 -30.22 14.77
CA GLU B 142 -3.05 -29.43 15.88
C GLU B 142 -3.02 -30.26 17.16
N ASN B 143 -4.15 -30.87 17.50
CA ASN B 143 -4.30 -31.52 18.78
C ASN B 143 -3.51 -32.83 18.79
N ARG B 144 -3.34 -33.47 17.64
CA ARG B 144 -2.56 -34.69 17.57
C ARG B 144 -1.11 -34.38 17.89
N ALA B 145 -0.63 -33.22 17.43
CA ALA B 145 0.74 -32.81 17.68
C ALA B 145 0.96 -32.58 19.16
N MET B 146 -0.04 -31.98 19.83
CA MET B 146 0.07 -31.70 21.25
C MET B 146 0.17 -32.99 22.04
N VAL B 147 -0.53 -34.05 21.62
CA VAL B 147 -0.51 -35.30 22.32
C VAL B 147 0.82 -36.00 22.11
N ASN B 148 1.38 -35.92 20.91
CA ASN B 148 2.60 -36.64 20.60
C ASN B 148 3.79 -35.97 21.26
N ASP B 149 3.70 -34.68 21.59
CA ASP B 149 4.75 -34.00 22.32
C ASP B 149 4.83 -34.52 23.76
N GLN B 150 3.67 -34.78 24.37
CA GLN B 150 3.61 -35.29 25.72
C GLN B 150 4.20 -36.70 25.79
N LEU B 151 3.90 -37.53 24.79
CA LEU B 151 4.37 -38.90 24.79
C LEU B 151 5.89 -38.94 24.60
N LYS B 152 6.44 -37.98 23.86
CA LYS B 152 7.85 -37.99 23.56
C LYS B 152 8.67 -37.73 24.82
N ARG B 153 8.20 -36.83 25.69
CA ARG B 153 8.92 -36.50 26.89
C ARG B 153 8.84 -37.65 27.90
N THR B 154 7.73 -38.40 27.86
CA THR B 154 7.49 -39.51 28.77
C THR B 154 7.96 -40.83 28.15
N ARG B 155 8.68 -40.74 27.02
CA ARG B 155 9.22 -41.90 26.33
C ARG B 155 8.14 -42.94 26.09
N GLY B 156 6.97 -42.48 25.62
CA GLY B 156 5.93 -43.36 25.12
C GLY B 156 6.04 -43.53 23.61
N GLY B 157 4.91 -43.78 22.96
CA GLY B 157 4.88 -44.04 21.53
C GLY B 157 4.39 -42.85 20.71
N LYS B 158 3.35 -43.08 19.89
CA LYS B 158 2.90 -42.12 18.88
C LYS B 158 1.51 -42.55 18.41
N ILE B 159 0.55 -41.63 18.39
CA ILE B 159 -0.79 -41.95 17.91
C ILE B 159 -0.94 -41.48 16.47
N SER B 160 -1.92 -42.07 15.76
CA SER B 160 -2.15 -41.84 14.34
C SER B 160 -3.57 -41.32 14.13
N PHE B 161 -3.88 -40.95 12.88
CA PHE B 161 -5.17 -40.39 12.54
C PHE B 161 -6.24 -41.49 12.57
N THR B 162 -5.86 -42.73 12.27
CA THR B 162 -6.80 -43.83 12.26
C THR B 162 -7.30 -44.11 13.67
N HIS B 163 -6.43 -43.95 14.67
CA HIS B 163 -6.81 -44.12 16.06
C HIS B 163 -7.92 -43.14 16.43
N ILE B 164 -7.76 -41.88 16.04
CA ILE B 164 -8.66 -40.82 16.45
C ILE B 164 -10.00 -40.99 15.74
N ILE B 165 -9.97 -41.29 14.45
CA ILE B 165 -11.19 -41.42 13.66
C ILE B 165 -11.92 -42.69 14.09
N GLY B 166 -11.15 -43.72 14.45
CA GLY B 166 -11.71 -44.96 14.96
C GLY B 166 -12.52 -44.74 16.23
N TYR B 167 -11.97 -43.97 17.17
CA TYR B 167 -12.62 -43.75 18.45
C TYR B 167 -13.88 -42.92 18.22
N ALA B 168 -13.81 -41.95 17.30
CA ALA B 168 -14.95 -41.10 16.99
C ALA B 168 -16.09 -41.91 16.40
N MET B 169 -15.72 -42.89 15.57
CA MET B 169 -16.70 -43.75 14.91
C MET B 169 -17.45 -44.56 15.95
N VAL B 170 -16.75 -45.05 16.97
CA VAL B 170 -17.34 -45.83 18.03
C VAL B 170 -18.38 -44.99 18.79
N LYS B 171 -18.01 -43.77 19.14
CA LYS B 171 -18.89 -42.87 19.88
C LYS B 171 -20.14 -42.58 19.07
N ALA B 172 -19.99 -42.50 17.74
CA ALA B 172 -21.09 -42.17 16.85
C ALA B 172 -22.07 -43.33 16.74
N VAL B 173 -21.54 -44.57 16.74
CA VAL B 173 -22.38 -45.76 16.64
C VAL B 173 -23.21 -45.90 17.91
N MET B 174 -22.68 -45.46 19.05
CA MET B 174 -23.42 -45.49 20.29
C MET B 174 -24.57 -44.50 20.24
N ALA B 175 -24.34 -43.34 19.61
CA ALA B 175 -25.35 -42.31 19.51
C ALA B 175 -26.46 -42.71 18.55
N HIS B 176 -26.12 -43.55 17.56
CA HIS B 176 -27.06 -43.99 16.55
C HIS B 176 -26.98 -45.50 16.43
N PRO B 177 -27.60 -46.27 17.36
CA PRO B 177 -27.45 -47.72 17.43
C PRO B 177 -27.93 -48.56 16.25
N ASP B 178 -28.79 -47.99 15.40
CA ASP B 178 -29.33 -48.70 14.26
C ASP B 178 -28.24 -49.08 13.26
N MET B 179 -27.08 -48.40 13.33
CA MET B 179 -26.02 -48.63 12.38
C MET B 179 -25.31 -49.95 12.68
N ASN B 180 -25.69 -50.63 13.77
CA ASN B 180 -24.99 -51.84 14.20
C ASN B 180 -25.81 -53.10 13.87
N ASN B 181 -27.02 -52.93 13.34
CA ASN B 181 -27.92 -54.03 13.11
C ASN B 181 -27.61 -54.70 11.77
N SER B 182 -28.21 -55.88 11.53
CA SER B 182 -28.01 -56.63 10.30
C SER B 182 -29.26 -57.43 9.95
N TYR B 183 -29.23 -58.14 8.81
CA TYR B 183 -30.40 -58.84 8.27
C TYR B 183 -30.07 -60.31 8.06
N ASP B 184 -31.08 -61.17 8.22
CA ASP B 184 -30.94 -62.59 7.94
C ASP B 184 -32.32 -63.20 7.76
N VAL B 185 -32.38 -64.34 7.04
CA VAL B 185 -33.62 -65.09 6.90
C VAL B 185 -33.54 -66.38 7.69
N ILE B 186 -34.38 -66.50 8.72
CA ILE B 186 -34.32 -67.56 9.70
C ILE B 186 -35.67 -68.25 9.77
N ASP B 187 -35.68 -69.56 9.49
CA ASP B 187 -36.91 -70.32 9.41
C ASP B 187 -37.74 -69.78 8.25
N GLY B 188 -37.07 -69.22 7.26
CA GLY B 188 -37.77 -68.72 6.08
C GLY B 188 -38.60 -67.47 6.35
N LYS B 189 -38.28 -66.73 7.41
CA LYS B 189 -38.88 -65.44 7.64
C LYS B 189 -37.80 -64.38 7.71
N PRO B 190 -38.00 -63.16 7.16
CA PRO B 190 -37.11 -62.03 7.42
C PRO B 190 -36.96 -61.64 8.89
N THR B 191 -35.75 -61.24 9.28
CA THR B 191 -35.40 -61.04 10.68
C THR B 191 -34.37 -59.92 10.84
N LEU B 192 -34.53 -59.12 11.89
CA LEU B 192 -33.57 -58.10 12.26
C LEU B 192 -32.73 -58.62 13.40
N ILE B 193 -31.42 -58.38 13.35
CA ILE B 193 -30.48 -58.89 14.33
C ILE B 193 -29.83 -57.72 15.07
N VAL B 194 -29.98 -57.71 16.40
CA VAL B 194 -29.47 -56.64 17.26
C VAL B 194 -28.40 -57.21 18.16
N PRO B 195 -27.09 -57.01 17.89
CA PRO B 195 -26.04 -57.63 18.70
C PRO B 195 -25.90 -57.06 20.11
N GLU B 196 -25.07 -57.73 20.91
CA GLU B 196 -24.82 -57.36 22.30
C GLU B 196 -23.72 -56.31 22.38
N HIS B 197 -22.71 -56.41 21.51
CA HIS B 197 -21.53 -55.57 21.58
C HIS B 197 -21.25 -54.90 20.25
N ILE B 198 -20.39 -53.87 20.28
CA ILE B 198 -19.82 -53.26 19.10
C ILE B 198 -18.42 -53.81 18.89
N ASN B 199 -18.27 -54.70 17.91
CA ASN B 199 -16.97 -55.27 17.56
C ASN B 199 -16.49 -54.63 16.26
N LEU B 200 -15.33 -53.96 16.31
CA LEU B 200 -14.87 -53.13 15.22
C LEU B 200 -13.81 -53.88 14.43
N GLY B 201 -14.07 -54.10 13.14
CA GLY B 201 -13.14 -54.80 12.26
C GLY B 201 -12.16 -53.85 11.60
N LEU B 202 -10.87 -54.18 11.66
CA LEU B 202 -9.81 -53.43 11.00
C LEU B 202 -9.35 -54.18 9.77
N ALA B 203 -9.23 -53.48 8.65
CA ALA B 203 -8.68 -54.05 7.43
C ALA B 203 -7.16 -53.97 7.47
N ILE B 204 -6.50 -55.10 7.81
CA ILE B 204 -5.05 -55.16 7.87
C ILE B 204 -4.52 -55.80 6.59
N ASP B 205 -3.76 -55.01 5.82
CA ASP B 205 -3.05 -55.49 4.65
C ASP B 205 -1.73 -56.09 5.11
N LEU B 206 -1.61 -57.42 5.04
CA LEU B 206 -0.40 -58.12 5.47
C LEU B 206 0.14 -58.97 4.32
N PRO B 207 1.40 -58.75 3.89
CA PRO B 207 2.09 -59.68 2.98
C PRO B 207 2.31 -61.06 3.59
N GLN B 208 2.36 -62.08 2.73
CA GLN B 208 2.46 -63.47 3.15
C GLN B 208 3.86 -63.99 2.82
N LYS B 209 4.10 -65.26 3.15
CA LYS B 209 5.40 -65.90 2.95
C LYS B 209 5.77 -65.95 1.47
N ASP B 210 4.75 -66.18 0.62
CA ASP B 210 4.94 -66.32 -0.82
C ASP B 210 5.45 -65.02 -1.41
N GLY B 211 4.86 -63.90 -0.99
CA GLY B 211 5.16 -62.58 -1.54
C GLY B 211 3.94 -61.95 -2.21
N SER B 212 2.74 -62.37 -1.82
CA SER B 212 1.50 -61.81 -2.30
C SER B 212 0.72 -61.19 -1.14
N ARG B 213 0.22 -59.97 -1.35
CA ARG B 213 -0.57 -59.27 -0.35
C ARG B 213 -1.97 -59.87 -0.29
N ALA B 214 -2.46 -60.08 0.94
CA ALA B 214 -3.78 -60.63 1.16
C ALA B 214 -4.33 -60.08 2.49
N LEU B 215 -5.60 -59.66 2.48
CA LEU B 215 -6.18 -58.96 3.61
C LEU B 215 -7.19 -59.87 4.30
N VAL B 216 -7.19 -59.81 5.64
CA VAL B 216 -8.19 -60.44 6.48
C VAL B 216 -8.58 -59.43 7.55
N VAL B 217 -9.86 -59.44 7.95
CA VAL B 217 -10.37 -58.46 8.89
C VAL B 217 -10.36 -59.06 10.29
N ALA B 218 -9.60 -58.44 11.20
CA ALA B 218 -9.54 -58.81 12.60
C ALA B 218 -10.41 -57.85 13.41
N ALA B 219 -10.82 -58.27 14.61
CA ALA B 219 -11.80 -57.55 15.40
C ALA B 219 -11.22 -57.05 16.71
N ILE B 220 -11.61 -55.84 17.10
CA ILE B 220 -11.46 -55.33 18.46
C ILE B 220 -12.82 -55.48 19.13
N LYS B 221 -12.88 -56.23 20.24
CA LYS B 221 -14.15 -56.66 20.79
C LYS B 221 -14.53 -55.84 22.02
N GLU B 222 -15.85 -55.67 22.21
CA GLU B 222 -16.42 -55.02 23.37
C GLU B 222 -15.86 -53.61 23.52
N THR B 223 -16.17 -52.77 22.52
CA THR B 223 -15.54 -51.47 22.37
C THR B 223 -16.37 -50.39 23.06
N GLU B 224 -17.64 -50.70 23.36
CA GLU B 224 -18.55 -49.70 23.87
C GLU B 224 -18.38 -49.50 25.37
N LYS B 225 -17.39 -50.19 25.97
CA LYS B 225 -17.06 -50.02 27.37
C LYS B 225 -15.57 -49.74 27.49
N MET B 226 -15.08 -48.79 26.69
CA MET B 226 -13.67 -48.43 26.65
C MET B 226 -13.53 -46.91 26.64
N ASN B 227 -12.44 -46.41 27.24
CA ASN B 227 -12.01 -45.03 27.05
C ASN B 227 -10.85 -45.02 26.07
N PHE B 228 -10.30 -43.85 25.77
CA PHE B 228 -9.34 -43.73 24.67
C PHE B 228 -8.08 -44.53 24.99
N SER B 229 -7.69 -44.58 26.27
CA SER B 229 -6.48 -45.28 26.67
C SER B 229 -6.63 -46.78 26.41
N GLU B 230 -7.79 -47.32 26.82
CA GLU B 230 -8.09 -48.72 26.64
C GLU B 230 -8.17 -49.05 25.15
N PHE B 231 -8.81 -48.16 24.37
CA PHE B 231 -9.00 -48.36 22.95
C PHE B 231 -7.66 -48.47 22.25
N LEU B 232 -6.72 -47.59 22.61
CA LEU B 232 -5.44 -47.52 21.94
C LEU B 232 -4.66 -48.81 22.20
N ALA B 233 -4.79 -49.35 23.41
CA ALA B 233 -4.10 -50.55 23.81
C ALA B 233 -4.59 -51.75 23.00
N ALA B 234 -5.90 -51.87 22.89
CA ALA B 234 -6.53 -52.97 22.15
C ALA B 234 -6.12 -52.93 20.69
N TYR B 235 -6.12 -51.73 20.10
CA TYR B 235 -5.78 -51.53 18.70
C TYR B 235 -4.37 -52.05 18.46
N GLU B 236 -3.43 -51.61 19.29
CA GLU B 236 -2.02 -51.93 19.11
C GLU B 236 -1.77 -53.41 19.39
N ASP B 237 -2.60 -54.01 20.23
CA ASP B 237 -2.50 -55.43 20.54
C ASP B 237 -2.74 -56.25 19.27
N ILE B 238 -3.83 -55.96 18.55
CA ILE B 238 -4.20 -56.70 17.36
C ILE B 238 -3.09 -56.55 16.31
N VAL B 239 -2.61 -55.33 16.14
CA VAL B 239 -1.62 -55.03 15.11
C VAL B 239 -0.33 -55.79 15.42
N ALA B 240 0.06 -55.78 16.70
CA ALA B 240 1.33 -56.35 17.13
C ALA B 240 1.34 -57.86 16.89
N ARG B 241 0.25 -58.53 17.27
CA ARG B 241 0.17 -59.98 17.16
C ARG B 241 0.09 -60.40 15.70
N SER B 242 -0.39 -59.52 14.83
CA SER B 242 -0.55 -59.85 13.42
C SER B 242 0.82 -59.97 12.76
N ARG B 243 1.77 -59.13 13.18
CA ARG B 243 3.10 -59.11 12.57
C ARG B 243 3.91 -60.31 13.03
N LYS B 244 3.67 -60.76 14.27
CA LYS B 244 4.37 -61.91 14.83
C LYS B 244 3.68 -63.21 14.44
N GLY B 245 2.48 -63.12 13.88
CA GLY B 245 1.77 -64.29 13.40
C GLY B 245 1.17 -65.11 14.54
N LYS B 246 0.46 -64.44 15.45
CA LYS B 246 -0.06 -65.08 16.64
C LYS B 246 -1.53 -64.76 16.83
N LEU B 247 -2.29 -64.74 15.72
CA LEU B 247 -3.73 -64.51 15.77
C LEU B 247 -4.44 -65.85 15.72
N THR B 248 -5.45 -66.02 16.59
CA THR B 248 -6.25 -67.23 16.65
C THR B 248 -7.44 -67.11 15.71
N MET B 249 -8.31 -68.13 15.71
CA MET B 249 -9.47 -68.16 14.84
C MET B 249 -10.61 -67.37 15.47
N ASP B 250 -10.53 -67.11 16.78
CA ASP B 250 -11.55 -66.36 17.48
C ASP B 250 -11.48 -64.88 17.12
N ASP B 251 -10.30 -64.40 16.72
CA ASP B 251 -10.08 -63.00 16.42
C ASP B 251 -10.73 -62.60 15.08
N TYR B 252 -11.06 -63.60 14.25
CA TYR B 252 -11.65 -63.34 12.95
C TYR B 252 -13.15 -63.55 12.97
N GLN B 253 -13.80 -63.53 14.13
CA GLN B 253 -15.21 -63.82 14.20
C GLN B 253 -15.93 -62.78 15.05
N GLY B 254 -17.16 -62.46 14.63
CA GLY B 254 -18.06 -61.66 15.44
C GLY B 254 -18.03 -60.17 15.11
N VAL B 255 -17.55 -59.81 13.91
CA VAL B 255 -17.46 -58.41 13.51
C VAL B 255 -18.86 -57.88 13.25
N THR B 256 -19.13 -56.66 13.72
CA THR B 256 -20.44 -56.05 13.56
C THR B 256 -20.37 -54.81 12.68
N VAL B 257 -19.19 -54.17 12.57
CA VAL B 257 -19.03 -52.96 11.77
C VAL B 257 -17.55 -52.79 11.43
N SER B 258 -17.25 -52.30 10.23
CA SER B 258 -15.90 -52.32 9.68
C SER B 258 -15.39 -50.92 9.34
N LEU B 259 -14.07 -50.78 9.25
CA LEU B 259 -13.39 -49.55 8.91
C LEU B 259 -12.27 -49.83 7.91
N THR B 260 -12.18 -49.02 6.85
CA THR B 260 -11.17 -49.17 5.82
C THR B 260 -10.55 -47.82 5.52
N ASN B 261 -9.32 -47.82 5.02
CA ASN B 261 -8.55 -46.60 4.85
C ASN B 261 -7.87 -46.57 3.49
N PRO B 262 -8.61 -46.28 2.39
CA PRO B 262 -8.00 -46.06 1.08
C PRO B 262 -7.21 -44.75 0.91
N GLY B 263 -7.26 -43.87 1.92
CA GLY B 263 -6.59 -42.60 1.85
C GLY B 263 -5.08 -42.69 2.09
N GLY B 264 -4.62 -43.83 2.61
CA GLY B 264 -3.19 -44.07 2.82
C GLY B 264 -2.38 -43.87 1.54
N ILE B 265 -2.87 -44.45 0.44
CA ILE B 265 -2.21 -44.34 -0.86
C ILE B 265 -2.45 -42.95 -1.44
N GLY B 266 -3.62 -42.36 -1.17
CA GLY B 266 -3.93 -41.01 -1.64
C GLY B 266 -5.21 -40.94 -2.46
N THR B 267 -6.07 -41.97 -2.37
CA THR B 267 -7.37 -41.96 -3.02
C THR B 267 -8.26 -40.96 -2.30
N ARG B 268 -9.12 -40.25 -3.05
CA ARG B 268 -9.93 -39.18 -2.48
C ARG B 268 -11.14 -39.80 -1.79
N HIS B 269 -11.83 -40.73 -2.44
CA HIS B 269 -12.84 -41.54 -1.78
C HIS B 269 -13.13 -42.79 -2.61
N SER B 270 -13.89 -43.72 -2.02
CA SER B 270 -14.22 -44.98 -2.67
C SER B 270 -15.67 -45.37 -2.41
N VAL B 271 -16.15 -46.34 -3.20
CA VAL B 271 -17.44 -46.98 -2.98
C VAL B 271 -17.20 -48.47 -2.82
N PRO B 272 -16.98 -48.97 -1.58
CA PRO B 272 -16.66 -50.38 -1.34
C PRO B 272 -17.84 -51.36 -1.27
N ARG B 273 -17.53 -52.65 -1.21
CA ARG B 273 -18.51 -53.72 -1.07
C ARG B 273 -18.79 -54.00 0.41
N LEU B 274 -20.01 -54.44 0.70
CA LEU B 274 -20.42 -54.85 2.03
C LEU B 274 -20.52 -56.38 2.04
N THR B 275 -19.96 -57.00 3.08
CA THR B 275 -19.94 -58.44 3.21
C THR B 275 -21.09 -58.89 4.12
N LYS B 276 -21.51 -60.13 3.93
CA LYS B 276 -22.70 -60.66 4.59
C LYS B 276 -22.46 -60.77 6.10
N GLY B 277 -23.45 -60.36 6.89
CA GLY B 277 -23.39 -60.45 8.33
C GLY B 277 -23.17 -59.12 9.02
N GLN B 278 -23.09 -58.03 8.24
CA GLN B 278 -22.88 -56.69 8.77
C GLN B 278 -23.89 -55.74 8.16
N GLY B 279 -23.98 -54.53 8.73
CA GLY B 279 -24.94 -53.54 8.30
C GLY B 279 -24.29 -52.37 7.57
N THR B 280 -23.05 -52.01 7.94
CA THR B 280 -22.40 -50.86 7.35
C THR B 280 -20.89 -51.05 7.31
N ILE B 281 -20.24 -50.33 6.38
CA ILE B 281 -18.80 -50.21 6.31
C ILE B 281 -18.45 -48.74 6.08
N ILE B 282 -17.43 -48.25 6.80
CA ILE B 282 -17.03 -46.85 6.76
C ILE B 282 -15.65 -46.75 6.12
N GLY B 283 -15.47 -45.76 5.23
CA GLY B 283 -14.21 -45.55 4.55
C GLY B 283 -13.65 -44.14 4.78
N VAL B 284 -12.32 -44.06 4.93
CA VAL B 284 -11.62 -42.81 5.22
C VAL B 284 -10.70 -42.48 4.05
N GLY B 285 -10.87 -41.28 3.48
CA GLY B 285 -10.14 -40.87 2.30
C GLY B 285 -8.91 -40.03 2.63
N SER B 286 -8.35 -39.39 1.60
CA SER B 286 -7.08 -38.68 1.70
C SER B 286 -7.22 -37.41 2.53
N MET B 287 -6.19 -37.12 3.33
CA MET B 287 -6.12 -35.88 4.09
C MET B 287 -5.08 -34.98 3.43
N ASP B 288 -5.53 -34.15 2.50
CA ASP B 288 -4.66 -33.39 1.64
C ASP B 288 -5.42 -32.16 1.15
N TYR B 289 -4.69 -31.17 0.60
CA TYR B 289 -5.34 -30.05 -0.03
C TYR B 289 -6.05 -30.56 -1.27
N PRO B 290 -7.15 -29.93 -1.72
CA PRO B 290 -7.72 -30.21 -3.03
C PRO B 290 -6.71 -29.95 -4.15
N ALA B 291 -6.92 -30.57 -5.31
CA ALA B 291 -5.92 -30.61 -6.35
C ALA B 291 -5.80 -29.28 -7.09
N GLU B 292 -6.75 -28.35 -6.87
CA GLU B 292 -6.67 -27.03 -7.45
C GLU B 292 -5.78 -26.10 -6.62
N PHE B 293 -5.29 -26.58 -5.46
CA PHE B 293 -4.42 -25.78 -4.61
C PHE B 293 -3.04 -26.40 -4.48
N GLN B 294 -2.75 -27.47 -5.21
CA GLN B 294 -1.54 -28.24 -4.98
C GLN B 294 -0.30 -27.57 -5.56
N GLY B 295 -0.46 -26.44 -6.25
CA GLY B 295 0.67 -25.71 -6.79
C GLY B 295 0.82 -24.32 -6.20
N ALA B 296 -0.02 -23.97 -5.22
CA ALA B 296 0.00 -22.64 -4.63
C ALA B 296 1.09 -22.57 -3.58
N SER B 297 1.44 -21.34 -3.18
CA SER B 297 2.48 -21.11 -2.20
C SER B 297 1.91 -21.18 -0.79
N GLU B 298 2.77 -21.49 0.18
CA GLU B 298 2.35 -21.59 1.56
C GLU B 298 1.90 -20.23 2.07
N ASP B 299 2.62 -19.18 1.67
CA ASP B 299 2.35 -17.83 2.11
C ASP B 299 0.92 -17.43 1.72
N ARG B 300 0.55 -17.76 0.49
CA ARG B 300 -0.71 -17.30 -0.08
C ARG B 300 -1.88 -18.06 0.55
N LEU B 301 -1.70 -19.36 0.79
CA LEU B 301 -2.71 -20.18 1.40
C LEU B 301 -2.94 -19.72 2.84
N ALA B 302 -1.87 -19.35 3.53
CA ALA B 302 -1.95 -18.90 4.91
C ALA B 302 -2.73 -17.60 5.02
N GLU B 303 -2.60 -16.73 4.03
CA GLU B 303 -3.27 -15.45 4.03
C GLU B 303 -4.78 -15.65 3.91
N LEU B 304 -5.19 -16.55 3.01
CA LEU B 304 -6.58 -16.78 2.71
C LEU B 304 -7.24 -17.46 3.90
N GLY B 305 -6.58 -18.50 4.42
CA GLY B 305 -7.12 -19.28 5.51
C GLY B 305 -7.68 -20.62 5.04
N VAL B 306 -6.95 -21.29 4.15
CA VAL B 306 -7.39 -22.53 3.54
C VAL B 306 -6.91 -23.68 4.43
N GLY B 307 -7.81 -24.63 4.71
CA GLY B 307 -7.49 -25.79 5.52
C GLY B 307 -7.43 -27.06 4.69
N LYS B 308 -7.25 -28.19 5.38
CA LYS B 308 -7.24 -29.50 4.74
C LYS B 308 -8.54 -30.24 5.06
N LEU B 309 -8.86 -31.21 4.21
CA LEU B 309 -10.10 -31.96 4.23
C LEU B 309 -9.87 -33.36 4.79
N VAL B 310 -10.98 -34.06 5.02
CA VAL B 310 -11.03 -35.50 5.01
C VAL B 310 -12.43 -35.89 4.55
N THR B 311 -12.53 -36.86 3.63
CA THR B 311 -13.81 -37.33 3.11
C THR B 311 -14.11 -38.70 3.70
N ILE B 312 -15.34 -38.86 4.22
CA ILE B 312 -15.76 -40.10 4.85
C ILE B 312 -17.01 -40.61 4.17
N THR B 313 -17.08 -41.93 3.95
CA THR B 313 -18.19 -42.57 3.25
C THR B 313 -18.85 -43.61 4.14
N SER B 314 -20.11 -43.91 3.84
CA SER B 314 -20.91 -44.89 4.57
C SER B 314 -21.72 -45.73 3.58
N THR B 315 -21.44 -47.04 3.52
CA THR B 315 -22.14 -47.96 2.65
C THR B 315 -22.95 -48.93 3.51
N TYR B 316 -24.26 -48.99 3.29
CA TYR B 316 -25.18 -49.64 4.21
C TYR B 316 -26.20 -50.50 3.49
N ASP B 317 -26.75 -51.47 4.23
CA ASP B 317 -27.79 -52.38 3.75
C ASP B 317 -29.16 -51.74 3.91
N HIS B 318 -29.88 -51.61 2.81
CA HIS B 318 -31.03 -50.73 2.72
C HIS B 318 -32.30 -51.43 3.21
N ARG B 319 -32.21 -52.72 3.49
CA ARG B 319 -33.33 -53.48 4.03
C ARG B 319 -33.53 -53.19 5.52
N VAL B 320 -32.49 -52.69 6.22
CA VAL B 320 -32.56 -52.50 7.65
C VAL B 320 -32.10 -51.11 8.08
N ILE B 321 -31.41 -50.36 7.21
CA ILE B 321 -30.98 -49.00 7.53
C ILE B 321 -31.48 -48.07 6.45
N GLN B 322 -32.06 -46.93 6.87
CA GLN B 322 -32.58 -45.95 5.94
C GLN B 322 -31.58 -44.80 5.79
N GLY B 323 -31.80 -43.96 4.77
CA GLY B 323 -30.84 -42.94 4.38
C GLY B 323 -30.68 -41.85 5.43
N ALA B 324 -31.77 -41.48 6.09
CA ALA B 324 -31.76 -40.44 7.10
C ALA B 324 -30.84 -40.81 8.26
N VAL B 325 -30.84 -42.09 8.64
CA VAL B 325 -30.02 -42.55 9.74
C VAL B 325 -28.55 -42.46 9.36
N SER B 326 -28.21 -42.87 8.12
CA SER B 326 -26.84 -42.84 7.64
C SER B 326 -26.32 -41.41 7.59
N GLY B 327 -27.18 -40.47 7.20
CA GLY B 327 -26.82 -39.06 7.15
C GLY B 327 -26.54 -38.50 8.54
N GLU B 328 -27.39 -38.84 9.51
CA GLU B 328 -27.25 -38.36 10.87
C GLU B 328 -25.99 -38.92 11.51
N PHE B 329 -25.61 -40.14 11.13
CA PHE B 329 -24.40 -40.76 11.63
C PHE B 329 -23.19 -39.92 11.22
N LEU B 330 -23.12 -39.53 9.95
CA LEU B 330 -21.97 -38.79 9.44
C LEU B 330 -21.95 -37.38 10.00
N ARG B 331 -23.13 -36.80 10.28
CA ARG B 331 -23.19 -35.48 10.86
C ARG B 331 -22.62 -35.48 12.27
N THR B 332 -22.87 -36.56 13.02
CA THR B 332 -22.39 -36.68 14.38
C THR B 332 -20.87 -36.80 14.38
N MET B 333 -20.32 -37.57 13.43
CA MET B 333 -18.88 -37.75 13.36
C MET B 333 -18.19 -36.42 13.06
N SER B 334 -18.83 -35.61 12.21
CA SER B 334 -18.30 -34.33 11.83
C SER B 334 -18.24 -33.39 13.04
N ARG B 335 -19.27 -33.45 13.90
CA ARG B 335 -19.36 -32.59 15.06
C ARG B 335 -18.33 -32.98 16.11
N LEU B 336 -18.05 -34.28 16.27
CA LEU B 336 -17.17 -34.75 17.32
C LEU B 336 -15.73 -34.31 17.05
N LEU B 337 -15.32 -34.29 15.79
CA LEU B 337 -13.92 -34.02 15.46
C LEU B 337 -13.62 -32.53 15.57
N THR B 338 -14.60 -31.72 16.00
CA THR B 338 -14.40 -30.30 16.15
C THR B 338 -15.08 -29.83 17.43
N ASP B 339 -15.17 -30.72 18.43
CA ASP B 339 -15.96 -30.49 19.63
C ASP B 339 -15.03 -30.37 20.84
N ASP B 340 -15.40 -29.47 21.77
CA ASP B 340 -14.59 -29.19 22.95
C ASP B 340 -14.52 -30.43 23.83
N SER B 341 -15.69 -31.05 24.08
CA SER B 341 -15.81 -32.11 25.06
C SER B 341 -15.11 -33.38 24.59
N PHE B 342 -15.01 -33.57 23.28
CA PHE B 342 -14.41 -34.77 22.72
C PHE B 342 -12.92 -34.77 23.03
N TRP B 343 -12.26 -33.63 22.85
CA TRP B 343 -10.82 -33.52 22.99
C TRP B 343 -10.40 -33.45 24.45
N ASP B 344 -11.32 -33.04 25.33
CA ASP B 344 -11.06 -33.06 26.75
C ASP B 344 -10.90 -34.49 27.23
N GLU B 345 -11.72 -35.40 26.69
CA GLU B 345 -11.63 -36.80 27.03
C GLU B 345 -10.25 -37.34 26.65
N ILE B 346 -9.82 -37.06 25.43
CA ILE B 346 -8.60 -37.67 24.91
C ILE B 346 -7.41 -37.15 25.70
N PHE B 347 -7.42 -35.85 26.03
CA PHE B 347 -6.31 -35.20 26.71
C PHE B 347 -6.21 -35.72 28.15
N ASP B 348 -7.38 -35.86 28.80
CA ASP B 348 -7.45 -36.35 30.16
C ASP B 348 -6.81 -37.73 30.24
N ALA B 349 -7.14 -38.59 29.28
CA ALA B 349 -6.75 -39.99 29.33
C ALA B 349 -5.27 -40.17 29.06
N MET B 350 -4.65 -39.24 28.34
CA MET B 350 -3.26 -39.37 27.93
C MET B 350 -2.35 -38.56 28.85
N ASN B 351 -2.94 -37.84 29.82
CA ASN B 351 -2.21 -37.07 30.81
C ASN B 351 -1.41 -35.97 30.12
N VAL B 352 -2.10 -35.04 29.48
CA VAL B 352 -1.46 -33.85 28.94
C VAL B 352 -2.01 -32.65 29.69
N PRO B 353 -1.15 -31.71 30.16
CA PRO B 353 -1.57 -30.69 31.12
C PRO B 353 -2.21 -29.43 30.58
N TYR B 354 -2.14 -29.22 29.26
CA TYR B 354 -2.61 -27.99 28.64
C TYR B 354 -4.06 -28.14 28.20
N THR B 355 -4.75 -27.01 28.08
CA THR B 355 -6.07 -26.98 27.47
C THR B 355 -5.92 -27.22 25.97
N PRO B 356 -6.76 -28.08 25.35
CA PRO B 356 -6.68 -28.30 23.92
C PRO B 356 -7.04 -27.06 23.12
N MET B 357 -6.46 -26.96 21.92
CA MET B 357 -6.79 -25.92 20.96
C MET B 357 -8.26 -26.02 20.61
N ARG B 358 -8.93 -24.87 20.46
CA ARG B 358 -10.36 -24.82 20.22
C ARG B 358 -10.64 -24.43 18.77
N TRP B 359 -11.89 -24.65 18.32
CA TRP B 359 -12.29 -24.38 16.95
C TRP B 359 -12.99 -23.03 16.88
N ALA B 360 -12.61 -22.22 15.88
CA ALA B 360 -13.19 -20.91 15.69
C ALA B 360 -12.87 -20.40 14.29
N GLN B 361 -13.54 -19.31 13.89
CA GLN B 361 -13.32 -18.69 12.60
C GLN B 361 -12.15 -17.72 12.67
N ASP B 362 -11.52 -17.50 11.51
CA ASP B 362 -10.43 -16.54 11.40
C ASP B 362 -11.01 -15.14 11.51
N VAL B 363 -10.30 -14.26 12.24
CA VAL B 363 -10.78 -12.91 12.52
C VAL B 363 -9.95 -11.93 11.72
N PRO B 364 -10.51 -10.74 11.36
CA PRO B 364 -9.76 -9.74 10.60
C PRO B 364 -8.74 -8.96 11.42
N ASN B 365 -7.68 -8.48 10.74
CA ASN B 365 -6.64 -7.69 11.38
C ASN B 365 -7.08 -6.23 11.39
N THR B 366 -8.01 -5.91 12.29
CA THR B 366 -8.56 -4.57 12.43
C THR B 366 -8.49 -4.17 13.89
N GLY B 367 -8.64 -2.87 14.16
CA GLY B 367 -8.57 -2.35 15.50
C GLY B 367 -7.15 -2.43 16.05
N VAL B 368 -7.01 -3.12 17.19
CA VAL B 368 -5.69 -3.40 17.76
C VAL B 368 -5.00 -4.42 16.86
N ASP B 369 -3.77 -4.10 16.46
CA ASP B 369 -3.03 -4.92 15.52
C ASP B 369 -2.68 -6.23 16.18
N LYS B 370 -2.38 -7.25 15.37
CA LYS B 370 -2.11 -8.57 15.88
C LYS B 370 -0.71 -8.65 16.48
N ASN B 371 0.24 -7.86 16.00
CA ASN B 371 1.55 -7.81 16.61
C ASN B 371 1.43 -7.38 18.07
N THR B 372 0.55 -6.41 18.35
CA THR B 372 0.35 -5.95 19.70
C THR B 372 -0.17 -7.07 20.58
N ARG B 373 -1.04 -7.92 20.03
CA ARG B 373 -1.67 -8.98 20.79
C ARG B 373 -0.64 -10.05 21.13
N VAL B 374 0.32 -10.31 20.25
CA VAL B 374 1.32 -11.33 20.50
C VAL B 374 2.26 -10.86 21.59
N MET B 375 2.50 -9.55 21.67
CA MET B 375 3.39 -9.01 22.68
C MET B 375 2.72 -9.09 24.04
N GLN B 376 1.41 -8.95 24.08
CA GLN B 376 0.66 -9.05 25.32
C GLN B 376 0.62 -10.49 25.83
N LEU B 377 0.65 -11.46 24.92
CA LEU B 377 0.68 -12.87 25.30
C LEU B 377 2.02 -13.19 25.93
N ILE B 378 3.11 -12.63 25.41
CA ILE B 378 4.43 -12.87 25.96
C ILE B 378 4.50 -12.34 27.38
N GLU B 379 3.93 -11.17 27.61
CA GLU B 379 3.98 -10.53 28.91
C GLU B 379 3.16 -11.34 29.92
N ALA B 380 2.05 -11.94 29.47
CA ALA B 380 1.18 -12.70 30.35
C ALA B 380 1.87 -13.94 30.87
N TYR B 381 2.62 -14.64 30.01
CA TYR B 381 3.29 -15.86 30.42
C TYR B 381 4.43 -15.54 31.37
N ARG B 382 5.18 -14.49 31.08
CA ARG B 382 6.27 -14.07 31.94
C ARG B 382 5.75 -13.70 33.33
N SER B 383 4.51 -13.26 33.41
CA SER B 383 3.97 -12.72 34.65
C SER B 383 3.19 -13.75 35.43
N ARG B 384 2.41 -14.61 34.75
CA ARG B 384 1.44 -15.45 35.43
C ARG B 384 1.52 -16.90 34.98
N GLY B 385 2.60 -17.30 34.32
CA GLY B 385 2.70 -18.64 33.77
C GLY B 385 2.90 -19.71 34.84
N HIS B 386 3.35 -19.29 36.02
CA HIS B 386 3.60 -20.20 37.14
C HIS B 386 2.31 -20.81 37.64
N LEU B 387 1.17 -20.24 37.29
CA LEU B 387 -0.10 -20.73 37.80
C LEU B 387 -0.51 -22.05 37.15
N ILE B 388 0.13 -22.44 36.04
CA ILE B 388 -0.22 -23.70 35.38
C ILE B 388 1.01 -24.56 35.18
N ALA B 389 2.03 -24.43 36.01
CA ALA B 389 3.26 -25.17 35.81
C ALA B 389 3.20 -26.51 36.52
N ASP B 390 4.05 -27.44 36.09
CA ASP B 390 4.04 -28.80 36.56
C ASP B 390 4.99 -28.93 37.74
N THR B 391 4.54 -28.47 38.92
CA THR B 391 5.41 -28.38 40.07
C THR B 391 4.95 -29.29 41.20
N ASN B 392 3.82 -29.98 41.05
CA ASN B 392 3.29 -30.82 42.10
C ASN B 392 3.52 -32.28 41.77
N PRO B 393 4.25 -33.06 42.58
CA PRO B 393 4.47 -34.47 42.30
C PRO B 393 3.20 -35.31 42.31
N LEU B 394 2.23 -34.93 43.14
CA LEU B 394 0.95 -35.61 43.21
C LEU B 394 -0.03 -34.96 42.24
N SER B 395 -1.04 -35.73 41.83
CA SER B 395 -2.15 -35.22 41.05
C SER B 395 -3.27 -34.85 42.01
N TRP B 396 -3.04 -33.79 42.79
CA TRP B 396 -3.85 -33.48 43.95
C TRP B 396 -4.23 -32.00 43.93
N VAL B 397 -5.53 -31.72 44.08
CA VAL B 397 -5.98 -30.37 44.34
C VAL B 397 -6.75 -30.37 45.65
N GLN B 398 -6.34 -29.49 46.57
CA GLN B 398 -6.93 -29.41 47.89
C GLN B 398 -8.35 -28.87 47.74
N PRO B 399 -9.38 -29.56 48.27
CA PRO B 399 -10.76 -29.20 48.04
C PRO B 399 -11.27 -27.85 48.52
N GLY B 400 -10.72 -27.31 49.61
CA GLY B 400 -11.31 -26.12 50.20
C GLY B 400 -10.69 -24.80 49.73
N MET B 401 -9.70 -24.85 48.84
CA MET B 401 -8.89 -23.68 48.51
C MET B 401 -9.40 -23.04 47.23
N PRO B 402 -9.43 -21.70 47.14
CA PRO B 402 -9.80 -21.03 45.90
C PRO B 402 -8.82 -21.27 44.75
N VAL B 403 -9.34 -21.38 43.53
CA VAL B 403 -8.50 -21.57 42.36
C VAL B 403 -8.39 -20.24 41.63
N PRO B 404 -7.18 -19.67 41.45
CA PRO B 404 -7.04 -18.40 40.74
C PRO B 404 -7.49 -18.47 39.29
N ASP B 405 -7.88 -17.29 38.76
CA ASP B 405 -8.23 -17.14 37.35
C ASP B 405 -6.96 -17.21 36.53
N HIS B 406 -6.95 -18.07 35.50
CA HIS B 406 -5.85 -18.12 34.56
C HIS B 406 -6.39 -18.20 33.14
N ARG B 407 -7.26 -17.25 32.80
CA ARG B 407 -7.80 -17.10 31.45
C ARG B 407 -6.85 -16.25 30.61
N ASP B 408 -5.79 -15.72 31.21
CA ASP B 408 -4.87 -14.86 30.49
C ASP B 408 -3.89 -15.67 29.65
N LEU B 409 -3.88 -16.99 29.81
CA LEU B 409 -2.83 -17.81 29.24
C LEU B 409 -3.32 -18.60 28.03
N ASP B 410 -4.57 -18.37 27.58
CA ASP B 410 -5.08 -19.05 26.40
C ASP B 410 -5.26 -18.03 25.29
N ILE B 411 -5.08 -18.47 24.04
CA ILE B 411 -4.93 -17.54 22.93
C ILE B 411 -6.26 -16.89 22.56
N GLU B 412 -7.37 -17.42 23.08
CA GLU B 412 -8.68 -16.87 22.77
C GLU B 412 -8.86 -15.51 23.41
N THR B 413 -8.27 -15.30 24.59
CA THR B 413 -8.50 -14.08 25.36
C THR B 413 -7.77 -12.90 24.71
N HIS B 414 -6.78 -13.19 23.88
CA HIS B 414 -6.00 -12.16 23.20
C HIS B 414 -6.43 -12.05 21.74
N ASN B 415 -7.60 -12.60 21.39
CA ASN B 415 -8.14 -12.54 20.05
C ASN B 415 -7.16 -13.10 19.03
N LEU B 416 -6.72 -14.33 19.26
CA LEU B 416 -5.93 -15.07 18.30
C LEU B 416 -6.59 -16.43 18.13
N THR B 417 -6.22 -17.16 17.08
CA THR B 417 -6.93 -18.36 16.65
C THR B 417 -5.94 -19.33 16.03
N ILE B 418 -6.37 -20.58 15.84
CA ILE B 418 -5.53 -21.60 15.24
C ILE B 418 -5.02 -21.17 13.88
N TRP B 419 -5.70 -20.22 13.23
CA TRP B 419 -5.35 -19.80 11.89
C TRP B 419 -4.17 -18.84 11.91
N ASP B 420 -3.64 -18.53 13.11
CA ASP B 420 -2.55 -17.58 13.24
C ASP B 420 -1.26 -18.29 13.58
N LEU B 421 -1.28 -19.61 13.69
CA LEU B 421 -0.15 -20.33 14.22
C LEU B 421 1.05 -20.32 13.28
N ASP B 422 0.81 -20.23 11.96
CA ASP B 422 1.90 -20.33 11.00
C ASP B 422 2.23 -18.98 10.37
N ARG B 423 1.52 -17.92 10.76
CA ARG B 423 1.85 -16.57 10.33
C ARG B 423 3.03 -16.05 11.15
N THR B 424 3.63 -14.95 10.69
CA THR B 424 4.87 -14.46 11.26
C THR B 424 4.66 -13.05 11.80
N PHE B 425 5.36 -12.71 12.89
CA PHE B 425 5.11 -11.51 13.67
C PHE B 425 6.41 -10.90 14.17
N ASN B 426 6.37 -9.62 14.56
CA ASN B 426 7.51 -8.92 15.13
C ASN B 426 7.48 -9.07 16.65
N VAL B 427 8.58 -9.55 17.23
CA VAL B 427 8.60 -9.96 18.62
C VAL B 427 9.61 -9.15 19.42
N GLY B 428 10.38 -8.29 18.75
CA GLY B 428 11.17 -7.29 19.44
C GLY B 428 12.26 -7.88 20.33
N GLY B 429 13.00 -8.85 19.80
CA GLY B 429 14.20 -9.34 20.46
C GLY B 429 13.96 -10.59 21.31
N PHE B 430 12.72 -11.04 21.39
CA PHE B 430 12.41 -12.26 22.12
C PHE B 430 13.11 -13.43 21.45
N GLY B 431 13.84 -14.20 22.24
CA GLY B 431 14.54 -15.37 21.73
C GLY B 431 15.75 -14.99 20.87
N GLY B 432 16.19 -13.73 21.00
CA GLY B 432 17.29 -13.23 20.19
C GLY B 432 16.94 -13.12 18.72
N LYS B 433 15.66 -12.88 18.41
CA LYS B 433 15.19 -12.79 17.05
C LYS B 433 14.26 -11.59 16.91
N GLU B 434 14.22 -11.02 15.71
CA GLU B 434 13.36 -9.88 15.42
C GLU B 434 12.01 -10.33 14.91
N THR B 435 11.92 -11.59 14.46
CA THR B 435 10.72 -12.08 13.81
C THR B 435 10.55 -13.57 14.11
N MET B 436 9.30 -14.05 14.17
CA MET B 436 8.99 -15.39 14.64
C MET B 436 7.55 -15.75 14.30
N THR B 437 7.23 -17.04 14.30
CA THR B 437 5.87 -17.51 14.13
C THR B 437 5.21 -17.72 15.50
N LEU B 438 3.88 -17.76 15.54
CA LEU B 438 3.16 -17.90 16.80
C LEU B 438 3.36 -19.29 17.38
N ARG B 439 3.58 -20.28 16.52
CA ARG B 439 3.84 -21.63 16.96
C ARG B 439 5.15 -21.66 17.73
N GLU B 440 6.19 -21.01 17.23
CA GLU B 440 7.48 -21.02 17.88
C GLU B 440 7.43 -20.20 19.17
N VAL B 441 6.64 -19.13 19.20
CA VAL B 441 6.52 -18.30 20.39
C VAL B 441 5.92 -19.14 21.52
N LEU B 442 4.81 -19.82 21.24
CA LEU B 442 4.14 -20.62 22.25
C LEU B 442 5.08 -21.69 22.78
N SER B 443 5.80 -22.35 21.86
CA SER B 443 6.71 -23.41 22.23
C SER B 443 7.72 -22.93 23.26
N ARG B 444 8.40 -21.83 22.97
CA ARG B 444 9.44 -21.31 23.84
C ARG B 444 8.88 -20.88 25.18
N LEU B 445 7.75 -20.16 25.18
CA LEU B 445 7.15 -19.70 26.41
C LEU B 445 6.84 -20.88 27.32
N ARG B 446 6.31 -21.96 26.74
CA ARG B 446 5.89 -23.11 27.53
C ARG B 446 7.09 -23.86 28.08
N ALA B 447 8.20 -23.85 27.36
CA ALA B 447 9.40 -24.53 27.79
C ALA B 447 10.05 -23.82 28.97
N ALA B 448 9.87 -22.50 29.04
CA ALA B 448 10.56 -21.68 30.02
C ALA B 448 9.75 -21.48 31.28
N TYR B 449 8.42 -21.52 31.21
CA TYR B 449 7.63 -21.05 32.33
C TYR B 449 6.57 -22.05 32.77
N THR B 450 6.49 -23.26 32.18
CA THR B 450 5.38 -24.15 32.48
C THR B 450 5.80 -25.59 32.74
N LEU B 451 7.10 -25.89 32.80
CA LEU B 451 7.58 -27.23 33.09
C LEU B 451 7.82 -27.36 34.60
N LYS B 452 9.00 -27.83 35.01
CA LYS B 452 9.24 -28.23 36.39
C LYS B 452 9.69 -27.08 37.27
N VAL B 453 9.91 -25.89 36.71
CA VAL B 453 10.28 -24.73 37.50
C VAL B 453 9.32 -23.59 37.20
N GLY B 454 8.68 -23.04 38.23
CA GLY B 454 7.85 -21.85 38.10
C GLY B 454 8.46 -20.68 38.84
N SER B 455 8.45 -19.49 38.21
CA SER B 455 9.20 -18.36 38.72
C SER B 455 8.32 -17.11 38.80
N GLU B 456 8.54 -16.30 39.84
CA GLU B 456 7.91 -15.00 40.00
C GLU B 456 8.99 -13.95 40.16
N TYR B 457 9.09 -13.01 39.20
CA TYR B 457 10.15 -12.03 39.22
C TYR B 457 9.76 -10.69 38.57
N THR B 458 8.52 -10.53 38.13
CA THR B 458 8.15 -9.40 37.30
C THR B 458 7.74 -8.22 38.17
N HIS B 459 7.57 -8.47 39.47
CA HIS B 459 7.20 -7.45 40.43
C HIS B 459 8.41 -6.62 40.89
N ILE B 460 9.61 -7.06 40.55
CA ILE B 460 10.83 -6.36 40.94
C ILE B 460 10.90 -5.05 40.16
N LEU B 461 11.33 -3.96 40.82
CA LEU B 461 11.25 -2.62 40.28
C LEU B 461 12.47 -2.28 39.44
N ASP B 462 13.64 -2.82 39.79
CA ASP B 462 14.88 -2.50 39.10
C ASP B 462 14.94 -3.25 37.78
N ARG B 463 15.40 -2.57 36.73
CA ARG B 463 15.37 -3.10 35.38
C ARG B 463 16.51 -4.10 35.16
N ASP B 464 17.67 -3.83 35.75
CA ASP B 464 18.84 -4.67 35.56
C ASP B 464 18.65 -6.01 36.23
N GLU B 465 18.07 -6.02 37.44
CA GLU B 465 17.72 -7.26 38.11
C GLU B 465 16.78 -8.10 37.25
N ARG B 466 15.68 -7.50 36.80
CA ARG B 466 14.69 -8.20 36.02
C ARG B 466 15.33 -8.84 34.78
N THR B 467 16.21 -8.09 34.12
CA THR B 467 16.78 -8.55 32.87
C THR B 467 17.72 -9.73 33.13
N TRP B 468 18.44 -9.70 34.24
CA TRP B 468 19.38 -10.74 34.59
C TRP B 468 18.65 -12.06 34.79
N LEU B 469 17.54 -12.02 35.53
CA LEU B 469 16.74 -13.21 35.80
C LEU B 469 16.09 -13.70 34.52
N GLN B 470 15.53 -12.79 33.74
CA GLN B 470 14.80 -13.12 32.53
C GLN B 470 15.70 -13.85 31.55
N ASP B 471 16.94 -13.40 31.43
CA ASP B 471 17.88 -13.95 30.46
C ASP B 471 18.25 -15.38 30.83
N ARG B 472 18.39 -15.66 32.13
CA ARG B 472 18.86 -16.96 32.58
C ARG B 472 17.74 -17.99 32.55
N LEU B 473 16.50 -17.57 32.81
CA LEU B 473 15.38 -18.48 32.82
C LEU B 473 15.03 -18.92 31.40
N GLU B 474 15.26 -18.06 30.41
CA GLU B 474 14.87 -18.34 29.04
C GLU B 474 15.98 -19.06 28.29
N ALA B 475 17.21 -19.01 28.80
CA ALA B 475 18.29 -19.79 28.24
C ALA B 475 18.08 -21.26 28.55
N GLY B 476 17.61 -21.56 29.75
CA GLY B 476 17.26 -22.91 30.14
C GLY B 476 18.34 -23.54 31.03
N MET B 477 18.04 -24.74 31.52
CA MET B 477 18.96 -25.48 32.38
C MET B 477 19.94 -26.23 31.50
N PRO B 478 21.27 -26.05 31.67
CA PRO B 478 22.26 -26.75 30.86
C PRO B 478 22.35 -28.23 31.19
N LYS B 479 22.72 -29.04 30.20
CA LYS B 479 22.76 -30.48 30.34
C LYS B 479 23.96 -30.89 31.19
N PRO B 480 23.78 -31.67 32.27
CA PRO B 480 24.89 -32.09 33.12
C PRO B 480 25.67 -33.27 32.56
N THR B 481 26.92 -33.42 33.03
CA THR B 481 27.80 -34.48 32.58
C THR B 481 27.44 -35.76 33.31
N GLN B 482 28.11 -36.87 32.94
CA GLN B 482 27.80 -38.16 33.52
C GLN B 482 28.31 -38.25 34.95
N ALA B 483 29.47 -37.65 35.21
CA ALA B 483 30.02 -37.63 36.56
C ALA B 483 29.06 -36.92 37.50
N GLU B 484 28.55 -35.76 37.08
CA GLU B 484 27.64 -34.97 37.87
C GLU B 484 26.37 -35.77 38.17
N GLN B 485 25.86 -36.48 37.16
CA GLN B 485 24.64 -37.25 37.31
C GLN B 485 24.82 -38.34 38.35
N LYS B 486 25.98 -39.01 38.35
CA LYS B 486 26.21 -40.09 39.27
C LYS B 486 26.33 -39.55 40.69
N TYR B 487 26.85 -38.33 40.83
CA TYR B 487 27.01 -37.72 42.14
C TYR B 487 25.65 -37.42 42.74
N ILE B 488 24.68 -37.01 41.92
CA ILE B 488 23.34 -36.75 42.39
C ILE B 488 22.71 -38.04 42.89
N LEU B 489 23.00 -39.16 42.21
CA LEU B 489 22.41 -40.44 42.57
C LEU B 489 22.96 -40.91 43.90
N GLN B 490 24.25 -40.67 44.16
CA GLN B 490 24.84 -41.07 45.41
C GLN B 490 24.17 -40.36 46.58
N LYS B 491 23.88 -39.07 46.43
CA LYS B 491 23.32 -38.28 47.50
C LYS B 491 21.89 -38.72 47.78
N LEU B 492 21.10 -38.98 46.74
CA LEU B 492 19.73 -39.44 46.91
C LEU B 492 19.73 -40.78 47.63
N ASN B 493 20.66 -41.66 47.26
CA ASN B 493 20.74 -42.97 47.85
C ASN B 493 21.00 -42.84 49.35
N ALA B 494 21.95 -41.98 49.71
CA ALA B 494 22.36 -41.82 51.09
C ALA B 494 21.18 -41.42 51.95
N ALA B 495 20.37 -40.48 51.46
CA ALA B 495 19.23 -39.99 52.19
C ALA B 495 18.26 -41.12 52.50
N GLU B 496 17.80 -41.83 51.46
CA GLU B 496 16.76 -42.83 51.62
C GLU B 496 17.28 -44.00 52.44
N ALA B 497 18.54 -44.38 52.23
CA ALA B 497 19.12 -45.52 52.92
C ALA B 497 19.16 -45.29 54.42
N PHE B 498 19.56 -44.09 54.82
CA PHE B 498 19.69 -43.72 56.22
C PHE B 498 18.35 -43.84 56.92
N GLU B 499 17.28 -43.39 56.27
CA GLU B 499 15.95 -43.41 56.86
C GLU B 499 15.48 -44.84 57.07
N ASN B 500 15.72 -45.70 56.07
CA ASN B 500 15.26 -47.08 56.10
C ASN B 500 16.00 -47.86 57.18
N PHE B 501 17.29 -47.58 57.37
CA PHE B 501 18.06 -48.28 58.37
C PHE B 501 17.48 -48.03 59.75
N LEU B 502 17.18 -46.76 60.06
CA LEU B 502 16.66 -46.38 61.36
C LEU B 502 15.28 -46.97 61.57
N GLN B 503 14.47 -47.06 60.51
CA GLN B 503 13.15 -47.65 60.59
C GLN B 503 13.25 -49.11 61.02
N THR B 504 14.26 -49.82 60.52
CA THR B 504 14.42 -51.24 60.76
C THR B 504 14.90 -51.50 62.18
N LYS B 505 15.89 -50.74 62.66
CA LYS B 505 16.56 -51.06 63.91
C LYS B 505 15.84 -50.46 65.12
N TYR B 506 15.16 -49.32 64.94
CA TYR B 506 14.45 -48.66 66.03
C TYR B 506 13.05 -48.27 65.57
N VAL B 507 12.05 -49.10 65.90
CA VAL B 507 10.77 -49.08 65.18
C VAL B 507 9.89 -47.94 65.71
N GLY B 508 9.67 -47.93 67.03
CA GLY B 508 8.72 -47.00 67.63
C GLY B 508 9.26 -45.58 67.77
N GLN B 509 10.60 -45.44 67.76
CA GLN B 509 11.22 -44.21 68.21
C GLN B 509 10.97 -43.07 67.22
N LYS B 510 10.87 -41.86 67.78
CA LYS B 510 10.51 -40.65 67.06
C LYS B 510 11.75 -40.06 66.40
N ARG B 511 11.68 -39.81 65.09
CA ARG B 511 12.84 -39.31 64.36
C ARG B 511 12.49 -38.18 63.39
N PHE B 512 11.20 -38.00 63.05
CA PHE B 512 10.78 -37.01 62.09
C PHE B 512 11.50 -37.21 60.76
N SER B 513 10.97 -38.13 59.94
CA SER B 513 11.66 -38.60 58.75
C SER B 513 11.53 -37.60 57.61
N LEU B 514 12.40 -37.75 56.62
CA LEU B 514 12.51 -36.88 55.47
C LEU B 514 11.93 -37.58 54.24
N GLU B 515 11.35 -38.76 54.44
CA GLU B 515 10.83 -39.56 53.34
C GLU B 515 9.70 -38.82 52.65
N GLY B 516 9.83 -38.66 51.34
CA GLY B 516 8.92 -37.84 50.57
C GLY B 516 9.59 -36.55 50.11
N ALA B 517 10.72 -36.20 50.72
CA ALA B 517 11.39 -34.94 50.48
C ALA B 517 12.90 -35.13 50.51
N GLU B 518 13.40 -36.13 49.79
CA GLU B 518 14.81 -36.48 49.83
C GLU B 518 15.63 -35.58 48.93
N ALA B 519 14.98 -34.80 48.07
CA ALA B 519 15.68 -33.90 47.17
C ALA B 519 16.29 -32.71 47.91
N LEU B 520 15.92 -32.53 49.18
CA LEU B 520 16.50 -31.48 50.00
C LEU B 520 18.00 -31.66 50.11
N ILE B 521 18.50 -32.90 50.16
CA ILE B 521 19.92 -33.13 50.41
C ILE B 521 20.73 -32.64 49.22
N PRO B 522 20.48 -33.08 47.97
CA PRO B 522 21.17 -32.49 46.82
C PRO B 522 20.98 -30.98 46.59
N LEU B 523 19.87 -30.40 47.05
CA LEU B 523 19.64 -28.97 46.91
C LEU B 523 20.61 -28.19 47.80
N MET B 524 20.70 -28.60 49.07
CA MET B 524 21.56 -27.93 50.03
C MET B 524 23.01 -28.08 49.63
N ASP B 525 23.36 -29.25 49.08
CA ASP B 525 24.72 -29.54 48.66
C ASP B 525 25.12 -28.65 47.49
N SER B 526 24.17 -28.41 46.57
CA SER B 526 24.41 -27.58 45.40
C SER B 526 24.76 -26.15 45.83
N ALA B 527 24.01 -25.62 46.78
CA ALA B 527 24.18 -24.25 47.24
C ALA B 527 25.51 -24.06 47.94
N ILE B 528 25.88 -25.01 48.81
CA ILE B 528 27.11 -24.93 49.58
C ILE B 528 28.31 -25.04 48.63
N ASP B 529 28.17 -25.84 47.57
CA ASP B 529 29.23 -26.05 46.63
C ASP B 529 29.47 -24.79 45.81
N THR B 530 28.40 -24.10 45.44
CA THR B 530 28.48 -22.88 44.68
C THR B 530 29.16 -21.79 45.50
N ALA B 531 28.87 -21.76 46.81
CA ALA B 531 29.45 -20.78 47.71
C ALA B 531 30.95 -20.98 47.84
N ALA B 532 31.38 -22.25 47.87
CA ALA B 532 32.79 -22.57 47.97
C ALA B 532 33.53 -22.11 46.72
N GLY B 533 32.86 -22.16 45.57
CA GLY B 533 33.46 -21.72 44.33
C GLY B 533 33.59 -20.20 44.25
N GLN B 534 32.72 -19.48 44.93
CA GLN B 534 32.74 -18.03 44.94
C GLN B 534 33.88 -17.54 45.82
N GLY B 535 34.31 -18.37 46.76
CA GLY B 535 35.49 -18.07 47.57
C GLY B 535 35.12 -17.49 48.93
N LEU B 536 34.01 -17.95 49.51
CA LEU B 536 33.51 -17.41 50.76
C LEU B 536 34.01 -18.26 51.92
N ASP B 537 33.67 -17.87 53.15
CA ASP B 537 34.35 -18.36 54.33
C ASP B 537 33.54 -19.41 55.10
N GLU B 538 32.24 -19.18 55.28
CA GLU B 538 31.43 -20.07 56.10
C GLU B 538 29.98 -20.06 55.64
N VAL B 539 29.25 -21.12 55.99
CA VAL B 539 27.80 -21.21 55.85
C VAL B 539 27.20 -21.55 57.20
N VAL B 540 26.20 -20.78 57.64
CA VAL B 540 25.51 -21.03 58.90
C VAL B 540 24.08 -21.47 58.59
N ILE B 541 23.64 -22.58 59.20
CA ILE B 541 22.34 -23.17 58.93
C ILE B 541 21.47 -23.06 60.17
N GLY B 542 20.19 -22.73 59.98
CA GLY B 542 19.17 -22.90 60.99
C GLY B 542 17.95 -23.61 60.40
N MET B 543 17.37 -24.56 61.14
CA MET B 543 16.29 -25.36 60.61
C MET B 543 15.44 -25.93 61.73
N PRO B 544 14.23 -26.44 61.42
CA PRO B 544 13.42 -27.21 62.37
C PRO B 544 13.68 -28.71 62.41
N HIS B 545 12.68 -29.46 62.88
CA HIS B 545 12.76 -30.89 63.18
C HIS B 545 12.83 -31.78 61.95
N ARG B 546 12.18 -31.38 60.86
CA ARG B 546 11.94 -32.27 59.73
C ARG B 546 13.24 -32.56 59.00
N GLY B 547 13.76 -33.76 59.21
CA GLY B 547 14.93 -34.24 58.48
C GLY B 547 16.24 -33.68 59.05
N ARG B 548 16.35 -33.59 60.38
CA ARG B 548 17.49 -32.94 60.98
C ARG B 548 18.66 -33.90 61.09
N LEU B 549 18.38 -35.13 61.51
CA LEU B 549 19.41 -36.14 61.68
C LEU B 549 20.04 -36.47 60.35
N ASN B 550 19.26 -36.31 59.28
CA ASN B 550 19.72 -36.59 57.93
C ASN B 550 20.71 -35.53 57.49
N VAL B 551 20.42 -34.27 57.82
CA VAL B 551 21.26 -33.14 57.45
C VAL B 551 22.55 -33.17 58.26
N LEU B 552 22.46 -33.54 59.54
CA LEU B 552 23.64 -33.61 60.39
C LEU B 552 24.65 -34.61 59.83
N PHE B 553 24.18 -35.73 59.30
CA PHE B 553 25.06 -36.78 58.81
C PHE B 553 25.57 -36.48 57.41
N ASN B 554 24.68 -36.03 56.50
CA ASN B 554 24.99 -36.00 55.09
C ASN B 554 25.51 -34.64 54.64
N ILE B 555 25.23 -33.56 55.37
CA ILE B 555 25.64 -32.22 54.97
C ILE B 555 26.74 -31.69 55.87
N VAL B 556 26.65 -31.92 57.18
CA VAL B 556 27.55 -31.27 58.13
C VAL B 556 28.72 -32.20 58.45
N GLY B 557 28.46 -33.50 58.58
CA GLY B 557 29.51 -34.49 58.75
C GLY B 557 29.68 -34.97 60.17
N LYS B 558 28.61 -34.94 60.96
CA LYS B 558 28.61 -35.49 62.29
C LYS B 558 28.78 -37.00 62.18
N PRO B 559 29.69 -37.64 62.95
CA PRO B 559 29.97 -39.07 62.80
C PRO B 559 28.78 -39.95 63.17
N LEU B 560 28.71 -41.12 62.53
CA LEU B 560 27.53 -41.96 62.54
C LEU B 560 27.41 -42.67 63.88
N ALA B 561 28.54 -42.90 64.53
CA ALA B 561 28.57 -43.54 65.83
C ALA B 561 27.79 -42.71 66.84
N SER B 562 27.94 -41.39 66.76
CA SER B 562 27.30 -40.46 67.68
C SER B 562 25.78 -40.57 67.60
N ILE B 563 25.26 -40.69 66.38
CA ILE B 563 23.82 -40.71 66.17
C ILE B 563 23.24 -42.02 66.71
N PHE B 564 23.93 -43.14 66.46
CA PHE B 564 23.46 -44.43 66.94
C PHE B 564 23.46 -44.46 68.47
N ASN B 565 24.49 -43.88 69.09
CA ASN B 565 24.57 -43.84 70.54
C ASN B 565 23.38 -43.07 71.12
N GLU B 566 23.00 -41.97 70.48
CA GLU B 566 21.86 -41.17 70.91
C GLU B 566 20.61 -42.02 70.98
N PHE B 567 20.41 -42.89 69.98
CA PHE B 567 19.23 -43.73 69.89
C PHE B 567 19.23 -44.81 70.98
N GLU B 568 20.41 -45.17 71.49
CA GLU B 568 20.52 -46.19 72.52
C GLU B 568 20.51 -45.58 73.92
N GLY B 569 20.48 -44.24 74.02
CA GLY B 569 20.24 -43.57 75.28
C GLY B 569 21.48 -42.90 75.87
N GLN B 570 22.63 -42.99 75.19
CA GLN B 570 23.84 -42.32 75.63
C GLN B 570 23.96 -40.97 74.92
N MET B 571 23.92 -39.89 75.71
CA MET B 571 23.87 -38.54 75.18
C MET B 571 25.16 -37.81 75.55
N GLU B 572 25.73 -37.07 74.60
CA GLU B 572 26.94 -36.31 74.82
C GLU B 572 26.62 -35.09 75.68
N GLN B 573 27.53 -34.78 76.62
CA GLN B 573 27.31 -33.73 77.61
C GLN B 573 27.90 -32.42 77.09
N GLY B 574 27.10 -31.34 77.21
CA GLY B 574 27.51 -30.01 76.79
C GLY B 574 28.28 -29.28 77.89
N GLN B 575 27.66 -29.19 79.07
CA GLN B 575 28.26 -28.57 80.24
C GLN B 575 28.23 -29.58 81.37
N ILE B 576 29.21 -29.49 82.28
CA ILE B 576 29.31 -30.42 83.39
C ILE B 576 28.13 -30.18 84.33
N GLY B 577 27.33 -31.22 84.53
CA GLY B 577 26.17 -31.17 85.39
C GLY B 577 24.94 -30.59 84.69
N GLY B 578 24.92 -30.68 83.36
CA GLY B 578 23.84 -30.12 82.57
C GLY B 578 22.64 -31.07 82.46
N SER B 579 21.50 -30.54 82.02
CA SER B 579 20.25 -31.27 81.96
C SER B 579 20.06 -31.93 80.60
N GLY B 580 20.33 -31.21 79.51
CA GLY B 580 20.33 -31.80 78.19
C GLY B 580 19.08 -31.43 77.40
N ASP B 581 18.94 -32.01 76.20
CA ASP B 581 17.79 -31.80 75.35
C ASP B 581 17.70 -32.92 74.33
N VAL B 582 16.55 -33.03 73.66
CA VAL B 582 16.25 -34.11 72.73
C VAL B 582 17.16 -34.00 71.51
N LYS B 583 17.24 -35.11 70.76
CA LYS B 583 18.28 -35.32 69.77
C LYS B 583 18.09 -34.44 68.54
N TYR B 584 16.87 -33.97 68.28
CA TYR B 584 16.60 -33.17 67.10
C TYR B 584 16.60 -31.67 67.45
N HIS B 585 17.38 -31.28 68.47
CA HIS B 585 17.53 -29.88 68.84
C HIS B 585 19.00 -29.49 68.94
N LEU B 586 19.92 -30.33 68.44
CA LEU B 586 21.34 -30.15 68.68
C LEU B 586 22.04 -29.61 67.44
N GLY B 587 23.27 -29.09 67.61
CA GLY B 587 24.05 -28.49 66.53
C GLY B 587 25.40 -29.19 66.32
N SER B 588 26.16 -28.74 65.31
CA SER B 588 27.49 -29.28 65.04
C SER B 588 28.24 -28.41 64.03
N GLU B 589 29.52 -28.74 63.81
CA GLU B 589 30.39 -28.04 62.86
C GLU B 589 31.10 -29.04 61.95
N GLY B 590 31.61 -28.57 60.81
CA GLY B 590 32.29 -29.43 59.84
C GLY B 590 32.89 -28.66 58.68
N GLN B 591 33.53 -29.40 57.75
CA GLN B 591 34.12 -28.84 56.54
C GLN B 591 33.47 -29.47 55.32
N HIS B 592 33.50 -28.76 54.18
CA HIS B 592 32.97 -29.27 52.93
C HIS B 592 33.98 -29.00 51.82
N LEU B 593 34.40 -30.08 51.15
CA LEU B 593 35.34 -30.00 50.04
C LEU B 593 34.56 -30.08 48.73
N GLN B 594 34.98 -29.27 47.76
CA GLN B 594 34.35 -29.19 46.46
C GLN B 594 34.68 -30.45 45.68
N MET B 595 33.67 -31.06 45.05
CA MET B 595 33.82 -32.38 44.44
C MET B 595 34.61 -32.26 43.14
N PHE B 596 34.29 -31.22 42.36
CA PHE B 596 34.94 -30.97 41.08
C PHE B 596 35.57 -29.59 41.10
N GLY B 597 36.46 -29.35 42.06
CA GLY B 597 37.12 -28.07 42.23
C GLY B 597 38.14 -28.13 43.36
N ASP B 598 38.79 -27.01 43.65
CA ASP B 598 39.83 -26.93 44.66
C ASP B 598 39.36 -26.11 45.85
N GLY B 599 38.04 -25.91 45.96
CA GLY B 599 37.48 -25.07 47.01
C GLY B 599 37.24 -25.84 48.31
N GLU B 600 37.09 -25.09 49.41
CA GLU B 600 36.80 -25.64 50.72
C GLU B 600 36.08 -24.58 51.54
N ILE B 601 35.04 -24.98 52.29
CA ILE B 601 34.26 -24.05 53.08
C ILE B 601 33.88 -24.70 54.39
N LYS B 602 33.58 -23.88 55.40
CA LYS B 602 33.19 -24.34 56.73
C LYS B 602 31.67 -24.34 56.83
N VAL B 603 31.10 -25.33 57.55
CA VAL B 603 29.66 -25.44 57.69
C VAL B 603 29.32 -25.61 59.16
N SER B 604 28.27 -24.91 59.61
CA SER B 604 27.84 -24.92 61.00
C SER B 604 26.32 -25.02 61.10
N LEU B 605 25.83 -25.63 62.18
CA LEU B 605 24.40 -25.70 62.45
C LEU B 605 24.13 -25.34 63.90
N THR B 606 23.13 -24.49 64.14
CA THR B 606 22.90 -23.90 65.45
C THR B 606 21.81 -24.63 66.20
N ALA B 607 21.80 -24.51 67.53
CA ALA B 607 20.82 -25.14 68.38
C ALA B 607 19.54 -24.32 68.42
N ASN B 608 18.44 -24.93 68.88
CA ASN B 608 17.16 -24.27 68.89
C ASN B 608 16.16 -25.04 69.74
N PRO B 609 15.13 -24.36 70.29
CA PRO B 609 14.04 -25.03 70.99
C PRO B 609 12.91 -25.52 70.09
N SER B 610 11.87 -26.08 70.71
CA SER B 610 10.72 -26.59 69.99
C SER B 610 9.92 -25.46 69.37
N HIS B 611 9.92 -24.30 70.00
CA HIS B 611 9.16 -23.15 69.54
C HIS B 611 9.62 -22.80 68.13
N LEU B 612 8.70 -22.89 67.16
CA LEU B 612 9.05 -22.78 65.76
C LEU B 612 9.37 -21.34 65.40
N GLU B 613 10.41 -21.17 64.58
CA GLU B 613 10.77 -19.91 63.95
C GLU B 613 11.43 -18.95 64.93
N ALA B 614 11.86 -19.44 66.09
CA ALA B 614 12.51 -18.60 67.08
C ALA B 614 14.01 -18.53 66.84
N VAL B 615 14.51 -19.29 65.86
CA VAL B 615 15.91 -19.34 65.53
C VAL B 615 16.24 -18.30 64.48
N ASN B 616 15.22 -17.68 63.88
CA ASN B 616 15.43 -16.82 62.74
C ASN B 616 16.28 -15.61 63.14
N PRO B 617 15.88 -14.77 64.11
CA PRO B 617 16.72 -13.65 64.52
C PRO B 617 18.05 -14.04 65.14
N VAL B 618 18.11 -15.21 65.78
CA VAL B 618 19.31 -15.64 66.47
C VAL B 618 20.40 -15.95 65.45
N MET B 619 20.05 -16.60 64.33
CA MET B 619 21.07 -17.03 63.40
C MET B 619 21.52 -15.86 62.54
N GLU B 620 20.68 -14.82 62.42
CA GLU B 620 21.04 -13.62 61.70
C GLU B 620 22.10 -12.85 62.46
N GLY B 621 21.94 -12.76 63.79
CA GLY B 621 22.92 -12.14 64.65
C GLY B 621 24.26 -12.85 64.64
N ILE B 622 24.25 -14.19 64.61
CA ILE B 622 25.48 -14.96 64.58
C ILE B 622 26.26 -14.59 63.33
N VAL B 623 25.57 -14.49 62.19
CA VAL B 623 26.24 -14.22 60.93
C VAL B 623 26.83 -12.83 60.95
N ARG B 624 26.14 -11.85 61.53
CA ARG B 624 26.60 -10.47 61.52
C ARG B 624 27.86 -10.32 62.36
N ALA B 625 27.93 -11.05 63.47
CA ALA B 625 29.08 -10.98 64.34
C ALA B 625 30.30 -11.56 63.66
N LYS B 626 30.12 -12.66 62.93
CA LYS B 626 31.22 -13.31 62.25
C LYS B 626 31.74 -12.45 61.12
N GLN B 627 30.86 -11.75 60.43
CA GLN B 627 31.25 -10.86 59.35
C GLN B 627 32.05 -9.69 59.91
N ASP B 628 31.63 -9.16 61.06
CA ASP B 628 32.29 -8.02 61.64
C ASP B 628 33.70 -8.36 62.08
N TYR B 629 33.92 -9.61 62.51
CA TYR B 629 35.23 -10.04 62.96
C TYR B 629 36.21 -10.14 61.81
N LEU B 630 35.74 -10.59 60.64
CA LEU B 630 36.62 -10.77 59.49
C LEU B 630 37.03 -9.41 58.92
N ASP B 631 36.08 -8.48 58.82
CA ASP B 631 36.36 -7.07 58.56
C ASP B 631 36.90 -6.90 57.15
N LYS B 632 36.06 -7.20 56.14
CA LYS B 632 36.46 -7.12 54.75
C LYS B 632 35.73 -5.99 54.03
N GLY B 633 34.91 -5.22 54.73
CA GLY B 633 34.31 -4.02 54.18
C GLY B 633 32.97 -4.27 53.48
N VAL B 634 32.59 -3.33 52.61
CA VAL B 634 31.29 -3.32 51.97
C VAL B 634 31.22 -4.40 50.89
N ASP B 635 32.38 -4.72 50.30
CA ASP B 635 32.48 -5.69 49.21
C ASP B 635 32.72 -7.09 49.78
N GLY B 636 32.59 -7.24 51.10
CA GLY B 636 32.78 -8.52 51.77
C GLY B 636 31.48 -9.30 51.85
N LYS B 637 30.96 -9.44 53.08
CA LYS B 637 29.76 -10.20 53.36
C LYS B 637 29.96 -11.64 52.90
N THR B 638 30.90 -12.33 53.56
CA THR B 638 31.42 -13.60 53.09
C THR B 638 31.02 -14.75 54.00
N VAL B 639 30.02 -14.55 54.86
CA VAL B 639 29.39 -15.62 55.59
C VAL B 639 27.93 -15.69 55.14
N VAL B 640 27.48 -16.88 54.72
CA VAL B 640 26.19 -17.04 54.06
C VAL B 640 25.19 -17.62 55.03
N PRO B 641 24.00 -17.00 55.25
CA PRO B 641 22.92 -17.62 55.99
C PRO B 641 21.98 -18.46 55.14
N LEU B 642 21.77 -19.72 55.54
CA LEU B 642 20.87 -20.66 54.88
C LEU B 642 19.83 -21.11 55.89
N LEU B 643 18.55 -20.81 55.63
CA LEU B 643 17.51 -20.92 56.62
C LEU B 643 16.34 -21.74 56.08
N LEU B 644 16.00 -22.84 56.78
CA LEU B 644 14.96 -23.76 56.36
C LEU B 644 13.69 -23.52 57.18
N HIS B 645 12.53 -23.72 56.56
CA HIS B 645 11.24 -23.53 57.20
C HIS B 645 10.29 -24.65 56.80
N GLY B 646 9.15 -24.75 57.49
CA GLY B 646 8.02 -25.54 57.06
C GLY B 646 6.86 -24.65 56.64
N ASP B 647 5.93 -25.20 55.87
CA ASP B 647 4.96 -24.40 55.14
C ASP B 647 3.94 -23.76 56.10
N ALA B 648 3.44 -24.53 57.06
CA ALA B 648 2.44 -24.03 57.98
C ALA B 648 3.02 -22.94 58.87
N ALA B 649 4.24 -23.16 59.36
CA ALA B 649 4.89 -22.22 60.26
C ALA B 649 5.24 -20.93 59.55
N PHE B 650 5.68 -21.02 58.29
CA PHE B 650 6.12 -19.86 57.55
C PHE B 650 4.98 -18.87 57.35
N ALA B 651 3.79 -19.37 57.06
CA ALA B 651 2.65 -18.52 56.76
C ALA B 651 1.99 -18.01 58.02
N GLY B 652 2.14 -18.71 59.13
CA GLY B 652 1.31 -18.46 60.30
C GLY B 652 1.96 -17.52 61.31
N LEU B 653 3.21 -17.80 61.68
CA LEU B 653 3.86 -17.09 62.77
C LEU B 653 4.40 -15.76 62.28
N GLY B 654 4.31 -14.74 63.14
CA GLY B 654 4.60 -13.36 62.76
C GLY B 654 6.06 -12.98 62.90
N ILE B 655 6.86 -13.83 63.53
CA ILE B 655 8.29 -13.58 63.68
C ILE B 655 8.97 -13.64 62.32
N VAL B 656 8.39 -14.37 61.36
CA VAL B 656 9.03 -14.58 60.07
C VAL B 656 9.14 -13.24 59.33
N PRO B 657 8.04 -12.54 59.00
CA PRO B 657 8.15 -11.25 58.33
C PRO B 657 8.83 -10.15 59.15
N GLU B 658 8.76 -10.25 60.46
CA GLU B 658 9.39 -9.30 61.36
C GLU B 658 10.91 -9.33 61.21
N THR B 659 11.47 -10.52 60.96
CA THR B 659 12.90 -10.68 60.83
C THR B 659 13.36 -10.30 59.42
N ILE B 660 12.52 -10.55 58.41
CA ILE B 660 12.86 -10.23 57.04
C ILE B 660 12.93 -8.72 56.87
N ASN B 661 12.25 -7.98 57.74
CA ASN B 661 12.19 -6.53 57.68
C ASN B 661 13.50 -5.89 58.11
N LEU B 662 14.41 -6.66 58.73
CA LEU B 662 15.68 -6.12 59.19
C LEU B 662 16.77 -6.24 58.13
N ALA B 663 16.44 -6.68 56.92
CA ALA B 663 17.44 -7.17 55.99
C ALA B 663 18.31 -6.06 55.42
N LYS B 664 17.74 -4.87 55.23
CA LYS B 664 18.45 -3.80 54.55
C LYS B 664 18.77 -2.64 55.50
N LEU B 665 18.71 -2.86 56.81
CA LEU B 665 18.94 -1.79 57.77
C LEU B 665 20.41 -1.77 58.16
N ARG B 666 20.84 -0.64 58.71
CA ARG B 666 22.24 -0.28 58.80
C ARG B 666 22.97 -1.20 59.76
N GLY B 667 22.37 -1.54 60.88
CA GLY B 667 23.05 -2.36 61.87
C GLY B 667 22.75 -3.86 61.77
N TYR B 668 22.02 -4.28 60.73
CA TYR B 668 21.52 -5.64 60.68
C TYR B 668 21.81 -6.34 59.36
N ASP B 669 22.31 -5.63 58.34
CA ASP B 669 22.43 -6.18 57.01
C ASP B 669 23.55 -7.22 56.97
N VAL B 670 23.29 -8.35 56.30
CA VAL B 670 24.26 -9.43 56.21
C VAL B 670 24.45 -9.88 54.77
N GLY B 671 23.95 -9.13 53.80
CA GLY B 671 24.21 -9.42 52.41
C GLY B 671 23.19 -10.35 51.75
N GLY B 672 22.08 -10.63 52.44
CA GLY B 672 21.03 -11.46 51.87
C GLY B 672 20.94 -12.82 52.56
N THR B 673 19.76 -13.44 52.51
CA THR B 673 19.52 -14.75 53.10
C THR B 673 18.88 -15.66 52.05
N ILE B 674 19.30 -16.93 52.02
CA ILE B 674 18.68 -17.93 51.17
C ILE B 674 17.68 -18.71 52.01
N HIS B 675 16.40 -18.65 51.62
CA HIS B 675 15.32 -19.31 52.33
C HIS B 675 14.84 -20.52 51.54
N ILE B 676 14.62 -21.65 52.22
CA ILE B 676 14.04 -22.85 51.63
C ILE B 676 12.80 -23.24 52.42
N VAL B 677 11.66 -23.34 51.76
CA VAL B 677 10.43 -23.78 52.39
C VAL B 677 10.12 -25.19 51.91
N VAL B 678 10.09 -26.15 52.84
CA VAL B 678 9.76 -27.53 52.55
C VAL B 678 8.24 -27.68 52.61
N ASN B 679 7.62 -27.70 51.43
CA ASN B 679 6.18 -27.64 51.28
C ASN B 679 5.63 -29.04 51.05
N ASN B 680 5.26 -29.73 52.13
CA ASN B 680 4.75 -31.08 52.02
C ASN B 680 3.23 -31.08 52.11
N GLN B 681 2.64 -29.90 52.01
CA GLN B 681 1.22 -29.73 51.77
C GLN B 681 0.40 -30.18 52.97
N ILE B 682 0.96 -30.09 54.18
CA ILE B 682 0.25 -30.47 55.38
C ILE B 682 0.97 -29.95 56.62
N GLY B 683 0.19 -29.59 57.64
CA GLY B 683 0.69 -29.24 58.95
C GLY B 683 0.90 -30.50 59.78
N PHE B 684 0.11 -30.68 60.83
CA PHE B 684 0.08 -31.90 61.60
C PHE B 684 -1.12 -32.69 61.11
N THR B 685 -2.33 -32.23 61.45
CA THR B 685 -3.55 -32.77 60.89
C THR B 685 -4.32 -31.67 60.16
N THR B 686 -3.63 -30.62 59.72
CA THR B 686 -4.28 -29.43 59.17
C THR B 686 -3.78 -29.19 57.75
N THR B 687 -4.71 -28.85 56.85
CA THR B 687 -4.40 -28.68 55.44
C THR B 687 -4.36 -27.19 55.11
N PRO B 688 -3.74 -26.79 53.98
CA PRO B 688 -3.55 -25.39 53.64
C PRO B 688 -4.78 -24.49 53.63
N ASP B 689 -5.96 -25.07 53.42
CA ASP B 689 -7.20 -24.31 53.38
C ASP B 689 -7.51 -23.73 54.76
N SER B 690 -6.92 -24.29 55.82
CA SER B 690 -7.17 -23.84 57.18
C SER B 690 -5.94 -23.17 57.78
N SER B 691 -4.88 -22.99 56.99
CA SER B 691 -3.61 -22.54 57.51
C SER B 691 -3.24 -21.16 57.02
N ARG B 692 -3.71 -20.73 55.84
CA ARG B 692 -3.31 -19.44 55.31
C ARG B 692 -4.36 -18.87 54.39
N SER B 693 -4.32 -17.55 54.22
CA SER B 693 -5.21 -16.82 53.33
C SER B 693 -4.48 -16.36 52.07
N MET B 694 -3.22 -16.76 51.91
CA MET B 694 -2.43 -16.47 50.73
C MET B 694 -2.49 -17.68 49.80
N HIS B 695 -2.25 -17.47 48.51
CA HIS B 695 -2.31 -18.55 47.53
C HIS B 695 -1.12 -19.48 47.70
N TYR B 696 0.09 -18.91 47.76
CA TYR B 696 1.29 -19.67 48.05
C TYR B 696 1.78 -19.32 49.44
N ALA B 697 2.62 -20.19 50.01
CA ALA B 697 3.16 -19.99 51.34
C ALA B 697 4.24 -18.93 51.32
N THR B 698 4.82 -18.66 50.14
CA THR B 698 5.98 -17.79 50.03
C THR B 698 5.60 -16.42 49.50
N ASP B 699 4.40 -15.93 49.84
CA ASP B 699 3.90 -14.71 49.24
C ASP B 699 4.40 -13.46 49.97
N TYR B 700 5.05 -13.62 51.13
CA TYR B 700 5.66 -12.50 51.81
C TYR B 700 6.79 -11.91 50.98
N ALA B 701 7.33 -12.68 50.05
CA ALA B 701 8.40 -12.21 49.18
C ALA B 701 7.98 -11.00 48.37
N LYS B 702 6.70 -10.94 47.98
CA LYS B 702 6.22 -9.86 47.14
C LYS B 702 6.08 -8.56 47.93
N ALA B 703 6.09 -8.64 49.26
CA ALA B 703 6.04 -7.45 50.10
C ALA B 703 7.41 -6.79 50.17
N PHE B 704 8.47 -7.56 49.93
CA PHE B 704 9.83 -7.08 50.10
C PHE B 704 10.56 -6.95 48.78
N GLY B 705 9.95 -7.38 47.68
CA GLY B 705 10.51 -7.20 46.36
C GLY B 705 11.63 -8.19 46.04
N CYS B 706 11.38 -9.48 46.27
CA CYS B 706 12.39 -10.51 46.10
C CYS B 706 11.87 -11.63 45.20
N PRO B 707 12.74 -12.36 44.47
CA PRO B 707 12.30 -13.45 43.59
C PRO B 707 11.91 -14.75 44.28
N VAL B 708 11.03 -15.53 43.63
CA VAL B 708 10.59 -16.81 44.15
C VAL B 708 10.71 -17.86 43.04
N PHE B 709 11.23 -19.04 43.40
CA PHE B 709 11.32 -20.18 42.50
C PHE B 709 10.58 -21.37 43.11
N HIS B 710 9.58 -21.90 42.40
CA HIS B 710 8.90 -23.12 42.81
C HIS B 710 9.43 -24.27 41.98
N VAL B 711 9.80 -25.39 42.61
CA VAL B 711 10.42 -26.51 41.90
C VAL B 711 9.85 -27.83 42.40
N ASN B 712 9.72 -28.78 41.45
CA ASN B 712 9.17 -30.10 41.67
C ASN B 712 10.20 -30.95 42.37
N GLY B 713 9.77 -31.64 43.44
CA GLY B 713 10.67 -32.40 44.26
C GLY B 713 10.96 -33.80 43.72
N ASP B 714 10.45 -34.11 42.53
CA ASP B 714 10.70 -35.40 41.90
C ASP B 714 11.48 -35.23 40.61
N ASP B 715 12.14 -34.07 40.41
CA ASP B 715 13.04 -33.88 39.29
C ASP B 715 14.38 -33.36 39.79
N PRO B 716 15.29 -34.24 40.25
CA PRO B 716 16.50 -33.81 40.92
C PRO B 716 17.43 -32.87 40.16
N GLU B 717 17.49 -32.95 38.84
CA GLU B 717 18.40 -32.10 38.08
C GLU B 717 17.91 -30.66 38.10
N ALA B 718 16.60 -30.45 38.06
CA ALA B 718 16.02 -29.14 38.17
C ALA B 718 16.28 -28.54 39.54
N VAL B 719 16.26 -29.38 40.58
CA VAL B 719 16.46 -28.93 41.95
C VAL B 719 17.87 -28.39 42.09
N VAL B 720 18.84 -29.09 41.51
CA VAL B 720 20.23 -28.71 41.63
C VAL B 720 20.49 -27.40 40.90
N TRP B 721 19.80 -27.19 39.77
CA TRP B 721 19.97 -25.97 39.00
C TRP B 721 19.47 -24.76 39.78
N VAL B 722 18.32 -24.91 40.44
CA VAL B 722 17.69 -23.81 41.15
C VAL B 722 18.57 -23.40 42.33
N GLY B 723 19.20 -24.36 43.00
CA GLY B 723 20.08 -24.07 44.10
C GLY B 723 21.25 -23.18 43.68
N GLN B 724 21.83 -23.48 42.51
CA GLN B 724 22.96 -22.74 42.00
C GLN B 724 22.56 -21.32 41.64
N LEU B 725 21.40 -21.18 40.99
CA LEU B 725 20.94 -19.90 40.48
C LEU B 725 20.63 -18.95 41.63
N ALA B 726 20.15 -19.49 42.75
CA ALA B 726 19.80 -18.68 43.91
C ALA B 726 21.05 -18.11 44.57
N THR B 727 22.11 -18.93 44.67
CA THR B 727 23.33 -18.51 45.32
C THR B 727 24.04 -17.44 44.50
N GLU B 728 23.96 -17.54 43.16
CA GLU B 728 24.55 -16.54 42.29
C GLU B 728 23.83 -15.21 42.40
N TYR B 729 22.50 -15.25 42.53
CA TYR B 729 21.71 -14.03 42.62
C TYR B 729 22.05 -13.27 43.89
N ARG B 730 22.28 -14.00 44.98
CA ARG B 730 22.60 -13.40 46.26
C ARG B 730 23.93 -12.67 46.19
N ARG B 731 24.89 -13.26 45.49
CA ARG B 731 26.25 -12.72 45.46
C ARG B 731 26.29 -11.43 44.63
N ARG B 732 25.44 -11.33 43.61
CA ARG B 732 25.50 -10.19 42.71
C ARG B 732 24.72 -9.01 43.26
N PHE B 733 23.54 -9.26 43.84
CA PHE B 733 22.60 -8.20 44.14
C PHE B 733 22.49 -7.95 45.64
N GLY B 734 22.84 -8.93 46.47
CA GLY B 734 22.85 -8.74 47.90
C GLY B 734 21.46 -8.61 48.50
N LYS B 735 20.54 -9.47 48.07
CA LYS B 735 19.17 -9.46 48.53
C LYS B 735 18.73 -10.87 48.87
N ASP B 736 17.55 -10.99 49.50
CA ASP B 736 16.99 -12.27 49.90
C ASP B 736 16.40 -12.98 48.69
N VAL B 737 16.38 -14.31 48.74
CA VAL B 737 15.85 -15.14 47.68
C VAL B 737 15.10 -16.30 48.33
N PHE B 738 14.00 -16.74 47.71
CA PHE B 738 13.10 -17.73 48.31
C PHE B 738 12.90 -18.92 47.35
N ILE B 739 13.08 -20.14 47.86
CA ILE B 739 12.85 -21.38 47.12
C ILE B 739 11.74 -22.16 47.78
N ASP B 740 10.76 -22.62 46.98
CA ASP B 740 9.64 -23.43 47.43
C ASP B 740 9.77 -24.82 46.83
N LEU B 741 10.09 -25.81 47.67
CA LEU B 741 10.29 -27.19 47.24
C LEU B 741 9.01 -27.98 47.51
N VAL B 742 8.31 -28.34 46.44
CA VAL B 742 7.01 -28.98 46.54
C VAL B 742 7.21 -30.49 46.59
N CYS B 743 6.73 -31.12 47.67
CA CYS B 743 6.97 -32.52 47.96
C CYS B 743 5.82 -33.07 48.80
N TYR B 744 5.98 -34.23 49.44
CA TYR B 744 4.94 -34.79 50.27
C TYR B 744 5.52 -35.47 51.52
N ARG B 745 4.65 -35.89 52.43
CA ARG B 745 5.04 -36.56 53.67
C ARG B 745 4.53 -38.00 53.63
N LEU B 746 5.46 -38.97 53.61
CA LEU B 746 5.11 -40.36 53.33
C LEU B 746 4.35 -40.99 54.49
N ARG B 747 4.85 -40.79 55.71
CA ARG B 747 4.23 -41.35 56.89
C ARG B 747 3.40 -40.27 57.57
N GLY B 748 3.02 -40.50 58.82
CA GLY B 748 2.30 -39.50 59.60
C GLY B 748 3.24 -38.41 60.13
N HIS B 749 2.71 -37.56 61.00
CA HIS B 749 3.45 -36.44 61.55
C HIS B 749 4.69 -36.98 62.25
N ASN B 750 4.47 -38.00 63.09
CA ASN B 750 5.54 -38.78 63.67
C ASN B 750 5.29 -40.23 63.27
N GLU B 751 6.13 -41.15 63.74
CA GLU B 751 6.10 -42.53 63.26
C GLU B 751 5.12 -43.36 64.09
N ALA B 752 4.30 -42.71 64.92
CA ALA B 752 3.34 -43.43 65.74
C ALA B 752 1.92 -42.99 65.43
N ASP B 753 1.72 -42.23 64.34
CA ASP B 753 0.44 -41.59 64.06
C ASP B 753 -0.12 -42.14 62.75
N ASP B 754 -1.47 -42.16 62.66
CA ASP B 754 -2.16 -42.66 61.48
C ASP B 754 -2.83 -41.51 60.75
N PRO B 755 -2.34 -41.11 59.56
CA PRO B 755 -2.88 -39.95 58.86
C PRO B 755 -4.17 -40.15 58.07
N SER B 756 -4.64 -41.40 57.99
CA SER B 756 -5.81 -41.72 57.21
C SER B 756 -7.09 -41.28 57.91
N MET B 757 -7.04 -41.11 59.23
CA MET B 757 -8.22 -40.77 59.99
C MET B 757 -8.78 -39.43 59.54
N THR B 758 -7.90 -38.48 59.18
CA THR B 758 -8.31 -37.12 58.89
C THR B 758 -8.08 -36.75 57.43
N GLN B 759 -7.17 -37.43 56.72
CA GLN B 759 -6.90 -37.14 55.33
C GLN B 759 -6.96 -38.43 54.52
N PRO B 760 -8.15 -39.05 54.31
CA PRO B 760 -8.26 -40.31 53.60
C PRO B 760 -7.87 -40.29 52.13
N LYS B 761 -8.32 -39.27 51.41
CA LYS B 761 -8.20 -39.24 49.96
C LYS B 761 -6.78 -38.92 49.54
N MET B 762 -6.10 -38.08 50.32
CA MET B 762 -4.75 -37.66 50.00
C MET B 762 -3.80 -38.84 50.16
N TYR B 763 -4.08 -39.74 51.11
CA TYR B 763 -3.18 -40.82 51.41
C TYR B 763 -3.53 -42.08 50.60
N GLU B 764 -4.54 -41.99 49.73
CA GLU B 764 -4.74 -42.98 48.68
C GLU B 764 -3.73 -42.76 47.57
N LEU B 765 -3.39 -41.49 47.30
CA LEU B 765 -2.43 -41.15 46.28
C LEU B 765 -0.99 -41.43 46.73
N ILE B 766 -0.72 -41.39 48.03
CA ILE B 766 0.64 -41.41 48.52
C ILE B 766 1.10 -42.85 48.73
N THR B 767 0.24 -43.69 49.30
CA THR B 767 0.62 -45.04 49.66
C THR B 767 0.89 -45.86 48.41
N GLY B 768 2.10 -46.41 48.31
CA GLY B 768 2.45 -47.34 47.25
C GLY B 768 3.05 -46.68 46.01
N ARG B 769 3.52 -45.44 46.15
CA ARG B 769 4.25 -44.78 45.08
C ARG B 769 5.64 -45.37 45.00
N GLU B 770 6.38 -45.00 43.95
CA GLU B 770 7.79 -45.34 43.88
C GLU B 770 8.59 -44.09 44.21
N THR B 771 9.75 -44.29 44.86
CA THR B 771 10.50 -43.20 45.45
C THR B 771 11.27 -42.43 44.37
N VAL B 772 11.85 -41.31 44.77
CA VAL B 772 12.52 -40.42 43.84
C VAL B 772 13.85 -41.05 43.41
N ARG B 773 14.45 -41.86 44.29
CA ARG B 773 15.68 -42.57 43.96
C ARG B 773 15.42 -43.62 42.90
N ALA B 774 14.32 -44.35 43.04
CA ALA B 774 13.93 -45.37 42.10
C ALA B 774 13.69 -44.77 40.72
N GLN B 775 12.93 -43.68 40.67
CA GLN B 775 12.57 -43.07 39.41
C GLN B 775 13.80 -42.55 38.69
N TYR B 776 14.75 -41.97 39.43
CA TYR B 776 15.93 -41.38 38.82
C TYR B 776 16.84 -42.46 38.29
N THR B 777 16.94 -43.59 38.99
CA THR B 777 17.78 -44.70 38.55
C THR B 777 17.24 -45.29 37.26
N GLU B 778 15.92 -45.39 37.17
CA GLU B 778 15.26 -45.94 35.99
C GLU B 778 15.51 -45.03 34.80
N ASP B 779 15.50 -43.72 35.02
CA ASP B 779 15.68 -42.75 33.96
C ASP B 779 17.08 -42.84 33.37
N LEU B 780 18.10 -42.91 34.24
CA LEU B 780 19.47 -42.90 33.78
C LEU B 780 19.79 -44.18 33.03
N LEU B 781 19.29 -45.33 33.49
CA LEU B 781 19.50 -46.60 32.81
C LEU B 781 18.82 -46.56 31.44
N GLY B 782 17.68 -45.88 31.36
CA GLY B 782 16.95 -45.78 30.11
C GLY B 782 17.72 -44.98 29.04
N ARG B 783 18.36 -43.89 29.45
CA ARG B 783 19.04 -43.01 28.52
C ARG B 783 20.48 -43.47 28.30
N GLY B 784 20.88 -44.56 28.95
CA GLY B 784 22.18 -45.17 28.70
C GLY B 784 23.32 -44.40 29.37
N ASP B 785 23.00 -43.69 30.45
CA ASP B 785 23.95 -42.83 31.14
C ASP B 785 24.62 -43.57 32.29
N LEU B 786 24.17 -44.79 32.59
CA LEU B 786 24.67 -45.55 33.72
C LEU B 786 24.52 -47.04 33.43
N SER B 787 25.46 -47.85 33.94
CA SER B 787 25.40 -49.30 33.80
C SER B 787 24.71 -49.91 35.01
N ASN B 788 24.38 -51.20 34.92
CA ASN B 788 23.70 -51.89 36.01
C ASN B 788 24.66 -52.23 37.12
N GLU B 789 25.89 -52.59 36.77
CA GLU B 789 26.90 -52.90 37.77
C GLU B 789 27.16 -51.66 38.64
N ASP B 790 27.23 -50.49 38.01
CA ASP B 790 27.43 -49.24 38.72
C ASP B 790 26.26 -48.99 39.66
N ALA B 791 25.05 -49.16 39.16
CA ALA B 791 23.84 -48.86 39.89
C ALA B 791 23.73 -49.73 41.15
N GLU B 792 24.24 -50.96 41.09
CA GLU B 792 24.11 -51.89 42.19
C GLU B 792 25.20 -51.66 43.21
N ALA B 793 26.38 -51.22 42.76
CA ALA B 793 27.48 -50.95 43.65
C ALA B 793 27.17 -49.78 44.57
N VAL B 794 26.52 -48.75 44.00
CA VAL B 794 26.17 -47.55 44.76
C VAL B 794 25.38 -47.94 46.00
N VAL B 795 24.45 -48.88 45.85
CA VAL B 795 23.59 -49.28 46.94
C VAL B 795 24.36 -50.14 47.94
N ARG B 796 25.10 -51.13 47.43
CA ARG B 796 25.72 -52.14 48.26
C ARG B 796 26.77 -51.51 49.17
N ASP B 797 27.56 -50.58 48.63
CA ASP B 797 28.68 -50.02 49.35
C ASP B 797 28.20 -49.25 50.58
N PHE B 798 27.15 -48.45 50.42
CA PHE B 798 26.66 -47.61 51.50
C PHE B 798 26.07 -48.45 52.62
N HIS B 799 25.38 -49.53 52.26
CA HIS B 799 24.75 -50.38 53.26
C HIS B 799 25.79 -51.10 54.09
N ASP B 800 26.91 -51.47 53.47
CA ASP B 800 27.98 -52.15 54.15
C ASP B 800 28.61 -51.23 55.19
N GLN B 801 28.80 -49.96 54.82
CA GLN B 801 29.37 -48.96 55.70
C GLN B 801 28.53 -48.82 56.97
N MET B 802 27.21 -48.75 56.81
CA MET B 802 26.32 -48.50 57.92
C MET B 802 26.28 -49.72 58.85
N GLU B 803 26.26 -50.92 58.26
CA GLU B 803 26.21 -52.15 59.02
C GLU B 803 27.46 -52.30 59.87
N SER B 804 28.61 -51.92 59.31
CA SER B 804 29.88 -52.00 60.00
C SER B 804 29.86 -51.18 61.29
N VAL B 805 29.47 -49.91 61.17
CA VAL B 805 29.48 -48.98 62.29
C VAL B 805 28.50 -49.44 63.35
N PHE B 806 27.33 -49.93 62.93
CA PHE B 806 26.29 -50.32 63.88
C PHE B 806 26.78 -51.45 64.77
N ASN B 807 27.47 -52.43 64.18
CA ASN B 807 27.94 -53.58 64.94
C ASN B 807 29.00 -53.14 65.94
N GLU B 808 29.87 -52.22 65.54
CA GLU B 808 30.93 -51.72 66.39
C GLU B 808 30.35 -51.04 67.63
N VAL B 809 29.21 -50.36 67.45
CA VAL B 809 28.58 -49.57 68.52
C VAL B 809 27.93 -50.50 69.54
N LYS B 810 27.51 -51.69 69.10
CA LYS B 810 26.72 -52.59 69.92
C LYS B 810 27.62 -53.54 70.70
N GLU B 811 28.92 -53.61 70.34
CA GLU B 811 29.89 -54.40 71.07
C GLU B 811 30.08 -53.82 72.46
N GLY B 812 30.31 -52.50 72.53
CA GLY B 812 30.39 -51.79 73.80
C GLY B 812 29.08 -51.85 74.56
N GLY B 813 29.15 -52.16 75.86
CA GLY B 813 27.98 -52.33 76.69
C GLY B 813 27.29 -51.00 77.00
N LYS B 814 26.01 -51.09 77.38
CA LYS B 814 25.21 -49.90 77.70
C LYS B 814 25.42 -49.53 79.17
N LYS B 815 25.65 -48.24 79.42
CA LYS B 815 25.81 -47.71 80.77
C LYS B 815 24.42 -47.52 81.40
N GLN B 816 24.40 -47.40 82.72
CA GLN B 816 23.16 -47.19 83.46
C GLN B 816 23.01 -45.71 83.80
N ALA B 817 21.79 -45.29 84.11
CA ALA B 817 21.46 -43.90 84.34
C ALA B 817 22.12 -43.39 85.62
N GLU B 818 22.43 -42.09 85.64
CA GLU B 818 23.06 -41.45 86.78
C GLU B 818 22.47 -40.05 86.93
N ALA B 819 22.33 -39.58 88.18
CA ALA B 819 21.69 -38.32 88.47
C ALA B 819 22.54 -37.16 87.97
N GLN B 820 21.87 -36.06 87.60
CA GLN B 820 22.51 -34.86 87.10
C GLN B 820 22.67 -33.87 88.24
N THR B 821 23.88 -33.29 88.37
CA THR B 821 24.30 -32.64 89.59
C THR B 821 23.93 -31.15 89.60
N GLY B 822 24.16 -30.45 88.48
CA GLY B 822 23.86 -29.03 88.38
C GLY B 822 25.05 -28.26 87.81
N ILE B 823 24.83 -26.99 87.44
CA ILE B 823 25.83 -26.22 86.72
C ILE B 823 26.33 -25.05 87.57
N THR B 824 26.05 -25.06 88.88
CA THR B 824 26.33 -23.91 89.72
C THR B 824 27.82 -23.61 89.79
N GLY B 825 28.65 -24.67 89.89
CA GLY B 825 30.08 -24.50 90.12
C GLY B 825 30.91 -24.84 88.89
N SER B 826 30.30 -24.81 87.70
CA SER B 826 30.97 -25.21 86.48
C SER B 826 31.80 -24.06 85.90
N GLN B 827 31.62 -22.85 86.44
CA GLN B 827 32.44 -21.71 86.04
C GLN B 827 32.91 -20.97 87.29
N LYS B 828 34.10 -20.37 87.20
CA LYS B 828 34.77 -19.75 88.35
C LYS B 828 34.37 -18.28 88.46
N LEU B 829 34.46 -17.75 89.69
CA LEU B 829 34.18 -16.36 89.97
C LEU B 829 35.49 -15.57 90.04
N PRO B 830 35.51 -14.29 89.60
CA PRO B 830 36.74 -13.50 89.57
C PRO B 830 37.12 -12.94 90.94
N HIS B 831 37.83 -13.75 91.73
CA HIS B 831 38.25 -13.36 93.07
C HIS B 831 39.46 -12.43 92.97
N GLY B 832 39.34 -11.25 93.59
CA GLY B 832 40.44 -10.33 93.71
C GLY B 832 40.76 -9.60 92.41
N LEU B 833 39.71 -9.13 91.71
CA LEU B 833 39.85 -8.37 90.50
C LEU B 833 39.49 -6.91 90.78
N GLU B 834 40.31 -5.98 90.29
CA GLU B 834 40.13 -4.57 90.56
C GLU B 834 39.68 -3.85 89.30
N THR B 835 38.73 -2.92 89.45
CA THR B 835 37.99 -2.39 88.32
C THR B 835 38.05 -0.86 88.27
N ASN B 836 39.05 -0.27 88.93
CA ASN B 836 39.20 1.18 88.93
C ASN B 836 40.11 1.57 87.77
N ILE B 837 39.93 2.80 87.26
CA ILE B 837 40.80 3.33 86.22
C ILE B 837 41.68 4.43 86.83
N SER B 838 42.70 4.87 86.09
CA SER B 838 43.62 5.90 86.55
C SER B 838 43.02 7.27 86.34
N ARG B 839 43.62 8.29 86.97
CA ARG B 839 43.14 9.65 86.89
C ARG B 839 43.41 10.23 85.51
N GLU B 840 44.49 9.76 84.86
CA GLU B 840 44.84 10.20 83.53
C GLU B 840 43.80 9.73 82.53
N GLU B 841 43.35 8.48 82.69
CA GLU B 841 42.35 7.89 81.81
C GLU B 841 41.03 8.63 81.93
N LEU B 842 40.67 9.05 83.14
CA LEU B 842 39.38 9.67 83.38
C LEU B 842 39.33 11.05 82.74
N LEU B 843 40.44 11.79 82.76
CA LEU B 843 40.47 13.12 82.18
C LEU B 843 40.41 13.04 80.67
N GLU B 844 41.02 12.02 80.08
CA GLU B 844 41.06 11.86 78.64
C GLU B 844 39.66 11.59 78.12
N LEU B 845 38.89 10.77 78.84
CA LEU B 845 37.52 10.45 78.46
C LEU B 845 36.68 11.70 78.49
N GLY B 846 36.86 12.52 79.53
CA GLY B 846 36.14 13.76 79.65
C GLY B 846 36.43 14.72 78.51
N GLN B 847 37.68 14.73 78.04
CA GLN B 847 38.12 15.70 77.05
C GLN B 847 37.67 15.31 75.65
N ALA B 848 37.08 14.13 75.50
CA ALA B 848 36.62 13.66 74.20
C ALA B 848 35.45 14.47 73.71
N PHE B 849 34.70 15.08 74.63
CA PHE B 849 33.51 15.83 74.29
C PHE B 849 33.85 17.29 73.98
N ALA B 850 35.14 17.66 74.03
CA ALA B 850 35.58 18.99 73.64
C ALA B 850 36.34 18.97 72.32
N ASN B 851 36.85 17.82 71.90
CA ASN B 851 37.56 17.70 70.65
C ASN B 851 36.57 17.51 69.51
N THR B 852 35.81 18.56 69.19
CA THR B 852 34.84 18.50 68.11
C THR B 852 35.58 18.58 66.79
N PRO B 853 35.01 18.08 65.67
CA PRO B 853 35.60 18.27 64.35
C PRO B 853 35.68 19.73 63.92
N GLU B 854 36.08 19.95 62.65
CA GLU B 854 36.59 21.23 62.23
C GLU B 854 35.50 22.30 62.26
N GLY B 855 34.38 22.07 61.60
CA GLY B 855 33.36 23.10 61.58
C GLY B 855 32.06 22.70 62.27
N PHE B 856 32.16 21.98 63.39
CA PHE B 856 31.01 21.37 64.04
C PHE B 856 30.61 22.22 65.23
N ASN B 857 29.30 22.38 65.43
CA ASN B 857 28.76 23.00 66.62
C ASN B 857 27.58 22.17 67.13
N TYR B 858 27.41 22.13 68.46
CA TYR B 858 26.33 21.42 69.10
C TYR B 858 25.04 22.23 69.01
N HIS B 859 23.91 21.55 69.18
CA HIS B 859 22.60 22.18 69.29
C HIS B 859 22.54 22.91 70.62
N PRO B 860 21.86 24.06 70.73
CA PRO B 860 21.83 24.83 71.97
C PRO B 860 21.41 24.12 73.24
N ARG B 861 20.60 23.07 73.11
CA ARG B 861 20.04 22.39 74.26
C ARG B 861 20.87 21.14 74.58
N VAL B 862 21.90 20.87 73.77
CA VAL B 862 22.82 19.76 73.99
C VAL B 862 24.16 20.28 74.49
N ALA B 863 24.47 21.55 74.21
CA ALA B 863 25.78 22.11 74.52
C ALA B 863 26.03 22.12 76.02
N PRO B 864 25.05 22.49 76.88
CA PRO B 864 25.24 22.41 78.32
C PRO B 864 25.63 21.03 78.87
N VAL B 865 25.13 19.98 78.24
CA VAL B 865 25.40 18.61 78.68
C VAL B 865 26.86 18.28 78.38
N ALA B 866 27.35 18.71 77.21
CA ALA B 866 28.73 18.44 76.83
C ALA B 866 29.69 19.18 77.75
N LYS B 867 29.37 20.42 78.11
CA LYS B 867 30.24 21.19 78.97
C LYS B 867 30.35 20.54 80.34
N LYS B 868 29.22 20.07 80.87
CA LYS B 868 29.19 19.48 82.19
C LYS B 868 30.01 18.20 82.22
N ARG B 869 30.04 17.47 81.10
CA ARG B 869 30.81 16.24 81.01
C ARG B 869 32.31 16.54 81.08
N VAL B 870 32.74 17.67 80.52
CA VAL B 870 34.17 18.02 80.52
C VAL B 870 34.59 18.51 81.89
N SER B 871 33.68 19.10 82.66
CA SER B 871 34.04 19.72 83.91
C SER B 871 33.88 18.78 85.10
N SER B 872 33.02 17.76 84.96
CA SER B 872 32.65 16.94 86.09
C SER B 872 33.76 16.00 86.49
N VAL B 873 34.64 15.65 85.55
CA VAL B 873 35.67 14.66 85.81
C VAL B 873 36.76 15.26 86.69
N THR B 874 36.61 16.51 87.10
CA THR B 874 37.54 17.10 88.03
C THR B 874 36.84 17.83 89.17
N GLU B 875 35.56 18.17 89.03
CA GLU B 875 34.86 18.96 90.04
C GLU B 875 33.84 18.13 90.79
N GLY B 876 33.25 17.13 90.14
CA GLY B 876 32.28 16.26 90.79
C GLY B 876 30.92 16.34 90.12
N GLY B 877 29.96 15.58 90.66
CA GLY B 877 28.58 15.62 90.20
C GLY B 877 28.38 14.86 88.90
N ILE B 878 28.82 13.60 88.88
CA ILE B 878 28.67 12.76 87.72
C ILE B 878 27.33 12.05 87.80
N ASP B 879 26.52 12.10 86.73
CA ASP B 879 25.18 11.57 86.74
C ASP B 879 25.16 10.15 86.16
N TRP B 880 23.97 9.55 86.08
CA TRP B 880 23.82 8.16 85.74
C TRP B 880 24.31 7.89 84.33
N ALA B 881 23.87 8.68 83.37
CA ALA B 881 24.18 8.42 81.97
C ALA B 881 25.67 8.51 81.72
N TRP B 882 26.33 9.47 82.36
CA TRP B 882 27.75 9.71 82.16
C TRP B 882 28.55 8.57 82.80
N GLY B 883 28.01 7.99 83.87
CA GLY B 883 28.61 6.81 84.48
C GLY B 883 28.61 5.59 83.56
N GLU B 884 27.50 5.39 82.85
CA GLU B 884 27.37 4.26 81.93
C GLU B 884 28.33 4.42 80.76
N LEU B 885 28.41 5.62 80.18
CA LEU B 885 29.23 5.85 79.01
C LEU B 885 30.71 5.76 79.37
N LEU B 886 31.09 6.18 80.58
CA LEU B 886 32.46 6.08 81.02
C LEU B 886 32.90 4.62 81.04
N ALA B 887 32.00 3.72 81.42
CA ALA B 887 32.30 2.30 81.48
C ALA B 887 32.53 1.74 80.09
N PHE B 888 31.60 1.97 79.18
CA PHE B 888 31.71 1.42 77.84
C PHE B 888 32.91 2.03 77.12
N GLY B 889 33.17 3.31 77.35
CA GLY B 889 34.28 4.00 76.71
C GLY B 889 35.63 3.44 77.14
N SER B 890 35.79 3.19 78.44
CA SER B 890 37.02 2.64 78.95
C SER B 890 37.31 1.29 78.33
N LEU B 891 36.26 0.46 78.16
CA LEU B 891 36.44 -0.88 77.63
C LEU B 891 36.78 -0.82 76.15
N ALA B 892 36.24 0.16 75.43
CA ALA B 892 36.54 0.30 74.02
C ALA B 892 37.98 0.73 73.81
N ASN B 893 38.51 1.53 74.74
CA ASN B 893 39.88 2.00 74.64
C ASN B 893 40.84 0.84 74.73
N SER B 894 40.55 -0.14 75.59
CA SER B 894 41.43 -1.26 75.80
C SER B 894 41.52 -2.16 74.58
N GLY B 895 40.52 -2.08 73.70
CA GLY B 895 40.61 -2.71 72.40
C GLY B 895 39.48 -3.70 72.14
N ARG B 896 38.28 -3.41 72.63
CA ARG B 896 37.15 -4.30 72.49
C ARG B 896 36.08 -3.69 71.62
N LEU B 897 35.24 -4.55 71.04
CA LEU B 897 34.10 -4.14 70.25
C LEU B 897 32.89 -4.04 71.17
N VAL B 898 32.38 -2.83 71.35
CA VAL B 898 31.24 -2.56 72.20
C VAL B 898 30.07 -2.18 71.31
N ARG B 899 28.92 -2.84 71.49
CA ARG B 899 27.74 -2.64 70.67
C ARG B 899 26.52 -2.40 71.56
N LEU B 900 25.78 -1.31 71.31
CA LEU B 900 24.59 -0.95 72.05
C LEU B 900 23.44 -0.71 71.09
N ALA B 901 22.30 -1.36 71.32
CA ALA B 901 21.17 -1.29 70.39
C ALA B 901 19.85 -1.27 71.16
N GLY B 902 18.86 -0.59 70.60
CA GLY B 902 17.55 -0.42 71.23
C GLY B 902 16.78 0.74 70.63
N GLU B 903 15.52 0.92 71.08
CA GLU B 903 14.65 1.94 70.54
C GLU B 903 15.04 3.31 71.06
N ASP B 904 15.46 4.19 70.15
CA ASP B 904 15.82 5.56 70.45
C ASP B 904 16.98 5.59 71.42
N SER B 905 18.01 4.79 71.15
CA SER B 905 19.07 4.58 72.11
C SER B 905 20.26 5.51 71.85
N ARG B 906 20.28 6.19 70.71
CA ARG B 906 21.34 7.15 70.40
C ARG B 906 21.14 8.43 71.22
N ARG B 907 19.91 8.93 71.27
CA ARG B 907 19.58 10.11 72.07
C ARG B 907 19.25 9.68 73.48
N GLY B 908 18.45 8.61 73.61
CA GLY B 908 17.90 8.19 74.89
C GLY B 908 16.42 8.56 75.00
N THR B 909 15.65 7.69 75.66
CA THR B 909 14.22 7.86 75.78
C THR B 909 13.92 9.08 76.65
N PHE B 910 14.76 9.32 77.65
CA PHE B 910 14.55 10.38 78.60
C PHE B 910 15.50 11.54 78.31
N THR B 911 16.06 11.57 77.10
CA THR B 911 16.93 12.64 76.63
C THR B 911 18.12 12.77 77.57
N GLN B 912 18.88 11.69 77.75
CA GLN B 912 19.88 11.66 78.79
C GLN B 912 21.24 11.19 78.28
N ARG B 913 21.33 10.58 77.09
CA ARG B 913 22.53 9.87 76.72
C ARG B 913 23.37 10.69 75.77
N HIS B 914 22.81 11.08 74.63
CA HIS B 914 23.52 11.86 73.64
C HIS B 914 24.86 11.22 73.31
N ALA B 915 24.83 10.01 72.77
CA ALA B 915 26.03 9.30 72.39
C ALA B 915 26.47 9.71 70.99
N VAL B 916 25.50 10.08 70.16
CA VAL B 916 25.78 10.69 68.88
C VAL B 916 25.07 12.02 68.82
N ALA B 917 25.78 13.08 68.44
CA ALA B 917 25.24 14.43 68.38
C ALA B 917 25.12 14.88 66.93
N ILE B 918 24.20 15.81 66.65
CA ILE B 918 23.93 16.28 65.30
C ILE B 918 24.00 17.80 65.26
N ASP B 919 24.64 18.33 64.22
CA ASP B 919 24.80 19.76 64.02
C ASP B 919 23.54 20.32 63.36
N PRO B 920 22.89 21.36 63.91
CA PRO B 920 21.65 21.86 63.36
C PRO B 920 21.73 22.49 61.99
N ALA B 921 22.92 22.95 61.62
CA ALA B 921 23.12 23.70 60.39
C ALA B 921 23.38 22.79 59.21
N THR B 922 24.08 21.68 59.44
CA THR B 922 24.53 20.85 58.33
C THR B 922 24.05 19.41 58.43
N ALA B 923 23.58 18.98 59.61
CA ALA B 923 23.14 17.62 59.85
C ALA B 923 24.28 16.62 59.83
N GLU B 924 25.49 17.05 60.23
CA GLU B 924 26.64 16.19 60.37
C GLU B 924 26.53 15.47 61.71
N GLU B 925 27.09 14.24 61.79
CA GLU B 925 27.04 13.43 62.99
C GLU B 925 28.41 13.34 63.63
N PHE B 926 28.45 13.14 64.95
CA PHE B 926 29.68 13.05 65.71
C PHE B 926 29.53 12.03 66.83
N ASN B 927 30.51 11.11 66.92
CA ASN B 927 30.52 10.07 67.94
C ASN B 927 31.82 10.17 68.71
N PRO B 928 31.89 10.93 69.82
CA PRO B 928 33.12 11.16 70.55
C PRO B 928 33.93 9.94 70.96
N LEU B 929 33.27 8.98 71.60
CA LEU B 929 33.97 7.88 72.23
C LEU B 929 34.53 6.92 71.18
N HIS B 930 33.90 6.84 70.01
CA HIS B 930 34.42 5.98 68.95
C HIS B 930 35.71 6.57 68.39
N GLU B 931 35.74 7.90 68.27
CA GLU B 931 36.91 8.60 67.78
C GLU B 931 38.09 8.35 68.72
N LEU B 932 37.86 8.53 70.02
CA LEU B 932 38.92 8.38 71.00
C LEU B 932 39.47 6.96 70.97
N ALA B 933 38.59 5.98 70.80
CA ALA B 933 39.00 4.59 70.85
C ALA B 933 39.89 4.26 69.66
N GLN B 934 39.56 4.83 68.49
CA GLN B 934 40.28 4.53 67.27
C GLN B 934 41.61 5.25 67.22
N SER B 935 41.85 6.20 68.13
CA SER B 935 43.09 6.95 68.16
C SER B 935 44.01 6.46 69.27
N LYS B 936 43.92 5.18 69.63
CA LYS B 936 44.75 4.63 70.69
C LYS B 936 45.46 3.35 70.23
N GLY B 937 45.14 2.86 69.04
CA GLY B 937 45.98 1.86 68.40
C GLY B 937 45.78 0.45 68.94
N ASN B 938 44.64 0.19 69.59
CA ASN B 938 44.27 -1.17 69.94
C ASN B 938 43.10 -1.65 69.08
N ASN B 939 42.60 -0.79 68.20
CA ASN B 939 41.55 -1.11 67.26
C ASN B 939 40.24 -1.42 67.99
N GLY B 940 39.84 -0.53 68.90
CA GLY B 940 38.58 -0.66 69.59
C GLY B 940 37.49 0.12 68.90
N LYS B 941 36.23 -0.22 69.20
CA LYS B 941 35.08 0.35 68.53
C LYS B 941 33.95 0.58 69.52
N PHE B 942 33.18 1.65 69.34
CA PHE B 942 31.95 1.89 70.05
C PHE B 942 30.85 2.16 69.03
N LEU B 943 29.92 1.20 68.88
CA LEU B 943 28.88 1.23 67.86
C LEU B 943 27.51 1.37 68.52
N VAL B 944 26.70 2.33 68.09
CA VAL B 944 25.39 2.57 68.67
C VAL B 944 24.36 2.62 67.56
N TYR B 945 23.24 1.91 67.73
CA TYR B 945 22.24 1.78 66.68
C TYR B 945 20.84 1.98 67.26
N ASN B 946 19.98 2.66 66.49
CA ASN B 946 18.55 2.73 66.74
C ASN B 946 17.86 1.56 66.06
N SER B 947 17.16 0.72 66.83
CA SER B 947 16.49 -0.45 66.29
C SER B 947 15.16 -0.08 65.69
N ALA B 948 14.57 -1.02 64.94
CA ALA B 948 13.18 -0.93 64.52
C ALA B 948 12.29 -1.23 65.72
N LEU B 949 10.98 -1.10 65.53
CA LEU B 949 10.04 -1.22 66.63
C LEU B 949 9.66 -2.69 66.78
N THR B 950 10.56 -3.46 67.40
CA THR B 950 10.38 -4.87 67.68
C THR B 950 11.10 -5.23 68.96
N GLU B 951 10.54 -6.17 69.73
CA GLU B 951 11.18 -6.66 70.93
C GLU B 951 11.65 -8.10 70.73
N TYR B 952 10.88 -8.89 69.97
CA TYR B 952 11.17 -10.30 69.75
C TYR B 952 12.39 -10.43 68.85
N ALA B 953 12.37 -9.73 67.71
CA ALA B 953 13.47 -9.78 66.77
C ALA B 953 14.67 -9.00 67.30
N GLY B 954 14.41 -7.91 68.01
CA GLY B 954 15.46 -7.08 68.56
C GLY B 954 16.36 -7.82 69.55
N MET B 955 15.76 -8.39 70.58
CA MET B 955 16.52 -9.04 71.63
C MET B 955 17.14 -10.33 71.10
N GLY B 956 16.45 -10.99 70.16
CA GLY B 956 16.96 -12.21 69.57
C GLY B 956 18.26 -11.97 68.81
N PHE B 957 18.32 -10.85 68.09
CA PHE B 957 19.48 -10.52 67.28
C PHE B 957 20.69 -10.29 68.17
N GLU B 958 20.48 -9.67 69.33
CA GLU B 958 21.57 -9.34 70.22
C GLU B 958 22.10 -10.59 70.92
N TYR B 959 21.20 -11.52 71.27
CA TYR B 959 21.62 -12.78 71.85
C TYR B 959 22.52 -13.51 70.86
N GLY B 960 22.12 -13.52 69.60
CA GLY B 960 22.89 -14.20 68.58
C GLY B 960 24.28 -13.60 68.42
N TYR B 961 24.36 -12.28 68.52
CA TYR B 961 25.62 -11.56 68.36
C TYR B 961 26.58 -12.00 69.45
N SER B 962 26.07 -12.20 70.66
CA SER B 962 26.89 -12.60 71.79
C SER B 962 27.44 -14.01 71.61
N VAL B 963 26.72 -14.87 70.91
CA VAL B 963 27.13 -16.25 70.69
C VAL B 963 28.13 -16.31 69.55
N GLY B 964 28.00 -15.43 68.57
CA GLY B 964 28.84 -15.46 67.39
C GLY B 964 30.21 -14.83 67.60
N ASN B 965 30.34 -13.97 68.62
CA ASN B 965 31.63 -13.41 69.00
C ASN B 965 31.68 -13.33 70.53
N GLU B 966 32.48 -14.22 71.13
CA GLU B 966 32.51 -14.38 72.57
C GLU B 966 33.25 -13.23 73.25
N ASP B 967 34.00 -12.43 72.49
CA ASP B 967 34.90 -11.45 73.06
C ASP B 967 34.35 -10.03 72.90
N SER B 968 33.07 -9.91 72.51
CA SER B 968 32.45 -8.60 72.35
C SER B 968 31.59 -8.27 73.56
N ILE B 969 31.33 -6.98 73.78
CA ILE B 969 30.42 -6.53 74.81
C ILE B 969 29.14 -6.04 74.14
N VAL B 970 28.01 -6.69 74.42
CA VAL B 970 26.74 -6.41 73.76
C VAL B 970 25.69 -6.05 74.80
N ALA B 971 24.86 -5.05 74.49
CA ALA B 971 23.80 -4.63 75.39
C ALA B 971 22.54 -4.27 74.61
N TRP B 972 21.39 -4.81 75.03
CA TRP B 972 20.09 -4.48 74.48
C TRP B 972 19.31 -3.65 75.49
N GLU B 973 18.66 -2.58 75.01
CA GLU B 973 17.91 -1.69 75.87
C GLU B 973 16.44 -1.68 75.45
N ALA B 974 15.55 -1.61 76.44
CA ALA B 974 14.13 -1.49 76.22
C ALA B 974 13.68 -0.06 76.52
N GLN B 975 12.68 0.42 75.78
CA GLN B 975 12.21 1.78 75.95
C GLN B 975 11.66 1.93 77.35
N PHE B 976 10.78 0.99 77.73
CA PHE B 976 10.43 0.75 79.11
C PHE B 976 10.50 -0.74 79.36
N GLY B 977 10.76 -1.13 80.61
CA GLY B 977 10.91 -2.54 80.94
C GLY B 977 9.61 -3.32 80.84
N ASP B 978 8.50 -2.62 80.67
CA ASP B 978 7.18 -3.22 80.60
C ASP B 978 6.93 -3.87 79.24
N PHE B 979 7.74 -3.52 78.23
CA PHE B 979 7.50 -4.03 76.90
C PHE B 979 8.37 -5.25 76.62
N ALA B 980 9.05 -5.78 77.63
CA ALA B 980 9.94 -6.92 77.43
C ALA B 980 9.18 -8.24 77.41
N ASN B 981 7.90 -8.23 77.79
CA ASN B 981 7.09 -9.44 77.75
C ASN B 981 6.77 -9.83 76.32
N GLY B 982 7.02 -8.93 75.36
CA GLY B 982 6.87 -9.25 73.96
C GLY B 982 8.05 -10.06 73.42
N ALA B 983 9.08 -10.27 74.24
CA ALA B 983 10.19 -11.12 73.88
C ALA B 983 10.34 -12.27 74.87
N GLN B 984 9.22 -12.78 75.37
CA GLN B 984 9.24 -13.76 76.44
C GLN B 984 9.83 -15.08 75.96
N THR B 985 9.57 -15.44 74.70
CA THR B 985 10.08 -16.67 74.13
C THR B 985 11.61 -16.69 74.21
N ILE B 986 12.26 -15.59 73.84
CA ILE B 986 13.71 -15.51 73.87
C ILE B 986 14.21 -15.61 75.29
N ILE B 987 13.56 -14.91 76.23
CA ILE B 987 14.00 -14.90 77.61
C ILE B 987 13.95 -16.32 78.18
N ASP B 988 12.87 -17.05 77.87
CA ASP B 988 12.60 -18.33 78.51
C ASP B 988 13.38 -19.47 77.88
N GLU B 989 13.64 -19.39 76.57
CA GLU B 989 14.12 -20.54 75.82
C GLU B 989 15.62 -20.43 75.53
N TYR B 990 16.17 -19.21 75.48
CA TYR B 990 17.57 -19.02 75.13
C TYR B 990 18.36 -18.44 76.29
N VAL B 991 17.96 -17.27 76.81
CA VAL B 991 18.78 -16.51 77.73
C VAL B 991 18.87 -17.19 79.08
N SER B 992 17.74 -17.68 79.57
CA SER B 992 17.65 -18.19 80.93
C SER B 992 18.15 -19.62 81.04
N SER B 993 18.11 -20.38 79.94
CA SER B 993 18.22 -21.84 80.04
C SER B 993 19.11 -22.47 78.98
N GLY B 994 19.89 -21.68 78.25
CA GLY B 994 20.68 -22.20 77.15
C GLY B 994 21.89 -23.03 77.61
N GLU B 995 22.51 -22.64 78.72
CA GLU B 995 23.69 -23.31 79.21
C GLU B 995 23.34 -24.69 79.74
N ALA B 996 22.23 -24.81 80.45
CA ALA B 996 21.82 -26.06 81.05
C ALA B 996 21.37 -27.06 79.99
N LYS B 997 20.85 -26.59 78.86
CA LYS B 997 20.30 -27.47 77.86
C LYS B 997 21.34 -27.89 76.84
N TRP B 998 22.14 -26.96 76.32
CA TRP B 998 23.02 -27.24 75.21
C TRP B 998 24.48 -26.95 75.52
N GLY B 999 24.78 -26.28 76.64
CA GLY B 999 26.14 -25.89 76.93
C GLY B 999 26.58 -24.67 76.14
N GLN B 1000 25.61 -23.83 75.73
CA GLN B 1000 25.87 -22.61 74.99
C GLN B 1000 25.87 -21.45 75.97
N THR B 1001 26.96 -20.67 76.00
CA THR B 1001 27.14 -19.63 76.98
C THR B 1001 27.02 -18.25 76.32
N SER B 1002 26.63 -17.25 77.12
CA SER B 1002 26.42 -15.89 76.62
C SER B 1002 26.71 -14.88 77.74
N LYS B 1003 27.08 -13.65 77.34
CA LYS B 1003 27.28 -12.56 78.28
C LYS B 1003 26.49 -11.33 77.85
N LEU B 1004 25.22 -11.52 77.48
CA LEU B 1004 24.38 -10.44 77.05
C LEU B 1004 24.01 -9.59 78.26
N ILE B 1005 23.85 -8.27 78.05
CA ILE B 1005 23.41 -7.35 79.07
C ILE B 1005 22.03 -6.84 78.69
N LEU B 1006 21.05 -6.96 79.59
CA LEU B 1006 19.73 -6.38 79.40
C LEU B 1006 19.59 -5.16 80.31
N LEU B 1007 19.28 -3.99 79.71
CA LEU B 1007 19.04 -2.76 80.44
C LEU B 1007 17.56 -2.44 80.39
N LEU B 1008 16.86 -2.54 81.53
CA LEU B 1008 15.41 -2.48 81.58
C LEU B 1008 14.98 -1.38 82.54
N PRO B 1009 14.47 -0.22 82.08
CA PRO B 1009 13.97 0.82 82.97
C PRO B 1009 12.83 0.43 83.91
N HIS B 1010 12.84 0.95 85.14
CA HIS B 1010 11.95 0.49 86.19
C HIS B 1010 11.75 1.60 87.22
N GLY B 1011 10.52 1.76 87.71
CA GLY B 1011 10.25 2.70 88.78
C GLY B 1011 8.77 3.07 88.88
N TYR B 1012 8.28 3.25 90.09
CA TYR B 1012 6.91 3.63 90.35
C TYR B 1012 6.85 5.15 90.56
N GLU B 1013 6.32 5.88 89.57
CA GLU B 1013 6.37 7.33 89.57
C GLU B 1013 5.06 7.97 89.12
N GLY B 1014 4.02 7.18 88.85
CA GLY B 1014 2.70 7.72 88.60
C GLY B 1014 2.37 7.88 87.12
N GLN B 1015 2.98 7.09 86.25
CA GLN B 1015 2.73 7.20 84.82
C GLN B 1015 1.78 6.11 84.33
N GLY B 1016 1.34 5.21 85.21
CA GLY B 1016 0.29 4.26 84.87
C GLY B 1016 0.81 2.83 84.78
N PRO B 1017 -0.07 1.84 84.55
CA PRO B 1017 0.30 0.43 84.60
C PRO B 1017 1.21 -0.16 83.52
N ASP B 1018 1.45 0.57 82.42
CA ASP B 1018 2.34 0.09 81.38
C ASP B 1018 3.56 0.98 81.26
N HIS B 1019 3.89 1.71 82.33
CA HIS B 1019 5.12 2.48 82.39
C HIS B 1019 5.63 2.51 83.82
N SER B 1020 5.69 1.34 84.49
CA SER B 1020 6.02 1.30 85.91
C SER B 1020 6.89 0.11 86.32
N SER B 1021 6.66 -1.10 85.79
CA SER B 1021 7.32 -2.27 86.33
C SER B 1021 7.90 -3.16 85.24
N ALA B 1022 9.16 -3.54 85.39
CA ALA B 1022 9.82 -4.47 84.49
C ALA B 1022 9.66 -5.92 84.94
N ARG B 1023 8.87 -6.15 86.00
CA ARG B 1023 8.53 -7.48 86.47
C ARG B 1023 9.76 -8.19 87.01
N ILE B 1024 10.24 -7.71 88.17
CA ILE B 1024 11.39 -8.26 88.85
C ILE B 1024 11.07 -9.68 89.30
N GLU B 1025 9.83 -9.90 89.76
CA GLU B 1025 9.43 -11.18 90.32
C GLU B 1025 9.55 -12.29 89.28
N ARG B 1026 9.31 -11.98 88.00
CA ARG B 1026 9.34 -12.97 86.96
C ARG B 1026 10.77 -13.41 86.69
N PHE B 1027 11.71 -12.46 86.68
CA PHE B 1027 13.11 -12.78 86.44
C PHE B 1027 13.68 -13.59 87.59
N LEU B 1028 13.23 -13.32 88.83
CA LEU B 1028 13.77 -14.02 89.98
C LEU B 1028 13.22 -15.43 90.06
N GLN B 1029 12.07 -15.72 89.43
CA GLN B 1029 11.57 -17.08 89.33
C GLN B 1029 12.48 -17.93 88.47
N LEU B 1030 12.94 -17.36 87.35
CA LEU B 1030 13.72 -18.09 86.37
C LEU B 1030 15.11 -18.44 86.88
N CYS B 1031 15.58 -17.75 87.93
CA CYS B 1031 16.94 -17.94 88.42
C CYS B 1031 17.05 -19.18 89.30
N ALA B 1032 18.05 -20.02 88.98
CA ALA B 1032 18.43 -21.17 89.78
C ALA B 1032 19.76 -21.70 89.26
N GLU B 1033 20.55 -22.30 90.15
CA GLU B 1033 21.85 -22.86 89.81
C GLU B 1033 22.83 -21.77 89.38
N GLY B 1034 22.62 -20.54 89.86
CA GLY B 1034 23.47 -19.42 89.46
C GLY B 1034 23.50 -19.21 87.95
N SER B 1035 22.32 -19.13 87.34
CA SER B 1035 22.19 -19.09 85.90
C SER B 1035 22.49 -17.71 85.35
N MET B 1036 22.05 -16.65 86.05
CA MET B 1036 22.34 -15.30 85.64
C MET B 1036 22.33 -14.35 86.83
N THR B 1037 22.90 -13.15 86.63
CA THR B 1037 23.06 -12.13 87.65
C THR B 1037 21.98 -11.06 87.49
N VAL B 1038 21.35 -10.66 88.60
CA VAL B 1038 20.29 -9.68 88.60
C VAL B 1038 20.61 -8.59 89.63
N ALA B 1039 20.52 -7.32 89.23
CA ALA B 1039 20.97 -6.21 90.04
C ALA B 1039 20.12 -4.95 89.85
N GLN B 1040 20.15 -4.05 90.84
CA GLN B 1040 19.44 -2.78 90.81
C GLN B 1040 20.24 -1.74 91.57
N PRO B 1041 21.29 -1.15 90.97
CA PRO B 1041 22.18 -0.24 91.70
C PRO B 1041 21.61 1.15 91.92
N SER B 1042 22.21 1.88 92.88
CA SER B 1042 21.64 3.13 93.37
C SER B 1042 22.56 4.33 93.17
N THR B 1043 23.77 4.14 92.64
CA THR B 1043 24.69 5.23 92.38
C THR B 1043 25.41 5.01 91.06
N PRO B 1044 25.70 6.05 90.27
CA PRO B 1044 26.43 5.90 89.01
C PRO B 1044 27.76 5.16 89.04
N ALA B 1045 28.52 5.33 90.11
CA ALA B 1045 29.83 4.70 90.23
C ALA B 1045 29.68 3.20 90.40
N ASN B 1046 28.61 2.78 91.07
CA ASN B 1046 28.39 1.36 91.32
C ASN B 1046 27.98 0.68 90.01
N HIS B 1047 27.19 1.38 89.20
CA HIS B 1047 26.81 0.90 87.89
C HIS B 1047 28.06 0.70 87.04
N PHE B 1048 29.02 1.61 87.17
CA PHE B 1048 30.28 1.58 86.45
C PHE B 1048 31.04 0.33 86.81
N HIS B 1049 31.12 0.03 88.11
CA HIS B 1049 31.93 -1.07 88.59
C HIS B 1049 31.29 -2.41 88.24
N LEU B 1050 29.97 -2.48 88.23
CA LEU B 1050 29.25 -3.70 87.90
C LEU B 1050 29.50 -4.08 86.45
N LEU B 1051 29.41 -3.12 85.54
CA LEU B 1051 29.59 -3.39 84.13
C LEU B 1051 31.01 -3.84 83.86
N ARG B 1052 31.99 -3.23 84.50
CA ARG B 1052 33.39 -3.53 84.23
C ARG B 1052 33.77 -4.88 84.82
N ARG B 1053 33.19 -5.27 85.94
CA ARG B 1053 33.46 -6.57 86.51
C ARG B 1053 32.99 -7.66 85.57
N HIS B 1054 31.81 -7.46 84.98
CA HIS B 1054 31.20 -8.43 84.09
C HIS B 1054 32.08 -8.62 82.87
N ALA B 1055 32.63 -7.53 82.34
CA ALA B 1055 33.36 -7.56 81.09
C ALA B 1055 34.74 -8.19 81.24
N LEU B 1056 35.38 -8.01 82.39
CA LEU B 1056 36.77 -8.41 82.57
C LEU B 1056 36.89 -9.78 83.23
N SER B 1057 35.78 -10.38 83.66
CA SER B 1057 35.82 -11.67 84.34
C SER B 1057 35.82 -12.80 83.31
N ASP B 1058 35.77 -14.04 83.82
CA ASP B 1058 35.75 -15.22 82.97
C ASP B 1058 34.51 -16.06 83.30
N LEU B 1059 33.46 -15.40 83.80
CA LEU B 1059 32.19 -16.01 84.09
C LEU B 1059 31.22 -15.66 82.98
N LYS B 1060 30.90 -16.63 82.13
CA LYS B 1060 30.17 -16.38 80.91
C LYS B 1060 28.69 -16.65 81.13
N ARG B 1061 28.01 -15.72 81.82
CA ARG B 1061 26.58 -15.80 82.07
C ARG B 1061 25.98 -14.42 81.90
N PRO B 1062 24.67 -14.29 81.59
CA PRO B 1062 24.03 -13.00 81.39
C PRO B 1062 23.94 -12.08 82.60
N LEU B 1063 23.62 -10.81 82.35
CA LEU B 1063 23.46 -9.79 83.39
C LEU B 1063 22.21 -8.97 83.10
N VAL B 1064 21.32 -8.87 84.09
CA VAL B 1064 20.07 -8.13 83.97
C VAL B 1064 20.10 -6.99 84.98
N ILE B 1065 19.98 -5.74 84.49
CA ILE B 1065 20.06 -4.55 85.32
C ILE B 1065 18.77 -3.76 85.20
N PHE B 1066 18.22 -3.34 86.34
CA PHE B 1066 17.02 -2.51 86.39
C PHE B 1066 17.44 -1.06 86.60
N THR B 1067 17.24 -0.23 85.57
CA THR B 1067 17.82 1.11 85.49
C THR B 1067 16.76 2.15 85.84
N PRO B 1068 17.14 3.36 86.29
CA PRO B 1068 16.19 4.37 86.74
C PRO B 1068 15.65 5.34 85.68
N LYS B 1069 14.63 6.12 86.07
CA LYS B 1069 13.94 7.02 85.16
C LYS B 1069 13.99 8.46 85.70
N SER B 1070 13.63 8.66 86.96
CA SER B 1070 13.62 9.97 87.58
C SER B 1070 14.91 10.25 88.34
N MET B 1071 15.58 9.18 88.79
CA MET B 1071 16.81 9.28 89.53
C MET B 1071 17.95 9.70 88.60
N LEU B 1072 17.70 9.70 87.28
CA LEU B 1072 18.68 10.11 86.30
C LEU B 1072 19.14 11.54 86.58
N ARG B 1073 18.25 12.38 87.11
CA ARG B 1073 18.54 13.80 87.31
C ARG B 1073 18.37 14.20 88.77
N ASN B 1074 18.60 13.27 89.70
CA ASN B 1074 18.54 13.56 91.13
C ASN B 1074 19.94 13.94 91.59
N LYS B 1075 20.06 15.08 92.28
CA LYS B 1075 21.36 15.62 92.61
C LYS B 1075 21.94 14.92 93.84
N ALA B 1076 21.12 14.22 94.60
CA ALA B 1076 21.58 13.51 95.77
C ALA B 1076 22.20 12.17 95.39
N ALA B 1077 22.09 11.78 94.12
CA ALA B 1077 22.54 10.48 93.69
C ALA B 1077 23.85 10.56 92.90
N ALA B 1078 24.39 11.77 92.71
CA ALA B 1078 25.57 11.95 91.87
C ALA B 1078 26.82 11.48 92.58
N SER B 1079 27.89 11.25 91.81
CA SER B 1079 29.11 10.63 92.30
C SER B 1079 30.32 11.53 92.10
N ALA B 1080 31.35 11.34 92.93
CA ALA B 1080 32.58 12.11 92.87
C ALA B 1080 33.65 11.31 92.15
N PRO B 1081 34.69 11.96 91.59
CA PRO B 1081 35.71 11.25 90.82
C PRO B 1081 36.52 10.19 91.55
N GLU B 1082 36.66 10.35 92.87
CA GLU B 1082 37.40 9.40 93.67
C GLU B 1082 36.72 8.03 93.62
N ASP B 1083 35.40 8.03 93.40
CA ASP B 1083 34.62 6.80 93.40
C ASP B 1083 34.91 5.95 92.16
N PHE B 1084 35.51 6.56 91.13
CA PHE B 1084 35.88 5.84 89.92
C PHE B 1084 37.35 5.47 89.90
N THR B 1085 38.18 6.10 90.74
CA THR B 1085 39.64 5.96 90.63
C THR B 1085 40.29 5.46 91.91
N GLU B 1086 39.62 5.53 93.06
CA GLU B 1086 40.23 5.10 94.32
C GLU B 1086 39.49 3.90 94.92
N VAL B 1087 38.16 3.82 94.75
CA VAL B 1087 37.40 2.65 95.15
C VAL B 1087 37.62 1.56 94.11
N THR B 1088 37.91 0.34 94.57
CA THR B 1088 38.47 -0.69 93.72
C THR B 1088 37.42 -1.69 93.21
N LYS B 1089 36.34 -1.93 93.97
CA LYS B 1089 35.42 -3.01 93.68
C LYS B 1089 33.97 -2.55 93.72
N PHE B 1090 33.09 -3.40 93.18
CA PHE B 1090 31.64 -3.23 93.23
C PHE B 1090 31.13 -3.64 94.60
N GLN B 1091 30.12 -2.92 95.09
CA GLN B 1091 29.55 -3.20 96.39
C GLN B 1091 28.17 -3.81 96.24
N SER B 1092 27.93 -4.92 96.94
CA SER B 1092 26.67 -5.64 96.86
C SER B 1092 25.70 -5.18 97.94
N VAL B 1093 26.24 -4.73 99.07
CA VAL B 1093 25.44 -4.14 100.13
C VAL B 1093 26.12 -2.85 100.56
N ILE B 1094 25.33 -1.76 100.67
CA ILE B 1094 25.83 -0.47 101.13
C ILE B 1094 25.17 -0.16 102.46
N ASN B 1095 25.98 0.01 103.50
CA ASN B 1095 25.51 0.26 104.84
C ASN B 1095 25.15 1.74 104.96
N ASP B 1096 24.44 2.12 106.03
CA ASP B 1096 23.92 3.46 106.19
C ASP B 1096 25.06 4.42 106.50
N PRO B 1097 25.26 5.49 105.69
CA PRO B 1097 26.31 6.47 105.96
C PRO B 1097 25.96 7.62 106.90
N ASN B 1098 24.78 7.60 107.53
CA ASN B 1098 24.39 8.64 108.45
C ASN B 1098 23.94 8.02 109.77
N VAL B 1099 24.81 7.21 110.37
CA VAL B 1099 24.57 6.67 111.69
C VAL B 1099 25.62 7.24 112.64
N ALA B 1100 25.17 8.04 113.62
CA ALA B 1100 26.03 8.67 114.59
C ALA B 1100 26.57 7.62 115.56
N ASP B 1101 25.67 6.91 116.22
CA ASP B 1101 26.02 5.89 117.20
C ASP B 1101 25.25 4.61 116.92
N ALA B 1102 25.99 3.50 116.83
CA ALA B 1102 25.43 2.25 116.34
C ALA B 1102 24.78 1.46 117.46
N ALA B 1103 25.00 1.89 118.70
CA ALA B 1103 24.47 1.17 119.85
C ALA B 1103 23.09 1.68 120.21
N LYS B 1104 22.56 2.64 119.45
CA LYS B 1104 21.27 3.21 119.73
C LYS B 1104 20.25 2.82 118.66
N VAL B 1105 20.63 1.93 117.74
CA VAL B 1105 19.74 1.51 116.67
C VAL B 1105 18.87 0.38 117.16
N LYS B 1106 17.57 0.43 116.83
CA LYS B 1106 16.61 -0.57 117.26
C LYS B 1106 15.71 -1.05 116.11
N LYS B 1107 15.86 -0.48 114.92
CA LYS B 1107 15.19 -0.98 113.72
C LYS B 1107 16.14 -0.90 112.54
N VAL B 1108 16.14 -1.93 111.71
CA VAL B 1108 16.91 -1.95 110.48
C VAL B 1108 15.94 -2.10 109.31
N MET B 1109 16.05 -1.21 108.33
CA MET B 1109 15.24 -1.27 107.12
C MET B 1109 16.10 -1.76 105.96
N LEU B 1110 15.59 -2.73 105.19
CA LEU B 1110 16.24 -3.18 103.97
C LEU B 1110 15.46 -2.65 102.78
N VAL B 1111 16.18 -2.11 101.78
CA VAL B 1111 15.56 -1.45 100.64
C VAL B 1111 16.42 -1.72 99.42
N SER B 1112 15.83 -1.56 98.23
CA SER B 1112 16.57 -1.65 96.98
C SER B 1112 16.04 -0.64 95.98
N GLY B 1113 16.93 0.17 95.40
CA GLY B 1113 16.57 1.07 94.32
C GLY B 1113 16.35 2.51 94.79
N LYS B 1114 15.38 3.19 94.17
CA LYS B 1114 15.25 4.64 94.30
C LYS B 1114 14.49 5.05 95.54
N LEU B 1115 13.83 4.13 96.22
CA LEU B 1115 13.04 4.48 97.39
C LEU B 1115 13.96 4.83 98.54
N TYR B 1116 15.26 4.53 98.44
CA TYR B 1116 16.20 4.87 99.47
C TYR B 1116 16.20 6.36 99.74
N TYR B 1117 16.16 7.15 98.67
CA TYR B 1117 16.37 8.58 98.76
C TYR B 1117 15.17 9.28 99.38
N GLU B 1118 14.02 8.60 99.47
CA GLU B 1118 12.86 9.15 100.14
C GLU B 1118 12.93 8.84 101.64
N LEU B 1119 13.34 7.63 101.97
CA LEU B 1119 13.41 7.20 103.35
C LEU B 1119 14.50 7.98 104.07
N ALA B 1120 15.62 8.24 103.40
CA ALA B 1120 16.73 8.96 103.98
C ALA B 1120 16.35 10.41 104.25
N LYS B 1121 15.58 10.97 103.33
CA LYS B 1121 15.08 12.33 103.43
C LYS B 1121 14.26 12.49 104.70
N ARG B 1122 13.36 11.54 104.94
CA ARG B 1122 12.44 11.61 106.06
C ARG B 1122 13.18 11.41 107.37
N LYS B 1123 14.19 10.53 107.36
CA LYS B 1123 14.95 10.24 108.55
C LYS B 1123 15.66 11.48 109.05
N GLU B 1124 16.18 12.29 108.13
CA GLU B 1124 16.92 13.50 108.45
C GLU B 1124 15.98 14.55 109.01
N LYS B 1125 14.78 14.65 108.44
CA LYS B 1125 13.81 15.66 108.82
C LYS B 1125 13.32 15.42 110.24
N ASP B 1126 13.05 14.16 110.59
CA ASP B 1126 12.42 13.84 111.85
C ASP B 1126 13.46 13.51 112.92
N GLY B 1127 14.74 13.46 112.54
CA GLY B 1127 15.82 13.29 113.50
C GLY B 1127 15.72 11.96 114.25
N ARG B 1128 15.58 10.86 113.50
CA ARG B 1128 15.51 9.53 114.06
C ARG B 1128 16.90 8.93 114.11
N ASP B 1129 17.35 8.58 115.32
CA ASP B 1129 18.67 8.00 115.52
C ASP B 1129 18.54 6.54 115.94
N ASP B 1130 17.33 5.99 115.84
CA ASP B 1130 17.08 4.61 116.21
C ASP B 1130 16.79 3.77 114.98
N ILE B 1131 17.04 4.33 113.78
CA ILE B 1131 16.80 3.62 112.53
C ILE B 1131 18.09 3.59 111.72
N ALA B 1132 18.27 2.53 110.92
CA ALA B 1132 19.37 2.41 109.99
C ALA B 1132 18.88 1.82 108.67
N ILE B 1133 19.11 2.51 107.55
CA ILE B 1133 18.65 2.05 106.25
C ILE B 1133 19.82 1.38 105.52
N VAL B 1134 19.61 0.13 105.07
CA VAL B 1134 20.63 -0.68 104.40
C VAL B 1134 20.14 -1.04 103.01
N ARG B 1135 21.00 -0.89 102.00
CA ARG B 1135 20.66 -1.08 100.60
C ARG B 1135 21.19 -2.42 100.10
N ILE B 1136 20.41 -3.06 99.22
CA ILE B 1136 20.83 -4.29 98.55
C ILE B 1136 20.91 -3.99 97.06
N GLU B 1137 22.09 -4.17 96.47
CA GLU B 1137 22.36 -3.75 95.12
C GLU B 1137 22.30 -4.94 94.17
N MET B 1138 22.79 -6.10 94.63
CA MET B 1138 22.71 -7.32 93.87
C MET B 1138 21.64 -8.21 94.49
N LEU B 1139 20.63 -8.57 93.69
CA LEU B 1139 19.46 -9.29 94.17
C LEU B 1139 19.70 -10.79 94.08
N HIS B 1140 20.21 -11.26 92.94
CA HIS B 1140 20.58 -12.66 92.78
C HIS B 1140 21.96 -12.73 92.14
N PRO B 1141 22.92 -13.55 92.65
CA PRO B 1141 22.77 -14.31 93.89
C PRO B 1141 22.69 -13.47 95.15
N ILE B 1142 22.17 -14.06 96.22
CA ILE B 1142 21.91 -13.33 97.45
C ILE B 1142 23.23 -13.17 98.18
N PRO B 1143 23.64 -11.93 98.52
CA PRO B 1143 24.84 -11.71 99.31
C PRO B 1143 24.56 -11.81 100.79
N PHE B 1144 24.43 -13.05 101.28
CA PHE B 1144 23.94 -13.29 102.62
C PHE B 1144 25.04 -13.07 103.65
N ASN B 1145 26.30 -13.19 103.24
CA ASN B 1145 27.40 -12.97 104.16
C ASN B 1145 27.51 -11.50 104.51
N ARG B 1146 27.30 -10.62 103.51
CA ARG B 1146 27.39 -9.19 103.73
C ARG B 1146 26.18 -8.68 104.50
N ILE B 1147 24.99 -9.23 104.22
CA ILE B 1147 23.79 -8.84 104.93
C ILE B 1147 23.94 -9.24 106.39
N SER B 1148 24.54 -10.41 106.64
CA SER B 1148 24.74 -10.88 108.00
C SER B 1148 25.71 -9.98 108.75
N GLU B 1149 26.75 -9.53 108.05
CA GLU B 1149 27.79 -8.70 108.62
C GLU B 1149 27.21 -7.34 109.00
N ALA B 1150 26.34 -6.81 108.14
CA ALA B 1150 25.70 -5.52 108.37
C ALA B 1150 24.78 -5.56 109.57
N LEU B 1151 23.96 -6.62 109.67
CA LEU B 1151 23.03 -6.76 110.76
C LEU B 1151 23.77 -6.97 112.08
N ALA B 1152 24.95 -7.61 112.03
CA ALA B 1152 25.73 -7.89 113.21
C ALA B 1152 26.33 -6.62 113.80
N GLY B 1153 26.44 -5.58 112.98
CA GLY B 1153 27.00 -4.31 113.42
C GLY B 1153 26.05 -3.50 114.30
N TYR B 1154 24.77 -3.90 114.35
CA TYR B 1154 23.79 -3.25 115.19
C TYR B 1154 23.30 -4.25 116.23
N PRO B 1155 23.95 -4.37 117.41
CA PRO B 1155 23.67 -5.43 118.36
C PRO B 1155 22.39 -5.34 119.18
N ASN B 1156 21.75 -4.18 119.17
CA ASN B 1156 20.56 -3.97 119.98
C ASN B 1156 19.32 -3.89 119.11
N ALA B 1157 19.38 -4.41 117.89
CA ALA B 1157 18.27 -4.36 116.97
C ALA B 1157 17.23 -5.41 117.36
N GLU B 1158 15.95 -5.05 117.21
CA GLU B 1158 14.85 -5.89 117.63
C GLU B 1158 13.98 -6.28 116.44
N GLU B 1159 13.91 -5.42 115.42
CA GLU B 1159 13.06 -5.63 114.27
C GLU B 1159 13.88 -5.52 112.99
N VAL B 1160 13.38 -6.16 111.93
CA VAL B 1160 13.90 -5.98 110.58
C VAL B 1160 12.70 -5.77 109.66
N LEU B 1161 12.72 -4.69 108.89
CA LEU B 1161 11.65 -4.32 107.98
C LEU B 1161 12.15 -4.43 106.54
N PHE B 1162 11.36 -5.03 105.65
CA PHE B 1162 11.65 -5.07 104.24
C PHE B 1162 10.70 -4.11 103.55
N VAL B 1163 11.23 -3.07 102.90
CA VAL B 1163 10.41 -1.99 102.36
C VAL B 1163 10.56 -1.97 100.84
N GLN B 1164 9.44 -2.03 100.12
CA GLN B 1164 9.45 -1.91 98.68
C GLN B 1164 8.27 -1.09 98.20
N ASP B 1165 8.34 -0.59 96.97
CA ASP B 1165 7.29 0.21 96.38
C ASP B 1165 6.25 -0.66 95.69
N GLU B 1166 6.65 -1.85 95.23
CA GLU B 1166 5.78 -2.66 94.40
C GLU B 1166 4.68 -3.28 95.24
N PRO B 1167 3.55 -3.70 94.63
CA PRO B 1167 2.55 -4.52 95.33
C PRO B 1167 3.13 -5.77 95.97
N ALA B 1168 2.37 -6.38 96.88
CA ALA B 1168 2.88 -7.43 97.75
C ALA B 1168 3.14 -8.72 96.98
N ASN B 1169 2.51 -8.88 95.81
CA ASN B 1169 2.69 -10.08 95.02
C ASN B 1169 3.67 -9.82 93.88
N GLN B 1170 4.40 -8.71 93.95
CA GLN B 1170 5.35 -8.32 92.94
C GLN B 1170 6.62 -7.80 93.63
N GLY B 1171 7.66 -7.51 92.84
CA GLY B 1171 8.90 -6.99 93.38
C GLY B 1171 9.75 -8.11 93.98
N PRO B 1172 10.84 -7.80 94.71
CA PRO B 1172 11.68 -8.81 95.32
C PRO B 1172 11.25 -9.51 96.61
N TRP B 1173 10.08 -9.17 97.15
CA TRP B 1173 9.68 -9.68 98.45
C TRP B 1173 9.43 -11.18 98.41
N PRO B 1174 8.65 -11.72 97.44
CA PRO B 1174 8.37 -13.15 97.40
C PRO B 1174 9.61 -14.03 97.42
N PHE B 1175 10.65 -13.62 96.70
CA PHE B 1175 11.90 -14.36 96.62
C PHE B 1175 12.62 -14.33 97.96
N TYR B 1176 12.67 -13.16 98.60
CA TYR B 1176 13.48 -12.96 99.78
C TYR B 1176 12.84 -13.56 101.02
N GLN B 1177 11.51 -13.53 101.11
CA GLN B 1177 10.83 -14.05 102.29
C GLN B 1177 10.97 -15.56 102.36
N GLU B 1178 11.21 -16.21 101.20
CA GLU B 1178 11.38 -17.64 101.12
C GLU B 1178 12.80 -18.04 101.49
N HIS B 1179 13.79 -17.32 100.94
CA HIS B 1179 15.16 -17.80 100.91
C HIS B 1179 16.03 -17.25 102.05
N LEU B 1180 15.77 -16.03 102.51
CA LEU B 1180 16.73 -15.34 103.36
C LEU B 1180 16.73 -15.88 104.78
N PRO B 1181 15.56 -16.20 105.40
CA PRO B 1181 15.55 -16.79 106.74
C PRO B 1181 16.35 -18.08 106.91
N GLU B 1182 16.45 -18.89 105.86
CA GLU B 1182 17.21 -20.12 105.89
C GLU B 1182 18.71 -19.81 105.94
N LEU B 1183 19.14 -18.79 105.18
CA LEU B 1183 20.54 -18.48 105.01
C LEU B 1183 21.09 -17.71 106.20
N ILE B 1184 20.25 -16.98 106.92
CA ILE B 1184 20.66 -16.26 108.12
C ILE B 1184 19.76 -16.72 109.27
N PRO B 1185 20.07 -17.83 109.95
CA PRO B 1185 19.21 -18.38 111.00
C PRO B 1185 18.92 -17.51 112.21
N ASN B 1186 19.85 -16.62 112.59
CA ASN B 1186 19.74 -15.88 113.84
C ASN B 1186 19.03 -14.55 113.65
N MET B 1187 18.55 -14.27 112.44
CA MET B 1187 17.95 -12.98 112.12
C MET B 1187 16.55 -12.92 112.72
N PRO B 1188 16.09 -11.76 113.23
CA PRO B 1188 14.69 -11.61 113.67
C PRO B 1188 13.69 -11.81 112.54
N LYS B 1189 12.42 -12.00 112.87
CA LYS B 1189 11.42 -12.22 111.86
C LYS B 1189 11.21 -10.93 111.06
N MET B 1190 11.15 -11.07 109.73
CA MET B 1190 11.02 -9.92 108.86
C MET B 1190 9.55 -9.48 108.82
N ARG B 1191 9.33 -8.21 108.47
CA ARG B 1191 8.01 -7.63 108.37
C ARG B 1191 7.94 -6.80 107.09
N ARG B 1192 6.94 -7.07 106.26
CA ARG B 1192 6.81 -6.42 104.97
C ARG B 1192 6.20 -5.04 105.15
N VAL B 1193 6.65 -4.08 104.35
CA VAL B 1193 5.99 -2.79 104.20
C VAL B 1193 5.96 -2.46 102.72
N SER B 1194 4.77 -2.51 102.11
CA SER B 1194 4.63 -2.31 100.68
C SER B 1194 3.21 -1.89 100.34
N ARG B 1195 2.93 -1.76 99.05
CA ARG B 1195 1.58 -1.57 98.56
C ARG B 1195 0.81 -2.89 98.64
N ARG B 1196 -0.53 -2.82 98.60
CA ARG B 1196 -1.37 -4.02 98.65
C ARG B 1196 -1.24 -4.79 97.35
N ALA B 1197 -1.61 -6.08 97.38
CA ALA B 1197 -1.56 -6.94 96.22
C ALA B 1197 -2.62 -6.50 95.20
N GLN B 1198 -2.28 -6.59 93.91
CA GLN B 1198 -3.13 -6.08 92.86
C GLN B 1198 -3.10 -7.01 91.65
N SER B 1199 -4.15 -6.93 90.84
CA SER B 1199 -4.24 -7.66 89.59
C SER B 1199 -3.42 -6.98 88.51
N SER B 1200 -3.45 -5.64 88.49
CA SER B 1200 -2.63 -4.87 87.58
C SER B 1200 -1.33 -4.46 88.27
N THR B 1201 -0.47 -3.76 87.53
CA THR B 1201 0.84 -3.36 88.01
C THR B 1201 0.75 -2.14 88.93
N ALA B 1202 -0.04 -1.14 88.53
CA ALA B 1202 -0.14 0.10 89.27
C ALA B 1202 -1.43 0.82 88.93
N THR B 1203 -1.73 1.89 89.68
CA THR B 1203 -2.94 2.68 89.49
C THR B 1203 -2.82 3.52 88.23
N GLY B 1204 -3.96 4.02 87.75
CA GLY B 1204 -4.00 4.85 86.57
C GLY B 1204 -4.21 6.33 86.90
N VAL B 1205 -4.56 6.63 88.16
CA VAL B 1205 -4.77 7.99 88.61
C VAL B 1205 -3.52 8.47 89.36
N ALA B 1206 -3.14 9.73 89.13
CA ALA B 1206 -1.89 10.26 89.65
C ALA B 1206 -2.04 10.73 91.10
N LYS B 1207 -3.23 11.24 91.46
CA LYS B 1207 -3.47 11.68 92.81
C LYS B 1207 -3.45 10.50 93.78
N VAL B 1208 -3.94 9.34 93.33
CA VAL B 1208 -3.98 8.15 94.15
C VAL B 1208 -2.56 7.65 94.38
N HIS B 1209 -1.69 7.80 93.39
CA HIS B 1209 -0.31 7.38 93.51
C HIS B 1209 0.38 8.14 94.62
N GLN B 1210 0.13 9.45 94.68
CA GLN B 1210 0.76 10.30 95.68
C GLN B 1210 0.27 9.94 97.07
N LEU B 1211 -1.02 9.61 97.18
CA LEU B 1211 -1.62 9.26 98.47
C LEU B 1211 -1.04 7.96 98.99
N GLU B 1212 -0.81 7.00 98.08
CA GLU B 1212 -0.28 5.68 98.42
C GLU B 1212 1.14 5.80 98.94
N GLU B 1213 1.95 6.66 98.32
CA GLU B 1213 3.35 6.80 98.67
C GLU B 1213 3.48 7.37 100.07
N LYS B 1214 2.62 8.34 100.41
CA LYS B 1214 2.63 8.96 101.72
C LYS B 1214 2.29 7.92 102.79
N GLN B 1215 1.27 7.11 102.51
CA GLN B 1215 0.78 6.09 103.43
C GLN B 1215 1.88 5.06 103.70
N LEU B 1216 2.68 4.76 102.67
CA LEU B 1216 3.72 3.74 102.74
C LEU B 1216 4.85 4.18 103.66
N ILE B 1217 5.33 5.41 103.46
CA ILE B 1217 6.46 5.92 104.22
C ILE B 1217 6.04 6.16 105.66
N ASP B 1218 4.77 6.49 105.90
CA ASP B 1218 4.28 6.70 107.25
C ASP B 1218 4.28 5.39 108.01
N GLU B 1219 3.91 4.30 107.33
CA GLU B 1219 3.83 2.99 107.94
C GLU B 1219 5.22 2.49 108.33
N ALA B 1220 6.23 2.87 107.55
CA ALA B 1220 7.60 2.44 107.78
C ALA B 1220 8.16 3.06 109.06
N PHE B 1221 7.78 4.31 109.34
CA PHE B 1221 8.26 5.02 110.51
C PHE B 1221 7.23 4.98 111.62
N GLU B 1222 6.60 3.82 111.80
CA GLU B 1222 5.60 3.59 112.83
C GLU B 1222 4.40 4.49 112.59
N PRO C 104 35.85 46.30 35.59
CA PRO C 104 34.91 47.44 35.60
C PRO C 104 35.65 48.79 35.56
N GLY C 105 35.04 49.76 34.86
CA GLY C 105 35.59 51.11 34.77
C GLY C 105 35.95 51.48 33.33
N GLN C 106 36.82 52.48 33.20
CA GLN C 106 37.23 53.02 31.92
C GLN C 106 38.69 52.67 31.68
N THR C 107 39.06 52.43 30.42
CA THR C 107 40.44 52.10 30.10
C THR C 107 40.74 52.48 28.65
N PRO C 108 41.81 53.28 28.39
CA PRO C 108 42.20 53.63 27.03
C PRO C 108 42.50 52.47 26.10
N ILE C 109 42.18 52.67 24.82
CA ILE C 109 42.43 51.68 23.79
C ILE C 109 43.83 51.91 23.25
N ARG C 110 44.63 50.83 23.19
CA ARG C 110 46.01 50.94 22.76
C ARG C 110 46.34 49.78 21.83
N GLY C 111 47.25 50.04 20.88
CA GLY C 111 47.86 49.00 20.10
C GLY C 111 47.15 48.76 18.77
N ILE C 112 46.98 47.48 18.42
CA ILE C 112 46.29 47.08 17.21
C ILE C 112 44.81 47.45 17.32
N PHE C 113 44.28 47.44 18.55
CA PHE C 113 42.89 47.74 18.78
C PHE C 113 42.59 49.19 18.46
N LYS C 114 43.56 50.08 18.69
CA LYS C 114 43.39 51.48 18.40
C LYS C 114 43.33 51.69 16.89
N SER C 115 44.09 50.88 16.15
CA SER C 115 44.11 50.97 14.70
C SER C 115 42.78 50.52 14.12
N ILE C 116 42.20 49.45 14.70
CA ILE C 116 40.93 48.92 14.26
C ILE C 116 39.83 49.96 14.49
N ALA C 117 39.90 50.67 15.62
CA ALA C 117 38.90 51.66 15.97
C ALA C 117 38.95 52.84 15.00
N LYS C 118 40.16 53.25 14.61
CA LYS C 118 40.33 54.42 13.77
C LYS C 118 39.80 54.16 12.36
N ASN C 119 40.05 52.96 11.85
CA ASN C 119 39.68 52.62 10.49
C ASN C 119 38.16 52.49 10.36
N MET C 120 37.51 51.98 11.42
CA MET C 120 36.07 51.83 11.42
C MET C 120 35.40 53.21 11.40
N ASP C 121 36.03 54.19 12.04
CA ASP C 121 35.53 55.55 12.04
C ASP C 121 35.68 56.18 10.66
N ILE C 122 36.79 55.88 9.98
CA ILE C 122 37.03 56.41 8.65
C ILE C 122 35.99 55.87 7.68
N SER C 123 35.53 54.63 7.91
CA SER C 123 34.66 53.94 6.98
C SER C 123 33.23 54.49 6.98
N LEU C 124 32.96 55.46 7.86
CA LEU C 124 31.64 56.07 7.93
C LEU C 124 31.38 56.96 6.72
N GLU C 125 32.38 57.16 5.86
CA GLU C 125 32.21 58.05 4.72
C GLU C 125 32.05 57.27 3.42
N ILE C 126 31.59 56.01 3.49
CA ILE C 126 31.33 55.20 2.31
C ILE C 126 29.86 54.84 2.28
N PRO C 127 29.07 55.27 1.26
CA PRO C 127 27.69 54.80 1.09
C PRO C 127 27.62 53.37 0.56
N THR C 128 26.92 52.49 1.28
CA THR C 128 26.96 51.07 0.97
C THR C 128 25.55 50.50 0.82
N ALA C 129 25.43 49.45 0.00
CA ALA C 129 24.22 48.65 -0.11
C ALA C 129 24.59 47.18 -0.15
N THR C 130 23.60 46.30 0.08
CA THR C 130 23.85 44.87 0.20
C THR C 130 22.86 44.08 -0.65
N SER C 131 23.32 42.95 -1.18
CA SER C 131 22.49 41.98 -1.89
C SER C 131 22.68 40.60 -1.27
N VAL C 132 21.62 39.79 -1.26
CA VAL C 132 21.64 38.47 -0.63
C VAL C 132 21.07 37.45 -1.60
N ARG C 133 21.70 36.27 -1.71
CA ARG C 133 21.23 35.19 -2.56
C ARG C 133 21.55 33.84 -1.94
N ASP C 134 20.64 32.88 -2.09
CA ASP C 134 20.80 31.52 -1.58
C ASP C 134 20.98 30.55 -2.75
N MET C 135 21.83 29.54 -2.57
CA MET C 135 22.30 28.70 -3.66
C MET C 135 22.31 27.24 -3.22
N PRO C 136 21.94 26.27 -4.09
CA PRO C 136 22.09 24.86 -3.79
C PRO C 136 23.54 24.44 -3.56
N ALA C 137 23.76 23.45 -2.69
CA ALA C 137 25.11 23.10 -2.29
C ALA C 137 25.37 21.59 -2.33
N ARG C 138 24.51 20.81 -3.00
CA ARG C 138 24.62 19.36 -3.00
C ARG C 138 25.81 18.93 -3.85
N LEU C 139 25.95 19.53 -5.03
CA LEU C 139 26.97 19.13 -5.97
C LEU C 139 28.36 19.44 -5.42
N MET C 140 28.45 20.46 -4.56
CA MET C 140 29.71 20.78 -3.91
C MET C 140 30.14 19.63 -3.02
N PHE C 141 29.23 19.16 -2.17
CA PHE C 141 29.53 18.10 -1.24
C PHE C 141 30.02 16.85 -1.97
N GLU C 142 29.34 16.50 -3.07
CA GLU C 142 29.64 15.29 -3.82
C GLU C 142 31.01 15.38 -4.45
N ASN C 143 31.26 16.45 -5.21
CA ASN C 143 32.46 16.56 -6.01
C ASN C 143 33.67 16.80 -5.12
N ARG C 144 33.49 17.44 -3.98
CA ARG C 144 34.59 17.67 -3.06
C ARG C 144 35.07 16.33 -2.52
N ALA C 145 34.13 15.42 -2.26
CA ALA C 145 34.46 14.11 -1.73
C ALA C 145 35.27 13.32 -2.75
N MET C 146 34.91 13.45 -4.03
CA MET C 146 35.59 12.74 -5.10
C MET C 146 37.04 13.21 -5.19
N VAL C 147 37.28 14.50 -4.97
CA VAL C 147 38.63 15.05 -5.07
C VAL C 147 39.46 14.60 -3.88
N ASN C 148 38.85 14.54 -2.70
CA ASN C 148 39.61 14.21 -1.50
C ASN C 148 39.96 12.72 -1.47
N ASP C 149 39.20 11.89 -2.19
CA ASP C 149 39.51 10.47 -2.29
C ASP C 149 40.78 10.28 -3.12
N GLN C 150 40.94 11.07 -4.18
CA GLN C 150 42.11 10.99 -5.04
C GLN C 150 43.35 11.42 -4.27
N LEU C 151 43.24 12.47 -3.47
CA LEU C 151 44.39 12.99 -2.74
C LEU C 151 44.83 12.00 -1.67
N LYS C 152 43.88 11.25 -1.10
CA LYS C 152 44.20 10.34 -0.02
C LYS C 152 45.06 9.18 -0.52
N ARG C 153 44.78 8.69 -1.72
CA ARG C 153 45.53 7.57 -2.27
C ARG C 153 46.93 8.02 -2.68
N THR C 154 47.06 9.29 -3.09
CA THR C 154 48.32 9.84 -3.54
C THR C 154 49.05 10.54 -2.38
N ARG C 155 48.56 10.34 -1.16
CA ARG C 155 49.16 10.89 0.05
C ARG C 155 49.38 12.39 -0.09
N GLY C 156 48.36 13.09 -0.62
CA GLY C 156 48.32 14.54 -0.61
C GLY C 156 47.58 15.06 0.61
N GLY C 157 46.95 16.23 0.47
CA GLY C 157 46.27 16.88 1.58
C GLY C 157 44.74 16.75 1.49
N LYS C 158 44.06 17.90 1.54
CA LYS C 158 42.61 17.95 1.69
C LYS C 158 42.14 19.36 1.32
N ILE C 159 41.13 19.48 0.46
CA ILE C 159 40.61 20.79 0.10
C ILE C 159 39.34 21.07 0.90
N SER C 160 39.01 22.37 1.01
CA SER C 160 37.90 22.86 1.83
C SER C 160 36.91 23.61 0.95
N PHE C 161 35.78 24.01 1.55
CA PHE C 161 34.73 24.70 0.84
C PHE C 161 35.15 26.13 0.51
N THR C 162 35.99 26.73 1.37
CA THR C 162 36.46 28.09 1.16
C THR C 162 37.35 28.16 -0.07
N HIS C 163 38.14 27.12 -0.33
CA HIS C 163 38.98 27.04 -1.52
C HIS C 163 38.12 27.11 -2.77
N ILE C 164 37.02 26.33 -2.80
CA ILE C 164 36.20 26.19 -3.99
C ILE C 164 35.44 27.49 -4.24
N ILE C 165 34.87 28.07 -3.18
CA ILE C 165 34.07 29.28 -3.31
C ILE C 165 34.99 30.44 -3.65
N GLY C 166 36.21 30.42 -3.11
CA GLY C 166 37.22 31.42 -3.42
C GLY C 166 37.55 31.45 -4.91
N TYR C 167 37.76 30.27 -5.50
CA TYR C 167 38.15 30.19 -6.90
C TYR C 167 36.98 30.65 -7.77
N ALA C 168 35.76 30.30 -7.37
CA ALA C 168 34.57 30.68 -8.12
C ALA C 168 34.41 32.20 -8.11
N MET C 169 34.72 32.81 -6.97
CA MET C 169 34.60 34.25 -6.81
C MET C 169 35.55 34.96 -7.76
N VAL C 170 36.76 34.42 -7.91
CA VAL C 170 37.77 34.99 -8.81
C VAL C 170 37.27 34.97 -10.24
N LYS C 171 36.73 33.83 -10.67
CA LYS C 171 36.23 33.68 -12.02
C LYS C 171 35.11 34.65 -12.30
N ALA C 172 34.29 34.92 -11.27
CA ALA C 172 33.14 35.79 -11.40
C ALA C 172 33.57 37.24 -11.54
N VAL C 173 34.64 37.63 -10.82
CA VAL C 173 35.14 39.00 -10.87
C VAL C 173 35.73 39.27 -12.25
N MET C 174 36.28 38.25 -12.89
CA MET C 174 36.81 38.39 -14.24
C MET C 174 35.67 38.62 -15.22
N ALA C 175 34.54 37.94 -15.00
CA ALA C 175 33.39 38.05 -15.87
C ALA C 175 32.71 39.41 -15.71
N HIS C 176 32.83 40.01 -14.52
CA HIS C 176 32.19 41.29 -14.22
C HIS C 176 33.24 42.21 -13.59
N PRO C 177 34.14 42.82 -14.41
CA PRO C 177 35.27 43.59 -13.89
C PRO C 177 34.99 44.83 -13.05
N ASP C 178 33.77 45.37 -13.15
CA ASP C 178 33.40 46.57 -12.41
C ASP C 178 33.45 46.35 -10.90
N MET C 179 33.39 45.09 -10.48
CA MET C 179 33.35 44.76 -9.06
C MET C 179 34.72 44.97 -8.42
N ASN C 180 35.74 45.31 -9.23
CA ASN C 180 37.11 45.43 -8.72
C ASN C 180 37.52 46.89 -8.57
N ASN C 181 36.66 47.83 -8.96
CA ASN C 181 37.00 49.24 -9.00
C ASN C 181 36.78 49.86 -7.63
N SER C 182 37.27 51.10 -7.43
CA SER C 182 37.12 51.82 -6.18
C SER C 182 37.04 53.33 -6.44
N TYR C 183 36.86 54.12 -5.37
CA TYR C 183 36.64 55.56 -5.46
C TYR C 183 37.67 56.31 -4.64
N ASP C 184 38.04 57.51 -5.08
CA ASP C 184 38.94 58.38 -4.35
C ASP C 184 38.80 59.81 -4.85
N VAL C 185 39.16 60.79 -4.01
CA VAL C 185 39.18 62.18 -4.42
C VAL C 185 40.62 62.66 -4.52
N ILE C 186 41.02 62.99 -5.75
CA ILE C 186 42.40 63.30 -6.10
C ILE C 186 42.47 64.67 -6.74
N ASP C 187 43.23 65.58 -6.14
CA ASP C 187 43.30 66.96 -6.58
C ASP C 187 41.92 67.59 -6.42
N GLY C 188 41.15 67.09 -5.47
CA GLY C 188 39.85 67.66 -5.20
C GLY C 188 38.83 67.38 -6.29
N LYS C 189 39.04 66.36 -7.10
CA LYS C 189 38.05 65.91 -8.04
C LYS C 189 37.70 64.45 -7.77
N PRO C 190 36.43 64.02 -7.88
CA PRO C 190 36.09 62.60 -7.91
C PRO C 190 36.76 61.78 -8.99
N THR C 191 37.12 60.54 -8.67
CA THR C 191 37.95 59.72 -9.53
C THR C 191 37.61 58.24 -9.38
N LEU C 192 37.63 57.51 -10.50
CA LEU C 192 37.45 56.07 -10.51
C LEU C 192 38.81 55.41 -10.66
N ILE C 193 39.05 54.35 -9.89
CA ILE C 193 40.34 53.69 -9.87
C ILE C 193 40.18 52.25 -10.39
N VAL C 194 40.93 51.91 -11.46
CA VAL C 194 40.86 50.61 -12.10
C VAL C 194 42.19 49.91 -11.92
N PRO C 195 42.34 48.94 -10.99
CA PRO C 195 43.62 48.31 -10.74
C PRO C 195 44.13 47.39 -11.86
N GLU C 196 45.38 46.95 -11.72
CA GLU C 196 46.04 46.11 -12.70
C GLU C 196 45.72 44.64 -12.44
N HIS C 197 45.61 44.26 -11.16
CA HIS C 197 45.46 42.88 -10.77
C HIS C 197 44.26 42.68 -9.85
N ILE C 198 43.85 41.41 -9.69
CA ILE C 198 42.88 41.01 -8.68
C ILE C 198 43.64 40.42 -7.50
N ASN C 199 43.72 41.18 -6.41
CA ASN C 199 44.37 40.72 -5.19
C ASN C 199 43.29 40.39 -4.16
N LEU C 200 43.24 39.14 -3.71
CA LEU C 200 42.14 38.65 -2.90
C LEU C 200 42.57 38.60 -1.43
N GLY C 201 41.85 39.34 -0.59
CA GLY C 201 42.13 39.40 0.84
C GLY C 201 41.38 38.31 1.61
N LEU C 202 42.09 37.58 2.45
CA LEU C 202 41.52 36.57 3.32
C LEU C 202 41.47 37.10 4.74
N ALA C 203 40.33 36.94 5.40
CA ALA C 203 40.18 37.28 6.81
C ALA C 203 40.68 36.12 7.67
N ILE C 204 41.91 36.25 8.20
CA ILE C 204 42.50 35.23 9.05
C ILE C 204 42.36 35.66 10.52
N ASP C 205 41.58 34.89 11.28
CA ASP C 205 41.46 35.07 12.71
C ASP C 205 42.61 34.35 13.40
N LEU C 206 43.56 35.12 13.94
CA LEU C 206 44.74 34.55 14.60
C LEU C 206 44.82 35.07 16.04
N PRO C 207 44.83 34.18 17.06
CA PRO C 207 45.17 34.57 18.43
C PRO C 207 46.62 35.05 18.57
N GLN C 208 46.85 35.92 19.56
CA GLN C 208 48.15 36.53 19.78
C GLN C 208 48.80 35.92 21.03
N LYS C 209 50.02 36.37 21.34
CA LYS C 209 50.77 35.89 22.50
C LYS C 209 50.04 36.21 23.80
N ASP C 210 49.37 37.37 23.84
CA ASP C 210 48.67 37.84 25.03
C ASP C 210 47.52 36.89 25.37
N GLY C 211 46.77 36.47 24.35
CA GLY C 211 45.59 35.64 24.53
C GLY C 211 44.30 36.33 24.06
N SER C 212 44.44 37.32 23.18
CA SER C 212 43.31 38.03 22.59
C SER C 212 43.32 37.83 21.08
N ARG C 213 42.15 37.49 20.52
CA ARG C 213 42.00 37.29 19.10
C ARG C 213 41.97 38.65 18.39
N ALA C 214 42.71 38.73 17.27
CA ALA C 214 42.75 39.93 16.45
C ALA C 214 42.97 39.54 15.00
N LEU C 215 42.22 40.16 14.09
CA LEU C 215 42.23 39.77 12.68
C LEU C 215 42.95 40.84 11.86
N VAL C 216 43.72 40.36 10.88
CA VAL C 216 44.34 41.20 9.87
C VAL C 216 44.14 40.51 8.52
N VAL C 217 43.96 41.30 7.46
CA VAL C 217 43.65 40.75 6.15
C VAL C 217 44.94 40.67 5.33
N ALA C 218 45.30 39.45 4.93
CA ALA C 218 46.43 39.18 4.08
C ALA C 218 45.95 38.95 2.65
N ALA C 219 46.84 39.11 1.68
CA ALA C 219 46.46 39.12 0.28
C ALA C 219 47.12 37.97 -0.49
N ILE C 220 46.34 37.37 -1.42
CA ILE C 220 46.85 36.52 -2.47
C ILE C 220 46.91 37.36 -3.73
N LYS C 221 48.10 37.51 -4.33
CA LYS C 221 48.30 38.50 -5.36
C LYS C 221 48.32 37.88 -6.75
N GLU C 222 47.87 38.66 -7.74
CA GLU C 222 47.91 38.29 -9.15
C GLU C 222 47.18 36.97 -9.36
N THR C 223 45.87 36.99 -9.10
CA THR C 223 45.07 35.79 -9.04
C THR C 223 44.43 35.50 -10.38
N GLU C 224 44.39 36.49 -11.28
CA GLU C 224 43.67 36.37 -12.53
C GLU C 224 44.51 35.63 -13.57
N LYS C 225 45.69 35.15 -13.18
CA LYS C 225 46.53 34.36 -14.05
C LYS C 225 46.91 33.08 -13.32
N MET C 226 45.92 32.41 -12.75
CA MET C 226 46.13 31.18 -11.98
C MET C 226 45.08 30.14 -12.39
N ASN C 227 45.46 28.86 -12.32
CA ASN C 227 44.51 27.76 -12.37
C ASN C 227 44.30 27.25 -10.94
N PHE C 228 43.47 26.22 -10.78
CA PHE C 228 43.05 25.82 -9.44
C PHE C 228 44.25 25.31 -8.65
N SER C 229 45.19 24.64 -9.31
CA SER C 229 46.35 24.08 -8.64
C SER C 229 47.21 25.20 -8.07
N GLU C 230 47.45 26.23 -8.89
CA GLU C 230 48.24 27.37 -8.49
C GLU C 230 47.55 28.11 -7.35
N PHE C 231 46.22 28.27 -7.46
CA PHE C 231 45.43 29.00 -6.48
C PHE C 231 45.55 28.32 -5.12
N LEU C 232 45.46 26.99 -5.10
CA LEU C 232 45.45 26.25 -3.85
C LEU C 232 46.79 26.41 -3.16
N ALA C 233 47.87 26.44 -3.95
CA ALA C 233 49.21 26.56 -3.42
C ALA C 233 49.41 27.91 -2.75
N ALA C 234 48.99 28.97 -3.42
CA ALA C 234 49.10 30.32 -2.91
C ALA C 234 48.32 30.49 -1.62
N TYR C 235 47.11 29.94 -1.58
CA TYR C 235 46.24 30.02 -0.42
C TYR C 235 46.95 29.42 0.79
N GLU C 236 47.46 28.20 0.60
CA GLU C 236 48.06 27.44 1.70
C GLU C 236 49.38 28.08 2.13
N ASP C 237 50.03 28.79 1.21
CA ASP C 237 51.26 29.49 1.51
C ASP C 237 51.01 30.57 2.54
N ILE C 238 49.99 31.41 2.31
CA ILE C 238 49.66 32.52 3.19
C ILE C 238 49.29 31.98 4.57
N VAL C 239 48.48 30.93 4.59
CA VAL C 239 47.99 30.38 5.86
C VAL C 239 49.16 29.82 6.65
N ALA C 240 50.07 29.11 5.95
CA ALA C 240 51.17 28.43 6.60
C ALA C 240 52.11 29.42 7.28
N ARG C 241 52.45 30.49 6.55
CA ARG C 241 53.39 31.48 7.06
C ARG C 241 52.78 32.28 8.21
N SER C 242 51.44 32.35 8.25
CA SER C 242 50.77 33.13 9.29
C SER C 242 50.93 32.45 10.64
N ARG C 243 50.91 31.11 10.64
CA ARG C 243 50.97 30.34 11.87
C ARG C 243 52.40 30.35 12.43
N LYS C 244 53.39 30.39 11.53
CA LYS C 244 54.79 30.42 11.91
C LYS C 244 55.26 31.85 12.21
N GLY C 245 54.44 32.84 11.86
CA GLY C 245 54.73 34.23 12.15
C GLY C 245 55.82 34.79 11.23
N LYS C 246 55.64 34.59 9.93
CA LYS C 246 56.64 34.98 8.95
C LYS C 246 56.02 35.77 7.81
N LEU C 247 55.07 36.66 8.15
CA LEU C 247 54.44 37.53 7.17
C LEU C 247 55.12 38.90 7.20
N THR C 248 55.42 39.43 6.02
CA THR C 248 56.05 40.73 5.88
C THR C 248 54.98 41.82 5.78
N MET C 249 55.42 43.06 5.59
CA MET C 249 54.52 44.20 5.52
C MET C 249 53.93 44.31 4.12
N ASP C 250 54.57 43.67 3.14
CA ASP C 250 54.11 43.72 1.76
C ASP C 250 52.86 42.86 1.59
N ASP C 251 52.67 41.86 2.44
CA ASP C 251 51.56 40.93 2.34
C ASP C 251 50.25 41.59 2.79
N TYR C 252 50.35 42.71 3.51
CA TYR C 252 49.18 43.39 4.01
C TYR C 252 48.81 44.60 3.15
N GLN C 253 49.29 44.66 1.91
CA GLN C 253 49.06 45.84 1.08
C GLN C 253 48.58 45.44 -0.30
N GLY C 254 47.67 46.24 -0.85
CA GLY C 254 47.28 46.14 -2.24
C GLY C 254 46.02 45.30 -2.46
N VAL C 255 45.20 45.11 -1.42
CA VAL C 255 43.99 44.31 -1.52
C VAL C 255 42.96 45.07 -2.36
N THR C 256 42.29 44.36 -3.26
CA THR C 256 41.30 44.97 -4.14
C THR C 256 39.90 44.44 -3.85
N VAL C 257 39.79 43.24 -3.26
CA VAL C 257 38.50 42.64 -2.98
C VAL C 257 38.68 41.58 -1.90
N SER C 258 37.70 41.44 -0.99
CA SER C 258 37.85 40.67 0.22
C SER C 258 36.81 39.55 0.33
N LEU C 259 37.10 38.56 1.17
CA LEU C 259 36.24 37.41 1.42
C LEU C 259 36.23 37.11 2.91
N THR C 260 35.03 36.89 3.47
CA THR C 260 34.86 36.60 4.89
C THR C 260 33.92 35.40 5.04
N ASN C 261 34.04 34.69 6.17
CA ASN C 261 33.33 33.45 6.36
C ASN C 261 32.71 33.39 7.75
N PRO C 262 31.58 34.09 8.00
CA PRO C 262 30.84 33.95 9.25
C PRO C 262 30.08 32.63 9.43
N GLY C 263 30.05 31.79 8.39
CA GLY C 263 29.32 30.53 8.44
C GLY C 263 30.05 29.45 9.22
N GLY C 264 31.35 29.64 9.48
CA GLY C 264 32.12 28.71 10.28
C GLY C 264 31.49 28.42 11.64
N ILE C 265 31.07 29.48 12.34
CA ILE C 265 30.43 29.36 13.64
C ILE C 265 29.00 28.88 13.47
N GLY C 266 28.35 29.25 12.36
CA GLY C 266 26.99 28.80 12.07
C GLY C 266 25.99 29.94 11.87
N THR C 267 26.48 31.15 11.61
CA THR C 267 25.63 32.28 11.28
C THR C 267 25.05 32.07 9.89
N ARG C 268 23.80 32.48 9.69
CA ARG C 268 23.11 32.21 8.44
C ARG C 268 23.54 33.23 7.39
N HIS C 269 23.57 34.52 7.75
CA HIS C 269 24.21 35.53 6.92
C HIS C 269 24.49 36.77 7.75
N SER C 270 25.25 37.72 7.17
CA SER C 270 25.64 38.94 7.84
C SER C 270 25.58 40.14 6.90
N VAL C 271 25.64 41.34 7.48
CA VAL C 271 25.79 42.58 6.75
C VAL C 271 27.04 43.28 7.27
N PRO C 272 28.23 43.03 6.67
CA PRO C 272 29.49 43.60 7.15
C PRO C 272 29.83 45.01 6.68
N ARG C 273 30.90 45.57 7.25
CA ARG C 273 31.41 46.89 6.89
C ARG C 273 32.42 46.78 5.75
N LEU C 274 32.49 47.84 4.94
CA LEU C 274 33.45 47.96 3.86
C LEU C 274 34.51 48.96 4.28
N THR C 275 35.78 48.61 4.06
CA THR C 275 36.90 49.46 4.44
C THR C 275 37.37 50.26 3.24
N LYS C 276 38.02 51.39 3.50
CA LYS C 276 38.38 52.35 2.48
C LYS C 276 39.45 51.75 1.57
N GLY C 277 39.30 51.96 0.26
CA GLY C 277 40.27 51.51 -0.72
C GLY C 277 39.80 50.29 -1.52
N GLN C 278 38.58 49.81 -1.25
CA GLN C 278 38.01 48.67 -1.95
C GLN C 278 36.61 49.00 -2.42
N GLY C 279 36.07 48.14 -3.28
CA GLY C 279 34.76 48.34 -3.87
C GLY C 279 33.70 47.38 -3.33
N THR C 280 34.09 46.16 -2.95
CA THR C 280 33.14 45.17 -2.50
C THR C 280 33.77 44.22 -1.49
N ILE C 281 32.93 43.62 -0.65
CA ILE C 281 33.29 42.53 0.24
C ILE C 281 32.22 41.45 0.14
N ILE C 282 32.65 40.18 0.08
CA ILE C 282 31.77 39.04 -0.10
C ILE C 282 31.77 38.21 1.18
N GLY C 283 30.58 37.75 1.60
CA GLY C 283 30.45 36.94 2.81
C GLY C 283 29.78 35.60 2.51
N VAL C 284 30.27 34.54 3.19
CA VAL C 284 29.80 33.17 3.00
C VAL C 284 29.16 32.70 4.31
N GLY C 285 27.90 32.25 4.22
CA GLY C 285 27.13 31.86 5.39
C GLY C 285 27.17 30.35 5.64
N SER C 286 26.27 29.89 6.51
CA SER C 286 26.27 28.52 6.99
C SER C 286 25.82 27.56 5.88
N MET C 287 26.45 26.39 5.83
CA MET C 287 26.05 25.32 4.93
C MET C 287 25.37 24.23 5.75
N ASP C 288 24.05 24.34 5.87
CA ASP C 288 23.29 23.51 6.78
C ASP C 288 21.85 23.45 6.28
N TYR C 289 21.06 22.51 6.80
CA TYR C 289 19.65 22.48 6.51
C TYR C 289 19.01 23.69 7.14
N PRO C 290 17.91 24.24 6.59
CA PRO C 290 17.12 25.24 7.29
C PRO C 290 16.61 24.72 8.64
N ALA C 291 16.26 25.63 9.54
CA ALA C 291 16.01 25.27 10.93
C ALA C 291 14.65 24.60 11.09
N GLU C 292 13.80 24.62 10.06
CA GLU C 292 12.52 23.93 10.10
C GLU C 292 12.67 22.45 9.74
N PHE C 293 13.88 22.03 9.35
CA PHE C 293 14.13 20.65 9.00
C PHE C 293 15.14 19.99 9.95
N GLN C 294 15.54 20.69 11.01
CA GLN C 294 16.66 20.23 11.82
C GLN C 294 16.26 19.12 12.78
N GLY C 295 14.97 18.76 12.82
CA GLY C 295 14.50 17.68 13.68
C GLY C 295 13.92 16.50 12.89
N ALA C 296 13.98 16.57 11.56
CA ALA C 296 13.38 15.54 10.72
C ALA C 296 14.35 14.37 10.60
N SER C 297 13.84 13.23 10.12
CA SER C 297 14.63 12.02 9.97
C SER C 297 15.34 12.02 8.63
N GLU C 298 16.44 11.28 8.54
CA GLU C 298 17.21 11.19 7.32
C GLU C 298 16.38 10.52 6.24
N ASP C 299 15.63 9.49 6.63
CA ASP C 299 14.84 8.70 5.70
C ASP C 299 13.83 9.60 4.99
N ARG C 300 13.19 10.47 5.76
CA ARG C 300 12.09 11.27 5.27
C ARG C 300 12.60 12.38 4.36
N LEU C 301 13.75 12.97 4.71
CA LEU C 301 14.35 14.00 3.91
C LEU C 301 14.82 13.43 2.57
N ALA C 302 15.34 12.19 2.60
CA ALA C 302 15.83 11.53 1.41
C ALA C 302 14.70 11.25 0.44
N GLU C 303 13.52 10.94 0.96
CA GLU C 303 12.36 10.63 0.14
C GLU C 303 11.92 11.87 -0.63
N LEU C 304 11.88 13.01 0.06
CA LEU C 304 11.38 14.25 -0.49
C LEU C 304 12.36 14.76 -1.54
N GLY C 305 13.65 14.76 -1.19
CA GLY C 305 14.69 15.28 -2.05
C GLY C 305 15.16 16.67 -1.62
N VAL C 306 15.35 16.84 -0.31
CA VAL C 306 15.73 18.13 0.26
C VAL C 306 17.24 18.23 0.28
N GLY C 307 17.77 19.35 -0.17
CA GLY C 307 19.21 19.58 -0.20
C GLY C 307 19.66 20.59 0.85
N LYS C 308 20.93 20.94 0.82
CA LYS C 308 21.49 21.95 1.71
C LYS C 308 21.76 23.23 0.93
N LEU C 309 21.84 24.35 1.68
CA LEU C 309 21.96 25.69 1.15
C LEU C 309 23.37 26.22 1.33
N VAL C 310 23.63 27.37 0.71
CA VAL C 310 24.63 28.30 1.16
C VAL C 310 24.15 29.70 0.76
N THR C 311 24.25 30.66 1.68
CA THR C 311 23.83 32.02 1.43
C THR C 311 25.06 32.90 1.26
N ILE C 312 25.08 33.72 0.20
CA ILE C 312 26.21 34.57 -0.12
C ILE C 312 25.72 36.02 -0.22
N THR C 313 26.51 36.95 0.31
CA THR C 313 26.17 38.35 0.36
C THR C 313 27.22 39.19 -0.36
N SER C 314 26.82 40.38 -0.80
CA SER C 314 27.69 41.32 -1.50
C SER C 314 27.41 42.74 -1.00
N THR C 315 28.41 43.37 -0.37
CA THR C 315 28.30 44.73 0.14
C THR C 315 29.24 45.62 -0.67
N TYR C 316 28.69 46.68 -1.28
CA TYR C 316 29.41 47.42 -2.30
C TYR C 316 29.24 48.93 -2.13
N ASP C 317 30.18 49.69 -2.69
CA ASP C 317 30.19 51.14 -2.67
C ASP C 317 29.36 51.67 -3.83
N HIS C 318 28.33 52.47 -3.51
CA HIS C 318 27.26 52.77 -4.43
C HIS C 318 27.60 53.95 -5.33
N ARG C 319 28.75 54.60 -5.08
CA ARG C 319 29.22 55.70 -5.90
C ARG C 319 29.84 55.18 -7.19
N VAL C 320 30.27 53.91 -7.22
CA VAL C 320 30.98 53.37 -8.38
C VAL C 320 30.41 52.04 -8.85
N ILE C 321 29.59 51.36 -8.04
CA ILE C 321 28.97 50.11 -8.45
C ILE C 321 27.46 50.25 -8.28
N GLN C 322 26.70 49.80 -9.29
CA GLN C 322 25.26 49.87 -9.25
C GLN C 322 24.69 48.49 -8.89
N GLY C 323 23.41 48.46 -8.56
CA GLY C 323 22.76 47.28 -8.02
C GLY C 323 22.68 46.14 -9.04
N ALA C 324 22.43 46.49 -10.31
CA ALA C 324 22.31 45.51 -11.37
C ALA C 324 23.60 44.70 -11.52
N VAL C 325 24.75 45.37 -11.39
CA VAL C 325 26.03 44.72 -11.53
C VAL C 325 26.23 43.73 -10.40
N SER C 326 25.89 44.13 -9.17
CA SER C 326 26.05 43.30 -8.00
C SER C 326 25.18 42.05 -8.09
N GLY C 327 23.97 42.21 -8.64
CA GLY C 327 23.06 41.10 -8.84
C GLY C 327 23.59 40.10 -9.86
N GLU C 328 24.13 40.60 -10.96
CA GLU C 328 24.65 39.76 -12.03
C GLU C 328 25.89 39.00 -11.55
N PHE C 329 26.66 39.61 -10.66
CA PHE C 329 27.82 38.96 -10.08
C PHE C 329 27.39 37.71 -9.32
N LEU C 330 26.36 37.83 -8.46
CA LEU C 330 25.93 36.73 -7.63
C LEU C 330 25.26 35.65 -8.50
N ARG C 331 24.61 36.04 -9.59
CA ARG C 331 23.98 35.08 -10.49
C ARG C 331 25.04 34.22 -11.16
N THR C 332 26.18 34.82 -11.50
CA THR C 332 27.26 34.10 -12.15
C THR C 332 27.86 33.10 -11.20
N MET C 333 28.04 33.48 -9.93
CA MET C 333 28.61 32.58 -8.95
C MET C 333 27.71 31.38 -8.74
N SER C 334 26.40 31.60 -8.77
CA SER C 334 25.42 30.56 -8.60
C SER C 334 25.51 29.54 -9.74
N ARG C 335 25.72 30.04 -10.96
CA ARG C 335 25.77 29.18 -12.14
C ARG C 335 27.04 28.35 -12.15
N LEU C 336 28.16 28.91 -11.68
CA LEU C 336 29.43 28.22 -11.75
C LEU C 336 29.44 27.01 -10.83
N LEU C 337 28.82 27.11 -9.66
CA LEU C 337 28.90 26.06 -8.66
C LEU C 337 28.00 24.87 -9.03
N THR C 338 27.34 24.94 -10.19
CA THR C 338 26.48 23.87 -10.64
C THR C 338 26.69 23.65 -12.14
N ASP C 339 27.90 23.94 -12.63
CA ASP C 339 28.19 23.96 -14.06
C ASP C 339 29.15 22.83 -14.41
N ASP C 340 28.95 22.24 -15.59
CA ASP C 340 29.75 21.11 -16.04
C ASP C 340 31.20 21.54 -16.25
N SER C 341 31.38 22.68 -16.93
CA SER C 341 32.69 23.10 -17.38
C SER C 341 33.56 23.55 -16.21
N PHE C 342 32.93 24.02 -15.14
CA PHE C 342 33.66 24.51 -13.98
C PHE C 342 34.38 23.35 -13.30
N TRP C 343 33.67 22.22 -13.14
CA TRP C 343 34.17 21.09 -12.39
C TRP C 343 35.16 20.27 -13.22
N ASP C 344 35.08 20.39 -14.54
CA ASP C 344 36.04 19.75 -15.42
C ASP C 344 37.41 20.37 -15.21
N GLU C 345 37.44 21.70 -15.03
CA GLU C 345 38.69 22.39 -14.77
C GLU C 345 39.33 21.87 -13.48
N ILE C 346 38.54 21.78 -12.41
CA ILE C 346 39.08 21.45 -11.11
C ILE C 346 39.60 20.02 -11.13
N PHE C 347 38.87 19.12 -11.78
CA PHE C 347 39.21 17.71 -11.81
C PHE C 347 40.47 17.50 -12.64
N ASP C 348 40.57 18.20 -13.77
CA ASP C 348 41.72 18.11 -14.64
C ASP C 348 42.98 18.49 -13.88
N ALA C 349 42.89 19.57 -13.10
CA ALA C 349 44.06 20.14 -12.46
C ALA C 349 44.54 19.27 -11.30
N MET C 350 43.65 18.49 -10.70
CA MET C 350 43.99 17.72 -9.52
C MET C 350 44.27 16.27 -9.89
N ASN C 351 44.14 15.94 -11.18
CA ASN C 351 44.44 14.61 -11.71
C ASN C 351 43.52 13.57 -11.07
N VAL C 352 42.21 13.70 -11.32
CA VAL C 352 41.26 12.68 -10.92
C VAL C 352 40.66 12.09 -12.18
N PRO C 353 40.58 10.74 -12.30
CA PRO C 353 40.28 10.09 -13.58
C PRO C 353 38.82 9.93 -13.97
N TYR C 354 37.91 10.19 -13.04
CA TYR C 354 36.49 9.96 -13.27
C TYR C 354 35.82 11.23 -13.78
N THR C 355 34.70 11.06 -14.47
CA THR C 355 33.84 12.17 -14.84
C THR C 355 33.17 12.71 -13.59
N PRO C 356 33.11 14.04 -13.38
CA PRO C 356 32.43 14.59 -12.23
C PRO C 356 30.93 14.33 -12.25
N MET C 357 30.34 14.24 -11.07
CA MET C 357 28.90 14.14 -10.90
C MET C 357 28.24 15.36 -11.51
N ARG C 358 27.09 15.18 -12.16
CA ARG C 358 26.42 16.24 -12.88
C ARG C 358 25.16 16.67 -12.14
N TRP C 359 24.61 17.84 -12.50
CA TRP C 359 23.46 18.41 -11.84
C TRP C 359 22.21 18.10 -12.63
N ALA C 360 21.15 17.65 -11.94
CA ALA C 360 19.90 17.28 -12.58
C ALA C 360 18.79 17.18 -11.54
N GLN C 361 17.54 17.11 -12.01
CA GLN C 361 16.39 16.99 -11.13
C GLN C 361 16.15 15.52 -10.78
N ASP C 362 15.51 15.30 -9.64
CA ASP C 362 15.13 13.97 -9.19
C ASP C 362 14.00 13.48 -10.08
N VAL C 363 14.06 12.19 -10.45
CA VAL C 363 13.10 11.60 -11.38
C VAL C 363 12.19 10.65 -10.61
N PRO C 364 10.94 10.44 -11.06
CA PRO C 364 10.01 9.53 -10.38
C PRO C 364 10.31 8.05 -10.59
N ASN C 365 9.93 7.21 -9.63
CA ASN C 365 10.09 5.78 -9.71
C ASN C 365 8.90 5.18 -10.44
N THR C 366 8.89 5.35 -11.77
CA THR C 366 7.82 4.87 -12.62
C THR C 366 8.44 4.08 -13.77
N GLY C 367 7.61 3.30 -14.46
CA GLY C 367 8.07 2.49 -15.57
C GLY C 367 8.96 1.35 -15.08
N VAL C 368 10.20 1.30 -15.60
CA VAL C 368 11.19 0.35 -15.12
C VAL C 368 11.62 0.79 -13.72
N ASP C 369 11.58 -0.15 -12.79
CA ASP C 369 11.85 0.12 -11.40
C ASP C 369 13.33 0.47 -11.24
N LYS C 370 13.66 1.16 -10.15
CA LYS C 370 15.01 1.62 -9.92
C LYS C 370 15.91 0.48 -9.48
N ASN C 371 15.38 -0.54 -8.81
CA ASN C 371 16.18 -1.69 -8.48
C ASN C 371 16.71 -2.36 -9.75
N THR C 372 15.89 -2.42 -10.79
CA THR C 372 16.30 -3.00 -12.06
C THR C 372 17.46 -2.21 -12.63
N ARG C 373 17.42 -0.89 -12.50
CA ARG C 373 18.43 -0.03 -13.08
C ARG C 373 19.77 -0.20 -12.36
N VAL C 374 19.74 -0.44 -11.06
CA VAL C 374 20.97 -0.60 -10.31
C VAL C 374 21.63 -1.92 -10.68
N MET C 375 20.83 -2.93 -11.01
CA MET C 375 21.36 -4.23 -11.38
C MET C 375 22.02 -4.14 -12.75
N GLN C 376 21.49 -3.29 -13.61
CA GLN C 376 22.05 -3.10 -14.94
C GLN C 376 23.37 -2.34 -14.86
N LEU C 377 23.52 -1.46 -13.87
CA LEU C 377 24.76 -0.73 -13.67
C LEU C 377 25.85 -1.69 -13.21
N ILE C 378 25.52 -2.66 -12.36
CA ILE C 378 26.48 -3.62 -11.87
C ILE C 378 26.99 -4.45 -13.03
N GLU C 379 26.09 -4.85 -13.94
CA GLU C 379 26.44 -5.70 -15.05
C GLU C 379 27.35 -4.94 -16.02
N ALA C 380 27.11 -3.64 -16.18
CA ALA C 380 27.88 -2.82 -17.10
C ALA C 380 29.33 -2.70 -16.66
N TYR C 381 29.57 -2.52 -15.37
CA TYR C 381 30.92 -2.38 -14.86
C TYR C 381 31.67 -3.70 -14.96
N ARG C 382 31.02 -4.79 -14.63
CA ARG C 382 31.62 -6.11 -14.73
C ARG C 382 32.02 -6.41 -16.16
N SER C 383 31.31 -5.83 -17.12
CA SER C 383 31.50 -6.19 -18.52
C SER C 383 32.44 -5.23 -19.23
N ARG C 384 32.35 -3.93 -18.94
CA ARG C 384 33.03 -2.93 -19.75
C ARG C 384 33.82 -1.93 -18.91
N GLY C 385 34.08 -2.24 -17.65
CA GLY C 385 34.74 -1.31 -16.77
C GLY C 385 36.22 -1.12 -17.08
N HIS C 386 36.80 -2.08 -17.80
CA HIS C 386 38.21 -2.06 -18.17
C HIS C 386 38.50 -0.91 -19.12
N LEU C 387 37.48 -0.34 -19.74
CA LEU C 387 37.69 0.70 -20.73
C LEU C 387 38.09 2.02 -20.08
N ILE C 388 37.93 2.17 -18.76
CA ILE C 388 38.30 3.41 -18.10
C ILE C 388 39.23 3.15 -16.92
N ALA C 389 40.00 2.06 -16.95
CA ALA C 389 40.83 1.71 -15.83
C ALA C 389 42.19 2.37 -15.94
N ASP C 390 42.90 2.47 -14.81
CA ASP C 390 44.16 3.18 -14.73
C ASP C 390 45.29 2.21 -14.98
N THR C 391 45.53 1.86 -16.25
CA THR C 391 46.46 0.82 -16.59
C THR C 391 47.63 1.35 -17.40
N ASN C 392 47.62 2.63 -17.76
CA ASN C 392 48.68 3.19 -18.59
C ASN C 392 49.60 4.05 -17.73
N PRO C 393 50.91 3.75 -17.64
CA PRO C 393 51.82 4.57 -16.85
C PRO C 393 51.99 5.99 -17.36
N LEU C 394 51.88 6.19 -18.66
CA LEU C 394 51.95 7.49 -19.28
C LEU C 394 50.56 8.10 -19.37
N SER C 395 50.50 9.43 -19.44
CA SER C 395 49.27 10.15 -19.71
C SER C 395 49.19 10.41 -21.21
N TRP C 396 48.99 9.34 -21.98
CA TRP C 396 49.19 9.35 -23.41
C TRP C 396 48.00 8.71 -24.10
N VAL C 397 47.43 9.40 -25.08
CA VAL C 397 46.46 8.79 -25.99
C VAL C 397 46.99 8.93 -27.41
N GLN C 398 47.06 7.78 -28.10
CA GLN C 398 47.59 7.74 -29.45
C GLN C 398 46.61 8.46 -30.37
N PRO C 399 47.07 9.45 -31.17
CA PRO C 399 46.19 10.30 -31.95
C PRO C 399 45.35 9.66 -33.06
N GLY C 400 45.81 8.57 -33.67
CA GLY C 400 45.12 8.05 -34.84
C GLY C 400 44.11 6.95 -34.55
N MET C 401 43.96 6.56 -33.28
CA MET C 401 43.21 5.36 -32.92
C MET C 401 41.80 5.74 -32.51
N PRO C 402 40.76 4.95 -32.88
CA PRO C 402 39.40 5.20 -32.43
C PRO C 402 39.23 5.02 -30.92
N VAL C 403 38.39 5.85 -30.31
CA VAL C 403 38.11 5.74 -28.89
C VAL C 403 36.74 5.08 -28.72
N PRO C 404 36.65 3.92 -28.04
CA PRO C 404 35.38 3.25 -27.84
C PRO C 404 34.38 4.07 -27.03
N ASP C 405 33.09 3.80 -27.27
CA ASP C 405 32.01 4.40 -26.51
C ASP C 405 32.00 3.80 -25.11
N HIS C 406 32.00 4.66 -24.08
CA HIS C 406 31.84 4.20 -22.71
C HIS C 406 30.85 5.10 -21.97
N ARG C 407 29.67 5.24 -22.56
CA ARG C 407 28.56 5.96 -21.95
C ARG C 407 27.77 5.03 -21.03
N ASP C 408 28.12 3.75 -21.00
CA ASP C 408 27.40 2.78 -20.19
C ASP C 408 27.81 2.87 -18.73
N LEU C 409 28.86 3.62 -18.42
CA LEU C 409 29.46 3.58 -17.10
C LEU C 409 29.12 4.81 -16.28
N ASP C 410 28.26 5.70 -16.78
CA ASP C 410 27.83 6.86 -16.01
C ASP C 410 26.37 6.73 -15.64
N ILE C 411 25.98 7.26 -14.48
CA ILE C 411 24.71 6.93 -13.88
C ILE C 411 23.56 7.59 -14.63
N GLU C 412 23.86 8.55 -15.51
CA GLU C 412 22.82 9.24 -16.25
C GLU C 412 22.17 8.32 -17.27
N THR C 413 22.94 7.38 -17.83
CA THR C 413 22.46 6.55 -18.91
C THR C 413 21.48 5.51 -18.38
N HIS C 414 21.52 5.25 -17.08
CA HIS C 414 20.65 4.27 -16.46
C HIS C 414 19.55 4.97 -15.67
N ASN C 415 19.31 6.26 -15.97
CA ASN C 415 18.26 7.04 -15.34
C ASN C 415 18.39 7.02 -13.82
N LEU C 416 19.56 7.39 -13.32
CA LEU C 416 19.79 7.61 -11.91
C LEU C 416 20.42 8.98 -11.76
N THR C 417 20.46 9.51 -10.53
CA THR C 417 20.81 10.90 -10.28
C THR C 417 21.47 11.00 -8.92
N ILE C 418 22.11 12.14 -8.63
CA ILE C 418 22.77 12.38 -7.36
C ILE C 418 21.81 12.19 -6.20
N TRP C 419 20.50 12.29 -6.45
CA TRP C 419 19.51 12.21 -5.40
C TRP C 419 19.24 10.78 -5.00
N ASP C 420 19.92 9.82 -5.64
CA ASP C 420 19.71 8.40 -5.39
C ASP C 420 20.87 7.81 -4.61
N LEU C 421 21.88 8.62 -4.28
CA LEU C 421 23.12 8.09 -3.76
C LEU C 421 22.95 7.53 -2.34
N ASP C 422 22.00 8.06 -1.56
CA ASP C 422 21.87 7.67 -0.16
C ASP C 422 20.64 6.80 0.06
N ARG C 423 19.87 6.52 -0.99
CA ARG C 423 18.76 5.58 -0.92
C ARG C 423 19.28 4.15 -0.95
N THR C 424 18.44 3.18 -0.61
CA THR C 424 18.86 1.81 -0.44
C THR C 424 18.11 0.91 -1.40
N PHE C 425 18.78 -0.16 -1.87
CA PHE C 425 18.29 -0.97 -2.97
C PHE C 425 18.62 -2.44 -2.74
N ASN C 426 17.93 -3.33 -3.47
CA ASN C 426 18.17 -4.76 -3.42
C ASN C 426 19.19 -5.14 -4.49
N VAL C 427 20.25 -5.82 -4.09
CA VAL C 427 21.40 -6.02 -4.96
C VAL C 427 21.67 -7.50 -5.19
N GLY C 428 20.93 -8.38 -4.50
CA GLY C 428 20.90 -9.78 -4.85
C GLY C 428 22.23 -10.48 -4.64
N GLY C 429 22.87 -10.23 -3.50
CA GLY C 429 24.04 -11.00 -3.09
C GLY C 429 25.36 -10.33 -3.45
N PHE C 430 25.30 -9.18 -4.12
CA PHE C 430 26.50 -8.44 -4.45
C PHE C 430 27.17 -8.00 -3.16
N GLY C 431 28.47 -8.30 -3.03
CA GLY C 431 29.23 -7.91 -1.86
C GLY C 431 28.86 -8.74 -0.63
N GLY C 432 28.19 -9.87 -0.86
CA GLY C 432 27.73 -10.72 0.23
C GLY C 432 26.63 -10.05 1.06
N LYS C 433 25.83 -9.19 0.42
CA LYS C 433 24.77 -8.47 1.10
C LYS C 433 23.51 -8.50 0.25
N GLU C 434 22.36 -8.44 0.91
CA GLU C 434 21.07 -8.45 0.24
C GLU C 434 20.61 -7.04 -0.07
N THR C 435 21.21 -6.04 0.60
CA THR C 435 20.75 -4.67 0.50
C THR C 435 21.94 -3.72 0.67
N MET C 436 21.88 -2.56 0.02
CA MET C 436 23.01 -1.65 -0.09
C MET C 436 22.56 -0.29 -0.60
N THR C 437 23.38 0.74 -0.38
CA THR C 437 23.13 2.06 -0.94
C THR C 437 23.89 2.22 -2.25
N LEU C 438 23.48 3.18 -3.08
CA LEU C 438 24.09 3.37 -4.39
C LEU C 438 25.50 3.91 -4.24
N ARG C 439 25.76 4.64 -3.16
CA ARG C 439 27.09 5.15 -2.89
C ARG C 439 28.04 4.00 -2.65
N GLU C 440 27.63 3.02 -1.85
CA GLU C 440 28.48 1.89 -1.55
C GLU C 440 28.66 0.99 -2.78
N VAL C 441 27.64 0.88 -3.63
CA VAL C 441 27.73 0.07 -4.82
C VAL C 441 28.79 0.65 -5.73
N LEU C 442 28.73 1.96 -5.99
CA LEU C 442 29.68 2.60 -6.87
C LEU C 442 31.09 2.43 -6.35
N SER C 443 31.26 2.62 -5.04
CA SER C 443 32.56 2.53 -4.42
C SER C 443 33.19 1.17 -4.70
N ARG C 444 32.46 0.10 -4.43
CA ARG C 444 32.99 -1.24 -4.58
C ARG C 444 33.29 -1.55 -6.05
N LEU C 445 32.39 -1.19 -6.96
CA LEU C 445 32.59 -1.45 -8.37
C LEU C 445 33.88 -0.78 -8.83
N ARG C 446 34.12 0.44 -8.40
CA ARG C 446 35.27 1.21 -8.86
C ARG C 446 36.56 0.66 -8.28
N ALA C 447 36.50 0.07 -7.10
CA ALA C 447 37.67 -0.49 -6.46
C ALA C 447 38.11 -1.78 -7.15
N ALA C 448 37.15 -2.49 -7.74
CA ALA C 448 37.39 -3.80 -8.29
C ALA C 448 37.74 -3.77 -9.76
N TYR C 449 37.25 -2.77 -10.51
CA TYR C 449 37.31 -2.85 -11.95
C TYR C 449 37.93 -1.61 -12.59
N THR C 450 38.42 -0.63 -11.83
CA THR C 450 38.83 0.63 -12.43
C THR C 450 40.18 1.15 -11.91
N LEU C 451 40.87 0.40 -11.07
CA LEU C 451 42.18 0.81 -10.57
C LEU C 451 43.27 0.22 -11.46
N LYS C 452 44.26 -0.46 -10.90
CA LYS C 452 45.47 -0.82 -11.63
C LYS C 452 45.34 -2.15 -12.37
N VAL C 453 44.23 -2.86 -12.21
CA VAL C 453 44.00 -4.11 -12.93
C VAL C 453 42.68 -4.03 -13.66
N GLY C 454 42.68 -4.26 -14.97
CA GLY C 454 41.46 -4.36 -15.76
C GLY C 454 41.29 -5.77 -16.30
N SER C 455 40.06 -6.30 -16.23
CA SER C 455 39.82 -7.70 -16.51
C SER C 455 38.67 -7.88 -17.50
N GLU C 456 38.80 -8.89 -18.38
CA GLU C 456 37.75 -9.29 -19.30
C GLU C 456 37.47 -10.77 -19.09
N TYR C 457 36.26 -11.11 -18.64
CA TYR C 457 35.93 -12.49 -18.32
C TYR C 457 34.46 -12.83 -18.52
N THR C 458 33.63 -11.90 -18.99
CA THR C 458 32.19 -12.08 -18.97
C THR C 458 31.74 -12.81 -20.23
N HIS C 459 32.63 -12.94 -21.21
CA HIS C 459 32.36 -13.63 -22.45
C HIS C 459 32.47 -15.14 -22.32
N ILE C 460 33.01 -15.64 -21.20
CA ILE C 460 33.16 -17.05 -20.96
C ILE C 460 31.78 -17.68 -20.77
N LEU C 461 31.56 -18.87 -21.34
CA LEU C 461 30.24 -19.46 -21.43
C LEU C 461 29.92 -20.28 -20.18
N ASP C 462 30.92 -20.89 -19.55
CA ASP C 462 30.71 -21.75 -18.40
C ASP C 462 30.48 -20.91 -17.16
N ARG C 463 29.52 -21.32 -16.33
CA ARG C 463 29.06 -20.54 -15.19
C ARG C 463 30.04 -20.66 -14.04
N ASP C 464 30.61 -21.84 -13.85
CA ASP C 464 31.50 -22.10 -12.73
C ASP C 464 32.82 -21.34 -12.90
N GLU C 465 33.34 -21.30 -14.13
CA GLU C 465 34.52 -20.50 -14.44
C GLU C 465 34.26 -19.04 -14.12
N ARG C 466 33.17 -18.47 -14.65
CA ARG C 466 32.86 -17.08 -14.45
C ARG C 466 32.80 -16.75 -12.97
N THR C 467 32.16 -17.61 -12.18
CA THR C 467 31.94 -17.34 -10.77
C THR C 467 33.25 -17.36 -10.02
N TRP C 468 34.16 -18.25 -10.41
CA TRP C 468 35.46 -18.38 -9.76
C TRP C 468 36.26 -17.10 -9.92
N LEU C 469 36.29 -16.57 -11.15
CA LEU C 469 37.02 -15.36 -11.44
C LEU C 469 36.37 -14.16 -10.75
N GLN C 470 35.05 -14.09 -10.82
CA GLN C 470 34.30 -12.97 -10.27
C GLN C 470 34.55 -12.85 -8.78
N ASP C 471 34.58 -13.98 -8.08
CA ASP C 471 34.72 -13.99 -6.64
C ASP C 471 36.09 -13.48 -6.23
N ARG C 472 37.13 -13.82 -7.00
CA ARG C 472 38.50 -13.48 -6.63
C ARG C 472 38.81 -12.04 -6.95
N LEU C 473 38.24 -11.51 -8.02
CA LEU C 473 38.50 -10.14 -8.42
C LEU C 473 37.84 -9.16 -7.46
N GLU C 474 36.70 -9.54 -6.88
CA GLU C 474 35.93 -8.64 -6.04
C GLU C 474 36.38 -8.75 -4.58
N ALA C 475 37.09 -9.82 -4.22
CA ALA C 475 37.68 -9.93 -2.91
C ALA C 475 38.85 -8.96 -2.78
N GLY C 476 39.61 -8.83 -3.86
CA GLY C 476 40.71 -7.86 -3.92
C GLY C 476 42.06 -8.51 -3.70
N MET C 477 43.12 -7.72 -3.86
CA MET C 477 44.48 -8.18 -3.70
C MET C 477 44.83 -8.13 -2.22
N PRO C 478 45.28 -9.25 -1.60
CA PRO C 478 45.62 -9.26 -0.18
C PRO C 478 46.93 -8.50 0.11
N LYS C 479 47.04 -7.96 1.32
CA LYS C 479 48.16 -7.12 1.70
C LYS C 479 49.38 -8.00 1.93
N PRO C 480 50.54 -7.72 1.28
CA PRO C 480 51.74 -8.53 1.48
C PRO C 480 52.53 -8.17 2.74
N THR C 481 53.35 -9.11 3.20
CA THR C 481 54.15 -8.94 4.39
C THR C 481 55.38 -8.11 4.06
N GLN C 482 56.18 -7.78 5.09
CA GLN C 482 57.34 -6.93 4.90
C GLN C 482 58.45 -7.70 4.20
N ALA C 483 58.59 -8.98 4.51
CA ALA C 483 59.59 -9.82 3.86
C ALA C 483 59.31 -9.88 2.36
N GLU C 484 58.05 -10.12 2.00
CA GLU C 484 57.65 -10.20 0.61
C GLU C 484 57.95 -8.90 -0.11
N GLN C 485 57.67 -7.77 0.52
CA GLN C 485 57.87 -6.47 -0.08
C GLN C 485 59.36 -6.25 -0.37
N LYS C 486 60.23 -6.65 0.54
CA LYS C 486 61.64 -6.44 0.36
C LYS C 486 62.15 -7.32 -0.78
N TYR C 487 61.56 -8.50 -0.95
CA TYR C 487 61.97 -9.42 -2.00
C TYR C 487 61.64 -8.82 -3.37
N ILE C 488 60.51 -8.12 -3.49
CA ILE C 488 60.14 -7.48 -4.73
C ILE C 488 61.14 -6.39 -5.05
N LEU C 489 61.63 -5.67 -4.03
CA LEU C 489 62.55 -4.58 -4.25
C LEU C 489 63.89 -5.11 -4.73
N GLN C 490 64.32 -6.25 -4.20
CA GLN C 490 65.58 -6.83 -4.62
C GLN C 490 65.54 -7.16 -6.11
N LYS C 491 64.43 -7.72 -6.58
CA LYS C 491 64.32 -8.16 -7.96
C LYS C 491 64.30 -6.96 -8.90
N LEU C 492 63.58 -5.89 -8.54
CA LEU C 492 63.53 -4.69 -9.35
C LEU C 492 64.92 -4.09 -9.44
N ASN C 493 65.65 -4.09 -8.33
CA ASN C 493 66.97 -3.51 -8.30
C ASN C 493 67.88 -4.25 -9.26
N ALA C 494 67.82 -5.58 -9.22
CA ALA C 494 68.69 -6.42 -10.03
C ALA C 494 68.51 -6.10 -11.50
N ALA C 495 67.26 -5.96 -11.93
CA ALA C 495 66.94 -5.68 -13.31
C ALA C 495 67.60 -4.38 -13.77
N GLU C 496 67.31 -3.28 -13.07
CA GLU C 496 67.75 -1.97 -13.49
C GLU C 496 69.26 -1.87 -13.40
N ALA C 497 69.85 -2.47 -12.37
CA ALA C 497 71.29 -2.39 -12.15
C ALA C 497 72.05 -3.04 -13.29
N PHE C 498 71.58 -4.20 -13.72
CA PHE C 498 72.21 -4.97 -14.78
C PHE C 498 72.25 -4.17 -16.07
N GLU C 499 71.16 -3.48 -16.38
CA GLU C 499 71.06 -2.72 -17.61
C GLU C 499 72.05 -1.55 -17.60
N ASN C 500 72.14 -0.86 -16.46
CA ASN C 500 72.98 0.31 -16.32
C ASN C 500 74.45 -0.07 -16.40
N PHE C 501 74.81 -1.22 -15.85
CA PHE C 501 76.19 -1.66 -15.87
C PHE C 501 76.64 -1.85 -17.32
N LEU C 502 75.83 -2.52 -18.12
CA LEU C 502 76.16 -2.81 -19.51
C LEU C 502 76.22 -1.52 -20.33
N GLN C 503 75.37 -0.55 -20.00
CA GLN C 503 75.35 0.73 -20.68
C GLN C 503 76.69 1.43 -20.47
N THR C 504 77.25 1.32 -19.26
CA THR C 504 78.47 2.01 -18.89
C THR C 504 79.69 1.38 -19.55
N LYS C 505 79.78 0.05 -19.53
CA LYS C 505 81.00 -0.63 -19.94
C LYS C 505 81.05 -0.88 -21.44
N TYR C 506 79.89 -1.04 -22.10
CA TYR C 506 79.83 -1.31 -23.52
C TYR C 506 78.78 -0.40 -24.16
N VAL C 507 79.21 0.72 -24.74
CA VAL C 507 78.33 1.84 -25.01
C VAL C 507 77.53 1.59 -26.29
N GLY C 508 78.24 1.32 -27.38
CA GLY C 508 77.61 1.22 -28.69
C GLY C 508 76.87 -0.10 -28.91
N GLN C 509 77.23 -1.13 -28.14
CA GLN C 509 76.85 -2.50 -28.48
C GLN C 509 75.35 -2.70 -28.28
N LYS C 510 74.80 -3.57 -29.13
CA LYS C 510 73.36 -3.82 -29.22
C LYS C 510 72.97 -4.87 -28.18
N ARG C 511 71.97 -4.56 -27.34
CA ARG C 511 71.59 -5.46 -26.27
C ARG C 511 70.07 -5.60 -26.12
N PHE C 512 69.28 -4.69 -26.71
CA PHE C 512 67.84 -4.70 -26.59
C PHE C 512 67.44 -4.66 -25.12
N SER C 513 67.41 -3.46 -24.55
CA SER C 513 67.26 -3.26 -23.12
C SER C 513 65.81 -3.43 -22.69
N LEU C 514 65.63 -3.64 -21.38
CA LEU C 514 64.35 -3.88 -20.77
C LEU C 514 63.91 -2.65 -19.99
N GLU C 515 64.67 -1.55 -20.12
CA GLU C 515 64.38 -0.33 -19.39
C GLU C 515 63.04 0.23 -19.80
N GLY C 516 62.17 0.47 -18.82
CA GLY C 516 60.79 0.84 -19.07
C GLY C 516 59.83 -0.29 -18.75
N ALA C 517 60.36 -1.51 -18.61
CA ALA C 517 59.54 -2.70 -18.43
C ALA C 517 60.23 -3.67 -17.49
N GLU C 518 60.69 -3.16 -16.34
CA GLU C 518 61.45 -3.96 -15.41
C GLU C 518 60.55 -4.83 -14.54
N ALA C 519 59.25 -4.58 -14.55
CA ALA C 519 58.31 -5.35 -13.75
C ALA C 519 58.12 -6.75 -14.30
N LEU C 520 58.63 -7.01 -15.51
CA LEU C 520 58.59 -8.34 -16.09
C LEU C 520 59.30 -9.34 -15.20
N ILE C 521 60.40 -8.95 -14.55
CA ILE C 521 61.21 -9.88 -13.79
C ILE C 521 60.43 -10.39 -12.59
N PRO C 522 59.89 -9.53 -11.68
CA PRO C 522 59.03 -10.03 -10.61
C PRO C 522 57.74 -10.75 -11.05
N LEU C 523 57.21 -10.47 -12.24
CA LEU C 523 56.03 -11.16 -12.74
C LEU C 523 56.36 -12.62 -13.04
N MET C 524 57.44 -12.84 -13.78
CA MET C 524 57.84 -14.17 -14.18
C MET C 524 58.23 -14.98 -12.95
N ASP C 525 58.85 -14.33 -11.97
CA ASP C 525 59.28 -14.99 -10.74
C ASP C 525 58.07 -15.44 -9.93
N SER C 526 57.02 -14.63 -9.92
CA SER C 526 55.80 -14.94 -9.19
C SER C 526 55.15 -16.21 -9.74
N ALA C 527 55.09 -16.32 -11.06
CA ALA C 527 54.45 -17.43 -11.73
C ALA C 527 55.21 -18.74 -11.49
N ILE C 528 56.54 -18.69 -11.59
CA ILE C 528 57.38 -19.86 -11.43
C ILE C 528 57.32 -20.34 -9.98
N ASP C 529 57.19 -19.40 -9.05
CA ASP C 529 57.15 -19.73 -7.64
C ASP C 529 55.84 -20.42 -7.30
N THR C 530 54.74 -19.96 -7.90
CA THR C 530 53.43 -20.55 -7.69
C THR C 530 53.40 -21.98 -8.22
N ALA C 531 54.07 -22.20 -9.35
CA ALA C 531 54.11 -23.52 -9.98
C ALA C 531 54.87 -24.50 -9.09
N ALA C 532 55.93 -24.03 -8.45
CA ALA C 532 56.73 -24.86 -7.56
C ALA C 532 55.90 -25.27 -6.35
N GLY C 533 55.01 -24.40 -5.90
CA GLY C 533 54.15 -24.70 -4.78
C GLY C 533 53.07 -25.72 -5.12
N GLN C 534 52.65 -25.76 -6.39
CA GLN C 534 51.63 -26.69 -6.84
C GLN C 534 52.22 -28.08 -6.95
N GLY C 535 53.54 -28.18 -7.10
CA GLY C 535 54.22 -29.46 -7.07
C GLY C 535 54.51 -30.00 -8.47
N LEU C 536 54.79 -29.11 -9.42
CA LEU C 536 54.99 -29.49 -10.81
C LEU C 536 56.47 -29.69 -11.07
N ASP C 537 56.82 -30.09 -12.30
CA ASP C 537 58.13 -30.65 -12.59
C ASP C 537 59.05 -29.67 -13.30
N GLU C 538 58.54 -28.94 -14.30
CA GLU C 538 59.39 -28.07 -15.11
C GLU C 538 58.60 -26.89 -15.65
N VAL C 539 59.32 -25.82 -16.01
CA VAL C 539 58.77 -24.70 -16.76
C VAL C 539 59.63 -24.48 -17.99
N VAL C 540 59.00 -24.39 -19.17
CA VAL C 540 59.69 -24.15 -20.43
C VAL C 540 59.32 -22.75 -20.93
N ILE C 541 60.33 -21.95 -21.28
CA ILE C 541 60.11 -20.57 -21.69
C ILE C 541 60.50 -20.40 -23.16
N GLY C 542 59.68 -19.65 -23.89
CA GLY C 542 60.06 -19.13 -25.20
C GLY C 542 59.79 -17.63 -25.28
N MET C 543 60.71 -16.87 -25.86
CA MET C 543 60.59 -15.42 -25.88
C MET C 543 61.37 -14.82 -27.04
N PRO C 544 61.10 -13.54 -27.38
CA PRO C 544 61.95 -12.80 -28.31
C PRO C 544 63.14 -12.05 -27.71
N HIS C 545 63.60 -11.02 -28.42
CA HIS C 545 64.84 -10.29 -28.14
C HIS C 545 64.75 -9.38 -26.92
N ARG C 546 63.57 -8.82 -26.63
CA ARG C 546 63.44 -7.73 -25.69
C ARG C 546 63.66 -8.23 -24.27
N GLY C 547 64.84 -7.93 -23.72
CA GLY C 547 65.15 -8.24 -22.33
C GLY C 547 65.55 -9.69 -22.13
N ARG C 548 66.32 -10.25 -23.06
CA ARG C 548 66.63 -11.67 -23.02
C ARG C 548 67.80 -11.94 -22.08
N LEU C 549 68.83 -11.10 -22.17
CA LEU C 549 70.02 -11.27 -21.35
C LEU C 549 69.67 -11.08 -19.88
N ASN C 550 68.62 -10.29 -19.63
CA ASN C 550 68.18 -10.00 -18.28
C ASN C 550 67.51 -11.23 -17.70
N VAL C 551 66.69 -11.91 -18.52
CA VAL C 551 65.96 -13.10 -18.10
C VAL C 551 66.93 -14.26 -17.89
N LEU C 552 67.94 -14.37 -18.75
CA LEU C 552 68.92 -15.44 -18.64
C LEU C 552 69.64 -15.36 -17.30
N PHE C 553 69.95 -14.15 -16.84
CA PHE C 553 70.71 -13.97 -15.61
C PHE C 553 69.83 -14.07 -14.38
N ASN C 554 68.66 -13.42 -14.40
CA ASN C 554 67.87 -13.21 -13.19
C ASN C 554 66.82 -14.28 -12.98
N ILE C 555 66.40 -15.00 -14.03
CA ILE C 555 65.34 -16.00 -13.92
C ILE C 555 65.89 -17.40 -14.08
N VAL C 556 66.83 -17.60 -15.01
CA VAL C 556 67.26 -18.96 -15.35
C VAL C 556 68.52 -19.31 -14.58
N GLY C 557 69.43 -18.36 -14.43
CA GLY C 557 70.61 -18.55 -13.59
C GLY C 557 71.88 -18.83 -14.38
N LYS C 558 71.96 -18.33 -15.61
CA LYS C 558 73.17 -18.42 -16.40
C LYS C 558 74.23 -17.55 -15.74
N PRO C 559 75.47 -18.06 -15.53
CA PRO C 559 76.50 -17.31 -14.80
C PRO C 559 76.94 -16.03 -15.50
N LEU C 560 77.35 -15.05 -14.71
CA LEU C 560 77.54 -13.69 -15.18
C LEU C 560 78.82 -13.59 -15.99
N ALA C 561 79.77 -14.47 -15.71
CA ALA C 561 81.04 -14.50 -16.43
C ALA C 561 80.78 -14.79 -17.90
N SER C 562 79.84 -15.69 -18.17
CA SER C 562 79.52 -16.12 -19.53
C SER C 562 79.01 -14.94 -20.36
N ILE C 563 78.17 -14.10 -19.75
CA ILE C 563 77.56 -13.00 -20.46
C ILE C 563 78.61 -11.94 -20.79
N PHE C 564 79.50 -11.65 -19.84
CA PHE C 564 80.54 -10.66 -20.05
C PHE C 564 81.48 -11.13 -21.16
N ASN C 565 81.81 -12.43 -21.18
CA ASN C 565 82.69 -12.98 -22.19
C ASN C 565 82.08 -12.80 -23.57
N GLU C 566 80.76 -13.00 -23.69
CA GLU C 566 80.06 -12.85 -24.95
C GLU C 566 80.27 -11.43 -25.50
N PHE C 567 80.22 -10.43 -24.62
CA PHE C 567 80.34 -9.04 -25.00
C PHE C 567 81.77 -8.71 -25.44
N GLU C 568 82.76 -9.49 -25.00
CA GLU C 568 84.15 -9.27 -25.34
C GLU C 568 84.56 -10.10 -26.56
N GLY C 569 83.65 -10.93 -27.07
CA GLY C 569 83.85 -11.59 -28.36
C GLY C 569 84.17 -13.08 -28.24
N GLN C 570 84.22 -13.62 -27.02
CA GLN C 570 84.44 -15.05 -26.81
C GLN C 570 83.09 -15.74 -26.66
N MET C 571 82.79 -16.65 -27.59
CA MET C 571 81.48 -17.28 -27.67
C MET C 571 81.64 -18.78 -27.39
N GLU C 572 80.73 -19.33 -26.59
CA GLU C 572 80.75 -20.75 -26.25
C GLU C 572 80.28 -21.56 -27.47
N GLN C 573 80.95 -22.70 -27.69
CA GLN C 573 80.72 -23.52 -28.87
C GLN C 573 79.67 -24.58 -28.56
N GLY C 574 78.70 -24.74 -29.47
CA GLY C 574 77.64 -25.72 -29.33
C GLY C 574 78.06 -27.09 -29.89
N GLN C 575 78.50 -27.09 -31.15
CA GLN C 575 78.97 -28.27 -31.83
C GLN C 575 80.37 -27.99 -32.36
N ILE C 576 81.20 -29.03 -32.45
CA ILE C 576 82.56 -28.89 -32.90
C ILE C 576 82.55 -28.50 -34.38
N GLY C 577 83.15 -27.33 -34.67
CA GLY C 577 83.23 -26.82 -36.02
C GLY C 577 81.95 -26.09 -36.44
N GLY C 578 81.19 -25.58 -35.45
CA GLY C 578 79.93 -24.90 -35.71
C GLY C 578 80.12 -23.43 -36.04
N SER C 579 79.08 -22.81 -36.59
CA SER C 579 79.13 -21.44 -37.08
C SER C 579 78.71 -20.45 -35.99
N GLY C 580 77.63 -20.75 -35.26
CA GLY C 580 77.24 -19.95 -34.12
C GLY C 580 76.05 -19.04 -34.42
N ASP C 581 75.70 -18.20 -33.45
CA ASP C 581 74.63 -17.23 -33.61
C ASP C 581 74.79 -16.13 -32.57
N VAL C 582 74.04 -15.03 -32.76
CA VAL C 582 74.15 -13.84 -31.92
C VAL C 582 73.65 -14.15 -30.52
N LYS C 583 74.01 -13.28 -29.56
CA LYS C 583 73.93 -13.56 -28.14
C LYS C 583 72.48 -13.60 -27.65
N TYR C 584 71.57 -12.93 -28.36
CA TYR C 584 70.19 -12.86 -27.92
C TYR C 584 69.33 -13.92 -28.65
N HIS C 585 69.94 -15.04 -29.04
CA HIS C 585 69.22 -16.14 -29.67
C HIS C 585 69.52 -17.46 -28.98
N LEU C 586 70.15 -17.43 -27.79
CA LEU C 586 70.67 -18.63 -27.15
C LEU C 586 69.77 -19.07 -25.99
N GLY C 587 69.93 -20.32 -25.56
CA GLY C 587 69.13 -20.91 -24.48
C GLY C 587 69.97 -21.38 -23.30
N SER C 588 69.31 -21.87 -22.23
CA SER C 588 69.99 -22.39 -21.06
C SER C 588 69.03 -23.15 -20.14
N GLU C 589 69.57 -23.78 -19.10
CA GLU C 589 68.82 -24.52 -18.10
C GLU C 589 69.22 -24.11 -16.70
N GLY C 590 68.38 -24.41 -15.70
CA GLY C 590 68.64 -24.04 -14.32
C GLY C 590 67.59 -24.57 -13.34
N GLN C 591 67.78 -24.27 -12.06
CA GLN C 591 66.87 -24.65 -10.98
C GLN C 591 66.34 -23.41 -10.29
N HIS C 592 65.16 -23.51 -9.67
CA HIS C 592 64.57 -22.40 -8.93
C HIS C 592 64.07 -22.93 -7.60
N LEU C 593 64.58 -22.34 -6.51
CA LEU C 593 64.18 -22.70 -5.15
C LEU C 593 63.17 -21.69 -4.64
N GLN C 594 62.15 -22.18 -3.95
CA GLN C 594 61.08 -21.36 -3.41
C GLN C 594 61.63 -20.56 -2.25
N MET C 595 61.33 -19.25 -2.20
CA MET C 595 61.95 -18.34 -1.25
C MET C 595 61.35 -18.55 0.14
N PHE C 596 60.02 -18.73 0.19
CA PHE C 596 59.31 -18.93 1.43
C PHE C 596 58.55 -20.26 1.37
N GLY C 597 59.28 -21.34 1.12
CA GLY C 597 58.70 -22.67 1.00
C GLY C 597 59.79 -23.72 0.82
N ASP C 598 59.38 -24.98 0.64
CA ASP C 598 60.32 -26.08 0.52
C ASP C 598 60.28 -26.65 -0.90
N GLY C 599 59.75 -25.87 -1.85
CA GLY C 599 59.58 -26.34 -3.22
C GLY C 599 60.83 -26.10 -4.07
N GLU C 600 60.90 -26.82 -5.19
CA GLU C 600 61.99 -26.69 -6.15
C GLU C 600 61.48 -27.10 -7.51
N ILE C 601 61.85 -26.35 -8.57
CA ILE C 601 61.39 -26.63 -9.91
C ILE C 601 62.52 -26.37 -10.90
N LYS C 602 62.44 -26.99 -12.07
CA LYS C 602 63.44 -26.86 -13.12
C LYS C 602 62.97 -25.81 -14.13
N VAL C 603 63.90 -25.02 -14.68
CA VAL C 603 63.56 -23.96 -15.62
C VAL C 603 64.45 -24.09 -16.84
N SER C 604 63.86 -23.92 -18.03
CA SER C 604 64.57 -24.06 -19.30
C SER C 604 64.16 -22.95 -20.26
N LEU C 605 65.08 -22.56 -21.15
CA LEU C 605 64.79 -21.58 -22.18
C LEU C 605 65.32 -22.09 -23.51
N THR C 606 64.50 -21.98 -24.57
CA THR C 606 64.79 -22.61 -25.86
C THR C 606 65.37 -21.61 -26.83
N ALA C 607 66.10 -22.12 -27.83
CA ALA C 607 66.73 -21.30 -28.85
C ALA C 607 65.71 -20.89 -29.91
N ASN C 608 66.04 -19.89 -30.72
CA ASN C 608 65.12 -19.39 -31.72
C ASN C 608 65.84 -18.48 -32.70
N PRO C 609 65.32 -18.34 -33.95
CA PRO C 609 65.84 -17.37 -34.91
C PRO C 609 65.25 -15.97 -34.78
N SER C 610 65.66 -15.08 -35.68
CA SER C 610 65.19 -13.70 -35.69
C SER C 610 63.72 -13.63 -36.07
N HIS C 611 63.27 -14.57 -36.91
CA HIS C 611 61.91 -14.60 -37.40
C HIS C 611 60.97 -14.68 -36.20
N LEU C 612 60.13 -13.67 -36.03
CA LEU C 612 59.32 -13.53 -34.83
C LEU C 612 58.19 -14.55 -34.85
N GLU C 613 57.92 -15.12 -33.67
CA GLU C 613 56.77 -15.96 -33.40
C GLU C 613 56.91 -17.35 -34.01
N ALA C 614 58.12 -17.72 -34.45
CA ALA C 614 58.35 -19.03 -35.04
C ALA C 614 58.69 -20.07 -33.97
N VAL C 615 58.79 -19.63 -32.72
CA VAL C 615 59.14 -20.49 -31.61
C VAL C 615 57.87 -21.04 -30.98
N ASN C 616 56.70 -20.51 -31.37
CA ASN C 616 55.47 -20.83 -30.67
C ASN C 616 55.15 -22.32 -30.84
N PRO C 617 55.00 -22.87 -32.06
CA PRO C 617 54.75 -24.29 -32.21
C PRO C 617 55.87 -25.19 -31.73
N VAL C 618 57.11 -24.72 -31.78
CA VAL C 618 58.25 -25.53 -31.42
C VAL C 618 58.25 -25.78 -29.91
N MET C 619 57.92 -24.77 -29.11
CA MET C 619 58.01 -24.93 -27.67
C MET C 619 56.80 -25.70 -27.14
N GLU C 620 55.69 -25.70 -27.90
CA GLU C 620 54.52 -26.49 -27.54
C GLU C 620 54.81 -27.97 -27.70
N GLY C 621 55.50 -28.33 -28.79
CA GLY C 621 55.93 -29.69 -29.02
C GLY C 621 56.91 -30.20 -27.97
N ILE C 622 57.83 -29.35 -27.53
CA ILE C 622 58.80 -29.74 -26.51
C ILE C 622 58.05 -30.12 -25.25
N VAL C 623 57.04 -29.33 -24.87
CA VAL C 623 56.32 -29.57 -23.64
C VAL C 623 55.55 -30.87 -23.73
N ARG C 624 54.96 -31.17 -24.88
CA ARG C 624 54.13 -32.35 -25.04
C ARG C 624 54.98 -33.61 -24.94
N ALA C 625 56.19 -33.56 -25.47
CA ALA C 625 57.08 -34.72 -25.43
C ALA C 625 57.51 -35.00 -24.01
N LYS C 626 57.79 -33.95 -23.24
CA LYS C 626 58.23 -34.11 -21.87
C LYS C 626 57.11 -34.66 -20.99
N GLN C 627 55.88 -34.23 -21.25
CA GLN C 627 54.73 -34.73 -20.51
C GLN C 627 54.52 -36.20 -20.81
N ASP C 628 54.69 -36.60 -22.07
CA ASP C 628 54.45 -37.98 -22.47
C ASP C 628 55.47 -38.91 -21.82
N TYR C 629 56.68 -38.43 -21.60
CA TYR C 629 57.73 -39.23 -21.00
C TYR C 629 57.45 -39.50 -19.53
N LEU C 630 56.90 -38.52 -18.81
CA LEU C 630 56.63 -38.67 -17.39
C LEU C 630 55.47 -39.61 -17.16
N ASP C 631 54.41 -39.48 -17.96
CA ASP C 631 53.35 -40.48 -18.04
C ASP C 631 52.55 -40.51 -16.75
N LYS C 632 51.87 -39.41 -16.43
CA LYS C 632 51.11 -39.30 -15.20
C LYS C 632 49.60 -39.24 -15.47
N GLY C 633 49.20 -39.36 -16.73
CA GLY C 633 47.80 -39.51 -17.08
C GLY C 633 47.08 -38.18 -17.31
N VAL C 634 45.75 -38.22 -17.20
CA VAL C 634 44.89 -37.09 -17.53
C VAL C 634 44.97 -36.03 -16.44
N ASP C 635 45.25 -36.46 -15.21
CA ASP C 635 45.33 -35.58 -14.05
C ASP C 635 46.75 -35.06 -13.86
N GLY C 636 47.62 -35.30 -14.86
CA GLY C 636 49.00 -34.85 -14.80
C GLY C 636 49.16 -33.45 -15.42
N LYS C 637 49.82 -33.40 -16.57
CA LYS C 637 50.10 -32.15 -17.27
C LYS C 637 50.93 -31.25 -16.36
N THR C 638 52.15 -31.70 -16.05
CA THR C 638 52.95 -31.14 -14.98
C THR C 638 54.18 -30.42 -15.52
N VAL C 639 54.21 -30.12 -16.82
CA VAL C 639 55.19 -29.22 -17.39
C VAL C 639 54.46 -28.00 -17.91
N VAL C 640 54.90 -26.80 -17.52
CA VAL C 640 54.16 -25.57 -17.76
C VAL C 640 54.80 -24.80 -18.90
N PRO C 641 54.07 -24.41 -19.97
CA PRO C 641 54.58 -23.50 -20.97
C PRO C 641 54.34 -22.02 -20.65
N LEU C 642 55.41 -21.22 -20.68
CA LEU C 642 55.36 -19.78 -20.43
C LEU C 642 55.92 -19.09 -21.66
N LEU C 643 55.10 -18.27 -22.33
CA LEU C 643 55.42 -17.78 -23.67
C LEU C 643 55.27 -16.27 -23.71
N LEU C 644 56.35 -15.56 -24.08
CA LEU C 644 56.39 -14.11 -24.11
C LEU C 644 56.27 -13.61 -25.55
N HIS C 645 55.62 -12.46 -25.74
CA HIS C 645 55.43 -11.87 -27.05
C HIS C 645 55.65 -10.37 -26.98
N GLY C 646 55.74 -9.72 -28.14
CA GLY C 646 55.65 -8.27 -28.26
C GLY C 646 54.35 -7.87 -28.95
N ASP C 647 53.94 -6.61 -28.78
CA ASP C 647 52.60 -6.19 -29.09
C ASP C 647 52.37 -6.17 -30.61
N ALA C 648 53.32 -5.64 -31.37
CA ALA C 648 53.18 -5.54 -32.81
C ALA C 648 53.13 -6.92 -33.45
N ALA C 649 54.01 -7.81 -32.99
CA ALA C 649 54.12 -9.14 -33.55
C ALA C 649 52.90 -9.98 -33.23
N PHE C 650 52.35 -9.83 -32.03
CA PHE C 650 51.23 -10.63 -31.59
C PHE C 650 50.00 -10.38 -32.44
N ALA C 651 49.76 -9.11 -32.80
CA ALA C 651 48.57 -8.74 -33.54
C ALA C 651 48.73 -8.99 -35.04
N GLY C 652 49.97 -9.02 -35.53
CA GLY C 652 50.22 -8.96 -36.96
C GLY C 652 50.38 -10.33 -37.59
N LEU C 653 51.24 -11.17 -37.02
CA LEU C 653 51.63 -12.42 -37.64
C LEU C 653 50.56 -13.48 -37.38
N GLY C 654 50.33 -14.33 -38.39
CA GLY C 654 49.21 -15.27 -38.37
C GLY C 654 49.53 -16.60 -37.70
N ILE C 655 50.81 -16.84 -37.41
CA ILE C 655 51.22 -18.06 -36.73
C ILE C 655 50.68 -18.07 -35.31
N VAL C 656 50.41 -16.90 -34.73
CA VAL C 656 50.00 -16.80 -33.34
C VAL C 656 48.65 -17.48 -33.15
N PRO C 657 47.55 -17.03 -33.82
CA PRO C 657 46.26 -17.70 -33.67
C PRO C 657 46.21 -19.13 -34.20
N GLU C 658 47.07 -19.44 -35.18
CA GLU C 658 47.15 -20.77 -35.74
C GLU C 658 47.60 -21.79 -34.70
N THR C 659 48.50 -21.37 -33.80
CA THR C 659 49.04 -22.24 -32.78
C THR C 659 48.08 -22.35 -31.60
N ILE C 660 47.36 -21.27 -31.29
CA ILE C 660 46.41 -21.27 -30.19
C ILE C 660 45.26 -22.22 -30.51
N ASN C 661 45.01 -22.46 -31.80
CA ASN C 661 43.92 -23.30 -32.25
C ASN C 661 44.19 -24.78 -31.97
N LEU C 662 45.42 -25.15 -31.62
CA LEU C 662 45.76 -26.54 -31.36
C LEU C 662 45.59 -26.90 -29.89
N ALA C 663 45.06 -25.99 -29.06
CA ALA C 663 45.19 -26.10 -27.63
C ALA C 663 44.37 -27.24 -27.04
N LYS C 664 43.20 -27.52 -27.63
CA LYS C 664 42.27 -28.47 -27.05
C LYS C 664 42.14 -29.72 -27.91
N LEU C 665 43.07 -29.97 -28.84
CA LEU C 665 42.97 -31.11 -29.73
C LEU C 665 43.70 -32.29 -29.14
N ARG C 666 43.38 -33.48 -29.63
CA ARG C 666 43.67 -34.73 -28.96
C ARG C 666 45.17 -34.99 -28.92
N GLY C 667 45.88 -34.70 -30.00
CA GLY C 667 47.31 -34.99 -30.05
C GLY C 667 48.20 -33.81 -29.67
N TYR C 668 47.62 -32.70 -29.22
CA TYR C 668 48.39 -31.48 -29.05
C TYR C 668 48.18 -30.82 -27.69
N ASP C 669 47.24 -31.30 -26.88
CA ASP C 669 46.86 -30.62 -25.66
C ASP C 669 47.97 -30.75 -24.63
N VAL C 670 48.29 -29.64 -23.93
CA VAL C 670 49.35 -29.63 -22.94
C VAL C 670 48.86 -29.02 -21.62
N GLY C 671 47.56 -28.82 -21.46
CA GLY C 671 47.02 -28.38 -20.20
C GLY C 671 46.93 -26.86 -20.05
N GLY C 672 47.15 -26.11 -21.13
CA GLY C 672 47.03 -24.66 -21.09
C GLY C 672 48.38 -23.98 -21.21
N THR C 673 48.38 -22.73 -21.69
CA THR C 673 49.59 -21.93 -21.85
C THR C 673 49.37 -20.57 -21.19
N ILE C 674 50.41 -20.07 -20.50
CA ILE C 674 50.39 -18.73 -19.93
C ILE C 674 51.10 -17.81 -20.90
N HIS C 675 50.38 -16.81 -21.42
CA HIS C 675 50.90 -15.84 -22.39
C HIS C 675 51.12 -14.49 -21.72
N ILE C 676 52.26 -13.85 -21.99
CA ILE C 676 52.55 -12.51 -21.51
C ILE C 676 52.88 -11.64 -22.72
N VAL C 677 52.14 -10.54 -22.90
CA VAL C 677 52.41 -9.59 -23.97
C VAL C 677 53.02 -8.33 -23.36
N VAL C 678 54.26 -8.01 -23.75
CA VAL C 678 54.95 -6.82 -23.30
C VAL C 678 54.55 -5.67 -24.21
N ASN C 679 53.63 -4.84 -23.73
CA ASN C 679 52.99 -3.80 -24.51
C ASN C 679 53.67 -2.47 -24.23
N ASN C 680 54.68 -2.11 -25.02
CA ASN C 680 55.39 -0.87 -24.81
C ASN C 680 54.91 0.18 -25.81
N GLN C 681 53.81 -0.10 -26.48
CA GLN C 681 53.04 0.89 -27.21
C GLN C 681 53.80 1.36 -28.45
N ILE C 682 54.66 0.51 -29.01
CA ILE C 682 55.41 0.87 -30.20
C ILE C 682 56.05 -0.36 -30.82
N GLY C 683 56.14 -0.35 -32.15
CA GLY C 683 56.87 -1.35 -32.92
C GLY C 683 58.34 -0.98 -32.98
N PHE C 684 58.82 -0.66 -34.18
CA PHE C 684 60.16 -0.12 -34.36
C PHE C 684 60.00 1.39 -34.48
N THR C 685 59.45 1.85 -35.59
CA THR C 685 59.07 3.25 -35.76
C THR C 685 57.58 3.34 -36.05
N THR C 686 56.80 2.34 -35.66
CA THR C 686 55.40 2.23 -36.03
C THR C 686 54.54 2.18 -34.77
N THR C 687 53.42 2.92 -34.78
CA THR C 687 52.55 3.05 -33.63
C THR C 687 51.31 2.20 -33.84
N PRO C 688 50.55 1.88 -32.76
CA PRO C 688 49.41 0.98 -32.85
C PRO C 688 48.33 1.30 -33.88
N ASP C 689 48.20 2.56 -34.27
CA ASP C 689 47.20 2.97 -35.24
C ASP C 689 47.53 2.41 -36.62
N SER C 690 48.77 1.99 -36.84
CA SER C 690 49.19 1.45 -38.12
C SER C 690 49.50 -0.04 -38.03
N SER C 691 49.27 -0.65 -36.87
CA SER C 691 49.71 -2.01 -36.62
C SER C 691 48.55 -2.99 -36.47
N ARG C 692 47.37 -2.53 -36.04
CA ARG C 692 46.28 -3.45 -35.82
C ARG C 692 44.93 -2.75 -35.98
N SER C 693 43.90 -3.55 -36.26
CA SER C 693 42.52 -3.09 -36.39
C SER C 693 41.70 -3.49 -35.16
N MET C 694 42.32 -4.10 -34.16
CA MET C 694 41.67 -4.45 -32.92
C MET C 694 41.94 -3.35 -31.89
N HIS C 695 41.10 -3.24 -30.86
CA HIS C 695 41.26 -2.21 -29.85
C HIS C 695 42.44 -2.54 -28.95
N TYR C 696 42.49 -3.77 -28.44
CA TYR C 696 43.63 -4.25 -27.68
C TYR C 696 44.41 -5.25 -28.51
N ALA C 697 45.66 -5.49 -28.13
CA ALA C 697 46.52 -6.44 -28.83
C ALA C 697 46.12 -7.87 -28.51
N THR C 698 45.43 -8.07 -27.39
CA THR C 698 45.14 -9.39 -26.86
C THR C 698 43.70 -9.80 -27.15
N ASP C 699 43.14 -9.38 -28.28
CA ASP C 699 41.73 -9.58 -28.55
C ASP C 699 41.46 -10.95 -29.17
N TYR C 700 42.50 -11.69 -29.57
CA TYR C 700 42.33 -13.05 -30.05
C TYR C 700 41.80 -13.95 -28.95
N ALA C 701 41.97 -13.55 -27.69
CA ALA C 701 41.49 -14.32 -26.57
C ALA C 701 39.98 -14.52 -26.62
N LYS C 702 39.26 -13.53 -27.12
CA LYS C 702 37.80 -13.58 -27.16
C LYS C 702 37.31 -14.56 -28.22
N ALA C 703 38.17 -14.94 -29.16
CA ALA C 703 37.81 -15.91 -30.18
C ALA C 703 37.87 -17.32 -29.61
N PHE C 704 38.64 -17.53 -28.54
CA PHE C 704 38.89 -18.84 -28.01
C PHE C 704 38.24 -19.02 -26.64
N GLY C 705 37.67 -17.96 -26.07
CA GLY C 705 36.94 -18.05 -24.82
C GLY C 705 37.85 -18.13 -23.59
N CYS C 706 38.82 -17.22 -23.51
CA CYS C 706 39.81 -17.23 -22.44
C CYS C 706 39.89 -15.89 -21.75
N PRO C 707 40.26 -15.81 -20.46
CA PRO C 707 40.35 -14.54 -19.74
C PRO C 707 41.56 -13.67 -20.06
N VAL C 708 41.42 -12.35 -19.88
CA VAL C 708 42.49 -11.41 -20.10
C VAL C 708 42.62 -10.48 -18.89
N PHE C 709 43.86 -10.23 -18.46
CA PHE C 709 44.16 -9.29 -17.38
C PHE C 709 45.12 -8.22 -17.90
N HIS C 710 44.72 -6.95 -17.82
CA HIS C 710 45.59 -5.84 -18.14
C HIS C 710 46.10 -5.22 -16.85
N VAL C 711 47.41 -4.99 -16.73
CA VAL C 711 47.99 -4.52 -15.49
C VAL C 711 49.03 -3.44 -15.76
N ASN C 712 49.09 -2.46 -14.85
CA ASN C 712 49.97 -1.31 -14.92
C ASN C 712 51.38 -1.73 -14.54
N GLY C 713 52.36 -1.34 -15.35
CA GLY C 713 53.72 -1.78 -15.16
C GLY C 713 54.48 -0.94 -14.15
N ASP C 714 53.81 0.00 -13.49
CA ASP C 714 54.43 0.83 -12.48
C ASP C 714 53.81 0.58 -11.10
N ASP C 715 53.10 -0.55 -10.93
CA ASP C 715 52.59 -0.94 -9.64
C ASP C 715 53.00 -2.38 -9.35
N PRO C 716 54.23 -2.63 -8.86
CA PRO C 716 54.75 -3.98 -8.74
C PRO C 716 53.94 -4.99 -7.92
N GLU C 717 53.22 -4.55 -6.90
CA GLU C 717 52.47 -5.48 -6.07
C GLU C 717 51.29 -6.05 -6.84
N ALA C 718 50.66 -5.21 -7.67
CA ALA C 718 49.57 -5.66 -8.52
C ALA C 718 50.08 -6.67 -9.55
N VAL C 719 51.29 -6.46 -10.06
CA VAL C 719 51.87 -7.32 -11.07
C VAL C 719 52.08 -8.71 -10.49
N VAL C 720 52.56 -8.78 -9.26
CA VAL C 720 52.85 -10.05 -8.61
C VAL C 720 51.55 -10.81 -8.35
N TRP C 721 50.49 -10.09 -8.01
CA TRP C 721 49.21 -10.73 -7.74
C TRP C 721 48.65 -11.38 -8.99
N VAL C 722 48.74 -10.68 -10.13
CA VAL C 722 48.17 -11.15 -11.38
C VAL C 722 48.90 -12.41 -11.83
N GLY C 723 50.21 -12.46 -11.63
CA GLY C 723 50.99 -13.63 -11.99
C GLY C 723 50.51 -14.88 -11.25
N GLN C 724 50.21 -14.73 -9.97
CA GLN C 724 49.78 -15.83 -9.13
C GLN C 724 48.39 -16.32 -9.56
N LEU C 725 47.50 -15.38 -9.84
CA LEU C 725 46.12 -15.68 -10.16
C LEU C 725 46.03 -16.43 -11.49
N ALA C 726 46.92 -16.11 -12.42
CA ALA C 726 46.92 -16.74 -13.73
C ALA C 726 47.35 -18.19 -13.63
N THR C 727 48.37 -18.46 -12.81
CA THR C 727 48.90 -19.80 -12.67
C THR C 727 47.88 -20.71 -11.99
N GLU C 728 47.12 -20.16 -11.04
CA GLU C 728 46.09 -20.93 -10.36
C GLU C 728 44.95 -21.28 -11.31
N TYR C 729 44.58 -20.36 -12.20
CA TYR C 729 43.49 -20.57 -13.12
C TYR C 729 43.84 -21.70 -14.09
N ARG C 730 45.10 -21.75 -14.51
CA ARG C 730 45.55 -22.78 -15.44
C ARG C 730 45.46 -24.16 -14.81
N ARG C 731 45.80 -24.25 -13.53
CA ARG C 731 45.86 -25.54 -12.85
C ARG C 731 44.46 -26.10 -12.64
N ARG C 732 43.47 -25.22 -12.44
CA ARG C 732 42.14 -25.70 -12.11
C ARG C 732 41.35 -26.05 -13.37
N PHE C 733 41.47 -25.24 -14.42
CA PHE C 733 40.56 -25.34 -15.55
C PHE C 733 41.26 -25.89 -16.79
N GLY C 734 42.58 -25.79 -16.87
CA GLY C 734 43.32 -26.39 -17.97
C GLY C 734 43.11 -25.67 -19.29
N LYS C 735 43.12 -24.33 -19.25
CA LYS C 735 42.91 -23.51 -20.43
C LYS C 735 43.99 -22.42 -20.50
N ASP C 736 44.03 -21.72 -21.63
CA ASP C 736 44.99 -20.65 -21.85
C ASP C 736 44.54 -19.40 -21.10
N VAL C 737 45.53 -18.57 -20.72
CA VAL C 737 45.29 -17.33 -20.00
C VAL C 737 46.26 -16.28 -20.57
N PHE C 738 45.81 -15.01 -20.64
CA PHE C 738 46.55 -13.96 -21.30
C PHE C 738 46.76 -12.77 -20.36
N ILE C 739 48.00 -12.29 -20.24
CA ILE C 739 48.35 -11.13 -19.43
C ILE C 739 48.92 -10.05 -20.33
N ASP C 740 48.42 -8.82 -20.20
CA ASP C 740 48.87 -7.66 -20.95
C ASP C 740 49.55 -6.68 -19.99
N LEU C 741 50.88 -6.57 -20.10
CA LEU C 741 51.67 -5.71 -19.23
C LEU C 741 51.95 -4.40 -19.93
N VAL C 742 51.31 -3.32 -19.47
CA VAL C 742 51.37 -2.03 -20.13
C VAL C 742 52.55 -1.25 -19.57
N CYS C 743 53.48 -0.87 -20.44
CA CYS C 743 54.74 -0.25 -20.05
C CYS C 743 55.23 0.64 -21.19
N TYR C 744 56.51 1.04 -21.19
CA TYR C 744 57.04 1.88 -22.25
C TYR C 744 58.48 1.48 -22.58
N ARG C 745 59.04 2.07 -23.64
CA ARG C 745 60.40 1.82 -24.10
C ARG C 745 61.23 3.08 -23.91
N LEU C 746 62.24 3.05 -23.03
CA LEU C 746 62.93 4.25 -22.60
C LEU C 746 63.82 4.80 -23.70
N ARG C 747 64.60 3.94 -24.34
CA ARG C 747 65.49 4.35 -25.40
C ARG C 747 64.83 4.04 -26.74
N GLY C 748 65.63 4.05 -27.82
CA GLY C 748 65.14 3.68 -29.13
C GLY C 748 65.01 2.17 -29.29
N HIS C 749 64.74 1.73 -30.52
CA HIS C 749 64.54 0.33 -30.82
C HIS C 749 65.79 -0.44 -30.42
N ASN C 750 66.94 0.09 -30.84
CA ASN C 750 68.24 -0.37 -30.35
C ASN C 750 68.93 0.85 -29.74
N GLU C 751 70.17 0.67 -29.28
CA GLU C 751 70.86 1.70 -28.53
C GLU C 751 71.61 2.65 -29.45
N ALA C 752 71.37 2.56 -30.76
CA ALA C 752 72.03 3.43 -31.71
C ALA C 752 71.02 4.26 -32.49
N ASP C 753 69.75 4.27 -32.06
CA ASP C 753 68.69 4.88 -32.83
C ASP C 753 68.08 6.06 -32.05
N ASP C 754 67.57 7.05 -32.78
CA ASP C 754 66.98 8.24 -32.19
C ASP C 754 65.46 8.23 -32.43
N PRO C 755 64.63 8.00 -31.40
CA PRO C 755 63.19 7.89 -31.58
C PRO C 755 62.41 9.19 -31.73
N SER C 756 63.08 10.33 -31.56
CA SER C 756 62.42 11.62 -31.59
C SER C 756 62.09 12.03 -33.02
N MET C 757 62.79 11.47 -34.01
CA MET C 757 62.60 11.84 -35.39
C MET C 757 61.17 11.56 -35.83
N THR C 758 60.58 10.46 -35.34
CA THR C 758 59.30 9.99 -35.81
C THR C 758 58.22 10.06 -34.74
N GLN C 759 58.60 10.07 -33.45
CA GLN C 759 57.64 10.15 -32.37
C GLN C 759 58.05 11.26 -31.41
N PRO C 760 57.93 12.56 -31.78
CA PRO C 760 58.37 13.66 -30.92
C PRO C 760 57.59 13.83 -29.62
N LYS C 761 56.27 13.75 -29.70
CA LYS C 761 55.42 14.11 -28.59
C LYS C 761 55.43 13.04 -27.52
N MET C 762 55.55 11.77 -27.94
CA MET C 762 55.53 10.65 -27.02
C MET C 762 56.79 10.66 -26.19
N TYR C 763 57.91 11.11 -26.76
CA TYR C 763 59.19 11.06 -26.08
C TYR C 763 59.47 12.35 -25.31
N GLU C 764 58.52 13.30 -25.32
CA GLU C 764 58.53 14.39 -24.36
C GLU C 764 58.04 13.89 -23.01
N LEU C 765 57.09 12.94 -23.01
CA LEU C 765 56.57 12.37 -21.79
C LEU C 765 57.55 11.38 -21.15
N ILE C 766 58.41 10.75 -21.95
CA ILE C 766 59.20 9.63 -21.47
C ILE C 766 60.51 10.14 -20.89
N THR C 767 61.15 11.09 -21.56
CA THR C 767 62.47 11.56 -21.15
C THR C 767 62.39 12.27 -19.82
N GLY C 768 63.14 11.78 -18.84
CA GLY C 768 63.29 12.46 -17.56
C GLY C 768 62.28 12.01 -16.51
N ARG C 769 61.64 10.86 -16.71
CA ARG C 769 60.79 10.26 -15.71
C ARG C 769 61.64 9.67 -14.61
N GLU C 770 61.01 9.25 -13.52
CA GLU C 770 61.71 8.48 -12.50
C GLU C 770 61.29 7.02 -12.67
N THR C 771 62.23 6.12 -12.38
CA THR C 771 62.08 4.70 -12.69
C THR C 771 61.15 4.03 -11.69
N VAL C 772 60.78 2.78 -11.98
CA VAL C 772 59.84 2.04 -11.17
C VAL C 772 60.49 1.64 -9.86
N ARG C 773 61.80 1.43 -9.87
CA ARG C 773 62.55 1.11 -8.67
C ARG C 773 62.56 2.29 -7.71
N ALA C 774 62.78 3.48 -8.26
CA ALA C 774 62.80 4.69 -7.47
C ALA C 774 61.46 4.93 -6.81
N GLN C 775 60.38 4.81 -7.58
CA GLN C 775 59.04 5.10 -7.08
C GLN C 775 58.68 4.12 -5.97
N TYR C 776 59.04 2.85 -6.12
CA TYR C 776 58.67 1.84 -5.15
C TYR C 776 59.45 2.03 -3.86
N THR C 777 60.71 2.43 -3.96
CA THR C 777 61.53 2.67 -2.78
C THR C 777 60.97 3.83 -1.98
N GLU C 778 60.52 4.88 -2.67
CA GLU C 778 59.97 6.06 -2.05
C GLU C 778 58.69 5.69 -1.31
N ASP C 779 57.88 4.82 -1.90
CA ASP C 779 56.61 4.42 -1.33
C ASP C 779 56.82 3.67 -0.03
N LEU C 780 57.73 2.71 -0.02
CA LEU C 780 57.95 1.87 1.16
C LEU C 780 58.52 2.68 2.31
N LEU C 781 59.44 3.61 2.03
CA LEU C 781 59.99 4.47 3.05
C LEU C 781 58.91 5.38 3.63
N GLY C 782 57.97 5.79 2.78
CA GLY C 782 56.88 6.64 3.22
C GLY C 782 55.94 5.95 4.19
N ARG C 783 55.63 4.67 3.94
CA ARG C 783 54.68 3.93 4.76
C ARG C 783 55.38 3.26 5.94
N GLY C 784 56.70 3.46 6.05
CA GLY C 784 57.43 2.99 7.21
C GLY C 784 57.69 1.48 7.18
N ASP C 785 57.73 0.92 5.96
CA ASP C 785 57.87 -0.51 5.78
C ASP C 785 59.34 -0.90 5.58
N LEU C 786 60.22 0.09 5.47
CA LEU C 786 61.63 -0.15 5.20
C LEU C 786 62.46 0.98 5.79
N SER C 787 63.68 0.66 6.25
CA SER C 787 64.60 1.64 6.77
C SER C 787 65.54 2.13 5.67
N ASN C 788 66.29 3.20 5.94
CA ASN C 788 67.18 3.77 4.96
C ASN C 788 68.45 2.93 4.84
N GLU C 789 68.93 2.40 5.96
CA GLU C 789 70.10 1.55 5.95
C GLU C 789 69.85 0.31 5.08
N ASP C 790 68.65 -0.26 5.21
CA ASP C 790 68.27 -1.42 4.42
C ASP C 790 68.25 -1.05 2.94
N ALA C 791 67.62 0.09 2.62
CA ALA C 791 67.44 0.53 1.25
C ALA C 791 68.78 0.74 0.55
N GLU C 792 69.80 1.17 1.30
CA GLU C 792 71.08 1.50 0.72
C GLU C 792 71.92 0.24 0.55
N ALA C 793 71.75 -0.73 1.46
CA ALA C 793 72.50 -1.97 1.41
C ALA C 793 72.10 -2.77 0.17
N VAL C 794 70.80 -2.78 -0.14
CA VAL C 794 70.27 -3.52 -1.28
C VAL C 794 71.02 -3.11 -2.54
N VAL C 795 71.26 -1.81 -2.70
CA VAL C 795 71.92 -1.30 -3.89
C VAL C 795 73.41 -1.64 -3.87
N ARG C 796 74.06 -1.37 -2.74
CA ARG C 796 75.51 -1.46 -2.65
C ARG C 796 75.97 -2.89 -2.88
N ASP C 797 75.26 -3.85 -2.29
CA ASP C 797 75.71 -5.24 -2.32
C ASP C 797 75.73 -5.77 -3.74
N PHE C 798 74.69 -5.47 -4.53
CA PHE C 798 74.56 -6.00 -5.87
C PHE C 798 75.64 -5.40 -6.78
N HIS C 799 75.96 -4.12 -6.59
CA HIS C 799 76.93 -3.46 -7.43
C HIS C 799 78.33 -4.03 -7.17
N ASP C 800 78.60 -4.39 -5.92
CA ASP C 800 79.89 -4.95 -5.56
C ASP C 800 80.08 -6.31 -6.22
N GLN C 801 79.01 -7.11 -6.24
CA GLN C 801 79.04 -8.43 -6.85
C GLN C 801 79.41 -8.32 -8.33
N MET C 802 78.80 -7.38 -9.04
CA MET C 802 78.99 -7.25 -10.47
C MET C 802 80.39 -6.76 -10.78
N GLU C 803 80.89 -5.82 -9.98
CA GLU C 803 82.22 -5.25 -10.18
C GLU C 803 83.28 -6.32 -9.98
N SER C 804 83.07 -7.20 -8.99
CA SER C 804 83.99 -8.27 -8.69
C SER C 804 84.18 -9.19 -9.91
N VAL C 805 83.06 -9.66 -10.46
CA VAL C 805 83.08 -10.61 -11.56
C VAL C 805 83.72 -9.96 -12.78
N PHE C 806 83.40 -8.70 -13.05
CA PHE C 806 83.88 -8.01 -14.22
C PHE C 806 85.40 -7.95 -14.23
N ASN C 807 85.99 -7.63 -13.07
CA ASN C 807 87.42 -7.49 -12.96
C ASN C 807 88.10 -8.84 -13.20
N GLU C 808 87.50 -9.91 -12.66
CA GLU C 808 88.04 -11.25 -12.80
C GLU C 808 88.09 -11.66 -14.26
N VAL C 809 87.10 -11.22 -15.05
CA VAL C 809 86.98 -11.61 -16.45
C VAL C 809 88.03 -10.89 -17.29
N LYS C 810 88.46 -9.71 -16.84
CA LYS C 810 89.32 -8.85 -17.63
C LYS C 810 90.79 -9.15 -17.34
N GLU C 811 91.07 -9.91 -16.28
CA GLU C 811 92.42 -10.35 -15.96
C GLU C 811 92.93 -11.30 -17.04
N GLY C 812 92.11 -12.30 -17.37
CA GLY C 812 92.41 -13.22 -18.46
C GLY C 812 92.44 -12.48 -19.79
N GLY C 813 93.49 -12.76 -20.59
CA GLY C 813 93.71 -12.08 -21.86
C GLY C 813 92.70 -12.52 -22.93
N LYS C 814 92.55 -11.68 -23.96
CA LYS C 814 91.63 -11.94 -25.04
C LYS C 814 92.32 -12.80 -26.11
N LYS C 815 91.62 -13.84 -26.56
CA LYS C 815 92.12 -14.71 -27.62
C LYS C 815 91.89 -14.04 -28.97
N GLN C 816 92.60 -14.53 -30.00
CA GLN C 816 92.45 -14.02 -31.35
C GLN C 816 91.54 -14.96 -32.14
N ALA C 817 91.00 -14.45 -33.25
CA ALA C 817 90.01 -15.18 -34.05
C ALA C 817 90.67 -16.38 -34.73
N GLU C 818 89.86 -17.41 -34.96
CA GLU C 818 90.31 -18.65 -35.59
C GLU C 818 89.20 -19.16 -36.50
N ALA C 819 89.58 -19.76 -37.62
CA ALA C 819 88.63 -20.19 -38.65
C ALA C 819 87.79 -21.35 -38.13
N GLN C 820 86.55 -21.43 -38.64
CA GLN C 820 85.61 -22.48 -38.26
C GLN C 820 85.65 -23.57 -39.33
N THR C 821 85.74 -24.83 -38.87
CA THR C 821 86.17 -25.93 -39.71
C THR C 821 84.99 -26.59 -40.43
N GLY C 822 83.88 -26.82 -39.71
CA GLY C 822 82.71 -27.47 -40.27
C GLY C 822 82.22 -28.61 -39.40
N ILE C 823 81.00 -29.12 -39.67
CA ILE C 823 80.37 -30.09 -38.78
C ILE C 823 80.24 -31.45 -39.48
N THR C 824 80.94 -31.65 -40.59
CA THR C 824 80.73 -32.84 -41.41
C THR C 824 81.09 -34.11 -40.64
N GLY C 825 82.19 -34.07 -39.88
CA GLY C 825 82.71 -35.27 -39.23
C GLY C 825 82.50 -35.26 -37.72
N SER C 826 81.54 -34.46 -37.23
CA SER C 826 81.32 -34.30 -35.81
C SER C 826 80.43 -35.43 -35.26
N GLN C 827 79.83 -36.22 -36.15
CA GLN C 827 79.06 -37.39 -35.75
C GLN C 827 79.46 -38.59 -36.61
N LYS C 828 79.40 -39.78 -36.01
CA LYS C 828 79.89 -41.00 -36.64
C LYS C 828 78.77 -41.68 -37.43
N LEU C 829 79.17 -42.46 -38.45
CA LEU C 829 78.25 -43.23 -39.28
C LEU C 829 78.19 -44.66 -38.78
N PRO C 830 77.01 -45.33 -38.86
CA PRO C 830 76.87 -46.70 -38.35
C PRO C 830 77.44 -47.75 -39.28
N HIS C 831 78.74 -48.00 -39.17
CA HIS C 831 79.41 -48.97 -40.01
C HIS C 831 79.12 -50.39 -39.50
N GLY C 832 78.61 -51.24 -40.40
CA GLY C 832 78.42 -52.64 -40.12
C GLY C 832 77.21 -52.90 -39.20
N LEU C 833 76.09 -52.23 -39.49
CA LEU C 833 74.85 -52.41 -38.76
C LEU C 833 73.87 -53.16 -39.65
N GLU C 834 73.20 -54.17 -39.10
CA GLU C 834 72.28 -55.00 -39.86
C GLU C 834 70.85 -54.72 -39.44
N THR C 835 69.95 -54.68 -40.41
CA THR C 835 68.62 -54.12 -40.22
C THR C 835 67.52 -55.09 -40.62
N ASN C 836 67.85 -56.39 -40.70
CA ASN C 836 66.87 -57.40 -41.05
C ASN C 836 66.22 -57.93 -39.79
N ILE C 837 64.96 -58.40 -39.91
CA ILE C 837 64.25 -59.03 -38.81
C ILE C 837 64.16 -60.52 -39.07
N SER C 838 63.76 -61.29 -38.04
CA SER C 838 63.62 -62.73 -38.14
C SER C 838 62.30 -63.09 -38.80
N ARG C 839 62.17 -64.36 -39.21
CA ARG C 839 60.98 -64.83 -39.88
C ARG C 839 59.82 -64.95 -38.89
N GLU C 840 60.14 -65.22 -37.62
CA GLU C 840 59.15 -65.32 -36.58
C GLU C 840 58.51 -63.96 -36.34
N GLU C 841 59.34 -62.92 -36.33
CA GLU C 841 58.88 -61.55 -36.11
C GLU C 841 57.95 -61.11 -37.23
N LEU C 842 58.26 -61.51 -38.47
CA LEU C 842 57.52 -61.05 -39.63
C LEU C 842 56.12 -61.67 -39.62
N LEU C 843 55.99 -62.91 -39.20
CA LEU C 843 54.71 -63.60 -39.18
C LEU C 843 53.82 -63.02 -38.09
N GLU C 844 54.42 -62.62 -36.97
CA GLU C 844 53.67 -62.09 -35.86
C GLU C 844 53.05 -60.74 -36.24
N LEU C 845 53.81 -59.92 -36.96
CA LEU C 845 53.32 -58.63 -37.42
C LEU C 845 52.15 -58.82 -38.36
N GLY C 846 52.26 -59.80 -39.25
CA GLY C 846 51.19 -60.09 -40.18
C GLY C 846 49.92 -60.54 -39.48
N GLN C 847 50.06 -61.26 -38.38
CA GLN C 847 48.94 -61.87 -37.69
C GLN C 847 48.20 -60.86 -36.83
N ALA C 848 48.74 -59.65 -36.70
CA ALA C 848 48.14 -58.62 -35.89
C ALA C 848 46.84 -58.11 -36.50
N PHE C 849 46.71 -58.27 -37.82
CA PHE C 849 45.54 -57.80 -38.53
C PHE C 849 44.44 -58.84 -38.57
N ALA C 850 44.65 -60.00 -37.92
CA ALA C 850 43.63 -61.02 -37.80
C ALA C 850 43.10 -61.13 -36.37
N ASN C 851 43.86 -60.64 -35.40
CA ASN C 851 43.43 -60.67 -34.01
C ASN C 851 42.53 -59.48 -33.73
N THR C 852 41.32 -59.49 -34.29
CA THR C 852 40.37 -58.42 -34.07
C THR C 852 39.77 -58.56 -32.69
N PRO C 853 39.24 -57.49 -32.07
CA PRO C 853 38.51 -57.61 -30.81
C PRO C 853 37.24 -58.44 -30.90
N GLU C 854 36.46 -58.45 -29.82
CA GLU C 854 35.47 -59.49 -29.61
C GLU C 854 34.35 -59.38 -30.63
N GLY C 855 33.71 -58.22 -30.76
CA GLY C 855 32.60 -58.13 -31.70
C GLY C 855 32.85 -57.16 -32.85
N PHE C 856 34.08 -57.15 -33.38
CA PHE C 856 34.50 -56.16 -34.36
C PHE C 856 34.48 -56.79 -35.74
N ASN C 857 34.02 -56.02 -36.73
CA ASN C 857 34.11 -56.41 -38.11
C ASN C 857 34.60 -55.22 -38.94
N TYR C 858 35.36 -55.50 -39.99
CA TYR C 858 35.89 -54.48 -40.89
C TYR C 858 34.79 -54.04 -41.86
N HIS C 859 34.99 -52.87 -42.48
CA HIS C 859 34.14 -52.36 -43.55
C HIS C 859 34.42 -53.21 -44.77
N PRO C 860 33.42 -53.46 -45.64
CA PRO C 860 33.61 -54.32 -46.80
C PRO C 860 34.75 -53.99 -47.76
N ARG C 861 35.14 -52.73 -47.82
CA ARG C 861 36.13 -52.26 -48.78
C ARG C 861 37.49 -52.18 -48.11
N VAL C 862 37.55 -52.48 -46.81
CA VAL C 862 38.81 -52.51 -46.05
C VAL C 862 39.20 -53.96 -45.78
N ALA C 863 38.23 -54.89 -45.78
CA ALA C 863 38.49 -56.26 -45.39
C ALA C 863 39.47 -56.94 -46.34
N PRO C 864 39.39 -56.74 -47.67
CA PRO C 864 40.39 -57.29 -48.57
C PRO C 864 41.84 -56.89 -48.31
N VAL C 865 42.04 -55.66 -47.82
CA VAL C 865 43.37 -55.16 -47.53
C VAL C 865 43.94 -55.89 -46.33
N ALA C 866 43.10 -56.12 -45.31
CA ALA C 866 43.54 -56.82 -44.11
C ALA C 866 43.90 -58.26 -44.43
N LYS C 867 43.13 -58.93 -45.28
CA LYS C 867 43.41 -60.30 -45.64
C LYS C 867 44.74 -60.40 -46.36
N LYS C 868 45.00 -59.49 -47.27
CA LYS C 868 46.21 -59.52 -48.07
C LYS C 868 47.43 -59.32 -47.18
N ARG C 869 47.29 -58.53 -46.12
CA ARG C 869 48.37 -58.27 -45.19
C ARG C 869 48.73 -59.54 -44.42
N VAL C 870 47.75 -60.40 -44.12
CA VAL C 870 47.99 -61.62 -43.37
C VAL C 870 48.62 -62.66 -44.26
N SER C 871 48.35 -62.63 -45.56
CA SER C 871 48.80 -63.68 -46.45
C SER C 871 50.12 -63.36 -47.11
N SER C 872 50.47 -62.07 -47.21
CA SER C 872 51.60 -61.65 -48.00
C SER C 872 52.91 -61.99 -47.31
N VAL C 873 52.90 -62.09 -45.98
CA VAL C 873 54.12 -62.29 -45.23
C VAL C 873 54.61 -63.72 -45.40
N THR C 874 53.91 -64.54 -46.18
CA THR C 874 54.38 -65.87 -46.50
C THR C 874 54.31 -66.18 -47.99
N GLU C 875 53.53 -65.44 -48.76
CA GLU C 875 53.33 -65.75 -50.17
C GLU C 875 54.02 -64.76 -51.07
N GLY C 876 54.13 -63.50 -50.65
CA GLY C 876 54.80 -62.48 -51.43
C GLY C 876 53.87 -61.33 -51.78
N GLY C 877 54.39 -60.36 -52.52
CA GLY C 877 53.60 -59.26 -53.04
C GLY C 877 53.30 -58.21 -51.98
N ILE C 878 54.32 -57.73 -51.29
CA ILE C 878 54.17 -56.72 -50.26
C ILE C 878 54.25 -55.35 -50.92
N ASP C 879 53.30 -54.47 -50.63
CA ASP C 879 53.20 -53.18 -51.29
C ASP C 879 53.85 -52.10 -50.43
N TRP C 880 53.81 -50.86 -50.91
CA TRP C 880 54.56 -49.77 -50.30
C TRP C 880 54.07 -49.51 -48.89
N ALA C 881 52.76 -49.37 -48.72
CA ALA C 881 52.20 -48.98 -47.43
C ALA C 881 52.51 -50.01 -46.36
N TRP C 882 52.45 -51.30 -46.73
CA TRP C 882 52.65 -52.39 -45.80
C TRP C 882 54.14 -52.46 -45.43
N GLY C 883 55.01 -52.05 -46.33
CA GLY C 883 56.43 -51.93 -46.05
C GLY C 883 56.75 -50.88 -44.99
N GLU C 884 56.07 -49.73 -45.08
CA GLU C 884 56.26 -48.64 -44.14
C GLU C 884 55.79 -49.04 -42.75
N LEU C 885 54.61 -49.67 -42.66
CA LEU C 885 54.02 -50.03 -41.38
C LEU C 885 54.82 -51.14 -40.72
N LEU C 886 55.39 -52.05 -41.50
CA LEU C 886 56.21 -53.11 -40.96
C LEU C 886 57.42 -52.53 -40.24
N ALA C 887 57.97 -51.45 -40.78
CA ALA C 887 59.13 -50.79 -40.19
C ALA C 887 58.77 -50.16 -38.85
N PHE C 888 57.72 -49.34 -38.83
CA PHE C 888 57.34 -48.65 -37.61
C PHE C 888 56.90 -49.66 -36.55
N GLY C 889 56.21 -50.71 -36.97
CA GLY C 889 55.73 -51.73 -36.06
C GLY C 889 56.85 -52.48 -35.37
N SER C 890 57.87 -52.86 -36.14
CA SER C 890 59.01 -53.56 -35.59
C SER C 890 59.71 -52.72 -34.53
N LEU C 891 59.82 -51.40 -34.77
CA LEU C 891 60.52 -50.53 -33.85
C LEU C 891 59.70 -50.32 -32.59
N ALA C 892 58.38 -50.32 -32.70
CA ALA C 892 57.53 -50.17 -31.55
C ALA C 892 57.60 -51.40 -30.65
N ASN C 893 57.78 -52.57 -31.26
CA ASN C 893 57.86 -53.81 -30.52
C ASN C 893 59.08 -53.81 -29.62
N SER C 894 60.20 -53.26 -30.12
CA SER C 894 61.44 -53.25 -29.38
C SER C 894 61.37 -52.37 -28.15
N GLY C 895 60.44 -51.42 -28.13
CA GLY C 895 60.12 -50.67 -26.93
C GLY C 895 60.27 -49.17 -27.11
N ARG C 896 59.94 -48.66 -28.30
CA ARG C 896 60.10 -47.24 -28.60
C ARG C 896 58.76 -46.58 -28.80
N LEU C 897 58.73 -45.26 -28.61
CA LEU C 897 57.55 -44.45 -28.86
C LEU C 897 57.61 -43.94 -30.29
N VAL C 898 56.67 -44.40 -31.13
CA VAL C 898 56.60 -44.02 -32.53
C VAL C 898 55.38 -43.15 -32.71
N ARG C 899 55.55 -41.97 -33.33
CA ARG C 899 54.50 -40.98 -33.50
C ARG C 899 54.43 -40.55 -34.96
N LEU C 900 53.24 -40.63 -35.58
CA LEU C 900 53.02 -40.24 -36.96
C LEU C 900 51.86 -39.27 -37.03
N ALA C 901 52.06 -38.11 -37.68
CA ALA C 901 51.05 -37.06 -37.72
C ALA C 901 51.04 -36.37 -39.08
N GLY C 902 49.86 -35.91 -39.50
CA GLY C 902 49.67 -35.28 -40.79
C GLY C 902 48.21 -35.26 -41.21
N GLU C 903 47.90 -34.63 -42.35
CA GLU C 903 46.54 -34.48 -42.82
C GLU C 903 46.03 -35.78 -43.39
N ASP C 904 44.99 -36.33 -42.75
CA ASP C 904 44.32 -37.54 -43.20
C ASP C 904 45.30 -38.70 -43.22
N SER C 905 46.07 -38.85 -42.14
CA SER C 905 47.17 -39.79 -42.12
C SER C 905 46.77 -41.12 -41.50
N ARG C 906 45.60 -41.19 -40.87
CA ARG C 906 45.11 -42.45 -40.33
C ARG C 906 44.61 -43.37 -41.44
N ARG C 907 43.85 -42.82 -42.39
CA ARG C 907 43.39 -43.57 -43.54
C ARG C 907 44.43 -43.52 -44.64
N GLY C 908 44.98 -42.33 -44.88
CA GLY C 908 45.86 -42.09 -46.00
C GLY C 908 45.15 -41.30 -47.10
N THR C 909 45.91 -40.42 -47.76
CA THR C 909 45.36 -39.55 -48.79
C THR C 909 44.90 -40.36 -49.98
N PHE C 910 45.64 -41.44 -50.27
CA PHE C 910 45.38 -42.26 -51.43
C PHE C 910 44.72 -43.57 -51.01
N THR C 911 44.16 -43.59 -49.81
CA THR C 911 43.42 -44.73 -49.28
C THR C 911 44.31 -45.96 -49.29
N GLN C 912 45.46 -45.88 -48.61
CA GLN C 912 46.46 -46.92 -48.74
C GLN C 912 46.96 -47.43 -47.40
N ARG C 913 46.70 -46.73 -46.29
CA ARG C 913 47.41 -47.02 -45.06
C ARG C 913 46.54 -47.83 -44.11
N HIS C 914 45.37 -47.30 -43.75
CA HIS C 914 44.47 -47.98 -42.85
C HIS C 914 45.20 -48.43 -41.60
N ALA C 915 45.73 -47.48 -40.84
CA ALA C 915 46.42 -47.77 -39.60
C ALA C 915 45.43 -47.89 -38.46
N VAL C 916 44.32 -47.16 -38.55
CA VAL C 916 43.21 -47.34 -37.64
C VAL C 916 41.98 -47.64 -38.47
N ALA C 917 41.23 -48.69 -38.09
CA ALA C 917 40.05 -49.10 -38.81
C ALA C 917 38.81 -48.85 -37.96
N ILE C 918 37.66 -48.68 -38.62
CA ILE C 918 36.41 -48.35 -37.95
C ILE C 918 35.33 -49.33 -38.36
N ASP C 919 34.53 -49.79 -37.39
CA ASP C 919 33.44 -50.73 -37.60
C ASP C 919 32.21 -49.98 -38.07
N PRO C 920 31.58 -50.33 -39.21
CA PRO C 920 30.45 -49.58 -39.72
C PRO C 920 29.19 -49.59 -38.86
N ALA C 921 29.06 -50.61 -38.02
CA ALA C 921 27.84 -50.82 -37.25
C ALA C 921 27.88 -50.06 -35.94
N THR C 922 29.05 -49.94 -35.32
CA THR C 922 29.13 -49.39 -33.99
C THR C 922 30.05 -48.17 -33.88
N ALA C 923 30.90 -47.96 -34.90
CA ALA C 923 31.86 -46.86 -34.90
C ALA C 923 32.96 -47.05 -33.86
N GLU C 924 33.31 -48.32 -33.57
CA GLU C 924 34.43 -48.63 -32.69
C GLU C 924 35.72 -48.54 -33.50
N GLU C 925 36.83 -48.21 -32.83
CA GLU C 925 38.13 -48.04 -33.47
C GLU C 925 39.06 -49.18 -33.08
N PHE C 926 40.01 -49.50 -33.95
CA PHE C 926 40.97 -50.57 -33.72
C PHE C 926 42.33 -50.18 -34.30
N ASN C 927 43.39 -50.33 -33.49
CA ASN C 927 44.75 -50.02 -33.89
C ASN C 927 45.61 -51.26 -33.69
N PRO C 928 45.76 -52.13 -34.70
CA PRO C 928 46.47 -53.40 -34.55
C PRO C 928 47.88 -53.34 -33.97
N LEU C 929 48.71 -52.47 -34.53
CA LEU C 929 50.13 -52.49 -34.22
C LEU C 929 50.38 -51.96 -32.81
N HIS C 930 49.50 -51.08 -32.31
CA HIS C 930 49.65 -50.57 -30.95
C HIS C 930 49.35 -51.67 -29.95
N GLU C 931 48.35 -52.50 -30.27
CA GLU C 931 47.95 -53.61 -29.42
C GLU C 931 49.12 -54.60 -29.31
N LEU C 932 49.71 -54.95 -30.45
CA LEU C 932 50.77 -55.93 -30.48
C LEU C 932 51.95 -55.43 -29.67
N ALA C 933 52.24 -54.14 -29.78
CA ALA C 933 53.41 -53.58 -29.12
C ALA C 933 53.24 -53.63 -27.60
N GLN C 934 52.01 -53.38 -27.13
CA GLN C 934 51.74 -53.31 -25.71
C GLN C 934 51.67 -54.70 -25.09
N SER C 935 51.62 -55.74 -25.93
CA SER C 935 51.53 -57.10 -25.43
C SER C 935 52.88 -57.81 -25.52
N LYS C 936 53.98 -57.07 -25.43
CA LYS C 936 55.31 -57.65 -25.51
C LYS C 936 56.19 -57.22 -24.35
N GLY C 937 55.71 -56.30 -23.52
CA GLY C 937 56.33 -56.06 -22.23
C GLY C 937 57.59 -55.22 -22.28
N ASN C 938 57.77 -54.45 -23.36
CA ASN C 938 58.83 -53.45 -23.41
C ASN C 938 58.24 -52.04 -23.35
N ASN C 939 56.91 -51.94 -23.28
CA ASN C 939 56.21 -50.69 -23.14
C ASN C 939 56.41 -49.80 -24.35
N GLY C 940 56.17 -50.36 -25.54
CA GLY C 940 56.25 -49.61 -26.78
C GLY C 940 54.88 -49.09 -27.18
N LYS C 941 54.86 -48.08 -28.05
CA LYS C 941 53.65 -47.41 -28.46
C LYS C 941 53.69 -47.05 -29.93
N PHE C 942 52.54 -47.12 -30.60
CA PHE C 942 52.37 -46.61 -31.94
C PHE C 942 51.17 -45.67 -31.96
N LEU C 943 51.44 -44.36 -32.10
CA LEU C 943 50.43 -43.32 -32.01
C LEU C 943 50.25 -42.64 -33.35
N VAL C 944 49.02 -42.53 -33.84
CA VAL C 944 48.74 -41.92 -35.14
C VAL C 944 47.67 -40.85 -34.97
N TYR C 945 47.88 -39.67 -35.54
CA TYR C 945 46.99 -38.54 -35.35
C TYR C 945 46.70 -37.86 -36.68
N ASN C 946 45.45 -37.42 -36.87
CA ASN C 946 45.05 -36.53 -37.94
C ASN C 946 45.22 -35.09 -37.49
N SER C 947 46.04 -34.31 -38.20
CA SER C 947 46.32 -32.94 -37.84
C SER C 947 45.22 -32.02 -38.33
N ALA C 948 45.23 -30.77 -37.84
CA ALA C 948 44.43 -29.71 -38.42
C ALA C 948 45.05 -29.27 -39.73
N LEU C 949 44.39 -28.36 -40.43
CA LEU C 949 44.81 -27.97 -41.76
C LEU C 949 45.82 -26.83 -41.64
N THR C 950 47.06 -27.19 -41.28
CA THR C 950 48.17 -26.26 -41.15
C THR C 950 49.46 -26.96 -41.53
N GLU C 951 50.40 -26.23 -42.13
CA GLU C 951 51.71 -26.75 -42.46
C GLU C 951 52.77 -26.14 -41.57
N TYR C 952 52.61 -24.85 -41.22
CA TYR C 952 53.58 -24.11 -40.45
C TYR C 952 53.54 -24.61 -39.01
N ALA C 953 52.36 -24.66 -38.41
CA ALA C 953 52.20 -25.11 -37.04
C ALA C 953 52.38 -26.62 -36.95
N GLY C 954 51.96 -27.35 -37.97
CA GLY C 954 52.06 -28.80 -38.00
C GLY C 954 53.50 -29.29 -37.94
N MET C 955 54.33 -28.84 -38.87
CA MET C 955 55.70 -29.31 -38.96
C MET C 955 56.51 -28.78 -37.79
N GLY C 956 56.18 -27.58 -37.32
CA GLY C 956 56.86 -26.99 -36.19
C GLY C 956 56.68 -27.82 -34.93
N PHE C 957 55.47 -28.32 -34.72
CA PHE C 957 55.15 -29.10 -33.53
C PHE C 957 55.96 -30.40 -33.53
N GLU C 958 56.14 -31.01 -34.70
CA GLU C 958 56.83 -32.28 -34.78
C GLU C 958 58.33 -32.09 -34.58
N TYR C 959 58.90 -30.98 -35.07
CA TYR C 959 60.28 -30.68 -34.84
C TYR C 959 60.53 -30.56 -33.34
N GLY C 960 59.63 -29.85 -32.66
CA GLY C 960 59.77 -29.65 -31.23
C GLY C 960 59.73 -30.96 -30.46
N TYR C 961 58.88 -31.89 -30.92
CA TYR C 961 58.72 -33.17 -30.27
C TYR C 961 60.02 -33.94 -30.34
N SER C 962 60.73 -33.84 -31.46
CA SER C 962 61.98 -34.53 -31.67
C SER C 962 63.08 -33.99 -30.75
N VAL C 963 63.00 -32.70 -30.40
CA VAL C 963 64.00 -32.08 -29.55
C VAL C 963 63.71 -32.38 -28.08
N GLY C 964 62.43 -32.52 -27.74
CA GLY C 964 62.03 -32.72 -26.36
C GLY C 964 62.20 -34.16 -25.88
N ASN C 965 62.24 -35.12 -26.82
CA ASN C 965 62.53 -36.51 -26.50
C ASN C 965 63.42 -37.08 -27.60
N GLU C 966 64.70 -37.29 -27.27
CA GLU C 966 65.70 -37.68 -28.24
C GLU C 966 65.55 -39.14 -28.66
N ASP C 967 64.79 -39.93 -27.90
CA ASP C 967 64.75 -41.37 -28.09
C ASP C 967 63.44 -41.80 -28.75
N SER C 968 62.67 -40.85 -29.29
CA SER C 968 61.43 -41.17 -29.97
C SER C 968 61.63 -41.14 -31.47
N ILE C 969 60.73 -41.83 -32.21
CA ILE C 969 60.72 -41.81 -33.66
C ILE C 969 59.52 -40.97 -34.09
N VAL C 970 59.76 -39.85 -34.78
CA VAL C 970 58.71 -38.92 -35.16
C VAL C 970 58.71 -38.73 -36.66
N ALA C 971 57.52 -38.66 -37.27
CA ALA C 971 57.39 -38.45 -38.70
C ALA C 971 56.22 -37.53 -39.00
N TRP C 972 56.46 -36.51 -39.84
CA TRP C 972 55.43 -35.61 -40.34
C TRP C 972 55.18 -35.90 -41.80
N GLU C 973 53.90 -35.94 -42.20
CA GLU C 973 53.52 -36.25 -43.55
C GLU C 973 52.75 -35.08 -44.14
N ALA C 974 52.98 -34.81 -45.43
CA ALA C 974 52.26 -33.79 -46.17
C ALA C 974 51.27 -34.46 -47.11
N GLN C 975 50.12 -33.81 -47.33
CA GLN C 975 49.09 -34.39 -48.18
C GLN C 975 49.65 -34.53 -49.58
N PHE C 976 50.24 -33.45 -50.08
CA PHE C 976 51.12 -33.48 -51.23
C PHE C 976 52.36 -32.68 -50.89
N GLY C 977 53.49 -33.02 -51.51
CA GLY C 977 54.75 -32.37 -51.22
C GLY C 977 54.79 -30.92 -51.68
N ASP C 978 53.79 -30.51 -52.46
CA ASP C 978 53.72 -29.16 -53.01
C ASP C 978 53.27 -28.15 -51.96
N PHE C 979 52.69 -28.61 -50.85
CA PHE C 979 52.16 -27.70 -49.86
C PHE C 979 53.17 -27.46 -48.74
N ALA C 980 54.40 -27.95 -48.89
CA ALA C 980 55.40 -27.82 -47.85
C ALA C 980 56.06 -26.45 -47.87
N ASN C 981 55.85 -25.66 -48.93
CA ASN C 981 56.40 -24.32 -49.01
C ASN C 981 55.69 -23.38 -48.04
N GLY C 982 54.56 -23.81 -47.48
CA GLY C 982 53.88 -23.06 -46.44
C GLY C 982 54.54 -23.21 -45.08
N ALA C 983 55.56 -24.08 -44.99
CA ALA C 983 56.33 -24.23 -43.78
C ALA C 983 57.80 -23.94 -44.04
N GLN C 984 58.08 -22.98 -44.92
CA GLN C 984 59.44 -22.74 -45.37
C GLN C 984 60.29 -22.17 -44.24
N THR C 985 59.69 -21.35 -43.37
CA THR C 985 60.41 -20.77 -42.25
C THR C 985 61.00 -21.87 -41.37
N ILE C 986 60.22 -22.91 -41.07
CA ILE C 986 60.69 -23.99 -40.23
C ILE C 986 61.80 -24.76 -40.92
N ILE C 987 61.64 -25.02 -42.22
CA ILE C 987 62.63 -25.79 -42.96
C ILE C 987 63.96 -25.05 -42.96
N ASP C 988 63.93 -23.73 -43.15
CA ASP C 988 65.13 -22.94 -43.38
C ASP C 988 65.83 -22.58 -42.07
N GLU C 989 65.07 -22.39 -40.99
CA GLU C 989 65.60 -21.79 -39.79
C GLU C 989 65.88 -22.83 -38.71
N TYR C 990 65.17 -23.96 -38.73
CA TYR C 990 65.30 -24.96 -37.68
C TYR C 990 65.88 -26.27 -38.23
N VAL C 991 65.22 -26.86 -39.22
CA VAL C 991 65.51 -28.23 -39.64
C VAL C 991 66.86 -28.30 -40.34
N SER C 992 67.12 -27.35 -41.24
CA SER C 992 68.27 -27.41 -42.11
C SER C 992 69.53 -26.90 -41.42
N SER C 993 69.40 -26.04 -40.41
CA SER C 993 70.53 -25.25 -39.96
C SER C 993 70.65 -25.15 -38.44
N GLY C 994 69.91 -25.97 -37.69
CA GLY C 994 69.90 -25.85 -36.24
C GLY C 994 71.18 -26.34 -35.58
N GLU C 995 71.80 -27.38 -36.14
CA GLU C 995 72.99 -27.97 -35.56
C GLU C 995 74.18 -27.02 -35.70
N ALA C 996 74.30 -26.39 -36.86
CA ALA C 996 75.41 -25.50 -37.14
C ALA C 996 75.33 -24.22 -36.33
N LYS C 997 74.12 -23.79 -35.97
CA LYS C 997 73.95 -22.51 -35.29
C LYS C 997 73.99 -22.67 -33.79
N TRP C 998 73.30 -23.66 -33.23
CA TRP C 998 73.13 -23.75 -31.79
C TRP C 998 73.62 -25.09 -31.23
N GLY C 999 73.92 -26.06 -32.08
CA GLY C 999 74.31 -27.37 -31.59
C GLY C 999 73.10 -28.20 -31.13
N GLN C 1000 71.93 -27.90 -31.69
CA GLN C 1000 70.70 -28.60 -31.39
C GLN C 1000 70.47 -29.65 -32.48
N THR C 1001 70.31 -30.91 -32.08
CA THR C 1001 70.22 -32.01 -33.02
C THR C 1001 68.81 -32.57 -33.06
N SER C 1002 68.43 -33.16 -34.20
CA SER C 1002 67.09 -33.70 -34.41
C SER C 1002 67.14 -34.89 -35.36
N LYS C 1003 66.16 -35.80 -35.24
CA LYS C 1003 66.02 -36.92 -36.15
C LYS C 1003 64.61 -36.99 -36.71
N LEU C 1004 64.07 -35.84 -37.15
CA LEU C 1004 62.74 -35.78 -37.70
C LEU C 1004 62.74 -36.43 -39.07
N ILE C 1005 61.61 -37.07 -39.43
CA ILE C 1005 61.43 -37.66 -40.75
C ILE C 1005 60.34 -36.86 -41.47
N LEU C 1006 60.64 -36.39 -42.68
CA LEU C 1006 59.64 -35.76 -43.52
C LEU C 1006 59.28 -36.70 -44.66
N LEU C 1007 57.98 -37.02 -44.78
CA LEU C 1007 57.45 -37.86 -45.85
C LEU C 1007 56.66 -36.98 -46.82
N LEU C 1008 57.19 -36.79 -48.04
CA LEU C 1008 56.67 -35.81 -48.98
C LEU C 1008 56.32 -36.49 -50.30
N PRO C 1009 55.02 -36.72 -50.64
CA PRO C 1009 54.65 -37.29 -51.93
C PRO C 1009 55.10 -36.53 -53.16
N HIS C 1010 55.47 -37.26 -54.22
CA HIS C 1010 56.13 -36.68 -55.38
C HIS C 1010 55.90 -37.55 -56.60
N GLY C 1011 55.65 -36.94 -57.75
CA GLY C 1011 55.53 -37.67 -59.00
C GLY C 1011 54.81 -36.87 -60.08
N TYR C 1012 55.25 -37.04 -61.33
CA TYR C 1012 54.65 -36.37 -62.47
C TYR C 1012 53.68 -37.35 -63.14
N GLU C 1013 52.38 -37.11 -62.98
CA GLU C 1013 51.35 -38.05 -63.41
C GLU C 1013 50.17 -37.36 -64.09
N GLY C 1014 50.20 -36.05 -64.27
CA GLY C 1014 49.20 -35.36 -65.06
C GLY C 1014 48.08 -34.73 -64.23
N GLN C 1015 48.33 -34.41 -62.97
CA GLN C 1015 47.30 -33.85 -62.11
C GLN C 1015 47.45 -32.33 -61.99
N GLY C 1016 48.47 -31.74 -62.61
CA GLY C 1016 48.58 -30.29 -62.69
C GLY C 1016 49.72 -29.74 -61.86
N PRO C 1017 49.98 -28.42 -61.91
CA PRO C 1017 51.15 -27.82 -61.27
C PRO C 1017 51.23 -27.75 -59.75
N ASP C 1018 50.12 -28.03 -59.04
CA ASP C 1018 50.15 -28.02 -57.59
C ASP C 1018 49.87 -29.42 -57.04
N HIS C 1019 50.11 -30.45 -57.85
CA HIS C 1019 50.02 -31.82 -57.39
C HIS C 1019 51.05 -32.66 -58.13
N SER C 1020 52.30 -32.19 -58.21
CA SER C 1020 53.30 -32.85 -59.02
C SER C 1020 54.71 -32.87 -58.41
N SER C 1021 55.17 -31.79 -57.78
CA SER C 1021 56.58 -31.70 -57.40
C SER C 1021 56.74 -31.20 -55.97
N ALA C 1022 57.56 -31.92 -55.19
CA ALA C 1022 57.90 -31.53 -53.84
C ALA C 1022 59.15 -30.64 -53.80
N ARG C 1023 59.69 -30.28 -54.97
CA ARG C 1023 60.79 -29.36 -55.09
C ARG C 1023 62.06 -29.98 -54.52
N ILE C 1024 62.58 -30.98 -55.22
CA ILE C 1024 63.79 -31.68 -54.84
C ILE C 1024 64.98 -30.71 -54.92
N GLU C 1025 64.98 -29.85 -55.92
CA GLU C 1025 66.09 -28.93 -56.17
C GLU C 1025 66.29 -27.99 -54.98
N ARG C 1026 65.21 -27.62 -54.30
CA ARG C 1026 65.30 -26.68 -53.20
C ARG C 1026 65.95 -27.33 -52.00
N PHE C 1027 65.60 -28.59 -51.72
CA PHE C 1027 66.17 -29.32 -50.60
C PHE C 1027 67.65 -29.60 -50.84
N LEU C 1028 68.04 -29.83 -52.09
CA LEU C 1028 69.42 -30.15 -52.37
C LEU C 1028 70.31 -28.90 -52.32
N GLN C 1029 69.71 -27.70 -52.46
CA GLN C 1029 70.45 -26.46 -52.27
C GLN C 1029 70.85 -26.31 -50.81
N LEU C 1030 69.92 -26.63 -49.90
CA LEU C 1030 70.13 -26.41 -48.48
C LEU C 1030 71.17 -27.36 -47.90
N CYS C 1031 71.48 -28.45 -48.60
CA CYS C 1031 72.39 -29.47 -48.07
C CYS C 1031 73.85 -29.05 -48.24
N ALA C 1032 74.59 -29.14 -47.14
CA ALA C 1032 76.04 -28.94 -47.11
C ALA C 1032 76.56 -29.39 -45.77
N GLU C 1033 77.81 -29.87 -45.74
CA GLU C 1033 78.46 -30.33 -44.52
C GLU C 1033 77.77 -31.58 -43.97
N GLY C 1034 77.11 -32.35 -44.84
CA GLY C 1034 76.37 -33.52 -44.40
C GLY C 1034 75.31 -33.19 -43.35
N SER C 1035 74.46 -32.20 -43.65
CA SER C 1035 73.52 -31.67 -42.68
C SER C 1035 72.30 -32.58 -42.55
N MET C 1036 71.82 -33.14 -43.66
CA MET C 1036 70.70 -34.06 -43.62
C MET C 1036 70.74 -35.03 -44.81
N THR C 1037 69.96 -36.11 -44.69
CA THR C 1037 69.92 -37.20 -45.66
C THR C 1037 68.69 -37.04 -46.55
N VAL C 1038 68.85 -37.19 -47.86
CA VAL C 1038 67.77 -37.05 -48.83
C VAL C 1038 67.74 -38.29 -49.72
N ALA C 1039 66.55 -38.89 -49.90
CA ALA C 1039 66.41 -40.17 -50.58
C ALA C 1039 65.10 -40.27 -51.35
N GLN C 1040 65.08 -41.17 -52.35
CA GLN C 1040 63.90 -41.45 -53.16
C GLN C 1040 63.89 -42.91 -53.56
N PRO C 1041 63.47 -43.85 -52.67
CA PRO C 1041 63.58 -45.28 -52.96
C PRO C 1041 62.52 -45.81 -53.91
N SER C 1042 62.79 -46.99 -54.48
CA SER C 1042 61.99 -47.53 -55.57
C SER C 1042 61.33 -48.88 -55.25
N THR C 1043 61.58 -49.44 -54.06
CA THR C 1043 60.97 -50.70 -53.67
C THR C 1043 60.59 -50.65 -52.20
N PRO C 1044 59.46 -51.26 -51.79
CA PRO C 1044 59.06 -51.28 -50.39
C PRO C 1044 60.08 -51.77 -49.36
N ALA C 1045 60.87 -52.77 -49.73
CA ALA C 1045 61.85 -53.33 -48.81
C ALA C 1045 62.97 -52.35 -48.55
N ASN C 1046 63.31 -51.54 -49.55
CA ASN C 1046 64.38 -50.58 -49.42
C ASN C 1046 63.93 -49.45 -48.50
N HIS C 1047 62.66 -49.06 -48.60
CA HIS C 1047 62.08 -48.06 -47.73
C HIS C 1047 62.15 -48.56 -46.30
N PHE C 1048 61.92 -49.86 -46.10
CA PHE C 1048 61.94 -50.49 -44.80
C PHE C 1048 63.33 -50.38 -44.19
N HIS C 1049 64.35 -50.66 -45.00
CA HIS C 1049 65.71 -50.71 -44.51
C HIS C 1049 66.24 -49.31 -44.21
N LEU C 1050 65.81 -48.31 -44.99
CA LEU C 1050 66.23 -46.94 -44.79
C LEU C 1050 65.71 -46.42 -43.47
N LEU C 1051 64.44 -46.66 -43.17
CA LEU C 1051 63.84 -46.17 -41.94
C LEU C 1051 64.50 -46.80 -40.73
N ARG C 1052 64.80 -48.10 -40.80
CA ARG C 1052 65.34 -48.83 -39.67
C ARG C 1052 66.79 -48.44 -39.42
N ARG C 1053 67.54 -48.14 -40.48
CA ARG C 1053 68.92 -47.70 -40.31
C ARG C 1053 68.96 -46.38 -39.56
N HIS C 1054 68.04 -45.48 -39.91
CA HIS C 1054 67.98 -44.16 -39.32
C HIS C 1054 67.68 -44.26 -37.84
N ALA C 1055 66.78 -45.17 -37.47
CA ALA C 1055 66.29 -45.27 -36.11
C ALA C 1055 67.33 -45.91 -35.18
N LEU C 1056 68.12 -46.86 -35.69
CA LEU C 1056 69.00 -47.65 -34.85
C LEU C 1056 70.41 -47.09 -34.81
N SER C 1057 70.71 -46.06 -35.61
CA SER C 1057 72.06 -45.51 -35.67
C SER C 1057 72.25 -44.48 -34.57
N ASP C 1058 73.43 -43.83 -34.55
CA ASP C 1058 73.75 -42.81 -33.58
C ASP C 1058 74.11 -41.51 -34.31
N LEU C 1059 73.57 -41.34 -35.51
CA LEU C 1059 73.73 -40.13 -36.30
C LEU C 1059 72.46 -39.31 -36.20
N LYS C 1060 72.54 -38.20 -35.45
CA LYS C 1060 71.35 -37.44 -35.08
C LYS C 1060 71.16 -36.29 -36.06
N ARG C 1061 70.68 -36.61 -37.27
CA ARG C 1061 70.38 -35.63 -38.30
C ARG C 1061 69.09 -36.01 -38.98
N PRO C 1062 68.35 -35.05 -39.59
CA PRO C 1062 67.08 -35.34 -40.24
C PRO C 1062 67.13 -36.24 -41.48
N LEU C 1063 65.96 -36.72 -41.90
CA LEU C 1063 65.80 -37.57 -43.07
C LEU C 1063 64.60 -37.09 -43.89
N VAL C 1064 64.82 -36.84 -45.19
CA VAL C 1064 63.79 -36.38 -46.09
C VAL C 1064 63.59 -37.43 -47.16
N ILE C 1065 62.36 -37.96 -47.28
CA ILE C 1065 62.04 -39.04 -48.22
C ILE C 1065 60.96 -38.56 -49.17
N PHE C 1066 61.16 -38.81 -50.47
CA PHE C 1066 60.18 -38.48 -51.49
C PHE C 1066 59.41 -39.75 -51.85
N THR C 1067 58.12 -39.80 -51.49
CA THR C 1067 57.33 -41.02 -51.51
C THR C 1067 56.42 -41.03 -52.74
N PRO C 1068 55.96 -42.20 -53.22
CA PRO C 1068 55.17 -42.28 -54.45
C PRO C 1068 53.66 -42.18 -54.32
N LYS C 1069 52.97 -42.05 -55.46
CA LYS C 1069 51.54 -41.84 -55.51
C LYS C 1069 50.86 -42.94 -56.33
N SER C 1070 51.36 -43.21 -57.53
CA SER C 1070 50.78 -44.22 -58.41
C SER C 1070 51.51 -45.56 -58.26
N MET C 1071 52.77 -45.50 -57.85
CA MET C 1071 53.58 -46.69 -57.67
C MET C 1071 53.12 -47.46 -56.44
N LEU C 1072 52.25 -46.86 -55.63
CA LEU C 1072 51.70 -47.50 -54.46
C LEU C 1072 51.01 -48.81 -54.83
N ARG C 1073 50.42 -48.87 -56.03
CA ARG C 1073 49.63 -50.02 -56.45
C ARG C 1073 50.16 -50.62 -57.75
N ASN C 1074 51.47 -50.51 -57.98
CA ASN C 1074 52.10 -51.09 -59.15
C ASN C 1074 52.62 -52.48 -58.76
N LYS C 1075 52.27 -53.51 -59.56
CA LYS C 1075 52.53 -54.87 -59.19
C LYS C 1075 53.97 -55.25 -59.49
N ALA C 1076 54.64 -54.46 -60.33
CA ALA C 1076 56.03 -54.73 -60.67
C ALA C 1076 56.97 -54.22 -59.59
N ALA C 1077 56.43 -53.48 -58.61
CA ALA C 1077 57.26 -52.85 -57.59
C ALA C 1077 57.19 -53.59 -56.26
N ALA C 1078 56.40 -54.67 -56.18
CA ALA C 1078 56.17 -55.35 -54.91
C ALA C 1078 57.39 -56.17 -54.53
N SER C 1079 57.46 -56.56 -53.23
CA SER C 1079 58.63 -57.19 -52.65
C SER C 1079 58.29 -58.54 -52.05
N ALA C 1080 59.28 -59.43 -51.98
CA ALA C 1080 59.14 -60.76 -51.44
C ALA C 1080 59.64 -60.80 -50.01
N PRO C 1081 59.21 -61.76 -49.17
CA PRO C 1081 59.60 -61.80 -47.77
C PRO C 1081 61.09 -61.95 -47.48
N GLU C 1082 61.82 -62.58 -48.40
CA GLU C 1082 63.25 -62.76 -48.23
C GLU C 1082 63.95 -61.42 -48.17
N ASP C 1083 63.35 -60.40 -48.81
CA ASP C 1083 63.96 -59.08 -48.88
C ASP C 1083 63.91 -58.36 -47.54
N PHE C 1084 63.06 -58.83 -46.62
CA PHE C 1084 62.98 -58.26 -45.29
C PHE C 1084 63.74 -59.08 -44.26
N THR C 1085 64.11 -60.33 -44.56
CA THR C 1085 64.64 -61.24 -43.56
C THR C 1085 66.01 -61.82 -43.93
N GLU C 1086 66.43 -61.74 -45.20
CA GLU C 1086 67.71 -62.30 -45.60
C GLU C 1086 68.66 -61.23 -46.12
N VAL C 1087 68.14 -60.18 -46.76
CA VAL C 1087 68.95 -59.04 -47.15
C VAL C 1087 69.18 -58.19 -45.91
N THR C 1088 70.43 -57.77 -45.69
CA THR C 1088 70.86 -57.25 -44.39
C THR C 1088 70.88 -55.72 -44.34
N LYS C 1089 71.13 -55.05 -45.47
CA LYS C 1089 71.41 -53.63 -45.47
C LYS C 1089 70.60 -52.88 -46.52
N PHE C 1090 70.56 -51.55 -46.39
CA PHE C 1090 69.97 -50.64 -47.37
C PHE C 1090 70.90 -50.48 -48.54
N GLN C 1091 70.35 -50.36 -49.75
CA GLN C 1091 71.12 -50.20 -50.96
C GLN C 1091 70.98 -48.78 -51.48
N SER C 1092 72.12 -48.14 -51.79
CA SER C 1092 72.13 -46.77 -52.26
C SER C 1092 72.12 -46.71 -53.78
N VAL C 1093 72.67 -47.73 -54.43
CA VAL C 1093 72.61 -47.88 -55.86
C VAL C 1093 72.18 -49.30 -56.18
N ILE C 1094 71.20 -49.46 -57.08
CA ILE C 1094 70.74 -50.76 -57.53
C ILE C 1094 71.10 -50.91 -59.00
N ASN C 1095 71.89 -51.93 -59.31
CA ASN C 1095 72.35 -52.17 -60.66
C ASN C 1095 71.25 -52.88 -61.43
N ASP C 1096 71.39 -52.95 -62.76
CA ASP C 1096 70.33 -53.47 -63.62
C ASP C 1096 70.23 -54.98 -63.45
N PRO C 1097 69.05 -55.53 -63.10
CA PRO C 1097 68.88 -56.98 -62.97
C PRO C 1097 68.51 -57.75 -64.23
N ASN C 1098 68.50 -57.10 -65.39
CA ASN C 1098 68.16 -57.76 -66.64
C ASN C 1098 69.25 -57.48 -67.67
N VAL C 1099 70.51 -57.79 -67.32
CA VAL C 1099 71.61 -57.71 -68.27
C VAL C 1099 72.13 -59.11 -68.49
N ALA C 1100 72.00 -59.60 -69.74
CA ALA C 1100 72.44 -60.93 -70.12
C ALA C 1100 73.97 -60.98 -70.16
N ASP C 1101 74.56 -60.08 -70.97
CA ASP C 1101 76.00 -60.03 -71.14
C ASP C 1101 76.48 -58.58 -71.00
N ALA C 1102 77.48 -58.38 -70.13
CA ALA C 1102 77.87 -57.06 -69.70
C ALA C 1102 78.89 -56.46 -70.66
N ALA C 1103 79.42 -57.28 -71.58
CA ALA C 1103 80.43 -56.82 -72.50
C ALA C 1103 79.81 -56.27 -73.77
N LYS C 1104 78.47 -56.26 -73.84
CA LYS C 1104 77.79 -55.77 -75.02
C LYS C 1104 77.05 -54.47 -74.72
N VAL C 1105 77.27 -53.88 -73.54
CA VAL C 1105 76.60 -52.64 -73.16
C VAL C 1105 77.41 -51.47 -73.69
N LYS C 1106 76.71 -50.47 -74.26
CA LYS C 1106 77.34 -49.31 -74.83
C LYS C 1106 76.68 -48.01 -74.39
N LYS C 1107 75.59 -48.08 -73.62
CA LYS C 1107 75.00 -46.90 -72.99
C LYS C 1107 74.56 -47.25 -71.59
N VAL C 1108 74.79 -46.34 -70.64
CA VAL C 1108 74.33 -46.48 -69.27
C VAL C 1108 73.38 -45.33 -68.97
N MET C 1109 72.19 -45.64 -68.46
CA MET C 1109 71.22 -44.64 -68.06
C MET C 1109 71.18 -44.57 -66.54
N LEU C 1110 71.22 -43.36 -65.97
CA LEU C 1110 71.03 -43.15 -64.55
C LEU C 1110 69.65 -42.54 -64.31
N VAL C 1111 68.92 -43.07 -63.34
CA VAL C 1111 67.54 -42.67 -63.09
C VAL C 1111 67.28 -42.73 -61.60
N SER C 1112 66.25 -42.03 -61.13
CA SER C 1112 65.82 -42.09 -59.75
C SER C 1112 64.30 -42.03 -59.67
N GLY C 1113 63.68 -42.98 -58.96
CA GLY C 1113 62.26 -42.93 -58.68
C GLY C 1113 61.45 -43.82 -59.62
N LYS C 1114 60.25 -43.38 -59.97
CA LYS C 1114 59.25 -44.21 -60.60
C LYS C 1114 59.43 -44.33 -62.10
N LEU C 1115 60.27 -43.50 -62.70
CA LEU C 1115 60.45 -43.53 -64.14
C LEU C 1115 61.23 -44.78 -64.54
N TYR C 1116 61.82 -45.47 -63.58
CA TYR C 1116 62.55 -46.70 -63.87
C TYR C 1116 61.65 -47.71 -64.54
N TYR C 1117 60.42 -47.84 -64.04
CA TYR C 1117 59.53 -48.90 -64.43
C TYR C 1117 58.98 -48.67 -65.84
N GLU C 1118 59.11 -47.46 -66.38
CA GLU C 1118 58.73 -47.19 -67.76
C GLU C 1118 59.87 -47.54 -68.69
N LEU C 1119 61.09 -47.17 -68.31
CA LEU C 1119 62.25 -47.41 -69.13
C LEU C 1119 62.52 -48.91 -69.24
N ALA C 1120 62.31 -49.63 -68.15
CA ALA C 1120 62.54 -51.07 -68.13
C ALA C 1120 61.54 -51.78 -69.02
N LYS C 1121 60.30 -51.29 -69.01
CA LYS C 1121 59.22 -51.82 -69.81
C LYS C 1121 59.58 -51.74 -71.28
N ARG C 1122 60.10 -50.58 -71.70
CA ARG C 1122 60.40 -50.34 -73.10
C ARG C 1122 61.59 -51.15 -73.54
N LYS C 1123 62.57 -51.33 -72.65
CA LYS C 1123 63.78 -52.06 -72.95
C LYS C 1123 63.44 -53.51 -73.29
N GLU C 1124 62.48 -54.08 -72.55
CA GLU C 1124 62.08 -55.46 -72.72
C GLU C 1124 61.33 -55.65 -74.03
N LYS C 1125 60.49 -54.66 -74.38
CA LYS C 1125 59.67 -54.72 -75.56
C LYS C 1125 60.53 -54.67 -76.83
N ASP C 1126 61.54 -53.82 -76.84
CA ASP C 1126 62.32 -53.56 -78.04
C ASP C 1126 63.57 -54.44 -78.08
N GLY C 1127 63.82 -55.20 -77.01
CA GLY C 1127 64.90 -56.16 -77.01
C GLY C 1127 66.27 -55.52 -77.18
N ARG C 1128 66.54 -54.50 -76.37
CA ARG C 1128 67.82 -53.79 -76.40
C ARG C 1128 68.77 -54.43 -75.40
N ASP C 1129 69.91 -54.92 -75.89
CA ASP C 1129 70.91 -55.55 -75.05
C ASP C 1129 72.15 -54.69 -74.97
N ASP C 1130 72.07 -53.46 -75.46
CA ASP C 1130 73.19 -52.53 -75.44
C ASP C 1130 72.93 -51.41 -74.44
N ILE C 1131 71.90 -51.55 -73.60
CA ILE C 1131 71.56 -50.54 -72.62
C ILE C 1131 71.54 -51.18 -71.23
N ALA C 1132 71.88 -50.39 -70.21
CA ALA C 1132 71.79 -50.79 -68.81
C ALA C 1132 71.24 -49.65 -67.97
N ILE C 1133 70.15 -49.89 -67.23
CA ILE C 1133 69.52 -48.86 -66.42
C ILE C 1133 69.97 -49.04 -64.97
N VAL C 1134 70.52 -47.97 -64.37
CA VAL C 1134 71.04 -47.98 -63.00
C VAL C 1134 70.28 -46.95 -62.16
N ARG C 1135 69.88 -47.34 -60.96
CA ARG C 1135 69.04 -46.53 -60.09
C ARG C 1135 69.87 -45.91 -58.97
N ILE C 1136 69.54 -44.67 -58.60
CA ILE C 1136 70.14 -43.99 -57.47
C ILE C 1136 69.05 -43.75 -56.43
N GLU C 1137 69.24 -44.29 -55.23
CA GLU C 1137 68.21 -44.31 -54.20
C GLU C 1137 68.47 -43.22 -53.18
N MET C 1138 69.75 -43.00 -52.84
CA MET C 1138 70.13 -41.94 -51.94
C MET C 1138 70.76 -40.83 -52.76
N LEU C 1139 70.18 -39.62 -52.68
CA LEU C 1139 70.58 -38.49 -53.51
C LEU C 1139 71.68 -37.70 -52.81
N HIS C 1140 71.50 -37.40 -51.52
CA HIS C 1140 72.54 -36.75 -50.73
C HIS C 1140 72.70 -37.48 -49.40
N PRO C 1141 73.91 -37.81 -48.94
CA PRO C 1141 75.16 -37.64 -49.68
C PRO C 1141 75.29 -38.51 -50.92
N ILE C 1142 76.18 -38.11 -51.83
CA ILE C 1142 76.32 -38.78 -53.11
C ILE C 1142 77.10 -40.05 -52.90
N PRO C 1143 76.57 -41.23 -53.29
CA PRO C 1143 77.31 -42.47 -53.22
C PRO C 1143 78.18 -42.67 -54.44
N PHE C 1144 79.31 -41.97 -54.47
CA PHE C 1144 80.12 -41.90 -55.66
C PHE C 1144 80.98 -43.16 -55.82
N ASN C 1145 81.26 -43.85 -54.72
CA ASN C 1145 82.05 -45.06 -54.79
C ASN C 1145 81.24 -46.17 -55.45
N ARG C 1146 79.95 -46.25 -55.13
CA ARG C 1146 79.08 -47.28 -55.70
C ARG C 1146 78.76 -46.97 -57.16
N ILE C 1147 78.57 -45.69 -57.50
CA ILE C 1147 78.30 -45.31 -58.87
C ILE C 1147 79.52 -45.64 -59.71
N SER C 1148 80.72 -45.42 -59.16
CA SER C 1148 81.95 -45.69 -59.86
C SER C 1148 82.10 -47.19 -60.12
N GLU C 1149 81.73 -47.99 -59.12
CA GLU C 1149 81.84 -49.43 -59.17
C GLU C 1149 80.89 -49.99 -60.23
N ALA C 1150 79.69 -49.42 -60.31
CA ALA C 1150 78.68 -49.84 -61.26
C ALA C 1150 79.12 -49.54 -62.69
N LEU C 1151 79.63 -48.34 -62.92
CA LEU C 1151 80.09 -47.93 -64.24
C LEU C 1151 81.29 -48.76 -64.67
N ALA C 1152 82.13 -49.18 -63.72
CA ALA C 1152 83.32 -49.93 -64.03
C ALA C 1152 82.98 -51.34 -64.49
N GLY C 1153 81.78 -51.82 -64.15
CA GLY C 1153 81.34 -53.15 -64.54
C GLY C 1153 80.97 -53.26 -66.02
N TYR C 1154 80.83 -52.11 -66.70
CA TYR C 1154 80.53 -52.08 -68.12
C TYR C 1154 81.71 -51.45 -68.85
N PRO C 1155 82.73 -52.22 -69.27
CA PRO C 1155 83.97 -51.66 -69.80
C PRO C 1155 83.94 -51.07 -71.19
N ASN C 1156 82.88 -51.33 -71.96
CA ASN C 1156 82.82 -50.88 -73.34
C ASN C 1156 81.78 -49.76 -73.49
N ALA C 1157 81.44 -49.09 -72.39
CA ALA C 1157 80.45 -48.03 -72.41
C ALA C 1157 81.07 -46.76 -72.99
N GLU C 1158 80.28 -46.02 -73.77
CA GLU C 1158 80.75 -44.85 -74.49
C GLU C 1158 80.00 -43.60 -74.02
N GLU C 1159 78.75 -43.77 -73.58
CA GLU C 1159 77.90 -42.65 -73.19
C GLU C 1159 77.34 -42.90 -71.80
N VAL C 1160 76.97 -41.81 -71.12
CA VAL C 1160 76.21 -41.86 -69.90
C VAL C 1160 75.08 -40.83 -70.01
N LEU C 1161 73.85 -41.28 -69.78
CA LEU C 1161 72.67 -40.46 -69.88
C LEU C 1161 72.05 -40.29 -68.49
N PHE C 1162 71.67 -39.06 -68.15
CA PHE C 1162 70.93 -38.79 -66.92
C PHE C 1162 69.50 -38.48 -67.31
N VAL C 1163 68.55 -39.29 -66.83
CA VAL C 1163 67.17 -39.22 -67.30
C VAL C 1163 66.29 -38.85 -66.11
N GLN C 1164 65.49 -37.79 -66.25
CA GLN C 1164 64.54 -37.41 -65.22
C GLN C 1164 63.25 -36.91 -65.86
N ASP C 1165 62.18 -36.90 -65.07
CA ASP C 1165 60.87 -36.45 -65.53
C ASP C 1165 60.73 -34.94 -65.38
N GLU C 1166 61.44 -34.33 -64.42
CA GLU C 1166 61.20 -32.95 -64.07
C GLU C 1166 61.78 -32.05 -65.16
N PRO C 1167 61.31 -30.78 -65.27
CA PRO C 1167 61.96 -29.80 -66.12
C PRO C 1167 63.45 -29.63 -65.84
N ALA C 1168 64.17 -29.00 -66.76
CA ALA C 1168 65.62 -28.99 -66.74
C ALA C 1168 66.18 -28.12 -65.61
N ASN C 1169 65.38 -27.20 -65.09
CA ASN C 1169 65.81 -26.33 -64.01
C ASN C 1169 65.27 -26.83 -62.68
N GLN C 1170 64.78 -28.07 -62.65
CA GLN C 1170 64.20 -28.66 -61.45
C GLN C 1170 64.70 -30.10 -61.36
N GLY C 1171 64.38 -30.77 -60.25
CA GLY C 1171 64.78 -32.16 -60.06
C GLY C 1171 66.23 -32.26 -59.62
N PRO C 1172 66.82 -33.47 -59.59
CA PRO C 1172 68.23 -33.63 -59.20
C PRO C 1172 69.34 -33.30 -60.18
N TRP C 1173 69.02 -32.85 -61.39
CA TRP C 1173 70.05 -32.65 -62.42
C TRP C 1173 71.00 -31.53 -62.05
N PRO C 1174 70.51 -30.33 -61.65
CA PRO C 1174 71.41 -29.23 -61.32
C PRO C 1174 72.50 -29.56 -60.31
N PHE C 1175 72.12 -30.33 -59.28
CA PHE C 1175 73.05 -30.74 -58.23
C PHE C 1175 74.09 -31.69 -58.79
N TYR C 1176 73.65 -32.66 -59.60
CA TYR C 1176 74.51 -33.76 -60.02
C TYR C 1176 75.47 -33.31 -61.12
N GLN C 1177 75.03 -32.40 -62.01
CA GLN C 1177 75.89 -31.98 -63.11
C GLN C 1177 77.05 -31.15 -62.57
N GLU C 1178 76.88 -30.55 -61.39
CA GLU C 1178 77.92 -29.76 -60.77
C GLU C 1178 78.93 -30.64 -60.05
N HIS C 1179 78.43 -31.62 -59.28
CA HIS C 1179 79.24 -32.30 -58.28
C HIS C 1179 79.84 -33.61 -58.77
N LEU C 1180 79.16 -34.34 -59.65
CA LEU C 1180 79.51 -35.72 -59.91
C LEU C 1180 80.76 -35.84 -60.77
N PRO C 1181 80.96 -35.01 -61.82
CA PRO C 1181 82.19 -35.06 -62.62
C PRO C 1181 83.50 -34.89 -61.86
N GLU C 1182 83.47 -34.12 -60.77
CA GLU C 1182 84.64 -33.90 -59.93
C GLU C 1182 84.97 -35.18 -59.17
N LEU C 1183 83.93 -35.88 -58.67
CA LEU C 1183 84.09 -37.02 -57.79
C LEU C 1183 84.47 -38.27 -58.58
N ILE C 1184 84.07 -38.36 -59.85
CA ILE C 1184 84.43 -39.47 -60.71
C ILE C 1184 85.13 -38.92 -61.95
N PRO C 1185 86.46 -38.67 -61.90
CA PRO C 1185 87.18 -38.05 -63.00
C PRO C 1185 87.19 -38.77 -64.35
N ASN C 1186 87.12 -40.11 -64.34
CA ASN C 1186 87.31 -40.90 -65.54
C ASN C 1186 85.99 -41.17 -66.26
N MET C 1187 84.90 -40.60 -65.77
CA MET C 1187 83.57 -40.87 -66.31
C MET C 1187 83.40 -40.11 -67.61
N PRO C 1188 82.71 -40.66 -68.64
CA PRO C 1188 82.38 -39.91 -69.85
C PRO C 1188 81.50 -38.70 -69.57
N LYS C 1189 81.38 -37.79 -70.53
CA LYS C 1189 80.57 -36.60 -70.33
C LYS C 1189 79.10 -37.00 -70.28
N MET C 1190 78.37 -36.46 -69.30
CA MET C 1190 76.97 -36.80 -69.12
C MET C 1190 76.12 -36.02 -70.11
N ARG C 1191 74.94 -36.53 -70.40
CA ARG C 1191 73.99 -35.92 -71.32
C ARG C 1191 72.61 -35.97 -70.70
N ARG C 1192 71.94 -34.83 -70.60
CA ARG C 1192 70.65 -34.73 -69.95
C ARG C 1192 69.56 -35.21 -70.90
N VAL C 1193 68.54 -35.87 -70.34
CA VAL C 1193 67.31 -36.15 -71.05
C VAL C 1193 66.15 -35.87 -70.11
N SER C 1194 65.41 -34.78 -70.36
CA SER C 1194 64.35 -34.36 -69.47
C SER C 1194 63.35 -33.51 -70.21
N ARG C 1195 62.38 -32.96 -69.48
CA ARG C 1195 61.48 -31.95 -70.00
C ARG C 1195 62.21 -30.62 -70.10
N ARG C 1196 61.68 -29.69 -70.91
CA ARG C 1196 62.26 -28.37 -71.07
C ARG C 1196 62.08 -27.55 -69.79
N ALA C 1197 62.89 -26.51 -69.63
CA ALA C 1197 62.81 -25.63 -68.48
C ALA C 1197 61.51 -24.84 -68.52
N GLN C 1198 60.91 -24.60 -67.35
CA GLN C 1198 59.61 -23.97 -67.24
C GLN C 1198 59.56 -23.03 -66.05
N SER C 1199 58.63 -22.06 -66.12
CA SER C 1199 58.38 -21.14 -65.04
C SER C 1199 57.52 -21.81 -63.98
N SER C 1200 56.55 -22.61 -64.41
CA SER C 1200 55.72 -23.39 -63.50
C SER C 1200 56.30 -24.79 -63.35
N THR C 1201 55.65 -25.60 -62.52
CA THR C 1201 56.11 -26.93 -62.20
C THR C 1201 55.76 -27.92 -63.31
N ALA C 1202 54.54 -27.86 -63.83
CA ALA C 1202 54.06 -28.81 -64.82
C ALA C 1202 52.90 -28.23 -65.59
N THR C 1203 52.49 -28.92 -66.66
CA THR C 1203 51.38 -28.50 -67.50
C THR C 1203 50.06 -28.69 -66.78
N GLY C 1204 49.02 -28.04 -67.29
CA GLY C 1204 47.68 -28.16 -66.73
C GLY C 1204 46.76 -29.03 -67.56
N VAL C 1205 47.19 -29.38 -68.78
CA VAL C 1205 46.42 -30.22 -69.69
C VAL C 1205 46.96 -31.64 -69.62
N ALA C 1206 46.07 -32.62 -69.61
CA ALA C 1206 46.44 -34.02 -69.41
C ALA C 1206 46.92 -34.65 -70.71
N LYS C 1207 46.36 -34.25 -71.84
CA LYS C 1207 46.78 -34.80 -73.12
C LYS C 1207 48.21 -34.38 -73.44
N VAL C 1208 48.59 -33.16 -73.04
CA VAL C 1208 49.92 -32.66 -73.29
C VAL C 1208 50.92 -33.43 -72.44
N HIS C 1209 50.52 -33.81 -71.23
CA HIS C 1209 51.38 -34.58 -70.34
C HIS C 1209 51.76 -35.91 -70.98
N GLN C 1210 50.77 -36.57 -71.60
CA GLN C 1210 50.98 -37.86 -72.21
C GLN C 1210 51.91 -37.73 -73.40
N LEU C 1211 51.76 -36.65 -74.16
CA LEU C 1211 52.57 -36.42 -75.35
C LEU C 1211 54.02 -36.18 -74.95
N GLU C 1212 54.23 -35.46 -73.86
CA GLU C 1212 55.55 -35.12 -73.36
C GLU C 1212 56.30 -36.37 -72.91
N GLU C 1213 55.59 -37.29 -72.25
CA GLU C 1213 56.20 -38.49 -71.70
C GLU C 1213 56.69 -39.39 -72.82
N LYS C 1214 55.90 -39.48 -73.89
CA LYS C 1214 56.25 -40.30 -75.05
C LYS C 1214 57.52 -39.75 -75.70
N GLN C 1215 57.57 -38.43 -75.85
CA GLN C 1215 58.68 -37.74 -76.49
C GLN C 1215 59.96 -37.96 -75.70
N LEU C 1216 59.84 -38.02 -74.36
CA LEU C 1216 60.97 -38.14 -73.47
C LEU C 1216 61.60 -39.52 -73.58
N ILE C 1217 60.78 -40.57 -73.55
CA ILE C 1217 61.28 -41.93 -73.57
C ILE C 1217 61.83 -42.24 -74.96
N ASP C 1218 61.28 -41.63 -76.00
CA ASP C 1218 61.78 -41.83 -77.35
C ASP C 1218 63.18 -41.26 -77.48
N GLU C 1219 63.42 -40.10 -76.86
CA GLU C 1219 64.69 -39.42 -76.93
C GLU C 1219 65.77 -40.22 -76.22
N ALA C 1220 65.39 -40.94 -75.16
CA ALA C 1220 66.31 -41.73 -74.37
C ALA C 1220 66.84 -42.92 -75.15
N PHE C 1221 65.99 -43.52 -75.99
CA PHE C 1221 66.34 -44.68 -76.77
C PHE C 1221 66.68 -44.27 -78.20
N GLU C 1222 67.41 -43.17 -78.34
CA GLU C 1222 67.85 -42.63 -79.62
C GLU C 1222 66.63 -42.26 -80.47
N PRO D 104 -46.38 -42.69 -27.28
CA PRO D 104 -46.92 -43.22 -26.01
C PRO D 104 -47.36 -44.68 -26.14
N GLY D 105 -47.16 -45.46 -25.06
CA GLY D 105 -47.57 -46.85 -25.02
C GLY D 105 -46.38 -47.79 -24.87
N GLN D 106 -46.55 -49.04 -25.31
CA GLN D 106 -45.54 -50.07 -25.19
C GLN D 106 -45.02 -50.43 -26.57
N THR D 107 -43.73 -50.77 -26.66
CA THR D 107 -43.15 -51.15 -27.94
C THR D 107 -41.94 -52.06 -27.72
N PRO D 108 -41.90 -53.25 -28.35
CA PRO D 108 -40.74 -54.15 -28.24
C PRO D 108 -39.41 -53.57 -28.67
N ILE D 109 -38.35 -54.01 -27.98
CA ILE D 109 -37.00 -53.58 -28.27
C ILE D 109 -36.43 -54.50 -29.32
N ARG D 110 -35.87 -53.92 -30.39
CA ARG D 110 -35.35 -54.70 -31.50
C ARG D 110 -34.00 -54.12 -31.93
N GLY D 111 -33.13 -55.00 -32.44
CA GLY D 111 -31.94 -54.58 -33.14
C GLY D 111 -30.72 -54.52 -32.23
N ILE D 112 -29.92 -53.45 -32.39
CA ILE D 112 -28.74 -53.22 -31.58
C ILE D 112 -29.15 -52.93 -30.14
N PHE D 113 -30.33 -52.33 -29.98
CA PHE D 113 -30.82 -51.95 -28.66
C PHE D 113 -31.13 -53.19 -27.84
N LYS D 114 -31.58 -54.26 -28.50
CA LYS D 114 -31.88 -55.50 -27.82
C LYS D 114 -30.59 -56.13 -27.32
N SER D 115 -29.51 -55.98 -28.08
CA SER D 115 -28.22 -56.52 -27.70
C SER D 115 -27.66 -55.79 -26.49
N ILE D 116 -27.85 -54.46 -26.46
CA ILE D 116 -27.38 -53.64 -25.36
C ILE D 116 -28.13 -54.03 -24.08
N ALA D 117 -29.43 -54.31 -24.20
CA ALA D 117 -30.25 -54.66 -23.06
C ALA D 117 -29.82 -56.00 -22.47
N LYS D 118 -29.47 -56.95 -23.34
CA LYS D 118 -29.15 -58.30 -22.90
C LYS D 118 -27.84 -58.32 -22.15
N ASN D 119 -26.86 -57.55 -22.64
CA ASN D 119 -25.53 -57.54 -22.06
C ASN D 119 -25.53 -56.88 -20.69
N MET D 120 -26.37 -55.85 -20.53
CA MET D 120 -26.48 -55.14 -19.26
C MET D 120 -27.09 -56.06 -18.20
N ASP D 121 -27.98 -56.97 -18.63
CA ASP D 121 -28.57 -57.93 -17.73
C ASP D 121 -27.54 -58.98 -17.31
N ILE D 122 -26.66 -59.38 -18.24
CA ILE D 122 -25.63 -60.36 -17.96
C ILE D 122 -24.66 -59.79 -16.93
N SER D 123 -24.44 -58.48 -16.99
CA SER D 123 -23.41 -57.84 -16.17
C SER D 123 -23.80 -57.75 -14.70
N LEU D 124 -25.01 -58.19 -14.35
CA LEU D 124 -25.45 -58.17 -12.98
C LEU D 124 -24.74 -59.22 -12.14
N GLU D 125 -23.91 -60.06 -12.76
CA GLU D 125 -23.25 -61.13 -12.04
C GLU D 125 -21.77 -60.83 -11.83
N ILE D 126 -21.39 -59.53 -11.83
CA ILE D 126 -20.03 -59.12 -11.55
C ILE D 126 -20.03 -58.24 -10.31
N PRO D 127 -19.36 -58.61 -9.20
CA PRO D 127 -19.17 -57.74 -8.05
C PRO D 127 -18.14 -56.65 -8.29
N THR D 128 -18.53 -55.38 -8.13
CA THR D 128 -17.69 -54.28 -8.54
C THR D 128 -17.50 -53.28 -7.39
N ALA D 129 -16.35 -52.60 -7.41
CA ALA D 129 -16.08 -51.47 -6.53
C ALA D 129 -15.42 -50.35 -7.33
N THR D 130 -15.41 -49.13 -6.77
CA THR D 130 -14.94 -47.96 -7.48
C THR D 130 -13.97 -47.16 -6.61
N SER D 131 -12.98 -46.54 -7.27
CA SER D 131 -12.05 -45.60 -6.63
C SER D 131 -12.05 -44.29 -7.41
N VAL D 132 -11.87 -43.17 -6.70
CA VAL D 132 -11.94 -41.84 -7.30
C VAL D 132 -10.71 -41.04 -6.86
N ARG D 133 -10.08 -40.31 -7.79
CA ARG D 133 -8.93 -39.46 -7.50
C ARG D 133 -8.93 -38.22 -8.38
N ASP D 134 -8.53 -37.08 -7.81
CA ASP D 134 -8.45 -35.82 -8.53
C ASP D 134 -6.98 -35.42 -8.69
N MET D 135 -6.65 -34.83 -9.84
CA MET D 135 -5.28 -34.64 -10.26
C MET D 135 -5.10 -33.25 -10.86
N PRO D 136 -3.97 -32.54 -10.61
CA PRO D 136 -3.68 -31.28 -11.28
C PRO D 136 -3.55 -31.41 -12.79
N ALA D 137 -3.95 -30.38 -13.54
CA ALA D 137 -4.02 -30.48 -14.98
C ALA D 137 -3.36 -29.30 -15.69
N ARG D 138 -2.54 -28.50 -14.97
CA ARG D 138 -1.96 -27.30 -15.55
C ARG D 138 -0.88 -27.66 -16.55
N LEU D 139 -0.02 -28.62 -16.19
CA LEU D 139 1.11 -28.97 -17.02
C LEU D 139 0.64 -29.60 -18.32
N MET D 140 -0.52 -30.24 -18.31
CA MET D 140 -1.10 -30.81 -19.51
C MET D 140 -1.41 -29.69 -20.50
N PHE D 141 -2.10 -28.64 -20.02
CA PHE D 141 -2.50 -27.55 -20.88
C PHE D 141 -1.29 -26.91 -21.54
N GLU D 142 -0.24 -26.71 -20.74
CA GLU D 142 0.96 -26.02 -21.21
C GLU D 142 1.66 -26.83 -22.28
N ASN D 143 1.97 -28.09 -21.98
CA ASN D 143 2.79 -28.91 -22.84
C ASN D 143 2.02 -29.31 -24.10
N ARG D 144 0.70 -29.43 -24.01
CA ARG D 144 -0.09 -29.74 -25.18
C ARG D 144 0.00 -28.60 -26.18
N ALA D 145 0.00 -27.37 -25.67
CA ALA D 145 0.08 -26.19 -26.52
C ALA D 145 1.41 -26.16 -27.26
N MET D 146 2.48 -26.54 -26.56
CA MET D 146 3.81 -26.54 -27.14
C MET D 146 3.88 -27.54 -28.29
N VAL D 147 3.20 -28.67 -28.17
CA VAL D 147 3.24 -29.70 -29.19
C VAL D 147 2.42 -29.26 -30.40
N ASN D 148 1.29 -28.58 -30.17
CA ASN D 148 0.42 -28.21 -31.25
C ASN D 148 1.00 -27.06 -32.05
N ASP D 149 1.91 -26.27 -31.45
CA ASP D 149 2.60 -25.21 -32.16
C ASP D 149 3.57 -25.79 -33.17
N GLN D 150 4.25 -26.88 -32.80
CA GLN D 150 5.20 -27.55 -33.67
C GLN D 150 4.48 -28.15 -34.87
N LEU D 151 3.30 -28.76 -34.63
CA LEU D 151 2.58 -29.42 -35.70
C LEU D 151 2.04 -28.39 -36.68
N LYS D 152 1.71 -27.19 -36.20
CA LYS D 152 1.11 -26.19 -37.06
C LYS D 152 2.11 -25.69 -38.09
N ARG D 153 3.38 -25.54 -37.69
CA ARG D 153 4.41 -25.03 -38.59
C ARG D 153 4.76 -26.10 -39.62
N THR D 154 4.66 -27.38 -39.23
CA THR D 154 4.99 -28.49 -40.10
C THR D 154 3.74 -29.00 -40.83
N ARG D 155 2.65 -28.24 -40.75
CA ARG D 155 1.39 -28.56 -41.43
C ARG D 155 0.97 -29.99 -41.12
N GLY D 156 1.06 -30.37 -39.83
CA GLY D 156 0.48 -31.61 -39.34
C GLY D 156 -0.93 -31.36 -38.80
N GLY D 157 -1.34 -32.18 -37.82
CA GLY D 157 -2.68 -32.11 -37.26
C GLY D 157 -2.72 -31.43 -35.90
N LYS D 158 -3.29 -32.14 -34.91
CA LYS D 158 -3.62 -31.59 -33.61
C LYS D 158 -3.89 -32.73 -32.64
N ILE D 159 -3.26 -32.73 -31.47
CA ILE D 159 -3.50 -33.77 -30.48
C ILE D 159 -4.48 -33.26 -29.43
N SER D 160 -5.13 -34.21 -28.74
CA SER D 160 -6.18 -33.95 -27.78
C SER D 160 -5.80 -34.49 -26.40
N PHE D 161 -6.63 -34.20 -25.40
CA PHE D 161 -6.37 -34.62 -24.03
C PHE D 161 -6.59 -36.12 -23.89
N THR D 162 -7.50 -36.68 -24.68
CA THR D 162 -7.78 -38.11 -24.61
C THR D 162 -6.58 -38.92 -25.09
N HIS D 163 -5.86 -38.40 -26.09
CA HIS D 163 -4.65 -39.04 -26.57
C HIS D 163 -3.63 -39.17 -25.45
N ILE D 164 -3.42 -38.08 -24.70
CA ILE D 164 -2.38 -38.02 -23.69
C ILE D 164 -2.75 -38.92 -22.51
N ILE D 165 -4.00 -38.87 -22.08
CA ILE D 165 -4.45 -39.63 -20.93
C ILE D 165 -4.49 -41.11 -21.30
N GLY D 166 -4.83 -41.39 -22.56
CA GLY D 166 -4.82 -42.75 -23.09
C GLY D 166 -3.44 -43.38 -23.01
N TYR D 167 -2.42 -42.64 -23.42
CA TYR D 167 -1.06 -43.16 -23.44
C TYR D 167 -0.58 -43.38 -22.01
N ALA D 168 -0.96 -42.48 -21.11
CA ALA D 168 -0.56 -42.57 -19.72
C ALA D 168 -1.17 -43.81 -19.08
N MET D 169 -2.41 -44.11 -19.46
CA MET D 169 -3.14 -45.25 -18.93
C MET D 169 -2.43 -46.54 -19.33
N VAL D 170 -1.94 -46.60 -20.57
CA VAL D 170 -1.24 -47.77 -21.08
C VAL D 170 0.02 -48.01 -20.26
N LYS D 171 0.79 -46.95 -20.02
CA LYS D 171 2.04 -47.05 -19.29
C LYS D 171 1.78 -47.54 -17.88
N ALA D 172 0.64 -47.13 -17.30
CA ALA D 172 0.28 -47.47 -15.94
C ALA D 172 -0.11 -48.94 -15.83
N VAL D 173 -0.78 -49.46 -16.87
CA VAL D 173 -1.22 -50.85 -16.87
C VAL D 173 0.00 -51.76 -16.97
N MET D 174 1.06 -51.30 -17.64
CA MET D 174 2.29 -52.06 -17.74
C MET D 174 2.96 -52.12 -16.37
N ALA D 175 2.89 -51.02 -15.62
CA ALA D 175 3.51 -50.95 -14.30
C ALA D 175 2.76 -51.81 -13.30
N HIS D 176 1.45 -51.99 -13.51
CA HIS D 176 0.60 -52.75 -12.60
C HIS D 176 -0.21 -53.75 -13.42
N PRO D 177 0.40 -54.89 -13.85
CA PRO D 177 -0.23 -55.83 -14.76
C PRO D 177 -1.52 -56.53 -14.32
N ASP D 178 -1.79 -56.56 -13.01
CA ASP D 178 -2.97 -57.21 -12.48
C ASP D 178 -4.25 -56.54 -12.97
N MET D 179 -4.15 -55.29 -13.43
CA MET D 179 -5.33 -54.55 -13.86
C MET D 179 -5.83 -55.07 -15.21
N ASN D 180 -5.12 -56.00 -15.83
CA ASN D 180 -5.46 -56.47 -17.16
C ASN D 180 -6.12 -57.85 -17.12
N ASN D 181 -6.22 -58.46 -15.93
CA ASN D 181 -6.72 -59.81 -15.78
C ASN D 181 -8.23 -59.83 -15.72
N SER D 182 -8.84 -61.02 -15.83
CA SER D 182 -10.28 -61.19 -15.78
C SER D 182 -10.65 -62.54 -15.16
N TYR D 183 -11.95 -62.80 -15.01
CA TYR D 183 -12.46 -63.98 -14.33
C TYR D 183 -13.39 -64.77 -15.24
N ASP D 184 -13.41 -66.09 -15.08
CA ASP D 184 -14.33 -66.95 -15.81
C ASP D 184 -14.44 -68.29 -15.10
N VAL D 185 -15.55 -69.00 -15.34
CA VAL D 185 -15.72 -70.35 -14.81
C VAL D 185 -15.66 -71.35 -15.95
N ILE D 186 -14.61 -72.20 -15.91
CA ILE D 186 -14.27 -73.10 -16.99
C ILE D 186 -14.21 -74.53 -16.47
N ASP D 187 -15.04 -75.40 -17.03
CA ASP D 187 -15.16 -76.76 -16.55
C ASP D 187 -15.70 -76.72 -15.13
N GLY D 188 -16.46 -75.69 -14.81
CA GLY D 188 -17.08 -75.59 -13.51
C GLY D 188 -16.10 -75.32 -12.39
N LYS D 189 -14.93 -74.77 -12.71
CA LYS D 189 -14.00 -74.31 -11.70
C LYS D 189 -13.72 -72.83 -11.92
N PRO D 190 -13.59 -72.01 -10.86
CA PRO D 190 -13.05 -70.65 -10.97
C PRO D 190 -11.66 -70.55 -11.58
N THR D 191 -11.44 -69.51 -12.39
CA THR D 191 -10.22 -69.40 -13.19
C THR D 191 -9.82 -67.95 -13.38
N LEU D 192 -8.52 -67.68 -13.34
CA LEU D 192 -7.96 -66.36 -13.63
C LEU D 192 -7.40 -66.38 -15.04
N ILE D 193 -7.65 -65.32 -15.80
CA ILE D 193 -7.26 -65.23 -17.19
C ILE D 193 -6.25 -64.11 -17.37
N VAL D 194 -5.06 -64.45 -17.90
CA VAL D 194 -3.98 -63.50 -18.09
C VAL D 194 -3.72 -63.36 -19.58
N PRO D 195 -4.17 -62.29 -20.25
CA PRO D 195 -4.01 -62.17 -21.70
C PRO D 195 -2.57 -61.94 -22.17
N GLU D 196 -2.38 -62.00 -23.50
CA GLU D 196 -1.08 -61.84 -24.12
C GLU D 196 -0.78 -60.36 -24.35
N HIS D 197 -1.81 -59.58 -24.70
CA HIS D 197 -1.63 -58.19 -25.10
C HIS D 197 -2.53 -57.27 -24.29
N ILE D 198 -2.23 -55.97 -24.36
CA ILE D 198 -3.11 -54.91 -23.86
C ILE D 198 -3.87 -54.32 -25.04
N ASN D 199 -5.15 -54.66 -25.15
CA ASN D 199 -6.01 -54.12 -26.20
C ASN D 199 -6.95 -53.10 -25.58
N LEU D 200 -6.87 -51.85 -26.05
CA LEU D 200 -7.55 -50.74 -25.41
C LEU D 200 -8.82 -50.39 -26.18
N GLY D 201 -9.96 -50.48 -25.49
CA GLY D 201 -11.25 -50.19 -26.10
C GLY D 201 -11.62 -48.71 -25.95
N LEU D 202 -12.03 -48.09 -27.06
CA LEU D 202 -12.49 -46.72 -27.08
C LEU D 202 -14.01 -46.70 -27.22
N ALA D 203 -14.67 -45.90 -26.40
CA ALA D 203 -16.10 -45.70 -26.50
C ALA D 203 -16.38 -44.62 -27.55
N ILE D 204 -16.77 -45.05 -28.76
CA ILE D 204 -17.09 -44.13 -29.85
C ILE D 204 -18.60 -43.97 -29.95
N ASP D 205 -19.08 -42.75 -29.68
CA ASP D 205 -20.48 -42.39 -29.86
C ASP D 205 -20.70 -42.00 -31.33
N LEU D 206 -21.39 -42.86 -32.09
CA LEU D 206 -21.65 -42.62 -33.50
C LEU D 206 -23.16 -42.64 -33.77
N PRO D 207 -23.73 -41.54 -34.31
CA PRO D 207 -25.10 -41.56 -34.82
C PRO D 207 -25.28 -42.50 -36.02
N GLN D 208 -26.50 -43.02 -36.18
CA GLN D 208 -26.81 -44.01 -37.20
C GLN D 208 -27.69 -43.36 -38.27
N LYS D 209 -28.08 -44.14 -39.28
CA LYS D 209 -28.84 -43.66 -40.41
C LYS D 209 -30.21 -43.14 -39.98
N ASP D 210 -30.82 -43.81 -38.98
CA ASP D 210 -32.15 -43.47 -38.51
C ASP D 210 -32.14 -42.07 -37.87
N GLY D 211 -31.11 -41.82 -37.05
CA GLY D 211 -31.01 -40.59 -36.27
C GLY D 211 -31.03 -40.86 -34.76
N SER D 212 -30.64 -42.08 -34.35
CA SER D 212 -30.45 -42.43 -32.96
C SER D 212 -28.98 -42.75 -32.69
N ARG D 213 -28.46 -42.19 -31.59
CA ARG D 213 -27.10 -42.43 -31.16
C ARG D 213 -27.00 -43.83 -30.55
N ALA D 214 -25.93 -44.55 -30.93
CA ALA D 214 -25.65 -45.88 -30.41
C ALA D 214 -24.15 -46.11 -30.39
N LEU D 215 -23.65 -46.66 -29.28
CA LEU D 215 -22.22 -46.78 -29.06
C LEU D 215 -21.80 -48.24 -29.17
N VAL D 216 -20.62 -48.44 -29.78
CA VAL D 216 -19.95 -49.73 -29.81
C VAL D 216 -18.48 -49.48 -29.51
N VAL D 217 -17.84 -50.43 -28.82
CA VAL D 217 -16.47 -50.26 -28.40
C VAL D 217 -15.54 -50.95 -29.39
N ALA D 218 -14.65 -50.16 -30.01
CA ALA D 218 -13.63 -50.67 -30.91
C ALA D 218 -12.30 -50.72 -30.19
N ALA D 219 -11.36 -51.52 -30.70
CA ALA D 219 -10.13 -51.83 -30.00
C ALA D 219 -8.91 -51.32 -30.77
N ILE D 220 -7.93 -50.81 -30.02
CA ILE D 220 -6.57 -50.61 -30.50
C ILE D 220 -5.74 -51.76 -29.96
N LYS D 221 -5.10 -52.54 -30.84
CA LYS D 221 -4.53 -53.81 -30.45
C LYS D 221 -3.01 -53.72 -30.32
N GLU D 222 -2.47 -54.53 -29.41
CA GLU D 222 -1.03 -54.68 -29.21
C GLU D 222 -0.41 -53.33 -28.91
N THR D 223 -0.80 -52.75 -27.77
CA THR D 223 -0.49 -51.37 -27.44
C THR D 223 0.78 -51.30 -26.60
N GLU D 224 1.20 -52.44 -26.03
CA GLU D 224 2.31 -52.45 -25.09
C GLU D 224 3.64 -52.46 -25.83
N LYS D 225 3.62 -52.40 -27.17
CA LYS D 225 4.82 -52.32 -27.96
C LYS D 225 4.70 -51.13 -28.92
N MET D 226 4.32 -49.98 -28.37
CA MET D 226 4.12 -48.76 -29.13
C MET D 226 4.76 -47.59 -28.41
N ASN D 227 5.26 -46.60 -29.18
CA ASN D 227 5.62 -45.30 -28.65
C ASN D 227 4.51 -44.32 -29.00
N PHE D 228 4.64 -43.05 -28.60
CA PHE D 228 3.53 -42.12 -28.69
C PHE D 228 3.15 -41.89 -30.14
N SER D 229 4.13 -41.90 -31.05
CA SER D 229 3.87 -41.66 -32.45
C SER D 229 3.01 -42.78 -33.04
N GLU D 230 3.39 -44.01 -32.72
CA GLU D 230 2.66 -45.19 -33.17
C GLU D 230 1.26 -45.19 -32.59
N PHE D 231 1.14 -44.84 -31.30
CA PHE D 231 -0.13 -44.84 -30.59
C PHE D 231 -1.10 -43.87 -31.26
N LEU D 232 -0.61 -42.69 -31.61
CA LEU D 232 -1.46 -41.64 -32.15
C LEU D 232 -1.99 -42.08 -33.50
N ALA D 233 -1.17 -42.79 -34.28
CA ALA D 233 -1.53 -43.24 -35.60
C ALA D 233 -2.66 -44.26 -35.52
N ALA D 234 -2.50 -45.23 -34.62
CA ALA D 234 -3.48 -46.29 -34.42
C ALA D 234 -4.82 -45.71 -33.98
N TYR D 235 -4.78 -44.75 -33.06
CA TYR D 235 -5.97 -44.11 -32.53
C TYR D 235 -6.75 -43.48 -33.67
N GLU D 236 -6.06 -42.69 -34.49
CA GLU D 236 -6.69 -41.92 -35.56
C GLU D 236 -7.18 -42.84 -36.66
N ASP D 237 -6.53 -44.00 -36.80
CA ASP D 237 -6.93 -45.00 -37.78
C ASP D 237 -8.34 -45.50 -37.47
N ILE D 238 -8.57 -45.90 -36.20
CA ILE D 238 -9.84 -46.44 -35.77
C ILE D 238 -10.93 -45.40 -35.96
N VAL D 239 -10.65 -44.16 -35.56
CA VAL D 239 -11.63 -43.09 -35.60
C VAL D 239 -12.00 -42.80 -37.06
N ALA D 240 -10.99 -42.78 -37.93
CA ALA D 240 -11.18 -42.40 -39.32
C ALA D 240 -12.08 -43.42 -40.04
N ARG D 241 -11.80 -44.71 -39.81
CA ARG D 241 -12.54 -45.77 -40.49
C ARG D 241 -13.96 -45.85 -39.95
N SER D 242 -14.19 -45.38 -38.73
CA SER D 242 -15.52 -45.46 -38.13
C SER D 242 -16.47 -44.49 -38.84
N ARG D 243 -15.95 -43.33 -39.24
CA ARG D 243 -16.77 -42.30 -39.86
C ARG D 243 -17.12 -42.69 -41.30
N LYS D 244 -16.19 -43.40 -41.96
CA LYS D 244 -16.39 -43.84 -43.33
C LYS D 244 -17.17 -45.16 -43.37
N GLY D 245 -17.33 -45.81 -42.22
CA GLY D 245 -18.10 -47.03 -42.12
C GLY D 245 -17.36 -48.23 -42.70
N LYS D 246 -16.11 -48.42 -42.27
CA LYS D 246 -15.26 -49.45 -42.83
C LYS D 246 -14.60 -50.26 -41.71
N LEU D 247 -15.36 -50.53 -40.65
CA LEU D 247 -14.88 -51.36 -39.55
C LEU D 247 -15.37 -52.79 -39.74
N THR D 248 -14.46 -53.75 -39.54
CA THR D 248 -14.77 -55.17 -39.67
C THR D 248 -15.23 -55.71 -38.32
N MET D 249 -15.50 -57.02 -38.28
CA MET D 249 -15.98 -57.67 -37.07
C MET D 249 -14.81 -57.99 -36.15
N ASP D 250 -13.59 -58.01 -36.69
CA ASP D 250 -12.40 -58.31 -35.91
C ASP D 250 -12.05 -57.13 -34.98
N ASP D 251 -12.46 -55.92 -35.36
CA ASP D 251 -12.14 -54.72 -34.61
C ASP D 251 -12.95 -54.62 -33.33
N TYR D 252 -14.03 -55.40 -33.23
CA TYR D 252 -14.89 -55.37 -32.06
C TYR D 252 -14.62 -56.54 -31.13
N GLN D 253 -13.46 -57.18 -31.23
CA GLN D 253 -13.19 -58.36 -30.44
C GLN D 253 -11.82 -58.28 -29.77
N GLY D 254 -11.75 -58.80 -28.54
CA GLY D 254 -10.48 -59.00 -27.87
C GLY D 254 -10.09 -57.85 -26.93
N VAL D 255 -11.07 -57.04 -26.51
CA VAL D 255 -10.80 -55.91 -25.63
C VAL D 255 -10.46 -56.42 -24.24
N THR D 256 -9.43 -55.85 -23.62
CA THR D 256 -8.99 -56.26 -22.30
C THR D 256 -9.20 -55.17 -21.26
N VAL D 257 -9.28 -53.90 -21.69
CA VAL D 257 -9.46 -52.78 -20.77
C VAL D 257 -10.02 -51.58 -21.55
N SER D 258 -10.89 -50.80 -20.93
CA SER D 258 -11.68 -49.80 -21.62
C SER D 258 -11.47 -48.40 -21.05
N LEU D 259 -11.81 -47.38 -21.86
CA LEU D 259 -11.70 -45.99 -21.50
C LEU D 259 -12.94 -45.24 -21.97
N THR D 260 -13.51 -44.41 -21.08
CA THR D 260 -14.71 -43.64 -21.37
C THR D 260 -14.50 -42.20 -20.93
N ASN D 261 -15.23 -41.27 -21.56
CA ASN D 261 -15.00 -39.84 -21.36
C ASN D 261 -16.32 -39.11 -21.17
N PRO D 262 -16.95 -39.20 -19.97
CA PRO D 262 -18.12 -38.37 -19.66
C PRO D 262 -17.86 -36.89 -19.43
N GLY D 263 -16.59 -36.48 -19.41
CA GLY D 263 -16.23 -35.10 -19.15
C GLY D 263 -16.42 -34.19 -20.36
N GLY D 264 -16.60 -34.78 -21.55
CA GLY D 264 -16.86 -34.03 -22.77
C GLY D 264 -18.06 -33.10 -22.62
N ILE D 265 -19.16 -33.63 -22.07
CA ILE D 265 -20.38 -32.86 -21.85
C ILE D 265 -20.20 -31.93 -20.66
N GLY D 266 -19.42 -32.35 -19.66
CA GLY D 266 -19.13 -31.53 -18.49
C GLY D 266 -19.51 -32.18 -17.17
N THR D 267 -19.68 -33.50 -17.16
CA THR D 267 -19.93 -34.26 -15.94
C THR D 267 -18.64 -34.28 -15.13
N ARG D 268 -18.77 -34.21 -13.80
CA ARG D 268 -17.61 -34.12 -12.93
C ARG D 268 -16.99 -35.51 -12.75
N HIS D 269 -17.82 -36.51 -12.45
CA HIS D 269 -17.38 -37.90 -12.49
C HIS D 269 -18.59 -38.82 -12.57
N SER D 270 -18.33 -40.11 -12.82
CA SER D 270 -19.38 -41.10 -12.95
C SER D 270 -18.99 -42.42 -12.28
N VAL D 271 -20.00 -43.29 -12.09
CA VAL D 271 -19.79 -44.65 -11.64
C VAL D 271 -20.39 -45.58 -12.70
N PRO D 272 -19.60 -46.02 -13.71
CA PRO D 272 -20.12 -46.84 -14.80
C PRO D 272 -20.21 -48.34 -14.55
N ARG D 273 -20.83 -49.07 -15.51
CA ARG D 273 -20.95 -50.52 -15.45
C ARG D 273 -19.75 -51.18 -16.11
N LEU D 274 -19.41 -52.38 -15.63
CA LEU D 274 -18.37 -53.20 -16.19
C LEU D 274 -19.01 -54.35 -16.94
N THR D 275 -18.53 -54.62 -18.16
CA THR D 275 -19.09 -55.66 -19.02
C THR D 275 -18.24 -56.92 -18.88
N LYS D 276 -18.85 -58.07 -19.17
CA LYS D 276 -18.24 -59.37 -18.94
C LYS D 276 -17.06 -59.56 -19.87
N GLY D 277 -15.96 -60.11 -19.33
CA GLY D 277 -14.78 -60.40 -20.12
C GLY D 277 -13.64 -59.43 -19.89
N GLN D 278 -13.83 -58.46 -18.99
CA GLN D 278 -12.81 -57.47 -18.66
C GLN D 278 -12.66 -57.35 -17.16
N GLY D 279 -11.61 -56.67 -16.72
CA GLY D 279 -11.30 -56.53 -15.31
C GLY D 279 -11.54 -55.11 -14.79
N THR D 280 -11.37 -54.09 -15.63
CA THR D 280 -11.50 -52.71 -15.19
C THR D 280 -11.98 -51.82 -16.33
N ILE D 281 -12.60 -50.70 -15.95
CA ILE D 281 -12.95 -49.63 -16.86
C ILE D 281 -12.57 -48.30 -16.21
N ILE D 282 -11.97 -47.39 -16.99
CA ILE D 282 -11.45 -46.12 -16.51
C ILE D 282 -12.29 -44.99 -17.10
N GLY D 283 -12.64 -44.00 -16.27
CA GLY D 283 -13.45 -42.87 -16.71
C GLY D 283 -12.74 -41.53 -16.45
N VAL D 284 -12.88 -40.60 -17.41
CA VAL D 284 -12.24 -39.30 -17.37
C VAL D 284 -13.31 -38.22 -17.27
N GLY D 285 -13.21 -37.37 -16.25
CA GLY D 285 -14.21 -36.35 -15.96
C GLY D 285 -13.84 -35.00 -16.53
N SER D 286 -14.56 -33.96 -16.09
CA SER D 286 -14.46 -32.62 -16.64
C SER D 286 -13.14 -31.97 -16.25
N MET D 287 -12.55 -31.22 -17.20
CA MET D 287 -11.37 -30.44 -16.95
C MET D 287 -11.77 -28.97 -16.88
N ASP D 288 -12.07 -28.51 -15.67
CA ASP D 288 -12.67 -27.21 -15.46
C ASP D 288 -12.36 -26.75 -14.04
N TYR D 289 -12.55 -25.46 -13.76
CA TYR D 289 -12.43 -24.98 -12.40
C TYR D 289 -13.56 -25.58 -11.59
N PRO D 290 -13.39 -25.79 -10.27
CA PRO D 290 -14.51 -26.12 -9.40
C PRO D 290 -15.59 -25.05 -9.43
N ALA D 291 -16.81 -25.41 -9.05
CA ALA D 291 -17.97 -24.56 -9.29
C ALA D 291 -18.01 -23.39 -8.31
N GLU D 292 -17.18 -23.42 -7.26
CA GLU D 292 -17.09 -22.30 -6.32
C GLU D 292 -16.18 -21.20 -6.85
N PHE D 293 -15.52 -21.43 -7.99
CA PHE D 293 -14.63 -20.43 -8.58
C PHE D 293 -15.12 -19.98 -9.94
N GLN D 294 -16.31 -20.39 -10.37
CA GLN D 294 -16.74 -20.19 -11.73
C GLN D 294 -17.24 -18.76 -11.97
N GLY D 295 -17.28 -17.93 -10.92
CA GLY D 295 -17.69 -16.55 -11.07
C GLY D 295 -16.59 -15.55 -10.72
N ALA D 296 -15.38 -16.05 -10.40
CA ALA D 296 -14.28 -15.19 -9.99
C ALA D 296 -13.61 -14.61 -11.21
N SER D 297 -12.79 -13.58 -10.98
CA SER D 297 -12.09 -12.90 -12.05
C SER D 297 -10.78 -13.60 -12.35
N GLU D 298 -10.27 -13.43 -13.58
CA GLU D 298 -9.03 -14.04 -13.99
C GLU D 298 -7.87 -13.48 -13.18
N ASP D 299 -7.92 -12.17 -12.93
CA ASP D 299 -6.85 -11.49 -12.21
C ASP D 299 -6.68 -12.08 -10.82
N ARG D 300 -7.81 -12.34 -10.16
CA ARG D 300 -7.80 -12.76 -8.76
C ARG D 300 -7.33 -14.20 -8.65
N LEU D 301 -7.76 -15.05 -9.60
CA LEU D 301 -7.36 -16.44 -9.61
C LEU D 301 -5.86 -16.56 -9.89
N ALA D 302 -5.34 -15.69 -10.76
CA ALA D 302 -3.94 -15.69 -11.11
C ALA D 302 -3.08 -15.32 -9.93
N GLU D 303 -3.58 -14.42 -9.07
CA GLU D 303 -2.84 -13.96 -7.91
C GLU D 303 -2.68 -15.11 -6.92
N LEU D 304 -3.76 -15.85 -6.69
CA LEU D 304 -3.80 -16.91 -5.70
C LEU D 304 -2.93 -18.06 -6.17
N GLY D 305 -3.10 -18.45 -7.43
CA GLY D 305 -2.39 -19.59 -7.99
C GLY D 305 -3.27 -20.82 -8.09
N VAL D 306 -4.51 -20.63 -8.55
CA VAL D 306 -5.49 -21.71 -8.63
C VAL D 306 -5.37 -22.38 -9.99
N GLY D 307 -5.34 -23.70 -10.00
CA GLY D 307 -5.24 -24.46 -11.23
C GLY D 307 -6.54 -25.17 -11.57
N LYS D 308 -6.50 -25.99 -12.64
CA LYS D 308 -7.64 -26.79 -13.05
C LYS D 308 -7.40 -28.25 -12.69
N LEU D 309 -8.50 -29.00 -12.59
CA LEU D 309 -8.53 -30.38 -12.13
C LEU D 309 -8.75 -31.32 -13.30
N VAL D 310 -8.59 -32.60 -13.02
CA VAL D 310 -9.25 -33.67 -13.75
C VAL D 310 -9.49 -34.81 -12.76
N THR D 311 -10.69 -35.38 -12.78
CA THR D 311 -11.05 -36.48 -11.90
C THR D 311 -11.09 -37.77 -12.70
N ILE D 312 -10.44 -38.81 -12.18
CA ILE D 312 -10.35 -40.11 -12.86
C ILE D 312 -10.87 -41.19 -11.92
N THR D 313 -11.63 -42.13 -12.49
CA THR D 313 -12.26 -43.19 -11.73
C THR D 313 -11.80 -44.56 -12.24
N SER D 314 -11.92 -45.57 -11.37
CA SER D 314 -11.55 -46.95 -11.70
C SER D 314 -12.59 -47.90 -11.12
N THR D 315 -13.29 -48.63 -11.99
CA THR D 315 -14.30 -49.60 -11.58
C THR D 315 -13.81 -50.99 -11.94
N TYR D 316 -13.71 -51.89 -10.95
CA TYR D 316 -13.00 -53.14 -11.11
C TYR D 316 -13.76 -54.32 -10.51
N ASP D 317 -13.43 -55.53 -11.00
CA ASP D 317 -14.03 -56.77 -10.54
C ASP D 317 -13.27 -57.27 -9.32
N HIS D 318 -14.00 -57.46 -8.21
CA HIS D 318 -13.39 -57.60 -6.90
C HIS D 318 -13.00 -59.05 -6.61
N ARG D 319 -13.35 -59.97 -7.51
CA ARG D 319 -12.97 -61.35 -7.39
C ARG D 319 -11.51 -61.56 -7.81
N VAL D 320 -10.94 -60.64 -8.59
CA VAL D 320 -9.60 -60.82 -9.12
C VAL D 320 -8.71 -59.61 -8.89
N ILE D 321 -9.28 -58.44 -8.57
CA ILE D 321 -8.48 -57.26 -8.30
C ILE D 321 -8.87 -56.73 -6.92
N GLN D 322 -7.87 -56.38 -6.11
CA GLN D 322 -8.09 -55.85 -4.77
C GLN D 322 -7.95 -54.34 -4.79
N GLY D 323 -8.39 -53.69 -3.70
CA GLY D 323 -8.48 -52.25 -3.63
C GLY D 323 -7.13 -51.56 -3.66
N ALA D 324 -6.13 -52.17 -3.01
CA ALA D 324 -4.80 -51.61 -2.93
C ALA D 324 -4.19 -51.47 -4.33
N VAL D 325 -4.44 -52.45 -5.20
CA VAL D 325 -3.90 -52.44 -6.54
C VAL D 325 -4.53 -51.29 -7.33
N SER D 326 -5.85 -51.12 -7.19
CA SER D 326 -6.57 -50.09 -7.91
C SER D 326 -6.10 -48.70 -7.49
N GLY D 327 -5.80 -48.55 -6.20
CA GLY D 327 -5.28 -47.30 -5.67
C GLY D 327 -3.90 -46.96 -6.22
N GLU D 328 -3.04 -47.97 -6.27
CA GLU D 328 -1.68 -47.78 -6.75
C GLU D 328 -1.67 -47.46 -8.24
N PHE D 329 -2.64 -48.00 -8.98
CA PHE D 329 -2.78 -47.71 -10.39
C PHE D 329 -3.04 -46.22 -10.58
N LEU D 330 -3.98 -45.65 -9.83
CA LEU D 330 -4.35 -44.25 -9.99
C LEU D 330 -3.23 -43.34 -9.52
N ARG D 331 -2.45 -43.78 -8.52
CA ARG D 331 -1.34 -42.99 -8.02
C ARG D 331 -0.25 -42.88 -9.10
N THR D 332 -0.05 -43.96 -9.86
CA THR D 332 0.95 -43.97 -10.91
C THR D 332 0.54 -43.02 -12.03
N MET D 333 -0.74 -43.02 -12.39
CA MET D 333 -1.23 -42.15 -13.45
C MET D 333 -1.06 -40.70 -13.06
N SER D 334 -1.26 -40.40 -11.79
CA SER D 334 -1.14 -39.05 -11.28
C SER D 334 0.31 -38.58 -11.40
N ARG D 335 1.27 -39.48 -11.12
CA ARG D 335 2.69 -39.15 -11.15
C ARG D 335 3.16 -38.92 -12.57
N LEU D 336 2.65 -39.69 -13.53
CA LEU D 336 3.12 -39.63 -14.90
C LEU D 336 2.76 -38.29 -15.53
N LEU D 337 1.58 -37.76 -15.22
CA LEU D 337 1.09 -36.56 -15.89
C LEU D 337 1.78 -35.31 -15.35
N THR D 338 2.74 -35.47 -14.44
CA THR D 338 3.47 -34.36 -13.88
C THR D 338 4.95 -34.74 -13.76
N ASP D 339 5.43 -35.61 -14.65
CA ASP D 339 6.76 -36.20 -14.55
C ASP D 339 7.63 -35.72 -15.70
N ASP D 340 8.92 -35.52 -15.41
CA ASP D 340 9.87 -35.00 -16.38
C ASP D 340 10.04 -36.01 -17.52
N SER D 341 10.25 -37.27 -17.15
CA SER D 341 10.64 -38.30 -18.10
C SER D 341 9.50 -38.64 -19.05
N PHE D 342 8.26 -38.46 -18.60
CA PHE D 342 7.10 -38.79 -19.39
C PHE D 342 7.01 -37.86 -20.58
N TRP D 343 7.23 -36.56 -20.33
CA TRP D 343 7.04 -35.54 -21.35
C TRP D 343 8.23 -35.48 -22.30
N ASP D 344 9.38 -35.98 -21.86
CA ASP D 344 10.55 -36.08 -22.72
C ASP D 344 10.26 -37.09 -23.83
N GLU D 345 9.59 -38.19 -23.49
CA GLU D 345 9.21 -39.19 -24.47
C GLU D 345 8.33 -38.57 -25.54
N ILE D 346 7.30 -37.85 -25.11
CA ILE D 346 6.29 -37.35 -26.04
C ILE D 346 6.93 -36.33 -26.98
N PHE D 347 7.79 -35.48 -26.42
CA PHE D 347 8.42 -34.40 -27.18
C PHE D 347 9.40 -34.97 -28.19
N ASP D 348 10.17 -35.98 -27.77
CA ASP D 348 11.14 -36.63 -28.63
C ASP D 348 10.43 -37.20 -29.86
N ALA D 349 9.28 -37.85 -29.64
CA ALA D 349 8.61 -38.59 -30.68
C ALA D 349 7.95 -37.66 -31.68
N MET D 350 7.60 -36.44 -31.26
CA MET D 350 6.86 -35.53 -32.11
C MET D 350 7.80 -34.50 -32.75
N ASN D 351 9.09 -34.58 -32.41
CA ASN D 351 10.13 -33.73 -32.97
C ASN D 351 9.85 -32.26 -32.63
N VAL D 352 9.88 -31.95 -31.32
CA VAL D 352 9.80 -30.57 -30.88
C VAL D 352 11.12 -30.23 -30.20
N PRO D 353 11.75 -29.07 -30.53
CA PRO D 353 13.13 -28.81 -30.14
C PRO D 353 13.39 -28.23 -28.76
N TYR D 354 12.33 -27.80 -28.07
CA TYR D 354 12.45 -27.12 -26.79
C TYR D 354 12.35 -28.12 -25.65
N THR D 355 12.92 -27.76 -24.50
CA THR D 355 12.73 -28.51 -23.28
C THR D 355 11.30 -28.30 -22.81
N PRO D 356 10.58 -29.36 -22.37
CA PRO D 356 9.23 -29.21 -21.87
C PRO D 356 9.19 -28.40 -20.57
N MET D 357 8.07 -27.72 -20.36
CA MET D 357 7.79 -27.02 -19.11
C MET D 357 7.79 -28.03 -17.97
N ARG D 358 8.33 -27.63 -16.83
CA ARG D 358 8.49 -28.51 -15.68
C ARG D 358 7.49 -28.15 -14.59
N TRP D 359 7.30 -29.05 -13.62
CA TRP D 359 6.34 -28.88 -12.55
C TRP D 359 7.05 -28.37 -11.31
N ALA D 360 6.47 -27.35 -10.66
CA ALA D 360 7.05 -26.77 -9.46
C ALA D 360 5.99 -25.94 -8.73
N GLN D 361 6.31 -25.54 -7.50
CA GLN D 361 5.42 -24.70 -6.71
C GLN D 361 5.64 -23.23 -7.03
N ASP D 362 4.61 -22.43 -6.81
CA ASP D 362 4.68 -21.00 -6.99
C ASP D 362 5.55 -20.41 -5.89
N VAL D 363 6.41 -19.44 -6.25
CA VAL D 363 7.37 -18.86 -5.33
C VAL D 363 6.94 -17.44 -4.99
N PRO D 364 7.29 -16.92 -3.80
CA PRO D 364 6.92 -15.56 -3.42
C PRO D 364 7.73 -14.46 -4.11
N ASN D 365 7.11 -13.29 -4.26
CA ASN D 365 7.76 -12.14 -4.88
C ASN D 365 8.54 -11.37 -3.83
N THR D 366 9.68 -11.94 -3.42
CA THR D 366 10.52 -11.40 -2.38
C THR D 366 11.95 -11.35 -2.89
N GLY D 367 12.80 -10.57 -2.20
CA GLY D 367 14.18 -10.42 -2.61
C GLY D 367 14.28 -9.62 -3.91
N VAL D 368 14.92 -10.23 -4.92
CA VAL D 368 14.97 -9.65 -6.25
C VAL D 368 13.58 -9.74 -6.86
N ASP D 369 13.08 -8.61 -7.35
CA ASP D 369 11.73 -8.51 -7.86
C ASP D 369 11.62 -9.33 -9.14
N LYS D 370 10.40 -9.70 -9.49
CA LYS D 370 10.17 -10.55 -10.64
C LYS D 370 10.31 -9.77 -11.94
N ASN D 371 10.03 -8.48 -11.94
CA ASN D 371 10.28 -7.68 -13.12
C ASN D 371 11.75 -7.72 -13.50
N THR D 372 12.63 -7.68 -12.50
CA THR D 372 14.06 -7.75 -12.76
C THR D 372 14.42 -9.07 -13.42
N ARG D 373 13.76 -10.14 -13.00
CA ARG D 373 14.08 -11.47 -13.51
C ARG D 373 13.64 -11.60 -14.95
N VAL D 374 12.55 -10.97 -15.34
CA VAL D 374 12.05 -11.07 -16.70
C VAL D 374 12.99 -10.30 -17.62
N MET D 375 13.59 -9.23 -17.13
CA MET D 375 14.49 -8.43 -17.94
C MET D 375 15.79 -9.19 -18.17
N GLN D 376 16.20 -10.00 -17.20
CA GLN D 376 17.38 -10.82 -17.33
C GLN D 376 17.17 -11.96 -18.31
N LEU D 377 15.95 -12.46 -18.41
CA LEU D 377 15.62 -13.50 -19.37
C LEU D 377 15.70 -12.95 -20.79
N ILE D 378 15.25 -11.71 -20.99
CA ILE D 378 15.29 -11.10 -22.30
C ILE D 378 16.74 -10.94 -22.74
N GLU D 379 17.61 -10.54 -21.82
CA GLU D 379 19.01 -10.30 -22.14
C GLU D 379 19.70 -11.62 -22.48
N ALA D 380 19.30 -12.71 -21.81
CA ALA D 380 19.92 -14.00 -22.03
C ALA D 380 19.63 -14.52 -23.43
N TYR D 381 18.41 -14.35 -23.92
CA TYR D 381 18.05 -14.85 -25.23
C TYR D 381 18.74 -14.02 -26.31
N ARG D 382 18.79 -12.72 -26.14
CA ARG D 382 19.46 -11.85 -27.08
C ARG D 382 20.93 -12.19 -27.18
N SER D 383 21.51 -12.73 -26.11
CA SER D 383 22.94 -12.93 -26.04
C SER D 383 23.33 -14.36 -26.42
N ARG D 384 22.55 -15.36 -26.01
CA ARG D 384 22.98 -16.75 -26.11
C ARG D 384 21.91 -17.64 -26.72
N GLY D 385 20.90 -17.08 -27.38
CA GLY D 385 19.81 -17.86 -27.91
C GLY D 385 20.20 -18.69 -29.12
N HIS D 386 21.29 -18.31 -29.78
CA HIS D 386 21.78 -19.00 -30.96
C HIS D 386 22.24 -20.41 -30.64
N LEU D 387 22.47 -20.71 -29.36
CA LEU D 387 22.99 -21.99 -28.98
C LEU D 387 21.93 -23.09 -29.09
N ILE D 388 20.64 -22.73 -29.22
CA ILE D 388 19.61 -23.74 -29.34
C ILE D 388 18.74 -23.49 -30.56
N ALA D 389 19.27 -22.85 -31.60
CA ALA D 389 18.48 -22.52 -32.76
C ALA D 389 18.48 -23.65 -33.77
N ASP D 390 17.49 -23.65 -34.66
CA ASP D 390 17.29 -24.73 -35.61
C ASP D 390 18.02 -24.39 -36.89
N THR D 391 19.33 -24.59 -36.90
CA THR D 391 20.16 -24.16 -38.00
C THR D 391 20.83 -25.33 -38.71
N ASN D 392 20.65 -26.56 -38.21
CA ASN D 392 21.31 -27.71 -38.79
C ASN D 392 20.30 -28.54 -39.57
N PRO D 393 20.49 -28.76 -40.89
CA PRO D 393 19.55 -29.56 -41.66
C PRO D 393 19.48 -31.02 -41.24
N LEU D 394 20.59 -31.56 -40.74
CA LEU D 394 20.65 -32.92 -40.25
C LEU D 394 20.34 -32.94 -38.75
N SER D 395 19.88 -34.09 -38.27
CA SER D 395 19.72 -34.32 -36.85
C SER D 395 20.97 -35.00 -36.32
N TRP D 396 22.06 -34.24 -36.29
CA TRP D 396 23.40 -34.79 -36.10
C TRP D 396 24.14 -33.98 -35.04
N VAL D 397 24.70 -34.69 -34.06
CA VAL D 397 25.65 -34.09 -33.13
C VAL D 397 26.95 -34.86 -33.23
N GLN D 398 28.04 -34.13 -33.48
CA GLN D 398 29.35 -34.73 -33.64
C GLN D 398 29.81 -35.27 -32.29
N PRO D 399 30.19 -36.55 -32.20
CA PRO D 399 30.49 -37.19 -30.93
C PRO D 399 31.65 -36.66 -30.08
N GLY D 400 32.68 -36.10 -30.69
CA GLY D 400 33.87 -35.77 -29.93
C GLY D 400 33.92 -34.31 -29.42
N MET D 401 32.89 -33.51 -29.73
CA MET D 401 32.94 -32.08 -29.51
C MET D 401 32.26 -31.72 -28.21
N PRO D 402 32.80 -30.76 -27.42
CA PRO D 402 32.13 -30.30 -26.21
C PRO D 402 30.81 -29.59 -26.48
N VAL D 403 29.82 -29.79 -25.60
CA VAL D 403 28.53 -29.14 -25.72
C VAL D 403 28.48 -27.98 -24.74
N PRO D 404 28.30 -26.72 -25.19
CA PRO D 404 28.24 -25.59 -24.28
C PRO D 404 27.06 -25.65 -23.30
N ASP D 405 27.22 -24.99 -22.15
CA ASP D 405 26.18 -24.86 -21.17
C ASP D 405 25.12 -23.88 -21.70
N HIS D 406 23.85 -24.30 -21.68
CA HIS D 406 22.76 -23.41 -22.02
C HIS D 406 21.63 -23.57 -21.02
N ARG D 407 21.98 -23.41 -19.74
CA ARG D 407 21.01 -23.42 -18.66
C ARG D 407 20.45 -22.01 -18.45
N ASP D 408 20.95 -21.03 -19.19
CA ASP D 408 20.51 -19.65 -19.04
C ASP D 408 19.18 -19.41 -19.75
N LEU D 409 18.72 -20.37 -20.55
CA LEU D 409 17.61 -20.15 -21.44
C LEU D 409 16.33 -20.81 -20.95
N ASP D 410 16.35 -21.41 -19.74
CA ASP D 410 15.14 -22.01 -19.19
C ASP D 410 14.70 -21.20 -17.99
N ILE D 411 13.38 -21.15 -17.76
CA ILE D 411 12.81 -20.17 -16.84
C ILE D 411 13.11 -20.54 -15.38
N GLU D 412 13.57 -21.76 -15.14
CA GLU D 412 13.86 -22.20 -13.79
C GLU D 412 15.08 -21.48 -13.23
N THR D 413 16.05 -21.15 -14.09
CA THR D 413 17.30 -20.59 -13.64
C THR D 413 17.13 -19.13 -13.21
N HIS D 414 16.04 -18.50 -13.66
CA HIS D 414 15.75 -17.13 -13.32
C HIS D 414 14.63 -17.05 -12.28
N ASN D 415 14.37 -18.17 -11.58
CA ASN D 415 13.36 -18.23 -10.54
C ASN D 415 12.01 -17.77 -11.05
N LEU D 416 11.54 -18.39 -12.13
CA LEU D 416 10.20 -18.20 -12.61
C LEU D 416 9.59 -19.59 -12.80
N THR D 417 8.27 -19.66 -12.97
CA THR D 417 7.53 -20.90 -12.90
C THR D 417 6.32 -20.82 -13.82
N ILE D 418 5.69 -21.95 -14.11
CA ILE D 418 4.51 -22.01 -14.96
C ILE D 418 3.41 -21.09 -14.43
N TRP D 419 3.46 -20.76 -13.15
CA TRP D 419 2.41 -19.96 -12.52
C TRP D 419 2.58 -18.48 -12.83
N ASP D 420 3.62 -18.13 -13.61
CA ASP D 420 3.92 -16.76 -13.92
C ASP D 420 3.57 -16.44 -15.37
N LEU D 421 3.06 -17.42 -16.10
CA LEU D 421 2.93 -17.28 -17.55
C LEU D 421 1.84 -16.29 -17.92
N ASP D 422 0.80 -16.13 -17.09
CA ASP D 422 -0.33 -15.28 -17.43
C ASP D 422 -0.34 -13.98 -16.65
N ARG D 423 0.65 -13.79 -15.76
CA ARG D 423 0.81 -12.51 -15.07
C ARG D 423 1.48 -11.50 -15.99
N THR D 424 1.44 -10.22 -15.62
CA THR D 424 1.85 -9.15 -16.49
C THR D 424 3.00 -8.39 -15.84
N PHE D 425 3.93 -7.88 -16.67
CA PHE D 425 5.20 -7.34 -16.20
C PHE D 425 5.60 -6.12 -17.03
N ASN D 426 6.53 -5.32 -16.49
CA ASN D 426 7.07 -4.17 -17.18
C ASN D 426 8.32 -4.58 -17.96
N VAL D 427 8.34 -4.28 -19.26
CA VAL D 427 9.34 -4.83 -20.16
C VAL D 427 10.15 -3.72 -20.82
N GLY D 428 9.78 -2.46 -20.59
CA GLY D 428 10.65 -1.35 -20.92
C GLY D 428 10.88 -1.20 -22.42
N GLY D 429 9.80 -1.29 -23.21
CA GLY D 429 9.86 -0.95 -24.62
C GLY D 429 10.08 -2.16 -25.52
N PHE D 430 10.25 -3.34 -24.94
CA PHE D 430 10.39 -4.57 -25.72
C PHE D 430 9.11 -4.78 -26.52
N GLY D 431 9.26 -5.00 -27.83
CA GLY D 431 8.13 -5.25 -28.69
C GLY D 431 7.29 -3.99 -28.92
N GLY D 432 7.85 -2.83 -28.62
CA GLY D 432 7.14 -1.57 -28.73
C GLY D 432 6.00 -1.45 -27.72
N LYS D 433 6.15 -2.09 -26.56
CA LYS D 433 5.13 -2.08 -25.54
C LYS D 433 5.78 -1.83 -24.18
N GLU D 434 5.03 -1.22 -23.26
CA GLU D 434 5.50 -0.92 -21.93
C GLU D 434 5.18 -2.08 -20.98
N THR D 435 4.24 -2.94 -21.37
CA THR D 435 3.74 -3.99 -20.50
C THR D 435 3.36 -5.22 -21.33
N MET D 436 3.49 -6.41 -20.74
CA MET D 436 3.35 -7.67 -21.46
C MET D 436 3.24 -8.82 -20.48
N THR D 437 2.74 -9.97 -20.96
CA THR D 437 2.71 -11.19 -20.19
C THR D 437 3.93 -12.04 -20.49
N LEU D 438 4.26 -12.98 -19.61
CA LEU D 438 5.45 -13.79 -19.78
C LEU D 438 5.27 -14.76 -20.93
N ARG D 439 4.03 -15.15 -21.21
CA ARG D 439 3.72 -16.02 -22.32
C ARG D 439 4.07 -15.31 -23.63
N GLU D 440 3.68 -14.05 -23.76
CA GLU D 440 3.95 -13.30 -24.98
C GLU D 440 5.43 -13.00 -25.12
N VAL D 441 6.13 -12.77 -24.01
CA VAL D 441 7.55 -12.50 -24.04
C VAL D 441 8.29 -13.71 -24.61
N LEU D 442 8.00 -14.89 -24.07
CA LEU D 442 8.67 -16.10 -24.51
C LEU D 442 8.41 -16.33 -25.99
N SER D 443 7.16 -16.14 -26.41
CA SER D 443 6.77 -16.36 -27.79
C SER D 443 7.64 -15.53 -28.72
N ARG D 444 7.73 -14.23 -28.46
CA ARG D 444 8.45 -13.32 -29.33
C ARG D 444 9.95 -13.64 -29.34
N LEU D 445 10.53 -13.90 -28.17
CA LEU D 445 11.95 -14.21 -28.08
C LEU D 445 12.27 -15.43 -28.94
N ARG D 446 11.40 -16.44 -28.87
CA ARG D 446 11.65 -17.70 -29.57
C ARG D 446 11.50 -17.53 -31.07
N ALA D 447 10.64 -16.62 -31.50
CA ALA D 447 10.41 -16.39 -32.91
C ALA D 447 11.59 -15.66 -33.54
N ALA D 448 12.30 -14.87 -32.74
CA ALA D 448 13.34 -14.00 -33.24
C ALA D 448 14.72 -14.64 -33.17
N TYR D 449 14.94 -15.55 -32.23
CA TYR D 449 16.31 -15.97 -31.95
C TYR D 449 16.48 -17.48 -31.96
N THR D 450 15.46 -18.27 -32.29
CA THR D 450 15.57 -19.72 -32.12
C THR D 450 15.04 -20.51 -33.31
N LEU D 451 14.65 -19.87 -34.41
CA LEU D 451 14.18 -20.56 -35.59
C LEU D 451 15.35 -20.77 -36.55
N LYS D 452 15.21 -20.38 -37.83
CA LYS D 452 16.16 -20.77 -38.86
C LYS D 452 17.34 -19.82 -38.98
N VAL D 453 17.34 -18.71 -38.22
CA VAL D 453 18.46 -17.78 -38.23
C VAL D 453 18.94 -17.56 -36.81
N GLY D 454 20.23 -17.80 -36.55
CA GLY D 454 20.85 -17.49 -35.27
C GLY D 454 21.87 -16.38 -35.42
N SER D 455 21.88 -15.42 -34.49
CA SER D 455 22.65 -14.20 -34.64
C SER D 455 23.49 -13.93 -33.40
N GLU D 456 24.69 -13.39 -33.62
CA GLU D 456 25.57 -12.93 -32.56
C GLU D 456 25.93 -11.47 -32.81
N TYR D 457 25.51 -10.57 -31.92
CA TYR D 457 25.72 -9.14 -32.15
C TYR D 457 25.87 -8.34 -30.86
N THR D 458 25.85 -8.98 -29.69
CA THR D 458 25.74 -8.26 -28.43
C THR D 458 27.12 -7.86 -27.93
N HIS D 459 28.17 -8.40 -28.56
CA HIS D 459 29.54 -8.10 -28.21
C HIS D 459 30.02 -6.79 -28.83
N ILE D 460 29.24 -6.22 -29.75
CA ILE D 460 29.60 -4.97 -30.40
C ILE D 460 29.51 -3.84 -29.39
N LEU D 461 30.47 -2.90 -29.42
CA LEU D 461 30.63 -1.90 -28.38
C LEU D 461 29.76 -0.68 -28.65
N ASP D 462 29.55 -0.34 -29.92
CA ASP D 462 28.81 0.86 -30.28
C ASP D 462 27.31 0.61 -30.11
N ARG D 463 26.61 1.61 -29.57
CA ARG D 463 25.22 1.47 -29.19
C ARG D 463 24.32 1.56 -30.41
N ASP D 464 24.66 2.44 -31.36
CA ASP D 464 23.84 2.67 -32.53
C ASP D 464 23.85 1.45 -33.45
N GLU D 465 25.02 0.82 -33.62
CA GLU D 465 25.13 -0.42 -34.36
C GLU D 465 24.24 -1.50 -33.73
N ARG D 466 24.38 -1.73 -32.43
CA ARG D 466 23.62 -2.76 -31.76
C ARG D 466 22.13 -2.54 -31.96
N THR D 467 21.67 -1.29 -31.85
CA THR D 467 20.26 -0.99 -31.91
C THR D 467 19.72 -1.24 -33.30
N TRP D 468 20.53 -0.95 -34.32
CA TRP D 468 20.13 -1.12 -35.71
C TRP D 468 19.87 -2.59 -36.00
N LEU D 469 20.79 -3.46 -35.55
CA LEU D 469 20.68 -4.88 -35.77
C LEU D 469 19.50 -5.44 -34.97
N GLN D 470 19.39 -5.02 -33.72
CA GLN D 470 18.37 -5.52 -32.81
C GLN D 470 16.98 -5.25 -33.36
N ASP D 471 16.78 -4.05 -33.93
CA ASP D 471 15.48 -3.64 -34.42
C ASP D 471 15.07 -4.48 -35.63
N ARG D 472 16.03 -4.84 -36.48
CA ARG D 472 15.71 -5.52 -37.72
C ARG D 472 15.48 -7.01 -37.48
N LEU D 473 16.18 -7.60 -36.52
CA LEU D 473 16.05 -9.01 -36.23
C LEU D 473 14.72 -9.29 -35.54
N GLU D 474 14.21 -8.34 -34.77
CA GLU D 474 13.00 -8.54 -33.99
C GLU D 474 11.76 -8.16 -34.80
N ALA D 475 11.92 -7.39 -35.87
CA ALA D 475 10.83 -7.11 -36.78
C ALA D 475 10.47 -8.35 -37.58
N GLY D 476 11.50 -9.11 -37.97
CA GLY D 476 11.30 -10.39 -38.65
C GLY D 476 11.52 -10.27 -40.15
N MET D 477 11.47 -11.42 -40.83
CA MET D 477 11.65 -11.49 -42.26
C MET D 477 10.32 -11.20 -42.94
N PRO D 478 10.24 -10.21 -43.85
CA PRO D 478 8.99 -9.89 -44.53
C PRO D 478 8.59 -10.95 -45.55
N LYS D 479 7.27 -11.08 -45.78
CA LYS D 479 6.72 -12.11 -46.64
C LYS D 479 7.00 -11.75 -48.09
N PRO D 480 7.62 -12.64 -48.90
CA PRO D 480 7.89 -12.35 -50.30
C PRO D 480 6.69 -12.56 -51.22
N THR D 481 6.73 -11.91 -52.38
CA THR D 481 5.66 -11.98 -53.36
C THR D 481 5.78 -13.28 -54.15
N GLN D 482 4.81 -13.55 -55.03
CA GLN D 482 4.79 -14.79 -55.78
C GLN D 482 5.85 -14.77 -56.86
N ALA D 483 6.08 -13.61 -57.48
CA ALA D 483 7.11 -13.49 -58.49
C ALA D 483 8.48 -13.82 -57.89
N GLU D 484 8.76 -13.25 -56.71
CA GLU D 484 10.01 -13.45 -56.02
C GLU D 484 10.21 -14.92 -55.71
N GLN D 485 9.15 -15.59 -55.25
CA GLN D 485 9.21 -16.99 -54.88
C GLN D 485 9.57 -17.84 -56.09
N LYS D 486 8.98 -17.54 -57.25
CA LYS D 486 9.24 -18.33 -58.43
C LYS D 486 10.67 -18.12 -58.90
N TYR D 487 11.23 -16.94 -58.67
CA TYR D 487 12.59 -16.64 -59.08
C TYR D 487 13.57 -17.46 -58.25
N ILE D 488 13.27 -17.67 -56.97
CA ILE D 488 14.12 -18.47 -56.12
C ILE D 488 14.10 -19.91 -56.60
N LEU D 489 12.94 -20.39 -57.08
CA LEU D 489 12.83 -21.77 -57.52
C LEU D 489 13.61 -21.98 -58.80
N GLN D 490 13.64 -20.99 -59.68
CA GLN D 490 14.40 -21.10 -60.91
C GLN D 490 15.88 -21.28 -60.61
N LYS D 491 16.40 -20.53 -59.65
CA LYS D 491 17.82 -20.54 -59.34
C LYS D 491 18.21 -21.87 -58.71
N LEU D 492 17.38 -22.39 -57.81
CA LEU D 492 17.64 -23.68 -57.18
C LEU D 492 17.66 -24.78 -58.24
N ASN D 493 16.71 -24.70 -59.18
CA ASN D 493 16.62 -25.70 -60.23
C ASN D 493 17.89 -25.71 -61.04
N ALA D 494 18.37 -24.52 -61.42
CA ALA D 494 19.54 -24.40 -62.28
C ALA D 494 20.74 -25.07 -61.65
N ALA D 495 20.93 -24.84 -60.35
CA ALA D 495 22.04 -25.41 -59.63
C ALA D 495 22.04 -26.93 -59.70
N GLU D 496 20.93 -27.55 -59.27
CA GLU D 496 20.86 -28.99 -59.15
C GLU D 496 20.90 -29.64 -60.53
N ALA D 497 20.26 -29.02 -61.51
CA ALA D 497 20.20 -29.56 -62.86
C ALA D 497 21.58 -29.66 -63.47
N PHE D 498 22.38 -28.60 -63.30
CA PHE D 498 23.72 -28.53 -63.86
C PHE D 498 24.58 -29.65 -63.32
N GLU D 499 24.48 -29.93 -62.02
CA GLU D 499 25.30 -30.95 -61.38
C GLU D 499 24.94 -32.32 -61.92
N ASN D 500 23.63 -32.59 -62.07
CA ASN D 500 23.15 -33.89 -62.51
C ASN D 500 23.55 -34.15 -63.95
N PHE D 501 23.53 -33.11 -64.79
CA PHE D 501 23.89 -33.28 -66.18
C PHE D 501 25.32 -33.76 -66.30
N LEU D 502 26.23 -33.11 -65.56
CA LEU D 502 27.65 -33.44 -65.61
C LEU D 502 27.89 -34.84 -65.05
N GLN D 503 27.13 -35.24 -64.04
CA GLN D 503 27.25 -36.57 -63.46
C GLN D 503 26.94 -37.63 -64.52
N THR D 504 25.94 -37.35 -65.36
CA THR D 504 25.47 -38.30 -66.35
C THR D 504 26.46 -38.44 -67.50
N LYS D 505 26.97 -37.32 -68.01
CA LYS D 505 27.74 -37.33 -69.24
C LYS D 505 29.23 -37.61 -68.99
N TYR D 506 29.75 -37.22 -67.82
CA TYR D 506 31.16 -37.44 -67.49
C TYR D 506 31.27 -38.02 -66.08
N VAL D 507 31.41 -39.35 -65.98
CA VAL D 507 31.11 -40.06 -64.75
C VAL D 507 32.29 -39.94 -63.78
N GLY D 508 33.48 -40.33 -64.24
CA GLY D 508 34.64 -40.42 -63.36
C GLY D 508 35.27 -39.07 -63.05
N GLN D 509 35.01 -38.06 -63.89
CA GLN D 509 35.81 -36.86 -63.88
C GLN D 509 35.54 -36.03 -62.62
N LYS D 510 36.59 -35.34 -62.17
CA LYS D 510 36.61 -34.59 -60.92
C LYS D 510 36.01 -33.21 -61.18
N ARG D 511 35.02 -32.81 -60.37
CA ARG D 511 34.33 -31.54 -60.57
C ARG D 511 34.08 -30.79 -59.26
N PHE D 512 34.19 -31.46 -58.10
CA PHE D 512 33.91 -30.86 -56.82
C PHE D 512 32.50 -30.27 -56.80
N SER D 513 31.50 -31.12 -56.54
CA SER D 513 30.11 -30.77 -56.70
C SER D 513 29.61 -29.92 -55.53
N LEU D 514 28.48 -29.26 -55.76
CA LEU D 514 27.87 -28.36 -54.81
C LEU D 514 26.62 -29.00 -54.22
N GLU D 515 26.40 -30.28 -54.52
CA GLU D 515 25.22 -31.00 -54.08
C GLU D 515 25.23 -31.09 -52.57
N GLY D 516 24.14 -30.64 -51.94
CA GLY D 516 24.07 -30.53 -50.50
C GLY D 516 24.10 -29.07 -50.05
N ALA D 517 24.52 -28.17 -50.96
CA ALA D 517 24.72 -26.77 -50.64
C ALA D 517 24.30 -25.90 -51.80
N GLU D 518 23.11 -26.14 -52.35
CA GLU D 518 22.66 -25.45 -53.54
C GLU D 518 22.10 -24.08 -53.21
N ALA D 519 21.87 -23.79 -51.93
CA ALA D 519 21.32 -22.51 -51.51
C ALA D 519 22.35 -21.39 -51.64
N LEU D 520 23.61 -21.75 -51.89
CA LEU D 520 24.67 -20.78 -52.12
C LEU D 520 24.31 -19.90 -53.32
N ILE D 521 23.70 -20.46 -54.36
CA ILE D 521 23.46 -19.72 -55.59
C ILE D 521 22.46 -18.59 -55.33
N PRO D 522 21.24 -18.83 -54.80
CA PRO D 522 20.37 -17.73 -54.43
C PRO D 522 20.89 -16.75 -53.37
N LEU D 523 21.82 -17.17 -52.50
CA LEU D 523 22.40 -16.27 -51.51
C LEU D 523 23.28 -15.24 -52.19
N MET D 524 24.17 -15.70 -53.08
CA MET D 524 25.09 -14.83 -53.77
C MET D 524 24.34 -13.88 -54.68
N ASP D 525 23.25 -14.37 -55.28
CA ASP D 525 22.44 -13.58 -56.19
C ASP D 525 21.74 -12.46 -55.43
N SER D 526 21.28 -12.75 -54.21
CA SER D 526 20.60 -11.78 -53.38
C SER D 526 21.53 -10.61 -53.06
N ALA D 527 22.77 -10.92 -52.70
CA ALA D 527 23.74 -9.91 -52.30
C ALA D 527 24.11 -9.01 -53.47
N ILE D 528 24.35 -9.59 -54.65
CA ILE D 528 24.75 -8.85 -55.83
C ILE D 528 23.60 -7.94 -56.28
N ASP D 529 22.38 -8.41 -56.10
CA ASP D 529 21.20 -7.67 -56.52
C ASP D 529 21.01 -6.45 -55.62
N THR D 530 21.26 -6.62 -54.33
CA THR D 530 21.14 -5.53 -53.36
C THR D 530 22.18 -4.46 -53.65
N ALA D 531 23.38 -4.88 -54.05
CA ALA D 531 24.47 -3.96 -54.35
C ALA D 531 24.14 -3.12 -55.58
N ALA D 532 23.48 -3.74 -56.57
CA ALA D 532 23.08 -3.04 -57.77
C ALA D 532 22.04 -1.97 -57.45
N GLY D 533 21.19 -2.25 -56.47
CA GLY D 533 20.18 -1.29 -56.05
C GLY D 533 20.77 -0.11 -55.30
N GLN D 534 21.89 -0.31 -54.62
CA GLN D 534 22.54 0.74 -53.87
C GLN D 534 23.26 1.69 -54.83
N GLY D 535 23.59 1.22 -56.02
CA GLY D 535 24.14 2.07 -57.06
C GLY D 535 25.66 1.97 -57.14
N LEU D 536 26.22 0.79 -56.89
CA LEU D 536 27.65 0.60 -56.83
C LEU D 536 28.14 0.11 -58.19
N ASP D 537 29.46 -0.07 -58.33
CA ASP D 537 30.10 -0.18 -59.62
C ASP D 537 30.47 -1.62 -59.99
N GLU D 538 31.04 -2.37 -59.04
CA GLU D 538 31.54 -3.70 -59.34
C GLU D 538 31.48 -4.59 -58.11
N VAL D 539 31.48 -5.91 -58.33
CA VAL D 539 31.66 -6.91 -57.29
C VAL D 539 32.81 -7.83 -57.71
N VAL D 540 33.78 -8.03 -56.81
CA VAL D 540 34.91 -8.92 -57.05
C VAL D 540 34.79 -10.14 -56.15
N ILE D 541 34.91 -11.34 -56.72
CA ILE D 541 34.72 -12.59 -55.98
C ILE D 541 36.04 -13.34 -55.91
N GLY D 542 36.33 -13.92 -54.75
CA GLY D 542 37.36 -14.92 -54.60
C GLY D 542 36.82 -16.13 -53.86
N MET D 543 37.16 -17.35 -54.32
CA MET D 543 36.60 -18.55 -53.73
C MET D 543 37.51 -19.75 -53.98
N PRO D 544 37.30 -20.86 -53.25
CA PRO D 544 37.95 -22.14 -53.56
C PRO D 544 37.25 -23.05 -54.57
N HIS D 545 37.55 -24.35 -54.48
CA HIS D 545 37.15 -25.36 -55.44
C HIS D 545 35.67 -25.72 -55.39
N ARG D 546 35.06 -25.66 -54.21
CA ARG D 546 33.75 -26.25 -53.98
C ARG D 546 32.68 -25.45 -54.69
N GLY D 547 32.19 -25.99 -55.80
CA GLY D 547 31.08 -25.39 -56.53
C GLY D 547 31.51 -24.23 -57.42
N ARG D 548 32.67 -24.34 -58.06
CA ARG D 548 33.20 -23.22 -58.81
C ARG D 548 32.60 -23.14 -60.19
N LEU D 549 32.46 -24.28 -60.86
CA LEU D 549 31.92 -24.34 -62.20
C LEU D 549 30.46 -23.89 -62.18
N ASN D 550 29.81 -24.09 -61.04
CA ASN D 550 28.41 -23.74 -60.87
C ASN D 550 28.27 -22.23 -60.79
N VAL D 551 29.20 -21.59 -60.06
CA VAL D 551 29.20 -20.15 -59.87
C VAL D 551 29.57 -19.45 -61.17
N LEU D 552 30.51 -20.01 -61.92
CA LEU D 552 30.94 -19.44 -63.19
C LEU D 552 29.76 -19.36 -64.15
N PHE D 553 28.91 -20.38 -64.18
CA PHE D 553 27.81 -20.43 -65.13
C PHE D 553 26.62 -19.62 -64.65
N ASN D 554 26.25 -19.73 -63.36
CA ASN D 554 24.97 -19.22 -62.89
C ASN D 554 25.08 -17.81 -62.31
N ILE D 555 26.27 -17.37 -61.89
CA ILE D 555 26.43 -16.06 -61.26
C ILE D 555 27.19 -15.12 -62.18
N VAL D 556 28.23 -15.60 -62.86
CA VAL D 556 29.12 -14.70 -63.60
C VAL D 556 28.70 -14.63 -65.06
N GLY D 557 28.30 -15.76 -65.64
CA GLY D 557 27.73 -15.78 -66.97
C GLY D 557 28.71 -16.28 -68.04
N LYS D 558 29.65 -17.13 -67.63
CA LYS D 558 30.54 -17.79 -68.57
C LYS D 558 29.72 -18.72 -69.43
N PRO D 559 29.88 -18.71 -70.79
CA PRO D 559 29.04 -19.51 -71.67
C PRO D 559 29.24 -21.01 -71.49
N LEU D 560 28.17 -21.77 -71.77
CA LEU D 560 28.09 -23.17 -71.39
C LEU D 560 28.95 -24.01 -72.32
N ALA D 561 29.13 -23.53 -73.55
CA ALA D 561 29.95 -24.21 -74.53
C ALA D 561 31.38 -24.34 -74.02
N SER D 562 31.87 -23.28 -73.38
CA SER D 562 33.23 -23.23 -72.88
C SER D 562 33.49 -24.31 -71.83
N ILE D 563 32.50 -24.52 -70.95
CA ILE D 563 32.64 -25.47 -69.86
C ILE D 563 32.65 -26.90 -70.41
N PHE D 564 31.77 -27.19 -71.37
CA PHE D 564 31.72 -28.51 -71.96
C PHE D 564 33.00 -28.83 -72.70
N ASN D 565 33.57 -27.83 -73.40
CA ASN D 565 34.81 -28.02 -74.12
C ASN D 565 35.93 -28.39 -73.16
N GLU D 566 35.97 -27.74 -72.00
CA GLU D 566 36.98 -28.01 -70.99
C GLU D 566 36.95 -29.48 -70.59
N PHE D 567 35.75 -30.05 -70.46
CA PHE D 567 35.58 -31.42 -70.03
C PHE D 567 36.01 -32.40 -71.12
N GLU D 568 36.02 -31.96 -72.39
CA GLU D 568 36.41 -32.81 -73.50
C GLU D 568 37.89 -32.65 -73.83
N GLY D 569 38.59 -31.73 -73.14
CA GLY D 569 40.04 -31.65 -73.21
C GLY D 569 40.56 -30.46 -74.00
N GLN D 570 39.65 -29.61 -74.52
CA GLN D 570 40.04 -28.40 -75.23
C GLN D 570 40.02 -27.23 -74.25
N MET D 571 41.19 -26.63 -74.03
CA MET D 571 41.36 -25.60 -73.01
C MET D 571 41.70 -24.28 -73.70
N GLU D 572 41.08 -23.19 -73.24
CA GLU D 572 41.33 -21.85 -73.79
C GLU D 572 42.71 -21.37 -73.32
N GLN D 573 43.43 -20.71 -74.24
CA GLN D 573 44.80 -20.30 -73.99
C GLN D 573 44.81 -18.87 -73.44
N GLY D 574 45.59 -18.65 -72.37
CA GLY D 574 45.72 -17.34 -71.75
C GLY D 574 46.82 -16.51 -72.42
N GLN D 575 48.01 -17.08 -72.50
CA GLN D 575 49.15 -16.45 -73.14
C GLN D 575 49.68 -17.41 -74.21
N ILE D 576 50.27 -16.86 -75.28
CA ILE D 576 50.78 -17.65 -76.36
C ILE D 576 51.97 -18.46 -75.86
N GLY D 577 51.86 -19.78 -75.97
CA GLY D 577 52.90 -20.70 -75.53
C GLY D 577 52.85 -20.97 -74.04
N GLY D 578 51.68 -20.81 -73.43
CA GLY D 578 51.50 -20.99 -72.00
C GLY D 578 51.25 -22.45 -71.63
N SER D 579 51.39 -22.75 -70.33
CA SER D 579 51.30 -24.11 -69.82
C SER D 579 49.88 -24.46 -69.40
N GLY D 580 49.21 -23.55 -68.69
CA GLY D 580 47.81 -23.72 -68.37
C GLY D 580 47.60 -24.15 -66.92
N ASP D 581 46.34 -24.44 -66.57
CA ASP D 581 45.99 -24.91 -65.24
C ASP D 581 44.62 -25.59 -65.30
N VAL D 582 44.28 -26.30 -64.22
CA VAL D 582 43.06 -27.10 -64.15
C VAL D 582 41.85 -26.19 -64.15
N LYS D 583 40.68 -26.78 -64.44
CA LYS D 583 39.48 -26.05 -64.80
C LYS D 583 38.87 -25.30 -63.62
N TYR D 584 39.15 -25.75 -62.39
CA TYR D 584 38.57 -25.14 -61.22
C TYR D 584 39.54 -24.13 -60.58
N HIS D 585 40.41 -23.52 -61.40
CA HIS D 585 41.33 -22.49 -60.93
C HIS D 585 41.24 -21.24 -61.80
N LEU D 586 40.22 -21.13 -62.65
CA LEU D 586 40.17 -20.09 -63.67
C LEU D 586 39.18 -18.99 -63.27
N GLY D 587 39.28 -17.82 -63.93
CA GLY D 587 38.44 -16.67 -63.65
C GLY D 587 37.63 -16.21 -64.86
N SER D 588 36.77 -15.19 -64.68
CA SER D 588 35.98 -14.62 -65.76
C SER D 588 35.34 -13.29 -65.35
N GLU D 589 34.68 -12.63 -66.31
CA GLU D 589 33.98 -11.37 -66.10
C GLU D 589 32.57 -11.43 -66.69
N GLY D 590 31.69 -10.53 -66.26
CA GLY D 590 30.31 -10.52 -66.73
C GLY D 590 29.51 -9.34 -66.18
N GLN D 591 28.23 -9.25 -66.58
CA GLN D 591 27.30 -8.23 -66.13
C GLN D 591 26.13 -8.88 -65.42
N HIS D 592 25.46 -8.14 -64.53
CA HIS D 592 24.29 -8.63 -63.83
C HIS D 592 23.21 -7.55 -63.87
N LEU D 593 22.04 -7.91 -64.42
CA LEU D 593 20.90 -7.02 -64.51
C LEU D 593 19.93 -7.34 -63.39
N GLN D 594 19.36 -6.29 -62.79
CA GLN D 594 18.43 -6.42 -61.68
C GLN D 594 17.11 -6.96 -62.23
N MET D 595 16.53 -7.95 -61.56
CA MET D 595 15.38 -8.67 -62.08
C MET D 595 14.12 -7.81 -61.93
N PHE D 596 13.99 -7.13 -60.80
CA PHE D 596 12.85 -6.28 -60.51
C PHE D 596 13.34 -4.87 -60.21
N GLY D 597 14.07 -4.28 -61.17
CA GLY D 597 14.64 -2.95 -61.03
C GLY D 597 15.34 -2.52 -62.31
N ASP D 598 15.94 -1.34 -62.29
CA ASP D 598 16.59 -0.78 -63.46
C ASP D 598 18.10 -0.73 -63.26
N GLY D 599 18.62 -1.50 -62.28
CA GLY D 599 20.02 -1.48 -61.93
C GLY D 599 20.85 -2.43 -62.79
N GLU D 600 22.16 -2.21 -62.80
CA GLU D 600 23.11 -3.04 -63.52
C GLU D 600 24.46 -2.92 -62.84
N ILE D 601 25.17 -4.04 -62.69
CA ILE D 601 26.47 -4.06 -62.01
C ILE D 601 27.39 -5.04 -62.72
N LYS D 602 28.70 -4.84 -62.55
CA LYS D 602 29.72 -5.68 -63.15
C LYS D 602 30.17 -6.74 -62.15
N VAL D 603 30.47 -7.94 -62.61
CA VAL D 603 30.88 -9.04 -61.73
C VAL D 603 32.16 -9.66 -62.28
N SER D 604 33.12 -9.95 -61.39
CA SER D 604 34.40 -10.51 -61.76
C SER D 604 34.80 -11.63 -60.80
N LEU D 605 35.57 -12.60 -61.29
CA LEU D 605 36.10 -13.67 -60.47
C LEU D 605 37.58 -13.86 -60.78
N THR D 606 38.41 -13.98 -59.73
CA THR D 606 39.86 -13.95 -59.87
C THR D 606 40.43 -15.36 -59.85
N ALA D 607 41.63 -15.53 -60.42
CA ALA D 607 42.31 -16.80 -60.48
C ALA D 607 43.01 -17.10 -59.16
N ASN D 608 43.40 -18.35 -58.95
CA ASN D 608 44.00 -18.75 -57.69
C ASN D 608 44.63 -20.13 -57.81
N PRO D 609 45.65 -20.44 -56.98
CA PRO D 609 46.20 -21.79 -56.92
C PRO D 609 45.48 -22.74 -55.96
N SER D 610 46.00 -23.96 -55.83
CA SER D 610 45.42 -24.96 -54.97
C SER D 610 45.59 -24.59 -53.50
N HIS D 611 46.66 -23.87 -53.18
CA HIS D 611 46.96 -23.48 -51.82
C HIS D 611 45.81 -22.65 -51.28
N LEU D 612 45.15 -23.15 -50.23
CA LEU D 612 43.91 -22.57 -49.76
C LEU D 612 44.18 -21.26 -49.04
N GLU D 613 43.30 -20.29 -49.27
CA GLU D 613 43.25 -19.03 -48.55
C GLU D 613 44.36 -18.08 -48.96
N ALA D 614 45.04 -18.36 -50.07
CA ALA D 614 46.12 -17.51 -50.56
C ALA D 614 45.59 -16.40 -51.46
N VAL D 615 44.28 -16.42 -51.73
CA VAL D 615 43.65 -15.44 -52.60
C VAL D 615 43.14 -14.28 -51.76
N ASN D 616 43.14 -14.41 -50.43
CA ASN D 616 42.51 -13.44 -49.58
C ASN D 616 43.19 -12.09 -49.71
N PRO D 617 44.51 -11.94 -49.45
CA PRO D 617 45.16 -10.66 -49.62
C PRO D 617 45.21 -10.15 -51.06
N VAL D 618 45.21 -11.05 -52.03
CA VAL D 618 45.32 -10.68 -53.43
C VAL D 618 44.05 -9.98 -53.87
N MET D 619 42.88 -10.47 -53.44
CA MET D 619 41.64 -9.91 -53.94
C MET D 619 41.32 -8.61 -53.22
N GLU D 620 41.88 -8.42 -52.02
CA GLU D 620 41.73 -7.18 -51.28
C GLU D 620 42.49 -6.05 -51.99
N GLY D 621 43.69 -6.36 -52.44
CA GLY D 621 44.49 -5.42 -53.21
C GLY D 621 43.83 -5.01 -54.53
N ILE D 622 43.21 -5.97 -55.22
CA ILE D 622 42.54 -5.68 -56.48
C ILE D 622 41.45 -4.66 -56.23
N VAL D 623 40.68 -4.83 -55.16
CA VAL D 623 39.56 -3.96 -54.87
C VAL D 623 40.06 -2.56 -54.56
N ARG D 624 41.18 -2.45 -53.82
CA ARG D 624 41.69 -1.14 -53.41
C ARG D 624 42.17 -0.35 -54.60
N ALA D 625 42.79 -1.03 -55.56
CA ALA D 625 43.30 -0.37 -56.74
C ALA D 625 42.16 0.17 -57.59
N LYS D 626 41.07 -0.60 -57.70
CA LYS D 626 39.93 -0.19 -58.50
C LYS D 626 39.22 0.99 -57.87
N GLN D 627 39.16 1.02 -56.54
CA GLN D 627 38.53 2.13 -55.84
C GLN D 627 39.35 3.38 -56.03
N ASP D 628 40.68 3.27 -56.00
CA ASP D 628 41.55 4.42 -56.12
C ASP D 628 41.44 5.04 -57.50
N TYR D 629 41.19 4.23 -58.52
CA TYR D 629 41.07 4.70 -59.89
C TYR D 629 39.80 5.52 -60.07
N LEU D 630 38.70 5.11 -59.44
CA LEU D 630 37.42 5.80 -59.59
C LEU D 630 37.46 7.15 -58.88
N ASP D 631 38.02 7.18 -57.67
CA ASP D 631 38.36 8.42 -57.01
C ASP D 631 37.09 9.18 -56.61
N LYS D 632 36.29 8.58 -55.71
CA LYS D 632 35.04 9.18 -55.29
C LYS D 632 35.09 9.63 -53.83
N GLY D 633 36.25 9.49 -53.18
CA GLY D 633 36.47 10.04 -51.85
C GLY D 633 36.06 9.09 -50.72
N VAL D 634 35.83 9.67 -49.53
CA VAL D 634 35.60 8.93 -48.31
C VAL D 634 34.19 8.32 -48.32
N ASP D 635 33.27 8.98 -49.03
CA ASP D 635 31.87 8.56 -49.10
C ASP D 635 31.67 7.61 -50.29
N GLY D 636 32.77 7.17 -50.91
CA GLY D 636 32.71 6.26 -52.05
C GLY D 636 32.74 4.81 -51.60
N LYS D 637 33.85 4.14 -51.89
CA LYS D 637 34.04 2.73 -51.59
C LYS D 637 32.94 1.91 -52.28
N THR D 638 32.98 1.93 -53.63
CA THR D 638 31.87 1.48 -54.45
C THR D 638 32.24 0.20 -55.21
N VAL D 639 33.31 -0.48 -54.82
CA VAL D 639 33.59 -1.82 -55.29
C VAL D 639 33.51 -2.76 -54.10
N VAL D 640 32.73 -3.83 -54.22
CA VAL D 640 32.39 -4.69 -53.10
C VAL D 640 33.21 -5.98 -53.17
N PRO D 641 33.95 -6.37 -52.10
CA PRO D 641 34.57 -7.69 -52.03
C PRO D 641 33.68 -8.76 -51.42
N LEU D 642 33.51 -9.88 -52.14
CA LEU D 642 32.72 -11.01 -51.70
C LEU D 642 33.64 -12.23 -51.69
N LEU D 643 33.84 -12.84 -50.52
CA LEU D 643 34.90 -13.81 -50.31
C LEU D 643 34.34 -15.07 -49.69
N LEU D 644 34.53 -16.22 -50.36
CA LEU D 644 33.99 -17.50 -49.92
C LEU D 644 35.10 -18.34 -49.31
N HIS D 645 34.76 -19.15 -48.30
CA HIS D 645 35.70 -20.01 -47.61
C HIS D 645 35.08 -21.37 -47.35
N GLY D 646 35.89 -22.33 -46.94
CA GLY D 646 35.43 -23.59 -46.38
C GLY D 646 35.75 -23.65 -44.88
N ASP D 647 35.06 -24.53 -44.16
CA ASP D 647 35.03 -24.48 -42.71
C ASP D 647 36.38 -24.89 -42.12
N ALA D 648 36.97 -25.97 -42.63
CA ALA D 648 38.23 -26.46 -42.10
C ALA D 648 39.36 -25.46 -42.34
N ALA D 649 39.39 -24.88 -43.55
CA ALA D 649 40.43 -23.95 -43.92
C ALA D 649 40.32 -22.64 -43.15
N PHE D 650 39.10 -22.19 -42.90
CA PHE D 650 38.88 -20.91 -42.24
C PHE D 650 39.43 -20.93 -40.83
N ALA D 651 39.24 -22.05 -40.11
CA ALA D 651 39.64 -22.14 -38.72
C ALA D 651 41.11 -22.47 -38.58
N GLY D 652 41.71 -23.08 -39.60
CA GLY D 652 43.02 -23.69 -39.45
C GLY D 652 44.16 -22.77 -39.87
N LEU D 653 44.07 -22.19 -41.07
CA LEU D 653 45.16 -21.45 -41.67
C LEU D 653 45.22 -20.05 -41.09
N GLY D 654 46.43 -19.54 -40.88
CA GLY D 654 46.66 -18.30 -40.17
C GLY D 654 46.60 -17.05 -41.05
N ILE D 655 46.58 -17.24 -42.38
CA ILE D 655 46.47 -16.13 -43.31
C ILE D 655 45.12 -15.45 -43.16
N VAL D 656 44.10 -16.19 -42.70
CA VAL D 656 42.76 -15.66 -42.64
C VAL D 656 42.68 -14.50 -41.65
N PRO D 657 42.99 -14.67 -40.35
CA PRO D 657 42.97 -13.55 -39.42
C PRO D 657 44.01 -12.46 -39.69
N GLU D 658 45.11 -12.83 -40.33
CA GLU D 658 46.17 -11.89 -40.69
C GLU D 658 45.66 -10.86 -41.68
N THR D 659 44.78 -11.28 -42.59
CA THR D 659 44.25 -10.41 -43.62
C THR D 659 43.10 -9.56 -43.07
N ILE D 660 42.31 -10.12 -42.15
CA ILE D 660 41.20 -9.40 -41.55
C ILE D 660 41.72 -8.24 -40.71
N ASN D 661 42.97 -8.35 -40.25
CA ASN D 661 43.59 -7.34 -39.40
C ASN D 661 43.94 -6.08 -40.19
N LEU D 662 43.90 -6.13 -41.52
CA LEU D 662 44.24 -4.98 -42.34
C LEU D 662 43.02 -4.12 -42.66
N ALA D 663 41.86 -4.43 -42.09
CA ALA D 663 40.59 -3.94 -42.61
C ALA D 663 40.40 -2.44 -42.35
N LYS D 664 40.91 -1.93 -41.23
CA LYS D 664 40.65 -0.57 -40.82
C LYS D 664 41.90 0.29 -40.89
N LEU D 665 42.96 -0.16 -41.58
CA LEU D 665 44.21 0.58 -41.63
C LEU D 665 44.20 1.52 -42.82
N ARG D 666 45.09 2.51 -42.78
CA ARG D 666 44.99 3.70 -43.61
C ARG D 666 45.22 3.36 -45.07
N GLY D 667 46.18 2.48 -45.36
CA GLY D 667 46.50 2.18 -46.74
C GLY D 667 45.80 0.93 -47.28
N TYR D 668 44.90 0.32 -46.51
CA TYR D 668 44.35 -0.98 -46.87
C TYR D 668 42.82 -1.03 -46.82
N ASP D 669 42.16 0.01 -46.31
CA ASP D 669 40.74 -0.04 -46.04
C ASP D 669 39.96 -0.02 -47.36
N VAL D 670 38.95 -0.88 -47.48
CA VAL D 670 38.15 -0.98 -48.69
C VAL D 670 36.66 -0.91 -48.38
N GLY D 671 36.29 -0.53 -47.17
CA GLY D 671 34.89 -0.29 -46.85
C GLY D 671 34.16 -1.51 -46.32
N GLY D 672 34.87 -2.60 -46.02
CA GLY D 672 34.26 -3.79 -45.46
C GLY D 672 34.26 -4.95 -46.45
N THR D 673 34.22 -6.18 -45.94
CA THR D 673 34.18 -7.38 -46.75
C THR D 673 33.03 -8.27 -46.28
N ILE D 674 32.32 -8.88 -47.25
CA ILE D 674 31.29 -9.85 -46.95
C ILE D 674 31.89 -11.24 -47.06
N HIS D 675 31.91 -11.99 -45.95
CA HIS D 675 32.47 -13.33 -45.89
C HIS D 675 31.34 -14.37 -45.84
N ILE D 676 31.47 -15.45 -46.60
CA ILE D 676 30.55 -16.58 -46.56
C ILE D 676 31.36 -17.84 -46.28
N VAL D 677 31.01 -18.56 -45.22
CA VAL D 677 31.65 -19.83 -44.89
C VAL D 677 30.67 -20.95 -45.20
N VAL D 678 31.04 -21.83 -46.14
CA VAL D 678 30.25 -22.99 -46.51
C VAL D 678 30.59 -24.12 -45.55
N ASN D 679 29.72 -24.33 -44.57
CA ASN D 679 29.96 -25.24 -43.47
C ASN D 679 29.25 -26.56 -43.72
N ASN D 680 29.95 -27.51 -44.33
CA ASN D 680 29.36 -28.79 -44.65
C ASN D 680 29.80 -29.84 -43.64
N GLN D 681 30.41 -29.37 -42.54
CA GLN D 681 30.61 -30.16 -41.35
C GLN D 681 31.63 -31.26 -41.58
N ILE D 682 32.58 -31.05 -42.51
CA ILE D 682 33.61 -32.04 -42.77
C ILE D 682 34.73 -31.41 -43.60
N GLY D 683 35.96 -31.87 -43.34
CA GLY D 683 37.13 -31.54 -44.13
C GLY D 683 37.21 -32.45 -45.35
N PHE D 684 38.23 -33.30 -45.38
CA PHE D 684 38.34 -34.34 -46.39
C PHE D 684 37.85 -35.62 -45.73
N THR D 685 38.63 -36.17 -44.81
CA THR D 685 38.20 -37.27 -43.97
C THR D 685 38.26 -36.87 -42.50
N THR D 686 38.20 -35.57 -42.21
CA THR D 686 38.42 -35.06 -40.87
C THR D 686 37.19 -34.28 -40.41
N THR D 687 36.78 -34.49 -39.15
CA THR D 687 35.58 -33.90 -38.60
C THR D 687 35.96 -32.75 -37.68
N PRO D 688 35.02 -31.84 -37.35
CA PRO D 688 35.32 -30.64 -36.56
C PRO D 688 36.01 -30.83 -35.23
N ASP D 689 35.86 -32.01 -34.62
CA ASP D 689 36.48 -32.29 -33.33
C ASP D 689 37.99 -32.37 -33.46
N SER D 690 38.50 -32.56 -34.67
CA SER D 690 39.92 -32.66 -34.90
C SER D 690 40.46 -31.46 -35.69
N SER D 691 39.61 -30.47 -35.95
CA SER D 691 39.96 -29.39 -36.86
C SER D 691 40.07 -28.05 -36.14
N ARG D 692 39.37 -27.85 -35.02
CA ARG D 692 39.39 -26.56 -34.36
C ARG D 692 39.12 -26.69 -32.88
N SER D 693 39.55 -25.69 -32.12
CA SER D 693 39.34 -25.59 -30.69
C SER D 693 38.28 -24.54 -30.36
N MET D 694 37.67 -23.95 -31.38
CA MET D 694 36.60 -22.98 -31.21
C MET D 694 35.26 -23.71 -31.36
N HIS D 695 34.18 -23.15 -30.82
CA HIS D 695 32.87 -23.78 -30.89
C HIS D 695 32.32 -23.67 -32.30
N TYR D 696 32.33 -22.47 -32.86
CA TYR D 696 31.95 -22.23 -34.25
C TYR D 696 33.19 -21.93 -35.07
N ALA D 697 33.08 -22.08 -36.38
CA ALA D 697 34.19 -21.83 -37.28
C ALA D 697 34.40 -20.33 -37.46
N THR D 698 33.37 -19.53 -37.17
CA THR D 698 33.39 -18.12 -37.46
C THR D 698 33.65 -17.29 -36.21
N ASP D 699 34.45 -17.81 -35.27
CA ASP D 699 34.60 -17.17 -33.98
C ASP D 699 35.69 -16.08 -34.01
N TYR D 700 36.45 -15.98 -35.11
CA TYR D 700 37.40 -14.89 -35.26
C TYR D 700 36.68 -13.55 -35.33
N ALA D 701 35.39 -13.56 -35.66
CA ALA D 701 34.61 -12.34 -35.75
C ALA D 701 34.57 -11.61 -34.43
N LYS D 702 34.56 -12.34 -33.32
CA LYS D 702 34.45 -11.74 -32.00
C LYS D 702 35.75 -11.06 -31.59
N ALA D 703 36.85 -11.37 -32.27
CA ALA D 703 38.12 -10.71 -32.00
C ALA D 703 38.15 -9.32 -32.64
N PHE D 704 37.34 -9.11 -33.67
CA PHE D 704 37.40 -7.89 -34.45
C PHE D 704 36.14 -7.05 -34.25
N GLY D 705 35.14 -7.57 -33.55
CA GLY D 705 33.96 -6.80 -33.21
C GLY D 705 32.96 -6.69 -34.36
N CYS D 706 32.63 -7.83 -34.99
CA CYS D 706 31.78 -7.86 -36.17
C CYS D 706 30.63 -8.84 -35.98
N PRO D 707 29.47 -8.62 -36.63
CA PRO D 707 28.32 -9.53 -36.49
C PRO D 707 28.41 -10.86 -37.24
N VAL D 708 27.72 -11.87 -36.74
CA VAL D 708 27.68 -13.19 -37.37
C VAL D 708 26.23 -13.64 -37.49
N PHE D 709 25.88 -14.20 -38.65
CA PHE D 709 24.57 -14.79 -38.90
C PHE D 709 24.73 -16.24 -39.31
N HIS D 710 24.11 -17.17 -38.55
CA HIS D 710 24.08 -18.58 -38.92
C HIS D 710 22.71 -18.89 -39.52
N VAL D 711 22.67 -19.56 -40.67
CA VAL D 711 21.40 -19.79 -41.37
C VAL D 711 21.36 -21.21 -41.92
N ASN D 712 20.15 -21.79 -41.89
CA ASN D 712 19.87 -23.15 -42.31
C ASN D 712 19.85 -23.21 -43.82
N GLY D 713 20.55 -24.18 -44.40
CA GLY D 713 20.70 -24.27 -45.83
C GLY D 713 19.53 -24.96 -46.51
N ASP D 714 18.48 -25.31 -45.76
CA ASP D 714 17.31 -25.94 -46.33
C ASP D 714 16.09 -25.05 -46.17
N ASP D 715 16.29 -23.75 -45.92
CA ASP D 715 15.19 -22.79 -45.91
C ASP D 715 15.54 -21.61 -46.81
N PRO D 716 15.32 -21.71 -48.14
CA PRO D 716 15.80 -20.71 -49.07
C PRO D 716 15.35 -19.26 -48.86
N GLU D 717 14.17 -19.03 -48.31
CA GLU D 717 13.69 -17.68 -48.13
C GLU D 717 14.47 -16.98 -47.03
N ALA D 718 14.84 -17.71 -45.98
CA ALA D 718 15.67 -17.18 -44.92
C ALA D 718 17.06 -16.84 -45.44
N VAL D 719 17.58 -17.66 -46.37
CA VAL D 719 18.90 -17.45 -46.91
C VAL D 719 18.94 -16.15 -47.69
N VAL D 720 17.90 -15.88 -48.45
CA VAL D 720 17.84 -14.69 -49.28
C VAL D 720 17.74 -13.45 -48.40
N TRP D 721 17.04 -13.55 -47.28
CA TRP D 721 16.88 -12.41 -46.38
C TRP D 721 18.22 -12.05 -45.76
N VAL D 722 18.99 -13.05 -45.33
CA VAL D 722 20.25 -12.82 -44.66
C VAL D 722 21.24 -12.15 -45.61
N GLY D 723 21.23 -12.55 -46.87
CA GLY D 723 22.10 -11.94 -47.86
C GLY D 723 21.86 -10.45 -48.01
N GLN D 724 20.59 -10.05 -48.01
CA GLN D 724 20.21 -8.66 -48.16
C GLN D 724 20.63 -7.85 -46.95
N LEU D 725 20.42 -8.40 -45.75
CA LEU D 725 20.67 -7.72 -44.51
C LEU D 725 22.17 -7.46 -44.33
N ALA D 726 23.00 -8.38 -44.82
CA ALA D 726 24.45 -8.26 -44.69
C ALA D 726 24.96 -7.13 -45.57
N THR D 727 24.44 -7.02 -46.78
CA THR D 727 24.89 -6.03 -47.74
C THR D 727 24.49 -4.63 -47.27
N GLU D 728 23.33 -4.50 -46.62
CA GLU D 728 22.89 -3.23 -46.10
C GLU D 728 23.76 -2.79 -44.92
N TYR D 729 24.18 -3.73 -44.08
CA TYR D 729 24.98 -3.41 -42.92
C TYR D 729 26.34 -2.88 -43.34
N ARG D 730 26.90 -3.46 -44.42
CA ARG D 730 28.19 -3.05 -44.92
C ARG D 730 28.14 -1.62 -45.43
N ARG D 731 27.05 -1.25 -46.09
CA ARG D 731 26.93 0.05 -46.72
C ARG D 731 26.80 1.14 -45.68
N ARG D 732 26.17 0.84 -44.54
CA ARG D 732 25.90 1.86 -43.55
C ARG D 732 27.10 2.07 -42.63
N PHE D 733 27.75 0.99 -42.22
CA PHE D 733 28.73 1.06 -41.14
C PHE D 733 30.15 0.88 -41.64
N GLY D 734 30.33 0.25 -42.80
CA GLY D 734 31.65 0.13 -43.39
C GLY D 734 32.56 -0.82 -42.64
N LYS D 735 32.00 -1.98 -42.24
CA LYS D 735 32.74 -2.99 -41.50
C LYS D 735 32.50 -4.36 -42.11
N ASP D 736 33.26 -5.35 -41.65
CA ASP D 736 33.16 -6.71 -42.13
C ASP D 736 31.94 -7.39 -41.52
N VAL D 737 31.38 -8.37 -42.25
CA VAL D 737 30.22 -9.12 -41.82
C VAL D 737 30.44 -10.58 -42.23
N PHE D 738 29.97 -11.52 -41.40
CA PHE D 738 30.23 -12.93 -41.59
C PHE D 738 28.94 -13.74 -41.63
N ILE D 739 28.78 -14.60 -42.65
CA ILE D 739 27.63 -15.47 -42.80
C ILE D 739 28.11 -16.93 -42.76
N ASP D 740 27.44 -17.74 -41.94
CA ASP D 740 27.73 -19.17 -41.80
C ASP D 740 26.55 -19.96 -42.36
N LEU D 741 26.75 -20.62 -43.50
CA LEU D 741 25.72 -21.37 -44.18
C LEU D 741 25.89 -22.85 -43.84
N VAL D 742 24.96 -23.39 -43.03
CA VAL D 742 25.08 -24.74 -42.51
C VAL D 742 24.39 -25.69 -43.49
N CYS D 743 25.14 -26.66 -44.00
CA CYS D 743 24.70 -27.56 -45.05
C CYS D 743 25.46 -28.88 -44.94
N TYR D 744 25.43 -29.72 -45.99
CA TYR D 744 26.14 -30.99 -45.95
C TYR D 744 26.77 -31.30 -47.30
N ARG D 745 27.57 -32.37 -47.36
CA ARG D 745 28.24 -32.83 -48.57
C ARG D 745 27.68 -34.18 -48.98
N LEU D 746 27.00 -34.25 -50.13
CA LEU D 746 26.22 -35.42 -50.49
C LEU D 746 27.10 -36.60 -50.85
N ARG D 747 28.12 -36.36 -51.68
CA ARG D 747 29.03 -37.40 -52.11
C ARG D 747 30.30 -37.31 -51.27
N GLY D 748 31.36 -37.97 -51.72
CA GLY D 748 32.66 -37.89 -51.05
C GLY D 748 33.38 -36.58 -51.37
N HIS D 749 34.64 -36.49 -50.96
CA HIS D 749 35.44 -35.29 -51.15
C HIS D 749 35.51 -34.99 -52.63
N ASN D 750 35.82 -36.01 -53.42
CA ASN D 750 35.71 -35.96 -54.86
C ASN D 750 34.76 -37.09 -55.27
N GLU D 751 34.56 -37.26 -56.58
CA GLU D 751 33.54 -38.17 -57.06
C GLU D 751 34.10 -39.59 -57.22
N ALA D 752 35.29 -39.83 -56.70
CA ALA D 752 35.90 -41.15 -56.80
C ALA D 752 36.18 -41.73 -55.41
N ASP D 753 35.64 -41.12 -54.36
CA ASP D 753 35.98 -41.48 -52.99
C ASP D 753 34.75 -42.01 -52.26
N ASP D 754 34.98 -42.91 -51.30
CA ASP D 754 33.91 -43.51 -50.52
C ASP D 754 33.96 -43.01 -49.09
N PRO D 755 33.00 -42.15 -48.65
CA PRO D 755 33.05 -41.55 -47.32
C PRO D 755 32.60 -42.42 -46.16
N SER D 756 32.08 -43.62 -46.44
CA SER D 756 31.53 -44.50 -45.43
C SER D 756 32.64 -45.17 -44.63
N MET D 757 33.84 -45.26 -45.21
CA MET D 757 34.93 -45.96 -44.57
C MET D 757 35.28 -45.30 -43.23
N THR D 758 35.18 -43.97 -43.17
CA THR D 758 35.65 -43.21 -42.02
C THR D 758 34.51 -42.52 -41.29
N GLN D 759 33.38 -42.26 -41.96
CA GLN D 759 32.25 -41.61 -41.33
C GLN D 759 30.99 -42.42 -41.60
N PRO D 760 30.81 -43.62 -40.99
CA PRO D 760 29.64 -44.46 -41.26
C PRO D 760 28.29 -43.90 -40.82
N LYS D 761 28.25 -43.34 -39.61
CA LYS D 761 26.99 -42.97 -39.00
C LYS D 761 26.43 -41.70 -39.62
N MET D 762 27.32 -40.79 -40.02
CA MET D 762 26.92 -39.52 -40.58
C MET D 762 26.29 -39.75 -41.95
N TYR D 763 26.77 -40.75 -42.68
CA TYR D 763 26.32 -40.98 -44.05
C TYR D 763 25.15 -41.96 -44.08
N GLU D 764 24.68 -42.42 -42.91
CA GLU D 764 23.37 -43.05 -42.81
C GLU D 764 22.28 -42.00 -42.87
N LEU D 765 22.54 -40.82 -42.30
CA LEU D 765 21.58 -39.74 -42.30
C LEU D 765 21.50 -39.05 -43.67
N ILE D 766 22.58 -39.09 -44.45
CA ILE D 766 22.67 -38.28 -45.66
C ILE D 766 22.08 -39.02 -46.84
N THR D 767 22.39 -40.32 -46.96
CA THR D 767 21.99 -41.09 -48.12
C THR D 767 20.48 -41.25 -48.15
N GLY D 768 19.87 -40.81 -49.25
CA GLY D 768 18.45 -41.05 -49.49
C GLY D 768 17.56 -39.93 -48.97
N ARG D 769 18.12 -38.75 -48.69
CA ARG D 769 17.33 -37.59 -48.35
C ARG D 769 16.66 -37.05 -49.60
N GLU D 770 15.75 -36.10 -49.43
CA GLU D 770 15.20 -35.37 -50.56
C GLU D 770 15.86 -34.00 -50.60
N THR D 771 16.05 -33.48 -51.81
CA THR D 771 16.87 -32.31 -52.06
C THR D 771 16.11 -31.05 -51.66
N VAL D 772 16.82 -29.92 -51.65
CA VAL D 772 16.26 -28.66 -51.22
C VAL D 772 15.30 -28.14 -52.27
N ARG D 773 15.54 -28.47 -53.54
CA ARG D 773 14.66 -28.09 -54.62
C ARG D 773 13.32 -28.82 -54.50
N ALA D 774 13.38 -30.10 -54.19
CA ALA D 774 12.19 -30.91 -54.02
C ALA D 774 11.34 -30.38 -52.88
N GLN D 775 11.97 -30.12 -51.74
CA GLN D 775 11.25 -29.68 -50.55
C GLN D 775 10.57 -28.34 -50.80
N TYR D 776 11.24 -27.44 -51.50
CA TYR D 776 10.70 -26.10 -51.71
C TYR D 776 9.53 -26.16 -52.69
N THR D 777 9.63 -27.03 -53.70
CA THR D 777 8.54 -27.17 -54.66
C THR D 777 7.29 -27.70 -53.99
N GLU D 778 7.48 -28.65 -53.07
CA GLU D 778 6.38 -29.27 -52.35
C GLU D 778 5.69 -28.23 -51.48
N ASP D 779 6.49 -27.34 -50.87
CA ASP D 779 5.97 -26.32 -49.97
C ASP D 779 5.09 -25.34 -50.72
N LEU D 780 5.56 -24.85 -51.88
CA LEU D 780 4.85 -23.84 -52.62
C LEU D 780 3.53 -24.39 -53.17
N LEU D 781 3.54 -25.64 -53.66
CA LEU D 781 2.33 -26.27 -54.15
C LEU D 781 1.33 -26.45 -53.02
N GLY D 782 1.84 -26.71 -51.82
CA GLY D 782 0.99 -26.89 -50.65
C GLY D 782 0.26 -25.62 -50.26
N ARG D 783 0.94 -24.47 -50.32
CA ARG D 783 0.38 -23.21 -49.88
C ARG D 783 -0.36 -22.52 -51.03
N GLY D 784 -0.39 -23.16 -52.20
CA GLY D 784 -1.18 -22.67 -53.31
C GLY D 784 -0.54 -21.48 -54.02
N ASP D 785 0.80 -21.39 -53.93
CA ASP D 785 1.54 -20.26 -54.46
C ASP D 785 2.04 -20.56 -55.87
N LEU D 786 1.85 -21.79 -56.34
CA LEU D 786 2.36 -22.21 -57.65
C LEU D 786 1.48 -23.33 -58.20
N SER D 787 1.32 -23.36 -59.53
CA SER D 787 0.56 -24.41 -60.19
C SER D 787 1.48 -25.54 -60.62
N ASN D 788 0.91 -26.67 -61.04
CA ASN D 788 1.69 -27.82 -61.43
C ASN D 788 2.27 -27.63 -62.83
N GLU D 789 1.52 -26.98 -63.71
CA GLU D 789 1.99 -26.71 -65.06
C GLU D 789 3.23 -25.83 -64.99
N ASP D 790 3.21 -24.82 -64.11
CA ASP D 790 4.34 -23.93 -63.93
C ASP D 790 5.54 -24.72 -63.41
N ALA D 791 5.31 -25.57 -62.42
CA ALA D 791 6.37 -26.30 -61.76
C ALA D 791 7.08 -27.23 -62.75
N GLU D 792 6.34 -27.75 -63.73
CA GLU D 792 6.90 -28.72 -64.66
C GLU D 792 7.64 -28.01 -65.79
N ALA D 793 7.16 -26.82 -66.15
CA ALA D 793 7.79 -26.05 -67.21
C ALA D 793 9.18 -25.60 -66.79
N VAL D 794 9.32 -25.19 -65.52
CA VAL D 794 10.59 -24.71 -65.00
C VAL D 794 11.67 -25.76 -65.24
N VAL D 795 11.34 -27.03 -65.02
CA VAL D 795 12.30 -28.10 -65.15
C VAL D 795 12.58 -28.38 -66.63
N ARG D 796 11.52 -28.50 -67.43
CA ARG D 796 11.64 -28.96 -68.80
C ARG D 796 12.45 -27.96 -69.62
N ASP D 797 12.21 -26.68 -69.42
CA ASP D 797 12.82 -25.65 -70.26
C ASP D 797 14.34 -25.66 -70.10
N PHE D 798 14.82 -25.77 -68.85
CA PHE D 798 16.25 -25.70 -68.57
C PHE D 798 16.97 -26.91 -69.13
N HIS D 799 16.33 -28.08 -69.07
CA HIS D 799 16.96 -29.30 -69.55
C HIS D 799 17.10 -29.27 -71.06
N ASP D 800 16.12 -28.66 -71.74
CA ASP D 800 16.16 -28.55 -73.19
C ASP D 800 17.32 -27.67 -73.62
N GLN D 801 17.52 -26.57 -72.89
CA GLN D 801 18.60 -25.62 -73.19
C GLN D 801 19.95 -26.33 -73.12
N MET D 802 20.17 -27.15 -72.08
CA MET D 802 21.45 -27.79 -71.86
C MET D 802 21.70 -28.86 -72.91
N GLU D 803 20.65 -29.60 -73.26
CA GLU D 803 20.77 -30.67 -74.26
C GLU D 803 21.13 -30.09 -75.62
N SER D 804 20.55 -28.93 -75.94
CA SER D 804 20.81 -28.26 -77.20
C SER D 804 22.28 -27.93 -77.36
N VAL D 805 22.85 -27.28 -76.35
CA VAL D 805 24.22 -26.81 -76.40
C VAL D 805 25.17 -28.01 -76.46
N PHE D 806 24.87 -29.06 -75.71
CA PHE D 806 25.73 -30.22 -75.64
C PHE D 806 25.89 -30.86 -77.01
N ASN D 807 24.78 -30.99 -77.74
CA ASN D 807 24.79 -31.63 -79.04
C ASN D 807 25.61 -30.79 -80.02
N GLU D 808 25.46 -29.48 -79.94
CA GLU D 808 26.18 -28.56 -80.82
C GLU D 808 27.68 -28.70 -80.63
N VAL D 809 28.11 -28.96 -79.39
CA VAL D 809 29.53 -29.02 -79.04
C VAL D 809 30.13 -30.32 -79.56
N LYS D 810 29.31 -31.36 -79.71
CA LYS D 810 29.81 -32.70 -80.03
C LYS D 810 29.83 -32.90 -81.54
N GLU D 811 29.19 -32.00 -82.30
CA GLU D 811 29.22 -32.05 -83.75
C GLU D 811 30.65 -31.77 -84.24
N GLY D 812 31.25 -30.69 -83.72
CA GLY D 812 32.64 -30.38 -84.01
C GLY D 812 33.57 -31.45 -83.47
N GLY D 813 34.53 -31.87 -84.31
CA GLY D 813 35.44 -32.96 -83.97
C GLY D 813 36.47 -32.55 -82.92
N LYS D 814 37.06 -33.54 -82.25
CA LYS D 814 38.06 -33.31 -81.21
C LYS D 814 39.44 -33.19 -81.85
N LYS D 815 40.19 -32.16 -81.44
CA LYS D 815 41.54 -31.94 -81.91
C LYS D 815 42.49 -32.86 -81.15
N GLN D 816 43.70 -33.05 -81.69
CA GLN D 816 44.73 -33.86 -81.07
C GLN D 816 45.71 -32.95 -80.34
N ALA D 817 46.47 -33.53 -79.41
CA ALA D 817 47.37 -32.79 -78.55
C ALA D 817 48.53 -32.22 -79.35
N GLU D 818 49.06 -31.09 -78.88
CA GLU D 818 50.16 -30.40 -79.53
C GLU D 818 51.06 -29.81 -78.45
N ALA D 819 52.38 -29.79 -78.71
CA ALA D 819 53.35 -29.39 -77.72
C ALA D 819 53.25 -27.89 -77.45
N GLN D 820 53.59 -27.49 -76.22
CA GLN D 820 53.55 -26.11 -75.78
C GLN D 820 54.95 -25.51 -75.90
N THR D 821 55.03 -24.32 -76.49
CA THR D 821 56.28 -23.79 -77.02
C THR D 821 57.05 -23.00 -75.97
N GLY D 822 56.35 -22.13 -75.22
CA GLY D 822 56.99 -21.30 -74.20
C GLY D 822 56.57 -19.83 -74.34
N ILE D 823 56.87 -19.02 -73.33
CA ILE D 823 56.37 -17.66 -73.28
C ILE D 823 57.52 -16.65 -73.40
N THR D 824 58.70 -17.09 -73.83
CA THR D 824 59.88 -16.25 -73.81
C THR D 824 59.72 -15.04 -74.73
N GLY D 825 59.14 -15.25 -75.91
CA GLY D 825 59.06 -14.21 -76.93
C GLY D 825 57.66 -13.66 -77.11
N SER D 826 56.81 -13.81 -76.11
CA SER D 826 55.41 -13.41 -76.21
C SER D 826 55.25 -11.93 -75.89
N GLN D 827 56.29 -11.29 -75.37
CA GLN D 827 56.29 -9.85 -75.13
C GLN D 827 57.59 -9.25 -75.66
N LYS D 828 57.50 -7.99 -76.14
CA LYS D 828 58.61 -7.33 -76.81
C LYS D 828 59.46 -6.56 -75.80
N LEU D 829 60.73 -6.36 -76.17
CA LEU D 829 61.68 -5.62 -75.36
C LEU D 829 61.78 -4.19 -75.88
N PRO D 830 61.99 -3.18 -75.00
CA PRO D 830 62.03 -1.77 -75.41
C PRO D 830 63.37 -1.38 -76.04
N HIS D 831 63.51 -1.63 -77.33
CA HIS D 831 64.73 -1.31 -78.05
C HIS D 831 64.79 0.18 -78.36
N GLY D 832 65.87 0.82 -77.93
CA GLY D 832 66.14 2.21 -78.26
C GLY D 832 65.28 3.18 -77.47
N LEU D 833 65.14 2.93 -76.16
CA LEU D 833 64.41 3.81 -75.27
C LEU D 833 65.40 4.55 -74.39
N GLU D 834 65.21 5.87 -74.23
CA GLU D 834 66.13 6.70 -73.47
C GLU D 834 65.47 7.14 -72.17
N THR D 835 66.24 7.14 -71.08
CA THR D 835 65.68 7.23 -69.74
C THR D 835 66.31 8.37 -68.95
N ASN D 836 66.92 9.34 -69.63
CA ASN D 836 67.53 10.48 -68.98
C ASN D 836 66.50 11.60 -68.84
N ILE D 837 66.66 12.44 -67.82
CA ILE D 837 65.81 13.61 -67.64
C ILE D 837 66.62 14.86 -67.97
N SER D 838 65.94 16.00 -68.10
CA SER D 838 66.58 17.27 -68.41
C SER D 838 67.16 17.90 -67.15
N ARG D 839 68.01 18.90 -67.32
CA ARG D 839 68.68 19.56 -66.22
C ARG D 839 67.68 20.42 -65.45
N GLU D 840 66.67 20.94 -66.14
CA GLU D 840 65.64 21.75 -65.52
C GLU D 840 64.82 20.89 -64.57
N GLU D 841 64.49 19.67 -65.00
CA GLU D 841 63.71 18.74 -64.21
C GLU D 841 64.46 18.34 -62.94
N LEU D 842 65.78 18.18 -63.04
CA LEU D 842 66.57 17.71 -61.92
C LEU D 842 66.65 18.78 -60.84
N LEU D 843 66.73 20.05 -61.23
CA LEU D 843 66.83 21.13 -60.26
C LEU D 843 65.51 21.33 -59.54
N GLU D 844 64.40 21.11 -60.25
CA GLU D 844 63.08 21.30 -59.67
C GLU D 844 62.84 20.26 -58.59
N LEU D 845 63.27 19.02 -58.84
CA LEU D 845 63.12 17.93 -57.87
C LEU D 845 63.92 18.26 -56.63
N GLY D 846 65.13 18.78 -56.81
CA GLY D 846 65.98 19.14 -55.69
C GLY D 846 65.36 20.25 -54.84
N GLN D 847 64.67 21.18 -55.49
CA GLN D 847 64.14 22.36 -54.81
C GLN D 847 62.87 22.04 -54.05
N ALA D 848 62.35 20.82 -54.18
CA ALA D 848 61.12 20.43 -53.51
C ALA D 848 61.35 20.30 -52.01
N PHE D 849 62.59 20.07 -51.61
CA PHE D 849 62.92 19.87 -50.22
C PHE D 849 63.23 21.19 -49.52
N ALA D 850 63.14 22.32 -50.25
CA ALA D 850 63.30 23.64 -49.67
C ALA D 850 61.98 24.38 -49.57
N ASN D 851 60.97 23.99 -50.36
CA ASN D 851 59.68 24.62 -50.31
C ASN D 851 58.85 24.03 -49.19
N THR D 852 59.22 24.33 -47.95
CA THR D 852 58.49 23.84 -46.79
C THR D 852 57.22 24.63 -46.63
N PRO D 853 56.17 24.11 -45.97
CA PRO D 853 54.98 24.89 -45.66
C PRO D 853 55.25 26.07 -44.73
N GLU D 854 54.17 26.73 -44.28
CA GLU D 854 54.25 28.08 -43.76
C GLU D 854 55.02 28.10 -42.45
N GLY D 855 54.62 27.30 -41.47
CA GLY D 855 55.31 27.35 -40.19
C GLY D 855 56.02 26.05 -39.83
N PHE D 856 56.63 25.40 -40.81
CA PHE D 856 57.20 24.06 -40.65
C PHE D 856 58.69 24.17 -40.47
N ASN D 857 59.25 23.38 -39.57
CA ASN D 857 60.68 23.23 -39.42
C ASN D 857 61.03 21.75 -39.29
N TYR D 858 62.19 21.36 -39.82
CA TYR D 858 62.67 20.00 -39.75
C TYR D 858 63.26 19.72 -38.37
N HIS D 859 63.39 18.44 -38.02
CA HIS D 859 64.07 17.98 -36.83
C HIS D 859 65.55 18.21 -37.03
N PRO D 860 66.34 18.55 -35.98
CA PRO D 860 67.75 18.85 -36.14
C PRO D 860 68.63 17.82 -36.83
N ARG D 861 68.24 16.55 -36.77
CA ARG D 861 69.05 15.46 -37.29
C ARG D 861 68.57 15.08 -38.68
N VAL D 862 67.50 15.71 -39.17
CA VAL D 862 66.97 15.50 -40.50
C VAL D 862 67.32 16.70 -41.40
N ALA D 863 67.58 17.87 -40.80
CA ALA D 863 67.79 19.08 -41.56
C ALA D 863 69.02 18.98 -42.44
N PRO D 864 70.15 18.43 -41.97
CA PRO D 864 71.31 18.22 -42.82
C PRO D 864 71.08 17.39 -44.09
N VAL D 865 70.18 16.41 -44.01
CA VAL D 865 69.87 15.55 -45.14
C VAL D 865 69.11 16.34 -46.20
N ALA D 866 68.19 17.20 -45.76
CA ALA D 866 67.41 18.01 -46.68
C ALA D 866 68.31 19.03 -47.39
N LYS D 867 69.26 19.61 -46.68
CA LYS D 867 70.14 20.59 -47.28
C LYS D 867 71.00 19.95 -48.35
N LYS D 868 71.50 18.75 -48.07
CA LYS D 868 72.40 18.06 -48.99
C LYS D 868 71.64 17.69 -50.26
N ARG D 869 70.34 17.40 -50.14
CA ARG D 869 69.53 17.06 -51.30
C ARG D 869 69.36 18.27 -52.22
N VAL D 870 69.30 19.48 -51.65
CA VAL D 870 69.12 20.69 -52.45
C VAL D 870 70.41 21.06 -53.14
N SER D 871 71.55 20.72 -52.55
CA SER D 871 72.83 21.17 -53.07
C SER D 871 73.46 20.16 -54.01
N SER D 872 73.09 18.90 -53.90
CA SER D 872 73.78 17.83 -54.61
C SER D 872 73.43 17.85 -56.09
N VAL D 873 72.26 18.37 -56.44
CA VAL D 873 71.79 18.30 -57.81
C VAL D 873 72.55 19.29 -58.67
N THR D 874 73.51 20.02 -58.09
CA THR D 874 74.37 20.89 -58.87
C THR D 874 75.83 20.71 -58.52
N GLU D 875 76.17 20.12 -57.38
CA GLU D 875 77.55 20.03 -56.95
C GLU D 875 78.07 18.60 -57.04
N GLY D 876 77.20 17.61 -56.84
CA GLY D 876 77.59 16.21 -56.95
C GLY D 876 77.37 15.48 -55.63
N GLY D 877 77.72 14.20 -55.63
CA GLY D 877 77.68 13.38 -54.43
C GLY D 877 76.27 12.94 -54.07
N ILE D 878 75.57 12.34 -55.05
CA ILE D 878 74.22 11.86 -54.84
C ILE D 878 74.31 10.43 -54.32
N ASP D 879 73.59 10.13 -53.22
CA ASP D 879 73.68 8.84 -52.57
C ASP D 879 72.55 7.93 -53.04
N TRP D 880 72.48 6.71 -52.49
CA TRP D 880 71.60 5.68 -52.98
C TRP D 880 70.15 6.09 -52.80
N ALA D 881 69.78 6.53 -51.61
CA ALA D 881 68.39 6.82 -51.30
C ALA D 881 67.86 7.93 -52.18
N TRP D 882 68.69 8.95 -52.43
CA TRP D 882 68.28 10.11 -53.20
C TRP D 882 68.14 9.73 -54.66
N GLY D 883 68.91 8.74 -55.12
CA GLY D 883 68.77 8.19 -56.45
C GLY D 883 67.43 7.50 -56.66
N GLU D 884 66.99 6.73 -55.66
CA GLU D 884 65.72 6.02 -55.74
C GLU D 884 64.55 6.99 -55.77
N LEU D 885 64.58 8.02 -54.90
CA LEU D 885 63.48 8.96 -54.80
C LEU D 885 63.40 9.83 -56.05
N LEU D 886 64.54 10.15 -56.67
CA LEU D 886 64.56 10.92 -57.89
C LEU D 886 63.80 10.18 -58.98
N ALA D 887 63.94 8.85 -59.02
CA ALA D 887 63.28 8.04 -60.02
C ALA D 887 61.76 8.06 -59.82
N PHE D 888 61.31 7.75 -58.61
CA PHE D 888 59.89 7.70 -58.34
C PHE D 888 59.26 9.07 -58.52
N GLY D 889 59.98 10.12 -58.12
CA GLY D 889 59.47 11.47 -58.23
C GLY D 889 59.27 11.91 -59.68
N SER D 890 60.24 11.60 -60.53
CA SER D 890 60.14 11.93 -61.94
C SER D 890 58.92 11.28 -62.56
N LEU D 891 58.64 10.03 -62.20
CA LEU D 891 57.54 9.29 -62.79
C LEU D 891 56.22 9.84 -62.29
N ALA D 892 56.17 10.30 -61.04
CA ALA D 892 54.95 10.88 -60.51
C ALA D 892 54.62 12.19 -61.19
N ASN D 893 55.65 12.95 -61.57
CA ASN D 893 55.46 14.23 -62.23
C ASN D 893 54.79 14.04 -63.57
N SER D 894 55.15 12.98 -64.29
CA SER D 894 54.62 12.73 -65.62
C SER D 894 53.14 12.38 -65.58
N GLY D 895 52.66 11.93 -64.42
CA GLY D 895 51.23 11.78 -64.21
C GLY D 895 50.83 10.37 -63.82
N ARG D 896 51.66 9.67 -63.06
CA ARG D 896 51.40 8.29 -62.69
C ARG D 896 51.18 8.18 -61.19
N LEU D 897 50.49 7.11 -60.79
CA LEU D 897 50.27 6.78 -59.40
C LEU D 897 51.39 5.86 -58.94
N VAL D 898 52.23 6.35 -58.02
CA VAL D 898 53.35 5.60 -57.49
C VAL D 898 53.03 5.25 -56.04
N ARG D 899 53.16 3.97 -55.68
CA ARG D 899 52.82 3.47 -54.35
C ARG D 899 53.99 2.66 -53.80
N LEU D 900 54.43 2.99 -52.57
CA LEU D 900 55.52 2.30 -51.91
C LEU D 900 55.07 1.88 -50.51
N ALA D 901 55.23 0.59 -50.18
CA ALA D 901 54.75 0.06 -48.92
C ALA D 901 55.72 -0.96 -48.35
N GLY D 902 55.79 -1.03 -47.02
CA GLY D 902 56.72 -1.92 -46.32
C GLY D 902 56.91 -1.51 -44.87
N GLU D 903 57.68 -2.30 -44.11
CA GLU D 903 57.88 -2.06 -42.69
C GLU D 903 58.87 -0.91 -42.49
N ASP D 904 58.37 0.17 -41.88
CA ASP D 904 59.17 1.33 -41.53
C ASP D 904 59.75 1.95 -42.80
N SER D 905 58.90 2.13 -43.81
CA SER D 905 59.37 2.52 -45.12
C SER D 905 59.30 4.02 -45.33
N ARG D 906 58.60 4.74 -44.45
CA ARG D 906 58.54 6.19 -44.52
C ARG D 906 59.86 6.82 -44.08
N ARG D 907 60.43 6.34 -42.97
CA ARG D 907 61.73 6.80 -42.51
C ARG D 907 62.83 6.00 -43.17
N GLY D 908 62.64 4.69 -43.25
CA GLY D 908 63.68 3.77 -43.69
C GLY D 908 64.28 3.02 -42.52
N THR D 909 64.64 1.75 -42.75
CA THR D 909 65.18 0.88 -41.72
C THR D 909 66.54 1.38 -41.28
N PHE D 910 67.30 1.93 -42.21
CA PHE D 910 68.65 2.37 -41.95
C PHE D 910 68.71 3.89 -41.86
N THR D 911 67.54 4.52 -41.65
CA THR D 911 67.42 5.95 -41.46
C THR D 911 68.01 6.67 -42.66
N GLN D 912 67.48 6.38 -43.86
CA GLN D 912 68.13 6.84 -45.06
C GLN D 912 67.16 7.52 -46.02
N ARG D 913 65.84 7.37 -45.85
CA ARG D 913 64.91 7.73 -46.90
C ARG D 913 64.27 9.08 -46.60
N HIS D 914 63.59 9.19 -45.45
CA HIS D 914 62.93 10.41 -45.05
C HIS D 914 62.05 10.93 -46.18
N ALA D 915 61.04 10.14 -46.55
CA ALA D 915 60.10 10.51 -47.59
C ALA D 915 58.99 11.37 -47.01
N VAL D 916 58.67 11.14 -45.74
CA VAL D 916 57.77 12.01 -45.01
C VAL D 916 58.50 12.48 -43.76
N ALA D 917 58.48 13.79 -43.51
CA ALA D 917 59.16 14.39 -42.38
C ALA D 917 58.14 14.91 -41.38
N ILE D 918 58.54 15.01 -40.11
CA ILE D 918 57.66 15.41 -39.02
C ILE D 918 58.29 16.55 -38.24
N ASP D 919 57.49 17.57 -37.91
CA ASP D 919 57.93 18.74 -37.16
C ASP D 919 57.91 18.41 -35.67
N PRO D 920 59.02 18.60 -34.93
CA PRO D 920 59.06 18.23 -33.52
C PRO D 920 58.14 19.00 -32.59
N ALA D 921 57.75 20.20 -33.00
CA ALA D 921 56.99 21.10 -32.16
C ALA D 921 55.50 20.85 -32.27
N THR D 922 55.02 20.48 -33.47
CA THR D 922 53.59 20.40 -33.70
C THR D 922 53.14 19.04 -34.18
N ALA D 923 54.07 18.19 -34.64
CA ALA D 923 53.76 16.87 -35.16
C ALA D 923 53.02 16.94 -36.49
N GLU D 924 53.28 17.98 -37.29
CA GLU D 924 52.73 18.11 -38.62
C GLU D 924 53.59 17.27 -39.58
N GLU D 925 52.97 16.77 -40.65
CA GLU D 925 53.65 15.92 -41.62
C GLU D 925 53.82 16.66 -42.94
N PHE D 926 54.87 16.29 -43.68
CA PHE D 926 55.19 16.93 -44.95
C PHE D 926 55.72 15.88 -45.93
N ASN D 927 55.17 15.86 -47.15
CA ASN D 927 55.56 14.93 -48.20
C ASN D 927 55.96 15.74 -49.43
N PRO D 928 57.25 16.11 -49.59
CA PRO D 928 57.68 16.98 -50.67
C PRO D 928 57.29 16.58 -52.08
N LEU D 929 57.56 15.32 -52.44
CA LEU D 929 57.44 14.88 -53.82
C LEU D 929 55.98 14.78 -54.22
N HIS D 930 55.08 14.52 -53.28
CA HIS D 930 53.66 14.46 -53.58
C HIS D 930 53.14 15.85 -53.91
N GLU D 931 53.63 16.85 -53.17
CA GLU D 931 53.25 18.24 -53.37
C GLU D 931 53.66 18.67 -54.77
N LEU D 932 54.92 18.39 -55.14
CA LEU D 932 55.45 18.82 -56.42
C LEU D 932 54.64 18.18 -57.54
N ALA D 933 54.27 16.92 -57.38
CA ALA D 933 53.58 16.19 -58.43
C ALA D 933 52.20 16.79 -58.66
N GLN D 934 51.53 17.20 -57.59
CA GLN D 934 50.17 17.70 -57.67
C GLN D 934 50.14 19.12 -58.19
N SER D 935 51.29 19.78 -58.28
CA SER D 935 51.37 21.14 -58.75
C SER D 935 51.88 21.21 -60.18
N LYS D 936 51.64 20.17 -60.98
CA LYS D 936 52.10 20.14 -62.36
C LYS D 936 50.96 19.80 -63.32
N GLY D 937 49.79 19.45 -62.80
CA GLY D 937 48.58 19.42 -63.61
C GLY D 937 48.46 18.18 -64.49
N ASN D 938 49.16 17.10 -64.14
CA ASN D 938 48.95 15.82 -64.76
C ASN D 938 48.27 14.85 -63.81
N ASN D 939 48.01 15.30 -62.58
CA ASN D 939 47.31 14.53 -61.57
C ASN D 939 48.10 13.29 -61.16
N GLY D 940 49.38 13.49 -60.83
CA GLY D 940 50.23 12.41 -60.36
C GLY D 940 50.23 12.36 -58.85
N LYS D 941 50.64 11.21 -58.29
CA LYS D 941 50.60 10.98 -56.86
C LYS D 941 51.82 10.18 -56.42
N PHE D 942 52.32 10.47 -55.23
CA PHE D 942 53.34 9.66 -54.58
C PHE D 942 52.85 9.30 -53.18
N LEU D 943 52.50 8.02 -52.97
CA LEU D 943 51.89 7.54 -51.74
C LEU D 943 52.83 6.59 -51.03
N VAL D 944 53.09 6.82 -49.75
CA VAL D 944 54.02 5.99 -48.98
C VAL D 944 53.33 5.54 -47.70
N TYR D 945 53.41 4.24 -47.38
CA TYR D 945 52.69 3.67 -46.25
C TYR D 945 53.61 2.77 -45.44
N ASN D 946 53.47 2.81 -44.12
CA ASN D 946 54.06 1.85 -43.20
C ASN D 946 53.10 0.68 -43.02
N SER D 947 53.55 -0.54 -43.34
CA SER D 947 52.71 -1.72 -43.26
C SER D 947 52.67 -2.25 -41.83
N ALA D 948 51.74 -3.17 -41.57
CA ALA D 948 51.76 -3.97 -40.36
C ALA D 948 52.88 -5.01 -40.46
N LEU D 949 53.09 -5.76 -39.39
CA LEU D 949 54.20 -6.69 -39.33
C LEU D 949 53.76 -8.02 -39.92
N THR D 950 53.72 -8.08 -41.25
CA THR D 950 53.36 -9.26 -42.00
C THR D 950 54.13 -9.28 -43.31
N GLU D 951 54.49 -10.47 -43.78
CA GLU D 951 55.15 -10.62 -45.07
C GLU D 951 54.22 -11.30 -46.07
N TYR D 952 53.40 -12.23 -45.60
CA TYR D 952 52.49 -13.00 -46.45
C TYR D 952 51.37 -12.09 -46.93
N ALA D 953 50.71 -11.39 -46.01
CA ALA D 953 49.62 -10.51 -46.35
C ALA D 953 50.14 -9.24 -47.03
N GLY D 954 51.31 -8.77 -46.61
CA GLY D 954 51.91 -7.57 -47.15
C GLY D 954 52.20 -7.68 -48.64
N MET D 955 52.98 -8.69 -49.02
CA MET D 955 53.41 -8.84 -50.40
C MET D 955 52.21 -9.24 -51.27
N GLY D 956 51.28 -10.00 -50.70
CA GLY D 956 50.10 -10.41 -51.42
C GLY D 956 49.25 -9.22 -51.84
N PHE D 957 49.12 -8.25 -50.94
CA PHE D 957 48.30 -7.07 -51.19
C PHE D 957 48.89 -6.26 -52.34
N GLU D 958 50.21 -6.18 -52.40
CA GLU D 958 50.87 -5.37 -53.42
C GLU D 958 50.78 -6.05 -54.78
N TYR D 959 50.87 -7.38 -54.82
CA TYR D 959 50.69 -8.11 -56.06
C TYR D 959 49.31 -7.83 -56.61
N GLY D 960 48.31 -7.87 -55.74
CA GLY D 960 46.94 -7.64 -56.15
C GLY D 960 46.74 -6.25 -56.73
N TYR D 961 47.42 -5.27 -56.13
CA TYR D 961 47.30 -3.88 -56.55
C TYR D 961 47.82 -3.74 -57.97
N SER D 962 48.88 -4.47 -58.30
CA SER D 962 49.48 -4.42 -59.62
C SER D 962 48.56 -5.02 -60.68
N VAL D 963 47.73 -5.99 -60.30
CA VAL D 963 46.83 -6.65 -61.22
C VAL D 963 45.58 -5.79 -61.41
N GLY D 964 45.17 -5.08 -60.37
CA GLY D 964 43.94 -4.30 -60.42
C GLY D 964 44.08 -2.97 -61.14
N ASN D 965 45.32 -2.45 -61.26
CA ASN D 965 45.60 -1.27 -62.04
C ASN D 965 46.92 -1.46 -62.76
N GLU D 966 46.85 -1.66 -64.07
CA GLU D 966 48.01 -2.03 -64.87
C GLU D 966 48.94 -0.84 -65.10
N ASP D 967 48.47 0.38 -64.84
CA ASP D 967 49.19 1.58 -65.20
C ASP D 967 49.82 2.25 -63.98
N SER D 968 49.86 1.54 -62.85
CA SER D 968 50.46 2.08 -61.63
C SER D 968 51.84 1.51 -61.43
N ILE D 969 52.67 2.21 -60.65
CA ILE D 969 53.99 1.73 -60.27
C ILE D 969 53.93 1.34 -58.80
N VAL D 970 54.15 0.05 -58.49
CA VAL D 970 54.01 -0.47 -57.14
C VAL D 970 55.31 -1.13 -56.71
N ALA D 971 55.71 -0.91 -55.45
CA ALA D 971 56.91 -1.50 -54.90
C ALA D 971 56.70 -1.94 -53.47
N TRP D 972 57.09 -3.18 -53.15
CA TRP D 972 57.08 -3.72 -51.81
C TRP D 972 58.51 -3.85 -51.30
N GLU D 973 58.74 -3.43 -50.04
CA GLU D 973 60.04 -3.46 -49.45
C GLU D 973 60.03 -4.37 -48.22
N ALA D 974 61.13 -5.10 -48.04
CA ALA D 974 61.33 -5.93 -46.87
C ALA D 974 62.34 -5.28 -45.95
N GLN D 975 62.16 -5.46 -44.63
CA GLN D 975 63.04 -4.84 -43.66
C GLN D 975 64.44 -5.38 -43.87
N PHE D 976 64.55 -6.71 -43.93
CA PHE D 976 65.72 -7.38 -44.47
C PHE D 976 65.24 -8.46 -45.43
N GLY D 977 66.06 -8.79 -46.43
CA GLY D 977 65.68 -9.75 -47.44
C GLY D 977 65.55 -11.16 -46.90
N ASP D 978 65.99 -11.39 -45.67
CA ASP D 978 65.96 -12.69 -45.04
C ASP D 978 64.56 -13.06 -44.57
N PHE D 979 63.66 -12.09 -44.46
CA PHE D 979 62.33 -12.34 -43.93
C PHE D 979 61.34 -12.59 -45.06
N ALA D 980 61.81 -12.69 -46.30
CA ALA D 980 60.91 -12.86 -47.44
C ALA D 980 60.47 -14.31 -47.61
N ASN D 981 61.11 -15.25 -46.90
CA ASN D 981 60.72 -16.64 -46.96
C ASN D 981 59.39 -16.87 -46.25
N GLY D 982 58.92 -15.88 -45.50
CA GLY D 982 57.60 -15.94 -44.90
C GLY D 982 56.49 -15.63 -45.89
N ALA D 983 56.85 -15.24 -47.12
CA ALA D 983 55.90 -15.02 -48.18
C ALA D 983 56.19 -15.92 -49.37
N GLN D 984 56.66 -17.13 -49.10
CA GLN D 984 57.13 -18.02 -50.14
C GLN D 984 55.97 -18.47 -51.03
N THR D 985 54.79 -18.67 -50.44
CA THR D 985 53.63 -19.10 -51.19
C THR D 985 53.32 -18.10 -52.30
N ILE D 986 53.35 -16.80 -51.99
CA ILE D 986 53.06 -15.78 -52.97
C ILE D 986 54.12 -15.77 -54.06
N ILE D 987 55.40 -15.89 -53.67
CA ILE D 987 56.49 -15.85 -54.64
C ILE D 987 56.35 -17.00 -55.62
N ASP D 988 56.00 -18.19 -55.12
CA ASP D 988 56.04 -19.41 -55.91
C ASP D 988 54.79 -19.57 -56.76
N GLU D 989 53.65 -19.09 -56.28
CA GLU D 989 52.37 -19.45 -56.89
C GLU D 989 51.82 -18.31 -57.73
N TYR D 990 52.19 -17.06 -57.43
CA TYR D 990 51.64 -15.91 -58.14
C TYR D 990 52.71 -15.18 -58.94
N VAL D 991 53.78 -14.72 -58.28
CA VAL D 991 54.73 -13.79 -58.87
C VAL D 991 55.55 -14.48 -59.95
N SER D 992 56.02 -15.68 -59.66
CA SER D 992 56.98 -16.36 -60.51
C SER D 992 56.31 -17.06 -61.68
N SER D 993 55.02 -17.43 -61.54
CA SER D 993 54.43 -18.41 -62.44
C SER D 993 53.01 -18.05 -62.89
N GLY D 994 52.57 -16.83 -62.67
CA GLY D 994 51.20 -16.46 -62.98
C GLY D 994 50.93 -16.32 -64.47
N GLU D 995 51.92 -15.85 -65.23
CA GLU D 995 51.75 -15.60 -66.65
C GLU D 995 51.65 -16.93 -67.40
N ALA D 996 52.48 -17.89 -67.02
CA ALA D 996 52.52 -19.18 -67.70
C ALA D 996 51.26 -19.99 -67.41
N LYS D 997 50.63 -19.78 -66.26
CA LYS D 997 49.51 -20.61 -65.87
C LYS D 997 48.19 -20.01 -66.34
N TRP D 998 47.99 -18.70 -66.14
CA TRP D 998 46.68 -18.10 -66.39
C TRP D 998 46.74 -16.95 -67.40
N GLY D 999 47.93 -16.50 -67.77
CA GLY D 999 48.04 -15.35 -68.66
C GLY D 999 47.81 -14.03 -67.93
N GLN D 1000 48.07 -14.02 -66.62
CA GLN D 1000 47.93 -12.84 -65.80
C GLN D 1000 49.30 -12.20 -65.64
N THR D 1001 49.42 -10.91 -66.00
CA THR D 1001 50.69 -10.22 -66.02
C THR D 1001 50.78 -9.21 -64.89
N SER D 1002 52.01 -8.92 -64.44
CA SER D 1002 52.26 -7.98 -63.35
C SER D 1002 53.60 -7.28 -63.53
N LYS D 1003 53.73 -6.09 -62.95
CA LYS D 1003 54.98 -5.35 -62.95
C LYS D 1003 55.36 -4.93 -61.54
N LEU D 1004 55.25 -5.84 -60.57
CA LEU D 1004 55.58 -5.56 -59.20
C LEU D 1004 57.08 -5.43 -59.06
N ILE D 1005 57.54 -4.56 -58.15
CA ILE D 1005 58.94 -4.41 -57.84
C ILE D 1005 59.17 -4.90 -56.41
N LEU D 1006 60.13 -5.81 -56.23
CA LEU D 1006 60.53 -6.24 -54.90
C LEU D 1006 61.90 -5.65 -54.58
N LEU D 1007 61.98 -4.91 -53.47
CA LEU D 1007 63.23 -4.32 -52.98
C LEU D 1007 63.68 -5.09 -51.74
N LEU D 1008 64.78 -5.85 -51.86
CA LEU D 1008 65.20 -6.80 -50.83
C LEU D 1008 66.63 -6.49 -50.40
N PRO D 1009 66.88 -5.90 -49.21
CA PRO D 1009 68.24 -5.67 -48.72
C PRO D 1009 69.12 -6.90 -48.58
N HIS D 1010 70.42 -6.75 -48.89
CA HIS D 1010 71.32 -7.88 -49.03
C HIS D 1010 72.76 -7.43 -48.78
N GLY D 1011 73.55 -8.23 -48.07
CA GLY D 1011 74.96 -7.95 -47.89
C GLY D 1011 75.55 -8.70 -46.71
N TYR D 1012 76.80 -9.13 -46.84
CA TYR D 1012 77.52 -9.83 -45.79
C TYR D 1012 78.40 -8.84 -45.05
N GLU D 1013 78.01 -8.48 -43.83
CA GLU D 1013 78.65 -7.41 -43.08
C GLU D 1013 78.86 -7.76 -41.61
N GLY D 1014 78.53 -8.97 -41.18
CA GLY D 1014 78.87 -9.43 -39.84
C GLY D 1014 77.74 -9.27 -38.83
N GLN D 1015 76.48 -9.25 -39.27
CA GLN D 1015 75.36 -9.06 -38.37
C GLN D 1015 74.67 -10.39 -38.06
N GLY D 1016 75.13 -11.49 -38.65
CA GLY D 1016 74.66 -12.81 -38.27
C GLY D 1016 73.81 -13.47 -39.35
N PRO D 1017 73.37 -14.73 -39.16
CA PRO D 1017 72.69 -15.49 -40.19
C PRO D 1017 71.28 -15.09 -40.63
N ASP D 1018 70.61 -14.21 -39.88
CA ASP D 1018 69.29 -13.76 -40.26
C ASP D 1018 69.29 -12.27 -40.58
N HIS D 1019 70.46 -11.73 -40.94
CA HIS D 1019 70.58 -10.36 -41.40
C HIS D 1019 71.70 -10.27 -42.42
N SER D 1020 71.73 -11.19 -43.40
CA SER D 1020 72.85 -11.26 -44.32
C SER D 1020 72.46 -11.59 -45.77
N SER D 1021 71.51 -12.50 -46.00
CA SER D 1021 71.28 -13.00 -47.36
C SER D 1021 69.80 -13.04 -47.71
N ALA D 1022 69.46 -12.49 -48.87
CA ALA D 1022 68.11 -12.53 -49.40
C ALA D 1022 67.88 -13.76 -50.27
N ARG D 1023 68.88 -14.66 -50.36
CA ARG D 1023 68.75 -15.93 -51.04
C ARG D 1023 68.61 -15.70 -52.55
N ILE D 1024 69.71 -15.26 -53.16
CA ILE D 1024 69.76 -15.00 -54.59
C ILE D 1024 69.59 -16.31 -55.35
N GLU D 1025 70.18 -17.39 -54.82
CA GLU D 1025 70.18 -18.68 -55.49
C GLU D 1025 68.74 -19.20 -55.68
N ARG D 1026 67.85 -18.88 -54.74
CA ARG D 1026 66.50 -19.39 -54.79
C ARG D 1026 65.72 -18.68 -55.89
N PHE D 1027 65.92 -17.37 -56.05
CA PHE D 1027 65.24 -16.61 -57.07
C PHE D 1027 65.74 -17.02 -58.45
N LEU D 1028 67.02 -17.35 -58.58
CA LEU D 1028 67.57 -17.71 -59.87
C LEU D 1028 67.12 -19.10 -60.30
N GLN D 1029 66.73 -19.96 -59.35
CA GLN D 1029 66.16 -21.26 -59.67
C GLN D 1029 64.81 -21.09 -60.35
N LEU D 1030 63.98 -20.16 -59.84
CA LEU D 1030 62.62 -19.97 -60.31
C LEU D 1030 62.58 -19.37 -61.71
N CYS D 1031 63.68 -18.77 -62.16
CA CYS D 1031 63.71 -18.07 -63.44
C CYS D 1031 63.86 -19.05 -64.61
N ALA D 1032 62.97 -18.91 -65.60
CA ALA D 1032 63.04 -19.63 -66.86
C ALA D 1032 62.05 -19.02 -67.82
N GLU D 1033 62.35 -19.07 -69.12
CA GLU D 1033 61.49 -18.53 -70.16
C GLU D 1033 61.39 -17.01 -70.06
N GLY D 1034 62.40 -16.37 -69.48
CA GLY D 1034 62.38 -14.93 -69.29
C GLY D 1034 61.18 -14.47 -68.47
N SER D 1035 60.97 -15.09 -67.32
CA SER D 1035 59.77 -14.88 -66.53
C SER D 1035 59.86 -13.58 -65.74
N MET D 1036 61.05 -13.26 -65.19
CA MET D 1036 61.24 -12.02 -64.47
C MET D 1036 62.69 -11.58 -64.52
N THR D 1037 62.92 -10.30 -64.18
CA THR D 1037 64.22 -9.65 -64.22
C THR D 1037 64.82 -9.60 -62.83
N VAL D 1038 66.12 -9.95 -62.70
CA VAL D 1038 66.82 -9.96 -61.43
C VAL D 1038 68.11 -9.17 -61.56
N ALA D 1039 68.38 -8.25 -60.62
CA ALA D 1039 69.47 -7.30 -60.73
C ALA D 1039 70.07 -6.95 -59.37
N GLN D 1040 71.32 -6.48 -59.38
CA GLN D 1040 72.04 -6.05 -58.19
C GLN D 1040 72.97 -4.90 -58.54
N PRO D 1041 72.48 -3.65 -58.68
CA PRO D 1041 73.31 -2.55 -59.15
C PRO D 1041 74.27 -1.98 -58.12
N SER D 1042 75.28 -1.24 -58.59
CA SER D 1042 76.40 -0.82 -57.77
C SER D 1042 76.55 0.70 -57.67
N THR D 1043 75.71 1.47 -58.37
CA THR D 1043 75.77 2.92 -58.30
C THR D 1043 74.36 3.49 -58.31
N PRO D 1044 74.09 4.59 -57.57
CA PRO D 1044 72.77 5.21 -57.56
C PRO D 1044 72.15 5.57 -58.90
N ALA D 1045 72.96 6.01 -59.85
CA ALA D 1045 72.47 6.41 -61.15
C ALA D 1045 71.97 5.21 -61.93
N ASN D 1046 72.61 4.07 -61.73
CA ASN D 1046 72.24 2.87 -62.45
C ASN D 1046 70.91 2.35 -61.91
N HIS D 1047 70.70 2.47 -60.60
CA HIS D 1047 69.44 2.11 -59.97
C HIS D 1047 68.33 2.97 -60.55
N PHE D 1048 68.64 4.24 -60.80
CA PHE D 1048 67.70 5.21 -61.34
C PHE D 1048 67.26 4.76 -62.72
N HIS D 1049 68.22 4.37 -63.55
CA HIS D 1049 67.95 4.03 -64.93
C HIS D 1049 67.19 2.71 -65.04
N LEU D 1050 67.46 1.77 -64.15
CA LEU D 1050 66.80 0.47 -64.14
C LEU D 1050 65.32 0.65 -63.84
N LEU D 1051 64.99 1.45 -62.83
CA LEU D 1051 63.62 1.65 -62.42
C LEU D 1051 62.84 2.32 -63.53
N ARG D 1052 63.44 3.32 -64.20
CA ARG D 1052 62.74 4.09 -65.21
C ARG D 1052 62.54 3.28 -66.48
N ARG D 1053 63.47 2.38 -66.81
CA ARG D 1053 63.31 1.54 -67.97
C ARG D 1053 62.12 0.62 -67.77
N HIS D 1054 61.98 0.07 -66.56
CA HIS D 1054 60.92 -0.85 -66.24
C HIS D 1054 59.57 -0.17 -66.37
N ALA D 1055 59.48 1.08 -65.92
CA ALA D 1055 58.23 1.79 -65.85
C ALA D 1055 57.74 2.24 -67.22
N LEU D 1056 58.66 2.58 -68.12
CA LEU D 1056 58.30 3.21 -69.39
C LEU D 1056 58.22 2.19 -70.52
N SER D 1057 58.59 0.92 -70.27
CA SER D 1057 58.58 -0.09 -71.30
C SER D 1057 57.18 -0.70 -71.44
N ASP D 1058 57.06 -1.71 -72.31
CA ASP D 1058 55.81 -2.41 -72.52
C ASP D 1058 56.01 -3.91 -72.26
N LEU D 1059 56.99 -4.23 -71.41
CA LEU D 1059 57.26 -5.60 -70.99
C LEU D 1059 56.69 -5.79 -69.59
N LYS D 1060 55.59 -6.52 -69.49
CA LYS D 1060 54.83 -6.61 -68.26
C LYS D 1060 55.24 -7.85 -67.48
N ARG D 1061 56.42 -7.77 -66.83
CA ARG D 1061 56.93 -8.84 -66.01
C ARG D 1061 57.56 -8.24 -64.76
N PRO D 1062 57.65 -8.96 -63.63
CA PRO D 1062 58.22 -8.43 -62.40
C PRO D 1062 59.70 -8.08 -62.42
N LEU D 1063 60.15 -7.33 -61.39
CA LEU D 1063 61.53 -6.92 -61.22
C LEU D 1063 61.96 -7.13 -59.78
N VAL D 1064 63.07 -7.84 -59.57
CA VAL D 1064 63.59 -8.13 -58.25
C VAL D 1064 64.96 -7.49 -58.13
N ILE D 1065 65.14 -6.59 -57.15
CA ILE D 1065 66.37 -5.84 -56.96
C ILE D 1065 66.93 -6.12 -55.58
N PHE D 1066 68.24 -6.41 -55.51
CA PHE D 1066 68.94 -6.64 -54.27
C PHE D 1066 69.67 -5.37 -53.87
N THR D 1067 69.21 -4.71 -52.80
CA THR D 1067 69.62 -3.35 -52.45
C THR D 1067 70.64 -3.39 -51.32
N PRO D 1068 71.49 -2.34 -51.14
CA PRO D 1068 72.55 -2.36 -50.15
C PRO D 1068 72.21 -1.83 -48.76
N LYS D 1069 73.13 -2.04 -47.80
CA LYS D 1069 72.92 -1.68 -46.41
C LYS D 1069 74.01 -0.73 -45.93
N SER D 1070 75.28 -1.07 -46.18
CA SER D 1070 76.41 -0.26 -45.76
C SER D 1070 76.88 0.67 -46.87
N MET D 1071 76.63 0.27 -48.11
CA MET D 1071 77.02 1.03 -49.28
C MET D 1071 76.14 2.28 -49.40
N LEU D 1072 75.08 2.35 -48.61
CA LEU D 1072 74.19 3.50 -48.61
C LEU D 1072 74.95 4.78 -48.30
N ARG D 1073 76.00 4.67 -47.47
CA ARG D 1073 76.75 5.84 -47.02
C ARG D 1073 78.23 5.73 -47.37
N ASN D 1074 78.55 5.05 -48.46
CA ASN D 1074 79.92 4.94 -48.94
C ASN D 1074 80.16 6.06 -49.94
N LYS D 1075 81.24 6.84 -49.75
CA LYS D 1075 81.47 8.03 -50.53
C LYS D 1075 82.06 7.70 -51.89
N ALA D 1076 82.59 6.49 -52.04
CA ALA D 1076 83.17 6.08 -53.31
C ALA D 1076 82.09 5.62 -54.28
N ALA D 1077 80.85 5.51 -53.80
CA ALA D 1077 79.78 4.97 -54.61
C ALA D 1077 78.84 6.06 -55.11
N ALA D 1078 79.09 7.32 -54.75
CA ALA D 1078 78.16 8.40 -55.07
C ALA D 1078 78.27 8.78 -56.54
N SER D 1079 77.25 9.49 -57.04
CA SER D 1079 77.10 9.76 -58.46
C SER D 1079 77.04 11.26 -58.73
N ALA D 1080 77.43 11.67 -59.95
CA ALA D 1080 77.44 13.06 -60.36
C ALA D 1080 76.20 13.35 -61.19
N PRO D 1081 75.76 14.62 -61.30
CA PRO D 1081 74.54 14.95 -62.04
C PRO D 1081 74.50 14.59 -63.52
N GLU D 1082 75.67 14.56 -64.16
CA GLU D 1082 75.76 14.22 -65.57
C GLU D 1082 75.26 12.80 -65.80
N ASP D 1083 75.38 11.95 -64.77
CA ASP D 1083 75.01 10.54 -64.88
C ASP D 1083 73.50 10.38 -64.94
N PHE D 1084 72.73 11.41 -64.55
CA PHE D 1084 71.28 11.37 -64.62
C PHE D 1084 70.74 12.11 -65.84
N THR D 1085 71.56 12.95 -66.49
CA THR D 1085 71.06 13.86 -67.51
C THR D 1085 71.78 13.70 -68.86
N GLU D 1086 72.96 13.08 -68.90
CA GLU D 1086 73.70 12.94 -70.14
C GLU D 1086 73.85 11.49 -70.56
N VAL D 1087 73.97 10.57 -69.59
CA VAL D 1087 73.97 9.14 -69.87
C VAL D 1087 72.54 8.71 -70.13
N THR D 1088 72.31 7.94 -71.19
CA THR D 1088 70.98 7.74 -71.74
C THR D 1088 70.34 6.43 -71.29
N LYS D 1089 71.15 5.38 -71.03
CA LYS D 1089 70.61 4.05 -70.83
C LYS D 1089 71.20 3.38 -69.58
N PHE D 1090 70.56 2.28 -69.16
CA PHE D 1090 71.02 1.41 -68.09
C PHE D 1090 72.14 0.53 -68.60
N GLN D 1091 73.13 0.26 -67.75
CA GLN D 1091 74.26 -0.56 -68.11
C GLN D 1091 74.17 -1.90 -67.40
N SER D 1092 74.34 -3.00 -68.16
CA SER D 1092 74.24 -4.34 -67.62
C SER D 1092 75.60 -4.87 -67.22
N VAL D 1093 76.65 -4.41 -67.88
CA VAL D 1093 78.02 -4.72 -67.51
C VAL D 1093 78.81 -3.42 -67.49
N ILE D 1094 79.59 -3.20 -66.43
CA ILE D 1094 80.45 -2.03 -66.30
C ILE D 1094 81.89 -2.51 -66.30
N ASN D 1095 82.67 -2.04 -67.27
CA ASN D 1095 84.05 -2.44 -67.44
C ASN D 1095 84.90 -1.64 -66.46
N ASP D 1096 86.16 -2.06 -66.27
CA ASP D 1096 87.02 -1.48 -65.26
C ASP D 1096 87.45 -0.08 -65.69
N PRO D 1097 87.19 0.97 -64.87
CA PRO D 1097 87.62 2.33 -65.20
C PRO D 1097 89.04 2.73 -64.79
N ASN D 1098 89.84 1.80 -64.28
CA ASN D 1098 91.20 2.10 -63.88
C ASN D 1098 92.16 1.11 -64.52
N VAL D 1099 92.10 1.00 -65.85
CA VAL D 1099 93.06 0.21 -66.60
C VAL D 1099 93.88 1.15 -67.48
N ALA D 1100 95.19 1.22 -67.20
CA ALA D 1100 96.11 2.07 -67.93
C ALA D 1100 96.33 1.51 -69.33
N ASP D 1101 96.80 0.26 -69.39
CA ASP D 1101 97.10 -0.40 -70.65
C ASP D 1101 96.45 -1.79 -70.66
N ALA D 1102 95.70 -2.07 -71.73
CA ALA D 1102 94.84 -3.24 -71.77
C ALA D 1102 95.61 -4.45 -72.27
N ALA D 1103 96.82 -4.24 -72.79
CA ALA D 1103 97.60 -5.33 -73.35
C ALA D 1103 98.47 -5.97 -72.28
N LYS D 1104 98.38 -5.49 -71.05
CA LYS D 1104 99.19 -6.02 -69.96
C LYS D 1104 98.33 -6.78 -68.95
N VAL D 1105 97.05 -6.98 -69.26
CA VAL D 1105 96.14 -7.66 -68.36
C VAL D 1105 96.27 -9.17 -68.58
N LYS D 1106 96.32 -9.94 -67.49
CA LYS D 1106 96.45 -11.38 -67.56
C LYS D 1106 95.47 -12.11 -66.66
N LYS D 1107 94.66 -11.38 -65.88
CA LYS D 1107 93.56 -11.97 -65.12
C LYS D 1107 92.36 -11.04 -65.17
N VAL D 1108 91.18 -11.62 -65.33
CA VAL D 1108 89.93 -10.88 -65.30
C VAL D 1108 89.09 -11.42 -64.14
N MET D 1109 88.61 -10.53 -63.28
CA MET D 1109 87.74 -10.88 -62.17
C MET D 1109 86.32 -10.44 -62.49
N LEU D 1110 85.33 -11.33 -62.29
CA LEU D 1110 83.93 -10.98 -62.41
C LEU D 1110 83.33 -10.90 -61.02
N VAL D 1111 82.55 -9.84 -60.75
CA VAL D 1111 82.01 -9.58 -59.43
C VAL D 1111 80.64 -8.95 -59.58
N SER D 1112 79.83 -9.01 -58.53
CA SER D 1112 78.53 -8.34 -58.50
C SER D 1112 78.26 -7.78 -57.11
N GLY D 1113 77.91 -6.50 -57.03
CA GLY D 1113 77.48 -5.89 -55.78
C GLY D 1113 78.59 -5.11 -55.08
N LYS D 1114 78.59 -5.16 -53.75
CA LYS D 1114 79.38 -4.24 -52.95
C LYS D 1114 80.83 -4.69 -52.77
N LEU D 1115 81.15 -5.92 -53.13
CA LEU D 1115 82.49 -6.43 -52.94
C LEU D 1115 83.44 -5.78 -53.95
N TYR D 1116 82.89 -5.10 -54.96
CA TYR D 1116 83.72 -4.41 -55.94
C TYR D 1116 84.62 -3.40 -55.26
N TYR D 1117 84.08 -2.66 -54.30
CA TYR D 1117 84.74 -1.52 -53.72
C TYR D 1117 85.88 -1.95 -52.81
N GLU D 1118 85.92 -3.23 -52.40
CA GLU D 1118 87.02 -3.75 -51.62
C GLU D 1118 88.15 -4.20 -52.54
N LEU D 1119 87.79 -4.86 -53.64
CA LEU D 1119 88.77 -5.37 -54.57
C LEU D 1119 89.48 -4.21 -55.26
N ALA D 1120 88.75 -3.15 -55.58
CA ALA D 1120 89.32 -1.99 -56.25
C ALA D 1120 90.29 -1.27 -55.32
N LYS D 1121 89.95 -1.21 -54.05
CA LYS D 1121 90.76 -0.59 -53.02
C LYS D 1121 92.11 -1.28 -52.96
N ARG D 1122 92.11 -2.61 -52.96
CA ARG D 1122 93.32 -3.40 -52.81
C ARG D 1122 94.18 -3.29 -54.05
N LYS D 1123 93.54 -3.23 -55.22
CA LYS D 1123 94.25 -3.15 -56.48
C LYS D 1123 95.07 -1.88 -56.55
N GLU D 1124 94.52 -0.78 -56.04
CA GLU D 1124 95.16 0.52 -56.07
C GLU D 1124 96.35 0.54 -55.10
N LYS D 1125 96.18 -0.10 -53.95
CA LYS D 1125 97.21 -0.10 -52.91
C LYS D 1125 98.43 -0.88 -53.36
N ASP D 1126 98.22 -2.02 -54.02
CA ASP D 1126 99.31 -2.92 -54.35
C ASP D 1126 99.84 -2.65 -55.75
N GLY D 1127 99.19 -1.75 -56.49
CA GLY D 1127 99.68 -1.34 -57.80
C GLY D 1127 99.74 -2.48 -58.81
N ARG D 1128 98.64 -3.21 -58.93
CA ARG D 1128 98.54 -4.32 -59.87
C ARG D 1128 97.97 -3.82 -61.18
N ASP D 1129 98.75 -3.99 -62.26
CA ASP D 1129 98.34 -3.56 -63.59
C ASP D 1129 98.08 -4.76 -64.48
N ASP D 1130 98.03 -5.95 -63.88
CA ASP D 1130 97.78 -7.17 -64.62
C ASP D 1130 96.41 -7.73 -64.28
N ILE D 1131 95.58 -6.95 -63.59
CA ILE D 1131 94.24 -7.37 -63.21
C ILE D 1131 93.22 -6.36 -63.74
N ALA D 1132 92.02 -6.86 -64.05
CA ALA D 1132 90.89 -6.02 -64.45
C ALA D 1132 89.61 -6.53 -63.79
N ILE D 1133 88.91 -5.66 -63.05
CA ILE D 1133 87.69 -6.04 -62.37
C ILE D 1133 86.49 -5.61 -63.18
N VAL D 1134 85.59 -6.56 -63.50
CA VAL D 1134 84.40 -6.31 -64.32
C VAL D 1134 83.15 -6.64 -63.52
N ARG D 1135 82.15 -5.76 -63.56
CA ARG D 1135 80.94 -5.86 -62.76
C ARG D 1135 79.79 -6.36 -63.61
N ILE D 1136 78.91 -7.17 -63.00
CA ILE D 1136 77.68 -7.65 -63.62
C ILE D 1136 76.52 -7.10 -62.81
N GLU D 1137 75.66 -6.31 -63.46
CA GLU D 1137 74.61 -5.57 -62.78
C GLU D 1137 73.28 -6.29 -62.93
N MET D 1138 73.03 -6.86 -64.11
CA MET D 1138 71.83 -7.65 -64.35
C MET D 1138 72.23 -9.12 -64.37
N LEU D 1139 71.61 -9.91 -63.48
CA LEU D 1139 71.97 -11.30 -63.28
C LEU D 1139 71.16 -12.19 -64.21
N HIS D 1140 69.85 -11.97 -64.28
CA HIS D 1140 68.99 -12.67 -65.22
C HIS D 1140 68.08 -11.68 -65.93
N PRO D 1141 67.93 -11.71 -67.26
CA PRO D 1141 68.68 -12.58 -68.16
C PRO D 1141 70.16 -12.27 -68.23
N ILE D 1142 70.94 -13.25 -68.70
CA ILE D 1142 72.38 -13.15 -68.73
C ILE D 1142 72.78 -12.27 -69.90
N PRO D 1143 73.53 -11.17 -69.68
CA PRO D 1143 74.03 -10.36 -70.77
C PRO D 1143 75.32 -10.92 -71.34
N PHE D 1144 75.21 -11.97 -72.14
CA PHE D 1144 76.36 -12.73 -72.56
C PHE D 1144 77.10 -12.03 -73.70
N ASN D 1145 76.40 -11.17 -74.45
CA ASN D 1145 77.03 -10.45 -75.54
C ASN D 1145 77.97 -9.39 -74.98
N ARG D 1146 77.55 -8.72 -73.90
CA ARG D 1146 78.38 -7.69 -73.29
C ARG D 1146 79.55 -8.29 -72.54
N ILE D 1147 79.34 -9.43 -71.87
CA ILE D 1147 80.42 -10.10 -71.17
C ILE D 1147 81.45 -10.56 -72.18
N SER D 1148 80.99 -11.03 -73.34
CA SER D 1148 81.90 -11.49 -74.37
C SER D 1148 82.72 -10.34 -74.92
N GLU D 1149 82.08 -9.18 -75.08
CA GLU D 1149 82.70 -7.99 -75.63
C GLU D 1149 83.77 -7.49 -74.68
N ALA D 1150 83.49 -7.55 -73.38
CA ALA D 1150 84.42 -7.09 -72.35
C ALA D 1150 85.65 -7.98 -72.29
N LEU D 1151 85.45 -9.29 -72.33
CA LEU D 1151 86.55 -10.25 -72.28
C LEU D 1151 87.41 -10.13 -73.54
N ALA D 1152 86.80 -9.78 -74.67
CA ALA D 1152 87.51 -9.68 -75.94
C ALA D 1152 88.45 -8.48 -75.95
N GLY D 1153 88.19 -7.51 -75.09
CA GLY D 1153 89.00 -6.31 -75.01
C GLY D 1153 90.35 -6.54 -74.33
N TYR D 1154 90.51 -7.70 -73.67
CA TYR D 1154 91.76 -8.06 -73.03
C TYR D 1154 92.32 -9.30 -73.72
N PRO D 1155 93.13 -9.16 -74.80
CA PRO D 1155 93.52 -10.29 -75.62
C PRO D 1155 94.57 -11.25 -75.07
N ASN D 1156 95.25 -10.86 -73.99
CA ASN D 1156 96.32 -11.65 -73.44
C ASN D 1156 95.91 -12.26 -72.10
N ALA D 1157 94.60 -12.37 -71.86
CA ALA D 1157 94.10 -12.91 -70.61
C ALA D 1157 94.21 -14.43 -70.64
N GLU D 1158 94.55 -15.01 -69.48
CA GLU D 1158 94.79 -16.44 -69.36
C GLU D 1158 93.80 -17.08 -68.40
N GLU D 1159 93.33 -16.31 -67.41
CA GLU D 1159 92.43 -16.83 -66.38
C GLU D 1159 91.19 -15.95 -66.28
N VAL D 1160 90.10 -16.53 -65.79
CA VAL D 1160 88.91 -15.81 -65.40
C VAL D 1160 88.48 -16.29 -64.03
N LEU D 1161 88.31 -15.36 -63.09
CA LEU D 1161 87.94 -15.65 -61.72
C LEU D 1161 86.54 -15.11 -61.45
N PHE D 1162 85.70 -15.91 -60.80
CA PHE D 1162 84.39 -15.48 -60.34
C PHE D 1162 84.46 -15.31 -58.84
N VAL D 1163 84.24 -14.08 -58.34
CA VAL D 1163 84.46 -13.76 -56.95
C VAL D 1163 83.14 -13.36 -56.32
N GLN D 1164 82.76 -14.01 -55.22
CA GLN D 1164 81.57 -13.64 -54.49
C GLN D 1164 81.81 -13.79 -53.00
N ASP D 1165 80.96 -13.13 -52.20
CA ASP D 1165 81.05 -13.17 -50.75
C ASP D 1165 80.31 -14.36 -50.18
N GLU D 1166 79.28 -14.85 -50.88
CA GLU D 1166 78.40 -15.85 -50.32
C GLU D 1166 79.11 -17.20 -50.28
N PRO D 1167 78.66 -18.15 -49.43
CA PRO D 1167 79.14 -19.53 -49.51
C PRO D 1167 78.98 -20.16 -50.89
N ALA D 1168 79.66 -21.28 -51.12
CA ALA D 1168 79.81 -21.84 -52.44
C ALA D 1168 78.51 -22.43 -52.96
N ASN D 1169 77.57 -22.76 -52.06
CA ASN D 1169 76.30 -23.34 -52.45
C ASN D 1169 75.21 -22.27 -52.46
N GLN D 1170 75.61 -21.00 -52.40
CA GLN D 1170 74.69 -19.88 -52.36
C GLN D 1170 75.21 -18.80 -53.30
N GLY D 1171 74.42 -17.74 -53.49
CA GLY D 1171 74.82 -16.62 -54.34
C GLY D 1171 74.64 -16.96 -55.80
N PRO D 1172 75.16 -16.14 -56.75
CA PRO D 1172 75.01 -16.42 -58.17
C PRO D 1172 75.91 -17.45 -58.85
N TRP D 1173 76.81 -18.10 -58.11
CA TRP D 1173 77.78 -18.99 -58.73
C TRP D 1173 77.12 -20.22 -59.33
N PRO D 1174 76.24 -20.94 -58.62
CA PRO D 1174 75.61 -22.14 -59.17
C PRO D 1174 74.94 -21.94 -60.51
N PHE D 1175 74.26 -20.80 -60.68
CA PHE D 1175 73.56 -20.47 -61.91
C PHE D 1175 74.56 -20.23 -63.04
N TYR D 1176 75.63 -19.48 -62.74
CA TYR D 1176 76.54 -19.00 -63.75
C TYR D 1176 77.48 -20.11 -64.22
N GLN D 1177 77.89 -21.01 -63.32
CA GLN D 1177 78.82 -22.06 -63.68
C GLN D 1177 78.16 -23.05 -64.63
N GLU D 1178 76.82 -23.13 -64.57
CA GLU D 1178 76.06 -24.02 -65.43
C GLU D 1178 75.86 -23.41 -66.82
N HIS D 1179 75.48 -22.12 -66.87
CA HIS D 1179 74.92 -21.54 -68.07
C HIS D 1179 75.94 -20.78 -68.91
N LEU D 1180 76.96 -20.17 -68.29
CA LEU D 1180 77.77 -19.18 -68.99
C LEU D 1180 78.75 -19.86 -69.95
N PRO D 1181 79.41 -20.99 -69.61
CA PRO D 1181 80.30 -21.67 -70.55
C PRO D 1181 79.69 -22.08 -71.88
N GLU D 1182 78.39 -22.39 -71.88
CA GLU D 1182 77.68 -22.75 -73.10
C GLU D 1182 77.51 -21.53 -73.99
N LEU D 1183 77.21 -20.37 -73.39
CA LEU D 1183 76.87 -19.16 -74.12
C LEU D 1183 78.12 -18.47 -74.66
N ILE D 1184 79.28 -18.66 -74.01
CA ILE D 1184 80.53 -18.11 -74.47
C ILE D 1184 81.53 -19.25 -74.63
N PRO D 1185 81.54 -19.96 -75.78
CA PRO D 1185 82.39 -21.13 -75.98
C PRO D 1185 83.91 -20.94 -75.88
N ASN D 1186 84.40 -19.75 -76.23
CA ASN D 1186 85.83 -19.53 -76.36
C ASN D 1186 86.45 -19.02 -75.05
N MET D 1187 85.64 -18.93 -73.99
CA MET D 1187 86.09 -18.35 -72.73
C MET D 1187 86.97 -19.36 -72.01
N PRO D 1188 88.04 -18.95 -71.30
CA PRO D 1188 88.83 -19.86 -70.46
C PRO D 1188 87.99 -20.47 -69.34
N LYS D 1189 88.50 -21.53 -68.70
CA LYS D 1189 87.76 -22.17 -67.63
C LYS D 1189 87.71 -21.24 -66.42
N MET D 1190 86.52 -21.13 -65.82
CA MET D 1190 86.32 -20.23 -64.69
C MET D 1190 86.82 -20.90 -63.43
N ARG D 1191 87.15 -20.09 -62.43
CA ARG D 1191 87.65 -20.55 -61.14
C ARG D 1191 86.94 -19.76 -60.05
N ARG D 1192 86.34 -20.46 -59.10
CA ARG D 1192 85.55 -19.84 -58.06
C ARG D 1192 86.47 -19.31 -56.97
N VAL D 1193 86.11 -18.17 -56.39
CA VAL D 1193 86.73 -17.68 -55.17
C VAL D 1193 85.62 -17.17 -54.26
N SER D 1194 85.35 -17.90 -53.18
CA SER D 1194 84.24 -17.57 -52.30
C SER D 1194 84.48 -18.16 -50.91
N ARG D 1195 83.48 -18.02 -50.04
CA ARG D 1195 83.47 -18.71 -48.77
C ARG D 1195 83.12 -20.18 -48.99
N ARG D 1196 83.44 -21.04 -48.01
CA ARG D 1196 83.14 -22.46 -48.08
C ARG D 1196 81.64 -22.68 -47.98
N ALA D 1197 81.17 -23.85 -48.43
CA ALA D 1197 79.76 -24.21 -48.36
C ALA D 1197 79.34 -24.41 -46.92
N GLN D 1198 78.11 -24.01 -46.59
CA GLN D 1198 77.63 -24.00 -45.23
C GLN D 1198 76.17 -24.42 -45.17
N SER D 1199 75.75 -24.91 -44.01
CA SER D 1199 74.37 -25.27 -43.74
C SER D 1199 73.56 -24.02 -43.44
N SER D 1200 74.16 -23.09 -42.70
CA SER D 1200 73.54 -21.81 -42.41
C SER D 1200 74.01 -20.78 -43.42
N THR D 1201 73.49 -19.55 -43.29
CA THR D 1201 73.77 -18.47 -44.22
C THR D 1201 75.13 -17.84 -43.94
N ALA D 1202 75.44 -17.59 -42.67
CA ALA D 1202 76.66 -16.90 -42.29
C ALA D 1202 77.01 -17.19 -40.84
N THR D 1203 78.20 -16.77 -40.42
CA THR D 1203 78.68 -16.98 -39.07
C THR D 1203 77.95 -16.07 -38.10
N GLY D 1204 78.04 -16.39 -36.81
CA GLY D 1204 77.41 -15.59 -35.77
C GLY D 1204 78.42 -14.75 -34.99
N VAL D 1205 79.71 -15.00 -35.19
CA VAL D 1205 80.78 -14.27 -34.53
C VAL D 1205 81.32 -13.23 -35.49
N ALA D 1206 81.60 -12.03 -34.98
CA ALA D 1206 82.00 -10.90 -35.82
C ALA D 1206 83.49 -10.94 -36.14
N LYS D 1207 84.31 -11.44 -35.21
CA LYS D 1207 85.74 -11.54 -35.44
C LYS D 1207 86.02 -12.56 -36.54
N VAL D 1208 85.24 -13.63 -36.60
CA VAL D 1208 85.42 -14.66 -37.59
C VAL D 1208 85.05 -14.11 -38.97
N HIS D 1209 84.05 -13.24 -39.03
CA HIS D 1209 83.64 -12.64 -40.28
C HIS D 1209 84.79 -11.83 -40.87
N GLN D 1210 85.49 -11.07 -40.04
CA GLN D 1210 86.58 -10.24 -40.49
C GLN D 1210 87.73 -11.09 -41.00
N LEU D 1211 87.98 -12.21 -40.32
CA LEU D 1211 89.06 -13.11 -40.69
C LEU D 1211 88.79 -13.75 -42.04
N GLU D 1212 87.52 -14.10 -42.28
CA GLU D 1212 87.09 -14.75 -43.51
C GLU D 1212 87.25 -13.81 -44.70
N GLU D 1213 86.92 -12.54 -44.50
CA GLU D 1213 86.96 -11.57 -45.58
C GLU D 1213 88.39 -11.33 -46.02
N LYS D 1214 89.32 -11.29 -45.07
CA LYS D 1214 90.73 -11.09 -45.36
C LYS D 1214 91.25 -12.26 -46.18
N GLN D 1215 90.88 -13.47 -45.77
CA GLN D 1215 91.32 -14.70 -46.41
C GLN D 1215 90.83 -14.75 -47.86
N LEU D 1216 89.62 -14.23 -48.10
CA LEU D 1216 88.98 -14.27 -49.40
C LEU D 1216 89.70 -13.36 -50.38
N ILE D 1217 89.97 -12.13 -49.96
CA ILE D 1217 90.59 -11.14 -50.84
C ILE D 1217 92.04 -11.54 -51.10
N ASP D 1218 92.69 -12.20 -50.15
CA ASP D 1218 94.06 -12.64 -50.33
C ASP D 1218 94.12 -13.72 -51.40
N GLU D 1219 93.12 -14.62 -51.40
CA GLU D 1219 93.07 -15.73 -52.34
C GLU D 1219 92.86 -15.21 -53.76
N ALA D 1220 92.12 -14.10 -53.90
CA ALA D 1220 91.82 -13.53 -55.19
C ALA D 1220 93.06 -12.96 -55.85
N PHE D 1221 93.95 -12.37 -55.04
CA PHE D 1221 95.16 -11.75 -55.55
C PHE D 1221 96.35 -12.69 -55.38
N GLU D 1222 96.12 -13.98 -55.66
CA GLU D 1222 97.14 -15.02 -55.56
C GLU D 1222 97.63 -15.14 -54.12
N PRO E 104 43.27 50.43 -17.21
CA PRO E 104 43.98 50.61 -15.93
C PRO E 104 44.35 52.08 -15.67
N GLY E 105 44.30 52.48 -14.39
CA GLY E 105 44.70 53.82 -13.99
C GLY E 105 43.55 54.59 -13.36
N GLN E 106 43.68 55.92 -13.35
CA GLN E 106 42.73 56.81 -12.73
C GLN E 106 42.03 57.61 -13.81
N THR E 107 40.75 57.94 -13.60
CA THR E 107 39.98 58.69 -14.58
C THR E 107 38.85 59.44 -13.89
N PRO E 108 38.74 60.78 -14.08
CA PRO E 108 37.64 61.56 -13.51
C PRO E 108 36.24 61.12 -13.90
N ILE E 109 35.30 61.29 -12.96
CA ILE E 109 33.91 60.94 -13.18
C ILE E 109 33.22 62.16 -13.77
N ARG E 110 32.50 61.96 -14.87
CA ARG E 110 31.85 63.05 -15.56
C ARG E 110 30.44 62.63 -15.96
N GLY E 111 29.54 63.61 -16.00
CA GLY E 111 28.24 63.43 -16.61
C GLY E 111 27.16 63.03 -15.61
N ILE E 112 26.33 62.08 -16.02
CA ILE E 112 25.26 61.54 -15.17
C ILE E 112 25.87 60.79 -13.99
N PHE E 113 27.05 60.20 -14.22
CA PHE E 113 27.71 59.41 -13.19
C PHE E 113 28.17 60.30 -12.05
N LYS E 114 28.55 61.55 -12.37
CA LYS E 114 28.97 62.49 -11.35
C LYS E 114 27.78 62.88 -10.48
N SER E 115 26.60 62.96 -11.10
CA SER E 115 25.39 63.31 -10.36
C SER E 115 25.00 62.20 -9.41
N ILE E 116 25.16 60.94 -9.86
CA ILE E 116 24.83 59.79 -9.04
C ILE E 116 25.76 59.74 -7.84
N ALA E 117 27.04 60.08 -8.04
CA ALA E 117 28.02 60.04 -6.98
C ALA E 117 27.72 61.09 -5.92
N LYS E 118 27.27 62.27 -6.35
CA LYS E 118 27.05 63.39 -5.44
C LYS E 118 25.85 63.11 -4.55
N ASN E 119 24.81 62.52 -5.12
CA ASN E 119 23.57 62.29 -4.39
C ASN E 119 23.75 61.19 -3.35
N MET E 120 24.59 60.19 -3.67
CA MET E 120 24.86 59.10 -2.74
C MET E 120 25.62 59.62 -1.54
N ASP E 121 26.46 60.64 -1.75
CA ASP E 121 27.21 61.26 -0.67
C ASP E 121 26.27 62.07 0.22
N ILE E 122 25.29 62.74 -0.38
CA ILE E 122 24.33 63.53 0.36
C ILE E 122 23.50 62.62 1.26
N SER E 123 23.24 61.39 0.79
CA SER E 123 22.33 60.49 1.47
C SER E 123 22.92 59.92 2.75
N LEU E 124 24.17 60.25 3.06
CA LEU E 124 24.82 59.77 4.27
C LEU E 124 24.25 60.47 5.50
N GLU E 125 23.36 61.45 5.32
CA GLU E 125 22.83 62.17 6.46
C GLU E 125 21.39 61.77 6.77
N ILE E 126 20.99 60.55 6.38
CA ILE E 126 19.67 60.02 6.69
C ILE E 126 19.83 58.77 7.54
N PRO E 127 19.33 58.72 8.79
CA PRO E 127 19.30 57.50 9.59
C PRO E 127 18.21 56.54 9.13
N THR E 128 18.59 55.30 8.80
CA THR E 128 17.67 54.37 8.15
C THR E 128 17.62 53.05 8.90
N ALA E 129 16.48 52.38 8.81
CA ALA E 129 16.29 51.02 9.27
C ALA E 129 15.50 50.22 8.24
N THR E 130 15.53 48.88 8.36
CA THR E 130 14.93 48.01 7.36
C THR E 130 14.08 46.94 8.04
N SER E 131 12.99 46.54 7.36
CA SER E 131 12.13 45.44 7.76
C SER E 131 11.99 44.47 6.59
N VAL E 132 11.88 43.17 6.89
CA VAL E 132 11.83 42.12 5.86
C VAL E 132 10.66 41.19 6.17
N ARG E 133 9.89 40.82 5.14
CA ARG E 133 8.78 39.89 5.31
C ARG E 133 8.61 39.03 4.05
N ASP E 134 8.27 37.75 4.25
CA ASP E 134 8.05 36.80 3.17
C ASP E 134 6.56 36.45 3.09
N MET E 135 6.06 36.28 1.86
CA MET E 135 4.64 36.21 1.59
C MET E 135 4.35 35.10 0.60
N PRO E 136 3.24 34.33 0.75
CA PRO E 136 2.82 33.35 -0.26
C PRO E 136 2.48 33.98 -1.59
N ALA E 137 2.74 33.28 -2.70
CA ALA E 137 2.60 33.87 -4.02
C ALA E 137 1.83 32.97 -4.99
N ARG E 138 1.11 31.96 -4.48
CA ARG E 138 0.42 31.00 -5.33
C ARG E 138 -0.79 31.66 -5.99
N LEU E 139 -1.56 32.41 -5.21
CA LEU E 139 -2.79 33.00 -5.69
C LEU E 139 -2.50 34.05 -6.74
N MET E 140 -1.32 34.67 -6.69
CA MET E 140 -0.91 35.64 -7.70
C MET E 140 -0.78 34.93 -9.03
N PHE E 141 -0.06 33.82 -9.04
CA PHE E 141 0.20 33.08 -10.28
C PHE E 141 -1.11 32.67 -10.93
N GLU E 142 -2.06 32.18 -10.12
CA GLU E 142 -3.31 31.66 -10.61
C GLU E 142 -4.14 32.77 -11.24
N ASN E 143 -4.37 33.84 -10.48
CA ASN E 143 -5.29 34.88 -10.87
C ASN E 143 -4.70 35.71 -12.01
N ARG E 144 -3.38 35.83 -12.09
CA ARG E 144 -2.76 36.55 -13.17
C ARG E 144 -3.01 35.82 -14.48
N ALA E 145 -2.97 34.48 -14.43
CA ALA E 145 -3.20 33.67 -15.60
C ALA E 145 -4.62 33.85 -16.11
N MET E 146 -5.58 33.95 -15.18
CA MET E 146 -6.97 34.11 -15.54
C MET E 146 -7.18 35.44 -16.26
N VAL E 147 -6.46 36.48 -15.84
CA VAL E 147 -6.62 37.79 -16.44
C VAL E 147 -6.00 37.81 -17.83
N ASN E 148 -4.87 37.13 -18.00
CA ASN E 148 -4.16 37.17 -19.26
C ASN E 148 -4.89 36.35 -20.32
N ASP E 149 -5.71 35.38 -19.90
CA ASP E 149 -6.52 34.60 -20.83
C ASP E 149 -7.61 35.48 -21.43
N GLN E 150 -8.21 36.35 -20.60
CA GLN E 150 -9.25 37.25 -21.06
C GLN E 150 -8.69 38.26 -22.06
N LEU E 151 -7.49 38.77 -21.80
CA LEU E 151 -6.90 39.78 -22.67
C LEU E 151 -6.54 39.16 -24.02
N LYS E 152 -6.17 37.88 -24.03
CA LYS E 152 -5.72 37.23 -25.25
C LYS E 152 -6.88 37.09 -26.24
N ARG E 153 -8.08 36.78 -25.73
CA ARG E 153 -9.24 36.60 -26.60
C ARG E 153 -9.71 37.94 -27.14
N THR E 154 -9.51 39.01 -26.35
CA THR E 154 -9.95 40.34 -26.73
C THR E 154 -8.81 41.10 -27.41
N ARG E 155 -7.73 40.39 -27.76
CA ARG E 155 -6.58 40.96 -28.45
C ARG E 155 -6.08 42.21 -27.74
N GLY E 156 -5.97 42.12 -26.40
CA GLY E 156 -5.30 43.13 -25.61
C GLY E 156 -3.83 42.76 -25.39
N GLY E 157 -3.26 43.20 -24.26
CA GLY E 157 -1.86 42.98 -23.96
C GLY E 157 -1.64 41.88 -22.92
N LYS E 158 -0.92 42.22 -21.85
CA LYS E 158 -0.43 41.26 -20.88
C LYS E 158 0.00 42.02 -19.63
N ILE E 159 -0.45 41.59 -18.44
CA ILE E 159 -0.04 42.24 -17.21
C ILE E 159 1.07 41.44 -16.54
N SER E 160 1.83 42.11 -15.67
CA SER E 160 3.01 41.55 -15.02
C SER E 160 2.84 41.59 -13.51
N PHE E 161 3.81 41.00 -12.80
CA PHE E 161 3.76 40.91 -11.34
C PHE E 161 4.02 42.28 -10.72
N THR E 162 4.83 43.11 -11.40
CA THR E 162 5.16 44.43 -10.89
C THR E 162 3.91 45.33 -10.89
N HIS E 163 3.04 45.15 -11.88
CA HIS E 163 1.79 45.89 -11.93
C HIS E 163 0.94 45.60 -10.71
N ILE E 164 0.82 44.32 -10.35
CA ILE E 164 -0.06 43.89 -9.28
C ILE E 164 0.49 44.34 -7.94
N ILE E 165 1.79 44.17 -7.73
CA ILE E 165 2.42 44.51 -6.47
C ILE E 165 2.44 46.03 -6.32
N GLY E 166 2.60 46.73 -7.44
CA GLY E 166 2.55 48.19 -7.45
C GLY E 166 1.21 48.72 -6.97
N TYR E 167 0.12 48.14 -7.46
CA TYR E 167 -1.21 48.60 -7.10
C TYR E 167 -1.47 48.31 -5.64
N ALA E 168 -1.00 47.16 -5.16
CA ALA E 168 -1.18 46.77 -3.77
C ALA E 168 -0.45 47.73 -2.85
N MET E 169 0.73 48.17 -3.28
CA MET E 169 1.55 49.08 -2.50
C MET E 169 0.83 50.41 -2.33
N VAL E 170 0.17 50.88 -3.39
CA VAL E 170 -0.57 52.13 -3.37
C VAL E 170 -1.70 52.04 -2.34
N LYS E 171 -2.46 50.95 -2.37
CA LYS E 171 -3.58 50.76 -1.48
C LYS E 171 -3.10 50.74 -0.03
N ALA E 172 -1.91 50.19 0.19
CA ALA E 172 -1.34 50.05 1.53
C ALA E 172 -0.91 51.41 2.07
N VAL E 173 -0.37 52.26 1.20
CA VAL E 173 0.09 53.58 1.60
C VAL E 173 -1.11 54.44 2.00
N MET E 174 -2.26 54.21 1.36
CA MET E 174 -3.47 54.93 1.72
C MET E 174 -3.94 54.50 3.10
N ALA E 175 -3.79 53.22 3.41
CA ALA E 175 -4.22 52.68 4.69
C ALA E 175 -3.31 53.16 5.82
N HIS E 176 -2.04 53.44 5.49
CA HIS E 176 -1.06 53.85 6.47
C HIS E 176 -0.35 55.10 5.96
N PRO E 177 -0.97 56.29 6.04
CA PRO E 177 -0.46 57.51 5.41
C PRO E 177 0.90 58.05 5.87
N ASP E 178 1.36 57.63 7.06
CA ASP E 178 2.62 58.09 7.61
C ASP E 178 3.79 57.67 6.74
N MET E 179 3.60 56.66 5.90
CA MET E 179 4.67 56.13 5.08
C MET E 179 5.00 57.09 3.94
N ASN E 180 4.23 58.17 3.79
CA ASN E 180 4.40 59.08 2.66
C ASN E 180 5.08 60.38 3.07
N ASN E 181 5.37 60.54 4.37
CA ASN E 181 5.91 61.78 4.90
C ASN E 181 7.43 61.80 4.74
N SER E 182 8.03 62.98 4.98
CA SER E 182 9.48 63.16 4.87
C SER E 182 9.96 64.23 5.85
N TYR E 183 11.28 64.47 5.89
CA TYR E 183 11.91 65.35 6.86
C TYR E 183 12.71 66.42 6.15
N ASP E 184 12.78 67.62 6.75
CA ASP E 184 13.61 68.70 6.25
C ASP E 184 13.85 69.71 7.36
N VAL E 185 14.93 70.50 7.23
CA VAL E 185 15.22 71.58 8.16
C VAL E 185 15.01 72.91 7.46
N ILE E 186 14.00 73.67 7.93
CA ILE E 186 13.53 74.88 7.29
C ILE E 186 13.57 76.03 8.28
N ASP E 187 14.34 77.07 7.95
CA ASP E 187 14.57 78.18 8.85
C ASP E 187 15.30 77.68 10.07
N GLY E 188 16.08 76.61 9.89
CA GLY E 188 16.87 76.09 10.99
C GLY E 188 16.05 75.41 12.07
N LYS E 189 14.83 74.98 11.75
CA LYS E 189 14.05 74.18 12.66
C LYS E 189 13.70 72.86 11.98
N PRO E 190 13.71 71.71 12.70
CA PRO E 190 13.13 70.47 12.19
C PRO E 190 11.66 70.54 11.80
N THR E 191 11.29 69.84 10.72
CA THR E 191 9.98 69.98 10.12
C THR E 191 9.52 68.66 9.49
N LEU E 192 8.23 68.36 9.62
CA LEU E 192 7.62 67.22 8.99
C LEU E 192 6.86 67.70 7.76
N ILE E 193 6.97 66.96 6.66
CA ILE E 193 6.38 67.36 5.38
C ILE E 193 5.33 66.33 4.98
N VAL E 194 4.08 66.80 4.78
CA VAL E 194 2.95 65.95 4.43
C VAL E 194 2.48 66.32 3.04
N PRO E 195 2.80 65.55 1.98
CA PRO E 195 2.42 65.92 0.62
C PRO E 195 0.93 65.83 0.31
N GLU E 196 0.55 66.34 -0.86
CA GLU E 196 -0.83 66.37 -1.32
C GLU E 196 -1.19 65.06 -2.00
N HIS E 197 -0.24 64.47 -2.74
CA HIS E 197 -0.50 63.31 -3.57
C HIS E 197 0.49 62.18 -3.27
N ILE E 198 0.16 60.98 -3.73
CA ILE E 198 1.06 59.84 -3.76
C ILE E 198 1.62 59.71 -5.16
N ASN E 199 2.88 60.10 -5.34
CA ASN E 199 3.58 59.97 -6.61
C ASN E 199 4.57 58.82 -6.53
N LEU E 200 4.40 57.81 -7.39
CA LEU E 200 5.13 56.56 -7.27
C LEU E 200 6.26 56.53 -8.28
N GLY E 201 7.50 56.42 -7.78
CA GLY E 201 8.67 56.37 -8.63
C GLY E 201 9.02 54.95 -9.05
N LEU E 202 9.24 54.76 -10.35
CA LEU E 202 9.66 53.48 -10.91
C LEU E 202 11.14 53.56 -11.26
N ALA E 203 11.90 52.53 -10.87
CA ALA E 203 13.29 52.41 -11.24
C ALA E 203 13.39 51.76 -12.62
N ILE E 204 13.61 52.59 -13.66
CA ILE E 204 13.74 52.10 -15.03
C ILE E 204 15.22 52.03 -15.39
N ASP E 205 15.71 50.80 -15.63
CA ASP E 205 17.06 50.56 -16.12
C ASP E 205 17.05 50.70 -17.64
N LEU E 206 17.64 51.79 -18.16
CA LEU E 206 17.68 52.05 -19.58
C LEU E 206 19.13 52.21 -20.05
N PRO E 207 19.60 51.38 -21.02
CA PRO E 207 20.86 51.62 -21.70
C PRO E 207 20.89 52.93 -22.50
N GLN E 208 22.07 53.51 -22.65
CA GLN E 208 22.25 54.81 -23.30
C GLN E 208 22.93 54.60 -24.64
N LYS E 209 23.17 55.71 -25.36
CA LYS E 209 23.76 55.68 -26.70
C LYS E 209 25.18 55.11 -26.65
N ASP E 210 25.91 55.43 -25.58
CA ASP E 210 27.30 55.01 -25.43
C ASP E 210 27.39 53.50 -25.33
N GLY E 211 26.48 52.90 -24.54
CA GLY E 211 26.50 51.47 -24.26
C GLY E 211 26.72 51.18 -22.77
N SER E 212 26.38 52.14 -21.91
CA SER E 212 26.45 51.99 -20.46
C SER E 212 25.05 52.13 -19.87
N ARG E 213 24.69 51.21 -18.97
CA ARG E 213 23.41 51.23 -18.30
C ARG E 213 23.42 52.32 -17.22
N ALA E 214 22.33 53.09 -17.15
CA ALA E 214 22.18 54.16 -16.18
C ALA E 214 20.70 54.33 -15.86
N LEU E 215 20.38 54.45 -14.57
CA LEU E 215 18.99 54.45 -14.12
C LEU E 215 18.60 55.85 -13.66
N VAL E 216 17.36 56.22 -14.00
CA VAL E 216 16.72 57.43 -13.49
C VAL E 216 15.31 57.06 -13.08
N VAL E 217 14.80 57.70 -12.04
CA VAL E 217 13.49 57.35 -11.48
C VAL E 217 12.45 58.32 -12.05
N ALA E 218 11.47 57.78 -12.76
CA ALA E 218 10.34 58.52 -13.28
C ALA E 218 9.13 58.31 -12.40
N ALA E 219 8.16 59.21 -12.47
CA ALA E 219 7.04 59.23 -11.53
C ALA E 219 5.71 58.99 -12.24
N ILE E 220 4.83 58.22 -11.58
CA ILE E 220 3.42 58.17 -11.89
C ILE E 220 2.71 59.04 -10.88
N LYS E 221 1.97 60.05 -11.34
CA LYS E 221 1.50 61.10 -10.45
C LYS E 221 0.01 60.93 -10.15
N GLU E 222 -0.38 61.37 -8.94
CA GLU E 222 -1.76 61.40 -8.50
C GLU E 222 -2.38 60.01 -8.61
N THR E 223 -1.84 59.09 -7.80
CA THR E 223 -2.13 57.67 -7.92
C THR E 223 -3.27 57.28 -6.98
N GLU E 224 -3.58 58.14 -6.01
CA GLU E 224 -4.54 57.80 -4.97
C GLU E 224 -5.97 58.04 -5.46
N LYS E 225 -6.13 58.44 -6.73
CA LYS E 225 -7.43 58.61 -7.33
C LYS E 225 -7.48 57.82 -8.64
N MET E 226 -7.06 56.55 -8.57
CA MET E 226 -7.01 55.68 -9.73
C MET E 226 -7.57 54.31 -9.36
N ASN E 227 -8.19 53.64 -10.35
CA ASN E 227 -8.52 52.22 -10.26
C ASN E 227 -7.48 51.45 -11.06
N PHE E 228 -7.59 50.12 -11.11
CA PHE E 228 -6.53 49.30 -11.67
C PHE E 228 -6.36 49.59 -13.16
N SER E 229 -7.47 49.90 -13.86
CA SER E 229 -7.41 50.15 -15.29
C SER E 229 -6.62 51.42 -15.56
N GLU E 230 -6.92 52.47 -14.79
CA GLU E 230 -6.24 53.74 -14.92
C GLU E 230 -4.77 53.58 -14.57
N PHE E 231 -4.47 52.81 -13.51
CA PHE E 231 -3.11 52.61 -13.04
C PHE E 231 -2.27 51.95 -14.12
N LEU E 232 -2.84 50.95 -14.79
CA LEU E 232 -2.10 50.17 -15.76
C LEU E 232 -1.75 51.06 -16.95
N ALA E 233 -2.67 51.96 -17.31
CA ALA E 233 -2.48 52.86 -18.44
C ALA E 233 -1.34 53.82 -18.17
N ALA E 234 -1.33 54.41 -16.98
CA ALA E 234 -0.31 55.37 -16.58
C ALA E 234 1.06 54.70 -16.56
N TYR E 235 1.13 53.48 -16.03
CA TYR E 235 2.37 52.75 -15.93
C TYR E 235 2.96 52.56 -17.32
N GLU E 236 2.13 52.07 -18.25
CA GLU E 236 2.58 51.73 -19.59
C GLU E 236 2.93 53.00 -20.37
N ASP E 237 2.30 54.12 -20.02
CA ASP E 237 2.59 55.40 -20.64
C ASP E 237 4.04 55.81 -20.37
N ILE E 238 4.45 55.74 -19.10
CA ILE E 238 5.79 56.14 -18.70
C ILE E 238 6.82 55.25 -19.40
N VAL E 239 6.56 53.94 -19.40
CA VAL E 239 7.50 52.97 -19.95
C VAL E 239 7.64 53.22 -21.45
N ALA E 240 6.52 53.47 -22.13
CA ALA E 240 6.49 53.61 -23.58
C ALA E 240 7.30 54.83 -24.02
N ARG E 241 7.09 55.95 -23.34
CA ARG E 241 7.76 57.20 -23.70
C ARG E 241 9.25 57.12 -23.38
N SER E 242 9.64 56.27 -22.44
CA SER E 242 11.04 56.17 -22.06
C SER E 242 11.84 55.53 -23.18
N ARG E 243 11.25 54.57 -23.89
CA ARG E 243 11.94 53.84 -24.93
C ARG E 243 12.08 54.70 -26.18
N LYS E 244 11.10 55.58 -26.42
CA LYS E 244 11.11 56.47 -27.56
C LYS E 244 11.89 57.74 -27.26
N GLY E 245 12.24 57.95 -25.98
CA GLY E 245 13.06 59.09 -25.59
C GLY E 245 12.26 60.39 -25.60
N LYS E 246 11.10 60.39 -24.95
CA LYS E 246 10.20 61.52 -24.98
C LYS E 246 9.74 61.89 -23.58
N LEU E 247 10.65 61.81 -22.61
CA LEU E 247 10.36 62.18 -21.23
C LEU E 247 10.84 63.61 -20.98
N THR E 248 10.00 64.41 -20.35
CA THR E 248 10.31 65.81 -20.02
C THR E 248 10.97 65.87 -18.65
N MET E 249 11.27 67.09 -18.19
CA MET E 249 11.94 67.31 -16.93
C MET E 249 10.92 67.25 -15.79
N ASP E 250 9.64 67.41 -16.12
CA ASP E 250 8.59 67.39 -15.11
C ASP E 250 8.35 65.97 -14.60
N ASP E 251 8.67 64.97 -15.43
CA ASP E 251 8.43 63.57 -15.09
C ASP E 251 9.43 63.07 -14.06
N TYR E 252 10.53 63.80 -13.85
CA TYR E 252 11.55 63.38 -12.91
C TYR E 252 11.45 64.17 -11.60
N GLN E 253 10.29 64.77 -11.31
CA GLN E 253 10.18 65.60 -10.13
C GLN E 253 8.92 65.25 -9.34
N GLY E 254 9.04 65.31 -8.01
CA GLY E 254 7.89 65.24 -7.13
C GLY E 254 7.60 63.84 -6.60
N VAL E 255 8.61 62.94 -6.62
CA VAL E 255 8.44 61.58 -6.17
C VAL E 255 8.31 61.58 -4.65
N THR E 256 7.37 60.79 -4.12
CA THR E 256 7.14 60.72 -2.70
C THR E 256 7.47 59.34 -2.13
N VAL E 257 7.45 58.30 -2.97
CA VAL E 257 7.72 56.94 -2.54
C VAL E 257 8.13 56.11 -3.74
N SER E 258 9.08 55.18 -3.56
CA SER E 258 9.73 54.49 -4.66
C SER E 258 9.57 52.98 -4.58
N LEU E 259 9.75 52.31 -5.74
CA LEU E 259 9.66 50.87 -5.86
C LEU E 259 10.80 50.36 -6.72
N THR E 260 11.47 49.29 -6.27
CA THR E 260 12.60 48.70 -6.98
C THR E 260 12.42 47.19 -7.04
N ASN E 261 13.03 46.55 -8.04
CA ASN E 261 12.79 45.14 -8.31
C ASN E 261 14.11 44.42 -8.57
N PRO E 262 14.91 44.12 -7.53
CA PRO E 262 16.09 43.27 -7.69
C PRO E 262 15.83 41.78 -7.94
N GLY E 263 14.57 41.36 -7.88
CA GLY E 263 14.21 39.97 -8.06
C GLY E 263 14.20 39.53 -9.52
N GLY E 264 14.22 40.50 -10.46
CA GLY E 264 14.28 40.21 -11.87
C GLY E 264 15.47 39.32 -12.24
N ILE E 265 16.65 39.66 -11.70
CA ILE E 265 17.87 38.90 -11.94
C ILE E 265 17.84 37.61 -11.13
N GLY E 266 17.22 37.64 -9.94
CA GLY E 266 17.08 36.46 -9.10
C GLY E 266 17.67 36.63 -7.69
N THR E 267 17.88 37.87 -7.26
CA THR E 267 18.31 38.17 -5.91
C THR E 267 17.16 37.88 -4.96
N ARG E 268 17.46 37.36 -3.76
CA ARG E 268 16.43 36.95 -2.83
C ARG E 268 15.89 38.16 -2.09
N HIS E 269 16.78 39.03 -1.59
CA HIS E 269 16.37 40.33 -1.09
C HIS E 269 17.58 41.26 -1.03
N SER E 270 17.33 42.55 -0.76
CA SER E 270 18.37 43.56 -0.71
C SER E 270 18.12 44.55 0.43
N VAL E 271 19.15 45.32 0.76
CA VAL E 271 19.06 46.45 1.67
C VAL E 271 19.52 47.70 0.92
N PRO E 272 18.61 48.44 0.25
CA PRO E 272 18.98 49.60 -0.56
C PRO E 272 19.16 50.92 0.18
N ARG E 273 19.65 51.94 -0.54
CA ARG E 273 19.81 53.30 -0.02
C ARG E 273 18.53 54.11 -0.22
N LEU E 274 18.31 55.07 0.68
CA LEU E 274 17.21 56.00 0.59
C LEU E 274 17.77 57.35 0.20
N THR E 275 17.13 58.01 -0.77
CA THR E 275 17.58 59.29 -1.30
C THR E 275 16.80 60.41 -0.61
N LYS E 276 17.40 61.60 -0.58
CA LYS E 276 16.85 62.73 0.16
C LYS E 276 15.55 63.21 -0.48
N GLY E 277 14.56 63.50 0.36
CA GLY E 277 13.28 64.02 -0.10
C GLY E 277 12.15 62.99 -0.04
N GLN E 278 12.46 61.77 0.43
CA GLN E 278 11.47 60.71 0.55
C GLN E 278 11.54 60.10 1.92
N GLY E 279 10.54 59.27 2.25
CA GLY E 279 10.44 58.64 3.56
C GLY E 279 10.72 57.14 3.53
N THR E 280 10.39 56.47 2.42
CA THR E 280 10.56 55.03 2.33
C THR E 280 10.84 54.59 0.90
N ILE E 281 11.48 53.42 0.77
CA ILE E 281 11.66 52.74 -0.49
C ILE E 281 11.35 51.25 -0.27
N ILE E 282 10.62 50.66 -1.22
CA ILE E 282 10.15 49.29 -1.14
C ILE E 282 10.87 48.45 -2.20
N GLY E 283 11.30 47.24 -1.82
CA GLY E 283 12.00 46.35 -2.73
C GLY E 283 11.31 44.99 -2.86
N VAL E 284 11.29 44.45 -4.08
CA VAL E 284 10.62 43.19 -4.38
C VAL E 284 11.68 42.18 -4.82
N GLY E 285 11.70 41.02 -4.15
CA GLY E 285 12.71 40.00 -4.38
C GLY E 285 12.22 38.90 -5.33
N SER E 286 12.97 37.80 -5.37
CA SER E 286 12.76 36.73 -6.33
C SER E 286 11.50 35.95 -6.00
N MET E 287 10.77 35.55 -7.04
CA MET E 287 9.60 34.70 -6.91
C MET E 287 9.97 33.31 -7.40
N ASP E 288 10.43 32.47 -6.48
CA ASP E 288 11.02 31.18 -6.83
C ASP E 288 10.89 30.26 -5.62
N TYR E 289 11.10 28.96 -5.83
CA TYR E 289 11.16 28.03 -4.72
C TYR E 289 12.41 28.35 -3.92
N PRO E 290 12.44 28.09 -2.61
CA PRO E 290 13.69 28.14 -1.84
C PRO E 290 14.72 27.17 -2.40
N ALA E 291 16.00 27.40 -2.10
CA ALA E 291 17.08 26.72 -2.78
C ALA E 291 17.24 25.28 -2.27
N GLU E 292 16.57 24.92 -1.16
CA GLU E 292 16.58 23.56 -0.66
C GLU E 292 15.58 22.69 -1.39
N PHE E 293 14.77 23.27 -2.28
CA PHE E 293 13.78 22.52 -3.03
C PHE E 293 14.05 22.56 -4.53
N GLN E 294 15.18 23.13 -4.95
CA GLN E 294 15.40 23.40 -6.37
C GLN E 294 15.82 22.15 -7.13
N GLY E 295 15.99 21.02 -6.45
CA GLY E 295 16.35 19.78 -7.11
C GLY E 295 15.28 18.69 -6.94
N ALA E 296 14.15 19.02 -6.31
CA ALA E 296 13.11 18.06 -6.05
C ALA E 296 12.24 17.89 -7.29
N SER E 297 11.44 16.84 -7.32
CA SER E 297 10.57 16.54 -8.44
C SER E 297 9.25 17.27 -8.29
N GLU E 298 8.58 17.51 -9.42
CA GLU E 298 7.31 18.20 -9.42
C GLU E 298 6.26 17.36 -8.68
N ASP E 299 6.31 16.04 -8.90
CA ASP E 299 5.33 15.14 -8.32
C ASP E 299 5.38 15.22 -6.81
N ARG E 300 6.59 15.27 -6.26
CA ARG E 300 6.80 15.19 -4.82
C ARG E 300 6.39 16.49 -4.16
N LEU E 301 6.70 17.62 -4.81
CA LEU E 301 6.34 18.93 -4.30
C LEU E 301 4.82 19.10 -4.30
N ALA E 302 4.16 18.55 -5.33
CA ALA E 302 2.72 18.64 -5.46
C ALA E 302 2.02 17.86 -4.36
N GLU E 303 2.61 16.74 -3.94
CA GLU E 303 2.04 15.90 -2.91
C GLU E 303 2.06 16.63 -1.57
N LEU E 304 3.18 17.28 -1.26
CA LEU E 304 3.39 17.94 0.01
C LEU E 304 2.49 19.17 0.09
N GLY E 305 2.49 19.96 -0.97
CA GLY E 305 1.73 21.20 -1.01
C GLY E 305 2.63 22.43 -0.81
N VAL E 306 3.78 22.44 -1.48
CA VAL E 306 4.77 23.49 -1.33
C VAL E 306 4.45 24.58 -2.35
N GLY E 307 4.45 25.83 -1.90
CA GLY E 307 4.20 26.97 -2.77
C GLY E 307 5.46 27.78 -3.04
N LYS E 308 5.29 28.91 -3.74
CA LYS E 308 6.38 29.83 -4.00
C LYS E 308 6.22 31.08 -3.14
N LEU E 309 7.35 31.78 -2.95
CA LEU E 309 7.48 32.92 -2.05
C LEU E 309 7.55 34.21 -2.85
N VAL E 310 7.47 35.32 -2.11
CA VAL E 310 8.05 36.58 -2.53
C VAL E 310 8.44 37.32 -1.27
N THR E 311 9.66 37.90 -1.26
CA THR E 311 10.16 38.64 -0.10
C THR E 311 10.11 40.13 -0.41
N ILE E 312 9.57 40.92 0.52
CA ILE E 312 9.42 42.35 0.35
C ILE E 312 10.10 43.07 1.50
N THR E 313 10.80 44.16 1.20
CA THR E 313 11.56 44.93 2.18
C THR E 313 11.06 46.36 2.22
N SER E 314 11.33 47.02 3.36
CA SER E 314 10.95 48.41 3.60
C SER E 314 12.09 49.14 4.30
N THR E 315 12.68 50.14 3.65
CA THR E 315 13.75 50.93 4.21
C THR E 315 13.25 52.36 4.42
N TYR E 316 13.32 52.85 5.66
CA TYR E 316 12.63 54.07 6.05
C TYR E 316 13.50 54.99 6.89
N ASP E 317 13.14 56.28 6.90
CA ASP E 317 13.82 57.31 7.68
C ASP E 317 13.26 57.34 9.10
N HIS E 318 14.14 57.16 10.09
CA HIS E 318 13.73 56.82 11.43
C HIS E 318 13.43 58.07 12.25
N ARG E 319 13.67 59.25 11.68
CA ARG E 319 13.34 60.50 12.33
C ARG E 319 11.85 60.81 12.22
N VAL E 320 11.14 60.20 11.26
CA VAL E 320 9.75 60.52 11.02
C VAL E 320 8.86 59.28 10.93
N ILE E 321 9.45 58.08 10.76
CA ILE E 321 8.67 56.85 10.72
C ILE E 321 9.24 55.89 11.75
N GLN E 322 8.35 55.27 12.53
CA GLN E 322 8.75 54.32 13.57
C GLN E 322 8.56 52.90 13.05
N GLY E 323 9.14 51.94 13.77
CA GLY E 323 9.21 50.56 13.33
C GLY E 323 7.84 49.88 13.26
N ALA E 324 6.97 50.21 14.22
CA ALA E 324 5.64 49.63 14.29
C ALA E 324 4.84 49.95 13.02
N VAL E 325 4.98 51.18 12.53
CA VAL E 325 4.26 51.61 11.35
C VAL E 325 4.74 50.83 10.13
N SER E 326 6.06 50.66 10.01
CA SER E 326 6.65 49.94 8.89
C SER E 326 6.20 48.48 8.87
N GLY E 327 6.09 47.89 10.06
CA GLY E 327 5.63 46.52 10.20
C GLY E 327 4.19 46.36 9.77
N GLU E 328 3.33 47.30 10.19
CA GLU E 328 1.91 47.25 9.88
C GLU E 328 1.68 47.46 8.39
N PHE E 329 2.54 48.24 7.75
CA PHE E 329 2.49 48.46 6.32
C PHE E 329 2.66 47.14 5.58
N LEU E 330 3.70 46.37 5.96
CA LEU E 330 4.01 45.11 5.28
C LEU E 330 2.93 44.06 5.57
N ARG E 331 2.32 44.12 6.75
CA ARG E 331 1.28 43.18 7.10
C ARG E 331 0.05 43.41 6.23
N THR E 332 -0.25 44.67 5.92
CA THR E 332 -1.39 45.02 5.09
C THR E 332 -1.16 44.53 3.66
N MET E 333 0.06 44.68 3.15
CA MET E 333 0.37 44.25 1.80
C MET E 333 0.21 42.74 1.68
N SER E 334 0.60 42.03 2.73
CA SER E 334 0.50 40.58 2.77
C SER E 334 -0.95 40.14 2.71
N ARG E 335 -1.83 40.86 3.41
CA ARG E 335 -3.25 40.53 3.48
C ARG E 335 -3.93 40.79 2.14
N LEU E 336 -3.54 41.85 1.44
CA LEU E 336 -4.21 42.24 0.21
C LEU E 336 -3.97 41.21 -0.89
N LEU E 337 -2.77 40.64 -0.95
CA LEU E 337 -2.42 39.75 -2.04
C LEU E 337 -3.05 38.37 -1.87
N THR E 338 -3.86 38.20 -0.83
CA THR E 338 -4.54 36.94 -0.59
C THR E 338 -5.97 37.21 -0.14
N ASP E 339 -6.54 38.33 -0.60
CA ASP E 339 -7.83 38.81 -0.11
C ASP E 339 -8.87 38.73 -1.21
N ASP E 340 -10.11 38.41 -0.83
CA ASP E 340 -11.20 38.22 -1.77
C ASP E 340 -11.52 39.55 -2.46
N SER E 341 -11.63 40.62 -1.66
CA SER E 341 -12.14 41.89 -2.14
C SER E 341 -11.13 42.56 -3.06
N PHE E 342 -9.85 42.27 -2.89
CA PHE E 342 -8.80 42.89 -3.67
C PHE E 342 -8.91 42.41 -5.12
N TRP E 343 -9.12 41.11 -5.30
CA TRP E 343 -9.10 40.50 -6.61
C TRP E 343 -10.42 40.73 -7.35
N ASP E 344 -11.49 41.02 -6.60
CA ASP E 344 -12.76 41.38 -7.19
C ASP E 344 -12.61 42.72 -7.93
N GLU E 345 -11.87 43.65 -7.33
CA GLU E 345 -11.62 44.94 -7.96
C GLU E 345 -10.90 44.74 -9.29
N ILE E 346 -9.84 43.94 -9.28
CA ILE E 346 -9.00 43.82 -10.46
C ILE E 346 -9.79 43.15 -11.58
N PHE E 347 -10.58 42.14 -11.23
CA PHE E 347 -11.33 41.38 -12.22
C PHE E 347 -12.42 42.24 -12.83
N ASP E 348 -13.11 43.02 -11.99
CA ASP E 348 -14.17 43.91 -12.42
C ASP E 348 -13.64 44.88 -13.46
N ALA E 349 -12.45 45.43 -13.20
CA ALA E 349 -11.91 46.51 -14.01
C ALA E 349 -11.43 46.00 -15.36
N MET E 350 -11.06 44.72 -15.43
CA MET E 350 -10.48 44.17 -16.65
C MET E 350 -11.52 43.40 -17.45
N ASN E 351 -12.76 43.32 -16.92
CA ASN E 351 -13.87 42.68 -17.59
C ASN E 351 -13.58 41.20 -17.79
N VAL E 352 -13.43 40.45 -16.70
CA VAL E 352 -13.32 39.00 -16.77
C VAL E 352 -14.54 38.42 -16.07
N PRO E 353 -15.22 37.42 -16.68
CA PRO E 353 -16.55 37.00 -16.22
C PRO E 353 -16.62 35.98 -15.09
N TYR E 354 -15.49 35.38 -14.75
CA TYR E 354 -15.45 34.30 -13.76
C TYR E 354 -15.16 34.85 -12.37
N THR E 355 -15.58 34.10 -11.35
CA THR E 355 -15.19 34.40 -9.99
C THR E 355 -13.71 34.07 -9.83
N PRO E 356 -12.91 34.94 -9.17
CA PRO E 356 -11.50 34.65 -8.95
C PRO E 356 -11.29 33.47 -8.02
N MET E 357 -10.17 32.78 -8.22
CA MET E 357 -9.74 31.70 -7.35
C MET E 357 -9.56 32.26 -5.94
N ARG E 358 -9.93 31.47 -4.93
CA ARG E 358 -9.91 31.91 -3.54
C ARG E 358 -8.77 31.23 -2.78
N TRP E 359 -8.43 31.75 -1.61
CA TRP E 359 -7.32 31.25 -0.81
C TRP E 359 -7.86 30.34 0.28
N ALA E 360 -7.23 29.17 0.44
CA ALA E 360 -7.64 28.20 1.45
C ALA E 360 -6.52 27.19 1.68
N GLN E 361 -6.66 26.39 2.74
CA GLN E 361 -5.70 25.36 3.06
C GLN E 361 -6.00 24.08 2.29
N ASP E 362 -4.96 23.27 2.07
CA ASP E 362 -5.10 21.98 1.42
C ASP E 362 -5.83 21.04 2.38
N VAL E 363 -6.74 20.23 1.82
CA VAL E 363 -7.58 19.34 2.61
C VAL E 363 -7.13 17.91 2.38
N PRO E 364 -7.33 17.00 3.36
CA PRO E 364 -6.95 15.59 3.21
C PRO E 364 -7.87 14.79 2.30
N ASN E 365 -7.33 13.74 1.66
CA ASN E 365 -8.09 12.84 0.81
C ASN E 365 -8.72 11.76 1.68
N THR E 366 -9.78 12.14 2.41
CA THR E 366 -10.48 11.24 3.30
C THR E 366 -11.97 11.31 2.99
N GLY E 367 -12.73 10.33 3.48
CA GLY E 367 -14.16 10.29 3.24
C GLY E 367 -14.47 9.98 1.78
N VAL E 368 -15.22 10.87 1.13
CA VAL E 368 -15.47 10.78 -0.29
C VAL E 368 -14.18 11.11 -1.03
N ASP E 369 -13.79 10.22 -1.94
CA ASP E 369 -12.52 10.33 -2.64
C ASP E 369 -12.57 11.54 -3.56
N LYS E 370 -11.40 12.04 -3.95
CA LYS E 370 -11.32 13.24 -4.74
C LYS E 370 -11.66 12.95 -6.19
N ASN E 371 -11.43 11.74 -6.68
CA ASN E 371 -11.85 11.39 -8.01
C ASN E 371 -13.36 11.52 -8.15
N THR E 372 -14.10 11.12 -7.11
CA THR E 372 -15.54 11.23 -7.11
C THR E 372 -15.96 12.69 -7.23
N ARG E 373 -15.22 13.58 -6.56
CA ARG E 373 -15.58 14.98 -6.53
C ARG E 373 -15.35 15.62 -7.90
N VAL E 374 -14.33 15.18 -8.62
CA VAL E 374 -14.04 15.76 -9.92
C VAL E 374 -15.12 15.33 -10.91
N MET E 375 -15.67 14.13 -10.74
CA MET E 375 -16.70 13.64 -11.63
C MET E 375 -17.99 14.40 -11.40
N GLN E 376 -18.23 14.81 -10.16
CA GLN E 376 -19.41 15.59 -9.82
C GLN E 376 -19.32 17.00 -10.38
N LEU E 377 -18.10 17.54 -10.48
CA LEU E 377 -17.89 18.86 -11.05
C LEU E 377 -18.19 18.83 -12.55
N ILE E 378 -17.81 17.74 -13.22
CA ILE E 378 -18.05 17.61 -14.65
C ILE E 378 -19.55 17.57 -14.90
N GLU E 379 -20.29 16.86 -14.06
CA GLU E 379 -21.72 16.71 -14.24
C GLU E 379 -22.42 18.05 -14.01
N ALA E 380 -21.91 18.85 -13.07
CA ALA E 380 -22.52 20.13 -12.74
C ALA E 380 -22.42 21.11 -13.90
N TYR E 381 -21.28 21.14 -14.59
CA TYR E 381 -21.09 22.06 -15.69
C TYR E 381 -21.95 21.65 -16.87
N ARG E 382 -22.01 20.35 -17.15
CA ARG E 382 -22.84 19.84 -18.23
C ARG E 382 -24.30 20.17 -18.00
N SER E 383 -24.71 20.29 -16.73
CA SER E 383 -26.11 20.43 -16.40
C SER E 383 -26.50 21.89 -16.21
N ARG E 384 -25.64 22.70 -15.60
CA ARG E 384 -26.05 24.03 -15.16
C ARG E 384 -25.06 25.11 -15.58
N GLY E 385 -24.18 24.82 -16.52
CA GLY E 385 -23.14 25.77 -16.90
C GLY E 385 -23.67 26.95 -17.70
N HIS E 386 -24.87 26.79 -18.27
CA HIS E 386 -25.49 27.82 -19.07
C HIS E 386 -25.86 29.03 -18.22
N LEU E 387 -25.90 28.87 -16.91
CA LEU E 387 -26.32 29.94 -16.03
C LEU E 387 -25.26 31.02 -15.91
N ILE E 388 -24.02 30.77 -16.33
CA ILE E 388 -22.98 31.78 -16.25
C ILE E 388 -22.30 31.99 -17.60
N ALA E 389 -22.99 31.73 -18.70
CA ALA E 389 -22.38 31.82 -20.01
C ALA E 389 -22.50 33.24 -20.55
N ASP E 390 -21.64 33.57 -21.53
CA ASP E 390 -21.54 34.90 -22.07
C ASP E 390 -22.46 35.01 -23.27
N THR E 391 -23.76 35.17 -23.02
CA THR E 391 -24.75 35.12 -24.08
C THR E 391 -25.47 36.44 -24.23
N ASN E 392 -25.20 37.43 -23.38
CA ASN E 392 -25.90 38.69 -23.43
C ASN E 392 -24.99 39.76 -24.02
N PRO E 393 -25.35 40.41 -25.15
CA PRO E 393 -24.51 41.45 -25.72
C PRO E 393 -24.35 42.68 -24.85
N LEU E 394 -25.36 43.00 -24.04
CA LEU E 394 -25.31 44.10 -23.11
C LEU E 394 -24.80 43.62 -21.77
N SER E 395 -24.24 44.54 -20.99
CA SER E 395 -23.87 44.28 -19.61
C SER E 395 -25.02 44.71 -18.71
N TRP E 396 -26.12 43.96 -18.79
CA TRP E 396 -27.40 44.38 -18.24
C TRP E 396 -28.01 43.25 -17.42
N VAL E 397 -28.40 43.56 -16.18
CA VAL E 397 -29.23 42.65 -15.40
C VAL E 397 -30.51 43.38 -15.04
N GLN E 398 -31.65 42.74 -15.37
CA GLN E 398 -32.95 43.33 -15.13
C GLN E 398 -33.19 43.37 -13.63
N PRO E 399 -33.53 44.54 -13.06
CA PRO E 399 -33.63 44.70 -11.60
C PRO E 399 -34.66 43.89 -10.84
N GLY E 400 -35.79 43.55 -11.45
CA GLY E 400 -36.86 42.94 -10.68
C GLY E 400 -36.89 41.41 -10.72
N MET E 401 -35.93 40.79 -11.41
CA MET E 401 -35.99 39.36 -11.69
C MET E 401 -35.14 38.60 -10.70
N PRO E 402 -35.57 37.42 -10.21
CA PRO E 402 -34.75 36.60 -9.33
C PRO E 402 -33.50 36.05 -10.02
N VAL E 403 -32.39 35.97 -9.28
CA VAL E 403 -31.15 35.43 -9.80
C VAL E 403 -31.00 34.00 -9.28
N PRO E 404 -30.91 32.97 -10.16
CA PRO E 404 -30.74 31.59 -9.71
C PRO E 404 -29.45 31.36 -8.95
N ASP E 405 -29.46 30.34 -8.08
CA ASP E 405 -28.29 29.90 -7.35
C ASP E 405 -27.36 29.19 -8.32
N HIS E 406 -26.09 29.60 -8.35
CA HIS E 406 -25.08 28.91 -9.13
C HIS E 406 -23.81 28.73 -8.30
N ARG E 407 -23.97 28.15 -7.11
CA ARG E 407 -22.87 27.80 -6.24
C ARG E 407 -22.31 26.42 -6.62
N ASP E 408 -22.94 25.74 -7.57
CA ASP E 408 -22.52 24.41 -7.95
C ASP E 408 -21.32 24.46 -8.89
N LEU E 409 -20.95 25.65 -9.36
CA LEU E 409 -19.98 25.76 -10.43
C LEU E 409 -18.63 26.25 -9.92
N ASP E 410 -18.46 26.40 -8.61
CA ASP E 410 -17.17 26.80 -8.05
C ASP E 410 -16.58 25.64 -7.27
N ILE E 411 -15.24 25.55 -7.26
CA ILE E 411 -14.57 24.33 -6.83
C ILE E 411 -14.65 24.17 -5.32
N GLU E 412 -15.04 25.22 -4.59
CA GLU E 412 -15.13 25.17 -3.15
C GLU E 412 -16.28 24.27 -2.71
N THR E 413 -17.36 24.23 -3.49
CA THR E 413 -18.56 23.52 -3.08
C THR E 413 -18.35 22.01 -3.21
N HIS E 414 -17.35 21.61 -3.99
CA HIS E 414 -17.05 20.20 -4.19
C HIS E 414 -15.81 19.81 -3.41
N ASN E 415 -15.42 20.62 -2.42
CA ASN E 415 -14.27 20.34 -1.57
C ASN E 415 -13.02 20.13 -2.39
N LEU E 416 -12.69 21.09 -3.24
CA LEU E 416 -11.43 21.11 -3.95
C LEU E 416 -10.82 22.49 -3.73
N THR E 417 -9.54 22.66 -4.05
CA THR E 417 -8.76 23.83 -3.68
C THR E 417 -7.71 24.09 -4.73
N ILE E 418 -7.09 25.27 -4.71
CA ILE E 418 -6.05 25.63 -5.65
C ILE E 418 -4.92 24.64 -5.63
N TRP E 419 -4.77 23.88 -4.54
CA TRP E 419 -3.68 22.95 -4.37
C TRP E 419 -3.92 21.66 -5.15
N ASP E 420 -5.08 21.57 -5.83
CA ASP E 420 -5.45 20.36 -6.56
C ASP E 420 -5.31 20.57 -8.05
N LEU E 421 -4.90 21.75 -8.48
CA LEU E 421 -4.97 22.11 -9.88
C LEU E 421 -3.97 21.33 -10.73
N ASP E 422 -2.83 20.92 -10.14
CA ASP E 422 -1.78 20.28 -10.92
C ASP E 422 -1.70 18.78 -10.64
N ARG E 423 -2.55 18.27 -9.75
CA ARG E 423 -2.65 16.84 -9.49
C ARG E 423 -3.46 16.18 -10.61
N THR E 424 -3.40 14.85 -10.70
CA THR E 424 -3.97 14.11 -11.81
C THR E 424 -5.04 13.15 -11.32
N PHE E 425 -6.08 12.94 -12.12
CA PHE E 425 -7.28 12.24 -11.71
C PHE E 425 -7.83 11.37 -12.83
N ASN E 426 -8.69 10.42 -12.47
CA ASN E 426 -9.36 9.55 -13.44
C ASN E 426 -10.69 10.16 -13.83
N VAL E 427 -10.90 10.33 -15.14
CA VAL E 427 -12.01 11.12 -15.65
C VAL E 427 -12.93 10.28 -16.52
N GLY E 428 -12.57 9.04 -16.79
CA GLY E 428 -13.49 8.07 -17.35
C GLY E 428 -13.95 8.44 -18.77
N GLY E 429 -13.00 8.82 -19.62
CA GLY E 429 -13.27 8.98 -21.04
C GLY E 429 -13.58 10.42 -21.43
N PHE E 430 -13.64 11.33 -20.46
CA PHE E 430 -13.85 12.73 -20.75
C PHE E 430 -12.70 13.25 -21.60
N GLY E 431 -13.03 13.89 -22.72
CA GLY E 431 -12.02 14.46 -23.60
C GLY E 431 -11.25 13.38 -24.36
N GLY E 432 -11.80 12.16 -24.40
CA GLY E 432 -11.14 11.04 -25.03
C GLY E 432 -9.87 10.61 -24.30
N LYS E 433 -9.84 10.81 -22.98
CA LYS E 433 -8.68 10.48 -22.17
C LYS E 433 -9.14 9.77 -20.91
N GLU E 434 -8.27 8.90 -20.37
CA GLU E 434 -8.56 8.16 -19.16
C GLU E 434 -8.07 8.92 -17.94
N THR E 435 -7.18 9.90 -18.14
CA THR E 435 -6.54 10.59 -17.05
C THR E 435 -6.25 12.03 -17.44
N MET E 436 -6.26 12.96 -16.47
CA MET E 436 -6.20 14.38 -16.73
C MET E 436 -5.92 15.15 -15.44
N THR E 437 -5.46 16.39 -15.57
CA THR E 437 -5.29 17.28 -14.43
C THR E 437 -6.51 18.15 -14.26
N LEU E 438 -6.70 18.72 -13.06
CA LEU E 438 -7.87 19.52 -12.78
C LEU E 438 -7.84 20.83 -13.55
N ARG E 439 -6.64 21.32 -13.85
CA ARG E 439 -6.48 22.52 -14.63
C ARG E 439 -7.03 22.29 -16.04
N GLU E 440 -6.69 21.15 -16.64
CA GLU E 440 -7.14 20.87 -17.99
C GLU E 440 -8.64 20.59 -18.00
N VAL E 441 -9.18 19.99 -16.95
CA VAL E 441 -10.60 19.70 -16.88
C VAL E 441 -11.37 21.02 -16.88
N LEU E 442 -10.98 21.96 -16.02
CA LEU E 442 -11.68 23.22 -15.92
C LEU E 442 -11.62 23.95 -17.26
N SER E 443 -10.45 23.95 -17.89
CA SER E 443 -10.26 24.62 -19.15
C SER E 443 -11.27 24.14 -20.18
N ARG E 444 -11.36 22.83 -20.37
CA ARG E 444 -12.22 22.26 -21.38
C ARG E 444 -13.70 22.52 -21.07
N LEU E 445 -14.09 22.35 -19.81
CA LEU E 445 -15.47 22.58 -19.42
C LEU E 445 -15.88 24.01 -19.75
N ARG E 446 -14.99 24.97 -19.47
CA ARG E 446 -15.31 26.37 -19.65
C ARG E 446 -15.37 26.73 -21.12
N ALA E 447 -14.60 26.04 -21.96
CA ALA E 447 -14.59 26.31 -23.38
C ALA E 447 -15.86 25.82 -24.04
N ALA E 448 -16.46 24.78 -23.47
CA ALA E 448 -17.60 24.11 -24.09
C ALA E 448 -18.93 24.65 -23.61
N TYR E 449 -19.00 25.18 -22.39
CA TYR E 449 -20.29 25.45 -21.79
C TYR E 449 -20.43 26.87 -21.26
N THR E 450 -19.44 27.75 -21.44
CA THR E 450 -19.48 29.04 -20.77
C THR E 450 -19.11 30.21 -21.68
N LEU E 451 -18.89 29.98 -22.98
CA LEU E 451 -18.58 31.05 -23.91
C LEU E 451 -19.86 31.55 -24.56
N LYS E 452 -19.93 31.62 -25.90
CA LYS E 452 -21.00 32.32 -26.59
C LYS E 452 -22.20 31.43 -26.86
N VAL E 453 -22.13 30.14 -26.53
CA VAL E 453 -23.26 29.23 -26.70
C VAL E 453 -23.54 28.54 -25.38
N GLY E 454 -24.77 28.64 -24.88
CA GLY E 454 -25.21 27.90 -23.72
C GLY E 454 -26.27 26.88 -24.09
N SER E 455 -26.18 25.67 -23.54
CA SER E 455 -26.99 24.55 -23.99
C SER E 455 -27.67 23.85 -22.81
N GLU E 456 -28.90 23.39 -23.02
CA GLU E 456 -29.63 22.57 -22.07
C GLU E 456 -30.06 21.28 -22.76
N TYR E 457 -29.55 20.13 -22.31
CA TYR E 457 -29.82 18.87 -22.97
C TYR E 457 -29.80 17.67 -22.03
N THR E 458 -29.61 17.88 -20.73
CA THR E 458 -29.34 16.78 -19.82
C THR E 458 -30.65 16.20 -19.29
N HIS E 459 -31.75 16.90 -19.54
CA HIS E 459 -33.07 16.47 -19.13
C HIS E 459 -33.68 15.44 -20.08
N ILE E 460 -33.05 15.24 -21.24
CA ILE E 460 -33.53 14.28 -22.22
C ILE E 460 -33.33 12.87 -21.67
N LEU E 461 -34.32 11.98 -21.89
CA LEU E 461 -34.36 10.69 -21.25
C LEU E 461 -33.58 9.64 -22.04
N ASP E 462 -33.55 9.76 -23.37
CA ASP E 462 -32.90 8.78 -24.21
C ASP E 462 -31.38 8.98 -24.18
N ARG E 463 -30.64 7.87 -24.11
CA ARG E 463 -29.20 7.90 -23.90
C ARG E 463 -28.48 8.25 -25.19
N ASP E 464 -28.99 7.75 -26.33
CA ASP E 464 -28.35 7.95 -27.61
C ASP E 464 -28.45 9.41 -28.04
N GLU E 465 -29.61 10.02 -27.82
CA GLU E 465 -29.78 11.45 -28.06
C GLU E 465 -28.79 12.26 -27.25
N ARG E 466 -28.74 12.03 -25.95
CA ARG E 466 -27.86 12.78 -25.07
C ARG E 466 -26.42 12.68 -25.54
N THR E 467 -25.99 11.49 -25.93
CA THR E 467 -24.60 11.25 -26.29
C THR E 467 -24.26 11.97 -27.58
N TRP E 468 -25.21 12.03 -28.51
CA TRP E 468 -25.01 12.67 -29.79
C TRP E 468 -24.75 14.16 -29.60
N LEU E 469 -25.57 14.80 -28.76
CA LEU E 469 -25.45 16.22 -28.49
C LEU E 469 -24.17 16.50 -27.72
N GLN E 470 -23.89 15.67 -26.72
CA GLN E 470 -22.74 15.86 -25.85
C GLN E 470 -21.45 15.82 -26.66
N ASP E 471 -21.37 14.90 -27.61
CA ASP E 471 -20.16 14.71 -28.40
C ASP E 471 -19.90 15.91 -29.28
N ARG E 472 -20.95 16.51 -29.84
CA ARG E 472 -20.80 17.59 -30.80
C ARG E 472 -20.50 18.91 -30.09
N LEU E 473 -21.04 19.12 -28.90
CA LEU E 473 -20.82 20.35 -28.16
C LEU E 473 -19.40 20.41 -27.63
N GLU E 474 -18.82 19.26 -27.31
CA GLU E 474 -17.50 19.23 -26.69
C GLU E 474 -16.40 19.16 -27.74
N ALA E 475 -16.74 18.81 -28.97
CA ALA E 475 -15.79 18.87 -30.07
C ALA E 475 -15.52 20.32 -30.44
N GLY E 476 -16.56 21.15 -30.40
CA GLY E 476 -16.43 22.57 -30.61
C GLY E 476 -16.86 22.97 -32.02
N MET E 477 -16.88 24.30 -32.26
CA MET E 477 -17.27 24.84 -33.54
C MET E 477 -16.05 24.83 -34.47
N PRO E 478 -16.13 24.21 -35.66
CA PRO E 478 -14.99 24.16 -36.58
C PRO E 478 -14.70 25.52 -37.22
N LYS E 479 -13.44 25.74 -37.57
CA LYS E 479 -12.99 27.02 -38.10
C LYS E 479 -13.48 27.17 -39.54
N PRO E 480 -14.17 28.27 -39.90
CA PRO E 480 -14.65 28.46 -41.27
C PRO E 480 -13.60 29.00 -42.22
N THR E 481 -13.82 28.79 -43.53
CA THR E 481 -12.89 29.21 -44.56
C THR E 481 -13.08 30.70 -44.82
N GLN E 482 -12.24 31.27 -45.70
CA GLN E 482 -12.29 32.69 -45.97
C GLN E 482 -13.51 33.02 -46.83
N ALA E 483 -13.85 32.15 -47.76
CA ALA E 483 -15.02 32.34 -48.59
C ALA E 483 -16.27 32.41 -47.74
N GLU E 484 -16.40 31.46 -46.80
CA GLU E 484 -17.54 31.40 -45.91
C GLU E 484 -17.65 32.68 -45.08
N GLN E 485 -16.52 33.17 -44.58
CA GLN E 485 -16.49 34.35 -43.76
C GLN E 485 -16.98 35.56 -44.54
N LYS E 486 -16.58 35.68 -45.80
CA LYS E 486 -16.98 36.82 -46.59
C LYS E 486 -18.47 36.76 -46.89
N TYR E 487 -19.01 35.55 -47.02
CA TYR E 487 -20.43 35.38 -47.30
C TYR E 487 -21.26 35.85 -46.11
N ILE E 488 -20.78 35.61 -44.89
CA ILE E 488 -21.48 36.05 -43.70
C ILE E 488 -21.49 37.58 -43.66
N LEU E 489 -20.41 38.21 -44.11
CA LEU E 489 -20.30 39.66 -44.07
C LEU E 489 -21.26 40.28 -45.08
N GLN E 490 -21.44 39.65 -46.23
CA GLN E 490 -22.37 40.16 -47.23
C GLN E 490 -23.78 40.19 -46.68
N LYS E 491 -24.18 39.14 -45.97
CA LYS E 491 -25.54 39.01 -45.48
C LYS E 491 -25.79 40.04 -44.38
N LEU E 492 -24.83 40.25 -43.48
CA LEU E 492 -24.98 41.23 -42.42
C LEU E 492 -25.11 42.62 -43.03
N ASN E 493 -24.32 42.90 -44.06
CA ASN E 493 -24.34 44.20 -44.71
C ASN E 493 -25.71 44.46 -45.29
N ALA E 494 -26.27 43.46 -45.97
CA ALA E 494 -27.54 43.60 -46.65
C ALA E 494 -28.63 43.99 -45.66
N ALA E 495 -28.63 43.34 -44.50
CA ALA E 495 -29.64 43.59 -43.48
C ALA E 495 -29.59 45.04 -43.03
N GLU E 496 -28.42 45.50 -42.58
CA GLU E 496 -28.29 46.82 -41.99
C GLU E 496 -28.52 47.90 -43.04
N ALA E 497 -28.03 47.66 -44.26
CA ALA E 497 -28.15 48.64 -45.32
C ALA E 497 -29.60 48.91 -45.68
N PHE E 498 -30.40 47.85 -45.76
CA PHE E 498 -31.80 47.92 -46.12
C PHE E 498 -32.56 48.78 -45.11
N GLU E 499 -32.26 48.60 -43.83
CA GLU E 499 -32.94 49.32 -42.77
C GLU E 499 -32.63 50.81 -42.85
N ASN E 500 -31.36 51.14 -43.09
CA ASN E 500 -30.91 52.51 -43.12
C ASN E 500 -31.50 53.25 -44.32
N PHE E 501 -31.62 52.56 -45.45
CA PHE E 501 -32.17 53.17 -46.64
C PHE E 501 -33.60 53.64 -46.38
N LEU E 502 -34.41 52.75 -45.79
CA LEU E 502 -35.81 53.04 -45.51
C LEU E 502 -35.94 54.17 -44.50
N GLN E 503 -35.03 54.21 -43.52
CA GLN E 503 -35.02 55.26 -42.52
C GLN E 503 -34.83 56.62 -43.18
N THR E 504 -33.98 56.68 -44.21
CA THR E 504 -33.63 57.92 -44.87
C THR E 504 -34.76 58.42 -45.75
N LYS E 505 -35.37 57.52 -46.53
CA LYS E 505 -36.32 57.93 -47.57
C LYS E 505 -37.73 58.09 -47.02
N TYR E 506 -38.10 57.31 -45.99
CA TYR E 506 -39.43 57.36 -45.41
C TYR E 506 -39.33 57.44 -43.89
N VAL E 507 -39.42 58.65 -43.33
CA VAL E 507 -38.94 58.90 -41.98
C VAL E 507 -39.96 58.44 -40.95
N GLY E 508 -41.20 58.93 -41.07
CA GLY E 508 -42.21 58.69 -40.07
C GLY E 508 -42.83 57.30 -40.15
N GLN E 509 -42.73 56.65 -41.31
CA GLN E 509 -43.54 55.50 -41.60
C GLN E 509 -43.12 54.30 -40.76
N LYS E 510 -44.11 53.47 -40.43
CA LYS E 510 -43.99 52.34 -39.54
C LYS E 510 -43.46 51.13 -40.31
N ARG E 511 -42.39 50.50 -39.82
CA ARG E 511 -41.77 49.39 -40.54
C ARG E 511 -41.35 48.26 -39.61
N PHE E 512 -41.28 48.49 -38.29
CA PHE E 512 -40.84 47.49 -37.34
C PHE E 512 -39.46 46.96 -37.72
N SER E 513 -38.42 47.69 -37.33
CA SER E 513 -37.06 47.45 -37.80
C SER E 513 -36.44 46.27 -37.07
N LEU E 514 -35.36 45.75 -37.67
CA LEU E 514 -34.64 44.59 -37.18
C LEU E 514 -33.31 45.03 -36.58
N GLU E 515 -33.10 46.34 -36.47
CA GLU E 515 -31.85 46.89 -35.98
C GLU E 515 -31.63 46.46 -34.53
N GLY E 516 -30.48 45.85 -34.26
CA GLY E 516 -30.22 45.25 -32.97
C GLY E 516 -30.22 43.73 -33.05
N ALA E 517 -30.79 43.18 -34.14
CA ALA E 517 -30.98 41.76 -34.28
C ALA E 517 -30.75 41.33 -35.73
N GLU E 518 -29.64 41.78 -36.32
CA GLU E 518 -29.38 41.55 -37.72
C GLU E 518 -28.82 40.15 -37.96
N ALA E 519 -28.42 39.45 -36.90
CA ALA E 519 -27.84 38.12 -37.02
C ALA E 519 -28.92 37.10 -37.37
N LEU E 520 -30.19 37.48 -37.31
CA LEU E 520 -31.28 36.62 -37.71
C LEU E 520 -31.13 36.21 -39.17
N ILE E 521 -30.66 37.11 -40.04
CA ILE E 521 -30.61 36.84 -41.46
C ILE E 521 -29.62 35.71 -41.75
N PRO E 522 -28.33 35.79 -41.35
CA PRO E 522 -27.44 34.65 -41.49
C PRO E 522 -27.84 33.35 -40.78
N LEU E 523 -28.62 33.43 -39.69
CA LEU E 523 -29.08 32.23 -39.00
C LEU E 523 -30.08 31.47 -39.85
N MET E 524 -31.06 32.19 -40.39
CA MET E 524 -32.11 31.59 -41.20
C MET E 524 -31.50 31.02 -42.48
N ASP E 525 -30.51 31.71 -43.03
CA ASP E 525 -29.85 31.29 -44.26
C ASP E 525 -29.08 30.00 -44.03
N SER E 526 -28.45 29.86 -42.87
CA SER E 526 -27.70 28.68 -42.52
C SER E 526 -28.58 27.45 -42.49
N ALA E 527 -29.76 27.59 -41.88
CA ALA E 527 -30.69 26.49 -41.71
C ALA E 527 -31.25 26.03 -43.05
N ILE E 528 -31.63 26.98 -43.90
CA ILE E 528 -32.21 26.67 -45.20
C ILE E 528 -31.17 26.01 -46.08
N ASP E 529 -29.91 26.41 -45.94
CA ASP E 529 -28.84 25.87 -46.75
C ASP E 529 -28.55 24.43 -46.36
N THR E 530 -28.61 24.14 -45.05
CA THR E 530 -28.39 22.79 -44.54
C THR E 530 -29.48 21.86 -45.04
N ALA E 531 -30.71 22.37 -45.09
CA ALA E 531 -31.85 21.58 -45.53
C ALA E 531 -31.73 21.21 -47.00
N ALA E 532 -31.20 22.14 -47.80
CA ALA E 532 -31.00 21.90 -49.22
C ALA E 532 -29.96 20.82 -49.43
N GLY E 533 -28.96 20.76 -48.55
CA GLY E 533 -27.93 19.74 -48.63
C GLY E 533 -28.44 18.36 -48.25
N GLN E 534 -29.45 18.30 -47.38
CA GLN E 534 -30.02 17.03 -46.95
C GLN E 534 -30.89 16.45 -48.06
N GLY E 535 -31.36 17.29 -48.97
CA GLY E 535 -32.08 16.84 -50.13
C GLY E 535 -33.59 16.92 -49.97
N LEU E 536 -34.08 17.93 -49.25
CA LEU E 536 -35.48 18.06 -48.93
C LEU E 536 -36.15 18.97 -49.95
N ASP E 537 -37.46 19.16 -49.83
CA ASP E 537 -38.29 19.69 -50.92
C ASP E 537 -38.66 21.16 -50.70
N GLU E 538 -39.07 21.54 -49.49
CA GLU E 538 -39.57 22.88 -49.25
C GLU E 538 -39.32 23.29 -47.80
N VAL E 539 -39.31 24.61 -47.56
CA VAL E 539 -39.31 25.20 -46.23
C VAL E 539 -40.48 26.17 -46.15
N VAL E 540 -41.31 26.04 -45.10
CA VAL E 540 -42.44 26.92 -44.87
C VAL E 540 -42.16 27.76 -43.63
N ILE E 541 -42.33 29.09 -43.73
CA ILE E 541 -42.01 30.01 -42.66
C ILE E 541 -43.29 30.67 -42.15
N GLY E 542 -43.39 30.81 -40.83
CA GLY E 542 -44.37 31.69 -40.20
C GLY E 542 -43.70 32.59 -39.18
N MET E 543 -44.07 33.86 -39.14
CA MET E 543 -43.40 34.82 -38.27
C MET E 543 -44.30 36.00 -37.96
N PRO E 544 -43.96 36.81 -36.93
CA PRO E 544 -44.62 38.09 -36.69
C PRO E 544 -44.03 39.31 -37.42
N HIS E 545 -44.29 40.50 -36.86
CA HIS E 545 -44.00 41.79 -37.48
C HIS E 545 -42.51 42.14 -37.51
N ARG E 546 -41.75 41.70 -36.51
CA ARG E 546 -40.41 42.20 -36.28
C ARG E 546 -39.47 41.71 -37.37
N GLY E 547 -39.12 42.61 -38.29
CA GLY E 547 -38.14 42.32 -39.33
C GLY E 547 -38.72 41.52 -40.48
N ARG E 548 -39.96 41.82 -40.89
CA ARG E 548 -40.63 41.00 -41.88
C ARG E 548 -40.21 41.41 -43.29
N LEU E 549 -40.14 42.72 -43.53
CA LEU E 549 -39.80 43.24 -44.84
C LEU E 549 -38.36 42.85 -45.18
N ASN E 550 -37.55 42.66 -44.15
CA ASN E 550 -36.15 42.31 -44.30
C ASN E 550 -36.05 40.86 -44.76
N VAL E 551 -36.88 39.99 -44.17
CA VAL E 551 -36.89 38.57 -44.49
C VAL E 551 -37.46 38.35 -45.87
N LEU E 552 -38.49 39.11 -46.25
CA LEU E 552 -39.09 38.99 -47.55
C LEU E 552 -38.07 39.26 -48.65
N PHE E 553 -37.20 40.26 -48.44
CA PHE E 553 -36.25 40.65 -49.46
C PHE E 553 -35.02 39.75 -49.47
N ASN E 554 -34.48 39.43 -48.29
CA ASN E 554 -33.16 38.82 -48.20
C ASN E 554 -33.22 37.29 -48.12
N ILE E 555 -34.36 36.71 -47.71
CA ILE E 555 -34.45 35.26 -47.56
C ILE E 555 -35.36 34.67 -48.62
N VAL E 556 -36.47 35.33 -48.95
CA VAL E 556 -37.48 34.72 -49.80
C VAL E 556 -37.27 35.16 -51.25
N GLY E 557 -36.92 36.43 -51.46
CA GLY E 557 -36.55 36.91 -52.78
C GLY E 557 -37.66 37.72 -53.45
N LYS E 558 -38.51 38.37 -52.66
CA LYS E 558 -39.51 39.27 -53.18
C LYS E 558 -38.80 40.48 -53.79
N PRO E 559 -39.14 40.90 -55.03
CA PRO E 559 -38.42 41.99 -55.69
C PRO E 559 -38.55 43.34 -54.99
N LEU E 560 -37.51 44.16 -55.13
CA LEU E 560 -37.34 45.35 -54.32
C LEU E 560 -38.30 46.44 -54.78
N ALA E 561 -38.67 46.39 -56.05
CA ALA E 561 -39.60 47.36 -56.62
C ALA E 561 -40.94 47.28 -55.89
N SER E 562 -41.36 46.04 -55.59
CA SER E 562 -42.64 45.80 -54.95
C SER E 562 -42.70 46.46 -53.58
N ILE E 563 -41.61 46.37 -52.83
CA ILE E 563 -41.57 46.89 -51.46
C ILE E 563 -41.62 48.41 -51.49
N PHE E 564 -40.88 49.03 -52.42
CA PHE E 564 -40.87 50.48 -52.51
C PHE E 564 -42.25 51.00 -52.92
N ASN E 565 -42.92 50.29 -53.83
CA ASN E 565 -44.25 50.69 -54.25
C ASN E 565 -45.22 50.68 -53.08
N GLU E 566 -45.10 49.67 -52.21
CA GLU E 566 -45.95 49.56 -51.04
C GLU E 566 -45.83 50.81 -50.17
N PHE E 567 -44.60 51.32 -50.03
CA PHE E 567 -44.34 52.48 -49.19
C PHE E 567 -44.89 53.76 -49.81
N GLU E 568 -45.09 53.77 -51.13
CA GLU E 568 -45.61 54.94 -51.82
C GLU E 568 -47.13 54.86 -51.98
N GLY E 569 -47.74 53.75 -51.55
CA GLY E 569 -49.19 53.67 -51.44
C GLY E 569 -49.85 52.80 -52.50
N GLN E 570 -49.05 52.20 -53.41
CA GLN E 570 -49.57 51.30 -54.41
C GLN E 570 -49.45 49.86 -53.90
N MET E 571 -50.58 49.19 -53.72
CA MET E 571 -50.65 47.87 -53.11
C MET E 571 -51.12 46.86 -54.15
N GLU E 572 -50.47 45.70 -54.19
CA GLU E 572 -50.84 44.63 -55.11
C GLU E 572 -52.13 43.98 -54.65
N GLN E 573 -53.01 43.67 -55.62
CA GLN E 573 -54.34 43.16 -55.33
C GLN E 573 -54.32 41.63 -55.31
N GLY E 574 -54.94 41.06 -54.29
CA GLY E 574 -55.03 39.60 -54.13
C GLY E 574 -56.23 39.04 -54.88
N GLN E 575 -57.42 39.57 -54.58
CA GLN E 575 -58.66 39.17 -55.22
C GLN E 575 -59.30 40.43 -55.81
N ILE E 576 -60.04 40.25 -56.90
CA ILE E 576 -60.69 41.36 -57.58
C ILE E 576 -61.78 41.92 -56.66
N GLY E 577 -61.65 43.21 -56.32
CA GLY E 577 -62.60 43.89 -55.46
C GLY E 577 -62.33 43.64 -53.98
N GLY E 578 -61.07 43.30 -53.64
CA GLY E 578 -60.69 43.00 -52.28
C GLY E 578 -60.37 44.24 -51.47
N SER E 579 -60.30 44.08 -50.14
CA SER E 579 -60.11 45.18 -49.22
C SER E 579 -58.64 45.41 -48.91
N GLY E 580 -57.90 44.32 -48.66
CA GLY E 580 -56.45 44.41 -48.50
C GLY E 580 -56.02 44.33 -47.04
N ASP E 581 -54.72 44.50 -46.80
CA ASP E 581 -54.17 44.49 -45.46
C ASP E 581 -52.80 45.18 -45.48
N VAL E 582 -52.28 45.49 -44.29
CA VAL E 582 -51.05 46.25 -44.13
C VAL E 582 -49.86 45.42 -44.61
N LYS E 583 -48.73 46.10 -44.84
CA LYS E 583 -47.62 45.56 -45.61
C LYS E 583 -46.87 44.47 -44.85
N TYR E 584 -46.97 44.47 -43.51
CA TYR E 584 -46.24 43.50 -42.72
C TYR E 584 -47.14 42.32 -42.32
N HIS E 585 -48.14 42.01 -43.16
CA HIS E 585 -49.00 40.86 -42.94
C HIS E 585 -49.07 39.97 -44.19
N LEU E 586 -48.18 40.19 -45.17
CA LEU E 586 -48.30 39.55 -46.48
C LEU E 586 -47.29 38.42 -46.63
N GLY E 587 -47.51 37.53 -47.62
CA GLY E 587 -46.66 36.38 -47.87
C GLY E 587 -46.04 36.38 -49.27
N SER E 588 -45.20 35.37 -49.56
CA SER E 588 -44.58 35.23 -50.88
C SER E 588 -43.92 33.86 -51.03
N GLU E 589 -43.43 33.57 -52.24
CA GLU E 589 -42.73 32.32 -52.57
C GLU E 589 -41.43 32.62 -53.30
N GLY E 590 -40.51 31.64 -53.34
CA GLY E 590 -39.22 31.82 -53.97
C GLY E 590 -38.37 30.54 -53.98
N GLN E 591 -37.17 30.64 -54.56
CA GLN E 591 -36.22 29.54 -54.62
C GLN E 591 -34.93 29.94 -53.91
N HIS E 592 -34.17 28.95 -53.43
CA HIS E 592 -32.89 29.19 -52.77
C HIS E 592 -31.86 28.23 -53.34
N LEU E 593 -30.77 28.77 -53.89
CA LEU E 593 -29.68 27.99 -54.44
C LEU E 593 -28.55 27.93 -53.43
N GLN E 594 -27.93 26.75 -53.31
CA GLN E 594 -26.86 26.52 -52.37
C GLN E 594 -25.61 27.23 -52.88
N MET E 595 -24.92 27.95 -51.99
CA MET E 595 -23.82 28.83 -52.39
C MET E 595 -22.58 28.01 -52.74
N PHE E 596 -22.32 26.98 -51.93
CA PHE E 596 -21.17 26.12 -52.10
C PHE E 596 -21.66 24.67 -52.24
N GLY E 597 -22.53 24.44 -53.22
CA GLY E 597 -23.10 23.13 -53.46
C GLY E 597 -23.98 23.14 -54.70
N ASP E 598 -24.62 22.00 -55.01
CA ASP E 598 -25.44 21.86 -56.19
C ASP E 598 -26.91 21.71 -55.81
N GLY E 599 -27.25 22.09 -54.57
CA GLY E 599 -28.60 21.92 -54.05
C GLY E 599 -29.51 23.09 -54.41
N GLU E 600 -30.82 22.86 -54.32
CA GLU E 600 -31.83 23.87 -54.56
C GLU E 600 -33.08 23.49 -53.77
N ILE E 601 -33.74 24.48 -53.15
CA ILE E 601 -34.92 24.23 -52.34
C ILE E 601 -35.90 25.38 -52.53
N LYS E 602 -37.18 25.11 -52.25
CA LYS E 602 -38.25 26.07 -52.37
C LYS E 602 -38.53 26.71 -51.02
N VAL E 603 -38.87 28.00 -50.99
CA VAL E 603 -39.12 28.72 -49.75
C VAL E 603 -40.43 29.46 -49.87
N SER E 604 -41.24 29.42 -48.81
CA SER E 604 -42.56 30.04 -48.77
C SER E 604 -42.79 30.75 -47.44
N LEU E 605 -43.60 31.81 -47.46
CA LEU E 605 -43.98 32.53 -46.25
C LEU E 605 -45.48 32.78 -46.26
N THR E 606 -46.16 32.52 -45.14
CA THR E 606 -47.61 32.52 -45.07
C THR E 606 -48.14 33.82 -44.51
N ALA E 607 -49.40 34.14 -44.79
CA ALA E 607 -50.05 35.34 -44.32
C ALA E 607 -50.55 35.15 -42.90
N ASN E 608 -50.87 36.25 -42.22
CA ASN E 608 -51.28 36.18 -40.83
C ASN E 608 -51.88 37.50 -40.38
N PRO E 609 -52.77 37.49 -39.37
CA PRO E 609 -53.28 38.72 -38.77
C PRO E 609 -52.40 39.30 -37.66
N SER E 610 -52.87 40.39 -37.05
CA SER E 610 -52.15 41.06 -35.99
C SER E 610 -52.11 40.21 -34.73
N HIS E 611 -53.16 39.40 -34.52
CA HIS E 611 -53.27 38.55 -33.35
C HIS E 611 -52.06 37.63 -33.29
N LEU E 612 -51.25 37.74 -32.24
CA LEU E 612 -49.97 37.08 -32.17
C LEU E 612 -50.17 35.59 -31.91
N GLU E 613 -49.36 34.77 -32.59
CA GLU E 613 -49.23 33.35 -32.36
C GLU E 613 -50.42 32.56 -32.90
N ALA E 614 -51.25 33.20 -33.74
CA ALA E 614 -52.40 32.53 -34.32
C ALA E 614 -52.03 31.80 -35.61
N VAL E 615 -50.79 31.95 -36.05
CA VAL E 615 -50.30 31.34 -37.27
C VAL E 615 -49.70 29.98 -36.96
N ASN E 616 -49.52 29.66 -35.69
CA ASN E 616 -48.79 28.47 -35.31
C ASN E 616 -49.52 27.22 -35.80
N PRO E 617 -50.80 26.96 -35.41
CA PRO E 617 -51.50 25.79 -35.92
C PRO E 617 -51.76 25.80 -37.42
N VAL E 618 -51.88 27.00 -38.01
CA VAL E 618 -52.19 27.11 -39.43
C VAL E 618 -51.01 26.64 -40.26
N MET E 619 -49.78 26.98 -39.86
CA MET E 619 -48.64 26.65 -40.69
C MET E 619 -48.26 25.19 -40.50
N GLU E 620 -48.65 24.59 -39.37
CA GLU E 620 -48.43 23.17 -39.13
C GLU E 620 -49.30 22.34 -40.05
N GLY E 621 -50.56 22.75 -40.21
CA GLY E 621 -51.48 22.10 -41.12
C GLY E 621 -51.02 22.19 -42.59
N ILE E 622 -50.47 23.34 -42.99
CA ILE E 622 -50.00 23.51 -44.35
C ILE E 622 -48.91 22.49 -44.63
N VAL E 623 -48.00 22.30 -43.68
CA VAL E 623 -46.87 21.42 -43.87
C VAL E 623 -47.36 19.97 -43.98
N ARG E 624 -48.36 19.59 -43.17
CA ARG E 624 -48.84 18.22 -43.16
C ARG E 624 -49.51 17.87 -44.47
N ALA E 625 -50.24 18.82 -45.05
CA ALA E 625 -50.93 18.58 -46.30
C ALA E 625 -49.93 18.39 -47.43
N LYS E 626 -48.85 19.18 -47.43
CA LYS E 626 -47.85 19.10 -48.47
C LYS E 626 -47.09 17.79 -48.38
N GLN E 627 -46.84 17.31 -47.17
CA GLN E 627 -46.15 16.05 -46.98
C GLN E 627 -47.02 14.90 -47.47
N ASP E 628 -48.33 14.97 -47.21
CA ASP E 628 -49.25 13.91 -47.59
C ASP E 628 -49.34 13.79 -49.10
N TYR E 629 -49.21 14.91 -49.81
CA TYR E 629 -49.31 14.94 -51.26
C TYR E 629 -48.09 14.26 -51.89
N LEU E 630 -46.91 14.45 -51.32
CA LEU E 630 -45.69 13.90 -51.87
C LEU E 630 -45.65 12.38 -51.67
N ASP E 631 -46.04 11.93 -50.47
CA ASP E 631 -46.31 10.52 -50.22
C ASP E 631 -45.02 9.70 -50.29
N LYS E 632 -44.09 9.97 -49.38
CA LYS E 632 -42.80 9.31 -49.36
C LYS E 632 -42.67 8.38 -48.15
N GLY E 633 -43.71 8.27 -47.33
CA GLY E 633 -43.75 7.29 -46.25
C GLY E 633 -43.18 7.81 -44.94
N VAL E 634 -42.79 6.87 -44.06
CA VAL E 634 -42.36 7.16 -42.71
C VAL E 634 -40.96 7.77 -42.72
N ASP E 635 -40.16 7.41 -43.73
CA ASP E 635 -38.78 7.86 -43.86
C ASP E 635 -38.73 9.15 -44.67
N GLY E 636 -39.88 9.76 -44.94
CA GLY E 636 -39.97 10.99 -45.70
C GLY E 636 -39.90 12.21 -44.77
N LYS E 637 -41.02 12.93 -44.67
CA LYS E 637 -41.11 14.14 -43.88
C LYS E 637 -40.11 15.16 -44.40
N THR E 638 -40.33 15.60 -45.64
CA THR E 638 -39.35 16.34 -46.41
C THR E 638 -39.77 17.79 -46.65
N VAL E 639 -40.76 18.27 -45.89
CA VAL E 639 -41.08 19.68 -45.84
C VAL E 639 -40.81 20.16 -44.42
N VAL E 640 -40.02 21.23 -44.27
CA VAL E 640 -39.50 21.66 -42.99
C VAL E 640 -40.29 22.87 -42.50
N PRO E 641 -40.87 22.87 -41.28
CA PRO E 641 -41.43 24.07 -40.67
C PRO E 641 -40.44 24.89 -39.86
N LEU E 642 -40.33 26.19 -40.18
CA LEU E 642 -39.46 27.12 -39.50
C LEU E 642 -40.34 28.24 -38.94
N LEU E 643 -40.36 28.41 -37.61
CA LEU E 643 -41.35 29.23 -36.95
C LEU E 643 -40.68 30.22 -36.01
N LEU E 644 -40.92 31.52 -36.22
CA LEU E 644 -40.30 32.59 -35.47
C LEU E 644 -41.29 33.15 -34.45
N HIS E 645 -40.78 33.57 -33.28
CA HIS E 645 -41.59 34.12 -32.21
C HIS E 645 -40.90 35.33 -31.61
N GLY E 646 -41.63 36.08 -30.78
CA GLY E 646 -41.06 37.08 -29.89
C GLY E 646 -41.17 36.63 -28.44
N ASP E 647 -40.35 37.21 -27.56
CA ASP E 647 -40.13 36.68 -26.23
C ASP E 647 -41.36 36.84 -25.36
N ALA E 648 -42.00 38.01 -25.39
CA ALA E 648 -43.15 38.26 -24.55
C ALA E 648 -44.33 37.37 -24.95
N ALA E 649 -44.54 37.24 -26.26
CA ALA E 649 -45.66 36.46 -26.78
C ALA E 649 -45.48 34.98 -26.52
N PHE E 650 -44.24 34.49 -26.62
CA PHE E 650 -43.97 33.08 -26.46
C PHE E 650 -44.32 32.61 -25.06
N ALA E 651 -44.00 33.42 -24.05
CA ALA E 651 -44.18 33.02 -22.67
C ALA E 651 -45.62 33.24 -22.21
N GLY E 652 -46.34 34.15 -22.86
CA GLY E 652 -47.60 34.64 -22.34
C GLY E 652 -48.81 33.90 -22.88
N LEU E 653 -48.90 33.77 -24.21
CA LEU E 653 -50.09 33.25 -24.85
C LEU E 653 -50.10 31.73 -24.79
N GLY E 654 -51.29 31.16 -24.60
CA GLY E 654 -51.45 29.74 -24.33
C GLY E 654 -51.55 28.87 -25.58
N ILE E 655 -51.70 29.50 -26.74
CA ILE E 655 -51.77 28.77 -28.00
C ILE E 655 -50.42 28.12 -28.28
N VAL E 656 -49.34 28.67 -27.75
CA VAL E 656 -48.00 28.18 -28.07
C VAL E 656 -47.82 26.76 -27.55
N PRO E 657 -47.94 26.47 -26.24
CA PRO E 657 -47.82 25.10 -25.76
C PRO E 657 -48.91 24.15 -26.24
N GLU E 658 -50.08 24.69 -26.55
CA GLU E 658 -51.21 23.90 -27.05
C GLU E 658 -50.86 23.29 -28.39
N THR E 659 -50.11 24.02 -29.23
CA THR E 659 -49.76 23.55 -30.56
C THR E 659 -48.57 22.60 -30.49
N ILE E 660 -47.64 22.82 -29.55
CA ILE E 660 -46.48 21.97 -29.41
C ILE E 660 -46.91 20.58 -28.95
N ASN E 661 -48.08 20.49 -28.31
CA ASN E 661 -48.60 19.25 -27.77
C ASN E 661 -49.08 18.32 -28.88
N LEU E 662 -49.24 18.81 -30.10
CA LEU E 662 -49.71 18.00 -31.21
C LEU E 662 -48.57 17.33 -31.98
N ALA E 663 -47.33 17.47 -31.51
CA ALA E 663 -46.17 17.21 -32.33
C ALA E 663 -45.99 15.72 -32.63
N LYS E 664 -46.35 14.85 -31.69
CA LYS E 664 -46.06 13.43 -31.81
C LYS E 664 -47.33 12.62 -31.98
N LEU E 665 -48.46 13.25 -32.32
CA LEU E 665 -49.73 12.54 -32.43
C LEU E 665 -49.91 12.05 -33.86
N ARG E 666 -50.81 11.09 -34.04
CA ARG E 666 -50.87 10.26 -35.23
C ARG E 666 -51.29 11.08 -36.44
N GLY E 667 -52.25 11.97 -36.28
CA GLY E 667 -52.75 12.72 -37.41
C GLY E 667 -52.11 14.09 -37.59
N TYR E 668 -51.08 14.42 -36.80
CA TYR E 668 -50.56 15.77 -36.76
C TYR E 668 -49.04 15.85 -36.91
N ASP E 669 -48.34 14.71 -36.89
CA ASP E 669 -46.89 14.70 -36.83
C ASP E 669 -46.31 15.15 -38.17
N VAL E 670 -45.31 16.02 -38.13
CA VAL E 670 -44.68 16.55 -39.34
C VAL E 670 -43.16 16.40 -39.29
N GLY E 671 -42.63 15.64 -38.33
CA GLY E 671 -41.21 15.34 -38.31
C GLY E 671 -40.38 16.34 -37.52
N GLY E 672 -41.01 17.23 -36.76
CA GLY E 672 -40.30 18.18 -35.93
C GLY E 672 -40.41 19.60 -36.47
N THR E 673 -40.27 20.58 -35.57
CA THR E 673 -40.31 22.00 -35.92
C THR E 673 -39.08 22.70 -35.35
N ILE E 674 -38.50 23.62 -36.13
CA ILE E 674 -37.40 24.45 -35.68
C ILE E 674 -37.99 25.78 -35.22
N HIS E 675 -37.82 26.10 -33.94
CA HIS E 675 -38.32 27.33 -33.35
C HIS E 675 -37.18 28.31 -33.09
N ILE E 676 -37.39 29.59 -33.43
CA ILE E 676 -36.45 30.66 -33.13
C ILE E 676 -37.17 31.73 -32.33
N VAL E 677 -36.65 32.06 -31.14
CA VAL E 677 -37.20 33.12 -30.32
C VAL E 677 -36.25 34.31 -30.36
N VAL E 678 -36.72 35.44 -30.88
CA VAL E 678 -35.96 36.67 -30.95
C VAL E 678 -36.13 37.41 -29.63
N ASN E 679 -35.12 37.29 -28.77
CA ASN E 679 -35.19 37.75 -27.40
C ASN E 679 -34.48 39.10 -27.29
N ASN E 680 -35.24 40.19 -27.44
CA ASN E 680 -34.67 41.52 -27.38
C ASN E 680 -34.94 42.14 -26.01
N GLN E 681 -35.38 41.33 -25.08
CA GLN E 681 -35.40 41.66 -23.66
C GLN E 681 -36.41 42.75 -23.36
N ILE E 682 -37.49 42.84 -24.16
CA ILE E 682 -38.52 43.84 -23.93
C ILE E 682 -39.76 43.50 -24.75
N GLY E 683 -40.93 43.82 -24.17
CA GLY E 683 -42.20 43.75 -24.86
C GLY E 683 -42.44 45.02 -25.66
N PHE E 684 -43.43 45.80 -25.26
CA PHE E 684 -43.65 47.12 -25.84
C PHE E 684 -43.05 48.13 -24.86
N THR E 685 -43.68 48.31 -23.70
CA THR E 685 -43.09 49.07 -22.61
C THR E 685 -42.96 48.20 -21.37
N THR E 686 -42.89 46.88 -21.54
CA THR E 686 -42.93 45.93 -20.45
C THR E 686 -41.68 45.07 -20.46
N THR E 687 -41.09 44.85 -19.27
CA THR E 687 -39.84 44.14 -19.14
C THR E 687 -40.11 42.73 -18.62
N PRO E 688 -39.15 41.79 -18.77
CA PRO E 688 -39.38 40.39 -18.40
C PRO E 688 -39.87 40.08 -17.00
N ASP E 689 -39.59 40.99 -16.05
CA ASP E 689 -40.01 40.80 -14.67
C ASP E 689 -41.53 40.88 -14.56
N SER E 690 -42.19 41.46 -15.54
CA SER E 690 -43.64 41.60 -15.52
C SER E 690 -44.31 40.74 -16.58
N SER E 691 -43.54 39.91 -17.29
CA SER E 691 -44.04 39.20 -18.44
C SER E 691 -44.09 37.69 -18.21
N ARG E 692 -43.24 37.14 -17.34
CA ARG E 692 -43.20 35.70 -17.17
C ARG E 692 -42.71 35.33 -15.79
N SER E 693 -43.07 34.11 -15.36
CA SER E 693 -42.65 33.54 -14.09
C SER E 693 -41.59 32.46 -14.29
N MET E 694 -41.15 32.27 -15.53
CA MET E 694 -40.09 31.33 -15.85
C MET E 694 -38.77 32.09 -15.94
N HIS E 695 -37.64 31.41 -15.76
CA HIS E 695 -36.33 32.05 -15.80
C HIS E 695 -35.98 32.44 -17.22
N TYR E 696 -36.11 31.49 -18.15
CA TYR E 696 -35.94 31.76 -19.58
C TYR E 696 -37.29 31.72 -20.27
N ALA E 697 -37.36 32.33 -21.45
CA ALA E 697 -38.58 32.36 -22.22
C ALA E 697 -38.87 31.02 -22.86
N THR E 698 -37.83 30.19 -23.01
CA THR E 698 -37.92 28.94 -23.76
C THR E 698 -38.03 27.74 -22.83
N ASP E 699 -38.68 27.89 -21.68
CA ASP E 699 -38.67 26.84 -20.67
C ASP E 699 -39.77 25.81 -20.93
N TYR E 700 -40.68 26.07 -21.86
CA TYR E 700 -41.67 25.08 -22.24
C TYR E 700 -41.01 23.86 -22.87
N ALA E 701 -39.78 24.02 -23.37
CA ALA E 701 -39.04 22.92 -23.97
C ALA E 701 -38.85 21.78 -22.99
N LYS E 702 -38.65 22.08 -21.71
CA LYS E 702 -38.37 21.08 -20.71
C LYS E 702 -39.62 20.26 -20.37
N ALA E 703 -40.80 20.75 -20.74
CA ALA E 703 -42.03 20.02 -20.54
C ALA E 703 -42.20 18.94 -21.59
N PHE E 704 -41.55 19.11 -22.74
CA PHE E 704 -41.74 18.22 -23.87
C PHE E 704 -40.49 17.40 -24.16
N GLY E 705 -39.40 17.66 -23.46
CA GLY E 705 -38.20 16.86 -23.58
C GLY E 705 -37.37 17.17 -24.83
N CYS E 706 -37.11 18.45 -25.07
CA CYS E 706 -36.43 18.89 -26.28
C CYS E 706 -35.25 19.78 -25.93
N PRO E 707 -34.18 19.83 -26.76
CA PRO E 707 -33.01 20.66 -26.49
C PRO E 707 -33.17 22.15 -26.73
N VAL E 708 -32.37 22.96 -26.01
CA VAL E 708 -32.39 24.41 -26.15
C VAL E 708 -30.96 24.92 -26.31
N PHE E 709 -30.76 25.85 -27.25
CA PHE E 709 -29.49 26.51 -27.48
C PHE E 709 -29.66 28.01 -27.34
N HIS E 710 -28.92 28.64 -26.40
CA HIS E 710 -28.90 30.08 -26.28
C HIS E 710 -27.62 30.61 -26.92
N VAL E 711 -27.72 31.63 -27.78
CA VAL E 711 -26.58 32.12 -28.52
C VAL E 711 -26.56 33.64 -28.54
N ASN E 712 -25.35 34.20 -28.50
CA ASN E 712 -25.10 35.64 -28.46
C ASN E 712 -25.28 36.20 -29.85
N GLY E 713 -26.03 37.30 -29.95
CA GLY E 713 -26.38 37.86 -31.24
C GLY E 713 -25.31 38.77 -31.81
N ASP E 714 -24.15 38.87 -31.14
CA ASP E 714 -23.05 39.69 -31.61
C ASP E 714 -21.84 38.81 -31.95
N ASP E 715 -22.04 37.50 -32.13
CA ASP E 715 -20.98 36.62 -32.60
C ASP E 715 -21.48 35.81 -33.78
N PRO E 716 -21.45 36.37 -35.01
CA PRO E 716 -22.09 35.72 -36.15
C PRO E 716 -21.66 34.31 -36.51
N GLU E 717 -20.41 33.93 -36.25
CA GLU E 717 -19.95 32.61 -36.60
C GLU E 717 -20.59 31.56 -35.72
N ALA E 718 -20.77 31.88 -34.44
CA ALA E 718 -21.46 31.00 -33.51
C ALA E 718 -22.92 30.83 -33.91
N VAL E 719 -23.54 31.89 -34.43
CA VAL E 719 -24.94 31.86 -34.81
C VAL E 719 -25.12 30.89 -35.96
N VAL E 720 -24.20 30.93 -36.93
CA VAL E 720 -24.28 30.10 -38.11
C VAL E 720 -24.11 28.62 -37.73
N TRP E 721 -23.25 28.35 -36.76
CA TRP E 721 -23.00 26.99 -36.32
C TRP E 721 -24.24 26.39 -35.68
N VAL E 722 -24.92 27.18 -34.84
CA VAL E 722 -26.08 26.70 -34.10
C VAL E 722 -27.21 26.37 -35.07
N GLY E 723 -27.36 27.18 -36.12
CA GLY E 723 -28.38 26.93 -37.12
C GLY E 723 -28.20 25.58 -37.80
N GLN E 724 -26.96 25.24 -38.12
CA GLN E 724 -26.64 23.99 -38.78
C GLN E 724 -26.91 22.80 -37.87
N LEU E 725 -26.52 22.92 -36.61
CA LEU E 725 -26.61 21.84 -35.65
C LEU E 725 -28.07 21.51 -35.36
N ALA E 726 -28.95 22.52 -35.37
CA ALA E 726 -30.35 22.33 -35.09
C ALA E 726 -31.02 21.56 -36.21
N THR E 727 -30.67 21.89 -37.46
CA THR E 727 -31.28 21.26 -38.62
C THR E 727 -30.87 19.79 -38.71
N GLU E 728 -29.63 19.49 -38.33
CA GLU E 728 -29.14 18.12 -38.33
C GLU E 728 -29.86 17.29 -37.27
N TYR E 729 -30.12 17.87 -36.11
CA TYR E 729 -30.76 17.15 -35.02
C TYR E 729 -32.19 16.78 -35.41
N ARG E 730 -32.87 17.67 -36.13
CA ARG E 730 -34.24 17.43 -36.56
C ARG E 730 -34.30 16.26 -37.52
N ARG E 731 -33.32 16.16 -38.41
CA ARG E 731 -33.34 15.16 -39.46
C ARG E 731 -33.09 13.78 -38.87
N ARG E 732 -32.29 13.69 -37.81
CA ARG E 732 -31.92 12.40 -37.28
C ARG E 732 -32.97 11.86 -36.31
N PHE E 733 -33.53 12.72 -35.47
CA PHE E 733 -34.34 12.26 -34.35
C PHE E 733 -35.83 12.57 -34.55
N GLY E 734 -36.15 13.56 -35.39
CA GLY E 734 -37.54 13.84 -35.72
C GLY E 734 -38.30 14.46 -34.55
N LYS E 735 -37.66 15.43 -33.88
CA LYS E 735 -38.26 16.11 -32.74
C LYS E 735 -38.07 17.61 -32.88
N ASP E 736 -38.74 18.37 -32.01
CA ASP E 736 -38.66 19.82 -32.01
C ASP E 736 -37.35 20.27 -31.38
N VAL E 737 -36.87 21.45 -31.81
CA VAL E 737 -35.65 22.04 -31.32
C VAL E 737 -35.87 23.54 -31.17
N PHE E 738 -35.27 24.16 -30.15
CA PHE E 738 -35.52 25.55 -29.80
C PHE E 738 -34.23 26.34 -29.75
N ILE E 739 -34.19 27.50 -30.43
CA ILE E 739 -33.05 28.40 -30.43
C ILE E 739 -33.47 29.74 -29.83
N ASP E 740 -32.68 30.26 -28.89
CA ASP E 740 -32.90 31.54 -28.23
C ASP E 740 -31.79 32.50 -28.64
N LEU E 741 -32.14 33.50 -29.46
CA LEU E 741 -31.19 34.47 -29.98
C LEU E 741 -31.27 35.74 -29.14
N VAL E 742 -30.23 35.98 -28.33
CA VAL E 742 -30.23 37.08 -27.38
C VAL E 742 -29.66 38.33 -28.06
N CYS E 743 -30.46 39.39 -28.09
CA CYS E 743 -30.14 40.60 -28.83
C CYS E 743 -30.83 41.78 -28.17
N TYR E 744 -30.94 42.93 -28.86
CA TYR E 744 -31.61 44.10 -28.29
C TYR E 744 -32.41 44.84 -29.36
N ARG E 745 -33.19 45.84 -28.93
CA ARG E 745 -34.00 46.67 -29.81
C ARG E 745 -33.47 48.09 -29.80
N LEU E 746 -32.96 48.57 -30.95
CA LEU E 746 -32.21 49.81 -31.00
C LEU E 746 -33.10 51.01 -30.81
N ARG E 747 -34.23 51.05 -31.52
CA ARG E 747 -35.17 52.15 -31.44
C ARG E 747 -36.31 51.75 -30.50
N GLY E 748 -37.41 52.51 -30.55
CA GLY E 748 -38.60 52.17 -29.78
C GLY E 748 -39.39 51.04 -30.41
N HIS E 749 -40.58 50.78 -29.88
CA HIS E 749 -41.43 49.70 -30.34
C HIS E 749 -41.72 49.92 -31.82
N ASN E 750 -42.11 51.14 -32.16
CA ASN E 750 -42.21 51.58 -33.54
C ASN E 750 -41.30 52.80 -33.66
N GLU E 751 -41.28 53.41 -34.85
CA GLU E 751 -40.31 54.46 -35.14
C GLU E 751 -40.85 55.84 -34.73
N ALA E 752 -41.96 55.86 -33.98
CA ALA E 752 -42.54 57.11 -33.55
C ALA E 752 -42.60 57.19 -32.03
N ASP E 753 -41.93 56.27 -31.34
CA ASP E 753 -42.08 56.13 -29.89
C ASP E 753 -40.74 56.41 -29.20
N ASP E 754 -40.80 56.92 -27.97
CA ASP E 754 -39.61 57.25 -27.20
C ASP E 754 -39.47 56.28 -26.03
N PRO E 755 -38.48 55.36 -26.05
CA PRO E 755 -38.36 54.35 -25.01
C PRO E 755 -37.73 54.78 -23.69
N SER E 756 -37.22 56.01 -23.64
CA SER E 756 -36.51 56.51 -22.47
C SER E 756 -37.48 56.85 -21.35
N MET E 757 -38.74 57.10 -21.68
CA MET E 757 -39.71 57.51 -20.69
C MET E 757 -39.89 56.43 -19.63
N THR E 758 -39.81 55.16 -20.03
CA THR E 758 -40.14 54.05 -19.15
C THR E 758 -38.92 53.16 -18.87
N GLN E 759 -37.91 53.19 -19.74
CA GLN E 759 -36.72 52.39 -19.54
C GLN E 759 -35.48 53.27 -19.68
N PRO E 760 -35.19 54.19 -18.74
CA PRO E 760 -34.05 55.10 -18.87
C PRO E 760 -32.67 54.45 -18.84
N LYS E 761 -32.46 53.52 -17.92
CA LYS E 761 -31.14 52.98 -17.65
C LYS E 761 -30.72 52.02 -18.73
N MET E 762 -31.68 51.27 -19.28
CA MET E 762 -31.39 50.28 -20.31
C MET E 762 -30.96 50.98 -21.58
N TYR E 763 -31.52 52.16 -21.86
CA TYR E 763 -31.24 52.85 -23.11
C TYR E 763 -30.06 53.80 -22.97
N GLU E 764 -29.42 53.84 -21.80
CA GLU E 764 -28.11 54.43 -21.67
C GLU E 764 -27.05 53.49 -22.24
N LEU E 765 -27.27 52.19 -22.07
CA LEU E 765 -26.34 51.19 -22.59
C LEU E 765 -26.47 51.01 -24.09
N ILE E 766 -27.65 51.29 -24.66
CA ILE E 766 -27.93 50.93 -26.04
C ILE E 766 -27.50 52.05 -26.98
N THR E 767 -27.79 53.30 -26.61
CA THR E 767 -27.53 54.43 -27.47
C THR E 767 -26.04 54.63 -27.66
N GLY E 768 -25.59 54.60 -28.91
CA GLY E 768 -24.22 54.93 -29.26
C GLY E 768 -23.29 53.73 -29.28
N ARG E 769 -23.84 52.52 -29.35
CA ARG E 769 -23.04 51.32 -29.53
C ARG E 769 -22.57 51.27 -30.97
N GLU E 770 -21.67 50.32 -31.26
CA GLU E 770 -21.30 50.03 -32.63
C GLU E 770 -22.00 48.75 -33.04
N THR E 771 -22.38 48.67 -34.33
CA THR E 771 -23.25 47.63 -34.83
C THR E 771 -22.48 46.33 -35.00
N VAL E 772 -23.21 45.25 -35.27
CA VAL E 772 -22.63 43.91 -35.38
C VAL E 772 -21.83 43.82 -36.67
N ARG E 773 -22.25 44.56 -37.70
CA ARG E 773 -21.54 44.58 -38.97
C ARG E 773 -20.18 45.25 -38.80
N ALA E 774 -20.16 46.36 -38.06
CA ALA E 774 -18.94 47.08 -37.79
C ALA E 774 -17.95 46.22 -37.03
N GLN E 775 -18.42 45.57 -35.98
CA GLN E 775 -17.55 44.77 -35.13
C GLN E 775 -16.95 43.62 -35.92
N TYR E 776 -17.74 42.99 -36.78
CA TYR E 776 -17.27 41.81 -37.50
C TYR E 776 -16.26 42.23 -38.56
N THR E 777 -16.45 43.39 -39.19
CA THR E 777 -15.52 43.87 -40.19
C THR E 777 -14.18 44.17 -39.56
N GLU E 778 -14.20 44.75 -38.36
CA GLU E 778 -12.99 45.10 -37.64
C GLU E 778 -12.22 43.84 -37.27
N ASP E 779 -12.95 42.78 -36.90
CA ASP E 779 -12.34 41.53 -36.47
C ASP E 779 -11.61 40.88 -37.64
N LEU E 780 -12.24 40.81 -38.81
CA LEU E 780 -11.67 40.13 -39.95
C LEU E 780 -10.44 40.86 -40.46
N LEU E 781 -10.48 42.19 -40.49
CA LEU E 781 -9.33 42.99 -40.91
C LEU E 781 -8.18 42.79 -39.93
N GLY E 782 -8.49 42.62 -38.66
CA GLY E 782 -7.49 42.42 -37.63
C GLY E 782 -6.74 41.10 -37.80
N ARG E 783 -7.46 40.03 -38.15
CA ARG E 783 -6.87 38.70 -38.25
C ARG E 783 -6.32 38.47 -39.66
N GLY E 784 -6.43 39.47 -40.53
CA GLY E 784 -5.82 39.40 -41.85
C GLY E 784 -6.60 38.50 -42.81
N ASP E 785 -7.90 38.35 -42.57
CA ASP E 785 -8.75 37.46 -43.34
C ASP E 785 -9.43 38.21 -44.49
N LEU E 786 -9.28 39.53 -44.53
CA LEU E 786 -9.96 40.36 -45.52
C LEU E 786 -9.13 41.61 -45.79
N SER E 787 -9.17 42.11 -47.03
CA SER E 787 -8.48 43.33 -47.41
C SER E 787 -9.43 44.52 -47.29
N ASN E 788 -8.88 45.74 -47.37
CA ASN E 788 -9.68 46.94 -47.24
C ASN E 788 -10.45 47.22 -48.51
N GLU E 789 -9.84 46.93 -49.67
CA GLU E 789 -10.52 47.12 -50.94
C GLU E 789 -11.76 46.24 -51.00
N ASP E 790 -11.64 44.99 -50.53
CA ASP E 790 -12.75 44.07 -50.50
C ASP E 790 -13.86 44.60 -49.59
N ALA E 791 -13.46 45.06 -48.40
CA ALA E 791 -14.40 45.52 -47.39
C ALA E 791 -15.21 46.70 -47.90
N GLU E 792 -14.61 47.54 -48.73
CA GLU E 792 -15.27 48.76 -49.19
C GLU E 792 -16.18 48.45 -50.38
N ALA E 793 -15.79 47.47 -51.19
CA ALA E 793 -16.58 47.09 -52.35
C ALA E 793 -17.91 46.50 -51.91
N VAL E 794 -17.88 45.68 -50.85
CA VAL E 794 -19.07 45.02 -50.34
C VAL E 794 -20.14 46.07 -50.06
N VAL E 795 -19.76 47.19 -49.47
CA VAL E 795 -20.69 48.23 -49.09
C VAL E 795 -21.17 48.98 -50.33
N ARG E 796 -20.23 49.38 -51.18
CA ARG E 796 -20.53 50.27 -52.29
C ARG E 796 -21.49 49.61 -53.27
N ASP E 797 -21.26 48.33 -53.56
CA ASP E 797 -22.01 47.64 -54.59
C ASP E 797 -23.49 47.56 -54.22
N PHE E 798 -23.77 47.23 -52.96
CA PHE E 798 -25.15 47.03 -52.52
C PHE E 798 -25.91 48.36 -52.53
N HIS E 799 -25.24 49.45 -52.16
CA HIS E 799 -25.90 50.74 -52.11
C HIS E 799 -26.25 51.22 -53.50
N ASP E 800 -25.40 50.90 -54.48
CA ASP E 800 -25.64 51.29 -55.86
C ASP E 800 -26.87 50.57 -56.39
N GLN E 801 -27.00 49.28 -56.07
CA GLN E 801 -28.14 48.48 -56.50
C GLN E 801 -29.45 49.10 -56.01
N MET E 802 -29.48 49.51 -54.74
CA MET E 802 -30.70 50.00 -54.13
C MET E 802 -31.07 51.36 -54.71
N GLU E 803 -30.08 52.21 -54.94
CA GLU E 803 -30.29 53.54 -55.47
C GLU E 803 -30.86 53.45 -56.88
N SER E 804 -30.36 52.49 -57.67
CA SER E 804 -30.81 52.28 -59.03
C SER E 804 -32.31 51.99 -59.08
N VAL E 805 -32.74 51.01 -58.29
CA VAL E 805 -34.12 50.57 -58.28
C VAL E 805 -35.03 51.69 -57.81
N PHE E 806 -34.61 52.43 -56.79
CA PHE E 806 -35.42 53.48 -56.21
C PHE E 806 -35.75 54.54 -57.24
N ASN E 807 -34.75 54.93 -58.03
CA ASN E 807 -34.92 55.98 -59.02
C ASN E 807 -35.90 55.52 -60.10
N GLU E 808 -35.78 54.25 -60.51
CA GLU E 808 -36.63 53.67 -61.53
C GLU E 808 -38.10 53.71 -61.09
N VAL E 809 -38.34 53.51 -59.79
CA VAL E 809 -39.69 53.42 -59.23
C VAL E 809 -40.32 54.81 -59.20
N LYS E 810 -39.50 55.86 -59.09
CA LYS E 810 -40.00 57.19 -58.86
C LYS E 810 -40.25 57.92 -60.19
N GLU E 811 -39.74 57.35 -61.29
CA GLU E 811 -39.98 57.89 -62.62
C GLU E 811 -41.46 57.76 -62.96
N GLY E 812 -42.01 56.55 -62.77
CA GLY E 812 -43.43 56.31 -62.94
C GLY E 812 -44.25 57.13 -61.95
N GLY E 813 -45.31 57.77 -62.44
CA GLY E 813 -46.15 58.64 -61.64
C GLY E 813 -47.03 57.86 -60.67
N LYS E 814 -47.50 58.55 -59.62
CA LYS E 814 -48.35 57.95 -58.61
C LYS E 814 -49.81 58.02 -59.06
N LYS E 815 -50.52 56.88 -58.91
CA LYS E 815 -51.93 56.80 -59.23
C LYS E 815 -52.75 57.38 -58.08
N GLN E 816 -54.01 57.71 -58.36
CA GLN E 816 -54.91 58.25 -57.36
C GLN E 816 -55.82 57.14 -56.83
N ALA E 817 -56.43 57.38 -55.67
CA ALA E 817 -57.22 56.38 -54.98
C ALA E 817 -58.50 56.09 -55.75
N GLU E 818 -58.99 54.86 -55.61
CA GLU E 818 -60.21 54.41 -56.28
C GLU E 818 -60.97 53.49 -55.32
N ALA E 819 -62.30 53.54 -55.37
CA ALA E 819 -63.14 52.80 -54.45
C ALA E 819 -63.04 51.30 -54.72
N GLN E 820 -63.22 50.50 -53.67
CA GLN E 820 -63.15 49.05 -53.74
C GLN E 820 -64.56 48.49 -53.85
N THR E 821 -64.75 47.56 -54.80
CA THR E 821 -66.07 47.22 -55.30
C THR E 821 -66.70 46.09 -54.48
N GLY E 822 -65.93 45.03 -54.18
CA GLY E 822 -66.43 43.89 -53.44
C GLY E 822 -66.08 42.57 -54.13
N ILE E 823 -66.25 41.45 -53.42
CA ILE E 823 -65.79 40.17 -53.91
C ILE E 823 -66.96 39.23 -54.21
N THR E 824 -68.18 39.77 -54.29
CA THR E 824 -69.36 38.93 -54.38
C THR E 824 -69.36 38.12 -55.68
N GLY E 825 -68.94 38.74 -56.79
CA GLY E 825 -69.04 38.10 -58.10
C GLY E 825 -67.69 37.67 -58.65
N SER E 826 -66.70 37.51 -57.78
CA SER E 826 -65.34 37.20 -58.21
C SER E 826 -65.17 35.71 -58.46
N GLN E 827 -66.14 34.89 -58.04
CA GLN E 827 -66.14 33.46 -58.31
C GLN E 827 -67.51 33.04 -58.83
N LYS E 828 -67.53 32.03 -59.71
CA LYS E 828 -68.73 31.60 -60.40
C LYS E 828 -69.46 30.52 -59.60
N LEU E 829 -70.77 30.42 -59.83
CA LEU E 829 -71.61 29.41 -59.19
C LEU E 829 -71.83 28.25 -60.15
N PRO E 830 -71.93 27.00 -59.66
CA PRO E 830 -72.07 25.83 -60.51
C PRO E 830 -73.49 25.63 -61.03
N HIS E 831 -73.81 26.30 -62.13
CA HIS E 831 -75.13 26.23 -62.73
C HIS E 831 -75.26 24.92 -63.52
N GLY E 832 -76.30 24.15 -63.19
CA GLY E 832 -76.64 22.96 -63.94
C GLY E 832 -75.70 21.79 -63.65
N LEU E 833 -75.38 21.57 -62.37
CA LEU E 833 -74.55 20.47 -61.95
C LEU E 833 -75.42 19.45 -61.23
N GLU E 834 -75.24 18.17 -61.55
CA GLU E 834 -76.06 17.10 -61.01
C GLU E 834 -75.23 16.26 -60.04
N THR E 835 -75.85 15.87 -58.92
CA THR E 835 -75.11 15.35 -57.78
C THR E 835 -75.65 13.99 -57.33
N ASN E 836 -76.37 13.30 -58.22
CA ASN E 836 -76.91 11.98 -57.90
C ASN E 836 -75.91 10.92 -58.32
N ILE E 837 -75.94 9.77 -57.64
CA ILE E 837 -75.11 8.63 -57.98
C ILE E 837 -75.99 7.54 -58.60
N SER E 838 -75.36 6.53 -59.20
CA SER E 838 -76.07 5.43 -59.83
C SER E 838 -76.49 4.41 -58.79
N ARG E 839 -77.39 3.50 -59.18
CA ARG E 839 -77.90 2.49 -58.27
C ARG E 839 -76.84 1.43 -57.99
N GLU E 840 -75.94 1.21 -58.97
CA GLU E 840 -74.86 0.26 -58.80
C GLU E 840 -73.89 0.76 -57.75
N GLU E 841 -73.60 2.07 -57.77
CA GLU E 841 -72.68 2.68 -56.83
C GLU E 841 -73.23 2.60 -55.41
N LEU E 842 -74.55 2.76 -55.26
CA LEU E 842 -75.17 2.81 -53.95
C LEU E 842 -75.12 1.44 -53.30
N LEU E 843 -75.29 0.37 -54.08
CA LEU E 843 -75.28 -0.97 -53.54
C LEU E 843 -73.87 -1.37 -53.12
N GLU E 844 -72.88 -0.91 -53.87
CA GLU E 844 -71.49 -1.24 -53.57
C GLU E 844 -71.07 -0.63 -52.24
N LEU E 845 -71.49 0.61 -51.99
CA LEU E 845 -71.20 1.30 -50.75
C LEU E 845 -71.81 0.55 -49.59
N GLY E 846 -73.05 0.11 -49.77
CA GLY E 846 -73.74 -0.64 -48.74
C GLY E 846 -73.04 -1.95 -48.40
N GLN E 847 -72.46 -2.59 -49.41
CA GLN E 847 -71.89 -3.92 -49.27
C GLN E 847 -70.51 -3.86 -48.63
N ALA E 848 -69.98 -2.65 -48.41
CA ALA E 848 -68.67 -2.48 -47.83
C ALA E 848 -68.66 -2.87 -46.36
N PHE E 849 -69.84 -2.82 -45.72
CA PHE E 849 -69.97 -3.12 -44.31
C PHE E 849 -70.21 -4.60 -44.08
N ALA E 850 -70.25 -5.41 -45.15
CA ALA E 850 -70.37 -6.85 -45.03
C ALA E 850 -69.07 -7.56 -45.39
N ASN E 851 -68.17 -6.90 -46.12
CA ASN E 851 -66.89 -7.48 -46.48
C ASN E 851 -65.90 -7.28 -45.34
N THR E 852 -66.10 -7.99 -44.25
CA THR E 852 -65.22 -7.91 -43.10
C THR E 852 -63.95 -8.68 -43.41
N PRO E 853 -62.80 -8.40 -42.76
CA PRO E 853 -61.61 -9.21 -42.90
C PRO E 853 -61.76 -10.64 -42.41
N GLU E 854 -60.66 -11.38 -42.37
CA GLU E 854 -60.70 -12.83 -42.31
C GLU E 854 -61.28 -13.31 -41.00
N GLY E 855 -60.73 -12.88 -39.87
CA GLY E 855 -61.24 -13.39 -38.60
C GLY E 855 -61.85 -12.30 -37.72
N PHE E 856 -62.58 -11.36 -38.34
CA PHE E 856 -63.08 -10.18 -37.64
C PHE E 856 -64.55 -10.38 -37.31
N ASN E 857 -64.95 -9.95 -36.12
CA ASN E 857 -66.33 -9.88 -35.73
C ASN E 857 -66.62 -8.54 -35.07
N TYR E 858 -67.83 -8.03 -35.25
CA TYR E 858 -68.26 -6.78 -34.64
C TYR E 858 -68.64 -7.01 -33.19
N HIS E 859 -68.68 -5.92 -32.42
CA HIS E 859 -69.18 -5.92 -31.05
C HIS E 859 -70.68 -6.08 -31.11
N PRO E 860 -71.31 -6.78 -30.14
CA PRO E 860 -72.74 -7.03 -30.19
C PRO E 860 -73.69 -5.86 -30.34
N ARG E 861 -73.26 -4.68 -29.91
CA ARG E 861 -74.10 -3.50 -29.91
C ARG E 861 -73.82 -2.66 -31.15
N VAL E 862 -72.84 -3.07 -31.97
CA VAL E 862 -72.50 -2.41 -33.22
C VAL E 862 -73.00 -3.23 -34.41
N ALA E 863 -73.20 -4.53 -34.21
CA ALA E 863 -73.55 -5.42 -35.30
C ALA E 863 -74.89 -5.06 -35.91
N PRO E 864 -75.93 -4.72 -35.12
CA PRO E 864 -77.19 -4.26 -35.69
C PRO E 864 -77.11 -3.05 -36.62
N VAL E 865 -76.18 -2.13 -36.35
CA VAL E 865 -76.02 -0.94 -37.15
C VAL E 865 -75.44 -1.31 -38.50
N ALA E 866 -74.48 -2.24 -38.51
CA ALA E 866 -73.87 -2.68 -39.75
C ALA E 866 -74.88 -3.41 -40.64
N LYS E 867 -75.73 -4.23 -40.04
CA LYS E 867 -76.72 -4.96 -40.80
C LYS E 867 -77.70 -4.00 -41.45
N LYS E 868 -78.13 -2.99 -40.72
CA LYS E 868 -79.11 -2.05 -41.21
C LYS E 868 -78.54 -1.26 -42.38
N ARG E 869 -77.23 -0.99 -42.35
CA ARG E 869 -76.58 -0.26 -43.42
C ARG E 869 -76.57 -1.07 -44.72
N VAL E 870 -76.46 -2.41 -44.61
CA VAL E 870 -76.43 -3.27 -45.79
C VAL E 870 -77.82 -3.42 -46.37
N SER E 871 -78.86 -3.32 -45.55
CA SER E 871 -80.21 -3.60 -46.00
C SER E 871 -80.93 -2.35 -46.46
N SER E 872 -80.51 -1.18 -45.97
CA SER E 872 -81.27 0.04 -46.17
C SER E 872 -81.13 0.54 -47.60
N VAL E 873 -80.04 0.20 -48.27
CA VAL E 873 -79.76 0.74 -49.59
C VAL E 873 -80.67 0.07 -50.61
N THR E 874 -81.56 -0.82 -50.18
CA THR E 874 -82.54 -1.41 -51.08
C THR E 874 -83.93 -1.38 -50.49
N GLU E 875 -84.09 -1.22 -49.18
CA GLU E 875 -85.40 -1.31 -48.55
C GLU E 875 -85.89 0.05 -48.08
N GLY E 876 -84.97 0.94 -47.69
CA GLY E 876 -85.33 2.27 -47.25
C GLY E 876 -84.91 2.52 -45.81
N GLY E 877 -85.22 3.72 -45.32
CA GLY E 877 -84.98 4.08 -43.93
C GLY E 877 -83.53 4.41 -43.66
N ILE E 878 -82.95 5.31 -44.45
CA ILE E 878 -81.58 5.72 -44.28
C ILE E 878 -81.54 6.89 -43.31
N ASP E 879 -80.67 6.82 -42.29
CA ASP E 879 -80.63 7.80 -41.23
C ASP E 879 -79.56 8.84 -41.52
N TRP E 880 -79.39 9.80 -40.61
CA TRP E 880 -78.56 10.96 -40.83
C TRP E 880 -77.10 10.55 -41.01
N ALA E 881 -76.58 9.73 -40.10
CA ALA E 881 -75.18 9.39 -40.12
C ALA E 881 -74.81 8.65 -41.39
N TRP E 882 -75.68 7.76 -41.84
CA TRP E 882 -75.42 6.95 -43.01
C TRP E 882 -75.47 7.81 -44.26
N GLY E 883 -76.29 8.86 -44.23
CA GLY E 883 -76.31 9.84 -45.31
C GLY E 883 -75.00 10.60 -45.47
N GLU E 884 -74.40 10.99 -44.34
CA GLU E 884 -73.14 11.72 -44.34
C GLU E 884 -72.01 10.84 -44.87
N LEU E 885 -71.95 9.58 -44.41
CA LEU E 885 -70.86 8.68 -44.80
C LEU E 885 -70.98 8.30 -46.26
N LEU E 886 -72.21 8.18 -46.78
CA LEU E 886 -72.42 7.87 -48.18
C LEU E 886 -71.81 8.95 -49.05
N ALA E 887 -71.91 10.21 -48.61
CA ALA E 887 -71.38 11.33 -49.35
C ALA E 887 -69.85 11.28 -49.40
N PHE E 888 -69.23 11.17 -48.22
CA PHE E 888 -67.78 11.16 -48.17
C PHE E 888 -67.21 9.94 -48.89
N GLY E 889 -67.89 8.81 -48.77
CA GLY E 889 -67.45 7.58 -49.41
C GLY E 889 -67.47 7.67 -50.93
N SER E 890 -68.54 8.23 -51.48
CA SER E 890 -68.65 8.39 -52.91
C SER E 890 -67.51 9.26 -53.45
N LEU E 891 -67.15 10.31 -52.72
CA LEU E 891 -66.12 11.24 -53.16
C LEU E 891 -64.76 10.58 -53.08
N ALA E 892 -64.55 9.71 -52.10
CA ALA E 892 -63.28 9.02 -51.95
C ALA E 892 -63.09 8.02 -53.09
N ASN E 893 -64.19 7.42 -53.55
CA ASN E 893 -64.12 6.44 -54.62
C ASN E 893 -63.64 7.10 -55.90
N SER E 894 -64.07 8.33 -56.16
CA SER E 894 -63.73 9.02 -57.38
C SER E 894 -62.25 9.37 -57.44
N GLY E 895 -61.59 9.42 -56.28
CA GLY E 895 -60.15 9.51 -56.23
C GLY E 895 -59.65 10.72 -55.45
N ARG E 896 -60.36 11.10 -54.38
CA ARG E 896 -60.02 12.28 -53.61
C ARG E 896 -59.57 11.88 -52.21
N LEU E 897 -58.82 12.77 -51.57
CA LEU E 897 -58.39 12.61 -50.19
C LEU E 897 -59.41 13.29 -49.30
N VAL E 898 -60.11 12.50 -48.49
CA VAL E 898 -61.13 12.99 -47.58
C VAL E 898 -60.61 12.84 -46.17
N ARG E 899 -60.66 13.91 -45.37
CA ARG E 899 -60.12 13.94 -44.02
C ARG E 899 -61.16 14.49 -43.06
N LEU E 900 -61.45 13.75 -41.97
CA LEU E 900 -62.42 14.15 -40.96
C LEU E 900 -61.77 14.09 -39.59
N ALA E 901 -61.85 15.18 -38.81
CA ALA E 901 -61.18 15.26 -37.53
C ALA E 901 -62.02 16.01 -36.52
N GLY E 902 -61.91 15.62 -35.24
CA GLY E 902 -62.70 16.20 -34.17
C GLY E 902 -62.71 15.31 -32.93
N GLU E 903 -63.33 15.78 -31.85
CA GLU E 903 -63.34 15.07 -30.58
C GLU E 903 -64.31 13.90 -30.64
N ASP E 904 -63.77 12.69 -30.50
CA ASP E 904 -64.54 11.45 -30.47
C ASP E 904 -65.31 11.29 -31.78
N SER E 905 -64.62 11.49 -32.90
CA SER E 905 -65.29 11.56 -34.18
C SER E 905 -65.27 10.22 -34.90
N ARG E 906 -64.49 9.25 -34.42
CA ARG E 906 -64.48 7.92 -34.99
C ARG E 906 -65.73 7.15 -34.60
N ARG E 907 -66.13 7.21 -33.34
CA ARG E 907 -67.34 6.59 -32.87
C ARG E 907 -68.52 7.54 -33.06
N GLY E 908 -68.31 8.80 -32.70
CA GLY E 908 -69.38 9.79 -32.67
C GLY E 908 -69.80 10.09 -31.23
N THR E 909 -70.14 11.35 -30.97
CA THR E 909 -70.50 11.80 -29.63
C THR E 909 -71.79 11.14 -29.19
N PHE E 910 -72.70 10.93 -30.13
CA PHE E 910 -74.01 10.39 -29.85
C PHE E 910 -74.10 8.94 -30.28
N THR E 911 -72.93 8.31 -30.47
CA THR E 911 -72.83 6.89 -30.80
C THR E 911 -73.58 6.61 -32.08
N GLN E 912 -73.23 7.31 -33.16
CA GLN E 912 -74.05 7.26 -34.36
C GLN E 912 -73.25 6.98 -35.62
N ARG E 913 -71.92 7.08 -35.58
CA ARG E 913 -71.15 7.13 -36.82
C ARG E 913 -70.50 5.77 -37.08
N HIS E 914 -69.67 5.30 -36.15
CA HIS E 914 -69.00 4.02 -36.30
C HIS E 914 -68.30 3.94 -37.64
N ALA E 915 -67.33 4.84 -37.87
CA ALA E 915 -66.56 4.85 -39.09
C ALA E 915 -65.41 3.89 -39.00
N VAL E 916 -64.90 3.68 -37.79
CA VAL E 916 -63.94 2.62 -37.53
C VAL E 916 -64.49 1.74 -36.43
N ALA E 917 -64.47 0.42 -36.65
CA ALA E 917 -65.00 -0.54 -35.70
C ALA E 917 -63.87 -1.35 -35.09
N ILE E 918 -64.09 -1.88 -33.88
CA ILE E 918 -63.08 -2.60 -33.13
C ILE E 918 -63.62 -3.97 -32.71
N ASP E 919 -62.80 -5.01 -32.86
CA ASP E 919 -63.17 -6.37 -32.50
C ASP E 919 -62.93 -6.57 -31.00
N PRO E 920 -63.92 -7.02 -30.22
CA PRO E 920 -63.76 -7.16 -28.78
C PRO E 920 -62.74 -8.17 -28.31
N ALA E 921 -62.45 -9.16 -29.15
CA ALA E 921 -61.60 -10.27 -28.77
C ALA E 921 -60.14 -9.96 -29.02
N THR E 922 -59.83 -9.20 -30.06
CA THR E 922 -58.44 -9.01 -30.46
C THR E 922 -58.02 -7.55 -30.51
N ALA E 923 -58.98 -6.63 -30.51
CA ALA E 923 -58.72 -5.20 -30.59
C ALA E 923 -58.17 -4.79 -31.96
N GLU E 924 -58.58 -5.51 -33.01
CA GLU E 924 -58.22 -5.16 -34.37
C GLU E 924 -59.17 -4.07 -34.86
N GLU E 925 -58.70 -3.22 -35.78
CA GLU E 925 -59.48 -2.10 -36.30
C GLU E 925 -59.86 -2.36 -37.75
N PHE E 926 -60.98 -1.79 -38.17
CA PHE E 926 -61.50 -1.96 -39.52
C PHE E 926 -62.14 -0.66 -40.00
N ASN E 927 -61.76 -0.21 -41.20
CA ASN E 927 -62.28 1.00 -41.80
C ASN E 927 -62.86 0.66 -43.16
N PRO E 928 -64.16 0.33 -43.26
CA PRO E 928 -64.77 -0.13 -44.50
C PRO E 928 -64.57 0.75 -45.73
N LEU E 929 -64.85 2.05 -45.60
CA LEU E 929 -64.91 2.92 -46.75
C LEU E 929 -63.52 3.20 -47.30
N HIS E 930 -62.49 3.14 -46.45
CA HIS E 930 -61.13 3.33 -46.92
C HIS E 930 -60.70 2.15 -47.77
N GLU E 931 -61.11 0.94 -47.36
CA GLU E 931 -60.79 -0.27 -48.07
C GLU E 931 -61.41 -0.22 -49.46
N LEU E 932 -62.70 0.13 -49.53
CA LEU E 932 -63.40 0.16 -50.79
C LEU E 932 -62.75 1.15 -51.73
N ALA E 933 -62.32 2.29 -51.21
CA ALA E 933 -61.77 3.34 -52.03
C ALA E 933 -60.46 2.90 -52.64
N GLN E 934 -59.66 2.17 -51.87
CA GLN E 934 -58.33 1.76 -52.32
C GLN E 934 -58.41 0.59 -53.29
N SER E 935 -59.59 -0.02 -53.42
CA SER E 935 -59.77 -1.15 -54.32
C SER E 935 -60.47 -0.74 -55.60
N LYS E 936 -60.31 0.52 -56.02
CA LYS E 936 -60.97 1.01 -57.23
C LYS E 936 -59.97 1.68 -58.17
N GLY E 937 -58.73 1.85 -57.73
CA GLY E 937 -57.65 2.19 -58.65
C GLY E 937 -57.62 3.66 -59.06
N ASN E 938 -58.23 4.53 -58.27
CA ASN E 938 -58.07 5.96 -58.45
C ASN E 938 -57.25 6.56 -57.32
N ASN E 939 -56.83 5.73 -56.37
CA ASN E 939 -55.97 6.13 -55.26
C ASN E 939 -56.67 7.14 -54.35
N GLY E 940 -57.89 6.81 -53.94
CA GLY E 940 -58.63 7.64 -53.01
C GLY E 940 -58.42 7.17 -51.58
N LYS E 941 -58.72 8.05 -50.62
CA LYS E 941 -58.47 7.79 -49.22
C LYS E 941 -59.59 8.36 -48.37
N PHE E 942 -59.93 7.67 -47.28
CA PHE E 942 -60.82 8.18 -46.26
C PHE E 942 -60.13 8.06 -44.90
N LEU E 943 -59.72 9.19 -44.33
CA LEU E 943 -58.93 9.25 -43.11
C LEU E 943 -59.74 9.88 -41.99
N VAL E 944 -59.83 9.24 -40.83
CA VAL E 944 -60.61 9.72 -39.71
C VAL E 944 -59.74 9.73 -38.46
N TYR E 945 -59.74 10.84 -37.71
CA TYR E 945 -58.86 11.01 -36.57
C TYR E 945 -59.63 11.57 -35.37
N ASN E 946 -59.30 11.07 -34.18
CA ASN E 946 -59.73 11.66 -32.91
C ASN E 946 -58.73 12.71 -32.48
N SER E 947 -59.19 13.96 -32.31
CA SER E 947 -58.31 15.06 -31.95
C SER E 947 -58.07 15.07 -30.45
N ALA E 948 -57.08 15.88 -30.03
CA ALA E 948 -56.92 16.21 -28.63
C ALA E 948 -58.00 17.20 -28.21
N LEU E 949 -58.04 17.54 -26.93
CA LEU E 949 -59.10 18.37 -26.39
C LEU E 949 -58.71 19.83 -26.56
N THR E 950 -58.85 20.33 -27.78
CA THR E 950 -58.59 21.72 -28.13
C THR E 950 -59.53 22.16 -29.24
N GLU E 951 -59.92 23.43 -29.22
CA GLU E 951 -60.75 23.99 -30.27
C GLU E 951 -59.95 24.98 -31.11
N TYR E 952 -59.04 25.72 -30.46
CA TYR E 952 -58.25 26.75 -31.12
C TYR E 952 -57.23 26.10 -32.04
N ALA E 953 -56.47 25.14 -31.50
CA ALA E 953 -55.45 24.45 -32.29
C ALA E 953 -56.09 23.48 -33.27
N GLY E 954 -57.21 22.87 -32.87
CA GLY E 954 -57.91 21.91 -33.70
C GLY E 954 -58.41 22.51 -35.01
N MET E 955 -59.20 23.57 -34.91
CA MET E 955 -59.82 24.17 -36.08
C MET E 955 -58.75 24.87 -36.92
N GLY E 956 -57.72 25.41 -36.26
CA GLY E 956 -56.65 26.06 -36.96
C GLY E 956 -55.90 25.11 -37.88
N PHE E 957 -55.66 23.89 -37.39
CA PHE E 957 -54.92 22.89 -38.14
C PHE E 957 -55.68 22.50 -39.40
N GLU E 958 -57.01 22.41 -39.30
CA GLU E 958 -57.81 21.99 -40.42
C GLU E 958 -57.90 23.10 -41.48
N TYR E 959 -57.96 24.36 -41.05
CA TYR E 959 -57.95 25.46 -41.98
C TYR E 959 -56.66 25.42 -42.79
N GLY E 960 -55.55 25.19 -42.10
CA GLY E 960 -54.25 25.15 -42.76
C GLY E 960 -54.18 24.04 -43.79
N TYR E 961 -54.80 22.89 -43.47
CA TYR E 961 -54.77 21.73 -44.35
C TYR E 961 -55.48 22.08 -45.65
N SER E 962 -56.57 22.84 -45.55
CA SER E 962 -57.34 23.23 -46.72
C SER E 962 -56.57 24.17 -47.62
N VAL E 963 -55.67 24.98 -47.05
CA VAL E 963 -54.89 25.93 -47.82
C VAL E 963 -53.70 25.23 -48.46
N GLY E 964 -53.17 24.21 -47.80
CA GLY E 964 -51.98 23.52 -48.28
C GLY E 964 -52.26 22.52 -49.39
N ASN E 965 -53.50 22.04 -49.50
CA ASN E 965 -53.93 21.18 -50.58
C ASN E 965 -55.34 21.58 -51.00
N GLU E 966 -55.45 22.22 -52.16
CA GLU E 966 -56.70 22.80 -52.61
C GLU E 966 -57.69 21.74 -53.09
N ASP E 967 -57.20 20.52 -53.33
CA ASP E 967 -58.01 19.50 -53.98
C ASP E 967 -58.47 18.43 -52.98
N SER E 968 -58.33 18.70 -51.68
CA SER E 968 -58.76 17.78 -50.65
C SER E 968 -60.09 18.22 -50.07
N ILE E 969 -60.83 17.27 -49.47
CA ILE E 969 -62.06 17.56 -48.76
C ILE E 969 -61.79 17.43 -47.27
N VAL E 970 -61.92 18.53 -46.52
CA VAL E 970 -61.58 18.57 -45.10
C VAL E 970 -62.79 19.01 -44.30
N ALA E 971 -63.01 18.37 -43.13
CA ALA E 971 -64.11 18.71 -42.25
C ALA E 971 -63.69 18.63 -40.80
N TRP E 972 -64.00 19.68 -40.03
CA TRP E 972 -63.78 19.73 -38.59
C TRP E 972 -65.12 19.64 -37.88
N GLU E 973 -65.18 18.84 -36.82
CA GLU E 973 -66.40 18.63 -36.07
C GLU E 973 -66.19 19.07 -34.63
N ALA E 974 -67.23 19.67 -34.04
CA ALA E 974 -67.24 20.05 -32.64
C ALA E 974 -68.13 19.10 -31.86
N GLN E 975 -67.76 18.82 -30.61
CA GLN E 975 -68.50 17.89 -29.79
C GLN E 975 -69.91 18.44 -29.60
N PHE E 976 -69.99 19.70 -29.20
CA PHE E 976 -71.20 20.49 -29.30
C PHE E 976 -70.84 21.84 -29.89
N GLY E 977 -71.78 22.47 -30.58
CA GLY E 977 -71.52 23.72 -31.26
C GLY E 977 -71.28 24.88 -30.29
N ASP E 978 -71.54 24.65 -29.00
CA ASP E 978 -71.39 25.66 -27.98
C ASP E 978 -69.92 25.89 -27.62
N PHE E 979 -69.04 24.95 -27.98
CA PHE E 979 -67.66 25.05 -27.59
C PHE E 979 -66.82 25.69 -28.70
N ALA E 980 -67.46 26.20 -29.75
CA ALA E 980 -66.73 26.76 -30.87
C ALA E 980 -66.28 28.19 -30.60
N ASN E 981 -66.79 28.82 -29.52
CA ASN E 981 -66.37 30.17 -29.17
C ASN E 981 -64.94 30.17 -28.62
N GLY E 982 -64.40 28.99 -28.33
CA GLY E 982 -63.01 28.88 -27.94
C GLY E 982 -62.06 28.95 -29.13
N ALA E 983 -62.61 28.99 -30.35
CA ALA E 983 -61.82 29.16 -31.55
C ALA E 983 -62.25 30.40 -32.30
N GLN E 984 -62.64 31.45 -31.57
CA GLN E 984 -63.23 32.62 -32.17
C GLN E 984 -62.21 33.38 -33.01
N THR E 985 -60.95 33.40 -32.56
CA THR E 985 -59.89 34.08 -33.28
C THR E 985 -59.76 33.52 -34.70
N ILE E 986 -59.80 32.19 -34.84
CA ILE E 986 -59.66 31.57 -36.15
C ILE E 986 -60.87 31.91 -37.01
N ILE E 987 -62.07 31.86 -36.44
CA ILE E 987 -63.28 32.13 -37.18
C ILE E 987 -63.26 33.55 -37.73
N ASP E 988 -62.82 34.50 -36.91
CA ASP E 988 -62.94 35.92 -37.23
C ASP E 988 -61.82 36.39 -38.14
N GLU E 989 -60.62 35.80 -38.02
CA GLU E 989 -59.43 36.36 -38.64
C GLU E 989 -59.04 35.60 -39.90
N TYR E 990 -59.40 34.31 -39.99
CA TYR E 990 -58.99 33.48 -41.12
C TYR E 990 -60.19 33.05 -41.96
N VAL E 991 -61.16 32.37 -41.34
CA VAL E 991 -62.20 31.67 -42.09
C VAL E 991 -63.15 32.66 -42.73
N SER E 992 -63.55 33.69 -41.97
CA SER E 992 -64.60 34.60 -42.40
C SER E 992 -64.08 35.66 -43.34
N SER E 993 -62.78 36.00 -43.28
CA SER E 993 -62.29 37.23 -43.86
C SER E 993 -60.97 37.09 -44.61
N GLY E 994 -60.53 35.87 -44.89
CA GLY E 994 -59.22 35.66 -45.50
C GLY E 994 -59.17 36.05 -46.96
N GLU E 995 -60.27 35.83 -47.69
CA GLU E 995 -60.31 36.10 -49.12
C GLU E 995 -60.29 37.60 -49.38
N ALA E 996 -61.02 38.36 -48.57
CA ALA E 996 -61.13 39.79 -48.75
C ALA E 996 -59.83 40.49 -48.40
N LYS E 997 -59.04 39.92 -47.48
CA LYS E 997 -57.85 40.59 -47.01
C LYS E 997 -56.62 40.22 -47.83
N TRP E 998 -56.44 38.92 -48.13
CA TRP E 998 -55.21 38.48 -48.74
C TRP E 998 -55.43 37.74 -50.06
N GLY E 999 -56.68 37.41 -50.40
CA GLY E 999 -56.93 36.64 -51.59
C GLY E 999 -56.63 35.15 -51.40
N GLN E 1000 -56.70 34.68 -50.15
CA GLN E 1000 -56.47 33.29 -49.80
C GLN E 1000 -57.82 32.60 -49.67
N THR E 1001 -58.02 31.51 -50.43
CA THR E 1001 -59.31 30.85 -50.52
C THR E 1001 -59.25 29.51 -49.80
N SER E 1002 -60.41 29.04 -49.32
CA SER E 1002 -60.52 27.80 -48.58
C SER E 1002 -61.89 27.17 -48.79
N LYS E 1003 -61.97 25.83 -48.64
CA LYS E 1003 -63.23 25.12 -48.71
C LYS E 1003 -63.41 24.23 -47.49
N LEU E 1004 -63.15 24.76 -46.30
CA LEU E 1004 -63.29 24.01 -45.07
C LEU E 1004 -64.76 23.81 -44.77
N ILE E 1005 -65.10 22.68 -44.15
CA ILE E 1005 -66.45 22.38 -43.71
C ILE E 1005 -66.46 22.36 -42.19
N LEU E 1006 -67.36 23.13 -41.57
CA LEU E 1006 -67.57 23.08 -40.14
C LEU E 1006 -68.88 22.38 -39.84
N LEU E 1007 -68.84 21.30 -39.04
CA LEU E 1007 -70.01 20.56 -38.61
C LEU E 1007 -70.27 20.85 -37.13
N LEU E 1008 -71.36 21.58 -36.83
CA LEU E 1008 -71.59 22.11 -35.50
C LEU E 1008 -72.95 21.64 -34.99
N PRO E 1009 -73.05 20.68 -34.04
CA PRO E 1009 -74.34 20.27 -33.48
C PRO E 1009 -75.16 21.36 -32.81
N HIS E 1010 -76.49 21.29 -32.96
CA HIS E 1010 -77.38 22.37 -32.57
C HIS E 1010 -78.77 21.82 -32.29
N GLY E 1011 -79.43 22.31 -31.23
CA GLY E 1011 -80.80 21.96 -30.96
C GLY E 1011 -81.21 22.26 -29.52
N TYR E 1012 -82.46 22.68 -29.33
CA TYR E 1012 -83.00 22.95 -28.01
C TYR E 1012 -83.79 21.75 -27.54
N GLU E 1013 -83.23 21.01 -26.57
CA GLU E 1013 -83.79 19.73 -26.15
C GLU E 1013 -83.79 19.55 -24.64
N GLY E 1014 -83.36 20.55 -23.87
CA GLY E 1014 -83.50 20.53 -22.42
C GLY E 1014 -82.25 20.05 -21.69
N GLN E 1015 -81.06 20.21 -22.28
CA GLN E 1015 -79.83 19.76 -21.66
C GLN E 1015 -79.08 20.92 -21.02
N GLY E 1016 -79.59 22.15 -21.14
CA GLY E 1016 -79.03 23.27 -20.40
C GLY E 1016 -78.34 24.28 -21.30
N PRO E 1017 -77.84 25.41 -20.75
CA PRO E 1017 -77.29 26.49 -21.55
C PRO E 1017 -75.97 26.30 -22.30
N ASP E 1018 -75.22 25.23 -22.00
CA ASP E 1018 -73.97 24.97 -22.69
C ASP E 1018 -74.07 23.67 -23.49
N HIS E 1019 -75.29 23.25 -23.85
CA HIS E 1019 -75.49 22.13 -24.72
C HIS E 1019 -76.75 22.36 -25.56
N SER E 1020 -76.90 23.56 -26.14
CA SER E 1020 -78.14 23.91 -26.82
C SER E 1020 -77.94 24.72 -28.11
N SER E 1021 -77.02 25.69 -28.14
CA SER E 1021 -76.98 26.62 -29.26
C SER E 1021 -75.56 26.81 -29.79
N ALA E 1022 -75.40 26.69 -31.11
CA ALA E 1022 -74.14 26.95 -31.77
C ALA E 1022 -74.00 28.41 -32.20
N ARG E 1023 -74.97 29.26 -31.83
CA ARG E 1023 -74.92 30.69 -32.06
C ARG E 1023 -75.00 30.99 -33.54
N ILE E 1024 -76.18 30.76 -34.12
CA ILE E 1024 -76.44 31.00 -35.52
C ILE E 1024 -76.35 32.50 -35.80
N GLU E 1025 -76.83 33.32 -34.87
CA GLU E 1025 -76.88 34.76 -35.05
C GLU E 1025 -75.48 35.34 -35.26
N ARG E 1026 -74.48 34.75 -34.61
CA ARG E 1026 -73.13 35.27 -34.68
C ARG E 1026 -72.53 35.01 -36.06
N PHE E 1027 -72.79 33.82 -36.62
CA PHE E 1027 -72.29 33.47 -37.93
C PHE E 1027 -72.96 34.30 -39.01
N LEU E 1028 -74.23 34.64 -38.82
CA LEU E 1028 -74.94 35.40 -39.83
C LEU E 1028 -74.54 36.86 -39.81
N GLN E 1029 -73.99 37.36 -38.69
CA GLN E 1029 -73.43 38.70 -38.64
C GLN E 1029 -72.20 38.80 -39.53
N LEU E 1030 -71.34 37.78 -39.48
CA LEU E 1030 -70.06 37.79 -40.17
C LEU E 1030 -70.24 37.71 -41.68
N CYS E 1031 -71.40 37.27 -42.15
CA CYS E 1031 -71.63 37.04 -43.58
C CYS E 1031 -71.91 38.35 -44.31
N ALA E 1032 -71.19 38.58 -45.40
CA ALA E 1032 -71.43 39.68 -46.32
C ALA E 1032 -70.59 39.44 -47.57
N GLU E 1033 -71.07 39.93 -48.72
CA GLU E 1033 -70.39 39.81 -49.99
C GLU E 1033 -70.31 38.34 -50.43
N GLY E 1034 -71.24 37.51 -49.97
CA GLY E 1034 -71.22 36.10 -50.28
C GLY E 1034 -69.92 35.42 -49.84
N SER E 1035 -69.53 35.61 -48.59
CA SER E 1035 -68.24 35.18 -48.10
C SER E 1035 -68.24 33.70 -47.79
N MET E 1036 -69.35 33.17 -47.22
CA MET E 1036 -69.47 31.75 -46.95
C MET E 1036 -70.93 31.32 -46.94
N THR E 1037 -71.14 30.00 -47.03
CA THR E 1037 -72.45 29.37 -47.11
C THR E 1037 -72.86 28.83 -45.74
N VAL E 1038 -74.10 29.09 -45.32
CA VAL E 1038 -74.61 28.66 -44.02
C VAL E 1038 -75.93 27.92 -44.24
N ALA E 1039 -76.07 26.72 -43.65
CA ALA E 1039 -77.20 25.85 -43.92
C ALA E 1039 -77.61 25.04 -42.70
N GLN E 1040 -78.87 24.57 -42.68
CA GLN E 1040 -79.42 23.75 -41.62
C GLN E 1040 -80.42 22.77 -42.20
N PRO E 1041 -79.99 21.65 -42.83
CA PRO E 1041 -80.90 20.76 -43.53
C PRO E 1041 -81.72 19.85 -42.62
N SER E 1042 -82.81 19.29 -43.17
CA SER E 1042 -83.81 18.59 -42.39
C SER E 1042 -83.98 17.12 -42.79
N THR E 1043 -83.28 16.64 -43.83
CA THR E 1043 -83.37 15.26 -44.24
C THR E 1043 -81.99 14.76 -44.65
N PRO E 1044 -81.64 13.49 -44.37
CA PRO E 1044 -80.35 12.93 -44.76
C PRO E 1044 -79.93 13.06 -46.22
N ALA E 1045 -80.88 12.95 -47.14
CA ALA E 1045 -80.59 13.03 -48.56
C ALA E 1045 -80.18 14.44 -48.94
N ASN E 1046 -80.75 15.43 -48.27
CA ASN E 1046 -80.45 16.82 -48.59
C ASN E 1046 -79.05 17.14 -48.10
N HIS E 1047 -78.66 16.59 -46.95
CA HIS E 1047 -77.31 16.75 -46.43
C HIS E 1047 -76.32 16.16 -47.41
N PHE E 1048 -76.69 15.04 -48.03
CA PHE E 1048 -75.86 14.34 -48.99
C PHE E 1048 -75.61 15.24 -50.20
N HIS E 1049 -76.67 15.88 -50.69
CA HIS E 1049 -76.59 16.66 -51.90
C HIS E 1049 -75.82 17.96 -51.66
N LEU E 1050 -75.94 18.53 -50.47
CA LEU E 1050 -75.25 19.76 -50.12
C LEU E 1050 -73.75 19.52 -50.11
N LEU E 1051 -73.31 18.44 -49.48
CA LEU E 1051 -71.89 18.15 -49.37
C LEU E 1051 -71.29 17.91 -50.75
N ARG E 1052 -72.00 17.19 -51.61
CA ARG E 1052 -71.48 16.82 -52.91
C ARG E 1052 -71.44 18.02 -53.85
N ARG E 1053 -72.39 18.95 -53.71
CA ARG E 1053 -72.37 20.15 -54.53
C ARG E 1053 -71.13 20.97 -54.21
N HIS E 1054 -70.81 21.07 -52.92
CA HIS E 1054 -69.69 21.86 -52.45
C HIS E 1054 -68.39 21.30 -53.00
N ALA E 1055 -68.28 19.97 -53.02
CA ALA E 1055 -67.04 19.31 -53.37
C ALA E 1055 -66.77 19.36 -54.87
N LEU E 1056 -67.81 19.32 -55.69
CA LEU E 1056 -67.66 19.18 -57.13
C LEU E 1056 -67.70 20.53 -57.85
N SER E 1057 -68.00 21.62 -57.13
CA SER E 1057 -68.10 22.92 -57.76
C SER E 1057 -66.73 23.58 -57.87
N ASP E 1058 -66.71 24.83 -58.35
CA ASP E 1058 -65.48 25.59 -58.48
C ASP E 1058 -65.60 26.90 -57.70
N LEU E 1059 -66.44 26.90 -56.67
CA LEU E 1059 -66.61 28.03 -55.77
C LEU E 1059 -65.85 27.74 -54.49
N LYS E 1060 -64.73 28.43 -54.30
CA LYS E 1060 -63.80 28.11 -53.23
C LYS E 1060 -64.07 29.00 -52.03
N ARG E 1061 -65.15 28.69 -51.29
CA ARG E 1061 -65.52 29.39 -50.08
C ARG E 1061 -65.97 28.38 -49.04
N PRO E 1062 -65.88 28.69 -47.72
CA PRO E 1062 -66.28 27.74 -46.68
C PRO E 1062 -67.77 27.38 -46.62
N LEU E 1063 -68.07 26.32 -45.85
CA LEU E 1063 -69.43 25.85 -45.64
C LEU E 1063 -69.64 25.53 -44.16
N VAL E 1064 -70.69 26.12 -43.56
CA VAL E 1064 -71.01 25.93 -42.16
C VAL E 1064 -72.38 25.25 -42.08
N ILE E 1065 -72.43 24.07 -41.45
CA ILE E 1065 -73.65 23.27 -41.35
C ILE E 1065 -74.01 23.06 -39.89
N PHE E 1066 -75.28 23.28 -39.55
CA PHE E 1066 -75.78 23.04 -38.21
C PHE E 1066 -76.49 21.69 -38.17
N THR E 1067 -75.90 20.72 -37.47
CA THR E 1067 -76.28 19.32 -37.54
C THR E 1067 -77.13 18.95 -36.35
N PRO E 1068 -77.97 17.89 -36.41
CA PRO E 1068 -78.89 17.54 -35.32
C PRO E 1068 -78.37 16.58 -34.26
N LYS E 1069 -79.14 16.43 -33.17
CA LYS E 1069 -78.75 15.62 -32.03
C LYS E 1069 -79.80 14.55 -31.75
N SER E 1070 -81.07 14.91 -31.69
CA SER E 1070 -82.14 13.98 -31.41
C SER E 1070 -82.79 13.47 -32.69
N MET E 1071 -82.72 14.27 -33.74
CA MET E 1071 -83.29 13.94 -35.04
C MET E 1071 -82.47 12.84 -35.71
N LEU E 1072 -81.29 12.52 -35.14
CA LEU E 1072 -80.44 11.47 -35.65
C LEU E 1072 -81.19 10.14 -35.69
N ARG E 1073 -82.12 9.93 -34.74
CA ARG E 1073 -82.82 8.67 -34.61
C ARG E 1073 -84.33 8.85 -34.69
N ASN E 1074 -84.79 9.86 -35.43
CA ASN E 1074 -86.21 10.09 -35.65
C ASN E 1074 -86.62 9.36 -36.92
N LYS E 1075 -87.68 8.55 -36.85
CA LYS E 1075 -88.04 7.68 -37.96
C LYS E 1075 -88.81 8.44 -39.01
N ALA E 1076 -89.33 9.62 -38.68
CA ALA E 1076 -90.07 10.42 -39.63
C ALA E 1076 -89.12 11.21 -40.53
N ALA E 1077 -87.83 11.19 -40.23
CA ALA E 1077 -86.86 11.99 -40.94
C ALA E 1077 -86.03 11.15 -41.91
N ALA E 1078 -86.26 9.84 -41.97
CA ALA E 1078 -85.43 8.96 -42.77
C ALA E 1078 -85.74 9.10 -44.25
N SER E 1079 -84.83 8.63 -45.10
CA SER E 1079 -84.88 8.86 -46.54
C SER E 1079 -84.90 7.54 -47.30
N ALA E 1080 -85.47 7.57 -48.51
CA ALA E 1080 -85.58 6.40 -49.37
C ALA E 1080 -84.48 6.44 -50.42
N PRO E 1081 -84.09 5.29 -51.03
CA PRO E 1081 -83.00 5.26 -51.98
C PRO E 1081 -83.16 6.09 -53.24
N GLU E 1082 -84.41 6.31 -53.66
CA GLU E 1082 -84.68 7.11 -54.85
C GLU E 1082 -84.18 8.54 -54.65
N ASP E 1083 -84.13 8.99 -53.39
CA ASP E 1083 -83.74 10.35 -53.07
C ASP E 1083 -82.25 10.57 -53.28
N PHE E 1084 -81.47 9.49 -53.37
CA PHE E 1084 -80.04 9.58 -53.63
C PHE E 1084 -79.70 9.32 -55.09
N THR E 1085 -80.62 8.71 -55.87
CA THR E 1085 -80.29 8.23 -57.20
C THR E 1085 -81.18 8.81 -58.30
N GLU E 1086 -82.35 9.38 -57.95
CA GLU E 1086 -83.25 9.93 -58.96
C GLU E 1086 -83.42 11.44 -58.82
N VAL E 1087 -83.39 11.97 -57.60
CA VAL E 1087 -83.38 13.40 -57.37
C VAL E 1087 -81.98 13.92 -57.67
N THR E 1088 -81.89 15.02 -58.43
CA THR E 1088 -80.64 15.41 -59.05
C THR E 1088 -79.92 16.52 -58.29
N LYS E 1089 -80.65 17.39 -57.57
CA LYS E 1089 -80.06 18.60 -57.01
C LYS E 1089 -80.44 18.78 -55.54
N PHE E 1090 -79.72 19.68 -54.87
CA PHE E 1090 -80.02 20.12 -53.51
C PHE E 1090 -81.17 21.11 -53.53
N GLN E 1091 -82.01 21.04 -52.50
CA GLN E 1091 -83.17 21.93 -52.40
C GLN E 1091 -82.94 22.94 -51.29
N SER E 1092 -83.18 24.22 -51.61
CA SER E 1092 -82.97 25.30 -50.66
C SER E 1092 -84.25 25.63 -49.91
N VAL E 1093 -85.39 25.39 -50.54
CA VAL E 1093 -86.69 25.53 -49.90
C VAL E 1093 -87.50 24.28 -50.21
N ILE E 1094 -88.13 23.69 -49.18
CA ILE E 1094 -88.99 22.54 -49.33
C ILE E 1094 -90.40 22.96 -48.98
N ASN E 1095 -91.32 22.81 -49.92
CA ASN E 1095 -92.70 23.22 -49.75
C ASN E 1095 -93.43 22.12 -48.98
N ASP E 1096 -94.63 22.42 -48.49
CA ASP E 1096 -95.36 21.51 -47.62
C ASP E 1096 -95.88 20.33 -48.43
N PRO E 1097 -95.55 19.07 -48.06
CA PRO E 1097 -96.06 17.90 -48.78
C PRO E 1097 -97.40 17.33 -48.33
N ASN E 1098 -98.10 18.03 -47.43
CA ASN E 1098 -99.40 17.57 -46.96
C ASN E 1098 -100.42 18.70 -47.10
N VAL E 1099 -100.54 19.25 -48.30
CA VAL E 1099 -101.57 20.23 -48.60
C VAL E 1099 -102.53 19.62 -49.61
N ALA E 1100 -103.78 19.43 -49.19
CA ALA E 1100 -104.82 18.86 -50.03
C ALA E 1100 -105.24 19.85 -51.10
N ASP E 1101 -105.66 21.04 -50.67
CA ASP E 1101 -106.12 22.09 -51.57
C ASP E 1101 -105.45 23.41 -51.21
N ALA E 1102 -104.84 24.05 -52.20
CA ALA E 1102 -103.98 25.19 -51.98
C ALA E 1102 -104.77 26.48 -51.91
N ALA E 1103 -106.04 26.43 -52.29
CA ALA E 1103 -106.87 27.61 -52.34
C ALA E 1103 -107.57 27.84 -51.00
N LYS E 1104 -107.32 26.97 -50.02
CA LYS E 1104 -107.95 27.08 -48.73
C LYS E 1104 -106.94 27.46 -47.66
N VAL E 1105 -105.70 27.79 -48.05
CA VAL E 1105 -104.66 28.16 -47.10
C VAL E 1105 -104.77 29.64 -46.79
N LYS E 1106 -104.65 29.99 -45.50
CA LYS E 1106 -104.76 31.37 -45.06
C LYS E 1106 -103.63 31.77 -44.10
N LYS E 1107 -102.75 30.84 -43.75
CA LYS E 1107 -101.55 31.16 -42.99
C LYS E 1107 -100.38 30.33 -43.54
N VAL E 1108 -99.21 30.96 -43.66
CA VAL E 1108 -97.99 30.28 -44.05
C VAL E 1108 -96.99 30.42 -42.91
N MET E 1109 -96.42 29.29 -42.48
CA MET E 1109 -95.39 29.27 -41.45
C MET E 1109 -94.04 29.00 -42.09
N LEU E 1110 -93.02 29.79 -41.75
CA LEU E 1110 -91.66 29.54 -42.17
C LEU E 1110 -90.87 29.00 -40.99
N VAL E 1111 -90.08 27.94 -41.22
CA VAL E 1111 -89.37 27.25 -40.15
C VAL E 1111 -88.05 26.74 -40.70
N SER E 1112 -87.09 26.46 -39.82
CA SER E 1112 -85.83 25.85 -40.21
C SER E 1112 -85.38 24.87 -39.14
N GLY E 1113 -85.05 23.64 -39.55
CA GLY E 1113 -84.47 22.66 -38.65
C GLY E 1113 -85.49 21.66 -38.12
N LYS E 1114 -85.30 21.25 -36.86
CA LYS E 1114 -85.99 20.09 -36.31
C LYS E 1114 -87.39 20.42 -35.80
N LEU E 1115 -87.72 21.70 -35.66
CA LEU E 1115 -89.02 22.07 -35.13
C LEU E 1115 -90.10 21.78 -36.15
N TYR E 1116 -89.72 21.49 -37.40
CA TYR E 1116 -90.70 21.16 -38.42
C TYR E 1116 -91.52 19.96 -38.01
N TYR E 1117 -90.87 18.95 -37.44
CA TYR E 1117 -91.48 17.67 -37.21
C TYR E 1117 -92.46 17.74 -36.04
N GLU E 1118 -92.40 18.80 -35.23
CA GLU E 1118 -93.37 19.00 -34.17
C GLU E 1118 -94.61 19.70 -34.71
N LEU E 1119 -94.39 20.70 -35.56
CA LEU E 1119 -95.48 21.47 -36.11
C LEU E 1119 -96.32 20.61 -37.04
N ALA E 1120 -95.66 19.73 -37.81
CA ALA E 1120 -96.34 18.86 -38.75
C ALA E 1120 -97.20 17.84 -38.00
N LYS E 1121 -96.67 17.36 -36.88
CA LYS E 1121 -97.36 16.42 -36.02
C LYS E 1121 -98.67 17.01 -35.54
N ARG E 1122 -98.63 18.26 -35.09
CA ARG E 1122 -99.79 18.91 -34.51
C ARG E 1122 -100.82 19.22 -35.58
N LYS E 1123 -100.35 19.58 -36.77
CA LYS E 1123 -101.23 19.91 -37.88
C LYS E 1123 -102.08 18.72 -38.25
N GLU E 1124 -101.49 17.53 -38.23
CA GLU E 1124 -102.18 16.30 -38.60
C GLU E 1124 -103.21 15.93 -37.55
N LYS E 1125 -102.88 16.14 -36.28
CA LYS E 1125 -103.73 15.76 -35.17
C LYS E 1125 -104.99 16.62 -35.16
N ASP E 1126 -104.84 17.92 -35.41
CA ASP E 1126 -105.95 18.85 -35.26
C ASP E 1126 -106.67 19.07 -36.58
N GLY E 1127 -106.16 18.49 -37.66
CA GLY E 1127 -106.84 18.53 -38.95
C GLY E 1127 -107.01 19.95 -39.48
N ARG E 1128 -105.92 20.70 -39.51
CA ARG E 1128 -105.92 22.07 -40.00
C ARG E 1128 -105.56 22.06 -41.49
N ASP E 1129 -106.48 22.57 -42.32
CA ASP E 1129 -106.28 22.62 -43.76
C ASP E 1129 -106.11 24.06 -44.22
N ASP E 1130 -105.95 24.98 -43.26
CA ASP E 1130 -105.78 26.38 -43.57
C ASP E 1130 -104.35 26.82 -43.25
N ILE E 1131 -103.44 25.87 -43.00
CA ILE E 1131 -102.06 26.17 -42.69
C ILE E 1131 -101.16 25.43 -43.67
N ALA E 1132 -99.99 26.03 -43.97
CA ALA E 1132 -98.96 25.40 -44.78
C ALA E 1132 -97.59 25.68 -44.18
N ILE E 1133 -96.81 24.64 -43.89
CA ILE E 1133 -95.50 24.80 -43.28
C ILE E 1133 -94.42 24.70 -44.37
N VAL E 1134 -93.55 25.71 -44.47
CA VAL E 1134 -92.51 25.79 -45.49
C VAL E 1134 -91.14 25.86 -44.80
N ARG E 1135 -90.19 25.06 -45.29
CA ARG E 1135 -88.88 24.92 -44.68
C ARG E 1135 -87.84 25.70 -45.45
N ILE E 1136 -86.87 26.29 -44.73
CA ILE E 1136 -85.73 26.97 -45.33
C ILE E 1136 -84.48 26.20 -44.93
N GLU E 1137 -83.73 25.70 -45.92
CA GLU E 1137 -82.63 24.80 -45.68
C GLU E 1137 -81.31 25.55 -45.78
N MET E 1138 -81.21 26.51 -46.71
CA MET E 1138 -80.05 27.36 -46.83
C MET E 1138 -80.39 28.74 -46.29
N LEU E 1139 -79.65 29.19 -45.27
CA LEU E 1139 -79.94 30.42 -44.57
C LEU E 1139 -79.25 31.59 -45.24
N HIS E 1140 -77.96 31.44 -45.56
CA HIS E 1140 -77.22 32.45 -46.32
C HIS E 1140 -76.45 31.77 -47.45
N PRO E 1141 -76.48 32.27 -48.70
CA PRO E 1141 -77.33 33.37 -49.13
C PRO E 1141 -78.82 33.07 -49.10
N ILE E 1142 -79.63 34.13 -49.08
CA ILE E 1142 -81.06 34.00 -48.94
C ILE E 1142 -81.65 33.58 -50.27
N PRO E 1143 -82.39 32.45 -50.34
CA PRO E 1143 -83.05 32.05 -51.56
C PRO E 1143 -84.40 32.72 -51.72
N PHE E 1144 -84.37 33.99 -52.12
CA PHE E 1144 -85.56 34.82 -52.08
C PHE E 1144 -86.46 34.53 -53.28
N ASN E 1145 -85.89 34.00 -54.37
CA ASN E 1145 -86.68 33.67 -55.55
C ASN E 1145 -87.57 32.47 -55.25
N ARG E 1146 -87.03 31.48 -54.54
CA ARG E 1146 -87.77 30.28 -54.20
C ARG E 1146 -88.82 30.56 -53.13
N ILE E 1147 -88.49 31.41 -52.16
CA ILE E 1147 -89.43 31.77 -51.12
C ILE E 1147 -90.59 32.53 -51.75
N SER E 1148 -90.29 33.37 -52.74
CA SER E 1148 -91.31 34.13 -53.42
C SER E 1148 -92.24 33.22 -54.20
N GLU E 1149 -91.66 32.21 -54.83
CA GLU E 1149 -92.38 31.26 -55.66
C GLU E 1149 -93.32 30.43 -54.80
N ALA E 1150 -92.85 30.05 -53.61
CA ALA E 1150 -93.63 29.25 -52.67
C ALA E 1150 -94.83 30.03 -52.15
N LEU E 1151 -94.60 31.29 -51.77
CA LEU E 1151 -95.65 32.14 -51.24
C LEU E 1151 -96.68 32.45 -52.33
N ALA E 1152 -96.24 32.51 -53.59
CA ALA E 1152 -97.13 32.84 -54.69
C ALA E 1152 -98.09 31.69 -54.98
N GLY E 1153 -97.74 30.48 -54.54
CA GLY E 1153 -98.57 29.31 -54.76
C GLY E 1153 -99.80 29.27 -53.86
N TYR E 1154 -99.83 30.13 -52.83
CA TYR E 1154 -100.98 30.22 -51.94
C TYR E 1154 -101.60 31.61 -52.08
N PRO E 1155 -102.54 31.82 -53.02
CA PRO E 1155 -103.02 33.16 -53.35
C PRO E 1155 -103.96 33.83 -52.35
N ASN E 1156 -104.48 33.08 -51.38
CA ASN E 1156 -105.45 33.63 -50.45
C ASN E 1156 -104.84 33.76 -49.06
N ALA E 1157 -103.51 33.80 -48.98
CA ALA E 1157 -102.82 33.91 -47.71
C ALA E 1157 -102.89 35.34 -47.19
N GLU E 1158 -103.05 35.48 -45.87
CA GLU E 1158 -103.23 36.77 -45.25
C GLU E 1158 -102.10 37.07 -44.27
N GLU E 1159 -101.52 36.03 -43.68
CA GLU E 1159 -100.47 36.19 -42.68
C GLU E 1159 -99.25 35.36 -43.06
N VAL E 1160 -98.09 35.77 -42.55
CA VAL E 1160 -96.88 34.96 -42.61
C VAL E 1160 -96.25 34.97 -41.22
N LEU E 1161 -95.97 33.78 -40.70
CA LEU E 1161 -95.41 33.59 -39.37
C LEU E 1161 -94.00 33.03 -39.51
N PHE E 1162 -93.06 33.58 -38.74
CA PHE E 1162 -91.70 33.05 -38.66
C PHE E 1162 -91.56 32.38 -37.30
N VAL E 1163 -91.31 31.07 -37.29
CA VAL E 1163 -91.35 30.28 -36.07
C VAL E 1163 -89.95 29.72 -35.81
N GLN E 1164 -89.40 29.97 -34.61
CA GLN E 1164 -88.13 29.40 -34.22
C GLN E 1164 -88.15 29.02 -32.76
N ASP E 1165 -87.22 28.15 -32.36
CA ASP E 1165 -87.10 27.69 -30.99
C ASP E 1165 -86.27 28.64 -30.15
N GLU E 1166 -85.34 29.36 -30.77
CA GLU E 1166 -84.35 30.13 -30.03
C GLU E 1166 -85.02 31.37 -29.44
N PRO E 1167 -84.44 31.98 -28.39
CA PRO E 1167 -84.88 33.29 -27.92
C PRO E 1167 -84.90 34.36 -29.01
N ALA E 1168 -85.59 35.47 -28.73
CA ALA E 1168 -85.90 36.45 -29.76
C ALA E 1168 -84.67 37.23 -30.21
N ASN E 1169 -83.62 37.24 -29.40
CA ASN E 1169 -82.40 37.95 -29.74
C ASN E 1169 -81.35 36.98 -30.27
N GLN E 1170 -81.76 35.75 -30.59
CA GLN E 1170 -80.87 34.72 -31.07
C GLN E 1170 -81.54 34.01 -32.24
N GLY E 1171 -80.83 33.09 -32.90
CA GLY E 1171 -81.37 32.33 -34.01
C GLY E 1171 -81.39 33.15 -35.29
N PRO E 1172 -82.05 32.67 -36.36
CA PRO E 1172 -82.10 33.42 -37.62
C PRO E 1172 -83.06 34.61 -37.77
N TRP E 1173 -83.83 34.95 -36.73
CA TRP E 1173 -84.86 35.96 -36.87
C TRP E 1173 -84.26 37.34 -37.10
N PRO E 1174 -83.27 37.80 -36.32
CA PRO E 1174 -82.70 39.13 -36.51
C PRO E 1174 -82.23 39.42 -37.93
N PHE E 1175 -81.61 38.42 -38.57
CA PHE E 1175 -81.10 38.55 -39.92
C PHE E 1175 -82.24 38.67 -40.90
N TYR E 1176 -83.28 37.84 -40.74
CA TYR E 1176 -84.33 37.71 -41.72
C TYR E 1176 -85.31 38.88 -41.64
N GLN E 1177 -85.57 39.42 -40.45
CA GLN E 1177 -86.53 40.50 -40.30
C GLN E 1177 -85.96 41.78 -40.92
N GLU E 1178 -84.65 41.87 -41.04
CA GLU E 1178 -83.99 43.02 -41.64
C GLU E 1178 -84.00 42.92 -43.15
N HIS E 1179 -83.66 41.73 -43.70
CA HIS E 1179 -83.29 41.61 -45.10
C HIS E 1179 -84.44 41.16 -45.99
N LEU E 1180 -85.36 40.35 -45.49
CA LEU E 1180 -86.30 39.64 -46.36
C LEU E 1180 -87.38 40.57 -46.89
N PRO E 1181 -87.96 41.49 -46.09
CA PRO E 1181 -88.95 42.44 -46.61
C PRO E 1181 -88.52 43.30 -47.79
N GLU E 1182 -87.23 43.62 -47.87
CA GLU E 1182 -86.68 44.39 -48.98
C GLU E 1182 -86.67 43.55 -50.25
N LEU E 1183 -86.32 42.27 -50.12
CA LEU E 1183 -86.12 41.38 -51.26
C LEU E 1183 -87.45 40.89 -51.83
N ILE E 1184 -88.49 40.81 -50.99
CA ILE E 1184 -89.81 40.42 -51.44
C ILE E 1184 -90.80 41.53 -51.06
N PRO E 1185 -90.94 42.58 -51.89
CA PRO E 1185 -91.78 43.73 -51.54
C PRO E 1185 -93.28 43.48 -51.30
N ASN E 1186 -93.84 42.48 -51.97
CA ASN E 1186 -95.29 42.27 -51.95
C ASN E 1186 -95.72 41.33 -50.83
N MET E 1187 -94.78 40.90 -49.98
CA MET E 1187 -95.06 39.92 -48.95
C MET E 1187 -95.80 40.61 -47.80
N PRO E 1188 -96.77 39.95 -47.14
CA PRO E 1188 -97.40 40.50 -45.93
C PRO E 1188 -96.40 40.71 -44.80
N LYS E 1189 -96.80 41.48 -43.78
CA LYS E 1189 -95.89 41.75 -42.67
C LYS E 1189 -95.69 40.46 -41.87
N MET E 1190 -94.43 40.18 -41.51
CA MET E 1190 -94.11 38.96 -40.81
C MET E 1190 -94.41 39.14 -39.32
N ARG E 1191 -94.61 38.02 -38.63
CA ARG E 1191 -94.91 38.00 -37.21
C ARG E 1191 -94.08 36.91 -36.56
N ARG E 1192 -93.33 37.27 -35.51
CA ARG E 1192 -92.42 36.35 -34.87
C ARG E 1192 -93.19 35.45 -33.91
N VAL E 1193 -92.78 34.18 -33.81
CA VAL E 1193 -93.23 33.29 -32.76
C VAL E 1193 -92.02 32.53 -32.24
N SER E 1194 -91.58 32.86 -31.03
CA SER E 1194 -90.37 32.28 -30.47
C SER E 1194 -90.40 32.36 -28.95
N ARG E 1195 -89.30 31.95 -28.32
CA ARG E 1195 -89.09 32.17 -26.90
C ARG E 1195 -88.73 33.63 -26.65
N ARG E 1196 -88.89 34.09 -25.40
CA ARG E 1196 -88.57 35.46 -25.03
C ARG E 1196 -87.06 35.67 -25.06
N ALA E 1197 -86.64 36.94 -25.15
CA ALA E 1197 -85.23 37.29 -25.16
C ALA E 1197 -84.60 37.00 -23.80
N GLN E 1198 -83.35 36.54 -23.82
CA GLN E 1198 -82.68 36.09 -22.61
C GLN E 1198 -81.21 36.50 -22.63
N SER E 1199 -80.63 36.58 -21.43
CA SER E 1199 -79.22 36.85 -21.26
C SER E 1199 -78.40 35.59 -21.52
N SER E 1200 -78.91 34.44 -21.07
CA SER E 1200 -78.29 33.16 -21.33
C SER E 1200 -78.92 32.52 -22.56
N THR E 1201 -78.42 31.35 -22.93
CA THR E 1201 -78.85 30.64 -24.12
C THR E 1201 -80.18 29.91 -23.88
N ALA E 1202 -80.30 29.23 -22.75
CA ALA E 1202 -81.48 28.43 -22.45
C ALA E 1202 -81.60 28.21 -20.95
N THR E 1203 -82.74 27.65 -20.53
CA THR E 1203 -83.01 27.38 -19.13
C THR E 1203 -82.18 26.20 -18.64
N GLY E 1204 -82.07 26.07 -17.32
CA GLY E 1204 -81.32 24.98 -16.71
C GLY E 1204 -82.23 23.90 -16.12
N VAL E 1205 -83.54 24.17 -16.04
CA VAL E 1205 -84.51 23.23 -15.53
C VAL E 1205 -85.22 22.56 -16.70
N ALA E 1206 -85.45 21.25 -16.60
CA ALA E 1206 -86.00 20.47 -17.69
C ALA E 1206 -87.51 20.59 -17.77
N LYS E 1207 -88.18 20.72 -16.63
CA LYS E 1207 -89.63 20.86 -16.60
C LYS E 1207 -90.04 22.18 -17.25
N VAL E 1208 -89.24 23.23 -17.05
CA VAL E 1208 -89.53 24.54 -17.61
C VAL E 1208 -89.37 24.49 -19.12
N HIS E 1209 -88.42 23.70 -19.62
CA HIS E 1209 -88.20 23.57 -21.04
C HIS E 1209 -89.43 22.99 -21.71
N GLN E 1210 -90.04 21.98 -21.08
CA GLN E 1210 -91.19 21.32 -21.64
C GLN E 1210 -92.38 22.26 -21.66
N LEU E 1211 -92.52 23.08 -20.62
CA LEU E 1211 -93.62 24.02 -20.51
C LEU E 1211 -93.51 25.10 -21.58
N GLU E 1212 -92.28 25.54 -21.86
CA GLU E 1212 -92.02 26.57 -22.84
C GLU E 1212 -92.37 26.09 -24.25
N GLU E 1213 -92.04 24.83 -24.55
CA GLU E 1213 -92.26 24.28 -25.88
C GLU E 1213 -93.74 24.18 -26.17
N LYS E 1214 -94.52 23.79 -25.17
CA LYS E 1214 -95.96 23.67 -25.31
C LYS E 1214 -96.56 25.04 -25.60
N GLN E 1215 -96.12 26.05 -24.86
CA GLN E 1215 -96.62 27.41 -24.98
C GLN E 1215 -96.33 27.96 -26.36
N LEU E 1216 -95.18 27.58 -26.94
CA LEU E 1216 -94.72 28.07 -28.22
C LEU E 1216 -95.60 27.54 -29.34
N ILE E 1217 -95.84 26.23 -29.35
CA ILE E 1217 -96.60 25.59 -30.41
C ILE E 1217 -98.06 26.01 -30.31
N ASP E 1218 -98.56 26.28 -29.11
CA ASP E 1218 -99.93 26.73 -28.94
C ASP E 1218 -100.11 28.12 -29.55
N GLU E 1219 -99.10 28.97 -29.40
CA GLU E 1219 -99.15 30.33 -29.90
C GLU E 1219 -99.15 30.35 -31.42
N ALA E 1220 -98.47 29.36 -32.02
CA ALA E 1220 -98.36 29.27 -33.47
C ALA E 1220 -99.70 28.94 -34.11
N PHE E 1221 -100.49 28.09 -33.43
CA PHE E 1221 -101.77 27.65 -33.93
C PHE E 1221 -102.90 28.45 -33.29
N GLU E 1222 -102.68 29.77 -33.15
CA GLU E 1222 -103.65 30.68 -32.56
C GLU E 1222 -103.92 30.29 -31.11
N PRO F 104 -31.62 -56.58 22.30
CA PRO F 104 -30.71 -57.62 21.79
C PRO F 104 -31.45 -58.90 21.40
N GLY F 105 -30.98 -59.56 20.34
CA GLY F 105 -31.56 -60.80 19.87
C GLY F 105 -32.13 -60.67 18.45
N GLN F 106 -33.05 -61.57 18.12
CA GLN F 106 -33.65 -61.65 16.80
C GLN F 106 -35.11 -61.27 16.90
N THR F 107 -35.66 -60.62 15.87
CA THR F 107 -37.05 -60.25 15.87
C THR F 107 -37.56 -60.13 14.44
N PRO F 108 -38.66 -60.82 14.07
CA PRO F 108 -39.25 -60.71 12.73
C PRO F 108 -39.68 -59.30 12.32
N ILE F 109 -39.54 -59.04 11.01
CA ILE F 109 -39.90 -57.76 10.43
C ILE F 109 -41.37 -57.83 10.05
N ARG F 110 -42.15 -56.84 10.46
CA ARG F 110 -43.58 -56.81 10.23
C ARG F 110 -44.01 -55.42 9.81
N GLY F 111 -45.05 -55.35 8.97
CA GLY F 111 -45.74 -54.11 8.70
C GLY F 111 -45.21 -53.41 7.45
N ILE F 112 -45.07 -52.09 7.55
CA ILE F 112 -44.54 -51.27 6.47
C ILE F 112 -43.07 -51.62 6.24
N PHE F 113 -42.38 -52.03 7.29
CA PHE F 113 -40.97 -52.34 7.22
C PHE F 113 -40.75 -53.59 6.37
N LYS F 114 -41.70 -54.52 6.42
CA LYS F 114 -41.61 -55.73 5.64
C LYS F 114 -41.76 -55.39 4.16
N SER F 115 -42.60 -54.41 3.85
CA SER F 115 -42.82 -53.99 2.49
C SER F 115 -41.58 -53.32 1.92
N ILE F 116 -40.91 -52.52 2.74
CA ILE F 116 -39.69 -51.84 2.34
C ILE F 116 -38.60 -52.86 2.04
N ALA F 117 -38.54 -53.92 2.85
CA ALA F 117 -37.51 -54.94 2.69
C ALA F 117 -37.72 -55.71 1.39
N LYS F 118 -38.98 -55.99 1.05
CA LYS F 118 -39.30 -56.81 -0.10
C LYS F 118 -38.97 -56.07 -1.39
N ASN F 119 -39.26 -54.76 -1.42
CA ASN F 119 -39.07 -53.96 -2.61
C ASN F 119 -37.59 -53.76 -2.90
N MET F 120 -36.78 -53.63 -1.84
CA MET F 120 -35.35 -53.46 -1.99
C MET F 120 -34.72 -54.72 -2.56
N ASP F 121 -35.30 -55.88 -2.23
CA ASP F 121 -34.83 -57.15 -2.77
C ASP F 121 -35.19 -57.28 -4.24
N ILE F 122 -36.37 -56.79 -4.62
CA ILE F 122 -36.82 -56.84 -6.00
C ILE F 122 -35.91 -55.97 -6.86
N SER F 123 -35.40 -54.87 -6.29
CA SER F 123 -34.65 -53.88 -7.04
C SER F 123 -33.25 -54.37 -7.43
N LEU F 124 -32.88 -55.56 -6.99
CA LEU F 124 -31.58 -56.12 -7.32
C LEU F 124 -31.52 -56.55 -8.78
N GLU F 125 -32.62 -56.47 -9.51
CA GLU F 125 -32.65 -56.92 -10.89
C GLU F 125 -32.66 -55.74 -11.86
N ILE F 126 -32.16 -54.57 -11.43
CA ILE F 126 -32.06 -53.41 -12.29
C ILE F 126 -30.59 -53.01 -12.40
N PRO F 127 -29.97 -53.04 -13.61
CA PRO F 127 -28.63 -52.50 -13.82
C PRO F 127 -28.59 -50.98 -13.82
N THR F 128 -27.78 -50.37 -12.95
CA THR F 128 -27.82 -48.94 -12.75
C THR F 128 -26.43 -48.32 -12.89
N ALA F 129 -26.41 -47.05 -13.32
CA ALA F 129 -25.21 -46.23 -13.32
C ALA F 129 -25.54 -44.84 -12.79
N THR F 130 -24.51 -44.07 -12.42
CA THR F 130 -24.70 -42.78 -11.79
C THR F 130 -23.81 -41.73 -12.44
N SER F 131 -24.32 -40.49 -12.49
CA SER F 131 -23.58 -39.31 -12.93
C SER F 131 -23.64 -38.24 -11.86
N VAL F 132 -22.57 -37.44 -11.72
CA VAL F 132 -22.46 -36.44 -10.68
C VAL F 132 -22.01 -35.12 -11.32
N ARG F 133 -22.63 -34.00 -10.92
CA ARG F 133 -22.25 -32.67 -11.40
C ARG F 133 -22.46 -31.63 -10.32
N ASP F 134 -21.55 -30.65 -10.26
CA ASP F 134 -21.60 -29.55 -9.30
C ASP F 134 -21.92 -28.25 -10.04
N MET F 135 -22.71 -27.38 -9.39
CA MET F 135 -23.32 -26.24 -10.04
C MET F 135 -23.23 -25.02 -9.14
N PRO F 136 -22.97 -23.79 -9.67
CA PRO F 136 -23.03 -22.56 -8.89
C PRO F 136 -24.41 -22.29 -8.32
N ALA F 137 -24.49 -21.68 -7.14
CA ALA F 137 -25.76 -21.51 -6.46
C ALA F 137 -25.98 -20.08 -5.95
N ARG F 138 -25.20 -19.11 -6.43
CA ARG F 138 -25.27 -17.75 -5.93
C ARG F 138 -26.56 -17.09 -6.40
N LEU F 139 -26.89 -17.25 -7.68
CA LEU F 139 -28.02 -16.57 -8.26
C LEU F 139 -29.32 -17.09 -7.66
N MET F 140 -29.32 -18.34 -7.19
CA MET F 140 -30.48 -18.90 -6.52
C MET F 140 -30.74 -18.13 -5.24
N PHE F 141 -29.70 -17.95 -4.42
CA PHE F 141 -29.84 -17.28 -3.14
C PHE F 141 -30.39 -15.87 -3.34
N GLU F 142 -29.88 -15.16 -4.34
CA GLU F 142 -30.24 -13.78 -4.58
C GLU F 142 -31.70 -13.68 -4.99
N ASN F 143 -32.08 -14.43 -6.02
CA ASN F 143 -33.39 -14.27 -6.63
C ASN F 143 -34.47 -14.84 -5.71
N ARG F 144 -34.14 -15.84 -4.89
CA ARG F 144 -35.10 -16.38 -3.95
C ARG F 144 -35.46 -15.32 -2.93
N ALA F 145 -34.47 -14.54 -2.51
CA ALA F 145 -34.68 -13.49 -1.53
C ALA F 145 -35.61 -12.43 -2.09
N MET F 146 -35.44 -12.10 -3.38
CA MET F 146 -36.26 -11.09 -4.01
C MET F 146 -37.72 -11.53 -4.06
N VAL F 147 -37.96 -12.83 -4.25
CA VAL F 147 -39.32 -13.34 -4.34
C VAL F 147 -39.95 -13.35 -2.97
N ASN F 148 -39.19 -13.69 -1.93
CA ASN F 148 -39.74 -13.80 -0.60
C ASN F 148 -40.05 -12.43 -0.01
N ASP F 149 -39.37 -11.38 -0.50
CA ASP F 149 -39.67 -10.02 -0.07
C ASP F 149 -41.04 -9.58 -0.59
N GLN F 150 -41.36 -9.97 -1.82
CA GLN F 150 -42.65 -9.63 -2.42
C GLN F 150 -43.78 -10.33 -1.68
N LEU F 151 -43.57 -11.60 -1.30
CA LEU F 151 -44.62 -12.36 -0.64
C LEU F 151 -44.88 -11.80 0.76
N LYS F 152 -43.84 -11.27 1.41
CA LYS F 152 -43.97 -10.79 2.77
C LYS F 152 -44.87 -9.56 2.82
N ARG F 153 -44.75 -8.68 1.83
CA ARG F 153 -45.54 -7.45 1.82
C ARG F 153 -47.00 -7.78 1.48
N THR F 154 -47.21 -8.83 0.69
CA THR F 154 -48.55 -9.23 0.26
C THR F 154 -49.11 -10.29 1.21
N ARG F 155 -48.45 -10.51 2.35
CA ARG F 155 -48.87 -11.46 3.37
C ARG F 155 -49.16 -12.83 2.74
N GLY F 156 -48.25 -13.27 1.88
CA GLY F 156 -48.24 -14.64 1.38
C GLY F 156 -47.34 -15.53 2.23
N GLY F 157 -46.78 -16.57 1.62
CA GLY F 157 -45.95 -17.54 2.33
C GLY F 157 -44.46 -17.34 2.06
N LYS F 158 -43.80 -18.42 1.61
CA LYS F 158 -42.35 -18.48 1.52
C LYS F 158 -41.99 -19.67 0.64
N ILE F 159 -41.12 -19.47 -0.36
CA ILE F 159 -40.69 -20.57 -1.22
C ILE F 159 -39.32 -21.07 -0.76
N SER F 160 -39.01 -22.31 -1.14
CA SER F 160 -37.81 -23.02 -0.72
C SER F 160 -36.97 -23.41 -1.92
N PHE F 161 -35.77 -23.96 -1.67
CA PHE F 161 -34.86 -24.34 -2.72
C PHE F 161 -35.37 -25.58 -3.45
N THR F 162 -36.08 -26.45 -2.74
CA THR F 162 -36.60 -27.67 -3.33
C THR F 162 -37.67 -27.35 -4.38
N HIS F 163 -38.46 -26.29 -4.13
CA HIS F 163 -39.45 -25.84 -5.09
C HIS F 163 -38.79 -25.45 -6.40
N ILE F 164 -37.70 -24.68 -6.32
CA ILE F 164 -37.05 -24.13 -7.49
C ILE F 164 -36.36 -25.24 -8.28
N ILE F 165 -35.66 -26.13 -7.59
CA ILE F 165 -34.92 -27.20 -8.24
C ILE F 165 -35.91 -28.20 -8.82
N GLY F 166 -37.03 -28.40 -8.13
CA GLY F 166 -38.10 -29.25 -8.61
C GLY F 166 -38.65 -28.78 -9.96
N TYR F 167 -38.91 -27.49 -10.08
CA TYR F 167 -39.48 -26.93 -11.29
C TYR F 167 -38.48 -27.04 -12.42
N ALA F 168 -37.19 -26.82 -12.11
CA ALA F 168 -36.14 -26.89 -13.10
C ALA F 168 -36.01 -28.31 -13.64
N MET F 169 -36.19 -29.29 -12.75
CA MET F 169 -36.08 -30.69 -13.10
C MET F 169 -37.16 -31.05 -14.11
N VAL F 170 -38.38 -30.53 -13.89
CA VAL F 170 -39.51 -30.79 -14.75
C VAL F 170 -39.22 -30.26 -16.16
N LYS F 171 -38.72 -29.03 -16.24
CA LYS F 171 -38.43 -28.40 -17.51
C LYS F 171 -37.38 -29.20 -18.27
N ALA F 172 -36.42 -29.77 -17.53
CA ALA F 172 -35.33 -30.53 -18.10
C ALA F 172 -35.81 -31.86 -18.67
N VAL F 173 -36.77 -32.49 -17.99
CA VAL F 173 -37.30 -33.77 -18.43
C VAL F 173 -38.09 -33.58 -19.72
N MET F 174 -38.71 -32.40 -19.88
CA MET F 174 -39.43 -32.10 -21.11
C MET F 174 -38.45 -31.94 -22.27
N ALA F 175 -37.29 -31.35 -21.98
CA ALA F 175 -36.27 -31.13 -23.00
C ALA F 175 -35.61 -32.44 -23.41
N HIS F 176 -35.57 -33.41 -22.50
CA HIS F 176 -34.94 -34.70 -22.74
C HIS F 176 -35.90 -35.80 -22.33
N PRO F 177 -36.92 -36.12 -23.16
CA PRO F 177 -37.99 -37.05 -22.80
C PRO F 177 -37.62 -38.50 -22.48
N ASP F 178 -36.45 -38.95 -22.93
CA ASP F 178 -36.01 -40.31 -22.71
C ASP F 178 -35.83 -40.61 -21.22
N MET F 179 -35.68 -39.57 -20.40
CA MET F 179 -35.43 -39.75 -18.98
C MET F 179 -36.70 -40.21 -18.26
N ASN F 180 -37.83 -40.27 -18.98
CA ASN F 180 -39.11 -40.59 -18.35
C ASN F 180 -39.54 -42.02 -18.65
N ASN F 181 -38.78 -42.74 -19.47
CA ASN F 181 -39.16 -44.07 -19.92
C ASN F 181 -38.75 -45.12 -18.90
N SER F 182 -39.25 -46.35 -19.07
CA SER F 182 -38.93 -47.46 -18.18
C SER F 182 -38.93 -48.79 -18.95
N TYR F 183 -38.62 -49.89 -18.25
CA TYR F 183 -38.44 -51.20 -18.85
C TYR F 183 -39.36 -52.21 -18.20
N ASP F 184 -39.82 -53.20 -18.97
CA ASP F 184 -40.62 -54.29 -18.45
C ASP F 184 -40.59 -55.45 -19.43
N VAL F 185 -40.86 -56.67 -18.93
CA VAL F 185 -40.98 -57.85 -19.79
C VAL F 185 -42.43 -58.29 -19.84
N ILE F 186 -43.04 -58.19 -21.03
CA ILE F 186 -44.46 -58.39 -21.25
C ILE F 186 -44.66 -59.44 -22.32
N ASP F 187 -45.35 -60.53 -21.94
CA ASP F 187 -45.53 -61.67 -22.82
C ASP F 187 -44.17 -62.28 -23.09
N GLY F 188 -43.26 -62.12 -22.15
CA GLY F 188 -41.94 -62.73 -22.28
C GLY F 188 -41.08 -62.08 -23.36
N LYS F 189 -41.38 -60.84 -23.72
CA LYS F 189 -40.52 -60.08 -24.60
C LYS F 189 -40.10 -58.80 -23.89
N PRO F 190 -38.84 -58.33 -24.04
CA PRO F 190 -38.45 -56.98 -23.63
C PRO F 190 -39.24 -55.84 -24.26
N THR F 191 -39.52 -54.80 -23.47
CA THR F 191 -40.45 -53.75 -23.87
C THR F 191 -40.04 -52.40 -23.28
N LEU F 192 -40.19 -51.34 -24.07
CA LEU F 192 -39.98 -49.98 -23.61
C LEU F 192 -41.33 -49.34 -23.32
N ILE F 193 -41.43 -48.61 -22.22
CA ILE F 193 -42.69 -48.03 -21.80
C ILE F 193 -42.58 -46.51 -21.80
N VAL F 194 -43.46 -45.84 -22.56
CA VAL F 194 -43.45 -44.40 -22.72
C VAL F 194 -44.73 -43.83 -22.12
N PRO F 195 -44.72 -43.25 -20.90
CA PRO F 195 -45.93 -42.77 -20.27
C PRO F 195 -46.57 -41.54 -20.92
N GLU F 196 -47.78 -41.21 -20.46
CA GLU F 196 -48.55 -40.10 -20.98
C GLU F 196 -48.16 -38.80 -20.28
N HIS F 197 -47.86 -38.88 -18.99
CA HIS F 197 -47.61 -37.70 -18.18
C HIS F 197 -46.28 -37.80 -17.42
N ILE F 198 -45.82 -36.67 -16.91
CA ILE F 198 -44.71 -36.61 -15.98
C ILE F 198 -45.27 -36.47 -14.56
N ASN F 199 -45.22 -37.56 -13.79
CA ASN F 199 -45.67 -37.56 -12.42
C ASN F 199 -44.45 -37.58 -11.50
N LEU F 200 -44.31 -36.56 -10.66
CA LEU F 200 -43.09 -36.35 -9.90
C LEU F 200 -43.29 -36.81 -8.46
N GLY F 201 -42.48 -37.78 -8.04
CA GLY F 201 -42.56 -38.32 -6.69
C GLY F 201 -41.68 -37.56 -5.71
N LEU F 202 -42.25 -37.19 -4.57
CA LEU F 202 -41.53 -36.52 -3.50
C LEU F 202 -41.29 -37.50 -2.37
N ALA F 203 -40.06 -37.55 -1.87
CA ALA F 203 -39.72 -38.36 -0.71
C ALA F 203 -40.06 -37.60 0.56
N ILE F 204 -41.20 -37.93 1.18
CA ILE F 204 -41.64 -37.29 2.42
C ILE F 204 -41.29 -38.19 3.60
N ASP F 205 -40.39 -37.70 4.47
CA ASP F 205 -40.06 -38.38 5.71
C ASP F 205 -41.08 -37.98 6.78
N LEU F 206 -41.97 -38.91 7.14
CA LEU F 206 -43.02 -38.63 8.11
C LEU F 206 -42.93 -39.63 9.27
N PRO F 207 -42.79 -39.15 10.53
CA PRO F 207 -43.02 -40.00 11.71
C PRO F 207 -44.45 -40.51 11.81
N GLN F 208 -44.64 -41.70 12.43
CA GLN F 208 -45.98 -42.21 12.66
C GLN F 208 -46.32 -42.13 14.15
N LYS F 209 -47.49 -42.65 14.53
CA LYS F 209 -48.00 -42.59 15.89
C LYS F 209 -47.07 -43.32 16.85
N ASP F 210 -46.48 -44.44 16.40
CA ASP F 210 -45.61 -45.27 17.20
C ASP F 210 -44.37 -44.48 17.65
N GLY F 211 -43.77 -43.73 16.72
CA GLY F 211 -42.57 -42.96 17.01
C GLY F 211 -41.36 -43.41 16.17
N SER F 212 -41.64 -44.06 15.03
CA SER F 212 -40.61 -44.51 14.11
C SER F 212 -40.81 -43.83 12.76
N ARG F 213 -39.71 -43.31 12.20
CA ARG F 213 -39.72 -42.63 10.92
C ARG F 213 -39.84 -43.67 9.80
N ALA F 214 -40.71 -43.39 8.83
CA ALA F 214 -40.92 -44.25 7.68
C ALA F 214 -41.35 -43.39 6.49
N LEU F 215 -40.76 -43.65 5.32
CA LEU F 215 -40.96 -42.80 4.17
C LEU F 215 -41.82 -43.53 3.13
N VAL F 216 -42.71 -42.77 2.50
CA VAL F 216 -43.49 -43.21 1.36
C VAL F 216 -43.48 -42.09 0.33
N VAL F 217 -43.46 -42.45 -0.95
CA VAL F 217 -43.34 -41.47 -2.02
C VAL F 217 -44.72 -41.15 -2.56
N ALA F 218 -45.11 -39.87 -2.45
CA ALA F 218 -46.35 -39.36 -3.00
C ALA F 218 -46.07 -38.64 -4.30
N ALA F 219 -47.09 -38.48 -5.15
CA ALA F 219 -46.92 -37.99 -6.50
C ALA F 219 -47.64 -36.66 -6.73
N ILE F 220 -46.99 -35.77 -7.48
CA ILE F 220 -47.63 -34.62 -8.09
C ILE F 220 -47.89 -34.98 -9.54
N LYS F 221 -49.15 -34.94 -9.98
CA LYS F 221 -49.53 -35.52 -11.25
C LYS F 221 -49.74 -34.46 -12.33
N GLU F 222 -49.45 -34.84 -13.57
CA GLU F 222 -49.68 -34.02 -14.75
C GLU F 222 -48.96 -32.69 -14.60
N THR F 223 -47.62 -32.76 -14.56
CA THR F 223 -46.78 -31.63 -14.19
C THR F 223 -46.34 -30.88 -15.44
N GLU F 224 -46.45 -31.51 -16.61
CA GLU F 224 -45.91 -30.94 -17.84
C GLU F 224 -46.86 -29.91 -18.43
N LYS F 225 -47.98 -29.63 -17.74
CA LYS F 225 -48.91 -28.60 -18.16
C LYS F 225 -49.17 -27.67 -16.97
N MET F 226 -48.07 -27.20 -16.36
CA MET F 226 -48.14 -26.32 -15.20
C MET F 226 -47.13 -25.19 -15.37
N ASN F 227 -47.47 -24.01 -14.81
CA ASN F 227 -46.51 -22.94 -14.62
C ASN F 227 -46.10 -22.93 -13.15
N PHE F 228 -45.21 -22.01 -12.76
CA PHE F 228 -44.60 -22.09 -11.44
C PHE F 228 -45.66 -21.90 -10.35
N SER F 229 -46.67 -21.08 -10.62
CA SER F 229 -47.71 -20.81 -9.63
C SER F 229 -48.51 -22.08 -9.36
N GLU F 230 -48.89 -22.76 -10.44
CA GLU F 230 -49.64 -24.00 -10.35
C GLU F 230 -48.81 -25.06 -9.65
N PHE F 231 -47.51 -25.14 -9.99
CA PHE F 231 -46.61 -26.14 -9.44
C PHE F 231 -46.51 -25.98 -7.93
N LEU F 232 -46.39 -24.74 -7.47
CA LEU F 232 -46.17 -24.47 -6.06
C LEU F 232 -47.41 -24.88 -5.27
N ALA F 233 -48.59 -24.68 -5.86
CA ALA F 233 -49.85 -25.01 -5.22
C ALA F 233 -49.98 -26.51 -5.03
N ALA F 234 -49.68 -27.27 -6.08
CA ALA F 234 -49.76 -28.71 -6.06
C ALA F 234 -48.81 -29.29 -5.02
N TYR F 235 -47.59 -28.75 -4.97
CA TYR F 235 -46.57 -29.21 -4.05
C TYR F 235 -47.09 -29.08 -2.62
N GLU F 236 -47.59 -27.88 -2.29
CA GLU F 236 -48.00 -27.56 -0.93
C GLU F 236 -49.26 -28.33 -0.57
N ASP F 237 -50.06 -28.70 -1.57
CA ASP F 237 -51.26 -29.50 -1.36
C ASP F 237 -50.89 -30.87 -0.80
N ILE F 238 -49.92 -31.54 -1.45
CA ILE F 238 -49.51 -32.88 -1.06
C ILE F 238 -48.95 -32.83 0.36
N VAL F 239 -48.11 -31.84 0.64
CA VAL F 239 -47.43 -31.72 1.92
C VAL F 239 -48.47 -31.50 3.01
N ALA F 240 -49.44 -30.63 2.74
CA ALA F 240 -50.44 -30.22 3.72
C ALA F 240 -51.30 -31.42 4.14
N ARG F 241 -51.75 -32.19 3.15
CA ARG F 241 -52.64 -33.30 3.41
C ARG F 241 -51.90 -34.44 4.12
N SER F 242 -50.56 -34.49 3.95
CA SER F 242 -49.78 -35.56 4.55
C SER F 242 -49.74 -35.38 6.07
N ARG F 243 -49.67 -34.13 6.53
CA ARG F 243 -49.56 -33.83 7.94
C ARG F 243 -50.89 -34.07 8.65
N LYS F 244 -52.00 -33.82 7.94
CA LYS F 244 -53.33 -34.02 8.49
C LYS F 244 -53.78 -35.46 8.33
N GLY F 245 -53.04 -36.25 7.56
CA GLY F 245 -53.33 -37.66 7.40
C GLY F 245 -54.53 -37.91 6.49
N LYS F 246 -54.53 -37.28 5.31
CA LYS F 246 -55.66 -37.34 4.42
C LYS F 246 -55.23 -37.68 3.01
N LEU F 247 -54.26 -38.61 2.88
CA LEU F 247 -53.79 -39.07 1.59
C LEU F 247 -54.50 -40.38 1.24
N THR F 248 -54.97 -40.48 0.00
CA THR F 248 -55.66 -41.67 -0.49
C THR F 248 -54.64 -42.63 -1.10
N MET F 249 -55.13 -43.74 -1.65
CA MET F 249 -54.28 -44.77 -2.23
C MET F 249 -53.90 -44.37 -3.65
N ASP F 250 -54.66 -43.45 -4.25
CA ASP F 250 -54.40 -43.00 -5.62
C ASP F 250 -53.16 -42.12 -5.67
N ASP F 251 -52.84 -41.46 -4.54
CA ASP F 251 -51.71 -40.54 -4.48
C ASP F 251 -50.38 -41.27 -4.48
N TYR F 252 -50.40 -42.57 -4.18
CA TYR F 252 -49.19 -43.35 -4.12
C TYR F 252 -48.99 -44.19 -5.38
N GLN F 253 -49.64 -43.82 -6.49
CA GLN F 253 -49.55 -44.65 -7.69
C GLN F 253 -49.25 -43.79 -8.91
N GLY F 254 -48.46 -44.33 -9.83
CA GLY F 254 -48.26 -43.74 -11.13
C GLY F 254 -47.03 -42.84 -11.22
N VAL F 255 -46.07 -43.01 -10.31
CA VAL F 255 -44.86 -42.19 -10.30
C VAL F 255 -43.98 -42.59 -11.48
N THR F 256 -43.43 -41.59 -12.18
CA THR F 256 -42.59 -41.84 -13.33
C THR F 256 -41.15 -41.41 -13.09
N VAL F 257 -40.92 -40.47 -12.15
CA VAL F 257 -39.58 -39.98 -11.87
C VAL F 257 -39.59 -39.36 -10.47
N SER F 258 -38.48 -39.51 -9.73
CA SER F 258 -38.44 -39.20 -8.31
C SER F 258 -37.36 -38.17 -7.98
N LEU F 259 -37.51 -37.52 -6.82
CA LEU F 259 -36.60 -36.52 -6.32
C LEU F 259 -36.36 -36.74 -4.83
N THR F 260 -35.09 -36.71 -4.40
CA THR F 260 -34.71 -36.91 -3.02
C THR F 260 -33.73 -35.82 -2.60
N ASN F 261 -33.68 -35.53 -1.30
CA ASN F 261 -32.91 -34.40 -0.78
C ASN F 261 -32.10 -34.82 0.43
N PRO F 262 -30.97 -35.52 0.26
CA PRO F 262 -30.05 -35.80 1.36
C PRO F 262 -29.23 -34.61 1.88
N GLY F 263 -29.33 -33.46 1.20
CA GLY F 263 -28.57 -32.28 1.57
C GLY F 263 -29.16 -31.54 2.76
N GLY F 264 -30.40 -31.85 3.13
CA GLY F 264 -31.04 -31.26 4.30
C GLY F 264 -30.22 -31.44 5.56
N ILE F 265 -29.72 -32.66 5.79
CA ILE F 265 -28.90 -32.97 6.95
C ILE F 265 -27.50 -32.42 6.76
N GLY F 266 -27.01 -32.39 5.50
CA GLY F 266 -25.70 -31.83 5.20
C GLY F 266 -24.77 -32.80 4.48
N THR F 267 -25.33 -33.87 3.89
CA THR F 267 -24.56 -34.79 3.08
C THR F 267 -24.18 -34.11 1.78
N ARG F 268 -22.97 -34.39 1.27
CA ARG F 268 -22.47 -33.71 0.09
C ARG F 268 -23.08 -34.31 -1.16
N HIS F 269 -23.09 -35.63 -1.26
CA HIS F 269 -23.87 -36.32 -2.29
C HIS F 269 -24.07 -37.78 -1.91
N SER F 270 -24.91 -38.48 -2.66
CA SER F 270 -25.24 -39.88 -2.40
C SER F 270 -25.34 -40.67 -3.69
N VAL F 271 -25.34 -42.00 -3.56
CA VAL F 271 -25.63 -42.92 -4.65
C VAL F 271 -26.81 -43.78 -4.22
N PRO F 272 -28.06 -43.38 -4.53
CA PRO F 272 -29.26 -44.10 -4.09
C PRO F 272 -29.69 -45.28 -4.96
N ARG F 273 -30.69 -46.04 -4.46
CA ARG F 273 -31.28 -47.17 -5.17
C ARG F 273 -32.43 -46.69 -6.06
N LEU F 274 -32.65 -47.41 -7.16
CA LEU F 274 -33.75 -47.18 -8.07
C LEU F 274 -34.76 -48.29 -7.88
N THR F 275 -36.05 -47.93 -7.78
CA THR F 275 -37.12 -48.88 -7.55
C THR F 275 -37.77 -49.22 -8.87
N LYS F 276 -38.40 -50.40 -8.93
CA LYS F 276 -38.93 -50.96 -10.16
C LYS F 276 -40.11 -50.13 -10.64
N GLY F 277 -40.14 -49.87 -11.95
CA GLY F 277 -41.23 -49.13 -12.57
C GLY F 277 -40.86 -47.70 -12.94
N GLN F 278 -39.60 -47.31 -12.72
CA GLN F 278 -39.13 -45.98 -13.05
C GLN F 278 -37.81 -46.09 -13.81
N GLY F 279 -37.38 -44.97 -14.38
CA GLY F 279 -36.17 -44.93 -15.19
C GLY F 279 -35.01 -44.19 -14.51
N THR F 280 -35.32 -43.18 -13.69
CA THR F 280 -34.28 -42.38 -13.06
C THR F 280 -34.74 -41.85 -11.71
N ILE F 281 -33.76 -41.54 -10.84
CA ILE F 281 -33.97 -40.85 -9.60
C ILE F 281 -32.90 -39.76 -9.47
N ILE F 282 -33.30 -38.57 -9.03
CA ILE F 282 -32.43 -37.41 -8.94
C ILE F 282 -32.23 -37.06 -7.46
N GLY F 283 -30.98 -36.74 -7.08
CA GLY F 283 -30.65 -36.39 -5.71
C GLY F 283 -30.00 -35.01 -5.60
N VAL F 284 -30.35 -34.27 -4.55
CA VAL F 284 -29.88 -32.91 -4.32
C VAL F 284 -29.05 -32.90 -3.04
N GLY F 285 -27.81 -32.40 -3.14
CA GLY F 285 -26.88 -32.42 -2.03
C GLY F 285 -26.84 -31.09 -1.28
N SER F 286 -25.81 -30.93 -0.44
CA SER F 286 -25.71 -29.80 0.47
C SER F 286 -25.39 -28.52 -0.29
N MET F 287 -26.00 -27.41 0.15
CA MET F 287 -25.70 -26.10 -0.38
C MET F 287 -24.88 -25.33 0.65
N ASP F 288 -23.56 -25.45 0.54
CA ASP F 288 -22.65 -24.96 1.56
C ASP F 288 -21.30 -24.71 0.91
N TYR F 289 -20.42 -23.97 1.60
CA TYR F 289 -19.06 -23.81 1.13
C TYR F 289 -18.37 -25.16 1.22
N PRO F 290 -17.37 -25.45 0.36
CA PRO F 290 -16.52 -26.61 0.56
C PRO F 290 -15.81 -26.57 1.92
N ALA F 291 -15.36 -27.73 2.39
CA ALA F 291 -14.90 -27.86 3.76
C ALA F 291 -13.52 -27.25 3.96
N GLU F 292 -12.82 -26.90 2.87
CA GLU F 292 -11.53 -26.24 2.97
C GLU F 292 -11.69 -24.73 3.17
N PHE F 293 -12.93 -24.23 3.12
CA PHE F 293 -13.20 -22.81 3.31
C PHE F 293 -14.05 -22.55 4.54
N GLN F 294 -14.32 -23.57 5.36
CA GLN F 294 -15.29 -23.45 6.42
C GLN F 294 -14.73 -22.73 7.63
N GLY F 295 -13.44 -22.36 7.61
CA GLY F 295 -12.84 -21.62 8.70
C GLY F 295 -12.35 -20.24 8.29
N ALA F 296 -12.59 -19.85 7.04
CA ALA F 296 -12.10 -18.58 6.53
C ALA F 296 -13.05 -17.46 6.94
N SER F 297 -12.58 -16.22 6.82
CA SER F 297 -13.35 -15.06 7.20
C SER F 297 -14.23 -14.61 6.06
N GLU F 298 -15.31 -13.91 6.38
CA GLU F 298 -16.25 -13.43 5.39
C GLU F 298 -15.57 -12.39 4.49
N ASP F 299 -14.74 -11.55 5.11
CA ASP F 299 -14.08 -10.47 4.40
C ASP F 299 -13.20 -11.04 3.30
N ARG F 300 -12.48 -12.12 3.62
CA ARG F 300 -11.47 -12.66 2.73
C ARG F 300 -12.14 -13.40 1.57
N LEU F 301 -13.24 -14.11 1.86
CA LEU F 301 -13.99 -14.82 0.85
C LEU F 301 -14.63 -13.83 -0.12
N ALA F 302 -15.10 -12.70 0.40
CA ALA F 302 -15.74 -11.68 -0.41
C ALA F 302 -14.75 -11.06 -1.38
N GLU F 303 -13.50 -10.91 -0.96
CA GLU F 303 -12.46 -10.31 -1.78
C GLU F 303 -12.16 -11.21 -2.97
N LEU F 304 -12.06 -12.51 -2.73
CA LEU F 304 -11.67 -13.48 -3.74
C LEU F 304 -12.81 -13.62 -4.75
N GLY F 305 -14.03 -13.77 -4.23
CA GLY F 305 -15.19 -13.99 -5.07
C GLY F 305 -15.64 -15.44 -5.07
N VAL F 306 -15.64 -16.08 -3.89
CA VAL F 306 -15.97 -17.48 -3.74
C VAL F 306 -17.47 -17.61 -3.54
N GLY F 307 -18.10 -18.53 -4.27
CA GLY F 307 -19.53 -18.76 -4.17
C GLY F 307 -19.83 -20.08 -3.47
N LYS F 308 -21.12 -20.44 -3.44
CA LYS F 308 -21.57 -21.70 -2.87
C LYS F 308 -21.99 -22.65 -3.99
N LEU F 309 -21.98 -23.95 -3.67
CA LEU F 309 -22.20 -25.03 -4.62
C LEU F 309 -23.58 -25.63 -4.42
N VAL F 310 -23.95 -26.50 -5.35
CA VAL F 310 -24.91 -27.57 -5.10
C VAL F 310 -24.54 -28.73 -6.01
N THR F 311 -24.52 -29.95 -5.47
CA THR F 311 -24.18 -31.14 -6.23
C THR F 311 -25.45 -31.93 -6.53
N ILE F 312 -25.63 -32.33 -7.79
CA ILE F 312 -26.82 -33.07 -8.22
C ILE F 312 -26.39 -34.36 -8.87
N THR F 313 -27.11 -35.45 -8.58
CA THR F 313 -26.80 -36.78 -9.08
C THR F 313 -27.97 -37.34 -9.88
N SER F 314 -27.67 -38.30 -10.75
CA SER F 314 -28.65 -38.96 -11.60
C SER F 314 -28.33 -40.46 -11.66
N THR F 315 -29.26 -41.29 -11.15
CA THR F 315 -29.11 -42.74 -11.16
C THR F 315 -30.16 -43.33 -12.08
N TYR F 316 -29.75 -44.09 -13.09
CA TYR F 316 -30.63 -44.47 -14.18
C TYR F 316 -30.46 -45.94 -14.57
N ASP F 317 -31.51 -46.48 -15.22
CA ASP F 317 -31.54 -47.85 -15.70
C ASP F 317 -30.89 -47.94 -17.07
N HIS F 318 -29.86 -48.77 -17.19
CA HIS F 318 -28.94 -48.70 -18.31
C HIS F 318 -29.45 -49.52 -19.50
N ARG F 319 -30.55 -50.25 -19.31
CA ARG F 319 -31.17 -50.99 -20.39
C ARG F 319 -31.96 -50.08 -21.32
N VAL F 320 -32.35 -48.88 -20.85
CA VAL F 320 -33.21 -48.01 -21.63
C VAL F 320 -32.67 -46.59 -21.70
N ILE F 321 -31.73 -46.20 -20.85
CA ILE F 321 -31.14 -44.87 -20.89
C ILE F 321 -29.63 -45.02 -20.98
N GLN F 322 -29.01 -44.24 -21.88
CA GLN F 322 -27.57 -44.28 -22.08
C GLN F 322 -26.93 -43.10 -21.36
N GLY F 323 -25.61 -43.14 -21.23
CA GLY F 323 -24.85 -42.20 -20.42
C GLY F 323 -24.90 -40.79 -20.98
N ALA F 324 -24.84 -40.67 -22.30
CA ALA F 324 -24.84 -39.38 -22.97
C ALA F 324 -26.12 -38.60 -22.65
N VAL F 325 -27.25 -39.31 -22.59
CA VAL F 325 -28.53 -38.67 -22.33
C VAL F 325 -28.54 -38.15 -20.90
N SER F 326 -28.04 -38.93 -19.95
CA SER F 326 -28.02 -38.55 -18.55
C SER F 326 -27.12 -37.33 -18.34
N GLY F 327 -26.02 -37.26 -19.08
CA GLY F 327 -25.11 -36.12 -19.01
C GLY F 327 -25.76 -34.85 -19.53
N GLU F 328 -26.48 -34.96 -20.66
CA GLU F 328 -27.12 -33.82 -21.28
C GLU F 328 -28.25 -33.30 -20.41
N PHE F 329 -28.90 -34.19 -19.66
CA PHE F 329 -29.95 -33.83 -18.74
C PHE F 329 -29.38 -32.90 -17.67
N LEU F 330 -28.25 -33.28 -17.06
CA LEU F 330 -27.67 -32.50 -15.98
C LEU F 330 -27.11 -31.18 -16.50
N ARG F 331 -26.64 -31.16 -17.75
CA ARG F 331 -26.12 -29.94 -18.34
C ARG F 331 -27.24 -28.92 -18.53
N THR F 332 -28.44 -29.40 -18.89
CA THR F 332 -29.57 -28.53 -19.09
C THR F 332 -30.01 -27.93 -17.76
N MET F 333 -30.01 -28.72 -16.70
CA MET F 333 -30.42 -28.24 -15.39
C MET F 333 -29.47 -27.15 -14.90
N SER F 334 -28.18 -27.32 -15.20
CA SER F 334 -27.16 -26.37 -14.82
C SER F 334 -27.39 -25.04 -15.53
N ARG F 335 -27.78 -25.09 -16.80
CA ARG F 335 -27.99 -23.89 -17.61
C ARG F 335 -29.23 -23.13 -17.14
N LEU F 336 -30.27 -23.85 -16.73
CA LEU F 336 -31.53 -23.21 -16.38
C LEU F 336 -31.38 -22.38 -15.11
N LEU F 337 -30.60 -22.86 -14.14
CA LEU F 337 -30.52 -22.22 -12.85
C LEU F 337 -29.64 -20.96 -12.92
N THR F 338 -29.16 -20.61 -14.11
CA THR F 338 -28.35 -19.42 -14.29
C THR F 338 -28.76 -18.71 -15.57
N ASP F 339 -30.04 -18.85 -15.95
CA ASP F 339 -30.53 -18.39 -17.24
C ASP F 339 -31.50 -17.23 -17.04
N ASP F 340 -31.46 -16.27 -17.98
CA ASP F 340 -32.29 -15.07 -17.89
C ASP F 340 -33.76 -15.44 -18.03
N SER F 341 -34.07 -16.28 -19.02
CA SER F 341 -35.45 -16.55 -19.39
C SER F 341 -36.15 -17.39 -18.33
N PHE F 342 -35.38 -18.19 -17.58
CA PHE F 342 -35.94 -19.06 -16.57
C PHE F 342 -36.52 -18.23 -15.44
N TRP F 343 -35.77 -17.20 -15.01
CA TRP F 343 -36.13 -16.41 -13.85
C TRP F 343 -37.20 -15.38 -14.19
N ASP F 344 -37.32 -15.04 -15.48
CA ASP F 344 -38.38 -14.16 -15.94
C ASP F 344 -39.72 -14.86 -15.75
N GLU F 345 -39.77 -16.16 -16.04
CA GLU F 345 -40.98 -16.94 -15.84
C GLU F 345 -41.40 -16.89 -14.38
N ILE F 346 -40.47 -17.16 -13.47
CA ILE F 346 -40.81 -17.31 -12.07
C ILE F 346 -41.28 -15.98 -11.52
N PHE F 347 -40.64 -14.88 -11.93
CA PHE F 347 -40.93 -13.55 -11.42
C PHE F 347 -42.30 -13.10 -11.93
N ASP F 348 -42.58 -13.38 -13.21
CA ASP F 348 -43.84 -13.04 -13.83
C ASP F 348 -44.99 -13.68 -13.06
N ALA F 349 -44.82 -14.96 -12.71
CA ALA F 349 -45.89 -15.75 -12.14
C ALA F 349 -46.18 -15.34 -10.71
N MET F 350 -45.18 -14.78 -10.01
CA MET F 350 -45.33 -14.47 -8.60
C MET F 350 -45.63 -12.99 -8.41
N ASN F 351 -45.68 -12.23 -9.51
CA ASN F 351 -46.01 -10.82 -9.50
C ASN F 351 -44.99 -10.03 -8.69
N VAL F 352 -43.72 -10.03 -9.16
CA VAL F 352 -42.70 -9.19 -8.58
C VAL F 352 -42.29 -8.17 -9.64
N PRO F 353 -42.18 -6.87 -9.29
CA PRO F 353 -42.06 -5.82 -10.30
C PRO F 353 -40.67 -5.50 -10.83
N TYR F 354 -39.63 -6.04 -10.19
CA TYR F 354 -38.25 -5.72 -10.53
C TYR F 354 -37.70 -6.72 -11.55
N THR F 355 -36.69 -6.29 -12.29
CA THR F 355 -35.94 -7.19 -13.14
C THR F 355 -35.10 -8.10 -12.25
N PRO F 356 -35.04 -9.42 -12.53
CA PRO F 356 -34.21 -10.32 -11.74
C PRO F 356 -32.72 -10.03 -11.90
N MET F 357 -31.96 -10.33 -10.85
CA MET F 357 -30.52 -10.26 -10.87
C MET F 357 -30.00 -11.19 -11.96
N ARG F 358 -28.95 -10.77 -12.66
CA ARG F 358 -28.41 -11.50 -13.80
C ARG F 358 -27.07 -12.13 -13.43
N TRP F 359 -26.61 -13.09 -14.24
CA TRP F 359 -25.38 -13.82 -13.99
C TRP F 359 -24.26 -13.23 -14.81
N ALA F 360 -23.10 -13.01 -14.17
CA ALA F 360 -21.94 -12.43 -14.83
C ALA F 360 -20.69 -12.67 -13.99
N GLN F 361 -19.52 -12.41 -14.58
CA GLN F 361 -18.25 -12.57 -13.90
C GLN F 361 -17.92 -11.31 -13.11
N ASP F 362 -17.12 -11.48 -12.06
CA ASP F 362 -16.63 -10.38 -11.25
C ASP F 362 -15.64 -9.58 -12.08
N VAL F 363 -15.71 -8.24 -11.97
CA VAL F 363 -14.88 -7.35 -12.78
C VAL F 363 -13.85 -6.70 -11.87
N PRO F 364 -12.67 -6.31 -12.41
CA PRO F 364 -11.63 -5.67 -11.60
C PRO F 364 -11.92 -4.21 -11.25
N ASN F 365 -11.36 -3.75 -10.12
CA ASN F 365 -11.51 -2.38 -9.68
C ASN F 365 -10.41 -1.54 -10.35
N THR F 366 -10.61 -1.25 -11.64
CA THR F 366 -9.67 -0.47 -12.42
C THR F 366 -10.43 0.64 -13.12
N GLY F 367 -9.68 1.63 -13.62
CA GLY F 367 -10.28 2.76 -14.30
C GLY F 367 -11.07 3.64 -13.33
N VAL F 368 -12.36 3.83 -13.61
CA VAL F 368 -13.24 4.54 -12.70
C VAL F 368 -13.48 3.64 -11.49
N ASP F 369 -13.27 4.21 -10.31
CA ASP F 369 -13.34 3.46 -9.06
C ASP F 369 -14.79 3.05 -8.83
N LYS F 370 -14.98 2.03 -7.99
CA LYS F 370 -16.30 1.48 -7.75
C LYS F 370 -17.09 2.38 -6.81
N ASN F 371 -16.43 3.12 -5.93
CA ASN F 371 -17.15 4.08 -5.11
C ASN F 371 -17.84 5.12 -5.97
N THR F 372 -17.18 5.55 -7.03
CA THR F 372 -17.75 6.51 -7.95
C THR F 372 -19.01 5.94 -8.59
N ARG F 373 -18.98 4.65 -8.92
CA ARG F 373 -20.09 4.04 -9.62
C ARG F 373 -21.30 3.91 -8.69
N VAL F 374 -21.08 3.69 -7.40
CA VAL F 374 -22.18 3.55 -6.47
C VAL F 374 -22.86 4.90 -6.27
N MET F 375 -22.08 5.99 -6.34
CA MET F 375 -22.62 7.32 -6.17
C MET F 375 -23.47 7.70 -7.37
N GLN F 376 -23.10 7.21 -8.55
CA GLN F 376 -23.85 7.46 -9.76
C GLN F 376 -25.17 6.70 -9.75
N LEU F 377 -25.20 5.53 -9.11
CA LEU F 377 -26.42 4.74 -9.00
C LEU F 377 -27.40 5.46 -8.09
N ILE F 378 -26.91 6.08 -7.02
CA ILE F 378 -27.77 6.80 -6.09
C ILE F 378 -28.42 7.97 -6.81
N GLU F 379 -27.65 8.67 -7.64
CA GLU F 379 -28.14 9.84 -8.33
C GLU F 379 -29.20 9.43 -9.36
N ALA F 380 -29.03 8.27 -9.98
CA ALA F 380 -29.94 7.80 -11.00
C ALA F 380 -31.32 7.50 -10.42
N TYR F 381 -31.37 6.89 -9.24
CA TYR F 381 -32.64 6.55 -8.62
C TYR F 381 -33.36 7.80 -8.16
N ARG F 382 -32.62 8.74 -7.57
CA ARG F 382 -33.19 9.99 -7.12
C ARG F 382 -33.79 10.76 -8.29
N SER F 383 -33.25 10.57 -9.49
CA SER F 383 -33.63 11.36 -10.63
C SER F 383 -34.70 10.69 -11.49
N ARG F 384 -34.61 9.36 -11.67
CA ARG F 384 -35.42 8.69 -12.67
C ARG F 384 -36.11 7.45 -12.11
N GLY F 385 -36.17 7.30 -10.79
CA GLY F 385 -36.73 6.10 -10.19
C GLY F 385 -38.24 6.00 -10.33
N HIS F 386 -38.89 7.13 -10.58
CA HIS F 386 -40.33 7.20 -10.71
C HIS F 386 -40.80 6.44 -11.95
N LEU F 387 -39.90 6.14 -12.87
CA LEU F 387 -40.28 5.51 -14.11
C LEU F 387 -40.62 4.04 -13.91
N ILE F 388 -40.27 3.44 -12.76
CA ILE F 388 -40.58 2.05 -12.52
C ILE F 388 -41.32 1.87 -11.19
N ALA F 389 -42.04 2.87 -10.73
CA ALA F 389 -42.70 2.80 -9.43
C ALA F 389 -44.08 2.19 -9.58
N ASP F 390 -44.61 1.69 -8.45
CA ASP F 390 -45.86 0.97 -8.43
C ASP F 390 -46.99 1.94 -8.16
N THR F 391 -47.40 2.68 -9.18
CA THR F 391 -48.35 3.77 -9.00
C THR F 391 -49.64 3.51 -9.75
N ASN F 392 -49.73 2.43 -10.53
CA ASN F 392 -50.91 2.17 -11.33
C ASN F 392 -51.72 1.04 -10.69
N PRO F 393 -52.99 1.26 -10.31
CA PRO F 393 -53.79 0.20 -9.71
C PRO F 393 -54.08 -0.97 -10.64
N LEU F 394 -54.17 -0.69 -11.94
CA LEU F 394 -54.38 -1.72 -12.95
C LEU F 394 -53.03 -2.22 -13.45
N SER F 395 -53.03 -3.45 -13.97
CA SER F 395 -51.87 -4.01 -14.65
C SER F 395 -52.02 -3.74 -16.15
N TRP F 396 -51.90 -2.47 -16.52
CA TRP F 396 -52.31 -1.99 -17.83
C TRP F 396 -51.21 -1.13 -18.42
N VAL F 397 -50.81 -1.42 -19.66
CA VAL F 397 -49.97 -0.52 -20.44
C VAL F 397 -50.71 -0.18 -21.71
N GLN F 398 -50.85 1.13 -21.96
CA GLN F 398 -51.58 1.62 -23.12
C GLN F 398 -50.76 1.28 -24.36
N PRO F 399 -51.37 0.61 -25.37
CA PRO F 399 -50.63 0.11 -26.52
C PRO F 399 -49.94 1.10 -27.44
N GLY F 400 -50.46 2.32 -27.58
CA GLY F 400 -49.93 3.22 -28.60
C GLY F 400 -48.86 4.19 -28.10
N MET F 401 -48.51 4.12 -26.81
CA MET F 401 -47.68 5.15 -26.18
C MET F 401 -46.24 4.68 -26.13
N PRO F 402 -45.25 5.58 -26.37
CA PRO F 402 -43.84 5.22 -26.23
C PRO F 402 -43.45 4.89 -24.79
N VAL F 403 -42.54 3.91 -24.64
CA VAL F 403 -42.05 3.53 -23.32
C VAL F 403 -40.67 4.13 -23.15
N PRO F 404 -40.44 4.99 -22.13
CA PRO F 404 -39.12 5.58 -21.91
C PRO F 404 -38.05 4.56 -21.60
N ASP F 405 -36.80 4.93 -21.90
CA ASP F 405 -35.64 4.13 -21.58
C ASP F 405 -35.39 4.21 -20.07
N HIS F 406 -35.27 3.06 -19.42
CA HIS F 406 -34.90 3.02 -18.02
C HIS F 406 -33.83 1.94 -17.79
N ARG F 407 -32.75 2.05 -18.56
CA ARG F 407 -31.58 1.19 -18.41
C ARG F 407 -30.64 1.77 -17.36
N ASP F 408 -30.95 2.95 -16.82
CA ASP F 408 -30.09 3.60 -15.86
C ASP F 408 -30.28 3.01 -14.47
N LEU F 409 -31.30 2.17 -14.29
CA LEU F 409 -31.69 1.75 -12.96
C LEU F 409 -31.27 0.32 -12.66
N ASP F 410 -30.52 -0.32 -13.56
CA ASP F 410 -30.02 -1.67 -13.31
C ASP F 410 -28.50 -1.63 -13.13
N ILE F 411 -27.98 -2.53 -12.30
CA ILE F 411 -26.62 -2.39 -11.81
C ILE F 411 -25.60 -2.73 -12.91
N GLU F 412 -26.05 -3.32 -14.01
CA GLU F 412 -25.16 -3.70 -15.08
C GLU F 412 -24.65 -2.46 -15.81
N THR F 413 -25.46 -1.41 -15.90
CA THR F 413 -25.12 -0.25 -16.69
C THR F 413 -24.05 0.58 -15.99
N HIS F 414 -23.89 0.37 -14.67
CA HIS F 414 -22.91 1.09 -13.90
C HIS F 414 -21.72 0.19 -13.58
N ASN F 415 -21.57 -0.91 -14.31
CA ASN F 415 -20.46 -1.83 -14.15
C ASN F 415 -20.36 -2.33 -12.71
N LEU F 416 -21.46 -2.88 -12.21
CA LEU F 416 -21.47 -3.58 -10.95
C LEU F 416 -22.12 -4.93 -11.18
N THR F 417 -21.98 -5.85 -10.21
CA THR F 417 -22.33 -7.25 -10.40
C THR F 417 -22.79 -7.82 -9.07
N ILE F 418 -23.41 -9.00 -9.10
CA ILE F 418 -23.88 -9.68 -7.90
C ILE F 418 -22.75 -9.87 -6.90
N TRP F 419 -21.51 -9.85 -7.36
CA TRP F 419 -20.37 -10.11 -6.51
C TRP F 419 -20.01 -8.89 -5.68
N ASP F 420 -20.75 -7.78 -5.86
CA ASP F 420 -20.46 -6.54 -5.17
C ASP F 420 -21.47 -6.27 -4.07
N LEU F 421 -22.44 -7.17 -3.89
CA LEU F 421 -23.57 -6.89 -3.04
C LEU F 421 -23.19 -6.84 -1.57
N ASP F 422 -22.15 -7.59 -1.16
CA ASP F 422 -21.80 -7.69 0.26
C ASP F 422 -20.53 -6.91 0.58
N ARG F 423 -19.92 -6.27 -0.42
CA ARG F 423 -18.77 -5.40 -0.19
C ARG F 423 -19.27 -4.05 0.33
N THR F 424 -18.35 -3.23 0.86
CA THR F 424 -18.70 -2.02 1.56
C THR F 424 -18.08 -0.82 0.86
N PHE F 425 -18.77 0.33 0.88
CA PHE F 425 -18.44 1.48 0.07
C PHE F 425 -18.68 2.77 0.83
N ASN F 426 -18.08 3.87 0.36
CA ASN F 426 -18.27 5.19 0.94
C ASN F 426 -19.42 5.89 0.22
N VAL F 427 -20.40 6.36 0.98
CA VAL F 427 -21.66 6.83 0.41
C VAL F 427 -21.91 8.29 0.75
N GLY F 428 -21.05 8.89 1.58
CA GLY F 428 -21.03 10.33 1.72
C GLY F 428 -22.30 10.88 2.35
N GLY F 429 -22.77 10.24 3.43
CA GLY F 429 -23.85 10.80 4.23
C GLY F 429 -25.22 10.26 3.86
N PHE F 430 -25.30 9.42 2.84
CA PHE F 430 -26.56 8.80 2.46
C PHE F 430 -27.05 7.93 3.60
N GLY F 431 -28.30 8.13 4.01
CA GLY F 431 -28.89 7.36 5.07
C GLY F 431 -28.33 7.71 6.44
N GLY F 432 -27.66 8.87 6.53
CA GLY F 432 -27.02 9.29 7.76
C GLY F 432 -25.83 8.42 8.14
N LYS F 433 -25.16 7.85 7.13
CA LYS F 433 -24.03 6.96 7.36
C LYS F 433 -22.91 7.32 6.40
N GLU F 434 -21.67 7.06 6.83
CA GLU F 434 -20.50 7.33 6.01
C GLU F 434 -20.13 6.12 5.18
N THR F 435 -20.64 4.95 5.55
CA THR F 435 -20.25 3.70 4.93
C THR F 435 -21.43 2.72 4.92
N MET F 436 -21.49 1.85 3.90
CA MET F 436 -22.66 1.01 3.67
C MET F 436 -22.32 -0.08 2.67
N THR F 437 -23.13 -1.14 2.63
CA THR F 437 -23.01 -2.18 1.63
C THR F 437 -23.94 -1.91 0.47
N LEU F 438 -23.69 -2.52 -0.69
CA LEU F 438 -24.49 -2.26 -1.88
C LEU F 438 -25.88 -2.85 -1.71
N ARG F 439 -26.00 -3.92 -0.93
CA ARG F 439 -27.29 -4.52 -0.66
C ARG F 439 -28.16 -3.54 0.10
N GLU F 440 -27.61 -2.87 1.12
CA GLU F 440 -28.37 -1.94 1.90
C GLU F 440 -28.71 -0.68 1.10
N VAL F 441 -27.82 -0.27 0.20
CA VAL F 441 -28.06 0.90 -0.62
C VAL F 441 -29.27 0.64 -1.52
N LEU F 442 -29.28 -0.50 -2.20
CA LEU F 442 -30.37 -0.82 -3.10
C LEU F 442 -31.68 -0.87 -2.35
N SER F 443 -31.66 -1.51 -1.18
CA SER F 443 -32.85 -1.66 -0.36
C SER F 443 -33.48 -0.30 -0.07
N ARG F 444 -32.68 0.63 0.43
CA ARG F 444 -33.18 1.93 0.82
C ARG F 444 -33.69 2.71 -0.39
N LEU F 445 -32.95 2.70 -1.48
CA LEU F 445 -33.35 3.42 -2.67
C LEU F 445 -34.71 2.93 -3.15
N ARG F 446 -34.92 1.62 -3.12
CA ARG F 446 -36.14 1.02 -3.63
C ARG F 446 -37.32 1.33 -2.72
N ALA F 447 -37.07 1.47 -1.42
CA ALA F 447 -38.12 1.74 -0.47
C ALA F 447 -38.61 3.18 -0.60
N ALA F 448 -37.73 4.07 -1.05
CA ALA F 448 -38.01 5.50 -1.08
C ALA F 448 -38.57 5.95 -2.41
N TYR F 449 -38.23 5.28 -3.52
CA TYR F 449 -38.51 5.85 -4.82
C TYR F 449 -39.25 4.89 -5.75
N THR F 450 -39.64 3.69 -5.30
CA THR F 450 -40.18 2.71 -6.22
C THR F 450 -41.44 2.01 -5.71
N LEU F 451 -41.99 2.41 -4.57
CA LEU F 451 -43.21 1.83 -4.05
C LEU F 451 -44.40 2.65 -4.52
N LYS F 452 -45.29 3.08 -3.61
CA LYS F 452 -46.58 3.64 -3.98
C LYS F 452 -46.52 5.14 -4.24
N VAL F 453 -45.37 5.78 -4.02
CA VAL F 453 -45.23 7.20 -4.29
C VAL F 453 -44.02 7.41 -5.19
N GLY F 454 -44.22 8.07 -6.33
CA GLY F 454 -43.13 8.46 -7.21
C GLY F 454 -42.99 9.98 -7.25
N SER F 455 -41.76 10.48 -7.20
CA SER F 455 -41.52 11.90 -7.01
C SER F 455 -40.53 12.43 -8.04
N GLU F 456 -40.75 13.67 -8.49
CA GLU F 456 -39.84 14.39 -9.36
C GLU F 456 -39.49 15.73 -8.70
N TYR F 457 -38.21 15.91 -8.35
CA TYR F 457 -37.80 17.11 -7.63
C TYR F 457 -36.36 17.54 -7.91
N THR F 458 -35.66 16.84 -8.80
CA THR F 458 -34.22 17.04 -8.94
C THR F 458 -33.93 18.17 -9.92
N HIS F 459 -34.97 18.60 -10.64
CA HIS F 459 -34.86 19.68 -11.61
C HIS F 459 -34.91 21.05 -10.94
N ILE F 460 -35.26 21.12 -9.66
CA ILE F 460 -35.33 22.37 -8.93
C ILE F 460 -33.92 22.93 -8.75
N LEU F 461 -33.76 24.24 -8.91
CA LEU F 461 -32.45 24.86 -8.98
C LEU F 461 -31.92 25.21 -7.60
N ASP F 462 -32.81 25.55 -6.65
CA ASP F 462 -32.39 25.97 -5.33
C ASP F 462 -32.01 24.75 -4.49
N ARG F 463 -30.92 24.89 -3.73
CA ARG F 463 -30.32 23.77 -3.01
C ARG F 463 -31.11 23.46 -1.75
N ASP F 464 -31.62 24.50 -1.08
CA ASP F 464 -32.32 24.33 0.17
C ASP F 464 -33.67 23.65 -0.05
N GLU F 465 -34.37 24.03 -1.12
CA GLU F 465 -35.60 23.34 -1.51
C GLU F 465 -35.35 21.87 -1.75
N ARG F 466 -34.36 21.55 -2.60
CA ARG F 466 -34.07 20.17 -2.93
C ARG F 466 -33.79 19.36 -1.68
N THR F 467 -33.02 19.91 -0.75
CA THR F 467 -32.59 19.19 0.42
C THR F 467 -33.78 18.91 1.33
N TRP F 468 -34.72 19.86 1.41
CA TRP F 468 -35.89 19.73 2.26
C TRP F 468 -36.75 18.56 1.78
N LEU F 469 -36.97 18.48 0.47
CA LEU F 469 -37.77 17.42 -0.12
C LEU F 469 -37.07 16.09 0.02
N GLN F 470 -35.77 16.08 -0.27
CA GLN F 470 -34.98 14.86 -0.25
C GLN F 470 -34.99 14.22 1.14
N ASP F 471 -34.90 15.04 2.17
CA ASP F 471 -34.82 14.55 3.53
C ASP F 471 -36.14 13.91 3.95
N ARG F 472 -37.26 14.46 3.50
CA ARG F 472 -38.56 13.99 3.94
C ARG F 472 -38.97 12.73 3.19
N LEU F 473 -38.58 12.61 1.93
CA LEU F 473 -38.94 11.46 1.13
C LEU F 473 -38.17 10.23 1.58
N GLU F 474 -36.94 10.41 2.08
CA GLU F 474 -36.08 9.30 2.45
C GLU F 474 -36.31 8.89 3.90
N ALA F 475 -36.92 9.76 4.71
CA ALA F 475 -37.32 9.39 6.06
C ALA F 475 -38.47 8.41 6.01
N GLY F 476 -39.40 8.63 5.08
CA GLY F 476 -40.51 7.73 4.85
C GLY F 476 -41.81 8.23 5.48
N MET F 477 -42.89 7.51 5.22
CA MET F 477 -44.20 7.86 5.74
C MET F 477 -44.33 7.30 7.14
N PRO F 478 -44.64 8.13 8.17
CA PRO F 478 -44.78 7.63 9.53
C PRO F 478 -46.04 6.79 9.75
N LYS F 479 -45.98 5.86 10.69
CA LYS F 479 -47.06 4.92 10.93
C LYS F 479 -48.20 5.64 11.63
N PRO F 480 -49.45 5.58 11.12
CA PRO F 480 -50.59 6.24 11.75
C PRO F 480 -51.18 5.46 12.91
N THR F 481 -51.90 6.17 13.79
CA THR F 481 -52.52 5.58 14.96
C THR F 481 -53.81 4.89 14.55
N GLN F 482 -54.46 4.20 15.50
CA GLN F 482 -55.65 3.44 15.22
C GLN F 482 -56.83 4.38 15.00
N ALA F 483 -56.88 5.48 15.75
CA ALA F 483 -57.94 6.45 15.58
C ALA F 483 -57.90 7.04 14.17
N GLU F 484 -56.70 7.41 13.72
CA GLU F 484 -56.50 7.98 12.40
C GLU F 484 -56.95 7.00 11.33
N GLN F 485 -56.61 5.73 11.50
CA GLN F 485 -56.94 4.70 10.53
C GLN F 485 -58.45 4.55 10.40
N LYS F 486 -59.17 4.60 11.52
CA LYS F 486 -60.61 4.44 11.48
C LYS F 486 -61.25 5.64 10.82
N TYR F 487 -60.65 6.81 10.96
CA TYR F 487 -61.19 8.03 10.37
C TYR F 487 -61.09 7.94 8.84
N ILE F 488 -60.01 7.36 8.33
CA ILE F 488 -59.85 7.19 6.90
C ILE F 488 -60.91 6.25 6.37
N LEU F 489 -61.27 5.22 7.15
CA LEU F 489 -62.24 4.23 6.71
C LEU F 489 -63.63 4.86 6.66
N GLN F 490 -63.93 5.75 7.59
CA GLN F 490 -65.23 6.42 7.59
C GLN F 490 -65.41 7.23 6.31
N LYS F 491 -64.36 7.93 5.90
CA LYS F 491 -64.44 8.83 4.75
C LYS F 491 -64.60 8.01 3.47
N LEU F 492 -63.86 6.91 3.34
CA LEU F 492 -63.97 6.06 2.17
C LEU F 492 -65.38 5.50 2.08
N ASN F 493 -65.93 5.09 3.22
CA ASN F 493 -67.26 4.50 3.26
C ASN F 493 -68.27 5.51 2.75
N ALA F 494 -68.16 6.75 3.23
CA ALA F 494 -69.11 7.79 2.90
C ALA F 494 -69.17 8.01 1.40
N ALA F 495 -68.00 8.05 0.76
CA ALA F 495 -67.90 8.27 -0.66
C ALA F 495 -68.66 7.19 -1.43
N GLU F 496 -68.31 5.92 -1.20
CA GLU F 496 -68.85 4.82 -1.97
C GLU F 496 -70.33 4.65 -1.69
N ALA F 497 -70.73 4.85 -0.44
CA ALA F 497 -72.13 4.67 -0.05
C ALA F 497 -73.03 5.65 -0.77
N PHE F 498 -72.59 6.90 -0.85
CA PHE F 498 -73.35 7.98 -1.47
C PHE F 498 -73.61 7.66 -2.93
N GLU F 499 -72.60 7.15 -3.63
CA GLU F 499 -72.71 6.85 -5.05
C GLU F 499 -73.72 5.72 -5.27
N ASN F 500 -73.65 4.68 -4.44
CA ASN F 500 -74.50 3.52 -4.59
C ASN F 500 -75.96 3.87 -4.31
N PHE F 501 -76.20 4.76 -3.34
CA PHE F 501 -77.55 5.14 -3.02
C PHE F 501 -78.21 5.80 -4.22
N LEU F 502 -77.50 6.73 -4.87
CA LEU F 502 -78.03 7.46 -6.01
C LEU F 502 -78.25 6.52 -7.18
N GLN F 503 -77.38 5.54 -7.35
CA GLN F 503 -77.52 4.56 -8.41
C GLN F 503 -78.83 3.80 -8.26
N THR F 504 -79.20 3.48 -7.01
CA THR F 504 -80.37 2.67 -6.72
C THR F 504 -81.65 3.46 -6.94
N LYS F 505 -81.70 4.70 -6.45
CA LYS F 505 -82.94 5.46 -6.41
C LYS F 505 -83.21 6.20 -7.71
N TYR F 506 -82.16 6.61 -8.43
CA TYR F 506 -82.30 7.34 -9.68
C TYR F 506 -81.39 6.73 -10.74
N VAL F 507 -81.94 5.86 -11.60
CA VAL F 507 -81.13 4.93 -12.36
C VAL F 507 -80.53 5.61 -13.59
N GLY F 508 -81.38 6.23 -14.40
CA GLY F 508 -80.96 6.78 -15.68
C GLY F 508 -80.21 8.12 -15.55
N GLN F 509 -80.43 8.81 -14.43
CA GLN F 509 -80.05 10.22 -14.34
C GLN F 509 -78.54 10.37 -14.31
N LYS F 510 -78.09 11.49 -14.89
CA LYS F 510 -76.68 11.81 -15.09
C LYS F 510 -76.12 12.43 -13.82
N ARG F 511 -75.01 11.89 -13.31
CA ARG F 511 -74.44 12.38 -12.06
C ARG F 511 -72.91 12.49 -12.11
N PHE F 512 -72.26 11.86 -13.09
CA PHE F 512 -70.80 11.86 -13.19
C PHE F 512 -70.19 11.33 -11.91
N SER F 513 -70.12 10.00 -11.79
CA SER F 513 -69.77 9.34 -10.55
C SER F 513 -68.26 9.38 -10.31
N LEU F 514 -67.89 9.14 -9.05
CA LEU F 514 -66.51 9.19 -8.59
C LEU F 514 -65.99 7.77 -8.36
N GLU F 515 -66.79 6.77 -8.74
CA GLU F 515 -66.45 5.37 -8.51
C GLU F 515 -65.20 5.02 -9.29
N GLY F 516 -64.20 4.49 -8.59
CA GLY F 516 -62.89 4.25 -9.16
C GLY F 516 -61.85 5.22 -8.62
N ALA F 517 -62.31 6.32 -8.00
CA ALA F 517 -61.46 7.39 -7.54
C ALA F 517 -61.95 7.96 -6.23
N GLU F 518 -62.25 7.08 -5.27
CA GLU F 518 -62.84 7.50 -4.02
C GLU F 518 -61.80 8.03 -3.05
N ALA F 519 -60.52 7.83 -3.35
CA ALA F 519 -59.45 8.30 -2.49
C ALA F 519 -59.30 9.82 -2.54
N LEU F 520 -59.98 10.46 -3.49
CA LEU F 520 -59.99 11.90 -3.59
C LEU F 520 -60.53 12.53 -2.31
N ILE F 521 -61.54 11.91 -1.69
CA ILE F 521 -62.19 12.51 -0.53
C ILE F 521 -61.23 12.59 0.64
N PRO F 522 -60.58 11.50 1.11
CA PRO F 522 -59.56 11.62 2.13
C PRO F 522 -58.33 12.47 1.78
N LEU F 523 -57.99 12.63 0.50
CA LEU F 523 -56.87 13.48 0.11
C LEU F 523 -57.20 14.94 0.37
N MET F 524 -58.38 15.37 -0.08
CA MET F 524 -58.80 16.76 0.06
C MET F 524 -58.97 17.09 1.54
N ASP F 525 -59.45 16.13 2.33
CA ASP F 525 -59.67 16.31 3.75
C ASP F 525 -58.35 16.50 4.47
N SER F 526 -57.32 15.74 4.05
CA SER F 526 -56.00 15.82 4.65
C SER F 526 -55.42 17.22 4.47
N ALA F 527 -55.55 17.77 3.27
CA ALA F 527 -54.98 19.07 2.94
C ALA F 527 -55.66 20.18 3.73
N ILE F 528 -56.99 20.14 3.80
CA ILE F 528 -57.76 21.17 4.48
C ILE F 528 -57.47 21.13 5.98
N ASP F 529 -57.23 19.93 6.51
CA ASP F 529 -56.96 19.75 7.93
C ASP F 529 -55.59 20.32 8.28
N THR F 530 -54.62 20.12 7.39
CA THR F 530 -53.27 20.63 7.59
C THR F 530 -53.29 22.15 7.58
N ALA F 531 -54.10 22.74 6.71
CA ALA F 531 -54.21 24.18 6.59
C ALA F 531 -54.80 24.79 7.85
N ALA F 532 -55.77 24.10 8.45
CA ALA F 532 -56.39 24.56 9.68
C ALA F 532 -55.38 24.56 10.82
N GLY F 533 -54.46 23.60 10.80
CA GLY F 533 -53.43 23.52 11.82
C GLY F 533 -52.38 24.61 11.68
N GLN F 534 -52.16 25.10 10.46
CA GLN F 534 -51.19 26.15 10.21
C GLN F 534 -51.75 27.49 10.67
N GLY F 535 -53.07 27.60 10.76
CA GLY F 535 -53.70 28.78 11.32
C GLY F 535 -54.18 29.75 10.26
N LEU F 536 -54.64 29.23 9.12
CA LEU F 536 -55.02 30.06 7.99
C LEU F 536 -56.52 30.30 8.03
N ASP F 537 -57.04 31.09 7.08
CA ASP F 537 -58.35 31.69 7.19
C ASP F 537 -59.41 30.98 6.34
N GLU F 538 -59.08 30.65 5.09
CA GLU F 538 -60.06 30.09 4.18
C GLU F 538 -59.39 29.19 3.14
N VAL F 539 -60.18 28.29 2.55
CA VAL F 539 -59.79 27.49 1.39
C VAL F 539 -60.84 27.69 0.30
N VAL F 540 -60.39 28.03 -0.91
CA VAL F 540 -61.27 28.22 -2.05
C VAL F 540 -61.01 27.09 -3.05
N ILE F 541 -62.09 26.43 -3.51
CA ILE F 541 -61.98 25.27 -4.39
C ILE F 541 -62.58 25.61 -5.75
N GLY F 542 -61.91 25.17 -6.81
CA GLY F 542 -62.49 25.13 -8.15
C GLY F 542 -62.28 23.75 -8.77
N MET F 543 -63.30 23.21 -9.44
CA MET F 543 -63.21 21.86 -9.97
C MET F 543 -64.18 21.67 -11.13
N PRO F 544 -64.02 20.59 -11.92
CA PRO F 544 -65.01 20.19 -12.91
C PRO F 544 -66.12 19.25 -12.43
N HIS F 545 -66.72 18.52 -13.37
CA HIS F 545 -67.91 17.71 -13.17
C HIS F 545 -67.67 16.44 -12.35
N ARG F 546 -66.48 15.84 -12.46
CA ARG F 546 -66.23 14.50 -11.97
C ARG F 546 -66.23 14.49 -10.46
N GLY F 547 -67.32 13.98 -9.87
CA GLY F 547 -67.40 13.79 -8.44
C GLY F 547 -67.73 15.07 -7.69
N ARG F 548 -68.62 15.90 -8.24
CA ARG F 548 -68.87 17.20 -7.67
C ARG F 548 -69.88 17.11 -6.53
N LEU F 549 -70.94 16.33 -6.75
CA LEU F 549 -71.98 16.19 -5.74
C LEU F 549 -71.42 15.52 -4.50
N ASN F 550 -70.38 14.71 -4.70
CA ASN F 550 -69.75 13.98 -3.61
C ASN F 550 -68.95 14.96 -2.76
N VAL F 551 -68.25 15.90 -3.40
CA VAL F 551 -67.43 16.89 -2.71
C VAL F 551 -68.32 17.88 -1.99
N LEU F 552 -69.45 18.27 -2.59
CA LEU F 552 -70.37 19.20 -1.97
C LEU F 552 -70.88 18.65 -0.65
N PHE F 553 -71.17 17.35 -0.59
CA PHE F 553 -71.73 16.75 0.60
C PHE F 553 -70.67 16.43 1.64
N ASN F 554 -69.54 15.86 1.22
CA ASN F 554 -68.59 15.28 2.16
C ASN F 554 -67.48 16.23 2.56
N ILE F 555 -67.21 17.28 1.77
CA ILE F 555 -66.10 18.19 2.05
C ILE F 555 -66.64 19.55 2.46
N VAL F 556 -67.69 20.05 1.82
CA VAL F 556 -68.13 21.42 2.02
C VAL F 556 -69.25 21.47 3.05
N GLY F 557 -70.17 20.50 3.00
CA GLY F 557 -71.19 20.36 4.02
C GLY F 557 -72.56 20.87 3.58
N LYS F 558 -72.83 20.82 2.28
CA LYS F 558 -74.15 21.14 1.75
C LYS F 558 -75.12 20.07 2.23
N PRO F 559 -76.30 20.46 2.79
CA PRO F 559 -77.23 19.48 3.36
C PRO F 559 -77.81 18.51 2.33
N LEU F 560 -78.14 17.30 2.81
CA LEU F 560 -78.43 16.17 1.94
C LEU F 560 -79.81 16.33 1.34
N ALA F 561 -80.69 17.04 2.04
CA ALA F 561 -82.03 17.29 1.57
C ALA F 561 -82.00 18.06 0.26
N SER F 562 -81.08 19.03 0.18
CA SER F 562 -80.96 19.90 -0.98
C SER F 562 -80.61 19.09 -2.23
N ILE F 563 -79.72 18.11 -2.07
CA ILE F 563 -79.25 17.33 -3.21
C ILE F 563 -80.37 16.42 -3.71
N PHE F 564 -81.12 15.80 -2.79
CA PHE F 564 -82.20 14.93 -3.17
C PHE F 564 -83.29 15.72 -3.89
N ASN F 565 -83.57 16.94 -3.42
CA ASN F 565 -84.58 17.78 -4.04
C ASN F 565 -84.19 18.10 -5.49
N GLU F 566 -82.91 18.36 -5.72
CA GLU F 566 -82.39 18.66 -7.05
C GLU F 566 -82.73 17.52 -8.01
N PHE F 567 -82.58 16.27 -7.53
CA PHE F 567 -82.80 15.09 -8.35
C PHE F 567 -84.29 14.89 -8.65
N GLU F 568 -85.17 15.46 -7.81
CA GLU F 568 -86.61 15.33 -8.01
C GLU F 568 -87.16 16.51 -8.80
N GLY F 569 -86.32 17.50 -9.13
CA GLY F 569 -86.69 18.56 -10.06
C GLY F 569 -86.95 19.91 -9.41
N GLN F 570 -86.80 19.99 -8.08
CA GLN F 570 -86.94 21.26 -7.37
C GLN F 570 -85.56 21.89 -7.20
N MET F 571 -85.37 23.07 -7.80
CA MET F 571 -84.07 23.73 -7.85
C MET F 571 -84.15 25.03 -7.06
N GLU F 572 -83.11 25.30 -6.25
CA GLU F 572 -83.04 26.52 -5.46
C GLU F 572 -82.75 27.71 -6.38
N GLN F 573 -83.41 28.83 -6.11
CA GLN F 573 -83.33 30.01 -6.96
C GLN F 573 -82.21 30.93 -6.47
N GLY F 574 -81.39 31.40 -7.41
CA GLY F 574 -80.29 32.32 -7.10
C GLY F 574 -80.75 33.77 -7.10
N GLN F 575 -81.37 34.18 -8.22
CA GLN F 575 -81.90 35.52 -8.38
C GLN F 575 -83.38 35.40 -8.75
N ILE F 576 -84.17 36.39 -8.35
CA ILE F 576 -85.60 36.38 -8.62
C ILE F 576 -85.82 36.51 -10.12
N GLY F 577 -86.48 35.51 -10.70
CA GLY F 577 -86.77 35.48 -12.12
C GLY F 577 -85.59 34.97 -12.95
N GLY F 578 -84.72 34.18 -12.32
CA GLY F 578 -83.53 33.66 -12.99
C GLY F 578 -83.82 32.38 -13.78
N SER F 579 -82.88 32.01 -14.64
CA SER F 579 -83.04 30.89 -15.56
C SER F 579 -82.49 29.60 -14.95
N GLY F 580 -81.31 29.67 -14.34
CA GLY F 580 -80.77 28.53 -13.61
C GLY F 580 -79.68 27.81 -14.37
N ASP F 581 -79.21 26.69 -13.81
CA ASP F 581 -78.20 25.86 -14.44
C ASP F 581 -78.23 24.47 -13.82
N VAL F 582 -77.56 23.52 -14.47
CA VAL F 582 -77.57 22.11 -14.09
C VAL F 582 -76.86 21.94 -12.75
N LYS F 583 -77.11 20.78 -12.11
CA LYS F 583 -76.80 20.58 -10.71
C LYS F 583 -75.30 20.46 -10.46
N TYR F 584 -74.52 20.10 -11.47
CA TYR F 584 -73.09 19.93 -11.29
C TYR F 584 -72.32 21.18 -11.74
N HIS F 585 -72.95 22.35 -11.64
CA HIS F 585 -72.29 23.61 -11.94
C HIS F 585 -72.46 24.61 -10.80
N LEU F 586 -72.89 24.17 -9.62
CA LEU F 586 -73.29 25.07 -8.54
C LEU F 586 -72.21 25.11 -7.45
N GLY F 587 -72.26 26.13 -6.58
CA GLY F 587 -71.29 26.33 -5.51
C GLY F 587 -71.94 26.34 -4.12
N SER F 588 -71.11 26.46 -3.07
CA SER F 588 -71.59 26.53 -1.70
C SER F 588 -70.48 26.96 -0.74
N GLU F 589 -70.85 27.18 0.54
CA GLU F 589 -69.92 27.56 1.59
C GLU F 589 -70.13 26.68 2.83
N GLY F 590 -69.13 26.64 3.72
CA GLY F 590 -69.21 25.81 4.92
C GLY F 590 -68.00 26.00 5.85
N GLN F 591 -68.01 25.28 6.97
CA GLN F 591 -66.93 25.29 7.95
C GLN F 591 -66.34 23.89 8.09
N HIS F 592 -65.08 23.81 8.52
CA HIS F 592 -64.42 22.54 8.74
C HIS F 592 -63.71 22.58 10.09
N LEU F 593 -64.06 21.64 10.98
CA LEU F 593 -63.46 21.54 12.29
C LEU F 593 -62.41 20.43 12.27
N GLN F 594 -61.29 20.68 12.93
CA GLN F 594 -60.18 19.75 12.98
C GLN F 594 -60.57 18.59 13.89
N MET F 595 -60.30 17.35 13.44
CA MET F 595 -60.80 16.16 14.10
C MET F 595 -59.99 15.89 15.37
N PHE F 596 -58.66 16.07 15.28
CA PHE F 596 -57.76 15.86 16.39
C PHE F 596 -56.98 17.14 16.66
N GLY F 597 -57.72 18.22 16.92
CA GLY F 597 -57.12 19.54 17.17
C GLY F 597 -58.20 20.55 17.53
N ASP F 598 -57.78 21.81 17.73
CA ASP F 598 -58.69 22.87 18.13
C ASP F 598 -58.85 23.88 17.01
N GLY F 599 -58.48 23.50 15.77
CA GLY F 599 -58.51 24.40 14.63
C GLY F 599 -59.88 24.43 13.95
N GLU F 600 -60.11 25.49 13.17
CA GLU F 600 -61.33 25.67 12.41
C GLU F 600 -61.01 26.54 11.19
N ILE F 601 -61.56 26.18 10.03
CA ILE F 601 -61.30 26.91 8.80
C ILE F 601 -62.58 26.98 7.97
N LYS F 602 -62.65 27.97 7.08
CA LYS F 602 -63.79 28.18 6.20
C LYS F 602 -63.51 27.54 4.85
N VAL F 603 -64.54 26.97 4.20
CA VAL F 603 -64.38 26.30 2.92
C VAL F 603 -65.44 26.82 1.96
N SER F 604 -65.03 27.09 0.72
CA SER F 604 -65.92 27.64 -0.31
C SER F 604 -65.69 26.92 -1.64
N LEU F 605 -66.73 26.85 -2.47
CA LEU F 605 -66.64 26.28 -3.80
C LEU F 605 -67.35 27.20 -4.78
N THR F 606 -66.71 27.49 -5.92
CA THR F 606 -67.16 28.50 -6.86
C THR F 606 -67.92 27.88 -8.02
N ALA F 607 -68.77 28.68 -8.67
CA ALA F 607 -69.57 28.24 -9.80
C ALA F 607 -68.73 28.25 -11.07
N ASN F 608 -69.20 27.58 -12.11
CA ASN F 608 -68.45 27.47 -13.35
C ASN F 608 -69.33 26.93 -14.47
N PRO F 609 -69.01 27.24 -15.75
CA PRO F 609 -69.69 26.64 -16.88
C PRO F 609 -69.13 25.30 -17.34
N SER F 610 -69.70 24.75 -18.41
CA SER F 610 -69.27 23.48 -18.96
C SER F 610 -67.88 23.59 -19.58
N HIS F 611 -67.53 24.76 -20.10
CA HIS F 611 -66.26 24.98 -20.75
C HIS F 611 -65.15 24.68 -19.75
N LEU F 612 -64.32 23.68 -20.05
CA LEU F 612 -63.35 23.16 -19.12
C LEU F 612 -62.21 24.15 -18.95
N GLU F 613 -61.75 24.31 -17.70
CA GLU F 613 -60.54 25.03 -17.33
C GLU F 613 -60.74 26.54 -17.41
N ALA F 614 -61.99 27.01 -17.50
CA ALA F 614 -62.26 28.42 -17.58
C ALA F 614 -62.41 29.04 -16.18
N VAL F 615 -62.34 28.19 -15.15
CA VAL F 615 -62.49 28.62 -13.77
C VAL F 615 -61.13 28.95 -13.19
N ASN F 616 -60.05 28.60 -13.90
CA ASN F 616 -58.72 28.70 -13.34
C ASN F 616 -58.38 30.16 -13.03
N PRO F 617 -58.40 31.10 -14.00
CA PRO F 617 -58.13 32.49 -13.69
C PRO F 617 -59.14 33.15 -12.75
N VAL F 618 -60.39 32.69 -12.79
CA VAL F 618 -61.44 33.30 -12.00
C VAL F 618 -61.20 33.03 -10.53
N MET F 619 -60.78 31.80 -10.18
CA MET F 619 -60.66 31.46 -8.77
C MET F 619 -59.37 32.04 -8.20
N GLU F 620 -58.38 32.33 -9.06
CA GLU F 620 -57.15 32.97 -8.64
C GLU F 620 -57.43 34.41 -8.24
N GLY F 621 -58.24 35.10 -9.02
CA GLY F 621 -58.67 36.45 -8.71
C GLY F 621 -59.45 36.54 -7.41
N ILE F 622 -60.33 35.57 -7.15
CA ILE F 622 -61.13 35.56 -5.94
C ILE F 622 -60.18 35.52 -4.74
N VAL F 623 -59.16 34.66 -4.81
CA VAL F 623 -58.25 34.48 -3.70
C VAL F 623 -57.47 35.76 -3.45
N ARG F 624 -57.04 36.45 -4.52
CA ARG F 624 -56.22 37.63 -4.38
C ARG F 624 -57.01 38.75 -3.72
N ALA F 625 -58.29 38.88 -4.05
CA ALA F 625 -59.12 39.92 -3.49
C ALA F 625 -59.32 39.69 -2.00
N LYS F 626 -59.52 38.43 -1.60
CA LYS F 626 -59.75 38.10 -0.21
C LYS F 626 -58.49 38.34 0.61
N GLN F 627 -57.33 38.07 0.04
CA GLN F 627 -56.07 38.30 0.73
C GLN F 627 -55.86 39.79 0.93
N ASP F 628 -56.20 40.59 -0.08
CA ASP F 628 -55.99 42.03 -0.02
C ASP F 628 -56.86 42.67 1.06
N TYR F 629 -58.04 42.11 1.28
CA TYR F 629 -58.97 42.62 2.27
C TYR F 629 -58.46 42.38 3.68
N LEU F 630 -57.84 41.23 3.93
CA LEU F 630 -57.37 40.89 5.25
C LEU F 630 -56.15 41.74 5.62
N ASP F 631 -55.22 41.91 4.67
CA ASP F 631 -54.16 42.89 4.77
C ASP F 631 -53.18 42.50 5.87
N LYS F 632 -52.49 41.37 5.68
CA LYS F 632 -51.55 40.86 6.68
C LYS F 632 -50.12 40.95 6.18
N GLY F 633 -49.90 41.50 4.98
CA GLY F 633 -48.55 41.80 4.51
C GLY F 633 -47.92 40.63 3.74
N VAL F 634 -46.59 40.66 3.64
CA VAL F 634 -45.81 39.73 2.83
C VAL F 634 -45.77 38.36 3.49
N ASP F 635 -45.86 38.34 4.83
CA ASP F 635 -45.78 37.12 5.61
C ASP F 635 -47.17 36.52 5.81
N GLY F 636 -48.18 37.07 5.11
CA GLY F 636 -49.55 36.60 5.20
C GLY F 636 -49.83 35.50 4.18
N LYS F 637 -50.66 35.82 3.19
CA LYS F 637 -51.08 34.89 2.17
C LYS F 637 -51.78 33.71 2.83
N THR F 638 -52.93 34.00 3.45
CA THR F 638 -53.59 33.08 4.37
C THR F 638 -54.90 32.55 3.81
N VAL F 639 -55.13 32.73 2.50
CA VAL F 639 -56.23 32.05 1.82
C VAL F 639 -55.61 31.10 0.80
N VAL F 640 -56.01 29.82 0.82
CA VAL F 640 -55.35 28.78 0.07
C VAL F 640 -56.19 28.42 -1.15
N PRO F 641 -55.64 28.45 -2.39
CA PRO F 641 -56.32 27.90 -3.55
C PRO F 641 -56.07 26.42 -3.80
N LEU F 642 -57.15 25.65 -3.93
CA LEU F 642 -57.11 24.23 -4.20
C LEU F 642 -57.87 23.97 -5.49
N LEU F 643 -57.19 23.46 -6.52
CA LEU F 643 -57.71 23.44 -7.88
C LEU F 643 -57.61 22.04 -8.47
N LEU F 644 -58.76 21.48 -8.88
CA LEU F 644 -58.84 20.13 -9.41
C LEU F 644 -58.96 20.15 -10.92
N HIS F 645 -58.38 19.15 -11.58
CA HIS F 645 -58.40 19.05 -13.03
C HIS F 645 -58.65 17.61 -13.45
N GLY F 646 -58.94 17.39 -14.73
CA GLY F 646 -58.91 16.08 -15.36
C GLY F 646 -57.74 15.97 -16.32
N ASP F 647 -57.34 14.73 -16.65
CA ASP F 647 -56.07 14.48 -17.29
C ASP F 647 -56.07 14.98 -18.73
N ALA F 648 -57.13 14.72 -19.48
CA ALA F 648 -57.21 15.11 -20.87
C ALA F 648 -57.23 16.63 -21.00
N ALA F 649 -57.99 17.29 -20.15
CA ALA F 649 -58.15 18.73 -20.20
C ALA F 649 -56.86 19.44 -19.80
N PHE F 650 -56.15 18.90 -18.81
CA PHE F 650 -54.95 19.52 -18.29
C PHE F 650 -53.87 19.61 -19.37
N ALA F 651 -53.73 18.55 -20.17
CA ALA F 651 -52.66 18.48 -21.16
C ALA F 651 -53.05 19.21 -22.43
N GLY F 652 -54.34 19.39 -22.69
CA GLY F 652 -54.79 19.81 -24.00
C GLY F 652 -55.01 21.32 -24.10
N LEU F 653 -55.75 21.88 -23.15
CA LEU F 653 -56.19 23.27 -23.25
C LEU F 653 -55.07 24.20 -22.80
N GLY F 654 -54.95 25.34 -23.47
CA GLY F 654 -53.83 26.25 -23.32
C GLY F 654 -54.01 27.27 -22.19
N ILE F 655 -55.22 27.36 -21.65
CA ILE F 655 -55.50 28.26 -20.54
C ILE F 655 -54.74 27.79 -19.29
N VAL F 656 -54.44 26.50 -19.20
CA VAL F 656 -53.82 25.96 -18.00
C VAL F 656 -52.43 26.56 -17.80
N PRO F 657 -51.46 26.38 -18.73
CA PRO F 657 -50.15 27.00 -18.55
C PRO F 657 -50.14 28.52 -18.57
N GLU F 658 -51.11 29.13 -19.24
CA GLU F 658 -51.25 30.57 -19.30
C GLU F 658 -51.51 31.15 -17.92
N THR F 659 -52.28 30.43 -17.09
CA THR F 659 -52.64 30.90 -15.77
C THR F 659 -51.50 30.62 -14.79
N ILE F 660 -50.78 29.52 -14.97
CA ILE F 660 -49.67 29.17 -14.09
C ILE F 660 -48.56 30.19 -14.24
N ASN F 661 -48.49 30.86 -15.39
CA ASN F 661 -47.46 31.83 -15.67
C ASN F 661 -47.65 33.12 -14.87
N LEU F 662 -48.80 33.31 -14.24
CA LEU F 662 -49.06 34.52 -13.47
C LEU F 662 -48.65 34.37 -12.01
N ALA F 663 -48.04 33.25 -11.63
CA ALA F 663 -47.96 32.86 -10.25
C ALA F 663 -47.02 33.75 -9.43
N LYS F 664 -45.95 34.24 -10.05
CA LYS F 664 -44.91 34.95 -9.34
C LYS F 664 -44.87 36.43 -9.72
N LEU F 665 -45.92 36.95 -10.36
CA LEU F 665 -45.92 38.32 -10.82
C LEU F 665 -46.52 39.22 -9.75
N ARG F 666 -46.25 40.52 -9.86
CA ARG F 666 -46.39 41.46 -8.76
C ARG F 666 -47.86 41.64 -8.41
N GLY F 667 -48.73 41.73 -9.41
CA GLY F 667 -50.13 41.98 -9.14
C GLY F 667 -51.00 40.73 -9.06
N TYR F 668 -50.39 39.54 -9.11
CA TYR F 668 -51.16 38.32 -9.26
C TYR F 668 -50.77 37.24 -8.25
N ASP F 669 -49.72 37.43 -7.47
CA ASP F 669 -49.18 36.38 -6.63
C ASP F 669 -50.12 36.13 -5.46
N VAL F 670 -50.37 34.84 -5.14
CA VAL F 670 -51.26 34.47 -4.07
C VAL F 670 -50.60 33.46 -3.13
N GLY F 671 -49.30 33.25 -3.25
CA GLY F 671 -48.58 32.41 -2.31
C GLY F 671 -48.51 30.95 -2.70
N GLY F 672 -48.91 30.60 -3.92
CA GLY F 672 -48.84 29.22 -4.40
C GLY F 672 -50.21 28.59 -4.53
N THR F 673 -50.32 27.59 -5.42
CA THR F 673 -51.55 26.86 -5.65
C THR F 673 -51.29 25.36 -5.54
N ILE F 674 -52.23 24.63 -4.91
CA ILE F 674 -52.17 23.18 -4.84
C ILE F 674 -53.03 22.63 -5.96
N HIS F 675 -52.43 21.89 -6.89
CA HIS F 675 -53.12 21.29 -8.02
C HIS F 675 -53.27 19.79 -7.83
N ILE F 676 -54.45 19.25 -8.13
CA ILE F 676 -54.71 17.82 -8.12
C ILE F 676 -55.24 17.41 -9.48
N VAL F 677 -54.58 16.46 -10.13
CA VAL F 677 -55.02 15.92 -11.41
C VAL F 677 -55.57 14.52 -11.18
N VAL F 678 -56.86 14.33 -11.47
CA VAL F 678 -57.51 13.04 -11.35
C VAL F 678 -57.29 12.27 -12.65
N ASN F 679 -56.33 11.34 -12.62
CA ASN F 679 -55.85 10.66 -13.80
C ASN F 679 -56.50 9.29 -13.89
N ASN F 680 -57.63 9.20 -14.59
CA ASN F 680 -58.35 7.95 -14.72
C ASN F 680 -58.06 7.31 -16.07
N GLN F 681 -57.05 7.83 -16.76
CA GLN F 681 -56.43 7.18 -17.89
C GLN F 681 -57.37 7.14 -19.08
N ILE F 682 -58.29 8.10 -19.19
CA ILE F 682 -59.22 8.14 -20.30
C ILE F 682 -59.91 9.50 -20.36
N GLY F 683 -60.19 9.95 -21.59
CA GLY F 683 -60.99 11.12 -21.85
C GLY F 683 -62.47 10.76 -21.81
N PHE F 684 -63.13 10.86 -22.97
CA PHE F 684 -64.49 10.38 -23.12
C PHE F 684 -64.40 9.01 -23.77
N THR F 685 -64.04 8.96 -25.05
CA THR F 685 -63.72 7.72 -25.73
C THR F 685 -62.29 7.76 -26.26
N THR F 686 -61.43 8.60 -25.67
CA THR F 686 -60.10 8.86 -26.18
C THR F 686 -59.06 8.50 -25.13
N THR F 687 -57.98 7.83 -25.55
CA THR F 687 -56.95 7.34 -24.66
C THR F 687 -55.73 8.23 -24.74
N PRO F 688 -54.81 8.20 -23.75
CA PRO F 688 -53.67 9.09 -23.71
C PRO F 688 -52.76 9.18 -24.92
N ASP F 689 -52.73 8.12 -25.72
CA ASP F 689 -51.90 8.08 -26.93
C ASP F 689 -52.40 9.08 -27.96
N SER F 690 -53.66 9.51 -27.84
CA SER F 690 -54.24 10.45 -28.78
C SER F 690 -54.50 11.82 -28.14
N SER F 691 -54.07 12.00 -26.89
CA SER F 691 -54.44 13.18 -26.13
C SER F 691 -53.24 14.07 -25.84
N ARG F 692 -52.02 13.53 -25.76
CA ARG F 692 -50.88 14.33 -25.41
C ARG F 692 -49.59 13.77 -25.99
N SER F 693 -48.59 14.64 -26.13
CA SER F 693 -47.27 14.28 -26.61
C SER F 693 -46.25 14.26 -25.47
N MET F 694 -46.71 14.48 -24.24
CA MET F 694 -45.88 14.40 -23.06
C MET F 694 -46.03 13.01 -22.44
N HIS F 695 -45.05 12.57 -21.66
CA HIS F 695 -45.08 11.26 -21.03
C HIS F 695 -46.11 11.23 -19.92
N TYR F 696 -46.05 12.21 -19.02
CA TYR F 696 -47.04 12.38 -17.98
C TYR F 696 -47.90 13.59 -18.29
N ALA F 697 -49.09 13.66 -17.67
CA ALA F 697 -50.00 14.76 -17.87
C ALA F 697 -49.52 16.01 -17.15
N THR F 698 -48.67 15.82 -16.13
CA THR F 698 -48.27 16.90 -15.24
C THR F 698 -46.88 17.42 -15.58
N ASP F 699 -46.50 17.42 -16.87
CA ASP F 699 -45.13 17.74 -17.24
C ASP F 699 -44.93 19.25 -17.40
N TYR F 700 -46.00 20.04 -17.36
CA TYR F 700 -45.86 21.49 -17.37
C TYR F 700 -45.15 21.97 -16.12
N ALA F 701 -45.14 21.16 -15.07
CA ALA F 701 -44.47 21.51 -13.83
C ALA F 701 -42.99 21.76 -14.04
N LYS F 702 -42.37 21.02 -14.95
CA LYS F 702 -40.95 21.12 -15.18
C LYS F 702 -40.58 22.40 -15.92
N ALA F 703 -41.56 23.06 -16.53
CA ALA F 703 -41.34 24.34 -17.18
C ALA F 703 -41.26 25.47 -16.17
N PHE F 704 -41.86 25.27 -14.99
CA PHE F 704 -41.99 26.32 -14.01
C PHE F 704 -41.14 26.04 -12.78
N GLY F 705 -40.53 24.85 -12.70
CA GLY F 705 -39.61 24.54 -11.62
C GLY F 705 -40.32 24.16 -10.31
N CYS F 706 -41.30 23.26 -10.39
CA CYS F 706 -42.12 22.89 -9.26
C CYS F 706 -42.13 21.38 -9.07
N PRO F 707 -42.31 20.86 -7.84
CA PRO F 707 -42.33 19.42 -7.59
C PRO F 707 -43.61 18.68 -8.00
N VAL F 708 -43.47 17.38 -8.31
CA VAL F 708 -44.59 16.54 -8.68
C VAL F 708 -44.57 15.26 -7.85
N PHE F 709 -45.74 14.85 -7.36
CA PHE F 709 -45.90 13.60 -6.63
C PHE F 709 -46.95 12.74 -7.33
N HIS F 710 -46.58 11.52 -7.75
CA HIS F 710 -47.52 10.57 -8.30
C HIS F 710 -47.85 9.54 -7.23
N VAL F 711 -49.14 9.25 -7.01
CA VAL F 711 -49.54 8.37 -5.93
C VAL F 711 -50.64 7.43 -6.39
N ASN F 712 -50.59 6.20 -5.88
CA ASN F 712 -51.51 5.11 -6.20
C ASN F 712 -52.81 5.34 -5.49
N GLY F 713 -53.92 5.23 -6.23
CA GLY F 713 -55.23 5.54 -5.70
C GLY F 713 -55.86 4.39 -4.93
N ASP F 714 -55.12 3.29 -4.74
CA ASP F 714 -55.61 2.16 -3.99
C ASP F 714 -54.78 1.95 -2.73
N ASP F 715 -54.02 2.95 -2.29
CA ASP F 715 -53.31 2.90 -1.03
C ASP F 715 -53.63 4.14 -0.20
N PRO F 716 -54.76 4.18 0.52
CA PRO F 716 -55.23 5.39 1.17
C PRO F 716 -54.28 6.08 2.15
N GLU F 717 -53.42 5.33 2.84
CA GLU F 717 -52.53 5.95 3.82
C GLU F 717 -51.46 6.77 3.11
N ALA F 718 -50.98 6.29 1.97
CA ALA F 718 -50.03 7.03 1.17
C ALA F 718 -50.65 8.31 0.62
N VAL F 719 -51.93 8.25 0.27
CA VAL F 719 -52.63 9.39 -0.29
C VAL F 719 -52.70 10.50 0.75
N VAL F 720 -53.00 10.13 2.00
CA VAL F 720 -53.15 11.10 3.07
C VAL F 720 -51.81 11.75 3.38
N TRP F 721 -50.72 11.00 3.29
CA TRP F 721 -49.40 11.52 3.56
C TRP F 721 -49.02 12.57 2.53
N VAL F 722 -49.29 12.30 1.25
CA VAL F 722 -48.91 13.19 0.18
C VAL F 722 -49.66 14.50 0.29
N GLY F 723 -50.92 14.46 0.69
CA GLY F 723 -51.71 15.66 0.88
C GLY F 723 -51.09 16.60 1.92
N GLN F 724 -50.61 16.01 3.02
CA GLN F 724 -50.01 16.78 4.10
C GLN F 724 -48.71 17.42 3.65
N LEU F 725 -47.89 16.66 2.94
CA LEU F 725 -46.57 17.08 2.54
C LEU F 725 -46.65 18.24 1.55
N ALA F 726 -47.69 18.23 0.71
CA ALA F 726 -47.87 19.27 -0.30
C ALA F 726 -48.23 20.59 0.36
N THR F 727 -49.10 20.54 1.37
CA THR F 727 -49.56 21.74 2.03
C THR F 727 -48.43 22.38 2.83
N GLU F 728 -47.55 21.56 3.40
CA GLU F 728 -46.41 22.07 4.15
C GLU F 728 -45.42 22.75 3.21
N TYR F 729 -45.21 22.20 2.02
CA TYR F 729 -44.27 22.76 1.07
C TYR F 729 -44.73 24.13 0.61
N ARG F 730 -46.04 24.30 0.43
CA ARG F 730 -46.60 25.56 -0.02
C ARG F 730 -46.36 26.64 1.02
N ARG F 731 -46.50 26.29 2.30
CA ARG F 731 -46.43 27.27 3.37
C ARG F 731 -45.00 27.75 3.55
N ARG F 732 -44.02 26.90 3.29
CA ARG F 732 -42.63 27.25 3.56
C ARG F 732 -42.03 28.02 2.39
N PHE F 733 -42.32 27.62 1.15
CA PHE F 733 -41.60 28.13 0.01
C PHE F 733 -42.45 29.06 -0.85
N GLY F 734 -43.77 28.95 -0.76
CA GLY F 734 -44.66 29.87 -1.47
C GLY F 734 -44.66 29.65 -2.97
N LYS F 735 -44.71 28.39 -3.39
CA LYS F 735 -44.70 28.02 -4.79
C LYS F 735 -45.80 26.99 -5.07
N ASP F 736 -46.05 26.72 -6.35
CA ASP F 736 -47.05 25.77 -6.77
C ASP F 736 -46.54 24.34 -6.57
N VAL F 737 -47.48 23.42 -6.36
CA VAL F 737 -47.17 22.01 -6.16
C VAL F 737 -48.23 21.20 -6.89
N PHE F 738 -47.85 20.04 -7.46
CA PHE F 738 -48.71 19.26 -8.32
C PHE F 738 -48.81 17.81 -7.82
N ILE F 739 -50.03 17.30 -7.68
CA ILE F 739 -50.29 15.91 -7.27
C ILE F 739 -51.03 15.20 -8.41
N ASP F 740 -50.53 14.00 -8.77
CA ASP F 740 -51.13 13.16 -9.79
C ASP F 740 -51.69 11.90 -9.13
N LEU F 741 -53.02 11.79 -9.08
CA LEU F 741 -53.70 10.68 -8.44
C LEU F 741 -54.12 9.67 -9.50
N VAL F 742 -53.45 8.52 -9.54
CA VAL F 742 -53.64 7.54 -10.57
C VAL F 742 -54.75 6.58 -10.14
N CYS F 743 -55.81 6.49 -10.94
CA CYS F 743 -57.02 5.75 -10.61
C CYS F 743 -57.70 5.30 -11.89
N TYR F 744 -58.98 4.89 -11.83
CA TYR F 744 -59.69 4.46 -13.03
C TYR F 744 -61.14 4.90 -12.98
N ARG F 745 -61.87 4.70 -14.08
CA ARG F 745 -63.27 5.06 -14.22
C ARG F 745 -64.11 3.79 -14.35
N LEU F 746 -64.96 3.50 -13.37
CA LEU F 746 -65.63 2.21 -13.27
C LEU F 746 -66.67 2.04 -14.35
N ARG F 747 -67.52 3.05 -14.54
CA ARG F 747 -68.58 3.01 -15.52
C ARG F 747 -68.12 3.78 -16.76
N GLY F 748 -69.06 4.11 -17.64
CA GLY F 748 -68.76 4.90 -18.81
C GLY F 748 -68.62 6.39 -18.47
N HIS F 749 -68.51 7.22 -19.50
CA HIS F 749 -68.32 8.65 -19.33
C HIS F 749 -69.47 9.20 -18.51
N ASN F 750 -70.69 8.83 -18.90
CA ASN F 750 -71.88 9.06 -18.10
C ASN F 750 -72.51 7.70 -17.85
N GLU F 751 -73.66 7.68 -17.18
CA GLU F 751 -74.26 6.44 -16.72
C GLU F 751 -75.17 5.84 -17.78
N ALA F 752 -75.12 6.37 -19.01
CA ALA F 752 -75.94 5.85 -20.09
C ALA F 752 -75.09 5.37 -21.25
N ASP F 753 -73.77 5.24 -21.04
CA ASP F 753 -72.84 4.96 -22.12
C ASP F 753 -72.17 3.61 -21.90
N ASP F 754 -71.80 2.93 -23.00
CA ASP F 754 -71.15 1.62 -22.94
C ASP F 754 -69.70 1.76 -23.39
N PRO F 755 -68.71 1.63 -22.47
CA PRO F 755 -67.32 1.84 -22.82
C PRO F 755 -66.59 0.69 -23.53
N SER F 756 -67.26 -0.46 -23.65
CA SER F 756 -66.66 -1.65 -24.23
C SER F 756 -66.55 -1.54 -25.74
N MET F 757 -67.38 -0.69 -26.35
CA MET F 757 -67.40 -0.57 -27.80
C MET F 757 -66.03 -0.12 -28.32
N THR F 758 -65.36 0.76 -27.57
CA THR F 758 -64.14 1.39 -28.04
C THR F 758 -62.92 0.99 -27.23
N GLN F 759 -63.11 0.54 -25.98
CA GLN F 759 -62.00 0.11 -25.14
C GLN F 759 -62.30 -1.27 -24.57
N PRO F 760 -62.28 -2.36 -25.38
CA PRO F 760 -62.62 -3.69 -24.89
C PRO F 760 -61.66 -4.28 -23.86
N LYS F 761 -60.36 -4.15 -24.09
CA LYS F 761 -59.36 -4.85 -23.31
C LYS F 761 -59.19 -4.19 -21.95
N MET F 762 -59.33 -2.88 -21.90
CA MET F 762 -59.14 -2.13 -20.67
C MET F 762 -60.28 -2.46 -19.71
N TYR F 763 -61.47 -2.71 -20.23
CA TYR F 763 -62.64 -2.92 -19.38
C TYR F 763 -62.83 -4.40 -19.07
N GLU F 764 -61.93 -5.26 -19.54
CA GLU F 764 -61.83 -6.61 -19.02
C GLU F 764 -61.14 -6.59 -17.66
N LEU F 765 -60.17 -5.69 -17.49
CA LEU F 765 -59.46 -5.56 -16.23
C LEU F 765 -60.30 -4.86 -15.17
N ILE F 766 -61.24 -4.02 -15.57
CA ILE F 766 -61.93 -3.15 -14.62
C ILE F 766 -63.15 -3.85 -14.05
N THR F 767 -63.91 -4.53 -14.90
CA THR F 767 -65.16 -5.13 -14.49
C THR F 767 -64.91 -6.26 -13.50
N GLY F 768 -65.49 -6.16 -12.31
CA GLY F 768 -65.47 -7.23 -11.34
C GLY F 768 -64.30 -7.15 -10.36
N ARG F 769 -63.66 -5.98 -10.26
CA ARG F 769 -62.65 -5.74 -9.25
C ARG F 769 -63.33 -5.58 -7.90
N GLU F 770 -62.53 -5.54 -6.84
CA GLU F 770 -63.03 -5.19 -5.52
C GLU F 770 -62.60 -3.76 -5.24
N THR F 771 -63.46 -3.03 -4.52
CA THR F 771 -63.32 -1.59 -4.35
C THR F 771 -62.22 -1.28 -3.33
N VAL F 772 -61.87 0.00 -3.23
CA VAL F 772 -60.78 0.45 -2.38
C VAL F 772 -61.23 0.36 -0.92
N ARG F 773 -62.52 0.54 -0.66
CA ARG F 773 -63.07 0.41 0.68
C ARG F 773 -62.97 -1.03 1.16
N ALA F 774 -63.31 -1.97 0.29
CA ALA F 774 -63.25 -3.38 0.60
C ALA F 774 -61.83 -3.80 0.93
N GLN F 775 -60.87 -3.39 0.10
CA GLN F 775 -59.49 -3.79 0.26
C GLN F 775 -58.93 -3.25 1.57
N TYR F 776 -59.28 -2.02 1.92
CA TYR F 776 -58.73 -1.40 3.10
C TYR F 776 -59.32 -2.04 4.36
N THR F 777 -60.59 -2.41 4.31
CA THR F 777 -61.23 -3.06 5.45
C THR F 777 -60.59 -4.41 5.71
N GLU F 778 -60.28 -5.13 4.65
CA GLU F 778 -59.67 -6.44 4.74
C GLU F 778 -58.29 -6.33 5.35
N ASP F 779 -57.56 -5.28 4.98
CA ASP F 779 -56.19 -5.08 5.45
C ASP F 779 -56.19 -4.83 6.96
N LEU F 780 -57.07 -3.95 7.43
CA LEU F 780 -57.07 -3.56 8.83
C LEU F 780 -57.49 -4.74 9.71
N LEU F 781 -58.47 -5.53 9.28
CA LEU F 781 -58.89 -6.71 10.02
C LEU F 781 -57.76 -7.71 10.09
N GLY F 782 -56.97 -7.79 9.02
CA GLY F 782 -55.85 -8.72 8.96
C GLY F 782 -54.75 -8.38 9.95
N ARG F 783 -54.46 -7.09 10.12
CA ARG F 783 -53.37 -6.65 10.98
C ARG F 783 -53.86 -6.45 12.40
N GLY F 784 -55.15 -6.71 12.65
CA GLY F 784 -55.69 -6.68 13.99
C GLY F 784 -55.90 -5.25 14.52
N ASP F 785 -56.11 -4.30 13.60
CA ASP F 785 -56.23 -2.90 13.93
C ASP F 785 -57.70 -2.51 14.10
N LEU F 786 -58.62 -3.42 13.80
CA LEU F 786 -60.05 -3.13 13.83
C LEU F 786 -60.82 -4.41 14.12
N SER F 787 -61.94 -4.29 14.84
CA SER F 787 -62.80 -5.42 15.14
C SER F 787 -63.91 -5.52 14.09
N ASN F 788 -64.64 -6.64 14.09
CA ASN F 788 -65.69 -6.86 13.11
C ASN F 788 -66.94 -6.06 13.49
N GLU F 789 -67.22 -5.95 14.78
CA GLU F 789 -68.36 -5.18 15.23
C GLU F 789 -68.20 -3.72 14.80
N ASP F 790 -66.98 -3.19 14.94
CA ASP F 790 -66.68 -1.82 14.54
C ASP F 790 -66.89 -1.66 13.03
N ALA F 791 -66.37 -2.61 12.27
CA ALA F 791 -66.40 -2.54 10.82
C ALA F 791 -67.83 -2.55 10.30
N GLU F 792 -68.75 -3.23 11.00
CA GLU F 792 -70.12 -3.36 10.54
C GLU F 792 -70.92 -2.14 10.95
N ALA F 793 -70.60 -1.55 12.09
CA ALA F 793 -71.30 -0.37 12.57
C ALA F 793 -71.06 0.81 11.64
N VAL F 794 -69.83 0.94 11.16
CA VAL F 794 -69.46 2.05 10.27
C VAL F 794 -70.40 2.08 9.08
N VAL F 795 -70.71 0.90 8.53
CA VAL F 795 -71.54 0.81 7.34
C VAL F 795 -73.00 1.08 7.70
N ARG F 796 -73.48 0.44 8.76
CA ARG F 796 -74.90 0.46 9.10
C ARG F 796 -75.35 1.87 9.44
N ASP F 797 -74.53 2.59 10.20
CA ASP F 797 -74.93 3.89 10.72
C ASP F 797 -75.16 4.88 9.57
N PHE F 798 -74.26 4.88 8.60
CA PHE F 798 -74.32 5.85 7.50
C PHE F 798 -75.53 5.57 6.63
N HIS F 799 -75.86 4.30 6.41
CA HIS F 799 -76.97 3.95 5.55
C HIS F 799 -78.29 4.35 6.19
N ASP F 800 -78.35 4.25 7.52
CA ASP F 800 -79.56 4.63 8.24
C ASP F 800 -79.80 6.13 8.12
N GLN F 801 -78.73 6.91 8.21
CA GLN F 801 -78.81 8.36 8.10
C GLN F 801 -79.40 8.75 6.75
N MET F 802 -78.92 8.12 5.68
CA MET F 802 -79.33 8.49 4.33
C MET F 802 -80.80 8.10 4.08
N GLU F 803 -81.19 6.93 4.58
CA GLU F 803 -82.54 6.43 4.40
C GLU F 803 -83.53 7.35 5.12
N SER F 804 -83.15 7.84 6.30
CA SER F 804 -83.99 8.73 7.08
C SER F 804 -84.33 9.99 6.30
N VAL F 805 -83.30 10.65 5.77
CA VAL F 805 -83.45 11.93 5.08
C VAL F 805 -84.28 11.72 3.82
N PHE F 806 -84.04 10.63 3.10
CA PHE F 806 -84.72 10.37 1.84
C PHE F 806 -86.22 10.27 2.04
N ASN F 807 -86.64 9.57 3.10
CA ASN F 807 -88.05 9.36 3.37
C ASN F 807 -88.71 10.70 3.71
N GLU F 808 -88.00 11.53 4.49
CA GLU F 808 -88.52 12.83 4.90
C GLU F 808 -88.78 13.71 3.68
N VAL F 809 -87.93 13.59 2.65
CA VAL F 809 -87.99 14.43 1.46
C VAL F 809 -89.18 14.02 0.60
N LYS F 810 -89.58 12.74 0.68
CA LYS F 810 -90.57 12.20 -0.23
C LYS F 810 -91.97 12.34 0.35
N GLU F 811 -92.07 12.68 1.65
CA GLU F 811 -93.35 12.95 2.29
C GLU F 811 -93.97 14.20 1.68
N GLY F 812 -93.19 15.28 1.60
CA GLY F 812 -93.61 16.50 0.94
C GLY F 812 -93.87 16.26 -0.54
N GLY F 813 -95.01 16.78 -1.05
CA GLY F 813 -95.42 16.57 -2.41
C GLY F 813 -94.58 17.37 -3.40
N LYS F 814 -94.60 16.94 -4.67
CA LYS F 814 -93.83 17.58 -5.73
C LYS F 814 -94.66 18.73 -6.31
N LYS F 815 -94.01 19.88 -6.49
CA LYS F 815 -94.64 21.04 -7.10
C LYS F 815 -94.62 20.88 -8.61
N GLN F 816 -95.46 21.68 -9.30
CA GLN F 816 -95.53 21.65 -10.75
C GLN F 816 -94.71 22.83 -11.31
N ALA F 817 -94.37 22.74 -12.60
CA ALA F 817 -93.50 23.70 -13.24
C ALA F 817 -94.21 25.04 -13.38
N GLU F 818 -93.43 26.13 -13.37
CA GLU F 818 -93.94 27.48 -13.49
C GLU F 818 -92.96 28.30 -14.32
N ALA F 819 -93.49 29.23 -15.12
CA ALA F 819 -92.69 30.00 -16.06
C ALA F 819 -91.76 30.95 -15.32
N GLN F 820 -90.60 31.24 -15.93
CA GLN F 820 -89.58 32.11 -15.36
C GLN F 820 -89.74 33.50 -15.96
N THR F 821 -89.74 34.52 -15.09
CA THR F 821 -90.26 35.84 -15.44
C THR F 821 -89.17 36.73 -16.04
N GLY F 822 -87.97 36.73 -15.45
CA GLY F 822 -86.87 37.57 -15.93
C GLY F 822 -86.22 38.35 -14.79
N ILE F 823 -85.06 38.94 -15.04
CA ILE F 823 -84.28 39.57 -13.99
C ILE F 823 -84.20 41.08 -14.19
N THR F 824 -85.05 41.64 -15.04
CA THR F 824 -84.93 43.04 -15.44
C THR F 824 -85.13 43.97 -14.24
N GLY F 825 -86.10 43.64 -13.37
CA GLY F 825 -86.48 44.53 -12.28
C GLY F 825 -86.05 44.01 -10.92
N SER F 826 -85.06 43.13 -10.88
CA SER F 826 -84.64 42.49 -9.66
C SER F 826 -83.65 43.38 -8.89
N GLN F 827 -83.17 44.45 -9.52
CA GLN F 827 -82.31 45.42 -8.86
C GLN F 827 -82.80 46.83 -9.19
N LYS F 828 -82.62 47.76 -8.23
CA LYS F 828 -83.15 49.10 -8.32
C LYS F 828 -82.15 50.04 -9.00
N LEU F 829 -82.67 51.11 -9.60
CA LEU F 829 -81.86 52.13 -10.26
C LEU F 829 -81.68 53.32 -9.31
N PRO F 830 -80.52 54.00 -9.32
CA PRO F 830 -80.26 55.10 -8.41
C PRO F 830 -80.92 56.41 -8.83
N HIS F 831 -82.19 56.58 -8.44
CA HIS F 831 -82.95 57.76 -8.78
C HIS F 831 -82.54 58.91 -7.88
N GLY F 832 -82.15 60.03 -8.49
CA GLY F 832 -81.87 61.26 -7.78
C GLY F 832 -80.54 61.22 -7.03
N LEU F 833 -79.50 60.71 -7.69
CA LEU F 833 -78.16 60.68 -7.14
C LEU F 833 -77.30 61.70 -7.86
N GLU F 834 -76.51 62.47 -7.10
CA GLU F 834 -75.71 63.54 -7.65
C GLU F 834 -74.24 63.17 -7.58
N THR F 835 -73.48 63.48 -8.64
CA THR F 835 -72.16 62.91 -8.84
C THR F 835 -71.11 64.00 -9.06
N ASN F 836 -71.40 65.23 -8.63
CA ASN F 836 -70.47 66.34 -8.76
C ASN F 836 -69.61 66.42 -7.51
N ILE F 837 -68.38 66.93 -7.66
CA ILE F 837 -67.49 67.15 -6.53
C ILE F 837 -67.39 68.65 -6.26
N SER F 838 -66.81 69.03 -5.12
CA SER F 838 -66.66 70.42 -4.74
C SER F 838 -65.44 71.03 -5.42
N ARG F 839 -65.33 72.35 -5.39
CA ARG F 839 -64.24 73.06 -6.03
C ARG F 839 -62.95 72.86 -5.24
N GLU F 840 -63.07 72.67 -3.93
CA GLU F 840 -61.92 72.43 -3.07
C GLU F 840 -61.30 71.08 -3.41
N GLU F 841 -62.14 70.08 -3.64
CA GLU F 841 -61.70 68.74 -3.96
C GLU F 841 -60.97 68.72 -5.30
N LEU F 842 -61.44 69.50 -6.27
CA LEU F 842 -60.89 69.50 -7.61
C LEU F 842 -59.51 70.10 -7.61
N LEU F 843 -59.27 71.15 -6.80
CA LEU F 843 -57.98 71.80 -6.75
C LEU F 843 -56.96 70.91 -6.06
N GLU F 844 -57.39 70.14 -5.07
CA GLU F 844 -56.50 69.27 -4.33
C GLU F 844 -55.98 68.16 -5.23
N LEU F 845 -56.86 67.61 -6.08
CA LEU F 845 -56.50 66.57 -7.02
C LEU F 845 -55.47 67.10 -8.00
N GLY F 846 -55.69 68.32 -8.48
CA GLY F 846 -54.76 68.93 -9.40
C GLY F 846 -53.38 69.15 -8.79
N GLN F 847 -53.34 69.45 -7.49
CA GLN F 847 -52.10 69.82 -6.83
C GLN F 847 -51.28 68.59 -6.48
N ALA F 848 -51.84 67.39 -6.70
CA ALA F 848 -51.14 66.16 -6.37
C ALA F 848 -49.96 65.94 -7.31
N PHE F 849 -50.02 66.53 -8.51
CA PHE F 849 -48.99 66.35 -9.51
C PHE F 849 -47.88 67.37 -9.34
N ALA F 850 -47.96 68.24 -8.32
CA ALA F 850 -46.90 69.18 -8.01
C ALA F 850 -46.16 68.81 -6.73
N ASN F 851 -46.78 68.00 -5.87
CA ASN F 851 -46.14 67.56 -4.65
C ASN F 851 -45.25 66.37 -4.93
N THR F 852 -44.14 66.59 -5.63
CA THR F 852 -43.20 65.54 -5.94
C THR F 852 -42.39 65.22 -4.69
N PRO F 853 -41.80 64.00 -4.56
CA PRO F 853 -40.90 63.70 -3.46
C PRO F 853 -39.62 64.55 -3.46
N GLU F 854 -38.70 64.21 -2.56
CA GLU F 854 -37.65 65.13 -2.16
C GLU F 854 -36.70 65.41 -3.31
N GLY F 855 -36.12 64.39 -3.92
CA GLY F 855 -35.16 64.65 -4.99
C GLY F 855 -35.61 64.13 -6.35
N PHE F 856 -36.91 64.27 -6.66
CA PHE F 856 -37.50 63.66 -7.85
C PHE F 856 -37.66 64.72 -8.92
N ASN F 857 -37.39 64.35 -10.16
CA ASN F 857 -37.66 65.17 -11.31
C ASN F 857 -38.31 64.33 -12.40
N TYR F 858 -39.21 64.94 -13.17
CA TYR F 858 -39.89 64.28 -14.27
C TYR F 858 -38.98 64.21 -15.48
N HIS F 859 -39.28 63.32 -16.43
CA HIS F 859 -38.62 63.23 -17.71
C HIS F 859 -39.06 64.43 -18.53
N PRO F 860 -38.20 65.00 -19.40
CA PRO F 860 -38.53 66.20 -20.14
C PRO F 860 -39.80 66.19 -20.99
N ARG F 861 -40.23 65.00 -21.42
CA ARG F 861 -41.36 64.88 -22.31
C ARG F 861 -42.62 64.54 -21.52
N VAL F 862 -42.49 64.37 -20.19
CA VAL F 862 -43.60 64.13 -19.30
C VAL F 862 -43.92 65.37 -18.49
N ALA F 863 -42.94 66.27 -18.33
CA ALA F 863 -43.09 67.42 -17.46
C ALA F 863 -44.18 68.36 -17.95
N PRO F 864 -44.30 68.63 -19.26
CA PRO F 864 -45.41 69.42 -19.77
C PRO F 864 -46.81 68.92 -19.45
N VAL F 865 -46.97 67.61 -19.38
CA VAL F 865 -48.27 67.00 -19.08
C VAL F 865 -48.62 67.26 -17.63
N ALA F 866 -47.64 67.16 -16.73
CA ALA F 866 -47.88 67.39 -15.32
C ALA F 866 -48.24 68.85 -15.06
N LYS F 867 -47.59 69.78 -15.75
CA LYS F 867 -47.87 71.18 -15.56
C LYS F 867 -49.29 71.50 -15.99
N LYS F 868 -49.71 70.94 -17.12
CA LYS F 868 -51.02 71.22 -17.66
C LYS F 868 -52.10 70.69 -16.73
N ARG F 869 -51.82 69.59 -16.03
CA ARG F 869 -52.77 69.01 -15.09
C ARG F 869 -52.97 69.93 -13.90
N VAL F 870 -51.93 70.64 -13.47
CA VAL F 870 -52.02 71.54 -12.33
C VAL F 870 -52.75 72.81 -12.69
N SER F 871 -52.68 73.23 -13.95
CA SER F 871 -53.22 74.51 -14.36
C SER F 871 -54.63 74.40 -14.88
N SER F 872 -55.03 73.22 -15.36
CA SER F 872 -56.29 73.06 -16.07
C SER F 872 -57.47 73.12 -15.11
N VAL F 873 -57.25 72.76 -13.84
CA VAL F 873 -58.34 72.67 -12.89
C VAL F 873 -58.81 74.05 -12.49
N THR F 874 -58.21 75.10 -13.05
CA THR F 874 -58.68 76.45 -12.80
C THR F 874 -58.83 77.25 -14.09
N GLU F 875 -58.19 76.83 -15.18
CA GLU F 875 -58.20 77.62 -16.41
C GLU F 875 -59.05 76.97 -17.49
N GLY F 876 -59.12 75.65 -17.50
CA GLY F 876 -59.94 74.93 -18.47
C GLY F 876 -59.10 74.01 -19.33
N GLY F 877 -59.77 73.33 -20.27
CA GLY F 877 -59.09 72.49 -21.25
C GLY F 877 -58.66 71.15 -20.67
N ILE F 878 -59.59 70.44 -20.03
CA ILE F 878 -59.31 69.15 -19.46
C ILE F 878 -59.53 68.08 -20.52
N ASP F 879 -58.56 67.19 -20.70
CA ASP F 879 -58.60 66.20 -21.77
C ASP F 879 -59.15 64.88 -21.23
N TRP F 880 -59.22 63.87 -22.11
CA TRP F 880 -59.89 62.62 -21.81
C TRP F 880 -59.21 61.90 -20.67
N ALA F 881 -57.89 61.74 -20.74
CA ALA F 881 -57.16 60.96 -19.76
C ALA F 881 -57.28 61.56 -18.38
N TRP F 882 -57.23 62.88 -18.29
CA TRP F 882 -57.27 63.58 -17.02
C TRP F 882 -58.67 63.49 -16.42
N GLY F 883 -59.69 63.39 -17.28
CA GLY F 883 -61.05 63.15 -16.83
C GLY F 883 -61.23 61.79 -16.17
N GLU F 884 -60.61 60.76 -16.75
CA GLU F 884 -60.70 59.42 -16.21
C GLU F 884 -60.00 59.33 -14.85
N LEU F 885 -58.81 59.91 -14.75
CA LEU F 885 -58.02 59.83 -13.52
C LEU F 885 -58.69 60.63 -12.40
N LEU F 886 -59.34 61.73 -12.74
CA LEU F 886 -60.04 62.53 -11.75
C LEU F 886 -61.14 61.71 -11.10
N ALA F 887 -61.80 60.86 -11.89
CA ALA F 887 -62.87 60.02 -11.38
C ALA F 887 -62.33 58.97 -10.41
N PHE F 888 -61.32 58.21 -10.83
CA PHE F 888 -60.78 57.17 -10.00
C PHE F 888 -60.16 57.76 -8.74
N GLY F 889 -59.51 58.91 -8.87
CA GLY F 889 -58.86 59.56 -7.74
C GLY F 889 -59.86 60.01 -6.68
N SER F 890 -60.97 60.60 -7.12
CA SER F 890 -61.99 61.04 -6.19
C SER F 890 -62.55 59.88 -5.39
N LEU F 891 -62.73 58.72 -6.05
CA LEU F 891 -63.31 57.56 -5.39
C LEU F 891 -62.31 56.97 -4.40
N ALA F 892 -61.02 57.03 -4.72
CA ALA F 892 -60.01 56.51 -3.82
C ALA F 892 -59.92 57.37 -2.56
N ASN F 893 -60.15 58.67 -2.69
CA ASN F 893 -60.09 59.57 -1.57
C ASN F 893 -61.16 59.23 -0.56
N SER F 894 -62.35 58.86 -1.04
CA SER F 894 -63.47 58.58 -0.17
C SER F 894 -63.24 57.33 0.67
N GLY F 895 -62.34 56.45 0.21
CA GLY F 895 -61.88 55.34 1.02
C GLY F 895 -62.10 53.99 0.36
N ARG F 896 -61.96 53.91 -0.96
CA ARG F 896 -62.21 52.69 -1.69
C ARG F 896 -60.93 52.17 -2.31
N LEU F 897 -60.91 50.87 -2.59
CA LEU F 897 -59.81 50.23 -3.27
C LEU F 897 -60.09 50.24 -4.77
N VAL F 898 -59.29 50.97 -5.54
CA VAL F 898 -59.44 51.09 -6.97
C VAL F 898 -58.28 50.36 -7.62
N ARG F 899 -58.57 49.46 -8.57
CA ARG F 899 -57.59 48.63 -9.24
C ARG F 899 -57.76 48.72 -10.74
N LEU F 900 -56.67 49.03 -11.46
CA LEU F 900 -56.67 49.15 -12.91
C LEU F 900 -55.56 48.28 -13.49
N ALA F 901 -55.88 47.41 -14.45
CA ALA F 901 -54.94 46.47 -15.00
C ALA F 901 -55.14 46.28 -16.50
N GLY F 902 -54.04 46.02 -17.22
CA GLY F 902 -54.07 45.88 -18.66
C GLY F 902 -52.68 46.04 -19.27
N GLU F 903 -52.58 45.83 -20.59
CA GLU F 903 -51.29 45.88 -21.28
C GLU F 903 -50.83 47.31 -21.45
N ASP F 904 -49.70 47.64 -20.82
CA ASP F 904 -49.07 48.94 -20.92
C ASP F 904 -50.00 50.01 -20.40
N SER F 905 -50.59 49.76 -19.23
CA SER F 905 -51.66 50.62 -18.73
C SER F 905 -51.14 51.67 -17.77
N ARG F 906 -49.88 51.55 -17.32
CA ARG F 906 -49.28 52.55 -16.47
C ARG F 906 -48.92 53.81 -17.25
N ARG F 907 -48.33 53.63 -18.44
CA ARG F 907 -48.02 54.75 -19.32
C ARG F 907 -49.22 55.05 -20.20
N GLY F 908 -49.84 54.00 -20.75
CA GLY F 908 -50.88 54.14 -21.74
C GLY F 908 -50.37 53.79 -23.13
N THR F 909 -51.22 53.17 -23.95
CA THR F 909 -50.86 52.72 -25.28
C THR F 909 -50.57 53.91 -26.16
N PHE F 910 -51.31 54.99 -25.96
CA PHE F 910 -51.20 56.17 -26.79
C PHE F 910 -50.45 57.28 -26.06
N THR F 911 -49.71 56.89 -25.01
CA THR F 911 -48.87 57.79 -24.25
C THR F 911 -49.72 58.93 -23.70
N GLN F 912 -50.75 58.61 -22.93
CA GLN F 912 -51.73 59.60 -22.56
C GLN F 912 -52.02 59.61 -21.05
N ARG F 913 -51.61 58.57 -20.30
CA ARG F 913 -52.13 58.41 -18.96
C ARG F 913 -51.10 58.88 -17.93
N HIS F 914 -49.91 58.28 -17.95
CA HIS F 914 -48.86 58.63 -17.03
C HIS F 914 -49.38 58.62 -15.60
N ALA F 915 -49.82 57.44 -15.14
CA ALA F 915 -50.32 57.28 -13.78
C ALA F 915 -49.16 57.02 -12.83
N VAL F 916 -48.10 56.40 -13.33
CA VAL F 916 -46.86 56.28 -12.60
C VAL F 916 -45.75 56.87 -13.44
N ALA F 917 -44.94 57.74 -12.85
CA ALA F 917 -43.85 58.41 -13.54
C ALA F 917 -42.51 57.90 -13.03
N ILE F 918 -41.48 58.01 -13.87
CA ILE F 918 -40.15 57.48 -13.55
C ILE F 918 -39.11 58.58 -13.76
N ASP F 919 -38.17 58.69 -12.81
CA ASP F 919 -37.10 59.68 -12.85
C ASP F 919 -35.97 59.15 -13.72
N PRO F 920 -35.50 59.89 -14.76
CA PRO F 920 -34.49 59.39 -15.66
C PRO F 920 -33.12 59.14 -15.03
N ALA F 921 -32.83 59.82 -13.94
CA ALA F 921 -31.50 59.78 -13.34
C ALA F 921 -31.37 58.61 -12.37
N THR F 922 -32.44 58.27 -11.66
CA THR F 922 -32.34 57.28 -10.59
C THR F 922 -33.27 56.10 -10.78
N ALA F 923 -34.27 56.21 -11.65
CA ALA F 923 -35.25 55.16 -11.89
C ALA F 923 -36.18 54.97 -10.70
N GLU F 924 -36.44 56.04 -9.95
CA GLU F 924 -37.41 56.01 -8.86
C GLU F 924 -38.81 56.17 -9.45
N GLU F 925 -39.82 55.61 -8.77
CA GLU F 925 -41.19 55.64 -9.24
C GLU F 925 -42.03 56.55 -8.34
N PHE F 926 -43.09 57.12 -8.90
CA PHE F 926 -43.97 58.03 -8.19
C PHE F 926 -45.41 57.83 -8.65
N ASN F 927 -46.33 57.67 -7.70
CA ASN F 927 -47.74 57.48 -7.97
C ASN F 927 -48.53 58.56 -7.22
N PRO F 928 -48.80 59.72 -7.85
CA PRO F 928 -49.45 60.83 -7.17
C PRO F 928 -50.75 60.55 -6.44
N LEU F 929 -51.69 59.91 -7.13
CA LEU F 929 -53.04 59.78 -6.61
C LEU F 929 -53.09 58.80 -5.45
N HIS F 930 -52.18 57.82 -5.42
CA HIS F 930 -52.13 56.88 -4.31
C HIS F 930 -51.65 57.58 -3.06
N GLU F 931 -50.68 58.48 -3.22
CA GLU F 931 -50.14 59.26 -2.11
C GLU F 931 -51.24 60.11 -1.51
N LEU F 932 -51.98 60.83 -2.35
CA LEU F 932 -53.01 61.73 -1.88
C LEU F 932 -54.07 60.95 -1.12
N ALA F 933 -54.41 59.76 -1.61
CA ALA F 933 -55.48 58.99 -1.02
C ALA F 933 -55.08 58.51 0.37
N GLN F 934 -53.81 58.15 0.54
CA GLN F 934 -53.33 57.60 1.80
C GLN F 934 -53.12 58.71 2.83
N SER F 935 -53.17 59.97 2.41
CA SER F 935 -52.98 61.08 3.32
C SER F 935 -54.29 61.74 3.69
N LYS F 936 -55.40 60.98 3.68
CA LYS F 936 -56.71 61.54 4.00
C LYS F 936 -57.42 60.71 5.07
N GLY F 937 -56.84 59.58 5.46
CA GLY F 937 -57.26 58.90 6.66
C GLY F 937 -58.55 58.10 6.50
N ASN F 938 -58.91 57.73 5.27
CA ASN F 938 -59.98 56.78 5.04
C ASN F 938 -59.43 55.46 4.54
N ASN F 939 -58.12 55.37 4.36
CA ASN F 939 -57.43 54.16 3.96
C ASN F 939 -57.84 53.74 2.56
N GLY F 940 -57.77 54.68 1.60
CA GLY F 940 -58.07 54.39 0.22
C GLY F 940 -56.79 54.08 -0.53
N LYS F 941 -56.93 53.42 -1.69
CA LYS F 941 -55.79 52.96 -2.48
C LYS F 941 -56.08 53.13 -3.96
N PHE F 942 -55.05 53.44 -4.73
CA PHE F 942 -55.09 53.43 -6.18
C PHE F 942 -53.94 52.58 -6.70
N LEU F 943 -54.26 51.39 -7.23
CA LEU F 943 -53.28 50.40 -7.65
C LEU F 943 -53.33 50.23 -9.16
N VAL F 944 -52.18 50.32 -9.84
CA VAL F 944 -52.12 50.21 -11.29
C VAL F 944 -51.06 49.18 -11.66
N TYR F 945 -51.40 48.25 -12.56
CA TYR F 945 -50.51 47.14 -12.90
C TYR F 945 -50.44 46.96 -14.41
N ASN F 946 -49.26 46.64 -14.92
CA ASN F 946 -49.04 46.18 -16.28
C ASN F 946 -49.19 44.66 -16.33
N SER F 947 -50.12 44.16 -17.14
CA SER F 947 -50.39 42.74 -17.21
C SER F 947 -49.39 42.07 -18.16
N ALA F 948 -49.37 40.73 -18.12
CA ALA F 948 -48.69 39.95 -19.13
C ALA F 948 -49.52 39.97 -20.42
N LEU F 949 -48.98 39.36 -21.47
CA LEU F 949 -49.61 39.43 -22.78
C LEU F 949 -50.63 38.30 -22.90
N THR F 950 -51.79 38.49 -22.27
CA THR F 950 -52.89 37.55 -22.29
C THR F 950 -54.21 38.31 -22.22
N GLU F 951 -55.24 37.80 -22.88
CA GLU F 951 -56.56 38.39 -22.81
C GLU F 951 -57.51 37.46 -22.05
N TYR F 952 -57.33 36.15 -22.18
CA TYR F 952 -58.20 35.17 -21.57
C TYR F 952 -57.94 35.14 -20.07
N ALA F 953 -56.67 35.01 -19.68
CA ALA F 953 -56.31 34.98 -18.28
C ALA F 953 -56.43 36.36 -17.64
N GLY F 954 -56.14 37.40 -18.41
CA GLY F 954 -56.21 38.77 -17.93
C GLY F 954 -57.61 39.18 -17.49
N MET F 955 -58.58 39.05 -18.39
CA MET F 955 -59.93 39.50 -18.10
C MET F 955 -60.57 38.57 -17.07
N GLY F 956 -60.21 37.29 -17.11
CA GLY F 956 -60.73 36.34 -16.14
C GLY F 956 -60.35 36.69 -14.72
N PHE F 957 -59.11 37.13 -14.53
CA PHE F 957 -58.59 37.46 -13.21
C PHE F 957 -59.34 38.65 -12.65
N GLU F 958 -59.68 39.62 -13.50
CA GLU F 958 -60.34 40.82 -13.03
C GLU F 958 -61.80 40.54 -12.68
N TYR F 959 -62.46 39.66 -13.44
CA TYR F 959 -63.81 39.27 -13.12
C TYR F 959 -63.83 38.63 -11.73
N GLY F 960 -62.86 37.76 -11.47
CA GLY F 960 -62.79 37.07 -10.20
C GLY F 960 -62.60 38.04 -9.04
N TYR F 961 -61.80 39.10 -9.27
CA TYR F 961 -61.51 40.08 -8.26
C TYR F 961 -62.79 40.79 -7.86
N SER F 962 -63.65 41.05 -8.84
CA SER F 962 -64.89 41.75 -8.59
C SER F 962 -65.86 40.91 -7.78
N VAL F 963 -65.77 39.58 -7.89
CA VAL F 963 -66.66 38.68 -7.18
C VAL F 963 -66.14 38.48 -5.75
N GLY F 964 -64.82 38.52 -5.58
CA GLY F 964 -64.22 38.24 -4.29
C GLY F 964 -64.26 39.43 -3.33
N ASN F 965 -64.42 40.65 -3.86
CA ASN F 965 -64.62 41.83 -3.06
C ASN F 965 -65.64 42.72 -3.73
N GLU F 966 -66.84 42.78 -3.17
CA GLU F 966 -67.98 43.45 -3.80
C GLU F 966 -67.85 44.97 -3.70
N ASP F 967 -66.95 45.48 -2.84
CA ASP F 967 -66.90 46.89 -2.54
C ASP F 967 -65.69 47.55 -3.20
N SER F 968 -65.04 46.87 -4.14
CA SER F 968 -63.90 47.42 -4.85
C SER F 968 -64.33 47.92 -6.22
N ILE F 969 -63.54 48.83 -6.79
CA ILE F 969 -63.74 49.30 -8.15
C ILE F 969 -62.64 48.70 -9.02
N VAL F 970 -63.01 47.88 -10.01
CA VAL F 970 -62.06 47.15 -10.84
C VAL F 970 -62.29 47.48 -12.30
N ALA F 971 -61.21 47.65 -13.06
CA ALA F 971 -61.30 47.95 -14.48
C ALA F 971 -60.21 47.22 -15.25
N TRP F 972 -60.60 46.55 -16.34
CA TRP F 972 -59.68 45.89 -17.26
C TRP F 972 -59.64 46.67 -18.56
N GLU F 973 -58.44 46.88 -19.10
CA GLU F 973 -58.25 47.63 -20.32
C GLU F 973 -57.61 46.75 -21.39
N ALA F 974 -58.04 46.93 -22.64
CA ALA F 974 -57.47 46.25 -23.77
C ALA F 974 -56.61 47.22 -24.57
N GLN F 975 -55.52 46.72 -25.16
CA GLN F 975 -54.61 47.57 -25.91
C GLN F 975 -55.37 48.17 -27.08
N PHE F 976 -56.06 47.31 -27.84
CA PHE F 976 -57.10 47.71 -28.76
C PHE F 976 -58.29 46.81 -28.53
N GLY F 977 -59.50 47.33 -28.81
CA GLY F 977 -60.72 46.57 -28.57
C GLY F 977 -60.86 45.37 -29.50
N ASP F 978 -60.01 45.27 -30.51
CA ASP F 978 -60.05 44.21 -31.49
C ASP F 978 -59.48 42.90 -30.93
N PHE F 979 -58.73 42.98 -29.83
CA PHE F 979 -58.08 41.79 -29.30
C PHE F 979 -58.93 41.16 -28.19
N ALA F 980 -60.16 41.64 -27.98
CA ALA F 980 -60.98 41.13 -26.91
C ALA F 980 -61.68 39.83 -27.29
N ASN F 981 -61.65 39.46 -28.58
CA ASN F 981 -62.24 38.21 -29.02
C ASN F 981 -61.42 37.02 -28.56
N GLY F 982 -60.22 37.26 -28.05
CA GLY F 982 -59.41 36.22 -27.45
C GLY F 982 -59.86 35.87 -26.04
N ALA F 983 -60.83 36.63 -25.50
CA ALA F 983 -61.41 36.34 -24.21
C ALA F 983 -62.91 36.12 -24.33
N GLN F 984 -63.33 35.51 -25.44
CA GLN F 984 -64.75 35.41 -25.74
C GLN F 984 -65.44 34.48 -24.76
N THR F 985 -64.75 33.42 -24.32
CA THR F 985 -65.32 32.48 -23.37
C THR F 985 -65.74 33.20 -22.09
N ILE F 986 -64.89 34.08 -21.57
CA ILE F 986 -65.19 34.80 -20.35
C ILE F 986 -66.37 35.74 -20.58
N ILE F 987 -66.40 36.43 -21.71
CA ILE F 987 -67.46 37.37 -21.99
C ILE F 987 -68.80 36.65 -22.03
N ASP F 988 -68.84 35.47 -22.67
CA ASP F 988 -70.08 34.78 -22.97
C ASP F 988 -70.59 33.98 -21.77
N GLU F 989 -69.69 33.46 -20.95
CA GLU F 989 -70.05 32.47 -19.96
C GLU F 989 -70.13 33.06 -18.56
N TYR F 990 -69.40 34.15 -18.30
CA TYR F 990 -69.35 34.74 -16.96
C TYR F 990 -69.97 36.13 -16.95
N VAL F 991 -69.44 37.05 -17.75
CA VAL F 991 -69.76 38.48 -17.63
C VAL F 991 -71.19 38.75 -18.06
N SER F 992 -71.60 38.15 -19.18
CA SER F 992 -72.87 38.47 -19.81
C SER F 992 -74.03 37.74 -19.15
N SER F 993 -73.77 36.58 -18.51
CA SER F 993 -74.84 35.66 -18.20
C SER F 993 -74.75 35.05 -16.81
N GLY F 994 -73.89 35.58 -15.93
CA GLY F 994 -73.66 34.97 -14.64
C GLY F 994 -74.81 35.17 -13.66
N GLU F 995 -75.49 36.32 -13.74
CA GLU F 995 -76.56 36.65 -12.82
C GLU F 995 -77.78 35.79 -13.10
N ALA F 996 -78.08 35.58 -14.38
CA ALA F 996 -79.25 34.82 -14.77
C ALA F 996 -79.08 33.34 -14.47
N LYS F 997 -77.85 32.83 -14.47
CA LYS F 997 -77.62 31.42 -14.31
C LYS F 997 -77.44 31.04 -12.84
N TRP F 998 -76.64 31.80 -12.10
CA TRP F 998 -76.26 31.40 -10.75
C TRP F 998 -76.62 32.44 -9.70
N GLY F 999 -77.02 33.65 -10.10
CA GLY F 999 -77.29 34.70 -9.14
C GLY F 999 -76.00 35.35 -8.62
N GLN F 1000 -74.94 35.29 -9.42
CA GLN F 1000 -73.66 35.88 -9.07
C GLN F 1000 -73.55 37.23 -9.76
N THR F 1001 -73.30 38.29 -8.98
CA THR F 1001 -73.33 39.65 -9.50
C THR F 1001 -71.91 40.22 -9.55
N SER F 1002 -71.69 41.18 -10.47
CA SER F 1002 -70.39 41.79 -10.66
C SER F 1002 -70.54 43.23 -11.14
N LYS F 1003 -69.53 44.07 -10.87
CA LYS F 1003 -69.50 45.43 -11.35
C LYS F 1003 -68.18 45.72 -12.06
N LEU F 1004 -67.75 44.81 -12.94
CA LEU F 1004 -66.51 44.97 -13.67
C LEU F 1004 -66.70 46.06 -14.70
N ILE F 1005 -65.62 46.81 -15.00
CA ILE F 1005 -65.62 47.81 -16.05
C ILE F 1005 -64.68 47.34 -17.15
N LEU F 1006 -65.16 47.31 -18.40
CA LEU F 1006 -64.32 47.02 -19.54
C LEU F 1006 -64.09 48.30 -20.33
N LEU F 1007 -62.82 48.67 -20.53
CA LEU F 1007 -62.43 49.84 -21.32
C LEU F 1007 -61.83 49.37 -22.64
N LEU F 1008 -62.54 49.59 -23.74
CA LEU F 1008 -62.19 49.01 -25.03
C LEU F 1008 -62.01 50.10 -26.07
N PRO F 1009 -60.79 50.46 -26.51
CA PRO F 1009 -60.59 51.45 -27.56
C PRO F 1009 -61.24 51.15 -28.91
N HIS F 1010 -61.73 52.19 -29.58
CA HIS F 1010 -62.57 52.02 -30.75
C HIS F 1010 -62.50 53.26 -31.62
N GLY F 1011 -62.44 53.09 -32.94
CA GLY F 1011 -62.49 54.20 -33.87
C GLY F 1011 -61.96 53.84 -35.25
N TYR F 1012 -62.58 54.41 -36.29
CA TYR F 1012 -62.17 54.19 -37.66
C TYR F 1012 -61.29 55.36 -38.10
N GLU F 1013 -59.97 55.12 -38.22
CA GLU F 1013 -59.00 56.16 -38.45
C GLU F 1013 -57.95 55.79 -39.48
N GLY F 1014 -58.05 54.61 -40.10
CA GLY F 1014 -57.19 54.24 -41.22
C GLY F 1014 -55.97 53.41 -40.83
N GLN F 1015 -56.03 52.67 -39.74
CA GLN F 1015 -54.90 51.87 -39.29
C GLN F 1015 -55.07 50.40 -39.67
N GLY F 1016 -56.19 50.03 -40.29
CA GLY F 1016 -56.35 48.70 -40.85
C GLY F 1016 -57.38 47.86 -40.09
N PRO F 1017 -57.67 46.63 -40.55
CA PRO F 1017 -58.76 45.82 -39.99
C PRO F 1017 -58.61 45.24 -38.58
N ASP F 1018 -57.41 45.28 -38.00
CA ASP F 1018 -57.22 44.78 -36.65
C ASP F 1018 -56.82 45.92 -35.70
N HIS F 1019 -57.16 47.15 -36.08
CA HIS F 1019 -56.96 48.29 -35.19
C HIS F 1019 -58.07 49.31 -35.44
N SER F 1020 -59.33 48.86 -35.48
CA SER F 1020 -60.43 49.74 -35.86
C SER F 1020 -61.72 49.52 -35.08
N SER F 1021 -62.11 48.27 -34.80
CA SER F 1021 -63.45 48.02 -34.26
C SER F 1021 -63.42 47.07 -33.09
N ALA F 1022 -64.09 47.44 -32.00
CA ALA F 1022 -64.24 46.60 -30.83
C ALA F 1022 -65.49 45.73 -30.91
N ARG F 1023 -66.21 45.79 -32.04
CA ARG F 1023 -67.35 44.93 -32.31
C ARG F 1023 -68.50 45.27 -31.38
N ILE F 1024 -69.09 46.45 -31.60
CA ILE F 1024 -70.22 46.95 -30.83
C ILE F 1024 -71.42 46.04 -31.05
N GLU F 1025 -71.60 45.57 -32.28
CA GLU F 1025 -72.76 44.76 -32.65
C GLU F 1025 -72.80 43.47 -31.84
N ARG F 1026 -71.65 42.91 -31.50
CA ARG F 1026 -71.59 41.65 -30.80
C ARG F 1026 -72.04 41.85 -29.35
N PHE F 1027 -71.63 42.94 -28.72
CA PHE F 1027 -72.00 43.22 -27.34
C PHE F 1027 -73.48 43.53 -27.25
N LEU F 1028 -74.05 44.17 -28.27
CA LEU F 1028 -75.45 44.53 -28.22
C LEU F 1028 -76.34 43.31 -28.46
N GLN F 1029 -75.82 42.26 -29.09
CA GLN F 1029 -76.55 41.00 -29.23
C GLN F 1029 -76.73 40.35 -27.87
N LEU F 1030 -75.69 40.37 -27.05
CA LEU F 1030 -75.68 39.67 -25.77
C LEU F 1030 -76.60 40.33 -24.76
N CYS F 1031 -76.97 41.60 -24.98
CA CYS F 1031 -77.76 42.34 -24.02
C CYS F 1031 -79.24 41.97 -24.10
N ALA F 1032 -79.82 41.67 -22.93
CA ALA F 1032 -81.24 41.45 -22.77
C ALA F 1032 -81.56 41.39 -21.28
N GLU F 1033 -82.77 41.80 -20.90
CA GLU F 1033 -83.22 41.81 -19.52
C GLU F 1033 -82.42 42.80 -18.68
N GLY F 1034 -81.87 43.83 -19.32
CA GLY F 1034 -81.04 44.80 -18.62
C GLY F 1034 -79.84 44.16 -17.92
N SER F 1035 -79.08 43.36 -18.66
CA SER F 1035 -78.03 42.55 -18.09
C SER F 1035 -76.78 43.39 -17.84
N MET F 1036 -76.45 44.31 -18.75
CA MET F 1036 -75.31 45.19 -18.57
C MET F 1036 -75.50 46.50 -19.32
N THR F 1037 -74.69 47.50 -18.96
CA THR F 1037 -74.75 48.86 -19.50
C THR F 1037 -73.67 49.03 -20.55
N VAL F 1038 -74.02 49.63 -21.70
CA VAL F 1038 -73.10 49.85 -22.80
C VAL F 1038 -73.16 51.31 -23.21
N ALA F 1039 -72.00 51.97 -23.35
CA ALA F 1039 -71.94 53.41 -23.56
C ALA F 1039 -70.75 53.80 -24.44
N GLN F 1040 -70.85 54.99 -25.07
CA GLN F 1040 -69.79 55.55 -25.90
C GLN F 1040 -69.80 57.07 -25.76
N PRO F 1041 -69.23 57.65 -24.69
CA PRO F 1041 -69.33 59.09 -24.45
C PRO F 1041 -68.43 59.94 -25.31
N SER F 1042 -68.73 61.25 -25.39
CA SER F 1042 -68.10 62.14 -26.34
C SER F 1042 -67.37 63.31 -25.68
N THR F 1043 -67.41 63.43 -24.35
CA THR F 1043 -66.71 64.49 -23.65
C THR F 1043 -66.11 63.95 -22.36
N PRO F 1044 -64.92 64.40 -21.94
CA PRO F 1044 -64.32 63.95 -20.69
C PRO F 1044 -65.15 64.04 -19.41
N ALA F 1045 -65.97 65.08 -19.30
CA ALA F 1045 -66.77 65.29 -18.11
C ALA F 1045 -67.88 64.24 -18.03
N ASN F 1046 -68.38 63.82 -19.19
CA ASN F 1046 -69.45 62.85 -19.23
C ASN F 1046 -68.90 61.48 -18.84
N HIS F 1047 -67.68 61.18 -19.26
CA HIS F 1047 -67.00 59.96 -18.87
C HIS F 1047 -66.84 59.92 -17.35
N PHE F 1048 -66.55 61.09 -16.78
CA PHE F 1048 -66.35 61.24 -15.34
C PHE F 1048 -67.63 60.89 -14.61
N HIS F 1049 -68.75 61.41 -15.11
CA HIS F 1049 -70.03 61.26 -14.43
C HIS F 1049 -70.54 59.83 -14.56
N LEU F 1050 -70.27 59.16 -15.68
CA LEU F 1050 -70.69 57.80 -15.90
C LEU F 1050 -70.00 56.87 -14.92
N LEU F 1051 -68.69 57.02 -14.76
CA LEU F 1051 -67.93 56.15 -13.88
C LEU F 1051 -68.38 56.32 -12.44
N ARG F 1052 -68.65 57.55 -12.02
CA ARG F 1052 -69.00 57.83 -10.64
C ARG F 1052 -70.40 57.35 -10.32
N ARG F 1053 -71.31 57.42 -11.30
CA ARG F 1053 -72.66 56.91 -11.08
C ARG F 1053 -72.62 55.42 -10.83
N HIS F 1054 -71.80 54.72 -11.60
CA HIS F 1054 -71.68 53.27 -11.51
C HIS F 1054 -71.17 52.88 -10.15
N ALA F 1055 -70.20 53.63 -9.63
CA ALA F 1055 -69.51 53.26 -8.41
C ALA F 1055 -70.37 53.52 -7.17
N LEU F 1056 -71.20 54.55 -7.20
CA LEU F 1056 -71.92 55.00 -6.02
C LEU F 1056 -73.34 54.43 -5.97
N SER F 1057 -73.79 53.73 -7.01
CA SER F 1057 -75.14 53.19 -7.06
C SER F 1057 -75.19 51.84 -6.35
N ASP F 1058 -76.36 51.20 -6.39
CA ASP F 1058 -76.56 49.90 -5.79
C ASP F 1058 -77.07 48.92 -6.85
N LEU F 1059 -76.73 49.18 -8.11
CA LEU F 1059 -77.05 48.31 -9.22
C LEU F 1059 -75.80 47.54 -9.61
N LYS F 1060 -75.79 46.24 -9.29
CA LYS F 1060 -74.58 45.44 -9.38
C LYS F 1060 -74.58 44.69 -10.71
N ARG F 1061 -74.27 45.41 -11.79
CA ARG F 1061 -74.17 44.84 -13.12
C ARG F 1061 -72.97 45.46 -13.83
N PRO F 1062 -72.36 44.79 -14.83
CA PRO F 1062 -71.20 45.32 -15.52
C PRO F 1062 -71.40 46.58 -16.36
N LEU F 1063 -70.29 47.21 -16.76
CA LEU F 1063 -70.29 48.41 -17.58
C LEU F 1063 -69.24 48.28 -18.67
N VAL F 1064 -69.65 48.47 -19.94
CA VAL F 1064 -68.78 48.37 -21.08
C VAL F 1064 -68.71 49.74 -21.75
N ILE F 1065 -67.50 50.31 -21.87
CA ILE F 1065 -67.29 51.64 -22.42
C ILE F 1065 -66.37 51.55 -23.63
N PHE F 1066 -66.76 52.21 -24.71
CA PHE F 1066 -65.95 52.29 -25.92
C PHE F 1066 -65.21 53.61 -25.94
N THR F 1067 -63.88 53.57 -25.78
CA THR F 1067 -63.06 54.74 -25.51
C THR F 1067 -62.36 55.19 -26.77
N PRO F 1068 -61.94 56.47 -26.89
CA PRO F 1068 -61.34 56.99 -28.12
C PRO F 1068 -59.82 56.88 -28.26
N LYS F 1069 -59.32 57.17 -29.47
CA LYS F 1069 -57.92 57.02 -29.80
C LYS F 1069 -57.33 58.34 -30.28
N SER F 1070 -58.00 59.01 -31.23
CA SER F 1070 -57.54 60.26 -31.79
C SER F 1070 -58.19 61.45 -31.09
N MET F 1071 -59.37 61.24 -30.54
CA MET F 1071 -60.12 62.26 -29.84
C MET F 1071 -59.46 62.59 -28.50
N LEU F 1072 -58.49 61.77 -28.09
CA LEU F 1072 -57.74 61.98 -26.86
C LEU F 1072 -57.08 63.35 -26.86
N ARG F 1073 -56.68 63.84 -28.04
CA ARG F 1073 -55.93 65.07 -28.16
C ARG F 1073 -56.63 66.07 -29.07
N ASN F 1074 -57.96 66.01 -29.15
CA ASN F 1074 -58.74 66.95 -29.92
C ASN F 1074 -59.15 68.11 -29.02
N LYS F 1075 -58.90 69.34 -29.46
CA LYS F 1075 -59.07 70.50 -28.60
C LYS F 1075 -60.53 70.92 -28.55
N ALA F 1076 -61.34 70.45 -29.50
CA ALA F 1076 -62.75 70.79 -29.50
C ALA F 1076 -63.54 69.92 -28.54
N ALA F 1077 -62.88 68.91 -27.96
CA ALA F 1077 -63.57 67.95 -27.12
C ALA F 1077 -63.27 68.18 -25.64
N ALA F 1078 -62.46 69.19 -25.31
CA ALA F 1078 -62.03 69.40 -23.94
C ALA F 1078 -63.14 70.01 -23.10
N SER F 1079 -63.00 69.93 -21.77
CA SER F 1079 -64.06 70.30 -20.85
C SER F 1079 -63.58 71.37 -19.88
N ALA F 1080 -64.54 72.16 -19.35
CA ALA F 1080 -64.27 73.23 -18.42
C ALA F 1080 -64.55 72.76 -17.00
N PRO F 1081 -63.97 73.39 -15.96
CA PRO F 1081 -64.16 72.94 -14.59
C PRO F 1081 -65.57 72.94 -14.04
N GLU F 1082 -66.42 73.83 -14.56
CA GLU F 1082 -67.80 73.91 -14.14
C GLU F 1082 -68.53 72.61 -14.44
N ASP F 1083 -68.07 71.89 -15.47
CA ASP F 1083 -68.70 70.66 -15.90
C ASP F 1083 -68.48 69.53 -14.89
N PHE F 1084 -67.49 69.67 -14.01
CA PHE F 1084 -67.23 68.67 -12.99
C PHE F 1084 -67.81 69.07 -11.64
N THR F 1085 -68.16 70.35 -11.44
CA THR F 1085 -68.53 70.85 -10.12
C THR F 1085 -69.90 71.48 -10.06
N GLU F 1086 -70.51 71.84 -11.20
CA GLU F 1086 -71.82 72.47 -11.19
C GLU F 1086 -72.87 71.62 -11.88
N VAL F 1087 -72.50 70.87 -12.92
CA VAL F 1087 -73.38 69.90 -13.55
C VAL F 1087 -73.45 68.67 -12.65
N THR F 1088 -74.66 68.17 -12.40
CA THR F 1088 -74.91 67.23 -11.32
C THR F 1088 -74.97 65.78 -11.79
N LYS F 1089 -75.40 65.53 -13.02
CA LYS F 1089 -75.73 64.19 -13.47
C LYS F 1089 -75.10 63.87 -14.82
N PHE F 1090 -75.07 62.57 -15.17
CA PHE F 1090 -74.67 62.07 -16.47
C PHE F 1090 -75.78 62.29 -17.48
N GLN F 1091 -75.40 62.60 -18.72
CA GLN F 1091 -76.36 62.85 -19.77
C GLN F 1091 -76.34 61.70 -20.77
N SER F 1092 -77.53 61.18 -21.10
CA SER F 1092 -77.66 60.04 -22.00
C SER F 1092 -77.86 60.51 -23.44
N VAL F 1093 -78.48 61.68 -23.60
CA VAL F 1093 -78.63 62.31 -24.90
C VAL F 1093 -78.21 63.77 -24.77
N ILE F 1094 -77.38 64.25 -25.70
CA ILE F 1094 -76.95 65.63 -25.74
C ILE F 1094 -77.51 66.27 -27.00
N ASN F 1095 -78.31 67.31 -26.82
CA ASN F 1095 -78.96 68.00 -27.92
C ASN F 1095 -77.96 68.95 -28.56
N ASP F 1096 -78.30 69.46 -29.75
CA ASP F 1096 -77.38 70.28 -30.53
C ASP F 1096 -77.21 71.64 -29.87
N PRO F 1097 -75.97 72.06 -29.52
CA PRO F 1097 -75.74 73.38 -28.94
C PRO F 1097 -75.53 74.55 -29.90
N ASN F 1098 -75.72 74.34 -31.21
CA ASN F 1098 -75.56 75.39 -32.18
C ASN F 1098 -76.80 75.45 -33.07
N VAL F 1099 -77.98 75.59 -32.46
CA VAL F 1099 -79.19 75.82 -33.19
C VAL F 1099 -79.72 77.21 -32.84
N ALA F 1100 -79.76 78.08 -33.85
CA ALA F 1100 -80.22 79.45 -33.69
C ALA F 1100 -81.73 79.47 -33.49
N ASP F 1101 -82.46 78.89 -34.44
CA ASP F 1101 -83.92 78.87 -34.41
C ASP F 1101 -84.40 77.45 -34.69
N ALA F 1102 -85.26 76.94 -33.80
CA ALA F 1102 -85.63 75.54 -33.80
C ALA F 1102 -86.79 75.28 -34.75
N ALA F 1103 -87.43 76.35 -35.23
CA ALA F 1103 -88.59 76.21 -36.09
C ALA F 1103 -88.18 76.14 -37.56
N LYS F 1104 -86.87 76.19 -37.82
CA LYS F 1104 -86.38 76.15 -39.19
C LYS F 1104 -85.65 74.84 -39.47
N VAL F 1105 -85.70 73.88 -38.54
CA VAL F 1105 -85.02 72.61 -38.71
C VAL F 1105 -85.93 71.66 -39.49
N LYS F 1106 -85.35 70.94 -40.46
CA LYS F 1106 -86.10 70.02 -41.29
C LYS F 1106 -85.41 68.66 -41.42
N LYS F 1107 -84.22 68.49 -40.85
CA LYS F 1107 -83.57 67.19 -40.76
C LYS F 1107 -82.92 67.05 -39.40
N VAL F 1108 -83.04 65.86 -38.80
CA VAL F 1108 -82.37 65.55 -37.55
C VAL F 1108 -81.42 64.37 -37.81
N MET F 1109 -80.16 64.53 -37.41
CA MET F 1109 -79.16 63.48 -37.52
C MET F 1109 -78.89 62.89 -36.15
N LEU F 1110 -78.89 61.56 -36.04
CA LEU F 1110 -78.50 60.88 -34.81
C LEU F 1110 -77.11 60.26 -35.02
N VAL F 1111 -76.23 60.44 -34.03
CA VAL F 1111 -74.84 60.02 -34.14
C VAL F 1111 -74.36 59.56 -32.77
N SER F 1112 -73.30 58.77 -32.74
CA SER F 1112 -72.66 58.38 -31.50
C SER F 1112 -71.14 58.32 -31.68
N GLY F 1113 -70.40 58.98 -30.78
CA GLY F 1113 -68.95 58.88 -30.76
C GLY F 1113 -68.27 60.06 -31.45
N LYS F 1114 -67.14 59.78 -32.11
CA LYS F 1114 -66.22 60.81 -32.56
C LYS F 1114 -66.63 61.43 -33.88
N LEU F 1115 -67.58 60.83 -34.60
CA LEU F 1115 -67.97 61.35 -35.89
C LEU F 1115 -68.75 62.64 -35.72
N TYR F 1116 -69.19 62.96 -34.50
CA TYR F 1116 -69.91 64.18 -34.24
C TYR F 1116 -69.09 65.39 -34.65
N TYR F 1117 -67.80 65.36 -34.33
CA TYR F 1117 -66.94 66.53 -34.46
C TYR F 1117 -66.62 66.81 -35.92
N GLU F 1118 -66.87 65.85 -36.83
CA GLU F 1118 -66.71 66.08 -38.25
C GLU F 1118 -67.96 66.69 -38.83
N LEU F 1119 -69.12 66.18 -38.41
CA LEU F 1119 -70.39 66.66 -38.92
C LEU F 1119 -70.63 68.10 -38.47
N ALA F 1120 -70.24 68.42 -37.24
CA ALA F 1120 -70.42 69.75 -36.70
C ALA F 1120 -69.54 70.76 -37.43
N LYS F 1121 -68.33 70.32 -37.76
CA LYS F 1121 -67.36 71.12 -38.50
C LYS F 1121 -67.94 71.53 -39.84
N ARG F 1122 -68.55 70.58 -40.54
CA ARG F 1122 -69.07 70.81 -41.88
C ARG F 1122 -70.29 71.70 -41.83
N LYS F 1123 -71.11 71.53 -40.79
CA LYS F 1123 -72.34 72.30 -40.65
C LYS F 1123 -72.00 73.78 -40.51
N GLU F 1124 -70.93 74.09 -39.78
CA GLU F 1124 -70.53 75.46 -39.52
C GLU F 1124 -69.97 76.09 -40.80
N LYS F 1125 -69.23 75.31 -41.58
CA LYS F 1125 -68.58 75.80 -42.79
C LYS F 1125 -69.62 76.15 -43.84
N ASP F 1126 -70.64 75.33 -43.99
CA ASP F 1126 -71.60 75.49 -45.07
C ASP F 1126 -72.82 76.29 -44.62
N GLY F 1127 -72.89 76.64 -43.34
CA GLY F 1127 -73.93 77.51 -42.84
C GLY F 1127 -75.33 76.93 -43.02
N ARG F 1128 -75.50 75.68 -42.57
CA ARG F 1128 -76.78 75.00 -42.65
C ARG F 1128 -77.55 75.24 -41.36
N ASP F 1129 -78.74 75.84 -41.48
CA ASP F 1129 -79.59 76.13 -40.33
C ASP F 1129 -80.84 75.26 -40.36
N ASP F 1130 -80.86 74.27 -41.25
CA ASP F 1130 -81.99 73.36 -41.38
C ASP F 1130 -81.61 71.97 -40.88
N ILE F 1131 -80.47 71.84 -40.20
CA ILE F 1131 -80.01 70.56 -39.68
C ILE F 1131 -79.77 70.69 -38.18
N ALA F 1132 -79.98 69.59 -37.45
CA ALA F 1132 -79.67 69.50 -36.04
C ALA F 1132 -79.02 68.15 -35.72
N ILE F 1133 -77.83 68.16 -35.13
CA ILE F 1133 -77.12 66.92 -34.81
C ILE F 1133 -77.35 66.57 -33.34
N VAL F 1134 -77.82 65.35 -33.07
CA VAL F 1134 -78.14 64.89 -31.72
C VAL F 1134 -77.30 63.65 -31.41
N ARG F 1135 -76.70 63.62 -30.22
CA ARG F 1135 -75.77 62.57 -29.82
C ARG F 1135 -76.44 61.59 -28.87
N ILE F 1136 -76.09 60.31 -28.99
CA ILE F 1136 -76.53 59.26 -28.09
C ILE F 1136 -75.31 58.71 -27.37
N GLU F 1137 -75.31 58.81 -26.04
CA GLU F 1137 -74.13 58.50 -25.24
C GLU F 1137 -74.27 57.12 -24.61
N MET F 1138 -75.48 56.77 -24.19
CA MET F 1138 -75.77 55.45 -23.66
C MET F 1138 -76.54 54.67 -24.72
N LEU F 1139 -75.98 53.52 -25.14
CA LEU F 1139 -76.53 52.73 -26.23
C LEU F 1139 -77.54 51.73 -25.69
N HIS F 1140 -77.18 51.00 -24.63
CA HIS F 1140 -78.11 50.10 -23.97
C HIS F 1140 -78.04 50.33 -22.46
N PRO F 1141 -79.17 50.45 -21.73
CA PRO F 1141 -80.52 50.50 -22.29
C PRO F 1141 -80.80 51.74 -23.12
N ILE F 1142 -81.83 51.67 -23.97
CA ILE F 1142 -82.14 52.72 -24.91
C ILE F 1142 -82.85 53.84 -24.16
N PRO F 1143 -82.35 55.08 -24.20
CA PRO F 1143 -83.03 56.20 -23.58
C PRO F 1143 -84.08 56.80 -24.51
N PHE F 1144 -85.22 56.11 -24.61
CA PHE F 1144 -86.20 56.45 -25.62
C PHE F 1144 -87.03 57.65 -25.21
N ASN F 1145 -87.12 57.92 -23.91
CA ASN F 1145 -87.87 59.06 -23.44
C ASN F 1145 -87.15 60.36 -23.79
N ARG F 1146 -85.81 60.35 -23.67
CA ARG F 1146 -85.02 61.52 -23.97
C ARG F 1146 -84.93 61.75 -25.47
N ILE F 1147 -84.82 60.67 -26.26
CA ILE F 1147 -84.77 60.79 -27.70
C ILE F 1147 -86.10 61.35 -28.19
N SER F 1148 -87.20 60.93 -27.56
CA SER F 1148 -88.52 61.40 -27.95
C SER F 1148 -88.66 62.88 -27.64
N GLU F 1149 -88.12 63.30 -26.50
CA GLU F 1149 -88.20 64.68 -26.04
C GLU F 1149 -87.41 65.59 -26.97
N ALA F 1150 -86.25 65.11 -27.43
CA ALA F 1150 -85.38 65.86 -28.31
C ALA F 1150 -86.03 66.05 -29.68
N LEU F 1151 -86.61 64.99 -30.22
CA LEU F 1151 -87.26 65.04 -31.51
C LEU F 1151 -88.49 65.94 -31.46
N ALA F 1152 -89.16 65.99 -30.30
CA ALA F 1152 -90.37 66.78 -30.14
C ALA F 1152 -90.07 68.26 -30.15
N GLY F 1153 -88.82 68.63 -29.85
CA GLY F 1153 -88.40 70.02 -29.83
C GLY F 1153 -88.25 70.63 -31.22
N TYR F 1154 -88.25 69.80 -32.26
CA TYR F 1154 -88.16 70.26 -33.63
C TYR F 1154 -89.46 69.88 -34.34
N PRO F 1155 -90.50 70.73 -34.32
CA PRO F 1155 -91.83 70.35 -34.81
C PRO F 1155 -92.03 70.28 -36.32
N ASN F 1156 -91.08 70.80 -37.10
CA ASN F 1156 -91.24 70.86 -38.54
C ASN F 1156 -90.27 69.89 -39.22
N ALA F 1157 -89.79 68.88 -38.47
CA ALA F 1157 -88.85 67.92 -39.01
C ALA F 1157 -89.58 66.92 -39.89
N GLU F 1158 -88.94 66.51 -40.98
CA GLU F 1158 -89.54 65.63 -41.97
C GLU F 1158 -88.77 64.32 -42.08
N GLU F 1159 -87.46 64.36 -41.81
CA GLU F 1159 -86.60 63.20 -41.96
C GLU F 1159 -85.82 62.97 -40.68
N VAL F 1160 -85.39 61.72 -40.47
CA VAL F 1160 -84.44 61.37 -39.43
C VAL F 1160 -83.38 60.47 -40.05
N LEU F 1161 -82.12 60.84 -39.88
CA LEU F 1161 -80.98 60.13 -40.44
C LEU F 1161 -80.17 59.51 -39.30
N PHE F 1162 -79.77 58.25 -39.45
CA PHE F 1162 -78.87 57.59 -38.52
C PHE F 1162 -77.52 57.47 -39.20
N VAL F 1163 -76.48 58.10 -38.62
CA VAL F 1163 -75.19 58.21 -39.28
C VAL F 1163 -74.15 57.49 -38.44
N GLN F 1164 -73.43 56.55 -39.05
CA GLN F 1164 -72.33 55.87 -38.37
C GLN F 1164 -71.17 55.65 -39.33
N ASP F 1165 -70.00 55.39 -38.76
CA ASP F 1165 -68.78 55.16 -39.54
C ASP F 1165 -68.66 53.70 -39.94
N GLU F 1166 -69.23 52.79 -39.15
CA GLU F 1166 -68.97 51.37 -39.35
C GLU F 1166 -69.73 50.88 -40.58
N PRO F 1167 -69.33 49.74 -41.18
CA PRO F 1167 -70.13 49.09 -42.21
C PRO F 1167 -71.56 48.80 -41.78
N ALA F 1168 -72.42 48.50 -42.76
CA ALA F 1168 -73.85 48.45 -42.52
C ALA F 1168 -74.25 47.23 -41.69
N ASN F 1169 -73.41 46.21 -41.64
CA ASN F 1169 -73.70 45.01 -40.88
C ASN F 1169 -72.96 45.04 -39.55
N GLN F 1170 -72.43 46.20 -39.17
CA GLN F 1170 -71.68 46.36 -37.94
C GLN F 1170 -72.12 47.67 -37.28
N GLY F 1171 -71.61 47.93 -36.07
CA GLY F 1171 -71.94 49.15 -35.36
C GLY F 1171 -73.31 49.07 -34.71
N PRO F 1172 -73.86 50.18 -34.17
CA PRO F 1172 -75.17 50.16 -33.55
C PRO F 1172 -76.44 50.16 -34.40
N TRP F 1173 -76.31 50.16 -35.72
CA TRP F 1173 -77.49 50.31 -36.59
C TRP F 1173 -78.41 49.10 -36.49
N PRO F 1174 -77.91 47.85 -36.60
CA PRO F 1174 -78.78 46.69 -36.55
C PRO F 1174 -79.69 46.63 -35.32
N PHE F 1175 -79.14 47.01 -34.17
CA PHE F 1175 -79.88 47.01 -32.91
C PHE F 1175 -80.97 48.06 -32.94
N TYR F 1176 -80.62 49.26 -33.43
CA TYR F 1176 -81.51 50.41 -33.32
C TYR F 1176 -82.63 50.35 -34.35
N GLN F 1177 -82.36 49.82 -35.55
CA GLN F 1177 -83.39 49.78 -36.58
C GLN F 1177 -84.49 48.79 -36.20
N GLU F 1178 -84.16 47.83 -35.34
CA GLU F 1178 -85.12 46.84 -34.88
C GLU F 1178 -85.98 47.41 -33.75
N HIS F 1179 -85.35 48.07 -32.78
CA HIS F 1179 -85.98 48.34 -31.49
C HIS F 1179 -86.60 49.73 -31.40
N LEU F 1180 -86.03 50.73 -32.08
CA LEU F 1180 -86.39 52.11 -31.78
C LEU F 1180 -87.75 52.48 -32.35
N PRO F 1181 -88.12 52.06 -33.59
CA PRO F 1181 -89.45 52.35 -34.12
C PRO F 1181 -90.64 51.89 -33.27
N GLU F 1182 -90.47 50.80 -32.54
CA GLU F 1182 -91.51 50.29 -31.66
C GLU F 1182 -91.68 51.21 -30.45
N LEU F 1183 -90.57 51.71 -29.92
CA LEU F 1183 -90.57 52.48 -28.69
C LEU F 1183 -91.01 53.92 -28.92
N ILE F 1184 -90.82 54.44 -30.14
CA ILE F 1184 -91.27 55.78 -30.49
C ILE F 1184 -92.17 55.67 -31.72
N PRO F 1185 -93.48 55.39 -31.56
CA PRO F 1185 -94.37 55.16 -32.69
C PRO F 1185 -94.57 56.30 -33.68
N ASN F 1186 -94.45 57.55 -33.24
CA ASN F 1186 -94.80 58.70 -34.05
C ASN F 1186 -93.59 59.24 -34.83
N MET F 1187 -92.45 58.57 -34.73
CA MET F 1187 -91.21 59.03 -35.33
C MET F 1187 -91.26 58.76 -36.83
N PRO F 1188 -90.72 59.66 -37.70
CA PRO F 1188 -90.60 59.37 -39.13
C PRO F 1188 -89.72 58.16 -39.41
N LYS F 1189 -89.77 57.63 -40.63
CA LYS F 1189 -88.97 56.47 -40.98
C LYS F 1189 -87.50 56.87 -41.01
N MET F 1190 -86.64 56.03 -40.41
CA MET F 1190 -85.22 56.33 -40.33
C MET F 1190 -84.56 55.95 -41.65
N ARG F 1191 -83.40 56.57 -41.91
CA ARG F 1191 -82.63 56.33 -43.12
C ARG F 1191 -81.16 56.20 -42.73
N ARG F 1192 -80.53 55.12 -43.14
CA ARG F 1192 -79.16 54.82 -42.77
C ARG F 1192 -78.21 55.63 -43.63
N VAL F 1193 -77.10 56.08 -43.05
CA VAL F 1193 -75.98 56.61 -43.80
C VAL F 1193 -74.70 56.05 -43.19
N SER F 1194 -74.03 55.14 -43.90
CA SER F 1194 -72.87 54.46 -43.40
C SER F 1194 -72.00 53.94 -44.52
N ARG F 1195 -70.95 53.21 -44.18
CA ARG F 1195 -70.16 52.47 -45.15
C ARG F 1195 -70.93 51.22 -45.59
N ARG F 1196 -70.55 50.63 -46.73
CA ARG F 1196 -71.18 49.44 -47.25
C ARG F 1196 -70.83 48.24 -46.37
N ALA F 1197 -71.64 47.18 -46.46
CA ALA F 1197 -71.40 45.96 -45.71
C ALA F 1197 -70.15 45.26 -46.21
N GLN F 1198 -69.39 44.65 -45.29
CA GLN F 1198 -68.11 44.06 -45.61
C GLN F 1198 -67.90 42.76 -44.84
N SER F 1199 -67.03 41.91 -45.37
CA SER F 1199 -66.64 40.68 -44.71
C SER F 1199 -65.62 40.95 -43.63
N SER F 1200 -64.70 41.89 -43.90
CA SER F 1200 -63.72 42.33 -42.91
C SER F 1200 -64.23 43.58 -42.21
N THR F 1201 -63.45 44.06 -41.25
CA THR F 1201 -63.82 45.20 -40.42
C THR F 1201 -63.62 46.51 -41.16
N ALA F 1202 -62.48 46.66 -41.86
CA ALA F 1202 -62.13 47.90 -42.52
C ALA F 1202 -61.10 47.65 -43.61
N THR F 1203 -60.83 48.66 -44.43
CA THR F 1203 -59.88 48.57 -45.52
C THR F 1203 -58.46 48.55 -44.98
N GLY F 1204 -57.52 48.14 -45.82
CA GLY F 1204 -56.12 48.09 -45.46
C GLY F 1204 -55.30 49.22 -46.07
N VAL F 1205 -55.89 49.95 -47.02
CA VAL F 1205 -55.25 51.07 -47.68
C VAL F 1205 -55.74 52.37 -47.06
N ALA F 1206 -54.82 53.31 -46.85
CA ALA F 1206 -55.13 54.54 -46.14
C ALA F 1206 -55.79 55.57 -47.05
N LYS F 1207 -55.41 55.60 -48.33
CA LYS F 1207 -56.00 56.52 -49.27
C LYS F 1207 -57.48 56.21 -49.49
N VAL F 1208 -57.82 54.92 -49.47
CA VAL F 1208 -59.20 54.50 -49.67
C VAL F 1208 -60.04 54.91 -48.47
N HIS F 1209 -59.44 54.87 -47.27
CA HIS F 1209 -60.14 55.27 -46.07
C HIS F 1209 -60.57 56.73 -46.15
N GLN F 1210 -59.67 57.57 -46.64
CA GLN F 1210 -59.93 59.00 -46.74
C GLN F 1210 -61.04 59.26 -47.75
N LEU F 1211 -61.03 58.51 -48.85
CA LEU F 1211 -62.02 58.68 -49.91
C LEU F 1211 -63.41 58.29 -49.41
N GLU F 1212 -63.47 57.22 -48.60
CA GLU F 1212 -64.72 56.72 -48.06
C GLU F 1212 -65.35 57.72 -47.10
N GLU F 1213 -64.52 58.37 -46.28
CA GLU F 1213 -65.00 59.29 -45.27
C GLU F 1213 -65.62 60.51 -45.93
N LYS F 1214 -65.00 60.98 -47.01
CA LYS F 1214 -65.50 62.13 -47.75
C LYS F 1214 -66.86 61.81 -48.34
N GLN F 1215 -66.98 60.63 -48.94
CA GLN F 1215 -68.19 60.17 -49.60
C GLN F 1215 -69.34 60.08 -48.59
N LEU F 1216 -69.02 59.68 -47.36
CA LEU F 1216 -70.01 59.46 -46.31
C LEU F 1216 -70.61 60.78 -45.85
N ILE F 1217 -69.76 61.76 -45.58
CA ILE F 1217 -70.21 63.05 -45.06
C ILE F 1217 -70.96 63.80 -46.15
N ASP F 1218 -70.59 63.60 -47.42
CA ASP F 1218 -71.28 64.24 -48.52
C ASP F 1218 -72.70 63.71 -48.64
N GLU F 1219 -72.87 62.41 -48.42
CA GLU F 1219 -74.16 61.76 -48.53
C GLU F 1219 -75.10 62.24 -47.42
N ALA F 1220 -74.54 62.56 -46.26
CA ALA F 1220 -75.31 63.00 -45.11
C ALA F 1220 -75.93 64.37 -45.35
N PHE F 1221 -75.18 65.25 -46.05
CA PHE F 1221 -75.63 66.60 -46.32
C PHE F 1221 -76.19 66.69 -47.74
N GLU F 1222 -76.96 65.69 -48.13
CA GLU F 1222 -77.59 65.61 -49.44
C GLU F 1222 -76.53 65.58 -50.53
MG MG G . 4.39 7.91 62.75
N1A ACO H . -16.52 -20.02 91.38
C2A ACO H . -17.76 -20.30 91.80
N3A ACO H . -18.17 -20.69 93.00
C4A ACO H . -17.14 -20.79 93.85
C5A ACO H . -15.81 -20.54 93.57
C6A ACO H . -15.50 -20.14 92.26
N6A ACO H . -14.25 -19.86 91.84
N7A ACO H . -15.02 -20.77 94.69
C8A ACO H . -15.88 -21.14 95.60
N9A ACO H . -17.17 -21.18 95.17
C1B ACO H . -18.35 -21.56 95.93
C2B ACO H . -18.67 -23.04 95.87
O2B ACO H . -19.46 -23.32 94.72
C3B ACO H . -19.46 -23.21 97.16
O3B ACO H . -20.89 -22.99 97.00
P3B ACO H . -21.95 -23.70 98.00
O7A ACO H . -22.22 -22.68 99.08
O8A ACO H . -23.16 -23.98 97.13
O9A ACO H . -21.30 -24.96 98.52
C4B ACO H . -18.84 -22.20 98.13
O4B ACO H . -18.11 -21.27 97.30
C5B ACO H . -17.92 -22.78 99.17
O5B ACO H . -16.58 -22.95 98.63
P1A ACO H . -15.68 -24.20 99.07
O1A ACO H . -15.39 -24.98 97.85
O2A ACO H . -16.28 -24.89 100.23
O3A ACO H . -14.33 -23.49 99.55
P2A ACO H . -13.89 -22.76 100.89
O4A ACO H . -12.86 -23.58 101.56
O5A ACO H . -15.10 -22.35 101.65
O6A ACO H . -13.16 -21.46 100.33
CBP ACO H . -13.57 -19.30 99.30
CCP ACO H . -13.59 -20.81 99.12
CDP ACO H . -14.77 -18.89 100.15
CEP ACO H . -13.67 -18.63 97.91
CAP ACO H . -12.26 -18.88 100.00
OAP ACO H . -11.14 -19.23 99.20
C9P ACO H . -12.19 -17.39 100.35
O9P ACO H . -12.79 -16.96 101.32
N8P ACO H . -11.41 -16.64 99.57
C7P ACO H . -11.22 -15.21 99.78
C6P ACO H . -12.37 -14.40 99.21
C5P ACO H . -12.34 -14.35 97.70
O5P ACO H . -11.28 -14.26 97.07
N4P ACO H . -13.53 -14.41 97.10
C3P ACO H . -13.73 -14.17 95.68
C2P ACO H . -13.08 -15.18 94.76
S1P ACO H . -14.10 -15.34 93.24
C ACO H . -12.95 -15.52 91.91
O ACO H . -13.21 -15.20 90.78
CH3 ACO H . -11.65 -16.13 92.32
N1' QSP I . 6.83 -1.16 71.86
C2' QSP I . 5.54 -1.48 72.00
CM2 QSP I . 5.13 -2.86 71.61
N3' QSP I . 4.58 -0.66 72.42
C4' QSP I . 4.93 0.60 72.76
N4' QSP I . 3.97 1.36 73.30
C5' QSP I . 6.27 1.04 72.65
C6' QSP I . 7.16 0.09 72.20
C7' QSP I . 6.78 2.43 72.97
N3 QSP I . 6.30 3.46 72.03
C2 QSP I . 5.15 4.29 72.36
S1 QSP I . 4.80 5.26 70.88
C5 QSP I . 6.12 4.64 70.09
C4 QSP I . 6.83 3.73 70.81
CM4 QSP I . 8.09 3.05 70.38
C6 QSP I . 6.38 5.13 68.69
C7 QSP I . 5.25 4.82 67.73
O7 QSP I . 5.52 5.43 66.45
PA QSP I . 4.42 5.39 65.30
O1A QSP I . 5.00 5.91 64.05
O2A QSP I . 3.81 4.05 65.29
O3A QSP I . 3.35 6.45 65.83
PB QSP I . 3.15 8.01 65.91
O1B QSP I . 1.71 8.39 65.73
O2B QSP I . 3.68 8.40 67.27
O3B QSP I . 4.04 8.48 64.78
C11 QSP I . 4.73 4.88 73.74
P4 QSP I . 5.98 5.97 74.63
O5 QSP I . 5.23 6.78 75.66
O6 QSP I . 6.99 5.01 75.26
O8 QSP I . 6.62 6.84 73.56
C12 QSP I . 3.43 5.67 73.53
O11 QSP I . 4.46 3.79 74.62
C13 QSP I . 2.43 5.66 74.68
C14 QSP I . 1.28 4.68 74.55
O15 QSP I . 0.77 4.53 73.41
O16 QSP I . 0.91 4.08 75.58
MG MG J . 4.38 -29.05 56.24
N1A ACO K . 29.88 -12.07 89.41
C2A ACO K . 31.16 -11.91 89.72
N3A ACO K . 31.75 -11.95 90.91
C4A ACO K . 30.86 -12.16 91.88
C5A ACO K . 29.49 -12.34 91.73
C6A ACO K . 29.00 -12.29 90.41
N6A ACO K . 27.70 -12.45 90.11
N7A ACO K . 28.89 -12.53 92.95
C8A ACO K . 29.87 -12.47 93.80
N9A ACO K . 31.09 -12.25 93.23
C1B ACO K . 32.37 -12.12 93.91
C2B ACO K . 32.70 -10.70 94.32
O2B ACO K . 33.32 -9.99 93.25
C3B ACO K . 33.68 -10.96 95.47
O3B ACO K . 35.06 -11.08 95.03
P3B ACO K . 36.28 -10.74 96.05
O7A ACO K . 36.93 -12.08 96.34
O8A ACO K . 37.18 -9.80 95.28
O9A ACO K . 35.68 -10.11 97.28
C4B ACO K . 33.17 -12.26 96.09
O4B ACO K . 32.33 -12.87 95.10
C5B ACO K . 32.42 -12.11 97.38
O5B ACO K . 31.04 -11.76 97.13
P1A ACO K . 30.24 -10.79 98.13
O1A ACO K . 29.79 -9.62 97.36
O2A ACO K . 31.02 -10.58 99.38
O3A ACO K . 28.95 -11.67 98.50
P2A ACO K . 28.66 -12.81 99.58
O4A ACO K . 27.76 -12.26 100.61
O5A ACO K . 29.95 -13.42 99.98
O6A ACO K . 27.83 -13.86 98.72
CBP ACO K . 27.96 -15.47 96.91
CCP ACO K . 28.04 -14.00 97.30
CDP ACO K . 29.26 -16.17 97.35
CEP ACO K . 27.82 -15.58 95.38
CAP ACO K . 26.76 -16.13 97.61
OAP ACO K . 25.55 -15.60 97.10
C9P ACO K . 26.72 -17.65 97.51
O9P ACO K . 27.44 -18.34 98.22
N8P ACO K . 25.87 -18.16 96.62
C7P ACO K . 25.69 -19.60 96.43
C6P ACO K . 26.67 -20.16 95.44
C5P ACO K . 26.44 -19.67 94.04
O5P ACO K . 25.30 -19.55 93.57
N4P ACO K . 27.53 -19.38 93.33
C3P ACO K . 27.53 -19.10 91.91
C2P ACO K . 26.84 -17.81 91.49
S1P ACO K . 27.55 -17.23 89.92
C ACO K . 26.27 -16.47 88.96
O ACO K . 26.42 -16.15 87.81
CH3 ACO K . 24.99 -16.29 89.73
N1' QSP L . 3.51 -23.72 68.13
C2' QSP L . 4.81 -23.42 68.18
CM2 QSP L . 5.20 -21.98 68.23
N3' QSP L . 5.81 -24.32 68.16
C4' QSP L . 5.48 -25.62 68.10
N4' QSP L . 6.49 -26.50 68.20
C5' QSP L . 4.13 -26.03 68.04
C6' QSP L . 3.21 -25.01 68.07
C7' QSP L . 3.64 -27.45 67.94
N3 QSP L . 3.94 -28.09 66.64
C2 QSP L . 5.10 -28.96 66.50
S1 QSP L . 5.22 -29.35 64.76
C5 QSP L . 3.82 -28.52 64.42
C4 QSP L . 3.24 -27.94 65.49
CM4 QSP L . 1.96 -27.18 65.51
C6 QSP L . 3.35 -28.50 62.98
C7 QSP L . 4.35 -27.89 62.03
O7 QSP L . 3.86 -28.00 60.68
PA QSP L . 4.80 -27.58 59.47
O1A QSP L . 4.04 -27.66 58.20
O2A QSP L . 5.44 -26.29 59.80
O3A QSP L . 5.90 -28.74 59.49
PB QSP L . 6.08 -30.20 58.98
O1B QSP L . 7.51 -30.47 58.54
O2B QSP L . 5.67 -31.07 60.14
O3B QSP L . 5.10 -30.24 57.83
C11 QSP L . 5.70 -29.97 67.51
P4 QSP L . 4.57 -31.33 68.15
O5 QSP L . 5.44 -32.43 68.73
O6 QSP L . 3.69 -30.67 69.22
O8 QSP L . 3.75 -31.79 66.95
C12 QSP L . 6.94 -30.60 66.87
O11 QSP L . 6.13 -29.25 68.67
C13 QSP L . 8.09 -30.98 67.81
C14 QSP L . 9.23 -29.98 67.87
O15 QSP L . 9.60 -29.45 66.79
O16 QSP L . 9.75 -29.76 68.98
MG MG M . 56.40 -3.23 -28.74
N1A ACO N . 73.33 -42.69 -42.80
C2A ACO N . 73.86 -43.82 -42.31
N3A ACO N . 74.82 -44.59 -42.84
C4A ACO N . 75.24 -44.10 -44.01
C5A ACO N . 74.78 -42.96 -44.64
C6A ACO N . 73.77 -42.23 -44.00
N6A ACO N . 73.23 -41.11 -44.48
N7A ACO N . 75.44 -42.79 -45.85
C8A ACO N . 76.27 -43.80 -45.91
N9A ACO N . 76.19 -44.64 -44.83
C1B ACO N . 76.98 -45.84 -44.60
C2B ACO N . 76.39 -47.09 -45.23
O2B ACO N . 75.42 -47.67 -44.35
C3B ACO N . 77.63 -47.95 -45.35
O3B ACO N . 77.93 -48.70 -44.16
P3B ACO N . 78.63 -50.16 -44.25
O7A ACO N . 80.12 -49.89 -44.06
O8A ACO N . 78.02 -50.96 -43.12
O9A ACO N . 78.32 -50.74 -45.61
C4B ACO N . 78.74 -46.94 -45.68
O4B ACO N . 78.25 -45.67 -45.20
C5B ACO N . 79.12 -46.83 -47.13
O5B ACO N . 78.07 -46.14 -47.86
P1A ACO N . 77.78 -46.49 -49.40
O1A ACO N . 76.32 -46.64 -49.55
O2A ACO N . 78.67 -47.58 -49.87
O3A ACO N . 78.22 -45.14 -50.14
P2A ACO N . 79.61 -44.59 -50.72
O4A ACO N . 79.53 -44.57 -52.19
O5A ACO N . 80.72 -45.33 -50.07
O6A ACO N . 79.60 -43.09 -50.21
CBP ACO N . 79.67 -41.58 -48.30
CCP ACO N . 78.91 -42.70 -49.01
CDP ACO N . 80.89 -42.18 -47.60
CEP ACO N . 78.75 -40.93 -47.26
CAP ACO N . 80.13 -40.53 -49.35
OAP ACO N . 79.01 -39.88 -49.91
C9P ACO N . 81.11 -39.49 -48.81
O9P ACO N . 82.31 -39.75 -48.73
N8P ACO N . 80.58 -38.32 -48.47
C7P ACO N . 81.38 -37.22 -47.95
C6P ACO N . 81.55 -37.31 -46.45
C5P ACO N . 80.28 -36.99 -45.70
O5P ACO N . 79.54 -36.07 -46.05
N4P ACO N . 80.02 -37.77 -44.65
C3P ACO N . 78.97 -37.50 -43.69
C2P ACO N . 77.56 -37.49 -44.24
S1P ACO N . 76.39 -37.97 -42.93
C ACO N . 74.86 -37.14 -43.25
O ACO N . 74.02 -36.98 -42.41
CH3 ACO N . 74.75 -36.66 -44.66
N1' QSP O . 59.48 -9.78 -39.60
C2' QSP O . 59.77 -10.91 -38.94
CM2 QSP O . 58.92 -12.10 -39.21
N3' QSP O . 60.74 -11.05 -38.05
C4' QSP O . 61.52 -9.98 -37.78
N4' QSP O . 62.56 -10.18 -36.97
C5' QSP O . 61.29 -8.74 -38.43
C6' QSP O . 60.25 -8.74 -39.33
C7' QSP O . 62.07 -7.47 -38.20
N3 QSP O . 61.86 -6.88 -36.87
C2 QSP O . 62.79 -7.11 -35.79
S1 QSP O . 62.05 -6.39 -34.32
C5 QSP O . 60.77 -5.80 -35.19
C4 QSP O . 60.81 -6.10 -36.51
CM4 QSP O . 59.82 -5.66 -37.54
C6 QSP O . 59.74 -5.00 -34.44
C7 QSP O . 59.04 -5.80 -33.36
O7 QSP O . 58.16 -4.93 -32.62
PA QSP O . 57.43 -5.49 -31.31
O1A QSP O . 56.45 -4.49 -30.84
O2A QSP O . 56.95 -6.86 -31.59
O3A QSP O . 58.63 -5.56 -30.27
PB QSP O . 59.46 -4.59 -29.35
O1B QSP O . 59.87 -5.26 -28.07
O2B QSP O . 60.64 -4.18 -30.20
O3B QSP O . 58.47 -3.46 -29.15
C11 QSP O . 64.35 -7.23 -35.83
P4 QSP O . 65.30 -5.79 -36.55
O5 QSP O . 66.73 -5.90 -36.08
O6 QSP O . 65.18 -5.92 -38.07
O8 QSP O . 64.60 -4.53 -36.04
C12 QSP O . 64.83 -7.52 -34.41
O11 QSP O . 64.68 -8.36 -36.66
C13 QSP O . 66.08 -8.40 -34.28
C14 QSP O . 65.79 -9.86 -33.94
O15 QSP O . 64.88 -10.10 -33.10
O16 QSP O . 66.48 -10.73 -34.51
MG MG P . 33.99 -28.39 -45.32
N1A ACO Q . 64.21 -5.29 -69.86
C2A ACO Q . 64.25 -4.37 -70.83
N3A ACO Q . 65.14 -4.24 -71.82
C4A ACO Q . 66.06 -5.21 -71.76
C5A ACO Q . 66.15 -6.21 -70.82
C6A ACO Q . 65.15 -6.25 -69.83
N6A ACO Q . 65.11 -7.17 -68.85
N7A ACO Q . 67.25 -7.03 -71.07
C8A ACO Q . 67.79 -6.49 -72.13
N9A ACO Q . 67.13 -5.38 -72.61
C1B ACO Q . 67.48 -4.57 -73.76
C2B ACO Q . 68.42 -3.43 -73.42
O2B ACO Q . 67.68 -2.31 -72.96
C3B ACO Q . 69.04 -3.18 -74.80
O3B ACO Q . 68.25 -2.29 -75.61
P3B ACO Q . 68.98 -1.34 -76.71
O7A ACO Q . 68.91 -2.10 -78.00
O8A ACO Q . 68.17 -0.06 -76.72
O9A ACO Q . 70.40 -1.12 -76.23
C4B ACO Q . 69.12 -4.59 -75.41
O4B ACO Q . 68.15 -5.38 -74.69
C5B ACO Q . 70.48 -5.24 -75.33
O5B ACO Q . 70.70 -5.77 -74.02
P1A ACO Q . 72.18 -5.86 -73.42
O1A ACO Q . 72.16 -5.21 -72.09
O2A ACO Q . 73.17 -5.42 -74.42
O3A ACO Q . 72.36 -7.44 -73.20
P2A ACO Q . 72.86 -8.63 -74.13
O4A ACO Q . 74.23 -9.02 -73.70
O5A ACO Q . 72.62 -8.27 -75.54
O6A ACO Q . 71.87 -9.81 -73.72
CBP ACO Q . 69.55 -10.51 -73.82
CCP ACO Q . 70.55 -9.54 -73.21
CDP ACO Q . 69.37 -10.17 -75.30
CEP ACO Q . 68.22 -10.38 -73.09
CAP ACO Q . 70.09 -11.96 -73.68
OAP ACO Q . 70.21 -12.31 -72.31
C9P ACO Q . 69.28 -13.02 -74.42
O9P ACO Q . 69.42 -13.17 -75.63
N8P ACO Q . 68.45 -13.75 -73.67
C7P ACO Q . 67.62 -14.81 -74.22
C6P ACO Q . 66.30 -14.28 -74.72
C5P ACO Q . 65.38 -13.84 -73.60
O5P ACO Q . 65.39 -14.39 -72.50
N4P ACO Q . 64.58 -12.81 -73.89
C3P ACO Q . 63.52 -12.35 -73.01
C2P ACO Q . 63.99 -11.77 -71.69
S1P ACO Q . 62.72 -10.62 -71.06
C ACO Q . 62.61 -10.79 -69.30
O ACO Q . 61.79 -10.22 -68.64
CH3 ACO Q . 63.66 -11.71 -68.75
N1' QSP R . 46.85 -27.41 -47.53
C2' QSP R . 46.70 -26.34 -48.31
CM2 QSP R . 47.31 -25.06 -47.84
N3' QSP R . 46.05 -26.30 -49.47
C4' QSP R . 45.49 -27.45 -49.91
N4' QSP R . 44.94 -27.41 -51.12
C5' QSP R . 45.57 -28.64 -49.15
C6' QSP R . 46.28 -28.54 -47.97
C7' QSP R . 44.96 -29.97 -49.51
N3 QSP R . 43.49 -29.96 -49.45
C2 QSP R . 42.69 -29.77 -50.65
S1 QSP R . 40.98 -29.65 -50.11
C5 QSP R . 41.41 -29.94 -48.54
C4 QSP R . 42.73 -30.11 -48.33
CM4 QSP R . 43.40 -30.44 -47.04
C6 QSP R . 40.30 -29.98 -47.52
C7 QSP R . 39.54 -28.68 -47.41
O7 QSP R . 38.43 -28.84 -46.51
PA QSP R . 37.36 -27.68 -46.35
O1A QSP R . 36.42 -28.01 -45.27
O2A QSP R . 38.07 -26.40 -46.27
O3A QSP R . 36.58 -27.76 -47.75
PB QSP R . 35.43 -28.60 -48.41
O1B QSP R . 34.60 -27.73 -49.34
O2B QSP R . 36.14 -29.71 -49.15
O3B QSP R . 34.67 -29.07 -47.21
C11 QSP R . 42.96 -30.29 -52.10
P4 QSP R . 43.16 -32.14 -52.34
O5 QSP R . 42.95 -32.45 -53.80
O6 QSP R . 44.59 -32.46 -51.88
O8 QSP R . 42.13 -32.79 -51.44
C12 QSP R . 41.80 -29.78 -52.99
O11 QSP R . 44.18 -29.69 -52.57
C13 QSP R . 42.16 -29.45 -54.45
C14 QSP R . 42.40 -27.98 -54.72
O15 QSP R . 41.61 -27.15 -54.19
O16 QSP R . 43.35 -27.67 -55.47
MG MG S . -39.36 41.28 -27.46
N1A ACO T . -73.33 27.28 -53.71
C2A ACO T . -73.51 26.73 -54.91
N3A ACO T . -74.51 26.90 -55.77
C4A ACO T . -75.43 27.75 -55.29
C5A ACO T . -75.39 28.39 -54.06
C6A ACO T . -74.27 28.13 -53.24
N6A ACO T . -74.09 28.68 -52.04
N7A ACO T . -76.51 29.19 -53.89
C8A ACO T . -77.18 29.02 -54.99
N9A ACO T . -76.59 28.16 -55.89
C1B ACO T . -77.09 27.76 -57.20
C2B ACO T . -77.95 26.51 -57.15
O2B ACO T . -77.13 25.35 -57.22
C3B ACO T . -78.78 26.71 -58.42
O3B ACO T . -78.16 26.15 -59.61
P3B ACO T . -79.08 25.69 -60.86
O7A ACO T . -78.98 26.81 -61.87
O8A ACO T . -78.46 24.40 -61.34
O9A ACO T . -80.50 25.49 -60.35
C4B ACO T . -78.95 28.22 -58.52
O4B ACO T . -77.92 28.79 -57.68
C5B ACO T . -80.29 28.77 -58.10
O5B ACO T . -80.34 28.96 -56.67
P1A ACO T . -81.70 28.77 -55.87
O1A ACO T . -81.49 27.70 -54.89
O2A ACO T . -82.85 28.68 -56.81
O3A ACO T . -81.82 30.16 -55.07
P2A ACO T . -82.42 31.59 -55.46
O4A ACO T . -83.69 31.78 -54.71
O5A ACO T . -82.42 31.73 -56.93
O6A ACO T . -81.34 32.58 -54.84
CBP ACO T . -79.05 33.34 -55.02
CCP ACO T . -79.97 32.18 -54.67
CDP ACO T . -79.07 33.55 -56.54
CEP ACO T . -77.62 33.01 -54.56
CAP ACO T . -79.55 34.63 -54.31
OAP ACO T . -79.45 34.49 -52.91
C9P ACO T . -78.83 35.91 -54.75
O9P ACO T . -79.10 36.44 -55.81
N8P ACO T . -77.93 36.40 -53.88
C7P ACO T . -77.20 37.63 -54.13
C6P ACO T . -75.96 37.40 -54.96
C5P ACO T . -74.91 36.60 -54.24
O5P ACO T . -74.65 36.78 -53.05
N4P ACO T . -74.30 35.66 -54.97
C3P ACO T . -73.11 34.94 -54.54
C2P ACO T . -73.28 34.03 -53.35
S1P ACO T . -71.98 32.74 -53.41
C ACO T . -71.56 32.29 -51.74
O ACO T . -70.62 31.60 -51.47
CH3 ACO T . -72.50 32.87 -50.72
N1' QSP U . -52.46 40.83 -28.03
C2' QSP U . -52.45 40.08 -29.14
CM2 QSP U . -53.02 38.70 -29.04
N3' QSP U . -51.96 40.46 -30.32
C4' QSP U . -51.44 41.69 -30.42
N4' QSP U . -51.06 42.08 -31.65
C5' QSP U . -51.38 42.56 -29.30
C6' QSP U . -51.92 42.05 -28.14
C7' QSP U . -50.78 43.95 -29.28
N3 QSP U . -49.32 43.95 -29.43
C2 QSP U . -48.71 44.21 -30.73
S1 QSP U . -46.95 43.95 -30.51
C5 QSP U . -47.12 43.66 -28.89
C4 QSP U . -48.40 43.73 -28.45
CM4 QSP U . -48.87 43.59 -27.04
C6 QSP U . -45.88 43.37 -28.08
C7 QSP U . -45.13 42.15 -28.57
O7 QSP U . -43.91 42.00 -27.81
PA QSP U . -42.86 40.86 -28.21
O1A QSP U . -41.77 40.82 -27.22
O2A QSP U . -43.61 39.62 -28.47
O3A QSP U . -42.27 41.42 -29.58
PB QSP U . -41.22 42.48 -30.08
O1B QSP U . -40.54 42.02 -31.35
O2B QSP U . -42.01 43.75 -30.27
O3B QSP U . -40.28 42.54 -28.90
C11 QSP U . -49.17 45.18 -31.86
P4 QSP U . -49.37 46.99 -31.42
O5 QSP U . -49.34 47.78 -32.72
O6 QSP U . -50.71 47.11 -30.70
O8 QSP U . -48.20 47.33 -30.51
C12 QSP U . -48.19 45.03 -33.03
O11 QSP U . -50.47 44.74 -32.31
C13 QSP U . -48.77 45.19 -34.43
C14 QSP U . -49.07 43.89 -35.16
O15 QSP U . -48.24 42.95 -35.02
O16 QSP U . -50.11 43.84 -35.85
MG MG V . -59.85 11.49 -17.39
N1A ACO W . -77.55 52.94 -14.48
C2A ACO W . -77.97 53.80 -13.55
N3A ACO W . -78.96 54.69 -13.62
C4A ACO W . -79.57 54.63 -14.81
C5A ACO W . -79.25 53.80 -15.86
C6A ACO W . -78.17 52.91 -15.68
N6A ACO W . -77.76 52.03 -16.59
N7A ACO W . -80.09 54.02 -16.94
C8A ACO W . -80.88 54.98 -16.52
N9A ACO W . -80.63 55.39 -15.24
C1B ACO W . -81.33 56.42 -14.49
C2B ACO W . -80.72 57.80 -14.64
O2B ACO W . -79.65 57.97 -13.71
C3B ACO W . -81.92 58.68 -14.31
O3B ACO W . -82.02 59.00 -12.91
P3B ACO W . -82.80 60.34 -12.42
O7A ACO W . -84.20 59.87 -12.06
O8A ACO W . -82.02 60.83 -11.22
O9A ACO W . -82.78 61.33 -13.56
C4B ACO W . -83.11 57.88 -14.81
O4B ACO W . -82.64 56.53 -15.00
C5B ACO W . -83.76 58.37 -16.08
O5B ACO W . -83.10 57.79 -17.24
P1A ACO W . -82.85 58.66 -18.56
O1A ACO W . -81.39 58.80 -18.72
O2A ACO W . -83.69 59.87 -18.55
O3A ACO W . -83.39 57.69 -19.70
P2A ACO W . -84.86 57.29 -20.21
O4A ACO W . -85.03 57.79 -21.58
O5A ACO W . -85.84 57.67 -19.17
O6A ACO W . -84.76 55.71 -20.27
CBP ACO W . -84.67 53.68 -18.94
CCP ACO W . -83.95 54.97 -19.33
CDP ACO W . -85.76 54.01 -17.91
CEP ACO W . -83.65 52.70 -18.33
CAP ACO W . -85.33 53.05 -20.20
OAP ACO W . -84.33 52.66 -21.13
C9P ACO W . -86.23 51.86 -19.91
O9P ACO W . -87.38 52.04 -19.51
N8P ACO W . -85.72 50.65 -20.14
C7P ACO W . -86.47 49.42 -19.92
C6P ACO W . -86.40 48.96 -18.48
C5P ACO W . -85.03 48.42 -18.12
O5P ACO W . -84.38 47.75 -18.91
N4P ACO W . -84.61 48.72 -16.89
C3P ACO W . -83.42 48.14 -16.29
C2P ACO W . -82.11 48.53 -16.93
S1P ACO W . -80.78 48.44 -15.69
C ACO W . -79.29 47.93 -16.51
O ACO W . -78.28 47.66 -15.92
CH3 ACO W . -79.43 47.89 -18.00
N1' QSP X . -64.29 21.26 -24.81
C2' QSP X . -64.45 22.07 -23.77
CM2 QSP X . -63.60 23.31 -23.73
N3' QSP X . -65.28 21.89 -22.74
C4' QSP X . -66.04 20.78 -22.75
N4' QSP X . -66.95 20.67 -21.77
C5' QSP X . -65.95 19.84 -23.81
C6' QSP X . -65.05 20.15 -24.80
C7' QSP X . -66.73 18.54 -23.91
N3 QSP X . -66.34 17.55 -22.91
C2 QSP X . -67.10 17.38 -21.68
S1 QSP X . -66.17 16.22 -20.67
C5 QSP X . -65.04 15.98 -21.87
C4 QSP X . -65.26 16.71 -22.99
CM4 QSP X . -64.47 16.67 -24.24
C6 QSP X . -63.94 15.00 -21.59
C7 QSP X . -63.07 15.41 -20.44
O7 QSP X . -62.11 14.36 -20.16
PA QSP X . -61.19 14.45 -18.87
O1A QSP X . -60.18 13.38 -18.91
O2A QSP X . -60.71 15.84 -18.72
O3A QSP X . -62.23 14.13 -17.70
PB QSP X . -62.93 12.90 -17.04
O1B QSP X . -63.06 13.09 -15.55
O2B QSP X . -64.26 12.79 -17.73
O3B QSP X . -61.97 11.79 -17.40
C11 QSP X . -68.64 17.47 -21.45
P4 QSP X . -69.72 16.33 -22.47
O5 QSP X . -71.07 16.22 -21.78
O6 QSP X . -69.82 16.97 -23.85
O8 QSP X . -68.99 14.99 -22.52
C12 QSP X . -68.90 17.24 -19.96
O11 QSP X . -69.06 18.80 -21.78
C13 QSP X . -70.10 17.98 -19.35
C14 QSP X . -69.75 19.24 -18.59
O15 QSP X . -68.72 19.23 -17.85
O16 QSP X . -70.50 20.23 -18.72
#